data_2WIN
#
_entry.id   2WIN
#
_cell.length_a   228.632
_cell.length_b   121.491
_cell.length_c   280.783
_cell.angle_alpha   90.00
_cell.angle_beta   91.64
_cell.angle_gamma   90.00
#
_symmetry.space_group_name_H-M   'P 1 21 1'
#
loop_
_entity.id
_entity.type
_entity.pdbx_description
1 polymer 'COMPLEMENT C3 BETA CHAIN'
2 polymer "COMPLEMENT C3B ALPHA' CHAIN"
3 polymer 'COMPLEMENT FACTOR B'
4 polymer 'STAPHYLOCOCCAL COMPLEMENT INHIBITOR'
5 branched beta-D-mannopyranose-(1-6)-beta-D-mannopyranose-(1-4)-2-acetamido-2-deoxy-beta-D-glucopyranose-(1-4)-2-acetamido-2-deoxy-beta-D-glucopyranose
6 branched beta-D-mannopyranose-(1-3)-beta-D-mannopyranose-(1-6)-beta-D-mannopyranose-(1-4)-2-acetamido-2-deoxy-beta-D-glucopyranose-(1-4)-2-acetamido-2-deoxy-beta-D-glucopyranose
7 branched beta-D-mannopyranose-(1-3)-[beta-D-mannopyranose-(1-6)]beta-D-mannopyranose-(1-6)-beta-D-mannopyranose-(1-4)-2-acetamido-2-deoxy-beta-D-glucopyranose-(1-4)-2-acetamido-2-deoxy-beta-D-glucopyranose
8 branched alpha-D-mannopyranose-(1-6)-alpha-D-mannopyranose-(1-4)-2-acetamido-2-deoxy-beta-D-glucopyranose-(1-4)-2-acetamido-2-deoxy-beta-D-glucopyranose
9 branched alpha-D-mannopyranose-(1-4)-2-acetamido-2-deoxy-beta-D-glucopyranose-(1-4)-2-acetamido-2-deoxy-beta-D-glucopyranose
10 branched 2-acetamido-2-deoxy-beta-D-glucopyranose-(1-4)-2-acetamido-2-deoxy-beta-D-glucopyranose
11 branched alpha-D-mannopyranose-(1-3)-[alpha-D-mannopyranose-(1-6)]alpha-D-mannopyranose-(1-4)-2-acetamido-2-deoxy-beta-D-glucopyranose-(1-4)-2-acetamido-2-deoxy-beta-D-glucopyranose
12 branched beta-D-mannopyranose-(1-4)-2-acetamido-2-deoxy-beta-D-glucopyranose-(1-4)-2-acetamido-2-deoxy-beta-D-glucopyranose
13 non-polymer alpha-D-mannopyranose
14 non-polymer beta-D-mannopyranose
15 non-polymer 'MAGNESIUM ION'
16 non-polymer 2-acetamido-2-deoxy-beta-D-glucopyranose
17 water water
#
loop_
_entity_poly.entity_id
_entity_poly.type
_entity_poly.pdbx_seq_one_letter_code
_entity_poly.pdbx_strand_id
1 'polypeptide(L)'
;SPMYSIITPNILRLESEETMVLEAHDAQGDVPVTVTVHDFPGKKLVLSSEKTVLTPATNHMGNVTFTIPANREFKSEKGR
NKFVTVQATFGTQVVEKVVLVSLQSGYLFIQTDKTIYTPGSTVLYRIFTVNHKLLPVGRTVMVNIENPEGIPVKQDSLSS
QNQLGVLPLSWDIPELVNMGQWKIRAYYENSPQQVFSTEFEVKEYVLPSFEVIVEPTEKFYYIYNEKGLEVTITARFLYG
KKVEGTAFVIFGIQDGEQRISLPESLKRIPIEDGSGEVVLSRKVLLDGVQNPRAEDLVGKSLYVSATVILHSGSDMVQAE
RSGIPIVTSPYQIHFTKTPKYFKPGMPFDLMVFVTNPDGSPAYRVPVAVQGEDTVQSLTQGDGVAKLSINTHPSQKPLSI
TVRTKKQELSEAEQATRTMQALPYSTVGNSNNYLHLSVLRTELRPGETLNVNFLLRMDRAHEAKIRYYTYLIMNKGRLLK
AGRQVREPGQDLVVLPLSITTDFIPSFRLVAYYTLIGASGQREVVADSVWVDVKDSCVGSLVVKSGQSEDRQPVPGQQMT
LKIEGDHGARVVLVAVDKGVFVLNKKNKLTQSKIWDVVEKADIGCTPGSGKDYAGVFSDAGLTFTSSSGQQTAQRAELQC
PQPAA
;
A,C,E,G
2 'polypeptide(L)'
;SNLDEDIIAEENIVSRSEFPESWLWNVEDLKEPPKNGISTKLMNIFLKDSITTWEILAVSMSDKKGICVADPFEVTVMQD
FFIDLRLPYSVVRNEQVEIRAVLYNYRQNQELKVRVELLHNPAFCSLATTKRRHQQTVTIPPKSSLSVPYVIVPLKTGLQ
EVEVKAAVYHHFISDGVRKSLKVVPEGIRMNKTVAVRTLDPERLGREGVQKEDIPPADLSDQVPDTESETRILLQGTPVA
QMTEDAVDAERLKHLIVTPSGCGEQNMIGMTPTVIAVHYLDETEQWEKFGLEKRQGALELIKKGYTQQLAFRQPSSAFAA
FVKRAPSTWLTAYVVKVFSLAVNLIAIDSQVLCGAVKWLILEKQKPDGVFQEDAPVIHQEMIGGLRNNNEKDMALTAFVL
ISLQEAKDICEEQVNSLPGSITKAGDFLEANYMNLQRSYTVAIAGYALAQMGRLKGPLLNKFLTTAKDKNRWEDPGKQLY
NVEATSYALLALLQLKDFDFVPPVVRWLNEQRYYGGGYGSTQATFMVFQALAQYQKDAPDHQELNLDVSLQLPSRSSKIT
HRIHWESASLLRSEETKENEGFTVTAEGKGQGTLSVVTMYHAKAKDQLTCNKFDLKVTIKPAPETEKRPQDAKNTMILEI
CTRYRGDQDATMSILDISMMTGFAPDTDDLKQLANGVDRYISKYELDKAFSDRNTLIIYLDKVSHSEDDCLAFKVHQYFN
VELIQPGAVKVYAYYNLEESCTRFYHPEKEDGKLNKLCRDELCRCAEENCFIQKSDDKVTLEERLDKACEPGVDYVYKTR
LVKVQLSNDFDEYIMAIEQTIKSGSDEVQVGQQRTFISPIKCREALKLEEKKHYLMWGLSSDFWGEKPNLSYIIGKDTWV
EHWPEEDECQDEENQKQCQDLGAFTESMVVFGCPN
;
B,D,F,H
3 'polypeptide(L)'
;KIVLDPSGSMNIYLVLDGSDSIGASNFTGAKKCLVNLIEKVASYGVKPRYGLVTYATYPKIWVKVSEADSSNADWVTKQL
NEINYEDHKLKSGTNTKKALQAVYSMMSWPDDVPPEGWNRTRHVIILMTDGLHNMGGDPITVIDEIRDLLYIGKDRKNPR
EDYLDVYVFGVGPLVNQVNINALASKKDNEQHVFKVKDMENLEDVFYQMIDESQSLSLCGMVWEHRKGTDYHKQPWQAKI
SVIRPSKGHESCMGAVVSEYFVLTAAHCFTVDDKEHSIKVSVGGEKRDLEIEVVLFHPNYNINGKKEAGIPEFYDYDVAL
IKLKNKLKYGQTIRPICLPCTEGTTRALRLPPTTTCQQQKEELLPAQDIKALFVSEEEKKLTRKEVYIKNGDKKGSCERD
AQYAPGYDKVKDISEVVTPRFLCTGGVSPYADPNTCRGDSGGPLIVHKRSRFIQVGVISWGVVDVCKNQKRQKQVPAHAR
DFHINLFQVLPWLKEKLQDEDLGFLAA
;
I,J,K,L
4 'polypeptide(L)'
;MHHHHHHSTSLPTSNEYQNEKLANELKSLLDELNVNELATGSLNTYYKRTIKISGQKAMYALKSKDFKKMSEAKYQLQKI
YNEIDEALKSKY
;
M,N,P,Q
#
loop_
_chem_comp.id
_chem_comp.type
_chem_comp.name
_chem_comp.formula
BMA D-saccharide, beta linking beta-D-mannopyranose 'C6 H12 O6'
MAN D-saccharide, alpha linking alpha-D-mannopyranose 'C6 H12 O6'
MG non-polymer 'MAGNESIUM ION' 'Mg 2'
NAG D-saccharide, beta linking 2-acetamido-2-deoxy-beta-D-glucopyranose 'C8 H15 N O6'
#
# COMPACT_ATOMS: atom_id res chain seq x y z
N SER A 1 23.42 103.43 13.15
CA SER A 1 22.22 102.63 13.13
C SER A 1 22.55 101.14 12.98
N PRO A 2 22.85 100.47 14.09
CA PRO A 2 23.19 99.04 14.11
C PRO A 2 22.11 98.19 13.44
N MET A 3 22.48 97.52 12.36
CA MET A 3 21.54 96.71 11.59
C MET A 3 21.85 95.21 11.78
N TYR A 4 20.93 94.50 12.41
CA TYR A 4 21.12 93.08 12.68
C TYR A 4 20.34 92.22 11.69
N SER A 5 21.06 91.58 10.77
CA SER A 5 20.43 90.76 9.75
C SER A 5 20.64 89.27 10.03
N ILE A 6 19.84 88.43 9.37
CA ILE A 6 19.95 86.98 9.53
C ILE A 6 19.59 86.26 8.24
N ILE A 7 20.34 85.21 7.92
CA ILE A 7 20.11 84.46 6.69
C ILE A 7 20.09 82.96 6.95
N THR A 8 19.02 82.30 6.51
CA THR A 8 18.88 80.86 6.64
C THR A 8 18.34 80.27 5.33
N PRO A 9 18.61 78.98 5.10
CA PRO A 9 18.12 78.30 3.90
C PRO A 9 16.62 78.53 3.70
N ASN A 10 16.21 78.71 2.45
CA ASN A 10 14.81 78.98 2.15
C ASN A 10 13.89 77.90 2.70
N ILE A 11 14.38 76.68 2.77
CA ILE A 11 13.63 75.56 3.33
C ILE A 11 14.51 74.73 4.26
N LEU A 12 14.09 74.63 5.51
CA LEU A 12 14.83 73.85 6.51
C LEU A 12 14.51 72.36 6.39
N ARG A 13 15.36 71.53 6.99
CA ARG A 13 15.19 70.08 6.92
C ARG A 13 15.29 69.45 8.30
N LEU A 14 14.63 68.30 8.46
CA LEU A 14 14.61 67.61 9.75
C LEU A 14 15.77 66.63 9.87
N GLU A 15 16.25 66.46 11.10
CA GLU A 15 17.34 65.53 11.38
C GLU A 15 18.57 65.82 10.52
N SER A 16 18.87 67.10 10.34
CA SER A 16 20.02 67.52 9.55
C SER A 16 20.53 68.88 10.03
N GLU A 17 21.83 69.10 9.88
CA GLU A 17 22.44 70.36 10.32
C GLU A 17 22.30 71.46 9.28
N GLU A 18 21.50 72.47 9.61
CA GLU A 18 21.33 73.62 8.73
C GLU A 18 22.04 74.84 9.31
N THR A 19 22.86 75.49 8.48
CA THR A 19 23.64 76.64 8.92
C THR A 19 22.76 77.88 9.08
N MET A 20 23.28 78.87 9.80
CA MET A 20 22.54 80.11 10.05
C MET A 20 23.51 81.27 10.24
N VAL A 21 23.59 82.13 9.22
CA VAL A 21 24.56 83.23 9.22
C VAL A 21 24.08 84.46 9.98
N LEU A 22 24.67 84.70 11.15
CA LEU A 22 24.36 85.87 11.96
C LEU A 22 25.22 87.05 11.53
N GLU A 23 24.72 88.27 11.75
CA GLU A 23 25.45 89.48 11.37
C GLU A 23 25.08 90.69 12.23
N ALA A 24 25.90 91.73 12.14
CA ALA A 24 25.68 92.97 12.86
C ALA A 24 26.43 94.12 12.21
N HIS A 25 25.69 95.01 11.55
CA HIS A 25 26.30 96.13 10.84
C HIS A 25 26.35 97.38 11.71
N ASP A 26 27.43 98.14 11.58
CA ASP A 26 27.61 99.38 12.34
C ASP A 26 27.47 99.14 13.84
N ALA A 27 27.95 98.00 14.31
CA ALA A 27 27.87 97.65 15.72
C ALA A 27 29.20 97.91 16.43
N GLN A 28 29.12 98.30 17.70
CA GLN A 28 30.31 98.58 18.49
C GLN A 28 30.54 97.50 19.54
N GLY A 29 31.80 97.13 19.74
CA GLY A 29 32.16 96.12 20.71
C GLY A 29 31.54 94.78 20.42
N ASP A 30 31.35 93.98 21.47
CA ASP A 30 30.76 92.65 21.33
C ASP A 30 29.24 92.73 21.41
N VAL A 31 28.58 91.60 21.15
CA VAL A 31 27.13 91.54 21.20
C VAL A 31 26.63 90.11 21.40
N PRO A 32 26.09 89.81 22.59
CA PRO A 32 25.56 88.49 22.92
C PRO A 32 24.38 88.10 22.03
N VAL A 33 24.55 87.06 21.23
CA VAL A 33 23.49 86.61 20.33
C VAL A 33 22.93 85.26 20.78
N THR A 34 21.60 85.17 20.86
CA THR A 34 20.94 83.94 21.28
C THR A 34 19.93 83.48 20.23
N VAL A 35 20.22 82.37 19.57
CA VAL A 35 19.33 81.83 18.55
C VAL A 35 18.39 80.77 19.13
N THR A 36 17.10 80.87 18.81
CA THR A 36 16.11 79.94 19.31
C THR A 36 15.12 79.58 18.22
N VAL A 37 14.63 78.34 18.24
CA VAL A 37 13.66 77.87 17.25
C VAL A 37 12.45 77.25 17.93
N HIS A 38 11.26 77.70 17.53
CA HIS A 38 10.02 77.17 18.09
C HIS A 38 9.11 76.64 16.99
N ASP A 39 8.19 75.74 17.36
CA ASP A 39 7.22 75.23 16.41
C ASP A 39 6.19 76.31 16.09
N PHE A 40 5.46 76.13 15.00
CA PHE A 40 4.48 77.12 14.58
C PHE A 40 3.11 76.51 14.34
N PRO A 41 2.07 77.12 14.94
CA PRO A 41 2.21 78.27 15.84
C PRO A 41 2.52 77.82 17.27
N GLY A 42 2.44 78.76 18.22
CA GLY A 42 2.64 78.44 19.62
C GLY A 42 4.10 78.32 20.02
N LYS A 43 4.34 77.74 21.19
CA LYS A 43 5.69 77.55 21.70
C LYS A 43 5.89 76.14 22.24
N LYS A 44 6.88 75.44 21.69
CA LYS A 44 7.20 74.09 22.13
C LYS A 44 8.70 73.92 22.32
N LEU A 45 9.46 74.87 21.78
CA LEU A 45 10.90 74.91 21.96
C LEU A 45 11.60 73.67 21.41
N VAL A 46 11.69 73.57 20.09
CA VAL A 46 12.37 72.45 19.45
C VAL A 46 13.88 72.55 19.63
N LEU A 47 14.38 73.78 19.75
CA LEU A 47 15.82 74.01 19.95
C LEU A 47 16.06 75.39 20.55
N SER A 48 16.62 75.40 21.75
CA SER A 48 16.88 76.66 22.45
C SER A 48 18.37 76.96 22.53
N SER A 49 19.19 75.93 22.32
CA SER A 49 20.64 76.07 22.41
C SER A 49 21.20 76.92 21.27
N GLU A 50 22.52 76.84 21.10
CA GLU A 50 23.20 77.57 20.02
C GLU A 50 23.20 79.07 20.23
N LYS A 51 24.12 79.55 21.06
CA LYS A 51 24.31 80.98 21.26
C LYS A 51 25.76 81.36 21.04
N THR A 52 25.99 82.49 20.38
CA THR A 52 27.35 82.94 20.09
C THR A 52 27.49 84.45 20.25
N VAL A 53 28.72 84.94 20.18
CA VAL A 53 28.99 86.36 20.32
C VAL A 53 29.72 86.90 19.09
N LEU A 54 29.21 88.00 18.54
CA LEU A 54 29.80 88.61 17.36
C LEU A 54 30.97 89.51 17.74
N THR A 55 32.19 89.05 17.50
CA THR A 55 33.39 89.80 17.83
C THR A 55 33.81 90.72 16.70
N PRO A 56 34.17 91.97 17.03
CA PRO A 56 34.65 92.94 16.04
C PRO A 56 35.86 92.42 15.26
N ALA A 57 36.50 91.38 15.78
CA ALA A 57 37.65 90.79 15.12
C ALA A 57 37.22 89.89 13.97
N THR A 58 35.92 89.67 13.85
CA THR A 58 35.38 88.83 12.78
C THR A 58 34.36 89.60 11.95
N ASN A 59 34.48 90.93 11.98
CA ASN A 59 33.56 91.79 11.24
C ASN A 59 32.10 91.58 11.63
N HIS A 60 31.90 91.09 12.85
CA HIS A 60 30.56 90.89 13.41
C HIS A 60 29.73 89.88 12.62
N MET A 61 30.35 88.77 12.24
CA MET A 61 29.64 87.69 11.57
C MET A 61 29.60 86.45 12.46
N GLY A 62 28.40 85.93 12.68
CA GLY A 62 28.21 84.75 13.50
C GLY A 62 28.04 83.48 12.69
N ASN A 63 27.99 82.35 13.38
CA ASN A 63 27.84 81.05 12.73
C ASN A 63 27.28 80.01 13.69
N VAL A 64 25.99 79.72 13.57
CA VAL A 64 25.32 78.79 14.45
C VAL A 64 24.74 77.59 13.69
N THR A 65 25.27 76.40 13.97
CA THR A 65 24.77 75.18 13.35
C THR A 65 23.79 74.48 14.28
N PHE A 66 22.54 74.37 13.84
CA PHE A 66 21.49 73.77 14.65
C PHE A 66 20.90 72.53 13.98
N THR A 67 20.12 71.77 14.74
CA THR A 67 19.47 70.57 14.23
C THR A 67 18.07 70.42 14.80
N ILE A 68 17.09 70.26 13.93
CA ILE A 68 15.69 70.12 14.35
C ILE A 68 15.32 68.66 14.54
N PRO A 69 14.99 68.29 15.80
CA PRO A 69 14.61 66.92 16.15
C PRO A 69 13.33 66.47 15.46
N ALA A 70 12.84 65.29 15.81
CA ALA A 70 11.62 64.75 15.21
C ALA A 70 10.40 65.05 16.08
N ASN A 71 10.12 64.16 17.03
CA ASN A 71 8.96 64.31 17.90
C ASN A 71 7.68 64.59 17.10
N ARG A 72 7.51 63.85 16.02
CA ARG A 72 6.35 64.03 15.13
C ARG A 72 5.07 64.32 15.91
N LYS A 78 -3.61 65.12 7.31
CA LYS A 78 -2.40 65.86 6.94
C LYS A 78 -2.48 66.42 5.52
N GLY A 79 -1.34 66.89 5.02
CA GLY A 79 -1.27 67.45 3.69
C GLY A 79 -0.78 68.88 3.68
N ARG A 80 -0.98 69.57 4.80
CA ARG A 80 -0.56 70.96 4.92
C ARG A 80 0.82 71.11 5.55
N ASN A 81 1.68 71.85 4.87
CA ASN A 81 3.06 72.05 5.32
C ASN A 81 3.14 72.55 6.75
N LYS A 82 4.23 72.20 7.44
CA LYS A 82 4.47 72.69 8.79
C LYS A 82 5.65 73.65 8.79
N PHE A 83 5.54 74.71 9.60
CA PHE A 83 6.56 75.74 9.65
C PHE A 83 7.19 75.88 11.02
N VAL A 84 8.34 76.54 11.07
CA VAL A 84 9.01 76.82 12.34
C VAL A 84 9.35 78.31 12.43
N THR A 85 9.54 78.80 13.65
CA THR A 85 9.83 80.21 13.86
C THR A 85 11.23 80.42 14.42
N VAL A 86 12.14 80.90 13.57
CA VAL A 86 13.49 81.22 13.98
C VAL A 86 13.51 82.54 14.73
N GLN A 87 14.18 82.58 15.87
CA GLN A 87 14.22 83.78 16.70
C GLN A 87 15.64 84.10 17.17
N ALA A 88 16.25 85.11 16.54
CA ALA A 88 17.59 85.52 16.90
C ALA A 88 17.58 86.82 17.70
N THR A 89 18.03 86.74 18.96
CA THR A 89 18.07 87.91 19.82
C THR A 89 19.47 88.48 19.94
N PHE A 90 19.68 89.66 19.35
CA PHE A 90 20.98 90.32 19.39
C PHE A 90 21.09 91.23 20.62
N GLY A 91 21.36 90.62 21.77
CA GLY A 91 21.49 91.37 23.01
C GLY A 91 20.14 91.69 23.60
N THR A 92 19.43 92.62 22.98
CA THR A 92 18.10 93.01 23.42
C THR A 92 17.13 93.04 22.24
N GLN A 93 17.60 93.59 21.12
CA GLN A 93 16.80 93.65 19.90
C GLN A 93 16.59 92.26 19.32
N VAL A 94 15.33 91.86 19.19
CA VAL A 94 15.00 90.53 18.69
C VAL A 94 14.53 90.57 17.24
N VAL A 95 15.02 89.63 16.44
CA VAL A 95 14.62 89.51 15.05
C VAL A 95 14.24 88.07 14.72
N GLU A 96 13.00 87.87 14.30
CA GLU A 96 12.48 86.53 14.02
C GLU A 96 11.90 86.38 12.62
N LYS A 97 11.94 85.16 12.10
CA LYS A 97 11.44 84.87 10.76
C LYS A 97 10.94 83.44 10.69
N VAL A 98 9.84 83.23 9.96
CA VAL A 98 9.26 81.89 9.82
C VAL A 98 9.74 81.23 8.52
N VAL A 99 10.19 79.99 8.64
CA VAL A 99 10.72 79.26 7.49
C VAL A 99 10.00 77.93 7.28
N LEU A 100 9.87 77.52 6.02
CA LEU A 100 9.23 76.25 5.68
C LEU A 100 10.12 75.07 6.06
N VAL A 101 9.50 73.95 6.39
CA VAL A 101 10.23 72.75 6.80
C VAL A 101 9.89 71.56 5.91
N SER A 102 10.92 70.79 5.56
CA SER A 102 10.73 69.61 4.72
C SER A 102 10.80 68.33 5.56
N LEU A 103 9.94 67.37 5.24
CA LEU A 103 9.89 66.10 5.95
C LEU A 103 10.93 65.12 5.41
N GLN A 104 11.55 65.49 4.29
CA GLN A 104 12.58 64.65 3.68
C GLN A 104 13.84 64.62 4.55
N SER A 105 14.24 63.44 5.01
CA SER A 105 15.40 63.31 5.89
C SER A 105 16.68 63.02 5.10
N GLY A 106 16.51 62.51 3.88
CA GLY A 106 17.64 62.17 3.03
C GLY A 106 17.22 61.45 1.77
N TYR A 107 18.15 60.69 1.19
CA TYR A 107 17.86 59.95 -0.03
C TYR A 107 18.07 58.45 0.17
N LEU A 108 17.49 57.66 -0.72
CA LEU A 108 17.64 56.21 -0.68
C LEU A 108 17.89 55.66 -2.09
N PHE A 109 18.93 54.85 -2.21
CA PHE A 109 19.29 54.26 -3.50
C PHE A 109 19.24 52.73 -3.45
N ILE A 110 18.37 52.16 -4.27
CA ILE A 110 18.21 50.70 -4.33
C ILE A 110 19.00 50.12 -5.49
N GLN A 111 19.74 49.04 -5.22
CA GLN A 111 20.55 48.40 -6.25
C GLN A 111 20.27 46.91 -6.33
N THR A 112 19.89 46.44 -7.52
CA THR A 112 19.66 45.02 -7.75
C THR A 112 20.74 44.45 -8.65
N ASP A 113 21.22 43.25 -8.31
CA ASP A 113 22.27 42.60 -9.08
C ASP A 113 21.93 42.54 -10.57
N LYS A 114 20.79 41.94 -10.89
CA LYS A 114 20.35 41.83 -12.27
C LYS A 114 19.23 42.83 -12.57
N THR A 115 18.86 42.94 -13.83
CA THR A 115 17.78 43.83 -14.25
C THR A 115 16.50 43.03 -14.50
N ILE A 116 16.67 41.75 -14.81
CA ILE A 116 15.54 40.87 -15.06
C ILE A 116 15.75 39.53 -14.36
N TYR A 117 14.68 38.95 -13.82
CA TYR A 117 14.78 37.70 -13.08
C TYR A 117 13.78 36.66 -13.57
N THR A 118 14.12 35.38 -13.37
CA THR A 118 13.24 34.28 -13.73
C THR A 118 12.55 33.72 -12.50
N PRO A 119 11.27 33.33 -12.65
CA PRO A 119 10.49 32.75 -11.54
C PRO A 119 11.21 31.55 -10.93
N GLY A 120 11.68 31.70 -9.71
CA GLY A 120 12.38 30.62 -9.01
C GLY A 120 13.74 31.04 -8.50
N SER A 121 14.29 32.12 -9.06
CA SER A 121 15.59 32.62 -8.67
C SER A 121 15.49 33.55 -7.46
N THR A 122 16.64 34.06 -7.03
CA THR A 122 16.70 34.95 -5.87
C THR A 122 17.16 36.34 -6.27
N VAL A 123 16.51 37.36 -5.72
CA VAL A 123 16.85 38.75 -6.02
C VAL A 123 17.70 39.35 -4.91
N LEU A 124 18.90 39.81 -5.28
CA LEU A 124 19.81 40.42 -4.32
C LEU A 124 19.81 41.94 -4.48
N TYR A 125 19.30 42.64 -3.46
CA TYR A 125 19.20 44.09 -3.52
C TYR A 125 19.75 44.77 -2.27
N ARG A 126 20.48 45.85 -2.46
CA ARG A 126 21.03 46.62 -1.35
C ARG A 126 20.43 48.02 -1.29
N ILE A 127 20.19 48.50 -0.08
CA ILE A 127 19.63 49.84 0.12
C ILE A 127 20.66 50.76 0.75
N PHE A 128 21.04 51.81 0.01
CA PHE A 128 22.00 52.78 0.52
C PHE A 128 21.31 53.91 1.25
N THR A 129 21.71 54.14 2.50
CA THR A 129 21.11 55.17 3.32
C THR A 129 22.07 56.33 3.56
N VAL A 130 21.73 57.50 3.02
CA VAL A 130 22.56 58.69 3.19
C VAL A 130 21.70 59.92 3.44
N ASN A 131 22.33 61.01 3.89
CA ASN A 131 21.62 62.26 4.13
C ASN A 131 21.65 63.17 2.92
N HIS A 132 21.32 64.45 3.13
CA HIS A 132 21.31 65.42 2.05
C HIS A 132 22.72 65.73 1.57
N LYS A 133 23.71 65.41 2.40
CA LYS A 133 25.11 65.62 2.04
C LYS A 133 25.71 64.35 1.46
N LEU A 134 24.85 63.38 1.17
CA LEU A 134 25.27 62.11 0.57
C LEU A 134 26.17 61.29 1.49
N LEU A 135 26.33 61.76 2.73
CA LEU A 135 27.11 61.02 3.72
C LEU A 135 26.25 59.98 4.41
N PRO A 136 26.81 58.77 4.61
CA PRO A 136 26.10 57.65 5.24
C PRO A 136 25.47 58.03 6.57
N VAL A 137 24.39 57.36 6.94
CA VAL A 137 23.69 57.65 8.19
C VAL A 137 22.93 56.44 8.69
N GLY A 138 22.78 56.32 10.00
CA GLY A 138 22.07 55.21 10.59
C GLY A 138 20.63 55.55 10.94
N ARG A 139 19.70 55.00 10.16
CA ARG A 139 18.28 55.24 10.37
C ARG A 139 17.48 53.95 10.23
N THR A 140 16.17 54.04 10.48
CA THR A 140 15.29 52.90 10.32
C THR A 140 14.59 52.96 8.97
N VAL A 141 14.74 51.90 8.18
CA VAL A 141 14.20 51.87 6.83
C VAL A 141 13.10 50.82 6.66
N MET A 142 12.01 51.20 5.99
CA MET A 142 10.92 50.29 5.70
C MET A 142 10.95 49.90 4.22
N VAL A 143 11.14 48.62 3.94
CA VAL A 143 11.26 48.14 2.57
C VAL A 143 10.12 47.20 2.18
N ASN A 144 9.43 47.53 1.10
CA ASN A 144 8.36 46.70 0.58
C ASN A 144 8.62 46.24 -0.85
N ILE A 145 7.94 45.18 -1.27
CA ILE A 145 8.07 44.67 -2.64
C ILE A 145 6.70 44.42 -3.25
N GLU A 146 6.37 45.20 -4.28
CA GLU A 146 5.07 45.09 -4.93
C GLU A 146 5.13 44.33 -6.25
N ASN A 147 4.04 43.65 -6.58
CA ASN A 147 3.94 42.93 -7.85
C ASN A 147 3.45 43.85 -8.97
N PRO A 148 3.44 43.37 -10.21
CA PRO A 148 3.00 44.18 -11.35
C PRO A 148 1.68 44.91 -11.10
N GLU A 149 0.77 44.29 -10.35
CA GLU A 149 -0.53 44.89 -10.08
C GLU A 149 -0.53 45.74 -8.81
N GLY A 150 0.66 46.20 -8.40
CA GLY A 150 0.80 47.05 -7.24
C GLY A 150 0.25 46.44 -5.96
N ILE A 151 0.77 45.27 -5.60
CA ILE A 151 0.34 44.58 -4.39
C ILE A 151 1.54 44.07 -3.60
N PRO A 152 1.82 44.71 -2.44
CA PRO A 152 2.93 44.32 -1.57
C PRO A 152 2.87 42.85 -1.17
N VAL A 153 4.01 42.18 -1.19
CA VAL A 153 4.06 40.76 -0.83
C VAL A 153 5.02 40.53 0.34
N LYS A 154 6.06 41.36 0.42
CA LYS A 154 7.04 41.25 1.49
C LYS A 154 7.45 42.63 2.01
N GLN A 155 7.51 42.75 3.33
CA GLN A 155 7.90 44.02 3.96
C GLN A 155 8.87 43.79 5.11
N ASP A 156 9.99 44.50 5.08
CA ASP A 156 11.00 44.38 6.13
C ASP A 156 11.16 45.70 6.89
N SER A 157 11.89 45.66 8.00
CA SER A 157 12.14 46.85 8.80
C SER A 157 13.50 46.77 9.49
N LEU A 158 14.55 46.90 8.68
CA LEU A 158 15.91 46.83 9.19
C LEU A 158 16.47 48.22 9.44
N SER A 159 17.60 48.29 10.15
CA SER A 159 18.23 49.56 10.46
C SER A 159 19.68 49.58 9.98
N SER A 160 20.09 50.70 9.38
CA SER A 160 21.45 50.86 8.90
C SER A 160 22.38 51.29 10.03
N GLN A 161 21.95 51.05 11.27
CA GLN A 161 22.73 51.42 12.44
C GLN A 161 24.05 50.67 12.47
N ASN A 162 25.15 51.40 12.44
CA ASN A 162 26.48 50.79 12.47
C ASN A 162 26.73 49.84 11.31
N GLN A 163 25.99 50.05 10.22
CA GLN A 163 26.12 49.21 9.04
C GLN A 163 26.78 49.98 7.90
N LEU A 164 27.18 51.21 8.19
CA LEU A 164 27.87 52.07 7.22
C LEU A 164 27.00 52.39 6.01
N GLY A 165 25.70 52.59 6.26
CA GLY A 165 24.78 53.00 5.23
C GLY A 165 24.61 52.04 4.07
N VAL A 166 24.66 50.75 4.38
CA VAL A 166 24.48 49.71 3.37
C VAL A 166 23.64 48.55 3.92
N LEU A 167 22.46 48.35 3.37
CA LEU A 167 21.56 47.31 3.85
C LEU A 167 21.38 46.17 2.84
N PRO A 168 22.20 45.13 2.96
CA PRO A 168 22.12 43.95 2.09
C PRO A 168 20.85 43.14 2.36
N LEU A 169 20.09 42.85 1.32
CA LEU A 169 18.86 42.07 1.45
C LEU A 169 18.68 41.10 0.30
N SER A 170 17.70 40.21 0.42
CA SER A 170 17.44 39.21 -0.61
C SER A 170 16.03 38.64 -0.48
N TRP A 171 15.44 38.27 -1.61
CA TRP A 171 14.10 37.68 -1.62
C TRP A 171 13.95 36.67 -2.76
N ASP A 172 13.40 35.50 -2.42
CA ASP A 172 13.24 34.44 -3.41
C ASP A 172 11.90 34.55 -4.12
N ILE A 173 11.94 34.57 -5.46
CA ILE A 173 10.72 34.65 -6.26
C ILE A 173 10.11 33.27 -6.47
N PRO A 174 8.89 33.07 -5.98
CA PRO A 174 8.17 31.80 -6.13
C PRO A 174 7.92 31.45 -7.59
N GLU A 175 7.87 30.16 -7.90
CA GLU A 175 7.60 29.71 -9.26
C GLU A 175 6.23 30.20 -9.72
N LEU A 176 5.24 30.07 -8.85
CA LEU A 176 3.88 30.52 -9.16
C LEU A 176 3.73 32.01 -8.86
N VAL A 177 3.89 32.83 -9.90
CA VAL A 177 3.77 34.28 -9.75
C VAL A 177 3.62 34.97 -11.10
N ASN A 178 2.96 36.13 -11.09
CA ASN A 178 2.72 36.88 -12.31
C ASN A 178 3.98 37.54 -12.86
N MET A 179 4.19 37.41 -14.16
CA MET A 179 5.33 38.05 -14.82
C MET A 179 4.98 39.49 -15.19
N GLY A 180 6.02 40.31 -15.38
CA GLY A 180 5.83 41.70 -15.74
C GLY A 180 6.85 42.61 -15.06
N GLN A 181 6.40 43.78 -14.64
CA GLN A 181 7.28 44.74 -14.00
C GLN A 181 7.07 44.78 -12.49
N TRP A 182 8.10 44.39 -11.75
CA TRP A 182 8.06 44.41 -10.29
C TRP A 182 8.72 45.68 -9.74
N LYS A 183 8.37 46.05 -8.52
CA LYS A 183 8.88 47.27 -7.92
C LYS A 183 9.29 47.06 -6.47
N ILE A 184 10.41 47.67 -6.08
CA ILE A 184 10.86 47.64 -4.69
C ILE A 184 10.85 49.04 -4.11
N ARG A 185 9.97 49.26 -3.13
CA ARG A 185 9.78 50.58 -2.55
C ARG A 185 10.31 50.66 -1.12
N ALA A 186 11.19 51.61 -0.87
CA ALA A 186 11.76 51.81 0.46
C ALA A 186 11.62 53.27 0.90
N TYR A 187 11.59 53.49 2.21
CA TYR A 187 11.44 54.83 2.76
C TYR A 187 11.83 54.89 4.23
N TYR A 188 12.38 56.02 4.66
CA TYR A 188 12.74 56.21 6.05
C TYR A 188 11.49 56.19 6.93
N GLU A 189 11.63 55.62 8.12
CA GLU A 189 10.51 55.51 9.05
C GLU A 189 10.02 56.88 9.49
N ASN A 190 10.89 57.89 9.38
CA ASN A 190 10.57 59.24 9.81
C ASN A 190 9.99 60.10 8.69
N SER A 191 9.67 59.47 7.56
CA SER A 191 9.10 60.19 6.43
C SER A 191 8.43 59.23 5.44
N PRO A 192 7.24 58.72 5.82
CA PRO A 192 6.46 57.78 5.00
C PRO A 192 6.05 58.40 3.66
N GLN A 193 5.93 59.72 3.61
CA GLN A 193 5.50 60.40 2.40
C GLN A 193 6.55 60.35 1.29
N GLN A 194 7.82 60.35 1.66
CA GLN A 194 8.90 60.28 0.69
C GLN A 194 9.32 58.83 0.46
N VAL A 195 8.98 58.30 -0.71
CA VAL A 195 9.28 56.91 -1.03
C VAL A 195 10.16 56.77 -2.27
N PHE A 196 11.17 55.92 -2.18
CA PHE A 196 12.06 55.64 -3.31
C PHE A 196 11.77 54.26 -3.87
N SER A 197 11.86 54.12 -5.19
CA SER A 197 11.52 52.85 -5.82
C SER A 197 12.46 52.48 -6.97
N THR A 198 12.65 51.18 -7.17
CA THR A 198 13.45 50.67 -8.28
C THR A 198 12.78 49.42 -8.84
N GLU A 199 12.64 49.37 -10.16
CA GLU A 199 11.90 48.28 -10.79
C GLU A 199 12.81 47.19 -11.36
N PHE A 200 12.33 45.95 -11.30
CA PHE A 200 13.03 44.81 -11.89
C PHE A 200 12.03 43.89 -12.57
N GLU A 201 12.28 43.56 -13.83
CA GLU A 201 11.36 42.76 -14.61
C GLU A 201 11.46 41.27 -14.30
N VAL A 202 10.31 40.60 -14.24
CA VAL A 202 10.27 39.16 -14.05
C VAL A 202 9.69 38.48 -15.28
N LYS A 203 10.49 37.62 -15.92
CA LYS A 203 10.09 36.98 -17.16
C LYS A 203 10.83 35.66 -17.37
N GLU A 204 10.18 34.71 -18.01
CA GLU A 204 10.80 33.44 -18.36
C GLU A 204 11.69 33.61 -19.59
N TYR A 205 12.98 33.84 -19.36
CA TYR A 205 13.90 34.15 -20.45
C TYR A 205 15.10 33.21 -20.51
N VAL A 206 15.95 33.42 -21.50
CA VAL A 206 17.19 32.67 -21.64
C VAL A 206 18.27 33.57 -22.26
N LEU A 207 19.39 33.71 -21.56
CA LEU A 207 20.47 34.59 -22.00
C LEU A 207 20.97 34.23 -23.40
N PRO A 208 20.84 35.17 -24.34
CA PRO A 208 21.31 35.03 -25.72
C PRO A 208 22.83 34.88 -25.77
N SER A 209 23.41 34.97 -26.97
CA SER A 209 24.85 34.82 -27.14
C SER A 209 25.45 36.00 -27.89
N PHE A 210 24.62 36.96 -28.24
CA PHE A 210 25.09 38.13 -28.97
C PHE A 210 24.17 39.32 -28.77
N GLU A 211 24.73 40.52 -28.87
CA GLU A 211 23.96 41.74 -28.71
C GLU A 211 23.70 42.40 -30.06
N VAL A 212 22.64 43.20 -30.12
CA VAL A 212 22.28 43.90 -31.35
C VAL A 212 22.13 45.40 -31.12
N ILE A 213 22.87 46.19 -31.89
CA ILE A 213 22.84 47.64 -31.75
C ILE A 213 22.23 48.29 -32.99
N VAL A 214 21.33 49.24 -32.78
CA VAL A 214 20.69 49.95 -33.87
C VAL A 214 21.00 51.45 -33.80
N GLU A 215 21.93 51.89 -34.64
CA GLU A 215 22.39 53.28 -34.61
C GLU A 215 22.11 54.00 -35.93
N PRO A 216 21.16 54.95 -35.91
CA PRO A 216 20.89 55.81 -37.06
C PRO A 216 22.05 56.77 -37.29
N THR A 217 22.38 57.04 -38.55
CA THR A 217 23.47 57.95 -38.88
C THR A 217 23.33 59.26 -38.11
N GLU A 218 22.12 59.80 -38.08
CA GLU A 218 21.84 61.03 -37.34
C GLU A 218 20.97 60.71 -36.13
N LYS A 219 21.20 61.41 -35.03
CA LYS A 219 20.40 61.22 -33.82
C LYS A 219 19.05 61.93 -33.96
N PHE A 220 18.57 62.02 -35.21
CA PHE A 220 17.31 62.66 -35.52
C PHE A 220 16.99 62.43 -36.99
N TYR A 221 15.97 63.13 -37.50
CA TYR A 221 15.61 63.02 -38.91
C TYR A 221 15.12 64.36 -39.47
N TYR A 222 15.73 64.78 -40.57
CA TYR A 222 15.34 66.01 -41.24
C TYR A 222 14.19 65.73 -42.21
N ILE A 223 13.07 66.40 -42.02
CA ILE A 223 11.88 66.16 -42.82
C ILE A 223 12.15 66.36 -44.31
N TYR A 224 13.03 67.29 -44.63
CA TYR A 224 13.33 67.60 -46.03
C TYR A 224 14.57 66.85 -46.50
N ASN A 225 14.88 65.74 -45.86
CA ASN A 225 16.02 64.92 -46.25
C ASN A 225 15.62 63.84 -47.24
N GLU A 226 16.06 64.00 -48.49
CA GLU A 226 15.72 63.07 -49.56
C GLU A 226 16.22 61.66 -49.26
N LYS A 227 17.46 61.56 -48.79
CA LYS A 227 18.09 60.28 -48.52
C LYS A 227 17.22 59.40 -47.64
N GLY A 228 16.66 59.98 -46.58
CA GLY A 228 15.81 59.25 -45.66
C GLY A 228 16.55 58.88 -44.39
N LEU A 229 15.87 58.14 -43.52
CA LEU A 229 16.46 57.72 -42.24
C LEU A 229 17.35 56.50 -42.41
N GLU A 230 18.66 56.72 -42.37
CA GLU A 230 19.62 55.64 -42.51
C GLU A 230 19.92 55.01 -41.14
N VAL A 231 19.81 53.69 -41.06
CA VAL A 231 20.05 52.97 -39.82
C VAL A 231 21.06 51.84 -40.02
N THR A 232 21.98 51.71 -39.08
CA THR A 232 23.00 50.66 -39.14
C THR A 232 22.74 49.59 -38.09
N ILE A 233 22.74 48.33 -38.52
CA ILE A 233 22.49 47.21 -37.61
C ILE A 233 23.79 46.49 -37.28
N THR A 234 24.29 46.71 -36.07
CA THR A 234 25.53 46.09 -35.63
C THR A 234 25.26 44.94 -34.65
N ALA A 235 25.73 43.75 -35.01
CA ALA A 235 25.53 42.58 -34.17
C ALA A 235 26.84 41.84 -33.91
N ARG A 236 27.18 41.66 -32.64
CA ARG A 236 28.39 40.94 -32.26
C ARG A 236 28.14 40.05 -31.05
N PHE A 237 28.84 38.93 -31.00
CA PHE A 237 28.72 38.00 -29.87
C PHE A 237 29.14 38.68 -28.56
N LEU A 238 28.73 38.10 -27.45
CA LEU A 238 29.03 38.65 -26.13
C LEU A 238 30.54 38.72 -25.88
N TYR A 239 31.28 37.80 -26.48
CA TYR A 239 32.73 37.75 -26.31
C TYR A 239 33.47 38.67 -27.27
N GLY A 240 32.71 39.46 -28.03
CA GLY A 240 33.29 40.46 -28.91
C GLY A 240 33.30 40.10 -30.37
N LYS A 241 33.45 38.81 -30.67
CA LYS A 241 33.52 38.34 -32.05
C LYS A 241 32.30 38.78 -32.86
N LYS A 242 32.51 39.03 -34.14
CA LYS A 242 31.44 39.50 -35.03
C LYS A 242 30.40 38.42 -35.29
N VAL A 243 29.21 38.83 -35.69
CA VAL A 243 28.10 37.90 -35.90
C VAL A 243 27.67 37.82 -37.36
N GLU A 244 27.43 36.60 -37.83
CA GLU A 244 26.93 36.37 -39.18
C GLU A 244 25.50 35.83 -39.12
N GLY A 245 24.59 36.54 -39.78
CA GLY A 245 23.19 36.14 -39.80
C GLY A 245 22.32 37.03 -40.67
N THR A 246 21.02 37.00 -40.42
CA THR A 246 20.07 37.83 -41.16
C THR A 246 19.16 38.58 -40.19
N ALA A 247 18.94 39.86 -40.47
CA ALA A 247 18.15 40.70 -39.57
C ALA A 247 16.82 41.14 -40.20
N PHE A 248 15.82 41.31 -39.35
CA PHE A 248 14.51 41.79 -39.78
C PHE A 248 14.20 43.13 -39.11
N VAL A 249 14.30 44.20 -39.88
CA VAL A 249 14.12 45.54 -39.33
C VAL A 249 12.83 46.21 -39.80
N ILE A 250 12.13 46.86 -38.87
CA ILE A 250 10.90 47.57 -39.18
C ILE A 250 10.92 48.95 -38.54
N PHE A 251 10.00 49.82 -38.96
CA PHE A 251 9.94 51.18 -38.45
C PHE A 251 8.55 51.52 -37.92
N GLY A 252 8.35 52.79 -37.57
CA GLY A 252 7.08 53.26 -37.06
C GLY A 252 7.16 54.64 -36.45
N ILE A 253 6.00 55.26 -36.26
CA ILE A 253 5.94 56.60 -35.67
C ILE A 253 5.27 56.57 -34.31
N GLN A 254 5.77 57.37 -33.38
CA GLN A 254 5.23 57.43 -32.03
C GLN A 254 4.56 58.78 -31.76
N ASP A 255 3.52 58.76 -30.95
CA ASP A 255 2.78 59.97 -30.62
C ASP A 255 2.37 59.98 -29.14
N GLY A 256 3.27 60.49 -28.30
CA GLY A 256 3.03 60.53 -26.87
C GLY A 256 3.17 59.17 -26.23
N GLU A 257 2.23 58.27 -26.51
CA GLU A 257 2.27 56.91 -25.99
C GLU A 257 1.82 55.91 -27.05
N GLN A 258 1.17 56.42 -28.09
CA GLN A 258 0.65 55.57 -29.17
C GLN A 258 1.68 55.38 -30.28
N ARG A 259 1.77 54.15 -30.78
CA ARG A 259 2.70 53.84 -31.86
C ARG A 259 1.97 53.36 -33.10
N ILE A 260 2.43 53.80 -34.26
CA ILE A 260 1.85 53.40 -35.53
C ILE A 260 2.89 52.70 -36.41
N SER A 261 2.81 51.37 -36.46
CA SER A 261 3.75 50.57 -37.22
C SER A 261 3.65 50.86 -38.72
N LEU A 262 4.77 50.70 -39.43
CA LEU A 262 4.81 50.92 -40.86
C LEU A 262 5.15 49.62 -41.58
N PRO A 263 4.11 48.83 -41.92
CA PRO A 263 4.26 47.52 -42.57
C PRO A 263 5.04 47.60 -43.87
N GLU A 264 4.97 48.73 -44.57
CA GLU A 264 5.63 48.88 -45.86
C GLU A 264 7.10 49.27 -45.71
N SER A 265 7.60 49.26 -44.49
CA SER A 265 9.00 49.59 -44.23
C SER A 265 9.80 48.37 -43.79
N LEU A 266 9.11 47.24 -43.68
CA LEU A 266 9.76 45.99 -43.25
C LEU A 266 10.83 45.56 -44.23
N LYS A 267 12.05 45.39 -43.72
CA LYS A 267 13.19 45.01 -44.55
C LYS A 267 13.84 43.73 -44.02
N ARG A 268 14.52 43.00 -44.91
CA ARG A 268 15.26 41.81 -44.52
C ARG A 268 16.67 41.87 -45.10
N ILE A 269 17.58 42.51 -44.37
CA ILE A 269 18.95 42.69 -44.83
C ILE A 269 19.90 41.68 -44.19
N PRO A 270 20.85 41.18 -44.99
CA PRO A 270 21.89 40.26 -44.51
C PRO A 270 22.83 40.95 -43.54
N ILE A 271 23.49 40.18 -42.68
CA ILE A 271 24.42 40.73 -41.72
C ILE A 271 25.81 40.12 -41.89
N GLU A 272 26.62 40.76 -42.72
CA GLU A 272 27.99 40.29 -42.96
C GLU A 272 29.00 41.11 -42.16
N ASP A 273 30.05 40.45 -41.70
CA ASP A 273 31.10 41.10 -40.93
C ASP A 273 30.54 41.73 -39.65
N GLY A 274 29.40 41.22 -39.20
CA GLY A 274 28.77 41.72 -37.99
C GLY A 274 28.15 43.09 -38.16
N SER A 275 27.83 43.45 -39.40
CA SER A 275 27.23 44.74 -39.69
C SER A 275 26.15 44.65 -40.75
N GLY A 276 25.19 45.57 -40.70
CA GLY A 276 24.10 45.60 -41.66
C GLY A 276 23.69 47.03 -41.97
N GLU A 277 23.08 47.23 -43.14
CA GLU A 277 22.67 48.55 -43.57
C GLU A 277 21.22 48.58 -44.04
N VAL A 278 20.40 49.39 -43.38
CA VAL A 278 18.99 49.52 -43.74
C VAL A 278 18.61 50.99 -43.85
N VAL A 279 17.75 51.31 -44.82
CA VAL A 279 17.32 52.69 -45.05
C VAL A 279 15.81 52.81 -45.15
N LEU A 280 15.27 53.84 -44.49
CA LEU A 280 13.84 54.12 -44.55
C LEU A 280 13.59 55.31 -45.46
N SER A 281 13.24 55.04 -46.72
CA SER A 281 13.00 56.09 -47.70
C SER A 281 11.88 57.02 -47.26
N ARG A 282 12.06 58.32 -47.51
CA ARG A 282 11.05 59.31 -47.16
C ARG A 282 9.73 59.03 -47.85
N LYS A 283 9.80 58.38 -49.00
CA LYS A 283 8.61 58.02 -49.76
C LYS A 283 7.67 57.13 -48.94
N VAL A 284 8.22 56.07 -48.37
CA VAL A 284 7.45 55.13 -47.57
C VAL A 284 6.94 55.78 -46.29
N LEU A 285 7.76 56.65 -45.70
CA LEU A 285 7.40 57.33 -44.47
C LEU A 285 6.13 58.16 -44.65
N LEU A 286 6.13 59.02 -45.67
CA LEU A 286 4.97 59.88 -45.95
C LEU A 286 3.76 59.04 -46.32
N ASP A 287 3.99 57.93 -47.02
CA ASP A 287 2.91 57.05 -47.43
C ASP A 287 2.33 56.30 -46.23
N GLY A 288 3.07 56.29 -45.13
CA GLY A 288 2.63 55.65 -43.90
C GLY A 288 1.45 56.38 -43.29
N VAL A 289 1.38 57.68 -43.56
CA VAL A 289 0.26 58.49 -43.10
C VAL A 289 -0.60 58.96 -44.26
N GLN A 290 -1.55 59.84 -43.95
CA GLN A 290 -2.51 60.34 -44.92
C GLN A 290 -2.53 61.86 -44.95
N ARG A 293 1.39 66.92 -45.67
CA ARG A 293 1.60 67.83 -44.54
C ARG A 293 2.83 67.46 -43.75
N ALA A 294 3.94 67.22 -44.43
CA ALA A 294 5.19 66.83 -43.80
C ALA A 294 5.45 67.61 -42.52
N GLU A 295 5.11 68.90 -42.53
CA GLU A 295 5.32 69.77 -41.38
C GLU A 295 4.54 69.31 -40.15
N ASP A 296 3.60 68.40 -40.35
CA ASP A 296 2.79 67.87 -39.26
C ASP A 296 3.56 66.83 -38.45
N LEU A 297 4.21 65.91 -39.16
CA LEU A 297 5.01 64.86 -38.52
C LEU A 297 6.07 65.47 -37.62
N VAL A 298 6.36 66.75 -37.82
CA VAL A 298 7.32 67.47 -36.99
C VAL A 298 6.90 67.45 -35.54
N GLY A 299 7.79 66.96 -34.68
CA GLY A 299 7.49 66.84 -33.26
C GLY A 299 7.37 65.39 -32.84
N LYS A 300 6.85 64.56 -33.74
CA LYS A 300 6.71 63.13 -33.47
C LYS A 300 8.07 62.45 -33.47
N SER A 301 8.08 61.14 -33.23
CA SER A 301 9.32 60.39 -33.18
C SER A 301 9.24 59.09 -33.96
N LEU A 302 10.39 58.57 -34.37
CA LEU A 302 10.46 57.30 -35.10
C LEU A 302 11.17 56.25 -34.27
N TYR A 303 10.74 55.01 -34.38
CA TYR A 303 11.37 53.91 -33.65
C TYR A 303 11.70 52.73 -34.56
N VAL A 304 12.91 52.20 -34.40
CA VAL A 304 13.36 51.07 -35.20
C VAL A 304 13.34 49.79 -34.39
N SER A 305 12.82 48.71 -34.98
CA SER A 305 12.74 47.43 -34.31
C SER A 305 13.42 46.34 -35.15
N ALA A 306 14.65 45.97 -34.76
CA ALA A 306 15.41 44.97 -35.48
C ALA A 306 15.30 43.59 -34.84
N THR A 307 15.59 42.55 -35.61
CA THR A 307 15.53 41.18 -35.13
C THR A 307 16.52 40.31 -35.87
N VAL A 308 17.66 40.02 -35.25
CA VAL A 308 18.72 39.25 -35.89
C VAL A 308 18.62 37.77 -35.59
N ILE A 309 18.81 36.95 -36.62
CA ILE A 309 18.81 35.50 -36.47
C ILE A 309 20.05 34.89 -37.13
N LEU A 310 20.81 34.14 -36.35
CA LEU A 310 22.04 33.50 -36.84
C LEU A 310 21.74 32.57 -38.01
N HIS A 311 22.76 32.32 -38.83
CA HIS A 311 22.63 31.41 -39.96
C HIS A 311 22.45 29.98 -39.50
N SER A 312 22.55 29.75 -38.20
CA SER A 312 22.37 28.42 -37.63
C SER A 312 20.96 28.25 -37.09
N GLY A 313 20.24 29.36 -36.99
CA GLY A 313 18.88 29.35 -36.48
C GLY A 313 18.81 28.85 -35.05
N SER A 314 19.90 29.01 -34.32
CA SER A 314 19.98 28.54 -32.94
C SER A 314 19.55 29.62 -31.96
N ASP A 315 20.01 30.85 -32.19
CA ASP A 315 19.70 31.95 -31.29
C ASP A 315 19.00 33.09 -32.02
N MET A 316 18.32 33.95 -31.27
CA MET A 316 17.56 35.06 -31.84
C MET A 316 17.49 36.23 -30.86
N VAL A 317 17.77 37.43 -31.34
CA VAL A 317 17.77 38.62 -30.50
C VAL A 317 16.94 39.75 -31.12
N GLN A 318 16.18 40.44 -30.27
CA GLN A 318 15.36 41.56 -30.72
C GLN A 318 15.81 42.87 -30.09
N ALA A 319 16.29 43.79 -30.92
CA ALA A 319 16.72 45.10 -30.45
C ALA A 319 15.70 46.17 -30.82
N GLU A 320 15.91 47.39 -30.35
CA GLU A 320 14.97 48.48 -30.63
C GLU A 320 15.53 49.85 -30.24
N ARG A 321 15.51 50.77 -31.19
CA ARG A 321 15.87 52.16 -30.93
C ARG A 321 14.64 53.04 -31.04
N SER A 322 14.29 53.72 -29.94
CA SER A 322 13.10 54.56 -29.92
C SER A 322 13.41 55.97 -29.43
N GLY A 323 12.71 56.95 -29.99
CA GLY A 323 12.86 58.33 -29.57
C GLY A 323 13.55 59.21 -30.61
N ILE A 324 13.63 58.72 -31.84
CA ILE A 324 14.25 59.48 -32.92
C ILE A 324 13.39 60.68 -33.30
N PRO A 325 13.85 61.89 -32.92
CA PRO A 325 13.08 63.13 -33.11
C PRO A 325 12.96 63.54 -34.57
N ILE A 326 11.81 64.06 -34.95
CA ILE A 326 11.60 64.61 -36.28
C ILE A 326 11.48 66.13 -36.20
N VAL A 327 12.59 66.82 -36.39
CA VAL A 327 12.62 68.27 -36.25
C VAL A 327 13.18 68.96 -37.49
N THR A 328 12.90 70.25 -37.62
CA THR A 328 13.35 71.02 -38.77
C THR A 328 14.76 71.55 -38.53
N SER A 329 15.22 71.36 -37.29
CA SER A 329 16.51 71.90 -36.90
C SER A 329 17.33 70.92 -36.06
N PRO A 330 18.59 70.71 -36.45
CA PRO A 330 19.52 69.79 -35.79
C PRO A 330 19.91 70.24 -34.38
N TYR A 331 19.39 71.37 -33.93
CA TYR A 331 19.75 71.91 -32.63
C TYR A 331 18.56 72.46 -31.85
N GLN A 332 18.79 72.74 -30.57
CA GLN A 332 17.77 73.34 -29.71
C GLN A 332 18.43 74.32 -28.74
N ILE A 333 17.73 75.41 -28.44
CA ILE A 333 18.27 76.42 -27.55
C ILE A 333 17.42 76.58 -26.29
N HIS A 334 18.08 76.61 -25.14
CA HIS A 334 17.39 76.75 -23.86
C HIS A 334 18.02 77.85 -23.00
N PHE A 335 17.17 78.72 -22.46
CA PHE A 335 17.63 79.78 -21.58
C PHE A 335 17.39 79.39 -20.12
N THR A 336 17.53 78.10 -19.83
CA THR A 336 17.29 77.58 -18.49
C THR A 336 18.47 77.84 -17.56
N LYS A 337 19.60 78.25 -18.14
CA LYS A 337 20.80 78.54 -17.37
C LYS A 337 21.14 80.02 -17.41
N THR A 338 20.19 80.83 -17.87
CA THR A 338 20.40 82.28 -17.96
C THR A 338 19.42 83.03 -17.06
N PRO A 339 19.96 83.91 -16.21
CA PRO A 339 19.14 84.72 -15.29
C PRO A 339 18.02 85.45 -16.02
N LYS A 340 16.85 85.55 -15.38
CA LYS A 340 15.71 86.21 -15.99
C LYS A 340 15.60 87.67 -15.55
N TYR A 341 16.71 88.21 -15.05
CA TYR A 341 16.73 89.60 -14.59
C TYR A 341 18.06 90.26 -14.92
N PHE A 342 17.99 91.45 -15.51
CA PHE A 342 19.20 92.19 -15.89
C PHE A 342 19.32 93.48 -15.09
N LYS A 343 20.53 94.02 -15.03
CA LYS A 343 20.78 95.29 -14.37
C LYS A 343 20.82 96.42 -15.39
N PRO A 344 19.86 97.34 -15.29
CA PRO A 344 19.74 98.48 -16.21
C PRO A 344 21.04 99.23 -16.39
N GLY A 345 21.61 99.16 -17.61
CA GLY A 345 22.84 99.86 -17.91
C GLY A 345 24.08 99.08 -17.54
N MET A 346 23.92 97.78 -17.33
CA MET A 346 25.04 96.93 -16.94
C MET A 346 25.10 95.67 -17.80
N PRO A 347 26.32 95.18 -18.04
CA PRO A 347 26.56 93.99 -18.88
C PRO A 347 25.78 92.77 -18.40
N PHE A 348 24.84 92.30 -19.22
CA PHE A 348 24.05 91.13 -18.90
C PHE A 348 24.62 89.89 -19.58
N ASP A 349 24.84 88.83 -18.80
CA ASP A 349 25.44 87.61 -19.31
C ASP A 349 24.37 86.60 -19.75
N LEU A 350 24.54 86.05 -20.95
CA LEU A 350 23.61 85.07 -21.49
C LEU A 350 24.26 83.70 -21.60
N MET A 351 23.72 82.73 -20.86
CA MET A 351 24.24 81.37 -20.87
C MET A 351 23.43 80.49 -21.81
N VAL A 352 23.71 80.60 -23.11
CA VAL A 352 23.00 79.81 -24.11
C VAL A 352 23.28 78.32 -23.93
N PHE A 353 22.22 77.53 -23.85
CA PHE A 353 22.34 76.09 -23.64
C PHE A 353 21.86 75.32 -24.87
N VAL A 354 22.78 75.10 -25.81
CA VAL A 354 22.45 74.39 -27.04
C VAL A 354 22.54 72.88 -26.86
N THR A 355 21.50 72.17 -27.29
CA THR A 355 21.45 70.72 -27.17
C THR A 355 20.89 70.06 -28.43
N ASN A 356 21.29 68.83 -28.67
CA ASN A 356 20.78 68.06 -29.79
C ASN A 356 19.32 67.64 -29.57
N PRO A 357 18.61 67.32 -30.65
CA PRO A 357 17.19 66.95 -30.58
C PRO A 357 16.89 65.88 -29.53
N ASP A 358 17.87 65.03 -29.22
CA ASP A 358 17.68 63.96 -28.25
C ASP A 358 17.73 64.47 -26.81
N GLY A 359 18.63 65.42 -26.55
CA GLY A 359 18.78 65.98 -25.22
C GLY A 359 20.23 66.22 -24.85
N SER A 360 21.14 65.47 -25.47
CA SER A 360 22.57 65.61 -25.20
C SER A 360 23.10 66.93 -25.73
N PRO A 361 23.97 67.58 -24.95
CA PRO A 361 24.57 68.88 -25.32
C PRO A 361 25.27 68.83 -26.66
N ALA A 362 25.24 69.95 -27.39
CA ALA A 362 25.89 70.04 -28.68
C ALA A 362 27.23 70.77 -28.56
N TYR A 363 28.28 70.16 -29.07
CA TYR A 363 29.63 70.73 -28.98
C TYR A 363 29.98 71.53 -30.23
N ARG A 364 30.61 72.68 -30.01
CA ARG A 364 31.02 73.56 -31.10
C ARG A 364 29.87 73.97 -32.01
N VAL A 365 29.05 74.89 -31.53
CA VAL A 365 27.95 75.43 -32.33
C VAL A 365 27.78 76.93 -32.05
N PRO A 366 28.33 77.77 -32.94
CA PRO A 366 28.33 79.23 -32.81
C PRO A 366 26.93 79.80 -32.61
N VAL A 367 26.82 80.81 -31.76
CA VAL A 367 25.54 81.46 -31.49
C VAL A 367 25.71 82.98 -31.43
N ALA A 368 24.60 83.70 -31.54
CA ALA A 368 24.63 85.16 -31.50
C ALA A 368 23.27 85.72 -31.12
N VAL A 369 23.16 87.04 -31.11
CA VAL A 369 21.91 87.71 -30.79
C VAL A 369 21.22 88.18 -32.06
N GLN A 370 19.94 88.56 -31.94
CA GLN A 370 19.17 89.05 -33.08
C GLN A 370 19.97 90.07 -33.87
N GLY A 371 20.31 91.18 -33.22
CA GLY A 371 21.16 92.18 -33.84
C GLY A 371 22.62 91.82 -33.66
N GLU A 372 23.50 92.81 -33.73
CA GLU A 372 24.93 92.59 -33.56
C GLU A 372 25.41 91.38 -34.38
N ASP A 373 25.35 91.52 -35.70
CA ASP A 373 25.76 90.44 -36.59
C ASP A 373 27.21 90.02 -36.34
N THR A 374 27.98 90.93 -35.76
CA THR A 374 29.39 90.69 -35.51
C THR A 374 29.63 89.82 -34.27
N VAL A 375 28.75 89.95 -33.27
CA VAL A 375 28.90 89.20 -32.04
C VAL A 375 28.73 87.70 -32.29
N GLN A 376 29.64 86.90 -31.71
CA GLN A 376 29.59 85.46 -31.86
C GLN A 376 30.18 84.74 -30.64
N SER A 377 29.94 83.44 -30.57
CA SER A 377 30.46 82.63 -29.48
C SER A 377 30.18 81.15 -29.74
N LEU A 378 31.20 80.31 -29.60
CA LEU A 378 31.04 78.88 -29.79
C LEU A 378 30.60 78.20 -28.50
N THR A 379 30.05 76.99 -28.63
CA THR A 379 29.58 76.23 -27.49
C THR A 379 30.67 75.32 -26.95
N GLN A 380 30.81 75.27 -25.64
CA GLN A 380 31.84 74.46 -24.99
C GLN A 380 31.42 72.99 -24.92
N GLY A 381 32.20 72.19 -24.21
CA GLY A 381 31.93 70.77 -24.09
C GLY A 381 30.73 70.44 -23.24
N ASP A 382 30.32 71.40 -22.41
CA ASP A 382 29.18 71.20 -21.52
C ASP A 382 27.86 71.51 -22.20
N GLY A 383 27.93 72.23 -23.32
CA GLY A 383 26.75 72.61 -24.06
C GLY A 383 26.29 74.02 -23.76
N VAL A 384 27.19 74.82 -23.21
CA VAL A 384 26.88 76.20 -22.85
C VAL A 384 27.80 77.19 -23.56
N ALA A 385 27.19 78.21 -24.16
CA ALA A 385 27.95 79.25 -24.86
C ALA A 385 28.04 80.52 -24.00
N LYS A 386 29.10 81.30 -24.22
CA LYS A 386 29.31 82.51 -23.45
C LYS A 386 28.95 83.77 -24.24
N LEU A 387 27.85 84.41 -23.85
CA LEU A 387 27.42 85.65 -24.50
C LEU A 387 27.31 86.78 -23.48
N SER A 388 27.53 88.00 -23.94
CA SER A 388 27.44 89.18 -23.10
C SER A 388 26.98 90.40 -23.89
N ILE A 389 25.97 91.09 -23.39
CA ILE A 389 25.41 92.24 -24.08
C ILE A 389 25.35 93.47 -23.17
N ASN A 390 25.39 94.65 -23.78
CA ASN A 390 25.26 95.90 -23.05
C ASN A 390 23.83 96.44 -23.10
N THR A 391 23.29 96.79 -21.95
CA THR A 391 21.92 97.28 -21.86
C THR A 391 21.89 98.78 -21.55
N HIS A 392 20.77 99.41 -21.86
CA HIS A 392 20.59 100.84 -21.58
C HIS A 392 19.93 101.03 -20.22
N PRO A 393 20.09 102.24 -19.64
CA PRO A 393 19.48 102.57 -18.35
C PRO A 393 17.96 102.67 -18.42
N SER A 394 17.34 101.84 -19.25
CA SER A 394 15.89 101.84 -19.39
C SER A 394 15.25 100.79 -18.50
N GLN A 395 14.20 101.18 -17.80
CA GLN A 395 13.48 100.27 -16.91
C GLN A 395 12.49 99.41 -17.69
N LYS A 396 12.63 99.40 -19.02
CA LYS A 396 11.76 98.62 -19.89
C LYS A 396 12.34 97.23 -20.12
N PRO A 397 11.48 96.19 -20.05
CA PRO A 397 11.88 94.80 -20.23
C PRO A 397 12.81 94.59 -21.42
N LEU A 398 13.78 93.70 -21.28
CA LEU A 398 14.74 93.44 -22.34
C LEU A 398 14.41 92.12 -23.05
N SER A 399 14.11 92.21 -24.33
CA SER A 399 13.80 91.03 -25.12
C SER A 399 15.00 90.60 -25.95
N ILE A 400 15.43 89.35 -25.77
CA ILE A 400 16.60 88.84 -26.49
C ILE A 400 16.27 87.58 -27.29
N THR A 401 16.69 87.56 -28.55
CA THR A 401 16.51 86.41 -29.41
C THR A 401 17.86 85.86 -29.86
N VAL A 402 18.19 84.67 -29.40
CA VAL A 402 19.46 84.04 -29.76
C VAL A 402 19.30 83.12 -30.96
N ARG A 403 20.21 83.24 -31.93
CA ARG A 403 20.12 82.46 -33.14
C ARG A 403 21.41 81.68 -33.41
N THR A 404 21.27 80.37 -33.60
CA THR A 404 22.41 79.53 -33.95
C THR A 404 22.96 79.93 -35.32
N LYS A 405 24.29 79.99 -35.42
CA LYS A 405 24.93 80.44 -36.65
C LYS A 405 25.92 79.41 -37.19
N LYS A 406 25.53 78.14 -37.14
CA LYS A 406 26.39 77.06 -37.64
C LYS A 406 26.33 77.02 -39.15
N GLN A 407 27.49 77.08 -39.80
CA GLN A 407 27.58 77.04 -41.25
C GLN A 407 27.11 75.69 -41.80
N GLU A 408 27.33 75.47 -43.09
CA GLU A 408 26.95 74.22 -43.74
C GLU A 408 25.43 74.08 -43.87
N LEU A 409 24.70 74.82 -43.05
CA LEU A 409 23.25 74.78 -43.08
C LEU A 409 22.68 76.08 -43.65
N SER A 410 21.38 76.28 -43.48
CA SER A 410 20.72 77.49 -43.96
C SER A 410 19.92 78.16 -42.84
N GLU A 411 19.52 79.40 -43.06
CA GLU A 411 18.76 80.16 -42.08
C GLU A 411 17.41 79.52 -41.79
N ALA A 412 17.07 78.50 -42.57
CA ALA A 412 15.80 77.79 -42.39
C ALA A 412 15.96 76.58 -41.49
N GLU A 413 17.16 76.01 -41.47
CA GLU A 413 17.43 74.82 -40.67
C GLU A 413 17.95 75.19 -39.28
N GLN A 414 18.02 76.48 -39.00
CA GLN A 414 18.50 76.95 -37.71
C GLN A 414 17.39 76.99 -36.68
N ALA A 415 17.75 76.79 -35.41
CA ALA A 415 16.79 76.82 -34.32
C ALA A 415 16.92 78.10 -33.51
N THR A 416 15.80 78.74 -33.22
CA THR A 416 15.80 80.00 -32.49
C THR A 416 14.92 79.94 -31.24
N ARG A 417 15.22 80.81 -30.28
CA ARG A 417 14.44 80.90 -29.05
C ARG A 417 14.51 82.31 -28.48
N THR A 418 13.43 82.76 -27.87
CA THR A 418 13.36 84.12 -27.33
C THR A 418 12.97 84.12 -25.85
N MET A 419 13.64 84.97 -25.07
CA MET A 419 13.33 85.12 -23.65
C MET A 419 13.09 86.58 -23.31
N GLN A 420 12.67 86.83 -22.07
CA GLN A 420 12.41 88.19 -21.62
C GLN A 420 12.96 88.42 -20.21
N ALA A 421 13.90 89.36 -20.10
CA ALA A 421 14.50 89.68 -18.81
C ALA A 421 13.92 90.99 -18.25
N LEU A 422 13.73 91.03 -16.94
CA LEU A 422 13.17 92.20 -16.28
C LEU A 422 14.22 92.94 -15.46
N PRO A 423 14.17 94.28 -15.48
CA PRO A 423 15.11 95.13 -14.74
C PRO A 423 15.05 94.86 -13.23
N TYR A 424 16.16 95.09 -12.55
CA TYR A 424 16.24 94.90 -11.10
C TYR A 424 15.61 96.07 -10.36
N SER A 425 14.45 95.83 -9.76
CA SER A 425 13.75 96.88 -9.00
C SER A 425 14.55 97.28 -7.77
N THR A 426 15.02 98.52 -7.76
CA THR A 426 15.82 99.01 -6.66
C THR A 426 14.96 99.66 -5.60
N VAL A 427 15.49 99.66 -4.38
CA VAL A 427 14.78 100.23 -3.27
C VAL A 427 14.58 101.73 -3.46
N GLY A 428 13.32 102.13 -3.57
CA GLY A 428 12.98 103.54 -3.70
C GLY A 428 13.54 104.18 -4.95
N ASN A 429 13.78 103.36 -5.97
CA ASN A 429 14.32 103.86 -7.24
C ASN A 429 15.62 104.65 -7.05
N SER A 430 16.53 104.10 -6.25
CA SER A 430 17.80 104.77 -5.97
C SER A 430 18.84 104.42 -7.02
N ASN A 431 18.50 103.52 -7.94
CA ASN A 431 19.39 103.12 -9.02
C ASN A 431 20.73 102.57 -8.53
N ASN A 432 20.69 101.83 -7.42
CA ASN A 432 21.88 101.19 -6.89
C ASN A 432 21.89 99.70 -7.19
N TYR A 433 22.81 99.27 -8.04
CA TYR A 433 22.85 97.87 -8.48
C TYR A 433 24.13 97.16 -8.07
N LEU A 434 24.15 95.84 -8.29
CA LEU A 434 25.32 95.03 -8.02
C LEU A 434 25.35 93.85 -8.99
N HIS A 435 26.44 93.74 -9.73
CA HIS A 435 26.57 92.69 -10.74
C HIS A 435 27.71 91.72 -10.43
N LEU A 436 27.44 90.43 -10.60
CA LEU A 436 28.45 89.40 -10.37
C LEU A 436 28.76 88.64 -11.64
N SER A 437 29.84 89.01 -12.30
CA SER A 437 30.27 88.35 -13.53
C SER A 437 31.27 87.24 -13.23
N VAL A 438 31.00 86.05 -13.73
CA VAL A 438 31.87 84.91 -13.50
C VAL A 438 32.45 84.35 -14.79
N LEU A 439 33.76 84.16 -14.80
CA LEU A 439 34.45 83.57 -15.95
C LEU A 439 34.01 82.12 -16.08
N ARG A 440 32.89 81.89 -16.77
CA ARG A 440 32.32 80.55 -16.81
C ARG A 440 33.10 79.59 -17.72
N THR A 441 33.86 78.72 -17.08
CA THR A 441 34.52 77.60 -17.76
C THR A 441 34.23 76.35 -16.95
N GLU A 442 34.47 75.18 -17.54
CA GLU A 442 34.22 73.93 -16.84
C GLU A 442 35.03 73.85 -15.55
N LEU A 443 34.40 74.25 -14.44
CA LEU A 443 35.07 74.26 -13.15
C LEU A 443 35.41 72.86 -12.68
N ARG A 444 36.60 72.70 -12.12
CA ARG A 444 37.07 71.40 -11.64
C ARG A 444 37.62 71.53 -10.23
N PRO A 445 37.18 70.66 -9.31
CA PRO A 445 37.63 70.67 -7.92
C PRO A 445 39.15 70.77 -7.81
N GLY A 446 39.65 71.89 -7.33
CA GLY A 446 41.07 72.12 -7.21
C GLY A 446 41.48 73.47 -7.77
N GLU A 447 40.72 73.93 -8.76
CA GLU A 447 41.00 75.21 -9.40
C GLU A 447 40.52 76.37 -8.54
N THR A 448 40.72 77.59 -9.02
CA THR A 448 40.26 78.79 -8.33
C THR A 448 39.38 79.63 -9.24
N LEU A 449 38.35 80.24 -8.68
CA LEU A 449 37.41 81.04 -9.47
C LEU A 449 37.53 82.52 -9.15
N ASN A 450 37.56 83.34 -10.20
CA ASN A 450 37.65 84.79 -10.04
C ASN A 450 36.27 85.44 -10.02
N VAL A 451 35.74 85.64 -8.81
CA VAL A 451 34.42 86.25 -8.65
C VAL A 451 34.52 87.77 -8.73
N ASN A 452 33.88 88.35 -9.75
CA ASN A 452 33.91 89.79 -9.95
C ASN A 452 32.76 90.51 -9.27
N PHE A 453 33.08 91.57 -8.53
CA PHE A 453 32.07 92.38 -7.86
C PHE A 453 32.00 93.77 -8.48
N LEU A 454 30.95 94.00 -9.26
CA LEU A 454 30.78 95.28 -9.94
C LEU A 454 29.71 96.13 -9.27
N LEU A 455 30.13 97.26 -8.70
CA LEU A 455 29.20 98.15 -8.00
C LEU A 455 28.60 99.18 -8.95
N ARG A 456 27.42 99.68 -8.61
CA ARG A 456 26.73 100.65 -9.45
C ARG A 456 25.90 101.62 -8.62
N MET A 457 26.48 102.78 -8.31
CA MET A 457 25.79 103.82 -7.55
C MET A 457 26.56 105.13 -7.58
N ASP A 458 25.84 106.23 -7.34
CA ASP A 458 26.46 107.55 -7.32
C ASP A 458 27.55 107.65 -6.25
N ARG A 459 28.54 108.49 -6.48
CA ARG A 459 29.67 108.62 -5.58
C ARG A 459 29.27 109.19 -4.23
N ALA A 460 28.06 109.77 -4.16
CA ALA A 460 27.57 110.40 -2.94
C ALA A 460 27.49 109.43 -1.78
N HIS A 461 27.40 108.13 -2.09
CA HIS A 461 27.25 107.11 -1.05
C HIS A 461 28.15 105.90 -1.31
N GLU A 462 28.98 105.99 -2.33
CA GLU A 462 29.87 104.88 -2.69
C GLU A 462 30.93 104.66 -1.62
N ALA A 463 31.27 105.72 -0.90
CA ALA A 463 32.30 105.65 0.14
C ALA A 463 31.78 104.94 1.38
N LYS A 464 30.47 104.69 1.41
CA LYS A 464 29.85 104.02 2.55
C LYS A 464 30.01 102.51 2.46
N ILE A 465 30.10 102.01 1.23
CA ILE A 465 30.28 100.57 0.99
C ILE A 465 31.74 100.19 1.21
N ARG A 466 31.97 99.25 2.11
CA ARG A 466 33.33 98.85 2.45
C ARG A 466 33.51 97.33 2.43
N TYR A 467 32.42 96.59 2.27
CA TYR A 467 32.48 95.14 2.27
C TYR A 467 31.24 94.50 1.66
N TYR A 468 31.42 93.31 1.09
CA TYR A 468 30.31 92.54 0.54
C TYR A 468 30.11 91.26 1.35
N THR A 469 28.85 90.88 1.55
CA THR A 469 28.53 89.65 2.27
C THR A 469 28.06 88.58 1.30
N TYR A 470 28.93 87.61 1.02
CA TYR A 470 28.61 86.55 0.08
C TYR A 470 28.32 85.23 0.79
N LEU A 471 27.42 84.44 0.21
CA LEU A 471 27.08 83.13 0.77
C LEU A 471 27.13 82.06 -0.32
N ILE A 472 27.47 80.84 0.07
CA ILE A 472 27.58 79.73 -0.87
C ILE A 472 26.47 78.72 -0.67
N MET A 473 25.78 78.40 -1.76
CA MET A 473 24.73 77.38 -1.73
C MET A 473 25.22 76.09 -2.37
N ASN A 474 24.91 74.96 -1.74
CA ASN A 474 25.36 73.66 -2.23
C ASN A 474 24.48 72.52 -1.73
N LYS A 475 23.85 71.81 -2.67
CA LYS A 475 22.99 70.69 -2.35
C LYS A 475 21.86 71.08 -1.39
N GLY A 476 21.61 72.38 -1.27
CA GLY A 476 20.53 72.87 -0.44
C GLY A 476 20.97 73.31 0.94
N ARG A 477 22.27 73.46 1.14
CA ARG A 477 22.81 73.90 2.42
C ARG A 477 23.85 75.01 2.24
N LEU A 478 24.08 75.77 3.30
CA LEU A 478 25.07 76.83 3.27
C LEU A 478 26.48 76.27 3.44
N LEU A 479 27.24 76.25 2.35
CA LEU A 479 28.59 75.70 2.37
C LEU A 479 29.57 76.64 3.07
N LYS A 480 29.54 77.91 2.71
CA LYS A 480 30.44 78.90 3.28
C LYS A 480 29.91 80.33 3.11
N ALA A 481 30.37 81.22 3.98
CA ALA A 481 29.99 82.62 3.91
C ALA A 481 31.08 83.50 4.50
N GLY A 482 31.47 84.54 3.77
CA GLY A 482 32.54 85.42 4.20
C GLY A 482 32.32 86.88 3.83
N ARG A 483 33.41 87.63 3.82
CA ARG A 483 33.35 89.06 3.49
C ARG A 483 34.40 89.43 2.44
N GLN A 484 34.02 90.30 1.52
CA GLN A 484 34.94 90.80 0.51
C GLN A 484 35.21 92.28 0.70
N VAL A 485 36.41 92.62 1.15
CA VAL A 485 36.77 94.00 1.43
C VAL A 485 36.70 94.88 0.18
N ARG A 486 36.42 96.16 0.40
CA ARG A 486 36.34 97.13 -0.70
C ARG A 486 36.73 98.52 -0.24
N GLU A 487 37.65 99.15 -0.96
CA GLU A 487 38.07 100.51 -0.65
C GLU A 487 37.34 101.52 -1.52
N PRO A 488 37.07 102.71 -0.95
CA PRO A 488 36.34 103.78 -1.65
C PRO A 488 36.97 104.12 -3.00
N GLY A 489 36.18 104.02 -4.06
CA GLY A 489 36.66 104.31 -5.40
C GLY A 489 36.86 103.08 -6.25
N GLN A 490 36.56 101.91 -5.68
CA GLN A 490 36.72 100.64 -6.39
C GLN A 490 35.37 100.11 -6.86
N ASP A 491 35.21 99.98 -8.18
CA ASP A 491 33.97 99.49 -8.75
C ASP A 491 34.06 97.98 -9.07
N LEU A 492 35.29 97.47 -9.13
CA LEU A 492 35.51 96.06 -9.45
C LEU A 492 36.54 95.43 -8.53
N VAL A 493 36.10 94.47 -7.73
CA VAL A 493 37.01 93.73 -6.86
C VAL A 493 36.86 92.22 -7.08
N VAL A 494 37.98 91.50 -7.09
CA VAL A 494 37.98 90.08 -7.36
C VAL A 494 38.06 89.25 -6.08
N LEU A 495 37.28 88.17 -6.04
CA LEU A 495 37.27 87.28 -4.88
C LEU A 495 37.85 85.91 -5.24
N PRO A 496 39.07 85.64 -4.76
CA PRO A 496 39.74 84.35 -4.98
C PRO A 496 39.01 83.21 -4.28
N LEU A 497 38.02 82.63 -4.94
CA LEU A 497 37.22 81.55 -4.36
C LEU A 497 37.73 80.19 -4.80
N SER A 498 38.42 79.49 -3.90
CA SER A 498 38.94 78.17 -4.20
C SER A 498 37.83 77.13 -4.26
N ILE A 499 37.85 76.31 -5.31
CA ILE A 499 36.84 75.27 -5.49
C ILE A 499 37.32 73.93 -4.96
N THR A 500 36.56 73.35 -4.03
CA THR A 500 36.90 72.05 -3.46
C THR A 500 36.00 70.96 -4.03
N THR A 501 35.98 69.81 -3.37
CA THR A 501 35.18 68.67 -3.82
C THR A 501 33.76 68.75 -3.26
N ASP A 502 33.45 69.85 -2.58
CA ASP A 502 32.13 70.04 -1.99
C ASP A 502 31.19 70.75 -2.95
N PHE A 503 31.74 71.64 -3.77
CA PHE A 503 30.94 72.43 -4.71
C PHE A 503 30.15 71.56 -5.69
N ILE A 504 30.63 70.33 -5.90
CA ILE A 504 29.94 69.39 -6.78
C ILE A 504 28.54 69.08 -6.26
N PRO A 505 27.54 69.09 -7.15
CA PRO A 505 27.68 69.37 -8.58
C PRO A 505 27.68 70.85 -8.87
N SER A 506 26.60 71.53 -8.52
CA SER A 506 26.45 72.96 -8.78
C SER A 506 26.37 73.76 -7.48
N PHE A 507 26.97 74.94 -7.48
CA PHE A 507 26.95 75.81 -6.31
C PHE A 507 26.54 77.22 -6.69
N ARG A 508 25.77 77.87 -5.83
CA ARG A 508 25.36 79.24 -6.07
C ARG A 508 26.19 80.23 -5.25
N LEU A 509 26.11 81.50 -5.61
CA LEU A 509 26.85 82.54 -4.92
C LEU A 509 26.05 83.84 -4.86
N VAL A 510 25.54 84.16 -3.69
CA VAL A 510 24.80 85.39 -3.49
C VAL A 510 25.68 86.42 -2.80
N ALA A 511 25.62 87.67 -3.26
CA ALA A 511 26.40 88.74 -2.67
C ALA A 511 25.55 89.99 -2.53
N TYR A 512 25.64 90.64 -1.37
CA TYR A 512 24.85 91.84 -1.10
C TYR A 512 25.59 92.81 -0.20
N TYR A 513 25.19 94.08 -0.26
CA TYR A 513 25.75 95.12 0.59
C TYR A 513 24.63 95.99 1.14
N THR A 514 24.82 96.52 2.34
CA THR A 514 23.81 97.36 2.97
C THR A 514 24.42 98.67 3.47
N LEU A 515 23.68 99.77 3.29
CA LEU A 515 24.15 101.07 3.73
C LEU A 515 22.98 102.03 3.94
N ILE A 516 23.29 103.25 4.35
CA ILE A 516 22.27 104.27 4.56
C ILE A 516 22.47 105.42 3.56
N GLY A 517 21.40 105.78 2.87
CA GLY A 517 21.47 106.86 1.89
C GLY A 517 20.09 107.32 1.44
N ALA A 518 20.07 108.09 0.35
CA ALA A 518 18.83 108.62 -0.19
C ALA A 518 18.17 109.63 0.74
N SER A 519 17.55 109.13 1.81
CA SER A 519 16.91 109.99 2.79
C SER A 519 16.79 109.28 4.14
N GLY A 520 17.93 108.88 4.70
CA GLY A 520 17.96 108.18 5.96
C GLY A 520 17.20 106.87 5.91
N GLN A 521 17.08 106.31 4.70
CA GLN A 521 16.36 105.07 4.49
C GLN A 521 17.31 103.90 4.29
N ARG A 522 17.04 102.80 4.97
CA ARG A 522 17.86 101.59 4.84
C ARG A 522 17.64 100.94 3.49
N GLU A 523 18.73 100.56 2.83
CA GLU A 523 18.66 99.93 1.52
C GLU A 523 19.54 98.68 1.45
N VAL A 524 19.04 97.65 0.78
CA VAL A 524 19.78 96.42 0.57
C VAL A 524 19.79 96.04 -0.91
N VAL A 525 20.98 95.81 -1.45
CA VAL A 525 21.11 95.41 -2.84
C VAL A 525 21.88 94.10 -2.97
N ALA A 526 21.33 93.16 -3.72
CA ALA A 526 21.94 91.84 -3.85
C ALA A 526 21.98 91.35 -5.29
N ASP A 527 22.75 90.28 -5.51
CA ASP A 527 22.84 89.64 -6.82
C ASP A 527 23.34 88.21 -6.67
N SER A 528 22.64 87.27 -7.29
CA SER A 528 23.01 85.86 -7.19
C SER A 528 23.46 85.30 -8.54
N VAL A 529 24.22 84.21 -8.50
CA VAL A 529 24.70 83.57 -9.71
C VAL A 529 24.85 82.06 -9.52
N TRP A 530 24.45 81.30 -10.53
CA TRP A 530 24.52 79.84 -10.46
C TRP A 530 25.57 79.29 -11.42
N VAL A 531 26.58 78.63 -10.86
CA VAL A 531 27.67 78.07 -11.66
C VAL A 531 27.68 76.55 -11.58
N ASP A 532 27.98 75.91 -12.70
CA ASP A 532 28.02 74.45 -12.76
C ASP A 532 29.45 73.92 -12.70
N VAL A 533 29.69 72.98 -11.79
CA VAL A 533 30.99 72.34 -11.67
C VAL A 533 30.94 70.95 -12.30
N LYS A 534 32.07 70.47 -12.81
CA LYS A 534 32.15 69.15 -13.44
C LYS A 534 31.50 68.03 -12.56
N ASP A 535 30.51 67.29 -13.07
CA ASP A 535 29.78 66.23 -12.33
C ASP A 535 30.55 64.91 -12.22
N SER A 536 31.03 64.60 -11.02
CA SER A 536 31.80 63.38 -10.78
C SER A 536 31.66 62.94 -9.33
N CYS A 537 32.28 61.80 -9.00
CA CYS A 537 32.25 61.30 -7.63
C CYS A 537 32.92 62.27 -6.67
N VAL A 538 32.33 62.44 -5.49
CA VAL A 538 32.88 63.32 -4.47
C VAL A 538 34.33 62.95 -4.19
N GLY A 539 34.63 61.65 -4.22
CA GLY A 539 35.98 61.16 -4.07
C GLY A 539 36.49 60.53 -5.34
N SER A 540 36.62 59.21 -5.34
CA SER A 540 37.06 58.48 -6.52
C SER A 540 37.03 56.97 -6.28
N LEU A 541 36.58 56.23 -7.28
CA LEU A 541 36.54 54.77 -7.21
C LEU A 541 36.80 54.15 -8.57
N VAL A 542 37.93 53.46 -8.70
CA VAL A 542 38.31 52.85 -9.97
C VAL A 542 38.52 51.35 -9.83
N VAL A 543 38.10 50.60 -10.83
CA VAL A 543 38.26 49.14 -10.83
C VAL A 543 38.86 48.66 -12.14
N LYS A 544 40.14 48.27 -12.09
CA LYS A 544 40.83 47.77 -13.28
C LYS A 544 41.41 46.38 -13.04
N SER A 545 42.03 45.82 -14.07
CA SER A 545 42.61 44.49 -13.98
C SER A 545 43.93 44.50 -13.21
N GLY A 546 44.06 43.56 -12.29
CA GLY A 546 45.28 43.43 -11.50
C GLY A 546 46.47 43.06 -12.37
N GLN A 547 46.25 42.16 -13.31
CA GLN A 547 47.29 41.76 -14.25
C GLN A 547 47.66 42.93 -15.16
N SER A 548 48.83 43.52 -14.91
CA SER A 548 49.32 44.62 -15.74
C SER A 548 49.94 44.08 -17.03
N GLU A 549 49.40 42.96 -17.50
CA GLU A 549 49.92 42.30 -18.69
C GLU A 549 48.96 41.20 -19.15
N ASP A 550 49.37 40.49 -20.20
CA ASP A 550 48.62 39.33 -20.71
C ASP A 550 47.35 39.69 -21.47
N ARG A 551 46.56 38.69 -21.80
CA ARG A 551 45.39 38.86 -22.65
C ARG A 551 44.10 38.46 -21.93
N GLN A 552 43.24 37.74 -22.63
CA GLN A 552 41.96 37.30 -22.06
C GLN A 552 42.11 36.00 -21.30
N PRO A 553 41.46 35.90 -20.13
CA PRO A 553 41.52 34.72 -19.26
C PRO A 553 40.78 33.51 -19.85
N VAL A 554 40.67 32.45 -19.05
CA VAL A 554 39.99 31.23 -19.46
C VAL A 554 39.06 30.78 -18.34
N PRO A 555 37.83 30.36 -18.70
CA PRO A 555 36.83 29.93 -17.71
C PRO A 555 37.42 29.08 -16.59
N GLY A 556 37.33 29.58 -15.36
CA GLY A 556 37.86 28.86 -14.20
C GLY A 556 39.15 29.44 -13.69
N GLN A 557 39.79 30.27 -14.50
CA GLN A 557 41.08 30.87 -14.16
C GLN A 557 40.92 32.03 -13.19
N GLN A 558 41.92 32.22 -12.33
CA GLN A 558 41.92 33.33 -11.38
C GLN A 558 42.49 34.58 -12.02
N MET A 559 42.12 35.73 -11.47
CA MET A 559 42.65 37.01 -11.93
C MET A 559 42.61 38.07 -10.83
N THR A 560 43.71 38.81 -10.70
CA THR A 560 43.78 39.87 -9.71
C THR A 560 42.88 41.04 -10.12
N LEU A 561 42.20 41.62 -9.15
CA LEU A 561 41.27 42.71 -9.42
C LEU A 561 41.62 43.94 -8.57
N LYS A 562 42.31 44.89 -9.18
CA LYS A 562 42.73 46.11 -8.47
C LYS A 562 41.54 47.03 -8.20
N ILE A 563 41.49 47.57 -6.99
CA ILE A 563 40.44 48.50 -6.60
C ILE A 563 41.03 49.76 -5.97
N GLU A 564 40.92 50.88 -6.67
CA GLU A 564 41.46 52.14 -6.19
C GLU A 564 40.34 53.05 -5.68
N GLY A 565 40.19 53.12 -4.36
CA GLY A 565 39.16 53.94 -3.76
C GLY A 565 39.69 54.76 -2.60
N ASP A 566 38.79 55.47 -1.92
CA ASP A 566 39.17 56.31 -0.79
C ASP A 566 39.44 55.47 0.45
N HIS A 567 40.32 55.96 1.31
CA HIS A 567 40.69 55.25 2.52
C HIS A 567 39.54 55.19 3.53
N GLY A 568 39.36 54.04 4.15
CA GLY A 568 38.32 53.85 5.15
C GLY A 568 36.96 53.59 4.54
N ALA A 569 36.90 53.62 3.21
CA ALA A 569 35.63 53.43 2.51
C ALA A 569 35.33 51.94 2.28
N ARG A 570 34.06 51.59 2.38
CA ARG A 570 33.62 50.23 2.11
C ARG A 570 33.07 50.11 0.69
N VAL A 571 33.51 49.07 -0.01
CA VAL A 571 33.10 48.87 -1.40
C VAL A 571 32.32 47.58 -1.59
N VAL A 572 31.13 47.69 -2.16
CA VAL A 572 30.31 46.52 -2.47
C VAL A 572 30.42 46.20 -3.96
N LEU A 573 30.63 44.92 -4.28
CA LEU A 573 30.86 44.51 -5.66
C LEU A 573 29.75 43.63 -6.21
N VAL A 574 29.73 43.47 -7.53
CA VAL A 574 28.75 42.62 -8.21
C VAL A 574 29.11 42.46 -9.67
N ALA A 575 29.13 41.22 -10.15
CA ALA A 575 29.44 40.93 -11.55
C ALA A 575 28.25 40.30 -12.25
N VAL A 576 27.91 40.83 -13.43
CA VAL A 576 26.77 40.33 -14.18
C VAL A 576 27.11 40.12 -15.66
N ASP A 577 26.62 39.02 -16.22
CA ASP A 577 26.82 38.72 -17.63
C ASP A 577 26.15 39.79 -18.50
N LYS A 578 26.90 40.34 -19.44
CA LYS A 578 26.38 41.38 -20.32
C LYS A 578 25.12 40.94 -21.07
N GLY A 579 24.99 39.64 -21.29
CA GLY A 579 23.84 39.09 -21.99
C GLY A 579 22.53 39.48 -21.34
N VAL A 580 22.58 39.75 -20.04
CA VAL A 580 21.38 40.14 -19.29
C VAL A 580 20.89 41.52 -19.72
N PHE A 581 21.83 42.43 -19.97
CA PHE A 581 21.49 43.80 -20.34
C PHE A 581 20.92 43.89 -21.76
N VAL A 582 21.05 42.81 -22.51
CA VAL A 582 20.50 42.74 -23.87
C VAL A 582 18.99 42.63 -23.78
N LEU A 583 18.49 42.06 -22.69
CA LEU A 583 17.06 41.91 -22.47
C LEU A 583 16.50 43.11 -21.72
N ASN A 584 17.34 43.74 -20.91
CA ASN A 584 16.93 44.89 -20.12
C ASN A 584 18.12 45.66 -19.57
N LYS A 585 18.23 46.93 -19.94
CA LYS A 585 19.32 47.78 -19.49
C LYS A 585 18.80 48.97 -18.69
N LYS A 586 17.50 49.00 -18.46
CA LYS A 586 16.87 50.09 -17.74
C LYS A 586 16.90 49.87 -16.23
N ASN A 587 16.64 50.94 -15.49
CA ASN A 587 16.58 50.87 -14.03
C ASN A 587 17.88 50.45 -13.37
N LYS A 588 19.00 50.80 -14.00
CA LYS A 588 20.32 50.54 -13.42
C LYS A 588 20.69 51.62 -12.42
N LEU A 589 21.91 51.54 -11.89
CA LEU A 589 22.39 52.52 -10.93
C LEU A 589 23.64 53.22 -11.45
N THR A 590 23.51 54.53 -11.71
CA THR A 590 24.62 55.31 -12.24
C THR A 590 24.87 56.55 -11.38
N GLN A 591 26.13 56.95 -11.26
CA GLN A 591 26.50 58.13 -10.50
C GLN A 591 25.82 59.37 -11.06
N SER A 592 25.58 59.37 -12.37
CA SER A 592 24.91 60.49 -13.03
C SER A 592 23.45 60.58 -12.60
N LYS A 593 22.84 59.43 -12.37
CA LYS A 593 21.45 59.38 -11.93
C LYS A 593 21.30 59.89 -10.50
N ILE A 594 22.39 59.79 -9.73
CA ILE A 594 22.40 60.26 -8.35
C ILE A 594 22.38 61.78 -8.29
N TRP A 595 23.27 62.40 -9.05
CA TRP A 595 23.35 63.86 -9.08
C TRP A 595 22.07 64.46 -9.68
N ASP A 596 21.45 63.73 -10.60
CA ASP A 596 20.22 64.17 -11.22
C ASP A 596 19.11 64.29 -10.19
N VAL A 597 19.14 63.42 -9.19
CA VAL A 597 18.15 63.44 -8.11
C VAL A 597 18.46 64.56 -7.13
N VAL A 598 19.73 64.71 -6.79
CA VAL A 598 20.17 65.75 -5.86
C VAL A 598 19.81 67.15 -6.40
N GLU A 599 20.00 67.33 -7.69
CA GLU A 599 19.73 68.62 -8.33
C GLU A 599 18.24 68.92 -8.32
N LYS A 600 17.43 67.88 -8.49
CA LYS A 600 15.98 68.03 -8.49
C LYS A 600 15.45 68.44 -7.11
N ALA A 601 16.19 68.07 -6.07
CA ALA A 601 15.80 68.38 -4.70
C ALA A 601 16.38 69.72 -4.24
N ASP A 602 16.79 70.53 -5.21
CA ASP A 602 17.37 71.84 -4.90
C ASP A 602 16.28 72.83 -4.51
N ILE A 603 16.60 73.71 -3.58
CA ILE A 603 15.63 74.70 -3.10
C ILE A 603 15.67 75.99 -3.91
N GLY A 604 16.69 76.11 -4.77
CA GLY A 604 16.80 77.27 -5.65
C GLY A 604 16.02 77.06 -6.93
N CYS A 605 15.32 78.10 -7.36
CA CYS A 605 14.46 77.98 -8.54
C CYS A 605 14.73 79.08 -9.57
N THR A 606 15.97 79.56 -9.59
CA THR A 606 16.36 80.61 -10.54
C THR A 606 17.86 80.58 -10.81
N PRO A 607 18.24 80.60 -12.10
CA PRO A 607 19.64 80.60 -12.53
C PRO A 607 20.44 81.74 -11.90
N GLY A 608 19.74 82.75 -11.38
CA GLY A 608 20.40 83.87 -10.74
C GLY A 608 19.60 85.15 -10.80
N SER A 609 19.99 86.13 -10.00
CA SER A 609 19.35 87.44 -9.97
C SER A 609 17.88 87.33 -9.55
N GLY A 610 17.21 88.48 -9.48
CA GLY A 610 15.81 88.53 -9.10
C GLY A 610 15.19 89.87 -9.41
N LYS A 611 13.90 90.01 -9.12
CA LYS A 611 13.19 91.27 -9.36
C LYS A 611 13.69 92.37 -8.43
N ASP A 612 13.92 92.00 -7.17
CA ASP A 612 14.43 92.94 -6.18
C ASP A 612 15.38 92.24 -5.22
N TYR A 613 15.75 92.91 -4.15
CA TYR A 613 16.68 92.34 -3.17
C TYR A 613 16.04 91.18 -2.44
N ALA A 614 14.74 91.29 -2.18
CA ALA A 614 14.00 90.24 -1.49
C ALA A 614 13.73 89.06 -2.44
N GLY A 615 13.94 89.28 -3.72
CA GLY A 615 13.73 88.26 -4.73
C GLY A 615 15.00 87.48 -5.02
N VAL A 616 16.13 88.17 -4.94
CA VAL A 616 17.44 87.54 -5.17
C VAL A 616 17.68 86.41 -4.20
N PHE A 617 17.42 86.66 -2.91
CA PHE A 617 17.60 85.65 -1.88
C PHE A 617 16.65 84.48 -2.07
N SER A 618 15.37 84.78 -2.23
CA SER A 618 14.34 83.76 -2.37
C SER A 618 14.56 82.90 -3.62
N ASP A 619 14.97 83.54 -4.71
CA ASP A 619 15.21 82.83 -5.96
C ASP A 619 16.52 82.06 -5.94
N ALA A 620 17.21 82.10 -4.79
CA ALA A 620 18.47 81.40 -4.64
C ALA A 620 18.39 80.40 -3.49
N GLY A 621 17.23 80.34 -2.84
CA GLY A 621 17.03 79.43 -1.73
C GLY A 621 17.51 79.99 -0.41
N LEU A 622 17.12 81.22 -0.11
CA LEU A 622 17.52 81.87 1.13
C LEU A 622 16.45 82.81 1.66
N THR A 623 16.58 83.20 2.92
CA THR A 623 15.63 84.11 3.56
C THR A 623 16.36 85.22 4.30
N PHE A 624 16.02 86.47 3.99
CA PHE A 624 16.65 87.61 4.62
C PHE A 624 15.69 88.29 5.59
N THR A 625 16.19 88.65 6.76
CA THR A 625 15.38 89.32 7.78
C THR A 625 16.26 90.22 8.65
N SER A 626 15.90 91.49 8.74
CA SER A 626 16.70 92.45 9.49
C SER A 626 15.88 93.18 10.54
N SER A 627 16.56 93.93 11.40
CA SER A 627 15.91 94.69 12.45
C SER A 627 15.35 96.02 11.92
N SER A 628 15.69 96.33 10.68
CA SER A 628 15.24 97.56 10.04
C SER A 628 13.88 97.36 9.36
N GLY A 629 13.60 96.14 8.95
CA GLY A 629 12.34 95.81 8.32
C GLY A 629 12.46 95.07 7.01
N GLN A 630 13.60 95.26 6.34
CA GLN A 630 13.82 94.63 5.04
C GLN A 630 13.88 93.10 5.14
N GLN A 631 12.82 92.45 4.68
CA GLN A 631 12.74 90.99 4.68
C GLN A 631 12.40 90.47 3.28
N THR A 632 12.49 89.16 3.11
CA THR A 632 12.19 88.54 1.83
C THR A 632 10.73 88.10 1.73
N ALA A 633 10.35 87.65 0.53
CA ALA A 633 8.98 87.18 0.31
C ALA A 633 8.72 85.86 1.02
N GLN A 634 7.60 85.79 1.73
CA GLN A 634 7.21 84.59 2.45
C GLN A 634 7.05 83.40 1.53
N ARG A 635 7.80 82.34 1.79
CA ARG A 635 7.69 81.10 1.03
C ARG A 635 6.96 80.04 1.84
N ALA A 636 5.90 79.48 1.27
CA ALA A 636 5.10 78.48 1.96
C ALA A 636 4.77 77.29 1.06
N GLU A 637 5.58 77.11 0.01
CA GLU A 637 5.36 76.00 -0.92
C GLU A 637 6.63 75.17 -1.08
N LEU A 638 6.50 73.86 -0.88
CA LEU A 638 7.64 72.96 -0.97
C LEU A 638 8.33 73.03 -2.33
N GLN A 639 7.65 72.54 -3.36
CA GLN A 639 8.21 72.50 -4.71
C GLN A 639 8.49 73.90 -5.26
N CYS A 640 9.37 73.96 -6.25
CA CYS A 640 9.66 75.21 -6.95
C CYS A 640 8.42 75.67 -7.72
N PRO A 641 8.47 76.89 -8.28
CA PRO A 641 7.33 77.36 -9.07
C PRO A 641 6.95 76.37 -10.16
N GLN A 642 5.66 76.10 -10.30
CA GLN A 642 5.17 75.23 -11.36
C GLN A 642 5.65 75.76 -12.70
N PRO A 643 6.57 75.04 -13.36
CA PRO A 643 7.18 75.44 -14.62
C PRO A 643 6.15 75.96 -15.62
N ALA A 644 5.89 77.27 -15.56
CA ALA A 644 4.86 77.87 -16.41
C ALA A 644 5.42 78.29 -17.76
N ALA A 645 6.15 77.38 -18.40
CA ALA A 645 6.70 77.62 -19.73
C ALA A 645 7.22 79.04 -19.89
N LEU B 3 41.82 4.74 -26.71
CA LEU B 3 42.60 5.80 -26.08
C LEU B 3 43.74 6.28 -26.97
N ASP B 4 44.27 5.38 -27.79
CA ASP B 4 45.55 5.65 -28.43
C ASP B 4 45.46 6.73 -29.50
N GLU B 5 44.24 7.05 -29.91
CA GLU B 5 44.03 8.08 -30.92
C GLU B 5 44.62 9.43 -30.49
N ASP B 6 44.81 10.32 -31.46
CA ASP B 6 45.34 11.64 -31.18
C ASP B 6 44.23 12.57 -30.72
N ILE B 7 43.51 12.14 -29.69
CA ILE B 7 42.38 12.92 -29.16
C ILE B 7 42.21 12.67 -27.67
N ILE B 8 41.25 13.36 -27.07
CA ILE B 8 40.99 13.21 -25.64
C ILE B 8 39.73 12.38 -25.39
N ALA B 9 39.83 11.41 -24.49
CA ALA B 9 38.71 10.53 -24.16
C ALA B 9 37.62 11.29 -23.40
N GLU B 10 36.44 10.67 -23.31
CA GLU B 10 35.31 11.28 -22.63
C GLU B 10 35.57 11.40 -21.13
N GLU B 11 36.33 10.47 -20.58
CA GLU B 11 36.62 10.44 -19.15
C GLU B 11 37.63 11.52 -18.75
N ASN B 12 38.19 12.21 -19.75
CA ASN B 12 39.19 13.23 -19.49
C ASN B 12 38.71 14.65 -19.80
N ILE B 13 37.42 14.78 -20.09
CA ILE B 13 36.85 16.10 -20.37
C ILE B 13 35.94 16.57 -19.23
N VAL B 14 36.45 17.48 -18.41
CA VAL B 14 35.66 18.05 -17.33
C VAL B 14 34.73 19.14 -17.87
N SER B 15 33.44 18.87 -17.82
CA SER B 15 32.45 19.79 -18.37
C SER B 15 32.29 21.06 -17.52
N ARG B 16 31.96 22.16 -18.19
CA ARG B 16 31.68 23.41 -17.51
C ARG B 16 30.22 23.44 -17.08
N SER B 17 29.99 23.70 -15.79
CA SER B 17 28.63 23.67 -15.25
C SER B 17 28.23 24.99 -14.62
N GLU B 18 29.20 25.69 -14.02
CA GLU B 18 28.93 26.96 -13.36
C GLU B 18 28.62 28.06 -14.37
N PHE B 19 27.34 28.32 -14.58
CA PHE B 19 26.92 29.38 -15.49
C PHE B 19 25.98 30.38 -14.80
N PRO B 20 26.50 31.13 -13.79
CA PRO B 20 25.69 32.12 -13.06
C PRO B 20 25.41 33.35 -13.91
N GLU B 21 24.30 34.03 -13.61
CA GLU B 21 23.96 35.26 -14.31
C GLU B 21 24.51 36.48 -13.57
N SER B 22 24.70 36.31 -12.26
CA SER B 22 25.24 37.37 -11.42
C SER B 22 25.98 36.80 -10.22
N TRP B 23 27.26 37.11 -10.11
CA TRP B 23 28.08 36.63 -9.01
C TRP B 23 28.94 37.75 -8.44
N LEU B 24 29.93 37.37 -7.64
CA LEU B 24 30.83 38.34 -7.00
C LEU B 24 30.04 39.36 -6.17
N TRP B 25 29.02 38.86 -5.46
CA TRP B 25 28.22 39.70 -4.58
C TRP B 25 28.92 39.84 -3.24
N ASN B 26 30.13 40.40 -3.26
CA ASN B 26 30.96 40.50 -2.05
C ASN B 26 31.04 41.92 -1.50
N VAL B 27 31.69 42.04 -0.35
CA VAL B 27 31.89 43.33 0.30
C VAL B 27 33.32 43.45 0.80
N GLU B 28 34.02 44.49 0.35
CA GLU B 28 35.41 44.69 0.73
C GLU B 28 35.65 46.11 1.26
N ASP B 29 36.45 46.20 2.32
CA ASP B 29 36.78 47.50 2.92
C ASP B 29 38.19 47.91 2.56
N LEU B 30 38.37 49.21 2.27
CA LEU B 30 39.68 49.74 1.90
C LEU B 30 40.40 50.35 3.10
N LYS B 31 41.01 49.50 3.92
CA LYS B 31 41.74 49.97 5.09
C LYS B 31 43.24 49.85 4.88
N GLU B 32 43.64 49.56 3.65
CA GLU B 32 45.05 49.40 3.30
C GLU B 32 45.80 50.72 3.41
N PRO B 33 47.14 50.65 3.59
CA PRO B 33 47.99 51.83 3.66
C PRO B 33 47.73 52.80 2.52
N PRO B 34 47.18 53.99 2.84
CA PRO B 34 46.81 55.00 1.85
C PRO B 34 48.02 55.71 1.26
N LYS B 35 47.96 56.00 -0.04
CA LYS B 35 48.98 56.79 -0.70
C LYS B 35 48.33 57.82 -1.62
N ASN B 36 48.46 59.09 -1.26
CA ASN B 36 47.79 60.17 -1.98
C ASN B 36 46.28 60.10 -1.81
N GLY B 37 45.83 59.61 -0.67
CA GLY B 37 44.42 59.49 -0.37
C GLY B 37 43.73 58.42 -1.20
N ILE B 38 44.53 57.54 -1.79
CA ILE B 38 43.99 56.48 -2.63
C ILE B 38 44.49 55.11 -2.20
N SER B 39 43.63 54.36 -1.53
CA SER B 39 43.96 52.99 -1.12
C SER B 39 43.87 52.05 -2.30
N THR B 40 44.45 50.86 -2.17
CA THR B 40 44.45 49.88 -3.25
C THR B 40 44.36 48.45 -2.74
N LYS B 41 43.25 47.80 -3.03
CA LYS B 41 43.04 46.40 -2.65
C LYS B 41 43.11 45.48 -3.87
N LEU B 42 43.89 44.42 -3.76
CA LEU B 42 44.02 43.46 -4.84
C LEU B 42 43.26 42.18 -4.52
N MET B 43 42.16 41.96 -5.23
CA MET B 43 41.32 40.79 -5.02
C MET B 43 41.65 39.67 -6.00
N ASN B 44 41.61 38.44 -5.53
CA ASN B 44 41.85 37.28 -6.38
C ASN B 44 40.54 36.53 -6.65
N ILE B 45 39.83 36.94 -7.68
CA ILE B 45 38.52 36.37 -7.99
C ILE B 45 38.62 35.08 -8.81
N PHE B 46 37.56 34.28 -8.76
CA PHE B 46 37.51 33.02 -9.49
C PHE B 46 36.47 33.09 -10.61
N LEU B 47 36.91 33.43 -11.81
CA LEU B 47 36.02 33.54 -12.96
C LEU B 47 35.22 32.26 -13.17
N LYS B 48 33.95 32.41 -13.53
CA LYS B 48 33.07 31.26 -13.74
C LYS B 48 33.31 30.58 -15.07
N ASP B 49 32.46 29.62 -15.41
CA ASP B 49 32.62 28.85 -16.64
C ASP B 49 31.98 29.54 -17.84
N SER B 50 31.06 30.47 -17.56
CA SER B 50 30.36 31.18 -18.62
C SER B 50 31.33 31.91 -19.54
N ILE B 51 31.33 31.52 -20.82
CA ILE B 51 32.17 32.15 -21.82
C ILE B 51 31.51 33.39 -22.38
N THR B 52 31.76 34.53 -21.76
CA THR B 52 31.13 35.78 -22.13
C THR B 52 31.90 36.96 -21.53
N THR B 53 31.30 38.14 -21.60
CA THR B 53 31.91 39.34 -21.02
C THR B 53 31.16 39.79 -19.77
N TRP B 54 31.84 39.77 -18.63
CA TRP B 54 31.24 40.18 -17.36
C TRP B 54 31.34 41.69 -17.18
N GLU B 55 30.38 42.26 -16.44
CA GLU B 55 30.40 43.68 -16.15
C GLU B 55 30.38 43.90 -14.63
N ILE B 56 31.51 44.32 -14.09
CA ILE B 56 31.64 44.52 -12.64
C ILE B 56 31.29 45.96 -12.24
N LEU B 57 30.33 46.08 -11.33
CA LEU B 57 29.92 47.38 -10.83
C LEU B 57 30.36 47.57 -9.38
N ALA B 58 31.03 48.69 -9.10
CA ALA B 58 31.53 48.96 -7.77
C ALA B 58 30.89 50.21 -7.16
N VAL B 59 30.61 50.15 -5.86
CA VAL B 59 30.02 51.28 -5.15
C VAL B 59 30.71 51.49 -3.81
N SER B 60 31.32 52.66 -3.64
CA SER B 60 32.03 52.98 -2.40
C SER B 60 31.18 53.86 -1.49
N MET B 61 31.18 53.54 -0.19
CA MET B 61 30.43 54.29 0.79
C MET B 61 31.34 54.82 1.89
N SER B 62 31.95 55.97 1.65
CA SER B 62 32.85 56.58 2.62
C SER B 62 32.14 57.65 3.45
N ASP B 63 32.51 57.74 4.72
CA ASP B 63 31.91 58.74 5.61
C ASP B 63 32.61 60.09 5.45
N LYS B 64 33.51 60.18 4.47
CA LYS B 64 34.22 61.42 4.19
C LYS B 64 33.90 61.91 2.77
N LYS B 65 33.86 60.98 1.82
CA LYS B 65 33.62 61.33 0.43
C LYS B 65 32.24 60.87 -0.04
N GLY B 66 31.40 60.46 0.91
CA GLY B 66 30.05 60.03 0.60
C GLY B 66 30.01 58.83 -0.34
N ILE B 67 28.86 58.65 -0.99
CA ILE B 67 28.66 57.54 -1.91
C ILE B 67 29.25 57.86 -3.28
N CYS B 68 29.65 56.82 -4.01
CA CYS B 68 30.25 56.99 -5.33
C CYS B 68 30.14 55.72 -6.16
N VAL B 69 29.49 55.82 -7.32
CA VAL B 69 29.33 54.68 -8.21
C VAL B 69 30.43 54.67 -9.28
N ALA B 70 31.29 53.67 -9.22
CA ALA B 70 32.40 53.55 -10.16
C ALA B 70 31.92 53.17 -11.55
N ASP B 71 32.73 53.47 -12.56
CA ASP B 71 32.40 53.12 -13.94
C ASP B 71 32.54 51.61 -14.16
N PRO B 72 31.51 51.00 -14.76
CA PRO B 72 31.47 49.56 -15.01
C PRO B 72 32.74 49.04 -15.70
N PHE B 73 33.30 47.96 -15.17
CA PHE B 73 34.50 47.36 -15.73
C PHE B 73 34.18 46.02 -16.36
N GLU B 74 34.43 45.90 -17.67
CA GLU B 74 34.09 44.68 -18.40
C GLU B 74 35.28 43.73 -18.53
N VAL B 75 35.01 42.45 -18.33
CA VAL B 75 36.03 41.41 -18.45
C VAL B 75 35.59 40.35 -19.46
N THR B 76 36.34 40.25 -20.56
CA THR B 76 36.00 39.30 -21.62
C THR B 76 36.65 37.94 -21.38
N VAL B 77 35.83 36.91 -21.24
CA VAL B 77 36.32 35.55 -21.04
C VAL B 77 35.95 34.68 -22.24
N MET B 78 36.95 34.37 -23.05
CA MET B 78 36.73 33.59 -24.27
C MET B 78 37.72 32.44 -24.40
N GLN B 79 37.44 31.54 -25.33
CA GLN B 79 38.33 30.41 -25.61
C GLN B 79 38.34 30.12 -27.10
N ASP B 80 39.52 29.76 -27.62
CA ASP B 80 39.68 29.52 -29.05
C ASP B 80 38.67 28.51 -29.60
N PHE B 81 38.28 27.55 -28.76
CA PHE B 81 37.29 26.54 -29.13
C PHE B 81 36.40 26.15 -27.96
N PHE B 82 35.10 26.06 -28.20
CA PHE B 82 34.14 25.76 -27.14
C PHE B 82 32.79 25.34 -27.69
N ILE B 83 31.87 25.01 -26.77
CA ILE B 83 30.52 24.61 -27.14
C ILE B 83 29.48 25.51 -26.49
N ASP B 84 28.47 25.90 -27.26
CA ASP B 84 27.39 26.74 -26.74
C ASP B 84 26.08 25.96 -26.71
N LEU B 85 25.95 25.06 -25.74
CA LEU B 85 24.75 24.27 -25.58
C LEU B 85 23.56 25.15 -25.21
N ARG B 86 22.60 25.26 -26.11
CA ARG B 86 21.44 26.13 -25.89
C ARG B 86 20.17 25.34 -25.59
N LEU B 87 19.70 25.43 -24.34
CA LEU B 87 18.49 24.75 -23.92
C LEU B 87 17.36 25.75 -23.64
N PRO B 88 16.13 25.38 -24.03
CA PRO B 88 14.95 26.20 -23.77
C PRO B 88 14.73 26.37 -22.27
N TYR B 89 14.00 27.41 -21.87
CA TYR B 89 13.72 27.65 -20.47
C TYR B 89 13.05 26.45 -19.81
N SER B 90 12.02 25.93 -20.48
CA SER B 90 11.28 24.78 -19.97
C SER B 90 10.82 23.87 -21.10
N VAL B 91 10.88 22.56 -20.86
CA VAL B 91 10.43 21.59 -21.84
C VAL B 91 9.36 20.68 -21.26
N VAL B 92 8.29 20.46 -22.03
CA VAL B 92 7.19 19.61 -21.58
C VAL B 92 7.61 18.15 -21.54
N ARG B 93 7.23 17.46 -20.46
CA ARG B 93 7.55 16.05 -20.29
C ARG B 93 6.92 15.20 -21.39
N ASN B 94 7.67 14.21 -21.88
CA ASN B 94 7.21 13.29 -22.91
C ASN B 94 7.22 13.90 -24.32
N GLU B 95 7.29 15.22 -24.39
CA GLU B 95 7.33 15.90 -25.69
C GLU B 95 8.73 15.86 -26.29
N GLN B 96 8.83 15.37 -27.52
CA GLN B 96 10.11 15.30 -28.21
C GLN B 96 10.50 16.64 -28.82
N VAL B 97 11.64 17.18 -28.40
CA VAL B 97 12.11 18.47 -28.90
C VAL B 97 13.56 18.38 -29.34
N GLU B 98 13.99 19.35 -30.15
CA GLU B 98 15.35 19.39 -30.64
C GLU B 98 16.16 20.48 -29.95
N ILE B 99 17.33 20.11 -29.44
CA ILE B 99 18.22 21.07 -28.79
C ILE B 99 19.44 21.34 -29.65
N ARG B 100 19.87 22.59 -29.69
CA ARG B 100 21.02 22.98 -30.51
C ARG B 100 22.32 22.93 -29.70
N ALA B 101 23.41 22.58 -30.39
CA ALA B 101 24.73 22.55 -29.76
C ALA B 101 25.75 23.15 -30.73
N VAL B 102 25.92 24.46 -30.66
CA VAL B 102 26.81 25.17 -31.56
C VAL B 102 28.28 25.06 -31.14
N LEU B 103 29.11 24.59 -32.06
CA LEU B 103 30.55 24.48 -31.81
C LEU B 103 31.29 25.58 -32.54
N TYR B 104 31.87 26.51 -31.78
CA TYR B 104 32.56 27.65 -32.35
C TYR B 104 34.04 27.37 -32.56
N ASN B 105 34.57 27.87 -33.68
CA ASN B 105 35.99 27.73 -33.99
C ASN B 105 36.58 29.08 -34.44
N TYR B 106 37.33 29.71 -33.55
CA TYR B 106 37.87 31.03 -33.84
C TYR B 106 39.38 31.02 -34.09
N ARG B 107 39.88 29.89 -34.61
CA ARG B 107 41.28 29.80 -35.00
C ARG B 107 41.54 30.59 -36.28
N GLN B 108 42.75 31.12 -36.40
CA GLN B 108 43.12 31.91 -37.58
C GLN B 108 42.81 31.21 -38.90
N ASN B 109 43.61 30.19 -39.24
CA ASN B 109 43.39 29.43 -40.46
C ASN B 109 43.54 27.93 -40.26
N GLN B 110 42.77 27.39 -39.32
CA GLN B 110 42.85 25.97 -39.00
C GLN B 110 41.46 25.38 -38.76
N GLU B 111 40.88 24.77 -39.80
CA GLU B 111 39.59 24.10 -39.65
C GLU B 111 39.76 22.89 -38.75
N LEU B 112 38.85 22.72 -37.80
CA LEU B 112 38.99 21.70 -36.77
C LEU B 112 38.18 20.43 -37.05
N LYS B 113 38.85 19.29 -36.95
CA LYS B 113 38.18 17.99 -37.01
C LYS B 113 37.63 17.68 -35.63
N VAL B 114 36.33 17.89 -35.44
CA VAL B 114 35.72 17.78 -34.13
C VAL B 114 34.94 16.47 -33.93
N ARG B 115 34.99 15.97 -32.70
CA ARG B 115 34.24 14.77 -32.31
C ARG B 115 33.31 15.12 -31.15
N VAL B 116 32.03 15.28 -31.45
CA VAL B 116 31.05 15.66 -30.44
C VAL B 116 30.19 14.48 -30.01
N GLU B 117 29.96 14.36 -28.71
CA GLU B 117 29.17 13.26 -28.16
C GLU B 117 28.17 13.75 -27.13
N LEU B 118 26.98 13.17 -27.14
CA LEU B 118 25.95 13.48 -26.15
C LEU B 118 25.85 12.38 -25.10
N LEU B 119 26.34 12.66 -23.91
CA LEU B 119 26.34 11.68 -22.82
C LEU B 119 24.93 11.17 -22.52
N HIS B 120 24.84 9.91 -22.14
CA HIS B 120 23.56 9.29 -21.83
C HIS B 120 23.01 9.73 -20.47
N ASN B 121 21.69 9.80 -20.37
CA ASN B 121 21.03 10.16 -19.12
C ASN B 121 19.65 9.52 -19.04
N PRO B 122 19.43 8.67 -18.02
CA PRO B 122 18.15 7.96 -17.82
C PRO B 122 16.95 8.89 -17.81
N ALA B 123 17.18 10.17 -17.56
CA ALA B 123 16.10 11.15 -17.53
C ALA B 123 15.63 11.51 -18.93
N PHE B 124 16.50 11.31 -19.92
CA PHE B 124 16.18 11.61 -21.30
C PHE B 124 16.24 10.37 -22.18
N CYS B 125 15.59 10.43 -23.35
CA CYS B 125 15.58 9.32 -24.28
C CYS B 125 16.11 9.74 -25.65
N SER B 126 17.38 9.44 -25.89
CA SER B 126 18.01 9.78 -27.17
C SER B 126 18.70 8.55 -27.77
N LEU B 127 19.44 8.76 -28.85
CA LEU B 127 20.17 7.68 -29.51
C LEU B 127 21.29 7.16 -28.63
N ALA B 128 21.70 7.97 -27.66
CA ALA B 128 22.76 7.58 -26.73
C ALA B 128 22.19 6.80 -25.55
N THR B 129 22.62 5.55 -25.40
CA THR B 129 22.17 4.70 -24.31
C THR B 129 23.32 4.34 -23.37
N THR B 130 23.05 3.45 -22.44
CA THR B 130 24.04 3.05 -21.44
C THR B 130 25.24 2.35 -22.06
N LYS B 131 25.01 1.64 -23.17
CA LYS B 131 26.07 0.89 -23.83
C LYS B 131 26.35 1.40 -25.25
N ARG B 132 25.58 2.39 -25.69
CA ARG B 132 25.77 2.97 -27.01
C ARG B 132 26.06 4.47 -26.92
N ARG B 133 27.10 4.91 -27.62
CA ARG B 133 27.47 6.32 -27.65
C ARG B 133 26.96 6.99 -28.92
N HIS B 134 26.25 8.10 -28.77
CA HIS B 134 25.78 8.88 -29.91
C HIS B 134 26.76 10.01 -30.21
N GLN B 135 27.74 9.72 -31.04
CA GLN B 135 28.80 10.68 -31.34
C GLN B 135 28.98 10.91 -32.83
N GLN B 136 29.01 12.18 -33.23
CA GLN B 136 29.26 12.54 -34.62
C GLN B 136 30.72 12.98 -34.79
N THR B 137 31.12 13.17 -36.04
CA THR B 137 32.47 13.63 -36.34
C THR B 137 32.44 14.66 -37.45
N VAL B 138 32.10 15.89 -37.10
CA VAL B 138 31.96 16.97 -38.07
C VAL B 138 33.22 17.82 -38.17
N THR B 139 33.24 18.73 -39.14
CA THR B 139 34.37 19.63 -39.34
C THR B 139 33.90 21.07 -39.37
N ILE B 140 34.66 21.95 -38.73
CA ILE B 140 34.29 23.36 -38.64
C ILE B 140 35.33 24.25 -39.31
N PRO B 141 34.89 25.06 -40.28
CA PRO B 141 35.77 26.02 -40.97
C PRO B 141 36.35 27.04 -40.01
N PRO B 142 37.51 27.62 -40.34
CA PRO B 142 38.17 28.62 -39.51
C PRO B 142 37.33 29.89 -39.37
N LYS B 143 37.33 30.48 -38.17
CA LYS B 143 36.62 31.72 -37.92
C LYS B 143 35.13 31.59 -38.23
N SER B 144 34.54 30.48 -37.83
CA SER B 144 33.11 30.25 -38.04
C SER B 144 32.55 29.28 -37.00
N SER B 145 31.26 28.98 -37.11
CA SER B 145 30.60 28.08 -36.17
C SER B 145 29.89 26.94 -36.89
N LEU B 146 29.38 25.98 -36.11
CA LEU B 146 28.67 24.84 -36.66
C LEU B 146 27.67 24.28 -35.67
N SER B 147 26.40 24.27 -36.06
CA SER B 147 25.34 23.77 -35.19
C SER B 147 25.21 22.26 -35.26
N VAL B 148 24.92 21.64 -34.11
CA VAL B 148 24.76 20.20 -34.04
C VAL B 148 23.45 19.82 -33.35
N PRO B 149 22.49 19.29 -34.11
CA PRO B 149 21.16 18.91 -33.62
C PRO B 149 21.22 17.73 -32.65
N TYR B 150 20.23 17.67 -31.75
CA TYR B 150 20.12 16.57 -30.80
C TYR B 150 18.67 16.39 -30.34
N VAL B 151 18.05 15.30 -30.76
CA VAL B 151 16.68 15.00 -30.38
C VAL B 151 16.62 14.25 -29.05
N ILE B 152 15.85 14.79 -28.11
CA ILE B 152 15.72 14.17 -26.79
C ILE B 152 14.27 14.21 -26.31
N VAL B 153 13.95 13.34 -25.36
CA VAL B 153 12.60 13.28 -24.80
C VAL B 153 12.64 13.16 -23.28
N PRO B 154 12.29 14.25 -22.58
CA PRO B 154 12.25 14.26 -21.12
C PRO B 154 11.32 13.17 -20.58
N LEU B 155 11.75 12.49 -19.53
CA LEU B 155 10.97 11.39 -18.97
C LEU B 155 10.48 11.70 -17.56
N LYS B 156 11.31 12.39 -16.77
CA LYS B 156 10.94 12.75 -15.41
C LYS B 156 11.01 14.26 -15.19
N THR B 157 10.04 14.79 -14.47
CA THR B 157 9.97 16.22 -14.19
C THR B 157 11.08 16.67 -13.25
N GLY B 158 11.26 17.98 -13.13
CA GLY B 158 12.28 18.54 -12.27
C GLY B 158 13.47 19.06 -13.05
N LEU B 159 14.39 19.72 -12.35
CA LEU B 159 15.58 20.26 -12.98
C LEU B 159 16.51 19.14 -13.45
N GLN B 160 16.38 18.76 -14.72
CA GLN B 160 17.20 17.70 -15.28
C GLN B 160 18.52 18.25 -15.80
N GLU B 161 19.35 17.37 -16.36
CA GLU B 161 20.69 17.76 -16.78
C GLU B 161 21.09 17.19 -18.13
N VAL B 162 21.40 18.07 -19.07
CA VAL B 162 21.90 17.67 -20.38
C VAL B 162 23.39 17.99 -20.49
N GLU B 163 24.16 17.03 -20.97
CA GLU B 163 25.61 17.20 -21.03
C GLU B 163 26.19 16.74 -22.36
N VAL B 164 26.96 17.63 -22.99
CA VAL B 164 27.62 17.30 -24.26
C VAL B 164 29.11 17.61 -24.19
N LYS B 165 29.92 16.75 -24.82
CA LYS B 165 31.35 16.93 -24.84
C LYS B 165 31.89 16.83 -26.26
N ALA B 166 33.02 17.48 -26.52
CA ALA B 166 33.63 17.45 -27.84
C ALA B 166 35.13 17.72 -27.79
N ALA B 167 35.89 16.94 -28.55
CA ALA B 167 37.33 17.12 -28.64
C ALA B 167 37.77 17.09 -30.11
N VAL B 168 38.85 17.81 -30.41
CA VAL B 168 39.35 17.88 -31.78
C VAL B 168 40.50 16.90 -32.01
N TYR B 169 40.58 16.37 -33.22
CA TYR B 169 41.65 15.44 -33.59
C TYR B 169 42.94 16.19 -33.86
N HIS B 170 44.06 15.57 -33.48
CA HIS B 170 45.38 16.14 -33.67
C HIS B 170 45.65 17.29 -32.70
N HIS B 171 44.74 18.26 -32.64
CA HIS B 171 44.81 19.31 -31.62
C HIS B 171 44.37 18.75 -30.28
N PHE B 172 45.12 19.08 -29.23
CA PHE B 172 44.77 18.62 -27.89
C PHE B 172 43.92 19.65 -27.15
N ILE B 173 42.70 19.84 -27.63
CA ILE B 173 41.75 20.76 -27.02
C ILE B 173 40.40 20.09 -26.85
N SER B 174 39.60 20.58 -25.90
CA SER B 174 38.28 20.03 -25.66
C SER B 174 37.44 20.95 -24.78
N ASP B 175 36.14 20.69 -24.72
CA ASP B 175 35.23 21.47 -23.89
C ASP B 175 33.87 20.81 -23.76
N GLY B 176 33.48 20.53 -22.52
CA GLY B 176 32.18 19.95 -22.25
C GLY B 176 31.25 20.96 -21.59
N VAL B 177 29.96 20.82 -21.85
CA VAL B 177 28.96 21.71 -21.28
C VAL B 177 27.88 20.92 -20.54
N ARG B 178 27.70 21.23 -19.26
CA ARG B 178 26.71 20.52 -18.44
C ARG B 178 25.66 21.49 -17.90
N LYS B 179 24.79 21.97 -18.79
CA LYS B 179 23.71 22.87 -18.39
C LYS B 179 22.49 22.09 -17.92
N SER B 180 21.58 22.78 -17.25
CA SER B 180 20.37 22.15 -16.73
C SER B 180 19.12 22.90 -17.18
N LEU B 181 18.10 22.15 -17.58
CA LEU B 181 16.84 22.75 -18.02
C LEU B 181 15.66 22.23 -17.20
N LYS B 182 14.71 23.10 -16.93
CA LYS B 182 13.53 22.74 -16.15
C LYS B 182 12.56 21.91 -16.99
N VAL B 183 12.10 20.79 -16.41
CA VAL B 183 11.16 19.91 -17.09
C VAL B 183 9.79 19.97 -16.42
N VAL B 184 8.88 20.73 -17.01
CA VAL B 184 7.54 20.92 -16.46
C VAL B 184 6.52 20.04 -17.17
N PRO B 185 5.59 19.44 -16.41
CA PRO B 185 4.51 18.60 -16.93
C PRO B 185 3.62 19.33 -17.93
N GLU B 186 2.36 18.91 -18.01
CA GLU B 186 1.44 19.50 -18.98
C GLU B 186 0.32 20.28 -18.29
N GLY B 187 0.55 21.58 -18.11
CA GLY B 187 -0.43 22.45 -17.48
C GLY B 187 -0.36 23.89 -17.94
N ILE B 188 -1.35 24.69 -17.55
CA ILE B 188 -1.41 26.09 -17.96
C ILE B 188 -1.74 27.02 -16.79
N ARG B 189 -1.03 28.13 -16.71
CA ARG B 189 -1.25 29.13 -15.66
C ARG B 189 -2.70 29.63 -15.64
N MET B 190 -3.22 29.81 -14.42
CA MET B 190 -4.55 30.41 -14.24
C MET B 190 -4.74 30.91 -12.81
N ASN B 191 -5.63 31.87 -12.65
CA ASN B 191 -5.86 32.49 -11.35
C ASN B 191 -7.35 32.62 -11.01
N LYS B 192 -8.00 31.48 -10.82
CA LYS B 192 -9.42 31.46 -10.48
C LYS B 192 -9.71 32.27 -9.22
N THR B 193 -10.76 33.07 -9.27
CA THR B 193 -11.16 33.89 -8.12
C THR B 193 -11.95 33.07 -7.11
N VAL B 194 -11.44 33.00 -5.88
CA VAL B 194 -12.10 32.25 -4.82
C VAL B 194 -13.42 32.91 -4.44
N ALA B 195 -13.34 34.10 -3.88
CA ALA B 195 -14.53 34.85 -3.47
C ALA B 195 -14.23 36.32 -3.26
N VAL B 196 -15.26 37.14 -3.39
CA VAL B 196 -15.11 38.58 -3.20
C VAL B 196 -16.31 39.15 -2.45
N ARG B 197 -16.14 39.34 -1.14
CA ARG B 197 -17.21 39.87 -0.30
C ARG B 197 -16.74 41.07 0.52
N THR B 198 -17.69 41.80 1.09
CA THR B 198 -17.38 43.01 1.85
C THR B 198 -17.37 42.74 3.35
N LEU B 199 -16.38 43.29 4.05
CA LEU B 199 -16.27 43.11 5.49
C LEU B 199 -16.59 44.39 6.25
N ASP B 200 -17.71 44.39 6.94
CA ASP B 200 -18.12 45.53 7.75
C ASP B 200 -19.11 45.10 8.82
N PRO B 201 -18.59 44.75 10.01
CA PRO B 201 -19.44 44.33 11.14
C PRO B 201 -20.47 45.39 11.50
N GLU B 202 -20.07 46.66 11.44
CA GLU B 202 -20.94 47.78 11.78
C GLU B 202 -22.21 47.80 10.91
N ARG B 203 -22.11 47.18 9.73
CA ARG B 203 -23.19 47.22 8.74
C ARG B 203 -23.74 45.82 8.39
N LEU B 204 -22.82 44.92 8.08
CA LEU B 204 -23.16 43.58 7.61
C LEU B 204 -23.08 42.56 8.75
N GLY B 205 -24.15 41.78 8.91
CA GLY B 205 -24.19 40.76 9.94
C GLY B 205 -24.70 41.29 11.27
N ARG B 206 -25.03 42.58 11.30
CA ARG B 206 -25.51 43.23 12.51
C ARG B 206 -24.63 42.89 13.71
N GLU B 207 -25.17 42.09 14.63
CA GLU B 207 -24.46 41.65 15.83
C GLU B 207 -23.34 42.60 16.24
N GLY B 208 -22.15 42.37 15.70
CA GLY B 208 -21.00 43.21 15.98
C GLY B 208 -19.69 42.51 15.67
N VAL B 209 -19.80 41.23 15.32
CA VAL B 209 -18.63 40.42 15.00
C VAL B 209 -18.85 39.60 13.74
N GLN B 210 -18.91 40.28 12.60
CA GLN B 210 -19.18 39.62 11.32
C GLN B 210 -18.28 38.41 11.07
N LYS B 211 -18.90 37.28 10.78
CA LYS B 211 -18.16 36.07 10.43
C LYS B 211 -18.32 35.77 8.95
N GLU B 212 -17.39 34.99 8.39
CA GLU B 212 -17.44 34.71 6.96
C GLU B 212 -16.88 33.32 6.63
N ASP B 213 -17.74 32.47 6.06
CA ASP B 213 -17.33 31.14 5.63
C ASP B 213 -16.67 31.23 4.26
N ILE B 214 -15.50 30.63 4.12
CA ILE B 214 -14.77 30.66 2.86
C ILE B 214 -14.51 29.26 2.31
N PRO B 215 -15.22 28.89 1.24
CA PRO B 215 -15.03 27.60 0.57
C PRO B 215 -13.65 27.52 -0.06
N PRO B 216 -13.01 26.34 0.02
CA PRO B 216 -11.70 26.15 -0.60
C PRO B 216 -11.83 26.06 -2.12
N ALA B 217 -10.70 26.09 -2.82
CA ALA B 217 -10.70 26.05 -4.28
C ALA B 217 -10.90 24.62 -4.77
N ASP B 218 -11.99 24.41 -5.51
CA ASP B 218 -12.33 23.08 -6.01
C ASP B 218 -11.29 22.59 -7.02
N LEU B 219 -10.85 23.49 -7.89
CA LEU B 219 -9.92 23.16 -8.96
C LEU B 219 -10.00 21.71 -9.38
N SER B 220 -11.15 21.32 -9.91
CA SER B 220 -11.39 19.94 -10.32
C SER B 220 -10.48 19.53 -11.48
N ASP B 221 -9.85 20.52 -12.10
CA ASP B 221 -8.99 20.27 -13.25
C ASP B 221 -7.53 20.65 -12.98
N GLN B 222 -7.08 20.40 -11.75
CA GLN B 222 -5.68 20.67 -11.40
C GLN B 222 -4.80 19.49 -11.74
N VAL B 223 -3.78 19.73 -12.55
CA VAL B 223 -2.83 18.69 -12.93
C VAL B 223 -2.16 18.10 -11.69
N PRO B 224 -2.30 16.79 -11.49
CA PRO B 224 -1.73 16.11 -10.33
C PRO B 224 -0.24 16.39 -10.17
N ASP B 225 0.24 16.42 -8.93
CA ASP B 225 1.66 16.63 -8.64
C ASP B 225 2.11 18.07 -8.90
N THR B 226 1.20 19.03 -8.69
CA THR B 226 1.54 20.44 -8.86
C THR B 226 1.13 21.25 -7.62
N GLU B 227 1.93 22.28 -7.31
CA GLU B 227 1.66 23.14 -6.17
C GLU B 227 0.72 24.30 -6.53
N SER B 228 0.07 24.86 -5.52
CA SER B 228 -0.85 25.97 -5.72
C SER B 228 -0.98 26.80 -4.44
N GLU B 229 -0.80 28.11 -4.57
CA GLU B 229 -0.85 28.99 -3.41
C GLU B 229 -2.14 29.80 -3.37
N THR B 230 -2.65 30.05 -2.16
CA THR B 230 -3.84 30.86 -1.97
C THR B 230 -3.47 32.17 -1.28
N ARG B 231 -3.87 33.29 -1.87
CA ARG B 231 -3.53 34.60 -1.34
C ARG B 231 -4.74 35.35 -0.82
N ILE B 232 -4.66 35.79 0.43
CA ILE B 232 -5.72 36.58 1.05
C ILE B 232 -5.36 38.06 1.01
N LEU B 233 -6.31 38.89 0.60
CA LEU B 233 -6.07 40.32 0.49
C LEU B 233 -7.05 41.12 1.34
N LEU B 234 -6.50 41.92 2.26
CA LEU B 234 -7.31 42.82 3.08
C LEU B 234 -7.07 44.26 2.67
N GLN B 235 -8.15 44.97 2.34
CA GLN B 235 -8.05 46.36 1.93
C GLN B 235 -9.08 47.25 2.59
N GLY B 236 -8.62 48.37 3.14
CA GLY B 236 -9.52 49.35 3.73
C GLY B 236 -10.10 50.26 2.66
N THR B 237 -11.41 50.44 2.68
CA THR B 237 -12.08 51.35 1.77
C THR B 237 -12.59 52.56 2.54
N PRO B 238 -11.68 53.47 2.90
CA PRO B 238 -12.01 54.66 3.71
C PRO B 238 -12.73 55.70 2.86
N VAL B 239 -13.69 56.39 3.47
CA VAL B 239 -14.42 57.45 2.78
C VAL B 239 -14.45 58.72 3.63
N ALA B 240 -13.57 59.66 3.30
CA ALA B 240 -13.52 60.91 4.03
C ALA B 240 -14.54 61.89 3.48
N GLN B 241 -14.31 63.18 3.72
CA GLN B 241 -15.18 64.28 3.27
C GLN B 241 -16.01 64.89 4.40
N MET B 242 -16.74 65.94 4.06
CA MET B 242 -17.61 66.64 5.01
C MET B 242 -16.87 67.54 5.99
N THR B 243 -16.68 68.79 5.58
CA THR B 243 -16.07 69.82 6.42
C THR B 243 -16.37 71.19 5.86
N GLU B 244 -17.49 71.78 6.27
CA GLU B 244 -17.89 73.08 5.75
C GLU B 244 -16.84 74.15 6.02
N ASP B 245 -16.28 74.69 4.93
CA ASP B 245 -15.20 75.66 4.96
C ASP B 245 -15.37 76.77 5.99
N ALA B 246 -14.24 77.38 6.37
CA ALA B 246 -14.22 78.47 7.33
C ALA B 246 -14.24 79.81 6.62
N VAL B 247 -13.78 80.85 7.31
CA VAL B 247 -13.74 82.20 6.75
C VAL B 247 -12.60 82.34 5.75
N ASP B 248 -12.84 83.11 4.69
CA ASP B 248 -11.82 83.35 3.67
C ASP B 248 -10.56 83.94 4.28
N ALA B 249 -10.72 84.83 5.24
CA ALA B 249 -9.62 85.46 5.95
C ALA B 249 -8.84 86.45 5.09
N GLU B 250 -8.78 86.18 3.79
CA GLU B 250 -8.07 87.05 2.86
C GLU B 250 -8.62 88.47 2.91
N ARG B 251 -9.92 88.59 3.18
CA ARG B 251 -10.58 89.89 3.26
C ARG B 251 -11.03 90.16 4.68
N LEU B 252 -10.17 89.81 5.64
CA LEU B 252 -10.47 90.00 7.05
C LEU B 252 -9.22 90.42 7.80
N LYS B 253 -8.71 91.60 7.46
CA LYS B 253 -7.48 92.10 8.07
C LYS B 253 -7.74 93.37 8.87
N HIS B 254 -8.56 93.25 9.92
CA HIS B 254 -8.89 94.41 10.75
C HIS B 254 -9.05 94.02 12.22
N LEU B 255 -9.19 92.72 12.48
CA LEU B 255 -9.36 92.22 13.84
C LEU B 255 -8.11 92.46 14.68
N ILE B 256 -6.99 92.76 14.03
CA ILE B 256 -5.74 93.04 14.72
C ILE B 256 -5.73 94.47 15.23
N VAL B 257 -6.64 94.77 16.15
CA VAL B 257 -6.76 96.10 16.72
C VAL B 257 -5.88 96.26 17.95
N THR B 258 -5.14 97.35 18.01
CA THR B 258 -4.26 97.63 19.14
C THR B 258 -5.08 98.02 20.37
N PRO B 259 -5.07 97.16 21.40
CA PRO B 259 -5.82 97.40 22.64
C PRO B 259 -5.39 98.69 23.32
N SER B 260 -6.36 99.51 23.73
CA SER B 260 -6.09 100.77 24.39
C SER B 260 -7.33 101.30 25.09
N GLY B 261 -7.14 102.25 26.01
CA GLY B 261 -8.24 102.85 26.72
C GLY B 261 -8.19 102.60 28.22
N CYS B 262 -9.36 102.48 28.83
CA CYS B 262 -9.46 102.27 30.25
C CYS B 262 -9.55 100.78 30.59
N GLY B 263 -10.58 100.41 31.34
CA GLY B 263 -10.78 99.03 31.75
C GLY B 263 -11.56 98.24 30.72
N GLU B 264 -12.73 98.75 30.36
CA GLU B 264 -13.60 98.10 29.39
C GLU B 264 -13.21 98.47 27.95
N GLN B 265 -12.75 99.70 27.76
CA GLN B 265 -12.31 100.14 26.43
C GLN B 265 -11.12 99.32 25.95
N ASN B 266 -10.30 98.87 26.90
CA ASN B 266 -9.14 98.04 26.58
C ASN B 266 -9.55 96.64 26.16
N MET B 267 -10.64 96.15 26.75
CA MET B 267 -11.14 94.81 26.45
C MET B 267 -11.78 94.77 25.06
N ILE B 268 -12.53 95.80 24.73
CA ILE B 268 -13.21 95.88 23.43
C ILE B 268 -12.20 95.90 22.29
N GLY B 269 -11.01 96.43 22.57
CA GLY B 269 -9.96 96.51 21.56
C GLY B 269 -9.10 95.26 21.53
N MET B 270 -9.12 94.51 22.63
CA MET B 270 -8.33 93.28 22.73
C MET B 270 -9.13 92.06 22.29
N THR B 271 -10.46 92.20 22.31
CA THR B 271 -11.34 91.10 21.93
C THR B 271 -11.11 90.61 20.50
N PRO B 272 -11.13 91.52 19.52
CA PRO B 272 -10.95 91.12 18.11
C PRO B 272 -9.61 90.42 17.88
N THR B 273 -8.54 90.96 18.45
CA THR B 273 -7.20 90.41 18.24
C THR B 273 -7.05 89.01 18.82
N VAL B 274 -7.56 88.80 20.02
CA VAL B 274 -7.46 87.52 20.69
C VAL B 274 -8.19 86.42 19.94
N ILE B 275 -9.46 86.67 19.61
CA ILE B 275 -10.28 85.69 18.92
C ILE B 275 -9.81 85.47 17.48
N ALA B 276 -9.12 86.46 16.92
CA ALA B 276 -8.60 86.37 15.57
C ALA B 276 -7.50 85.32 15.47
N VAL B 277 -6.53 85.41 16.37
CA VAL B 277 -5.42 84.47 16.41
C VAL B 277 -5.91 83.06 16.71
N HIS B 278 -6.86 82.96 17.64
CA HIS B 278 -7.42 81.66 18.01
C HIS B 278 -8.12 81.00 16.83
N TYR B 279 -8.67 81.82 15.93
CA TYR B 279 -9.39 81.32 14.77
C TYR B 279 -8.43 80.92 13.66
N LEU B 280 -7.39 81.73 13.46
CA LEU B 280 -6.40 81.47 12.41
C LEU B 280 -5.52 80.27 12.75
N ASP B 281 -5.39 79.99 14.05
CA ASP B 281 -4.59 78.86 14.51
C ASP B 281 -5.26 77.53 14.21
N GLU B 282 -6.57 77.47 14.44
CA GLU B 282 -7.34 76.24 14.24
C GLU B 282 -7.70 76.02 12.78
N THR B 283 -7.49 77.05 11.96
CA THR B 283 -7.79 76.97 10.53
C THR B 283 -6.52 77.02 9.69
N GLU B 284 -5.38 77.11 10.38
CA GLU B 284 -4.08 77.21 9.73
C GLU B 284 -4.11 78.06 8.45
N GLN B 285 -4.78 79.21 8.52
CA GLN B 285 -4.88 80.10 7.38
C GLN B 285 -3.85 81.23 7.46
N TRP B 286 -2.83 81.03 8.28
CA TRP B 286 -1.77 82.03 8.44
C TRP B 286 -0.93 82.15 7.17
N GLU B 287 -1.03 81.16 6.29
CA GLU B 287 -0.29 81.17 5.04
C GLU B 287 -0.87 82.19 4.08
N LYS B 288 -2.19 82.21 3.97
CA LYS B 288 -2.87 83.13 3.06
C LYS B 288 -3.06 84.49 3.72
N PHE B 289 -2.90 84.54 5.03
CA PHE B 289 -3.06 85.78 5.78
C PHE B 289 -1.74 86.53 5.94
N GLY B 290 -0.68 85.77 6.21
CA GLY B 290 0.63 86.35 6.42
C GLY B 290 1.27 85.84 7.70
N LEU B 291 2.23 84.93 7.55
CA LEU B 291 2.90 84.32 8.70
C LEU B 291 3.61 85.36 9.56
N GLU B 292 4.30 86.29 8.90
CA GLU B 292 5.07 87.32 9.60
C GLU B 292 4.17 88.37 10.25
N LYS B 293 2.86 88.17 10.19
CA LYS B 293 1.91 89.09 10.80
C LYS B 293 1.45 88.60 12.16
N ARG B 294 1.61 87.30 12.41
CA ARG B 294 1.17 86.70 13.66
C ARG B 294 1.95 87.25 14.85
N GLN B 295 3.25 87.44 14.66
CA GLN B 295 4.10 87.96 15.72
C GLN B 295 3.63 89.33 16.19
N GLY B 296 3.14 90.12 15.25
CA GLY B 296 2.62 91.44 15.57
C GLY B 296 1.30 91.37 16.30
N ALA B 297 0.64 90.21 16.22
CA ALA B 297 -0.64 90.00 16.89
C ALA B 297 -0.43 89.53 18.32
N LEU B 298 0.52 88.62 18.52
CA LEU B 298 0.83 88.11 19.85
C LEU B 298 1.26 89.23 20.78
N GLU B 299 1.98 90.21 20.24
CA GLU B 299 2.44 91.35 21.01
C GLU B 299 1.27 92.23 21.45
N LEU B 300 0.28 92.38 20.57
CA LEU B 300 -0.89 93.19 20.88
C LEU B 300 -1.79 92.50 21.89
N ILE B 301 -1.81 91.16 21.85
CA ILE B 301 -2.59 90.39 22.80
C ILE B 301 -1.96 90.46 24.19
N LYS B 302 -0.64 90.27 24.24
CA LYS B 302 0.09 90.35 25.50
C LYS B 302 0.06 91.77 26.06
N LYS B 303 0.04 92.75 25.16
CA LYS B 303 -0.01 94.14 25.56
C LYS B 303 -1.37 94.48 26.17
N GLY B 304 -2.42 93.87 25.64
CA GLY B 304 -3.76 94.07 26.16
C GLY B 304 -3.92 93.43 27.53
N TYR B 305 -3.24 92.31 27.73
CA TYR B 305 -3.27 91.60 29.00
C TYR B 305 -2.61 92.44 30.10
N THR B 306 -1.48 93.04 29.76
CA THR B 306 -0.73 93.87 30.72
C THR B 306 -1.51 95.11 31.11
N GLN B 307 -2.14 95.75 30.12
CA GLN B 307 -2.92 96.96 30.37
C GLN B 307 -4.15 96.67 31.22
N GLN B 308 -4.65 95.44 31.14
CA GLN B 308 -5.83 95.04 31.90
C GLN B 308 -5.50 94.82 33.37
N LEU B 309 -4.23 94.58 33.65
CA LEU B 309 -3.78 94.36 35.02
C LEU B 309 -3.77 95.67 35.81
N ALA B 310 -3.67 96.78 35.10
CA ALA B 310 -3.67 98.10 35.73
C ALA B 310 -5.07 98.51 36.18
N PHE B 311 -6.02 97.59 36.02
CA PHE B 311 -7.39 97.86 36.41
C PHE B 311 -7.94 96.72 37.28
N ARG B 312 -7.04 95.93 37.84
CA ARG B 312 -7.43 94.82 38.71
C ARG B 312 -7.55 95.28 40.16
N GLN B 313 -8.78 95.59 40.58
CA GLN B 313 -9.05 95.99 41.95
C GLN B 313 -8.71 94.85 42.89
N PRO B 314 -8.69 95.12 44.21
CA PRO B 314 -8.41 94.09 45.22
C PRO B 314 -9.28 92.84 44.98
N SER B 315 -10.40 93.01 44.31
CA SER B 315 -11.27 91.90 43.96
C SER B 315 -10.56 90.94 43.02
N ALA B 320 -14.15 98.45 35.07
CA ALA B 320 -13.74 99.57 34.22
C ALA B 320 -12.76 100.47 34.94
N PHE B 321 -13.26 101.55 35.53
CA PHE B 321 -12.44 102.46 36.30
C PHE B 321 -12.24 101.95 37.73
N VAL B 322 -11.01 102.06 38.23
CA VAL B 322 -10.69 101.63 39.58
C VAL B 322 -11.50 102.42 40.61
N LYS B 323 -11.86 103.65 40.26
CA LYS B 323 -12.64 104.51 41.13
C LYS B 323 -14.08 104.03 41.20
N ARG B 324 -14.46 103.18 40.24
CA ARG B 324 -15.83 102.69 40.15
C ARG B 324 -15.98 101.34 40.82
N ALA B 325 -17.21 101.01 41.21
CA ALA B 325 -17.52 99.73 41.83
C ALA B 325 -17.34 98.59 40.82
N PRO B 326 -16.84 97.44 41.29
CA PRO B 326 -16.58 96.27 40.46
C PRO B 326 -17.83 95.81 39.69
N SER B 327 -17.65 95.44 38.44
CA SER B 327 -18.76 94.97 37.61
C SER B 327 -18.79 93.45 37.54
N THR B 328 -19.99 92.89 37.62
CA THR B 328 -20.15 91.43 37.59
C THR B 328 -19.94 90.88 36.18
N TRP B 329 -20.49 91.57 35.18
CA TRP B 329 -20.37 91.14 33.80
C TRP B 329 -18.95 91.27 33.27
N LEU B 330 -18.35 92.45 33.48
CA LEU B 330 -17.01 92.72 33.00
C LEU B 330 -16.01 91.70 33.56
N THR B 331 -16.08 91.47 34.86
CA THR B 331 -15.20 90.49 35.51
C THR B 331 -15.41 89.10 34.93
N ALA B 332 -16.67 88.77 34.63
CA ALA B 332 -17.00 87.46 34.07
C ALA B 332 -16.49 87.33 32.64
N TYR B 333 -16.49 88.44 31.90
CA TYR B 333 -16.02 88.44 30.52
C TYR B 333 -14.50 88.34 30.44
N VAL B 334 -13.83 88.95 31.41
CA VAL B 334 -12.37 88.88 31.48
C VAL B 334 -11.92 87.42 31.57
N VAL B 335 -12.63 86.63 32.36
CA VAL B 335 -12.34 85.22 32.51
C VAL B 335 -12.53 84.48 31.18
N LYS B 336 -13.55 84.87 30.44
CA LYS B 336 -13.85 84.24 29.15
C LYS B 336 -12.72 84.40 28.15
N VAL B 337 -12.22 85.63 28.02
CA VAL B 337 -11.15 85.92 27.08
C VAL B 337 -9.81 85.34 27.55
N PHE B 338 -9.50 85.52 28.83
CA PHE B 338 -8.25 85.03 29.41
C PHE B 338 -8.13 83.52 29.30
N SER B 339 -9.21 82.81 29.65
CA SER B 339 -9.21 81.35 29.61
C SER B 339 -8.99 80.82 28.20
N LEU B 340 -9.38 81.61 27.20
CA LEU B 340 -9.23 81.22 25.81
C LEU B 340 -7.82 81.55 25.30
N ALA B 341 -7.21 82.58 25.89
CA ALA B 341 -5.88 83.01 25.49
C ALA B 341 -4.81 82.49 26.43
N VAL B 342 -5.02 81.30 26.97
CA VAL B 342 -4.06 80.69 27.89
C VAL B 342 -2.92 80.04 27.12
N ASN B 343 -3.20 79.59 25.90
CA ASN B 343 -2.19 78.95 25.07
C ASN B 343 -1.46 79.93 24.17
N LEU B 344 -1.95 81.17 24.14
CA LEU B 344 -1.36 82.21 23.33
C LEU B 344 -0.28 82.97 24.08
N ILE B 345 -0.60 83.39 25.31
CA ILE B 345 0.35 84.12 26.15
C ILE B 345 0.43 83.51 27.54
N ALA B 346 1.17 84.17 28.43
CA ALA B 346 1.35 83.69 29.79
C ALA B 346 0.30 84.26 30.73
N ILE B 347 -0.82 83.55 30.86
CA ILE B 347 -1.90 83.97 31.75
C ILE B 347 -1.61 83.58 33.19
N ASP B 348 -1.64 84.56 34.08
CA ASP B 348 -1.37 84.32 35.50
C ASP B 348 -2.55 83.61 36.17
N SER B 349 -2.25 82.55 36.90
CA SER B 349 -3.28 81.80 37.62
C SER B 349 -3.84 82.59 38.78
N GLN B 350 -3.01 83.44 39.36
CA GLN B 350 -3.42 84.28 40.49
C GLN B 350 -4.51 85.27 40.08
N VAL B 351 -4.33 85.87 38.91
CA VAL B 351 -5.28 86.85 38.41
C VAL B 351 -6.56 86.18 37.89
N LEU B 352 -6.38 85.11 37.11
CA LEU B 352 -7.51 84.40 36.53
C LEU B 352 -8.40 83.79 37.61
N CYS B 353 -7.80 82.99 38.49
CA CYS B 353 -8.54 82.33 39.56
C CYS B 353 -9.05 83.33 40.59
N GLY B 354 -8.34 84.45 40.70
CA GLY B 354 -8.72 85.50 41.63
C GLY B 354 -10.09 86.07 41.34
N ALA B 355 -10.40 86.22 40.05
CA ALA B 355 -11.71 86.73 39.64
C ALA B 355 -12.78 85.67 39.80
N VAL B 356 -12.42 84.42 39.52
CA VAL B 356 -13.35 83.30 39.62
C VAL B 356 -13.81 83.12 41.07
N LYS B 357 -12.87 83.20 42.00
CA LYS B 357 -13.17 83.05 43.42
C LYS B 357 -14.07 84.18 43.91
N TRP B 358 -13.97 85.34 43.26
CA TRP B 358 -14.76 86.50 43.66
C TRP B 358 -16.21 86.37 43.23
N LEU B 359 -16.44 85.97 41.98
CA LEU B 359 -17.79 85.84 41.44
C LEU B 359 -18.61 84.82 42.22
N ILE B 360 -17.93 83.84 42.82
CA ILE B 360 -18.62 82.77 43.54
C ILE B 360 -19.02 83.18 44.95
N LEU B 361 -18.09 83.75 45.70
CA LEU B 361 -18.31 84.09 47.10
C LEU B 361 -18.99 85.44 47.28
N GLU B 362 -19.01 86.26 46.23
CA GLU B 362 -19.56 87.61 46.33
C GLU B 362 -20.86 87.78 45.56
N LYS B 363 -20.76 87.77 44.23
CA LYS B 363 -21.91 88.03 43.38
C LYS B 363 -22.66 86.76 42.99
N GLN B 364 -23.06 85.97 43.99
CA GLN B 364 -23.82 84.76 43.75
C GLN B 364 -24.85 84.50 44.85
N LYS B 365 -26.12 84.51 44.47
CA LYS B 365 -27.20 84.25 45.43
C LYS B 365 -27.21 82.78 45.83
N PRO B 366 -27.85 82.48 46.98
CA PRO B 366 -27.95 81.11 47.49
C PRO B 366 -28.55 80.14 46.47
N ASP B 367 -29.41 80.65 45.59
CA ASP B 367 -30.06 79.81 44.59
C ASP B 367 -29.16 79.58 43.38
N GLY B 368 -28.05 80.31 43.32
CA GLY B 368 -27.09 80.16 42.24
C GLY B 368 -27.15 81.27 41.21
N VAL B 369 -28.05 82.22 41.41
CA VAL B 369 -28.22 83.32 40.48
C VAL B 369 -27.16 84.40 40.68
N PHE B 370 -26.60 84.89 39.57
CA PHE B 370 -25.61 85.96 39.62
C PHE B 370 -26.27 87.31 39.37
N GLN B 371 -26.03 88.27 40.26
CA GLN B 371 -26.67 89.57 40.17
C GLN B 371 -25.68 90.66 39.75
N GLU B 372 -26.14 91.55 38.89
CA GLU B 372 -25.33 92.68 38.43
C GLU B 372 -25.53 93.88 39.35
N ASP B 373 -24.44 94.37 39.93
CA ASP B 373 -24.51 95.50 40.87
C ASP B 373 -23.96 96.78 40.24
N ALA B 374 -23.04 96.63 39.30
CA ALA B 374 -22.43 97.78 38.64
C ALA B 374 -22.34 97.57 37.13
N PRO B 375 -23.44 97.86 36.41
CA PRO B 375 -23.50 97.72 34.96
C PRO B 375 -22.38 98.50 34.27
N VAL B 376 -21.76 97.89 33.26
CA VAL B 376 -20.67 98.54 32.53
C VAL B 376 -21.15 99.81 31.83
N ILE B 377 -20.26 100.77 31.69
CA ILE B 377 -20.59 102.03 31.01
C ILE B 377 -20.98 101.79 29.56
N HIS B 378 -20.09 101.13 28.82
CA HIS B 378 -20.35 100.79 27.43
C HIS B 378 -21.36 99.65 27.33
N GLN B 379 -22.64 100.00 27.27
CA GLN B 379 -23.71 99.02 27.24
C GLN B 379 -23.91 98.42 25.86
N GLU B 380 -22.90 98.52 25.01
CA GLU B 380 -22.96 97.97 23.67
C GLU B 380 -22.01 96.79 23.49
N MET B 381 -21.17 96.57 24.49
CA MET B 381 -20.19 95.48 24.44
C MET B 381 -20.74 94.20 25.08
N ILE B 382 -21.85 94.33 25.79
CA ILE B 382 -22.45 93.18 26.46
C ILE B 382 -23.27 92.33 25.50
N GLY B 383 -23.66 92.91 24.37
CA GLY B 383 -24.41 92.20 23.37
C GLY B 383 -25.88 92.03 23.70
N GLY B 384 -26.37 90.79 23.60
CA GLY B 384 -27.77 90.49 23.82
C GLY B 384 -28.21 90.65 25.26
N LEU B 385 -27.28 91.01 26.14
CA LEU B 385 -27.61 91.20 27.54
C LEU B 385 -28.17 92.60 27.81
N ARG B 386 -28.16 93.44 26.79
CA ARG B 386 -28.69 94.79 26.90
C ARG B 386 -30.20 94.78 27.03
N ASN B 387 -30.82 93.74 26.48
CA ASN B 387 -32.27 93.57 26.57
C ASN B 387 -32.69 93.23 27.99
N ASN B 388 -33.49 94.10 28.59
CA ASN B 388 -33.92 93.94 29.99
C ASN B 388 -34.72 92.66 30.22
N ASN B 389 -35.26 92.09 29.15
CA ASN B 389 -36.08 90.89 29.25
C ASN B 389 -35.29 89.68 29.75
N GLU B 390 -35.71 89.17 30.91
CA GLU B 390 -35.09 87.99 31.50
C GLU B 390 -33.57 88.16 31.67
N LYS B 391 -33.18 89.10 32.52
CA LYS B 391 -31.77 89.34 32.78
C LYS B 391 -31.27 88.47 33.92
N ASP B 392 -32.19 87.75 34.55
CA ASP B 392 -31.85 86.83 35.63
C ASP B 392 -31.40 85.49 35.07
N MET B 393 -31.66 85.27 33.79
CA MET B 393 -31.27 84.03 33.12
C MET B 393 -30.05 84.25 32.22
N ALA B 394 -30.07 85.35 31.48
CA ALA B 394 -29.00 85.66 30.54
C ALA B 394 -27.67 85.88 31.27
N LEU B 395 -27.70 86.69 32.32
CA LEU B 395 -26.50 86.98 33.09
C LEU B 395 -25.95 85.73 33.77
N THR B 396 -26.83 84.97 34.41
CA THR B 396 -26.44 83.74 35.09
C THR B 396 -25.83 82.75 34.10
N ALA B 397 -26.38 82.71 32.90
CA ALA B 397 -25.89 81.81 31.86
C ALA B 397 -24.54 82.27 31.32
N PHE B 398 -24.35 83.59 31.26
CA PHE B 398 -23.11 84.16 30.77
C PHE B 398 -21.95 83.89 31.73
N VAL B 399 -22.17 84.20 33.00
CA VAL B 399 -21.14 83.99 34.02
C VAL B 399 -20.82 82.51 34.17
N LEU B 400 -21.84 81.67 34.01
CA LEU B 400 -21.68 80.23 34.16
C LEU B 400 -20.71 79.67 33.12
N ILE B 401 -20.85 80.14 31.88
CA ILE B 401 -19.99 79.68 30.79
C ILE B 401 -18.52 80.00 31.06
N SER B 402 -18.27 81.18 31.59
CA SER B 402 -16.90 81.63 31.88
C SER B 402 -16.28 80.83 33.01
N LEU B 403 -17.11 80.33 33.91
CA LEU B 403 -16.63 79.57 35.07
C LEU B 403 -16.28 78.13 34.70
N GLN B 404 -16.95 77.60 33.67
CA GLN B 404 -16.72 76.24 33.24
C GLN B 404 -15.52 76.13 32.30
N GLU B 405 -15.27 77.21 31.55
CA GLU B 405 -14.14 77.24 30.63
C GLU B 405 -12.84 77.48 31.38
N ALA B 406 -12.95 77.91 32.64
CA ALA B 406 -11.78 78.11 33.49
C ALA B 406 -11.76 77.04 34.58
N LYS B 407 -12.40 75.91 34.30
CA LYS B 407 -12.50 74.81 35.26
C LYS B 407 -11.15 74.17 35.51
N ASP B 408 -10.60 73.52 34.50
CA ASP B 408 -9.32 72.82 34.61
C ASP B 408 -8.22 73.73 35.16
N ILE B 409 -8.31 75.02 34.86
CA ILE B 409 -7.30 75.98 35.28
C ILE B 409 -7.46 76.34 36.76
N CYS B 410 -8.70 76.34 37.25
CA CYS B 410 -8.98 76.72 38.63
C CYS B 410 -9.81 75.70 39.39
N GLU B 411 -9.25 74.50 39.57
CA GLU B 411 -9.89 73.46 40.35
C GLU B 411 -9.15 73.23 41.66
N GLU B 412 -7.82 73.34 41.61
CA GLU B 412 -6.99 73.11 42.79
C GLU B 412 -6.84 74.39 43.62
N GLN B 413 -7.00 75.53 42.96
CA GLN B 413 -6.86 76.82 43.62
C GLN B 413 -8.20 77.32 44.15
N VAL B 414 -9.28 76.82 43.57
CA VAL B 414 -10.63 77.20 44.00
C VAL B 414 -11.48 75.95 44.28
N ASN B 415 -11.81 75.74 45.55
CA ASN B 415 -12.58 74.57 45.95
C ASN B 415 -14.08 74.81 45.93
N SER B 416 -14.48 76.07 45.89
CA SER B 416 -15.90 76.44 45.88
C SER B 416 -16.46 76.47 44.47
N LEU B 417 -15.66 76.00 43.51
CA LEU B 417 -16.08 75.99 42.11
C LEU B 417 -17.11 74.89 41.82
N PRO B 418 -16.79 73.64 42.19
CA PRO B 418 -17.72 72.54 41.92
C PRO B 418 -19.12 72.79 42.48
N GLY B 419 -19.18 73.28 43.71
CA GLY B 419 -20.44 73.57 44.35
C GLY B 419 -21.22 74.67 43.66
N SER B 420 -20.50 75.68 43.20
CA SER B 420 -21.12 76.82 42.51
C SER B 420 -21.62 76.42 41.13
N ILE B 421 -20.85 75.59 40.44
CA ILE B 421 -21.21 75.13 39.10
C ILE B 421 -22.56 74.42 39.11
N THR B 422 -22.77 73.55 40.09
CA THR B 422 -24.01 72.80 40.21
C THR B 422 -25.19 73.71 40.53
N LYS B 423 -24.99 74.63 41.46
CA LYS B 423 -26.04 75.56 41.87
C LYS B 423 -26.56 76.38 40.69
N ALA B 424 -25.64 76.99 39.95
CA ALA B 424 -26.01 77.81 38.81
C ALA B 424 -26.76 76.99 37.77
N GLY B 425 -26.44 75.71 37.67
CA GLY B 425 -27.10 74.82 36.73
C GLY B 425 -28.50 74.44 37.17
N ASP B 426 -28.71 74.42 38.48
CA ASP B 426 -30.01 74.07 39.05
C ASP B 426 -31.07 75.12 38.72
N PHE B 427 -30.70 76.39 38.88
CA PHE B 427 -31.62 77.49 38.63
C PHE B 427 -32.01 77.58 37.16
N LEU B 428 -31.02 77.47 36.28
CA LEU B 428 -31.26 77.56 34.84
C LEU B 428 -32.09 76.39 34.34
N GLU B 429 -31.87 75.22 34.93
CA GLU B 429 -32.58 74.01 34.51
C GLU B 429 -34.06 74.08 34.88
N ALA B 430 -34.36 74.65 36.04
CA ALA B 430 -35.74 74.75 36.50
C ALA B 430 -36.52 75.80 35.73
N ASN B 431 -35.84 76.88 35.35
CA ASN B 431 -36.48 77.98 34.63
C ASN B 431 -36.08 78.03 33.16
N TYR B 432 -35.88 76.86 32.56
CA TYR B 432 -35.49 76.77 31.17
C TYR B 432 -36.72 76.65 30.26
N MET B 433 -37.77 76.02 30.78
CA MET B 433 -39.00 75.85 30.03
C MET B 433 -39.82 77.13 30.02
N ASN B 434 -39.39 78.11 30.81
CA ASN B 434 -40.09 79.39 30.89
C ASN B 434 -39.35 80.50 30.16
N LEU B 435 -38.95 80.23 28.93
CA LEU B 435 -38.21 81.21 28.12
C LEU B 435 -38.91 81.47 26.79
N GLN B 436 -38.84 82.71 26.33
CA GLN B 436 -39.44 83.07 25.05
C GLN B 436 -38.39 83.51 24.04
N ARG B 437 -37.45 84.34 24.49
CA ARG B 437 -36.38 84.83 23.63
C ARG B 437 -35.48 83.68 23.17
N SER B 438 -35.24 83.61 21.87
CA SER B 438 -34.36 82.59 21.30
C SER B 438 -32.94 82.79 21.79
N TYR B 439 -32.60 84.03 22.11
CA TYR B 439 -31.27 84.36 22.63
C TYR B 439 -31.05 83.75 24.00
N THR B 440 -32.04 83.90 24.88
CA THR B 440 -31.96 83.37 26.22
C THR B 440 -31.87 81.85 26.23
N VAL B 441 -32.64 81.22 25.35
CA VAL B 441 -32.65 79.77 25.23
C VAL B 441 -31.30 79.24 24.76
N ALA B 442 -30.66 79.98 23.86
CA ALA B 442 -29.37 79.58 23.30
C ALA B 442 -28.24 79.74 24.31
N ILE B 443 -28.13 80.92 24.91
CA ILE B 443 -27.07 81.21 25.85
C ILE B 443 -27.17 80.33 27.10
N ALA B 444 -28.38 79.89 27.42
CA ALA B 444 -28.60 79.04 28.59
C ALA B 444 -28.41 77.57 28.23
N GLY B 445 -28.66 77.23 26.97
CA GLY B 445 -28.50 75.88 26.50
C GLY B 445 -27.06 75.41 26.51
N TYR B 446 -26.16 76.31 26.13
CA TYR B 446 -24.73 76.00 26.09
C TYR B 446 -24.13 75.93 27.49
N ALA B 447 -24.75 76.65 28.43
CA ALA B 447 -24.29 76.65 29.81
C ALA B 447 -24.68 75.36 30.51
N LEU B 448 -25.69 74.67 29.96
CA LEU B 448 -26.15 73.41 30.54
C LEU B 448 -25.60 72.22 29.76
N ALA B 449 -25.26 72.46 28.50
CA ALA B 449 -24.72 71.40 27.65
C ALA B 449 -23.32 70.99 28.09
N GLN B 450 -22.57 71.95 28.63
CA GLN B 450 -21.22 71.70 29.11
C GLN B 450 -21.22 70.69 30.26
N MET B 451 -22.27 70.72 31.06
CA MET B 451 -22.41 69.80 32.18
C MET B 451 -23.07 68.51 31.75
N GLY B 452 -23.76 68.55 30.61
CA GLY B 452 -24.51 67.42 30.11
C GLY B 452 -25.88 67.37 30.73
N ARG B 453 -26.35 68.52 31.19
CA ARG B 453 -27.65 68.62 31.85
C ARG B 453 -28.68 69.27 30.94
N LEU B 454 -28.62 68.92 29.65
CA LEU B 454 -29.58 69.44 28.68
C LEU B 454 -30.29 68.29 27.96
N LYS B 455 -31.11 67.57 28.72
CA LYS B 455 -31.83 66.43 28.16
C LYS B 455 -33.34 66.60 28.33
N GLY B 456 -34.09 65.58 27.97
CA GLY B 456 -35.54 65.60 28.09
C GLY B 456 -36.18 66.76 27.38
N PRO B 457 -37.24 67.34 27.98
CA PRO B 457 -37.98 68.48 27.43
C PRO B 457 -37.08 69.67 27.14
N LEU B 458 -36.08 69.88 27.98
CA LEU B 458 -35.15 70.99 27.81
C LEU B 458 -34.38 70.87 26.51
N LEU B 459 -34.00 69.65 26.16
CA LEU B 459 -33.27 69.39 24.92
C LEU B 459 -34.17 69.63 23.71
N ASN B 460 -35.44 69.26 23.83
CA ASN B 460 -36.39 69.44 22.75
C ASN B 460 -36.69 70.90 22.48
N LYS B 461 -36.83 71.68 23.54
CA LYS B 461 -37.13 73.10 23.43
C LYS B 461 -36.04 73.84 22.67
N PHE B 462 -34.79 73.61 23.07
CA PHE B 462 -33.65 74.27 22.44
C PHE B 462 -33.60 74.03 20.93
N LEU B 463 -33.95 72.82 20.52
CA LEU B 463 -33.92 72.46 19.11
C LEU B 463 -35.08 73.06 18.33
N THR B 464 -36.27 73.06 18.94
CA THR B 464 -37.46 73.57 18.28
C THR B 464 -37.49 75.10 18.27
N THR B 465 -36.64 75.72 19.08
CA THR B 465 -36.56 77.17 19.14
C THR B 465 -36.01 77.75 17.83
N ALA B 466 -35.07 77.04 17.22
CA ALA B 466 -34.46 77.49 15.97
C ALA B 466 -35.49 77.61 14.85
N LYS B 467 -35.48 78.75 14.18
CA LYS B 467 -36.37 78.97 13.04
C LYS B 467 -35.75 78.44 11.76
N ASP B 468 -36.50 77.63 11.03
CA ASP B 468 -36.00 76.98 9.83
C ASP B 468 -34.86 76.02 10.17
N LYS B 469 -34.68 75.78 11.46
CA LYS B 469 -33.65 74.85 11.94
C LYS B 469 -32.26 75.20 11.41
N ASN B 470 -31.87 76.45 11.56
CA ASN B 470 -30.55 76.91 11.12
C ASN B 470 -30.17 78.26 11.72
N ARG B 471 -31.02 78.78 12.60
CA ARG B 471 -30.76 80.08 13.22
C ARG B 471 -31.64 80.33 14.44
N TRP B 472 -31.05 80.91 15.47
CA TRP B 472 -31.79 81.33 16.67
C TRP B 472 -31.96 82.84 16.66
N GLU B 473 -32.99 83.33 15.99
CA GLU B 473 -33.19 84.77 15.83
C GLU B 473 -34.34 85.32 16.65
N ASP B 474 -34.29 86.62 16.92
CA ASP B 474 -35.36 87.31 17.63
C ASP B 474 -35.62 88.65 16.96
N PRO B 475 -36.90 89.07 16.93
CA PRO B 475 -37.31 90.34 16.33
C PRO B 475 -36.54 91.54 16.90
N GLY B 476 -35.45 91.91 16.23
CA GLY B 476 -34.63 93.01 16.68
C GLY B 476 -33.37 93.16 15.85
N LYS B 477 -32.26 93.50 16.51
CA LYS B 477 -30.99 93.66 15.83
C LYS B 477 -30.46 92.31 15.35
N GLN B 478 -29.62 92.33 14.31
CA GLN B 478 -29.08 91.12 13.73
C GLN B 478 -27.84 90.62 14.48
N LEU B 479 -27.14 91.56 15.12
CA LEU B 479 -25.92 91.21 15.86
C LEU B 479 -26.23 90.33 17.06
N TYR B 480 -27.42 90.49 17.64
CA TYR B 480 -27.83 89.67 18.76
C TYR B 480 -28.20 88.27 18.28
N ASN B 481 -28.71 88.19 17.06
CA ASN B 481 -29.08 86.90 16.46
C ASN B 481 -27.84 86.09 16.11
N VAL B 482 -26.83 86.75 15.56
CA VAL B 482 -25.58 86.10 15.21
C VAL B 482 -24.91 85.53 16.46
N GLU B 483 -24.98 86.30 17.55
CA GLU B 483 -24.41 85.87 18.83
C GLU B 483 -25.19 84.69 19.40
N ALA B 484 -26.52 84.76 19.32
CA ALA B 484 -27.38 83.70 19.83
C ALA B 484 -27.12 82.40 19.08
N THR B 485 -26.93 82.50 17.77
CA THR B 485 -26.67 81.32 16.95
C THR B 485 -25.29 80.73 17.27
N SER B 486 -24.36 81.60 17.66
CA SER B 486 -23.02 81.16 18.03
C SER B 486 -23.04 80.27 19.27
N TYR B 487 -23.74 80.74 20.30
CA TYR B 487 -23.89 79.97 21.54
C TYR B 487 -24.63 78.66 21.27
N ALA B 488 -25.59 78.71 20.36
CA ALA B 488 -26.37 77.54 20.00
C ALA B 488 -25.49 76.49 19.30
N LEU B 489 -24.58 76.96 18.46
CA LEU B 489 -23.66 76.09 17.75
C LEU B 489 -22.75 75.35 18.72
N LEU B 490 -22.17 76.10 19.66
CA LEU B 490 -21.29 75.53 20.67
C LEU B 490 -22.02 74.49 21.51
N ALA B 491 -23.30 74.71 21.75
CA ALA B 491 -24.12 73.79 22.53
C ALA B 491 -24.27 72.45 21.80
N LEU B 492 -24.55 72.54 20.50
CA LEU B 492 -24.70 71.34 19.67
C LEU B 492 -23.39 70.56 19.59
N LEU B 493 -22.28 71.30 19.55
CA LEU B 493 -20.96 70.70 19.48
C LEU B 493 -20.58 70.03 20.79
N GLN B 494 -21.12 70.55 21.89
CA GLN B 494 -20.85 70.00 23.21
C GLN B 494 -21.67 68.74 23.46
N LEU B 495 -22.85 68.68 22.83
CA LEU B 495 -23.72 67.52 22.95
C LEU B 495 -23.44 66.51 21.84
N LYS B 496 -22.54 66.87 20.94
CA LYS B 496 -22.14 66.00 19.84
C LYS B 496 -23.32 65.65 18.93
N ASP B 497 -24.01 66.68 18.45
CA ASP B 497 -25.12 66.50 17.52
C ASP B 497 -24.73 67.01 16.15
N PHE B 498 -23.87 66.27 15.46
CA PHE B 498 -23.34 66.68 14.16
C PHE B 498 -24.36 66.52 13.04
N ASP B 499 -25.59 66.16 13.40
CA ASP B 499 -26.65 65.98 12.42
C ASP B 499 -27.47 67.27 12.27
N PHE B 500 -27.30 68.18 13.23
CA PHE B 500 -28.04 69.44 13.22
C PHE B 500 -27.08 70.62 13.10
N VAL B 501 -25.80 70.31 12.95
CA VAL B 501 -24.76 71.34 12.88
C VAL B 501 -24.58 71.94 11.48
N PRO B 502 -24.46 71.08 10.45
CA PRO B 502 -24.24 71.58 9.09
C PRO B 502 -25.19 72.70 8.67
N PRO B 503 -26.51 72.53 8.89
CA PRO B 503 -27.44 73.60 8.48
C PRO B 503 -27.17 74.90 9.24
N VAL B 504 -26.81 74.81 10.50
CA VAL B 504 -26.54 75.98 11.32
C VAL B 504 -25.31 76.74 10.86
N VAL B 505 -24.21 76.01 10.67
CA VAL B 505 -22.95 76.62 10.25
C VAL B 505 -23.10 77.30 8.88
N ARG B 506 -23.83 76.66 7.98
CA ARG B 506 -24.06 77.20 6.64
C ARG B 506 -24.71 78.58 6.72
N TRP B 507 -25.65 78.74 7.64
CA TRP B 507 -26.36 80.00 7.82
C TRP B 507 -25.41 81.10 8.27
N LEU B 508 -24.43 80.73 9.09
CA LEU B 508 -23.46 81.68 9.62
C LEU B 508 -22.56 82.22 8.51
N ASN B 509 -21.98 81.32 7.73
CA ASN B 509 -21.06 81.70 6.66
C ASN B 509 -21.73 82.55 5.58
N GLU B 510 -23.01 82.29 5.33
CA GLU B 510 -23.75 83.03 4.31
C GLU B 510 -24.03 84.46 4.77
N GLN B 511 -24.03 84.68 6.08
CA GLN B 511 -24.24 86.02 6.62
C GLN B 511 -23.05 86.92 6.31
N ARG B 512 -21.90 86.30 6.08
CA ARG B 512 -20.67 87.02 5.74
C ARG B 512 -20.37 88.14 6.73
N TYR B 513 -20.41 87.81 8.02
CA TYR B 513 -20.09 88.77 9.07
C TYR B 513 -18.65 88.60 9.51
N TYR B 514 -17.81 89.57 9.20
CA TYR B 514 -16.38 89.49 9.48
C TYR B 514 -16.00 90.19 10.78
N GLY B 515 -16.97 90.35 11.67
CA GLY B 515 -16.73 91.01 12.95
C GLY B 515 -16.44 92.49 12.78
N GLY B 516 -16.10 93.15 13.88
CA GLY B 516 -15.83 94.57 13.86
C GLY B 516 -17.09 95.39 13.72
N GLY B 517 -17.07 96.61 14.25
CA GLY B 517 -18.22 97.49 14.21
C GLY B 517 -18.70 97.85 15.60
N TYR B 518 -19.23 99.06 15.75
CA TYR B 518 -19.69 99.53 17.05
C TYR B 518 -20.54 98.49 17.78
N GLY B 519 -20.13 98.15 18.99
CA GLY B 519 -20.85 97.20 19.80
C GLY B 519 -20.88 95.79 19.22
N SER B 520 -19.73 95.34 18.73
CA SER B 520 -19.62 94.00 18.17
C SER B 520 -18.62 93.16 18.94
N THR B 521 -18.53 93.41 20.24
CA THR B 521 -17.60 92.67 21.09
C THR B 521 -18.02 91.21 21.24
N GLN B 522 -19.29 91.00 21.59
CA GLN B 522 -19.82 89.66 21.77
C GLN B 522 -20.09 88.98 20.43
N ALA B 523 -20.58 89.75 19.47
CA ALA B 523 -20.92 89.22 18.16
C ALA B 523 -19.69 88.66 17.44
N THR B 524 -18.53 89.27 17.68
CA THR B 524 -17.31 88.85 17.02
C THR B 524 -16.60 87.72 17.76
N PHE B 525 -16.50 87.85 19.08
CA PHE B 525 -15.79 86.88 19.90
C PHE B 525 -16.48 85.50 19.87
N MET B 526 -17.81 85.51 19.78
CA MET B 526 -18.57 84.27 19.82
C MET B 526 -18.72 83.61 18.45
N VAL B 527 -18.84 84.44 17.42
CA VAL B 527 -19.03 83.92 16.06
C VAL B 527 -17.77 83.22 15.55
N PHE B 528 -16.62 83.63 16.06
CA PHE B 528 -15.35 83.02 15.66
C PHE B 528 -14.91 81.93 16.63
N GLN B 529 -15.50 81.91 17.82
CA GLN B 529 -15.23 80.87 18.80
C GLN B 529 -15.99 79.61 18.44
N ALA B 530 -17.15 79.79 17.80
CA ALA B 530 -17.98 78.67 17.38
C ALA B 530 -17.45 78.04 16.09
N LEU B 531 -17.05 78.88 15.16
CA LEU B 531 -16.51 78.42 13.88
C LEU B 531 -15.13 77.80 14.06
N ALA B 532 -14.40 78.27 15.07
CA ALA B 532 -13.08 77.72 15.38
C ALA B 532 -13.23 76.36 16.06
N GLN B 533 -14.14 76.30 17.03
CA GLN B 533 -14.43 75.04 17.71
C GLN B 533 -14.98 74.03 16.72
N TYR B 534 -15.74 74.53 15.74
CA TYR B 534 -16.31 73.69 14.70
C TYR B 534 -15.24 72.95 13.93
N GLN B 535 -14.01 73.48 13.97
CA GLN B 535 -12.89 72.86 13.28
C GLN B 535 -12.18 71.83 14.15
N LYS B 536 -12.16 72.07 15.45
CA LYS B 536 -11.52 71.14 16.39
C LYS B 536 -12.35 69.87 16.57
N ASP B 537 -13.66 70.04 16.72
CA ASP B 537 -14.54 68.90 16.91
C ASP B 537 -14.93 68.27 15.57
N ALA B 538 -14.31 68.74 14.50
CA ALA B 538 -14.58 68.23 13.16
C ALA B 538 -14.09 66.79 13.01
N PRO B 539 -14.95 65.91 12.47
CA PRO B 539 -14.67 64.49 12.29
C PRO B 539 -13.90 64.19 11.00
N ASP B 540 -14.47 64.57 9.86
CA ASP B 540 -13.93 64.25 8.54
C ASP B 540 -14.48 62.91 8.03
N HIS B 541 -15.44 62.36 8.77
CA HIS B 541 -16.08 61.09 8.42
C HIS B 541 -15.06 59.96 8.29
N GLN B 542 -14.83 59.26 9.39
CA GLN B 542 -13.88 58.16 9.44
C GLN B 542 -13.97 57.41 10.76
N GLU B 543 -13.53 56.15 10.75
CA GLU B 543 -13.49 55.33 11.96
C GLU B 543 -13.00 53.92 11.62
N LEU B 544 -11.81 53.83 11.05
CA LEU B 544 -11.27 52.54 10.64
C LEU B 544 -10.59 51.79 11.77
N ASN B 545 -11.38 51.31 12.72
CA ASN B 545 -10.83 50.43 13.75
C ASN B 545 -11.29 49.00 13.53
N LEU B 546 -10.72 48.35 12.53
CA LEU B 546 -11.07 46.97 12.20
C LEU B 546 -10.05 46.00 12.76
N ASP B 547 -10.54 44.94 13.42
CA ASP B 547 -9.67 43.92 13.98
C ASP B 547 -10.02 42.56 13.39
N VAL B 548 -9.45 42.28 12.22
CA VAL B 548 -9.74 41.04 11.50
C VAL B 548 -8.87 39.88 11.99
N SER B 549 -9.49 38.72 12.17
CA SER B 549 -8.77 37.52 12.59
C SER B 549 -8.94 36.41 11.56
N LEU B 550 -7.92 35.58 11.42
CA LEU B 550 -7.94 34.50 10.44
C LEU B 550 -7.64 33.15 11.10
N GLN B 551 -8.53 32.19 10.91
CA GLN B 551 -8.34 30.85 11.47
C GLN B 551 -8.32 29.79 10.38
N LEU B 552 -7.13 29.51 9.86
CA LEU B 552 -6.96 28.48 8.84
C LEU B 552 -6.55 27.16 9.49
N PRO B 553 -6.82 26.03 8.81
CA PRO B 553 -6.49 24.69 9.31
C PRO B 553 -5.04 24.56 9.77
N SER B 554 -4.18 25.45 9.31
CA SER B 554 -2.79 25.47 9.76
C SER B 554 -2.76 25.63 11.27
N ARG B 555 -3.90 26.07 11.81
CA ARG B 555 -4.14 26.20 13.24
C ARG B 555 -3.04 25.59 14.11
N SER B 556 -1.94 26.30 14.28
CA SER B 556 -0.88 25.87 15.18
C SER B 556 -0.54 27.02 16.11
N SER B 557 -0.92 28.22 15.69
CA SER B 557 -0.74 29.42 16.50
C SER B 557 -2.01 30.26 16.47
N LYS B 558 -1.96 31.38 15.75
CA LYS B 558 -3.10 32.27 15.59
C LYS B 558 -2.77 33.36 14.59
N ILE B 559 -3.77 34.15 14.22
CA ILE B 559 -3.58 35.24 13.27
C ILE B 559 -4.49 36.43 13.59
N THR B 560 -3.91 37.63 13.59
CA THR B 560 -4.66 38.84 13.88
C THR B 560 -3.98 40.07 13.30
N HIS B 561 -4.64 40.72 12.35
CA HIS B 561 -4.13 41.95 11.75
C HIS B 561 -5.11 43.09 11.97
N ARG B 562 -4.60 44.24 12.40
CA ARG B 562 -5.45 45.39 12.69
C ARG B 562 -5.27 46.51 11.67
N ILE B 563 -6.39 46.97 11.12
CA ILE B 563 -6.39 48.04 10.13
C ILE B 563 -6.87 49.36 10.73
N HIS B 564 -5.97 50.07 11.39
CA HIS B 564 -6.31 51.38 11.97
C HIS B 564 -6.19 52.48 10.93
N TRP B 565 -6.59 53.69 11.29
CA TRP B 565 -6.60 54.84 10.37
C TRP B 565 -5.27 55.02 9.62
N GLU B 566 -4.57 56.12 9.91
CA GLU B 566 -3.29 56.43 9.27
C GLU B 566 -2.86 55.40 8.22
N SER B 567 -2.35 54.26 8.69
CA SER B 567 -1.96 53.16 7.79
C SER B 567 -3.14 52.67 6.95
N ALA B 568 -4.18 52.15 7.61
CA ALA B 568 -5.43 51.70 6.97
C ALA B 568 -5.25 51.07 5.59
N SER B 569 -5.26 51.93 4.57
CA SER B 569 -5.11 51.52 3.18
C SER B 569 -4.09 50.40 3.01
N LEU B 570 -3.09 50.38 3.89
CA LEU B 570 -2.08 49.33 3.89
C LEU B 570 -2.72 47.98 3.59
N LEU B 571 -2.34 47.39 2.46
CA LEU B 571 -2.89 46.12 2.02
C LEU B 571 -2.16 44.95 2.68
N ARG B 572 -2.75 44.41 3.75
CA ARG B 572 -2.17 43.26 4.43
C ARG B 572 -2.59 41.97 3.75
N SER B 573 -1.62 41.10 3.47
CA SER B 573 -1.88 39.87 2.74
C SER B 573 -1.27 38.66 3.43
N GLU B 574 -1.87 37.48 3.18
CA GLU B 574 -1.37 36.23 3.72
C GLU B 574 -1.39 35.14 2.64
N GLU B 575 -0.37 34.29 2.64
CA GLU B 575 -0.24 33.26 1.61
C GLU B 575 -0.13 31.86 2.21
N THR B 576 -0.82 30.91 1.60
CA THR B 576 -0.77 29.52 2.02
C THR B 576 -0.61 28.59 0.82
N LYS B 577 0.44 27.78 0.84
CA LYS B 577 0.72 26.88 -0.28
C LYS B 577 -0.24 25.71 -0.34
N GLU B 578 -1.23 25.71 0.55
CA GLU B 578 -2.23 24.65 0.57
C GLU B 578 -3.64 25.22 0.48
N ASN B 579 -4.50 24.55 -0.28
CA ASN B 579 -5.87 24.98 -0.46
C ASN B 579 -6.76 24.53 0.69
N GLU B 580 -7.07 25.45 1.60
CA GLU B 580 -7.87 25.13 2.78
C GLU B 580 -9.19 25.89 2.82
N GLY B 581 -10.11 25.43 3.65
CA GLY B 581 -11.37 26.11 3.87
C GLY B 581 -11.40 26.75 5.25
N PHE B 582 -11.24 28.06 5.29
CA PHE B 582 -11.11 28.78 6.55
C PHE B 582 -12.26 29.75 6.79
N THR B 583 -12.23 30.43 7.93
CA THR B 583 -13.26 31.39 8.31
C THR B 583 -12.64 32.69 8.79
N VAL B 584 -13.23 33.81 8.38
CA VAL B 584 -12.74 35.13 8.75
C VAL B 584 -13.68 35.82 9.74
N THR B 585 -13.10 36.48 10.74
CA THR B 585 -13.88 37.18 11.75
C THR B 585 -13.44 38.63 11.90
N ALA B 586 -14.30 39.57 11.55
CA ALA B 586 -14.00 40.99 11.67
C ALA B 586 -14.63 41.57 12.92
N GLU B 587 -14.17 42.76 13.31
CA GLU B 587 -14.68 43.42 14.51
C GLU B 587 -14.26 44.89 14.56
N GLY B 588 -15.17 45.74 15.03
CA GLY B 588 -14.88 47.15 15.16
C GLY B 588 -15.57 48.01 14.13
N LYS B 589 -15.28 49.31 14.15
CA LYS B 589 -15.88 50.26 13.21
C LYS B 589 -15.11 50.28 11.89
N GLY B 590 -15.72 50.85 10.87
CA GLY B 590 -15.07 50.97 9.57
C GLY B 590 -15.62 50.00 8.54
N GLN B 591 -15.32 50.28 7.27
CA GLN B 591 -15.76 49.43 6.18
C GLN B 591 -14.58 49.06 5.28
N GLY B 592 -14.44 47.76 5.00
CA GLY B 592 -13.33 47.28 4.20
C GLY B 592 -13.75 46.26 3.15
N THR B 593 -12.76 45.74 2.43
CA THR B 593 -13.01 44.77 1.37
C THR B 593 -12.07 43.57 1.51
N LEU B 594 -12.61 42.38 1.26
CA LEU B 594 -11.83 41.15 1.33
C LEU B 594 -11.85 40.39 0.02
N SER B 595 -10.69 40.30 -0.63
CA SER B 595 -10.59 39.60 -1.91
C SER B 595 -9.55 38.47 -1.84
N VAL B 596 -10.01 37.24 -2.09
CA VAL B 596 -9.13 36.08 -2.07
C VAL B 596 -9.01 35.47 -3.47
N VAL B 597 -7.78 35.29 -3.92
CA VAL B 597 -7.52 34.74 -5.25
C VAL B 597 -6.47 33.63 -5.19
N THR B 598 -6.73 32.55 -5.93
CA THR B 598 -5.79 31.42 -5.98
C THR B 598 -5.07 31.36 -7.33
N MET B 599 -3.84 30.85 -7.32
CA MET B 599 -3.05 30.70 -8.53
C MET B 599 -2.53 29.27 -8.63
N TYR B 600 -2.81 28.62 -9.75
CA TYR B 600 -2.45 27.21 -9.93
C TYR B 600 -2.23 26.85 -11.40
N HIS B 601 -1.90 25.60 -11.64
CA HIS B 601 -1.74 25.08 -12.99
C HIS B 601 -3.00 24.33 -13.43
N ALA B 602 -3.79 24.95 -14.29
CA ALA B 602 -5.02 24.35 -14.78
C ALA B 602 -4.74 23.31 -15.86
N LYS B 603 -5.70 22.42 -16.09
CA LYS B 603 -5.55 21.37 -17.09
C LYS B 603 -5.96 21.85 -18.47
N ALA B 604 -4.98 22.07 -19.34
CA ALA B 604 -5.25 22.39 -20.73
C ALA B 604 -5.61 21.09 -21.43
N LYS B 605 -6.74 21.09 -22.09
CA LYS B 605 -7.20 19.91 -22.79
C LYS B 605 -6.33 19.58 -24.00
N ASP B 606 -5.02 19.49 -23.79
CA ASP B 606 -4.09 19.18 -24.87
C ASP B 606 -4.28 20.17 -26.01
N GLN B 607 -4.67 21.41 -25.68
CA GLN B 607 -4.91 22.42 -26.69
C GLN B 607 -3.77 22.48 -27.69
N LEU B 608 -4.11 22.71 -28.95
CA LEU B 608 -3.13 22.75 -30.03
C LEU B 608 -1.90 23.53 -29.58
N THR B 609 -0.77 22.85 -29.46
CA THR B 609 0.47 23.51 -29.05
C THR B 609 1.09 24.29 -30.20
N CYS B 610 0.60 24.06 -31.41
CA CYS B 610 1.07 24.75 -32.58
C CYS B 610 0.20 25.96 -32.90
N ASN B 611 -1.08 25.70 -33.14
CA ASN B 611 -2.06 26.71 -33.54
C ASN B 611 -1.48 27.97 -34.15
N LYS B 612 -1.67 28.12 -35.47
CA LYS B 612 -1.19 29.26 -36.26
C LYS B 612 -0.23 28.78 -37.35
N PHE B 613 0.15 27.51 -37.30
CA PHE B 613 1.05 26.94 -38.28
C PHE B 613 0.89 25.43 -38.43
N ASP B 614 0.07 25.01 -39.39
CA ASP B 614 -0.04 23.60 -39.72
C ASP B 614 1.23 23.18 -40.45
N LEU B 615 1.69 21.97 -40.20
CA LEU B 615 2.95 21.49 -40.79
C LEU B 615 2.97 19.98 -40.98
N LYS B 616 3.11 19.55 -42.23
CA LYS B 616 3.26 18.14 -42.55
C LYS B 616 4.56 17.89 -43.30
N VAL B 617 5.44 17.10 -42.71
CA VAL B 617 6.72 16.79 -43.32
C VAL B 617 6.76 15.34 -43.83
N THR B 618 7.16 15.17 -45.07
CA THR B 618 7.20 13.85 -45.69
C THR B 618 8.58 13.53 -46.25
N ILE B 619 8.98 12.27 -46.11
CA ILE B 619 10.27 11.82 -46.64
C ILE B 619 10.09 10.57 -47.50
N LYS B 620 10.39 10.71 -48.79
CA LYS B 620 10.21 9.60 -49.74
C LYS B 620 11.49 9.32 -50.52
N PRO B 621 11.68 8.06 -50.93
CA PRO B 621 12.82 7.67 -51.77
C PRO B 621 12.77 8.38 -53.12
N ALA B 622 13.86 8.29 -53.88
CA ALA B 622 13.93 8.95 -55.18
C ALA B 622 13.83 7.94 -56.33
N PRO B 623 13.27 8.38 -57.47
CA PRO B 623 13.14 7.55 -58.67
C PRO B 623 14.49 7.11 -59.20
N GLU B 624 14.83 5.84 -59.00
CA GLU B 624 16.10 5.30 -59.48
C GLU B 624 16.21 5.40 -61.00
N THR B 625 17.45 5.39 -61.50
CA THR B 625 17.70 5.48 -62.93
C THR B 625 19.14 5.10 -63.26
N ALA B 632 22.72 3.86 -56.59
CA ALA B 632 22.01 3.19 -55.50
C ALA B 632 22.42 3.76 -54.14
N LYS B 633 22.70 5.06 -54.11
CA LYS B 633 23.05 5.74 -52.87
C LYS B 633 21.88 5.68 -51.89
N ASN B 634 21.10 6.76 -51.85
CA ASN B 634 19.88 6.81 -51.05
C ASN B 634 19.07 8.07 -51.32
N THR B 635 19.74 9.07 -51.90
CA THR B 635 19.10 10.35 -52.24
C THR B 635 17.58 10.33 -52.12
N MET B 636 17.06 10.95 -51.07
CA MET B 636 15.63 10.99 -50.84
C MET B 636 15.06 12.37 -51.13
N ILE B 637 13.74 12.52 -50.95
CA ILE B 637 13.07 13.78 -51.21
C ILE B 637 12.38 14.30 -49.95
N LEU B 638 12.65 15.57 -49.62
CA LEU B 638 12.05 16.19 -48.44
C LEU B 638 11.00 17.21 -48.85
N GLU B 639 9.74 16.92 -48.54
CA GLU B 639 8.64 17.82 -48.88
C GLU B 639 8.05 18.48 -47.63
N ILE B 640 7.92 19.80 -47.68
CA ILE B 640 7.39 20.55 -46.54
C ILE B 640 6.16 21.35 -46.92
N CYS B 641 5.07 21.15 -46.17
CA CYS B 641 3.84 21.88 -46.41
C CYS B 641 3.37 22.59 -45.13
N THR B 642 2.99 23.86 -45.26
CA THR B 642 2.57 24.64 -44.11
C THR B 642 1.43 25.60 -44.45
N ARG B 643 0.69 26.00 -43.42
CA ARG B 643 -0.42 26.94 -43.59
C ARG B 643 -0.66 27.74 -42.32
N TYR B 644 -0.99 29.02 -42.48
CA TYR B 644 -1.23 29.89 -41.34
C TYR B 644 -2.69 29.84 -40.91
N ARG B 645 -2.91 29.61 -39.62
CA ARG B 645 -4.27 29.51 -39.08
C ARG B 645 -4.86 30.87 -38.73
N GLY B 646 -4.56 31.87 -39.55
CA GLY B 646 -5.07 33.20 -39.33
C GLY B 646 -5.99 33.67 -40.45
N ASP B 647 -6.53 34.88 -40.31
CA ASP B 647 -7.42 35.43 -41.31
C ASP B 647 -6.62 36.14 -42.41
N GLN B 648 -5.41 36.58 -42.06
CA GLN B 648 -4.55 37.27 -43.01
C GLN B 648 -3.35 36.40 -43.36
N ASP B 649 -2.79 36.60 -44.56
CA ASP B 649 -1.60 35.89 -44.98
C ASP B 649 -0.41 36.31 -44.11
N ALA B 650 0.04 35.41 -43.26
CA ALA B 650 1.17 35.69 -42.38
C ALA B 650 2.32 36.31 -43.15
N THR B 651 2.97 37.29 -42.54
CA THR B 651 4.05 38.02 -43.20
C THR B 651 5.29 37.16 -43.41
N MET B 652 6.45 37.73 -43.07
CA MET B 652 7.72 37.07 -43.29
C MET B 652 8.03 36.04 -42.21
N SER B 653 8.08 34.77 -42.59
CA SER B 653 8.34 33.68 -41.65
C SER B 653 9.69 33.02 -41.92
N ILE B 654 10.01 32.00 -41.12
CA ILE B 654 11.31 31.32 -41.24
C ILE B 654 11.13 29.81 -41.26
N LEU B 655 11.94 29.14 -42.08
CA LEU B 655 11.94 27.68 -42.14
C LEU B 655 13.25 27.11 -41.60
N ASP B 656 13.21 26.63 -40.36
CA ASP B 656 14.39 26.03 -39.74
C ASP B 656 14.41 24.53 -39.97
N ILE B 657 15.37 24.08 -40.78
CA ILE B 657 15.45 22.67 -41.14
C ILE B 657 16.70 22.00 -40.56
N SER B 658 16.53 20.77 -40.06
CA SER B 658 17.64 19.99 -39.55
C SER B 658 17.72 18.65 -40.26
N MET B 659 18.80 18.44 -41.00
CA MET B 659 18.98 17.22 -41.80
C MET B 659 19.16 15.98 -40.93
N MET B 660 18.97 14.82 -41.54
CA MET B 660 19.21 13.55 -40.87
C MET B 660 20.69 13.22 -40.93
N THR B 661 21.33 13.16 -39.77
CA THR B 661 22.78 12.94 -39.69
C THR B 661 23.33 12.11 -40.84
N GLY B 662 23.96 12.78 -41.80
CA GLY B 662 24.52 12.11 -42.96
C GLY B 662 23.80 12.46 -44.24
N PHE B 663 23.13 13.61 -44.25
CA PHE B 663 22.39 14.07 -45.42
C PHE B 663 22.57 15.56 -45.66
N ALA B 664 22.89 15.92 -46.90
CA ALA B 664 23.07 17.31 -47.28
C ALA B 664 22.17 17.68 -48.45
N PRO B 665 21.49 18.83 -48.35
CA PRO B 665 20.58 19.31 -49.39
C PRO B 665 21.26 19.45 -50.74
N ASP B 666 20.53 19.17 -51.82
CA ASP B 666 21.07 19.30 -53.16
C ASP B 666 21.31 20.77 -53.50
N THR B 667 22.54 21.10 -53.86
CA THR B 667 22.91 22.48 -54.16
C THR B 667 22.02 23.07 -55.25
N ASP B 668 21.87 22.34 -56.36
CA ASP B 668 21.08 22.81 -57.49
C ASP B 668 19.65 23.12 -57.09
N ASP B 669 19.06 22.27 -56.26
CA ASP B 669 17.68 22.46 -55.82
C ASP B 669 17.52 23.72 -54.98
N LEU B 670 18.54 24.04 -54.19
CA LEU B 670 18.52 25.24 -53.36
C LEU B 670 18.51 26.50 -54.21
N LYS B 671 19.28 26.48 -55.30
CA LYS B 671 19.32 27.61 -56.23
C LYS B 671 17.94 27.87 -56.82
N GLN B 672 17.22 26.80 -57.11
CA GLN B 672 15.89 26.91 -57.69
C GLN B 672 14.91 27.57 -56.73
N LEU B 673 14.88 27.10 -55.49
CA LEU B 673 14.00 27.64 -54.47
C LEU B 673 14.40 29.05 -54.08
N ALA B 674 15.67 29.37 -54.25
CA ALA B 674 16.20 30.69 -53.90
C ALA B 674 15.78 31.74 -54.93
N ASN B 675 16.00 31.45 -56.20
CA ASN B 675 15.65 32.37 -57.27
C ASN B 675 14.16 32.67 -57.31
N GLY B 676 13.36 31.72 -56.85
CA GLY B 676 11.91 31.89 -56.82
C GLY B 676 11.48 33.01 -55.89
N VAL B 677 10.47 33.76 -56.31
CA VAL B 677 9.95 34.86 -55.52
C VAL B 677 9.28 34.34 -54.24
N ASP B 678 9.17 35.22 -53.24
CA ASP B 678 8.54 34.87 -51.97
C ASP B 678 9.39 33.89 -51.15
N ARG B 679 10.55 33.53 -51.69
CA ARG B 679 11.50 32.69 -50.97
C ARG B 679 12.90 33.29 -51.03
N TYR B 680 13.69 33.04 -49.99
CA TYR B 680 15.04 33.60 -49.91
C TYR B 680 15.99 32.72 -49.11
N ILE B 681 17.18 32.49 -49.66
CA ILE B 681 18.23 31.77 -48.96
C ILE B 681 19.54 32.53 -49.08
N SER B 682 20.02 33.05 -47.95
CA SER B 682 21.22 33.88 -47.93
C SER B 682 22.40 33.22 -48.65
N LYS B 683 23.20 34.04 -49.31
CA LYS B 683 24.38 33.58 -50.02
C LYS B 683 25.29 32.78 -49.09
N TYR B 684 25.28 33.15 -47.82
CA TYR B 684 26.09 32.47 -46.81
C TYR B 684 25.73 30.99 -46.71
N GLU B 685 24.46 30.69 -46.91
CA GLU B 685 23.97 29.32 -46.80
C GLU B 685 24.22 28.53 -48.09
N LEU B 686 24.33 29.26 -49.20
CA LEU B 686 24.53 28.62 -50.50
C LEU B 686 25.86 27.86 -50.60
N ASP B 687 26.95 28.61 -50.67
CA ASP B 687 28.26 28.02 -50.88
C ASP B 687 28.84 27.37 -49.62
N LYS B 688 28.06 26.49 -49.00
CA LYS B 688 28.54 25.73 -47.85
C LYS B 688 29.08 24.38 -48.29
N ALA B 689 28.79 24.02 -49.54
CA ALA B 689 29.23 22.75 -50.11
C ALA B 689 28.56 21.57 -49.41
N PHE B 690 28.63 20.40 -50.06
CA PHE B 690 28.00 19.19 -49.54
C PHE B 690 28.60 18.82 -48.19
N SER B 691 29.81 19.32 -47.93
CA SER B 691 30.55 19.01 -46.72
C SER B 691 29.80 19.31 -45.44
N ASP B 692 29.28 20.53 -45.35
CA ASP B 692 28.74 21.04 -44.09
C ASP B 692 27.53 21.95 -44.29
N ARG B 693 26.34 21.37 -44.12
CA ARG B 693 25.11 22.15 -44.19
C ARG B 693 23.96 21.41 -43.50
N ASN B 694 24.27 20.75 -42.39
CA ASN B 694 23.28 19.97 -41.66
C ASN B 694 22.07 20.81 -41.21
N THR B 695 22.29 22.10 -41.01
CA THR B 695 21.22 23.01 -40.62
C THR B 695 20.92 24.00 -41.75
N LEU B 696 19.65 24.05 -42.15
CA LEU B 696 19.24 24.92 -43.26
C LEU B 696 18.20 25.93 -42.81
N ILE B 697 18.23 27.12 -43.41
CA ILE B 697 17.27 28.16 -43.08
C ILE B 697 16.67 28.78 -44.35
N ILE B 698 15.40 28.51 -44.58
CA ILE B 698 14.70 29.03 -45.75
C ILE B 698 13.72 30.13 -45.36
N TYR B 699 14.09 31.38 -45.61
CA TYR B 699 13.25 32.51 -45.28
C TYR B 699 12.08 32.66 -46.25
N LEU B 700 10.87 32.72 -45.71
CA LEU B 700 9.68 32.88 -46.53
C LEU B 700 9.11 34.29 -46.40
N ASP B 701 8.66 34.84 -47.51
CA ASP B 701 8.09 36.18 -47.52
C ASP B 701 6.63 36.16 -47.05
N LYS B 702 6.00 35.01 -47.17
CA LYS B 702 4.59 34.86 -46.77
C LYS B 702 4.16 33.39 -46.78
N VAL B 703 3.08 33.11 -46.06
CA VAL B 703 2.47 31.79 -46.05
C VAL B 703 0.95 31.90 -46.08
N SER B 704 0.34 31.28 -47.08
CA SER B 704 -1.11 31.36 -47.27
C SER B 704 -1.88 30.85 -46.07
N HIS B 705 -3.09 31.35 -45.89
CA HIS B 705 -3.95 30.93 -44.78
C HIS B 705 -5.12 30.10 -45.29
N SER B 706 -5.32 30.11 -46.60
CA SER B 706 -6.39 29.33 -47.22
C SER B 706 -5.93 27.91 -47.49
N GLU B 707 -4.96 27.76 -48.40
CA GLU B 707 -4.39 26.46 -48.72
C GLU B 707 -2.96 26.33 -48.20
N ASP B 708 -2.29 25.25 -48.58
CA ASP B 708 -0.95 24.97 -48.09
C ASP B 708 0.13 25.33 -49.10
N ASP B 709 1.13 26.09 -48.66
CA ASP B 709 2.29 26.40 -49.48
C ASP B 709 3.36 25.33 -49.30
N CYS B 710 3.53 24.50 -50.33
CA CYS B 710 4.44 23.35 -50.23
C CYS B 710 5.67 23.51 -51.12
N LEU B 711 6.82 23.10 -50.59
CA LEU B 711 8.06 23.09 -51.35
C LEU B 711 8.81 21.79 -51.11
N ALA B 712 9.73 21.45 -52.00
CA ALA B 712 10.48 20.20 -51.86
C ALA B 712 11.86 20.29 -52.51
N PHE B 713 12.83 19.61 -51.91
CA PHE B 713 14.18 19.58 -52.43
C PHE B 713 14.83 18.22 -52.19
N LYS B 714 15.84 17.89 -53.01
CA LYS B 714 16.50 16.60 -52.92
C LYS B 714 17.62 16.60 -51.88
N VAL B 715 17.83 15.45 -51.26
CA VAL B 715 18.89 15.28 -50.28
C VAL B 715 19.65 13.98 -50.54
N HIS B 716 20.98 14.03 -50.42
CA HIS B 716 21.81 12.86 -50.68
C HIS B 716 22.53 12.40 -49.42
N GLN B 717 22.87 11.11 -49.36
CA GLN B 717 23.61 10.56 -48.23
C GLN B 717 25.10 10.49 -48.55
N TYR B 718 25.90 11.14 -47.71
CA TYR B 718 27.34 11.18 -47.91
C TYR B 718 28.06 10.57 -46.71
N PHE B 719 27.29 10.25 -45.67
CA PHE B 719 27.87 9.82 -44.42
C PHE B 719 27.13 8.60 -43.85
N ASN B 720 27.56 7.41 -44.26
CA ASN B 720 26.92 6.17 -43.82
C ASN B 720 27.07 5.89 -42.33
N VAL B 721 25.96 5.53 -41.70
CA VAL B 721 25.92 5.27 -40.27
C VAL B 721 24.65 4.47 -39.95
N GLU B 722 24.76 3.50 -39.05
CA GLU B 722 23.57 2.78 -38.59
C GLU B 722 22.87 3.59 -37.52
N LEU B 723 21.54 3.55 -37.51
CA LEU B 723 20.75 4.37 -36.60
C LEU B 723 20.98 5.85 -36.88
N ILE B 724 20.19 6.40 -37.81
CA ILE B 724 20.29 7.83 -38.13
C ILE B 724 19.33 8.65 -37.28
N GLN B 725 19.70 9.90 -37.02
CA GLN B 725 18.90 10.77 -36.17
C GLN B 725 17.80 11.45 -36.97
N PRO B 726 16.55 11.35 -36.48
CA PRO B 726 15.38 11.95 -37.13
C PRO B 726 15.54 13.45 -37.33
N GLY B 727 15.21 13.93 -38.53
CA GLY B 727 15.29 15.35 -38.83
C GLY B 727 14.16 16.13 -38.20
N ALA B 728 14.12 17.43 -38.46
CA ALA B 728 13.09 18.30 -37.90
C ALA B 728 12.95 19.61 -38.69
N VAL B 729 11.71 20.09 -38.79
CA VAL B 729 11.43 21.34 -39.47
C VAL B 729 10.58 22.24 -38.58
N LYS B 730 11.01 23.49 -38.41
CA LYS B 730 10.31 24.43 -37.55
C LYS B 730 9.81 25.65 -38.32
N VAL B 731 8.58 26.05 -38.04
CA VAL B 731 7.99 27.22 -38.69
C VAL B 731 7.51 28.23 -37.66
N TYR B 732 7.71 29.52 -37.94
CA TYR B 732 7.30 30.58 -37.03
C TYR B 732 7.46 31.95 -37.66
N ALA B 733 6.70 32.92 -37.16
CA ALA B 733 6.81 34.29 -37.64
C ALA B 733 8.04 34.97 -37.05
N TYR B 734 8.48 36.05 -37.69
CA TYR B 734 9.68 36.75 -37.25
C TYR B 734 9.44 37.56 -35.98
N TYR B 735 8.18 37.88 -35.72
CA TYR B 735 7.82 38.72 -34.59
C TYR B 735 7.43 37.90 -33.36
N ASN B 736 7.22 36.61 -33.54
CA ASN B 736 6.80 35.74 -32.45
C ASN B 736 7.43 34.35 -32.54
N LEU B 737 8.17 33.97 -31.51
CA LEU B 737 8.83 32.67 -31.48
C LEU B 737 8.01 31.63 -30.73
N GLU B 738 7.23 32.09 -29.75
CA GLU B 738 6.39 31.20 -28.96
C GLU B 738 5.42 30.39 -29.83
N GLU B 739 4.70 31.08 -30.71
CA GLU B 739 3.72 30.43 -31.57
C GLU B 739 4.39 29.73 -32.75
N SER B 740 5.14 28.68 -32.46
CA SER B 740 5.83 27.93 -33.49
C SER B 740 5.39 26.47 -33.51
N CYS B 741 5.55 25.82 -34.67
CA CYS B 741 5.19 24.41 -34.80
C CYS B 741 6.35 23.62 -35.41
N THR B 742 6.63 22.46 -34.84
CA THR B 742 7.77 21.66 -35.28
C THR B 742 7.40 20.21 -35.56
N ARG B 743 7.73 19.75 -36.76
CA ARG B 743 7.50 18.35 -37.14
C ARG B 743 8.83 17.65 -37.41
N PHE B 744 8.83 16.32 -37.27
CA PHE B 744 10.02 15.52 -37.52
C PHE B 744 9.78 14.58 -38.69
N TYR B 745 10.86 13.95 -39.16
CA TYR B 745 10.75 13.00 -40.27
C TYR B 745 11.83 11.93 -40.22
N HIS B 746 11.43 10.68 -40.42
CA HIS B 746 12.36 9.56 -40.42
C HIS B 746 11.93 8.52 -41.45
N PRO B 747 12.90 7.99 -42.21
CA PRO B 747 12.64 7.01 -43.27
C PRO B 747 11.91 5.76 -42.76
N GLU B 748 11.94 5.53 -41.46
CA GLU B 748 11.31 4.36 -40.88
C GLU B 748 10.25 4.73 -39.84
N LYS B 749 10.71 5.30 -38.72
CA LYS B 749 9.83 5.66 -37.62
C LYS B 749 8.63 6.49 -38.07
N GLU B 750 7.55 6.43 -37.29
CA GLU B 750 6.29 7.09 -37.63
C GLU B 750 6.48 8.45 -38.29
N ASP B 751 6.69 9.48 -37.47
CA ASP B 751 6.87 10.83 -37.97
C ASP B 751 8.00 11.54 -37.25
N GLY B 752 9.12 10.84 -37.08
CA GLY B 752 10.26 11.38 -36.36
C GLY B 752 10.20 11.04 -34.88
N LYS B 753 8.98 11.00 -34.34
CA LYS B 753 8.79 10.60 -32.96
C LYS B 753 9.47 9.25 -32.69
N LEU B 754 10.39 9.23 -31.74
CA LEU B 754 11.16 8.03 -31.41
C LEU B 754 10.26 6.86 -30.93
N ASN B 755 10.88 5.74 -30.50
CA ASN B 755 10.16 4.57 -29.96
C ASN B 755 10.15 4.55 -28.43
N LYS B 756 8.95 4.59 -27.84
CA LYS B 756 8.82 4.67 -26.39
C LYS B 756 7.58 3.95 -25.88
N LEU B 757 7.75 3.22 -24.79
CA LEU B 757 6.63 2.55 -24.13
C LEU B 757 6.09 3.42 -23.01
N CYS B 758 4.79 3.67 -23.04
CA CYS B 758 4.16 4.56 -22.07
C CYS B 758 2.82 4.04 -21.57
N ARG B 759 2.58 4.19 -20.27
CA ARG B 759 1.31 3.84 -19.66
C ARG B 759 0.84 4.99 -18.77
N ASP B 760 -0.34 5.52 -19.04
CA ASP B 760 -0.86 6.67 -18.32
C ASP B 760 0.04 7.89 -18.52
N GLU B 761 0.89 8.16 -17.54
CA GLU B 761 1.84 9.26 -17.63
C GLU B 761 3.26 8.79 -17.33
N LEU B 762 3.50 7.50 -17.51
CA LEU B 762 4.80 6.91 -17.22
C LEU B 762 5.41 6.31 -18.48
N CYS B 763 6.29 7.06 -19.13
CA CYS B 763 6.91 6.62 -20.38
C CYS B 763 8.41 6.41 -20.23
N ARG B 764 8.97 5.54 -21.07
CA ARG B 764 10.40 5.25 -21.02
C ARG B 764 10.99 5.21 -22.42
N CYS B 765 12.32 5.27 -22.49
CA CYS B 765 13.02 5.24 -23.77
C CYS B 765 13.07 3.82 -24.34
N ALA B 766 12.00 3.43 -25.03
CA ALA B 766 11.92 2.10 -25.62
C ALA B 766 12.77 1.99 -26.87
N GLU B 767 13.57 3.02 -27.14
CA GLU B 767 14.50 2.99 -28.27
C GLU B 767 15.61 1.98 -28.00
N GLU B 768 15.28 0.70 -28.19
CA GLU B 768 16.22 -0.38 -27.94
C GLU B 768 15.80 -1.62 -28.72
N ASN B 769 16.48 -2.73 -28.47
CA ASN B 769 16.20 -3.98 -29.17
C ASN B 769 15.28 -4.91 -28.39
N CYS B 770 14.99 -6.07 -28.96
CA CYS B 770 14.13 -7.06 -28.31
C CYS B 770 14.98 -8.07 -27.54
N PHE B 771 14.35 -9.16 -27.11
CA PHE B 771 15.05 -10.19 -26.36
C PHE B 771 14.43 -11.56 -26.56
N ILE B 772 15.26 -12.53 -26.96
CA ILE B 772 14.81 -13.89 -27.18
C ILE B 772 15.98 -14.80 -27.54
N SER B 775 17.76 -21.44 -30.73
CA SER B 775 17.41 -22.85 -30.80
C SER B 775 18.23 -23.67 -29.79
N ASP B 776 18.14 -23.28 -28.53
CA ASP B 776 18.86 -23.95 -27.43
C ASP B 776 20.16 -24.59 -27.89
N ASP B 777 21.20 -23.76 -28.02
CA ASP B 777 22.50 -24.24 -28.46
C ASP B 777 23.08 -25.25 -27.48
N LYS B 778 23.99 -24.78 -26.61
CA LYS B 778 24.59 -25.66 -25.61
C LYS B 778 24.61 -24.98 -24.25
N VAL B 779 23.44 -24.65 -23.72
CA VAL B 779 23.36 -24.04 -22.39
C VAL B 779 23.83 -25.05 -21.34
N THR B 780 24.96 -24.75 -20.71
CA THR B 780 25.53 -25.65 -19.71
C THR B 780 25.55 -25.01 -18.33
N LEU B 781 26.15 -25.71 -17.37
CA LEU B 781 26.23 -25.21 -16.01
C LEU B 781 27.23 -24.07 -15.94
N GLU B 782 28.21 -24.07 -16.84
CA GLU B 782 29.25 -23.05 -16.87
C GLU B 782 28.81 -21.81 -17.66
N GLU B 783 27.98 -22.02 -18.68
CA GLU B 783 27.50 -20.93 -19.50
C GLU B 783 26.59 -19.99 -18.71
N ARG B 784 25.96 -20.53 -17.68
CA ARG B 784 25.05 -19.76 -16.84
C ARG B 784 25.79 -19.04 -15.72
N LEU B 785 26.72 -19.76 -15.08
CA LEU B 785 27.48 -19.20 -13.97
C LEU B 785 28.28 -17.97 -14.38
N ASP B 786 28.57 -17.86 -15.69
CA ASP B 786 29.32 -16.72 -16.21
C ASP B 786 28.40 -15.56 -16.56
N LYS B 787 27.27 -15.87 -17.20
CA LYS B 787 26.31 -14.84 -17.60
C LYS B 787 25.42 -14.41 -16.44
N ALA B 788 25.53 -15.11 -15.31
CA ALA B 788 24.75 -14.78 -14.12
C ALA B 788 25.64 -14.13 -13.07
N CYS B 789 26.87 -13.83 -13.45
CA CYS B 789 27.81 -13.14 -12.57
C CYS B 789 28.42 -11.93 -13.28
N GLU B 790 27.79 -11.53 -14.37
CA GLU B 790 28.24 -10.37 -15.14
C GLU B 790 27.96 -9.07 -14.39
N PRO B 791 28.51 -7.95 -14.88
CA PRO B 791 28.33 -6.64 -14.24
C PRO B 791 26.86 -6.32 -13.93
N GLY B 792 26.08 -6.09 -14.97
CA GLY B 792 24.70 -5.67 -14.81
C GLY B 792 23.83 -6.62 -14.00
N VAL B 793 24.27 -7.87 -13.88
CA VAL B 793 23.52 -8.88 -13.14
C VAL B 793 23.13 -8.37 -11.75
N ASP B 794 21.83 -8.18 -11.54
CA ASP B 794 21.34 -7.62 -10.29
C ASP B 794 20.41 -8.59 -9.54
N TYR B 795 19.45 -9.16 -10.25
CA TYR B 795 18.45 -10.02 -9.64
C TYR B 795 18.37 -11.38 -10.30
N VAL B 796 18.16 -12.43 -9.49
CA VAL B 796 17.99 -13.78 -10.01
C VAL B 796 16.93 -14.51 -9.19
N TYR B 797 15.82 -14.86 -9.82
CA TYR B 797 14.72 -15.50 -9.12
C TYR B 797 14.18 -16.73 -9.86
N LYS B 798 13.55 -17.62 -9.11
CA LYS B 798 12.81 -18.74 -9.67
C LYS B 798 11.32 -18.47 -9.48
N THR B 799 10.71 -17.82 -10.47
CA THR B 799 9.33 -17.34 -10.32
C THR B 799 8.30 -18.25 -10.97
N ARG B 800 7.05 -18.05 -10.61
CA ARG B 800 5.92 -18.76 -11.21
C ARG B 800 4.88 -17.76 -11.70
N LEU B 801 4.64 -17.76 -13.00
CA LEU B 801 3.68 -16.83 -13.58
C LEU B 801 2.26 -17.13 -13.11
N VAL B 802 1.66 -16.15 -12.45
CA VAL B 802 0.32 -16.33 -11.89
C VAL B 802 -0.77 -15.79 -12.82
N LYS B 803 -0.59 -14.56 -13.28
CA LYS B 803 -1.57 -13.91 -14.14
C LYS B 803 -0.94 -13.31 -15.40
N VAL B 804 -1.66 -13.37 -16.50
CA VAL B 804 -1.17 -12.85 -17.78
C VAL B 804 -2.14 -11.85 -18.39
N GLN B 805 -1.81 -10.56 -18.30
CA GLN B 805 -2.61 -9.52 -18.95
C GLN B 805 -1.92 -9.04 -20.21
N LEU B 806 -2.69 -8.46 -21.12
CA LEU B 806 -2.17 -8.05 -22.41
C LEU B 806 -2.92 -6.84 -22.96
N SER B 807 -2.18 -5.79 -23.29
CA SER B 807 -2.78 -4.56 -23.79
C SER B 807 -2.45 -4.33 -25.27
N ASN B 808 -2.94 -3.22 -25.81
CA ASN B 808 -2.74 -2.89 -27.21
C ASN B 808 -1.42 -2.16 -27.44
N ASP B 809 -0.72 -1.84 -26.35
CA ASP B 809 0.55 -1.11 -26.46
C ASP B 809 1.69 -1.80 -25.71
N PHE B 810 1.39 -2.89 -25.01
CA PHE B 810 2.39 -3.69 -24.31
C PHE B 810 1.76 -4.75 -23.42
N ASP B 811 2.42 -5.89 -23.28
CA ASP B 811 1.94 -6.96 -22.42
C ASP B 811 2.66 -6.96 -21.08
N GLU B 812 2.25 -7.86 -20.19
CA GLU B 812 2.84 -7.94 -18.86
C GLU B 812 2.59 -9.30 -18.21
N TYR B 813 3.34 -9.59 -17.15
CA TYR B 813 3.24 -10.88 -16.48
C TYR B 813 3.42 -10.74 -14.98
N ILE B 814 2.35 -11.03 -14.24
CA ILE B 814 2.40 -11.00 -12.78
C ILE B 814 2.96 -12.31 -12.24
N MET B 815 4.27 -12.36 -12.01
CA MET B 815 4.92 -13.57 -11.55
C MET B 815 5.30 -13.49 -10.07
N ALA B 816 5.13 -14.60 -9.36
CA ALA B 816 5.46 -14.66 -7.94
C ALA B 816 6.79 -15.36 -7.71
N ILE B 817 7.67 -14.72 -6.95
CA ILE B 817 8.98 -15.27 -6.66
C ILE B 817 8.89 -16.40 -5.64
N GLU B 818 9.38 -17.57 -6.02
CA GLU B 818 9.37 -18.74 -5.12
C GLU B 818 10.67 -18.85 -4.34
N GLN B 819 11.68 -18.11 -4.79
CA GLN B 819 12.97 -18.07 -4.08
C GLN B 819 13.86 -16.98 -4.66
N THR B 820 14.61 -16.31 -3.78
CA THR B 820 15.52 -15.26 -4.21
C THR B 820 16.95 -15.76 -4.28
N ILE B 821 17.34 -16.24 -5.47
CA ILE B 821 18.69 -16.74 -5.68
C ILE B 821 19.73 -15.65 -5.42
N LYS B 822 19.41 -14.43 -5.84
CA LYS B 822 20.28 -13.29 -5.64
C LYS B 822 19.48 -12.00 -5.46
N SER B 823 19.44 -11.51 -4.23
CA SER B 823 18.71 -10.28 -3.94
C SER B 823 19.36 -9.07 -4.61
N GLY B 824 18.54 -8.21 -5.19
CA GLY B 824 19.04 -7.02 -5.87
C GLY B 824 18.69 -5.75 -5.12
N SER B 825 18.49 -4.67 -5.86
CA SER B 825 18.14 -3.38 -5.27
C SER B 825 16.69 -3.38 -4.79
N ASP B 826 15.96 -4.44 -5.15
CA ASP B 826 14.56 -4.57 -4.78
C ASP B 826 14.38 -5.51 -3.60
N GLU B 827 14.01 -4.95 -2.45
CA GLU B 827 13.78 -5.74 -1.25
C GLU B 827 12.48 -6.53 -1.36
N VAL B 828 12.57 -7.77 -1.82
CA VAL B 828 11.40 -8.61 -2.01
C VAL B 828 11.53 -9.96 -1.31
N GLN B 829 10.55 -10.30 -0.49
CA GLN B 829 10.53 -11.58 0.20
C GLN B 829 9.90 -12.66 -0.68
N VAL B 830 10.20 -13.92 -0.35
CA VAL B 830 9.67 -15.05 -1.09
C VAL B 830 8.16 -15.17 -0.93
N GLY B 831 7.44 -15.05 -2.05
CA GLY B 831 5.99 -15.14 -2.03
C GLY B 831 5.32 -13.97 -2.70
N GLN B 832 5.90 -12.79 -2.53
CA GLN B 832 5.34 -11.57 -3.12
C GLN B 832 5.38 -11.63 -4.64
N GLN B 833 4.61 -10.74 -5.28
CA GLN B 833 4.53 -10.72 -6.73
C GLN B 833 5.16 -9.46 -7.33
N ARG B 834 6.06 -9.66 -8.29
CA ARG B 834 6.71 -8.56 -8.97
C ARG B 834 6.27 -8.53 -10.44
N THR B 835 5.77 -7.38 -10.87
CA THR B 835 5.24 -7.25 -12.24
C THR B 835 6.35 -7.14 -13.28
N PHE B 836 6.23 -7.91 -14.35
CA PHE B 836 7.16 -7.85 -15.48
C PHE B 836 6.47 -7.27 -16.70
N ILE B 837 7.20 -6.49 -17.49
CA ILE B 837 6.62 -5.83 -18.66
C ILE B 837 7.44 -6.09 -19.91
N SER B 838 6.75 -6.29 -21.03
CA SER B 838 7.40 -6.54 -22.31
C SER B 838 6.57 -5.99 -23.47
N PRO B 839 7.24 -5.59 -24.56
CA PRO B 839 6.56 -5.08 -25.75
C PRO B 839 5.58 -6.11 -26.32
N ILE B 840 4.62 -5.64 -27.13
CA ILE B 840 3.62 -6.51 -27.71
C ILE B 840 4.22 -7.36 -28.84
N LYS B 841 5.38 -6.94 -29.33
CA LYS B 841 6.03 -7.65 -30.42
C LYS B 841 6.81 -8.86 -29.91
N CYS B 842 7.04 -8.92 -28.61
CA CYS B 842 7.79 -10.01 -28.00
C CYS B 842 6.87 -11.11 -27.47
N ARG B 843 5.65 -11.17 -27.99
CA ARG B 843 4.72 -12.22 -27.60
C ARG B 843 5.14 -13.55 -28.20
N GLU B 844 6.07 -13.50 -29.14
CA GLU B 844 6.58 -14.71 -29.79
C GLU B 844 7.91 -15.13 -29.19
N ALA B 845 8.51 -14.25 -28.40
CA ALA B 845 9.76 -14.56 -27.72
C ALA B 845 9.56 -15.78 -26.81
N LEU B 846 9.03 -15.54 -25.61
CA LEU B 846 8.71 -16.62 -24.69
C LEU B 846 7.25 -16.57 -24.26
N LYS B 847 6.44 -17.46 -24.83
CA LYS B 847 5.03 -17.56 -24.48
C LYS B 847 4.90 -17.95 -23.00
N LEU B 848 4.95 -16.96 -22.13
CA LEU B 848 4.87 -17.22 -20.70
C LEU B 848 3.49 -17.72 -20.32
N GLU B 849 3.34 -19.04 -20.29
CA GLU B 849 2.07 -19.67 -19.94
C GLU B 849 1.81 -19.48 -18.45
N GLU B 850 0.65 -19.90 -17.98
CA GLU B 850 0.28 -19.71 -16.57
C GLU B 850 0.63 -20.91 -15.70
N LYS B 851 1.05 -20.62 -14.48
CA LYS B 851 1.40 -21.65 -13.50
C LYS B 851 2.66 -22.43 -13.88
N LYS B 852 3.53 -21.79 -14.65
CA LYS B 852 4.80 -22.39 -15.04
C LYS B 852 5.98 -21.65 -14.41
N HIS B 853 7.05 -22.38 -14.11
CA HIS B 853 8.22 -21.79 -13.47
C HIS B 853 9.25 -21.32 -14.50
N TYR B 854 10.00 -20.29 -14.15
CA TYR B 854 11.01 -19.74 -15.04
C TYR B 854 12.19 -19.16 -14.26
N LEU B 855 13.40 -19.39 -14.77
CA LEU B 855 14.60 -18.81 -14.20
C LEU B 855 14.96 -17.53 -14.97
N MET B 856 15.03 -16.41 -14.26
CA MET B 856 15.27 -15.12 -14.91
C MET B 856 16.27 -14.24 -14.17
N TRP B 857 16.99 -13.43 -14.94
CA TRP B 857 17.90 -12.43 -14.37
C TRP B 857 18.13 -11.30 -15.37
N GLY B 858 18.19 -10.07 -14.86
CA GLY B 858 18.38 -8.91 -15.71
C GLY B 858 19.26 -7.85 -15.06
N LEU B 859 19.23 -6.65 -15.62
CA LEU B 859 20.05 -5.55 -15.10
C LEU B 859 19.21 -4.63 -14.23
N SER B 860 19.89 -3.77 -13.46
CA SER B 860 19.22 -2.81 -12.60
C SER B 860 18.64 -1.66 -13.41
N SER B 861 19.11 -1.52 -14.65
CA SER B 861 18.62 -0.48 -15.54
C SER B 861 17.27 -0.87 -16.14
N ASP B 862 16.76 -2.02 -15.72
CA ASP B 862 15.47 -2.52 -16.23
C ASP B 862 14.34 -2.25 -15.24
N PHE B 863 14.68 -1.67 -14.09
CA PHE B 863 13.67 -1.31 -13.10
C PHE B 863 12.78 -0.20 -13.63
N TRP B 864 11.52 -0.21 -13.21
CA TRP B 864 10.54 0.74 -13.72
C TRP B 864 9.59 1.22 -12.63
N GLY B 865 9.63 2.52 -12.33
CA GLY B 865 8.78 3.10 -11.31
C GLY B 865 9.56 3.55 -10.10
N GLU B 866 8.86 3.75 -8.98
CA GLU B 866 9.50 4.17 -7.74
C GLU B 866 9.17 3.20 -6.60
N LYS B 867 10.16 2.91 -5.77
CA LYS B 867 9.99 2.00 -4.65
C LYS B 867 8.91 2.50 -3.70
N PRO B 868 8.19 1.56 -3.06
CA PRO B 868 8.35 0.11 -3.25
C PRO B 868 7.63 -0.39 -4.49
N ASN B 869 6.85 0.49 -5.11
CA ASN B 869 6.08 0.12 -6.30
C ASN B 869 6.92 0.12 -7.57
N LEU B 870 7.75 -0.89 -7.72
CA LEU B 870 8.61 -1.01 -8.90
C LEU B 870 8.02 -1.99 -9.92
N SER B 871 8.69 -2.12 -11.06
CA SER B 871 8.25 -3.02 -12.12
C SER B 871 9.43 -3.45 -12.99
N TYR B 872 9.56 -4.75 -13.20
CA TYR B 872 10.65 -5.28 -14.01
C TYR B 872 10.37 -5.15 -15.50
N ILE B 873 11.43 -5.07 -16.29
CA ILE B 873 11.30 -4.97 -17.74
C ILE B 873 12.09 -6.07 -18.45
N ILE B 874 11.38 -6.88 -19.23
CA ILE B 874 12.01 -7.95 -19.99
C ILE B 874 12.73 -7.39 -21.20
N GLY B 875 13.96 -6.92 -20.98
CA GLY B 875 14.74 -6.31 -22.04
C GLY B 875 15.75 -7.26 -22.65
N LYS B 876 16.58 -6.72 -23.54
CA LYS B 876 17.57 -7.51 -24.26
C LYS B 876 18.49 -8.30 -23.32
N ASP B 877 18.74 -7.73 -22.14
CA ASP B 877 19.65 -8.35 -21.18
C ASP B 877 18.90 -9.19 -20.16
N THR B 878 17.63 -9.47 -20.44
CA THR B 878 16.81 -10.30 -19.57
C THR B 878 16.86 -11.76 -20.00
N TRP B 879 17.27 -12.63 -19.09
CA TRP B 879 17.38 -14.05 -19.39
C TRP B 879 16.11 -14.81 -18.99
N VAL B 880 15.38 -15.29 -19.99
CA VAL B 880 14.15 -16.04 -19.74
C VAL B 880 14.31 -17.50 -20.12
N GLU B 881 14.22 -18.39 -19.13
CA GLU B 881 14.36 -19.82 -19.37
C GLU B 881 13.22 -20.59 -18.71
N HIS B 882 12.76 -21.64 -19.39
CA HIS B 882 11.66 -22.46 -18.88
C HIS B 882 12.15 -23.45 -17.84
N TRP B 883 11.55 -23.40 -16.65
CA TRP B 883 11.91 -24.31 -15.57
C TRP B 883 10.90 -25.46 -15.49
N PRO B 884 11.36 -26.68 -15.82
CA PRO B 884 10.51 -27.88 -15.80
C PRO B 884 9.83 -28.08 -14.45
N GLU B 885 8.67 -28.73 -14.46
CA GLU B 885 7.93 -28.98 -13.22
C GLU B 885 8.57 -30.11 -12.41
N GLU B 886 7.99 -30.42 -11.27
CA GLU B 886 8.50 -31.48 -10.40
C GLU B 886 8.42 -32.84 -11.07
N ASP B 887 7.27 -33.14 -11.67
CA ASP B 887 7.06 -34.44 -12.31
C ASP B 887 7.40 -34.41 -13.79
N GLU B 888 8.15 -33.41 -14.21
CA GLU B 888 8.57 -33.29 -15.60
C GLU B 888 10.04 -33.63 -15.78
N CYS B 889 10.81 -33.52 -14.69
CA CYS B 889 12.23 -33.86 -14.73
C CYS B 889 12.41 -35.36 -14.86
N GLN B 890 11.31 -36.09 -14.75
CA GLN B 890 11.35 -37.55 -14.89
C GLN B 890 11.52 -37.94 -16.35
N ASP B 891 11.05 -37.08 -17.24
CA ASP B 891 11.18 -37.30 -18.68
C ASP B 891 12.65 -37.40 -19.05
N GLU B 892 12.99 -38.42 -19.83
CA GLU B 892 14.38 -38.68 -20.21
C GLU B 892 14.90 -37.69 -21.25
N GLU B 893 14.21 -36.56 -21.40
CA GLU B 893 14.62 -35.52 -22.34
C GLU B 893 14.78 -34.18 -21.65
N ASN B 894 14.22 -34.06 -20.46
CA ASN B 894 14.30 -32.83 -19.68
C ASN B 894 15.28 -32.96 -18.51
N GLN B 895 15.91 -34.12 -18.40
CA GLN B 895 16.84 -34.40 -17.31
C GLN B 895 18.09 -33.53 -17.41
N LYS B 896 18.60 -33.37 -18.62
CA LYS B 896 19.82 -32.60 -18.85
C LYS B 896 19.68 -31.16 -18.36
N GLN B 897 18.45 -30.67 -18.33
CA GLN B 897 18.18 -29.30 -17.91
C GLN B 897 17.85 -29.22 -16.41
N CYS B 898 17.21 -30.27 -15.90
CA CYS B 898 16.85 -30.32 -14.49
C CYS B 898 18.07 -30.40 -13.59
N GLN B 899 19.11 -31.10 -14.05
CA GLN B 899 20.33 -31.24 -13.29
C GLN B 899 21.15 -29.96 -13.33
N ASP B 900 21.13 -29.28 -14.47
CA ASP B 900 21.86 -28.03 -14.63
C ASP B 900 21.23 -26.91 -13.80
N LEU B 901 19.90 -26.82 -13.85
CA LEU B 901 19.17 -25.82 -13.08
C LEU B 901 19.32 -26.07 -11.58
N GLY B 902 19.21 -27.35 -11.19
CA GLY B 902 19.33 -27.73 -9.80
C GLY B 902 20.71 -27.43 -9.24
N ALA B 903 21.74 -27.72 -10.03
CA ALA B 903 23.12 -27.48 -9.62
C ALA B 903 23.43 -25.98 -9.63
N PHE B 904 22.84 -25.27 -10.59
CA PHE B 904 23.02 -23.82 -10.69
C PHE B 904 22.43 -23.13 -9.46
N THR B 905 21.41 -23.75 -8.88
CA THR B 905 20.76 -23.20 -7.70
C THR B 905 21.69 -23.23 -6.49
N GLU B 906 22.19 -24.41 -6.17
CA GLU B 906 23.08 -24.59 -5.01
C GLU B 906 24.40 -23.84 -5.21
N SER B 907 24.83 -23.72 -6.46
CA SER B 907 26.09 -23.06 -6.79
C SER B 907 25.97 -21.54 -6.66
N MET B 908 24.76 -21.06 -6.36
CA MET B 908 24.52 -19.63 -6.25
C MET B 908 24.16 -19.22 -4.82
N VAL B 909 23.31 -20.01 -4.17
CA VAL B 909 22.84 -19.69 -2.83
C VAL B 909 23.98 -19.62 -1.81
N VAL B 910 24.84 -20.62 -1.81
CA VAL B 910 25.91 -20.71 -0.81
C VAL B 910 27.26 -20.24 -1.34
N PHE B 911 27.49 -20.40 -2.64
CA PHE B 911 28.80 -20.13 -3.21
C PHE B 911 28.92 -18.70 -3.73
N GLY B 912 28.49 -18.46 -4.96
CA GLY B 912 28.52 -17.13 -5.53
C GLY B 912 29.32 -17.03 -6.81
N CYS B 913 29.43 -15.82 -7.34
CA CYS B 913 30.14 -15.59 -8.59
C CYS B 913 31.65 -15.69 -8.42
N PRO B 914 32.34 -16.18 -9.47
CA PRO B 914 33.78 -16.45 -9.48
C PRO B 914 34.66 -15.21 -9.60
N ASN B 915 34.12 -14.01 -9.42
CA ASN B 915 34.92 -12.81 -9.61
C ASN B 915 35.16 -12.04 -8.32
N SER C 1 -25.82 -104.41 -13.07
CA SER C 1 -26.86 -105.05 -12.27
C SER C 1 -27.93 -104.04 -11.84
N PRO C 2 -28.91 -103.80 -12.71
CA PRO C 2 -30.02 -102.87 -12.44
C PRO C 2 -30.74 -103.20 -11.14
N MET C 3 -30.69 -102.26 -10.19
CA MET C 3 -31.29 -102.46 -8.88
C MET C 3 -32.53 -101.57 -8.73
N TYR C 4 -33.70 -102.19 -8.63
CA TYR C 4 -34.95 -101.45 -8.52
C TYR C 4 -35.45 -101.44 -7.07
N SER C 5 -35.34 -100.28 -6.43
CA SER C 5 -35.75 -100.14 -5.03
C SER C 5 -37.05 -99.36 -4.92
N ILE C 6 -37.69 -99.46 -3.75
CA ILE C 6 -38.94 -98.75 -3.50
C ILE C 6 -39.05 -98.35 -2.03
N ILE C 7 -39.56 -97.15 -1.79
CA ILE C 7 -39.70 -96.64 -0.42
C ILE C 7 -41.08 -96.04 -0.17
N THR C 8 -41.74 -96.53 0.88
CA THR C 8 -43.04 -96.01 1.27
C THR C 8 -43.10 -95.81 2.78
N PRO C 9 -43.99 -94.93 3.25
CA PRO C 9 -44.15 -94.69 4.69
C PRO C 9 -44.30 -95.99 5.45
N ASN C 10 -43.71 -96.07 6.64
CA ASN C 10 -43.76 -97.28 7.46
C ASN C 10 -45.19 -97.73 7.72
N ILE C 11 -46.10 -96.77 7.81
CA ILE C 11 -47.51 -97.04 8.02
C ILE C 11 -48.38 -96.19 7.09
N LEU C 12 -49.16 -96.85 6.25
CA LEU C 12 -50.05 -96.15 5.32
C LEU C 12 -51.33 -95.71 6.02
N ARG C 13 -52.05 -94.78 5.39
CA ARG C 13 -53.28 -94.25 5.95
C ARG C 13 -54.42 -94.26 4.95
N LEU C 14 -55.65 -94.34 5.45
CA LEU C 14 -56.82 -94.40 4.60
C LEU C 14 -57.36 -93.01 4.26
N GLU C 15 -57.92 -92.88 3.06
CA GLU C 15 -58.49 -91.62 2.61
C GLU C 15 -57.49 -90.47 2.70
N SER C 16 -56.24 -90.76 2.34
CA SER C 16 -55.19 -89.76 2.34
C SER C 16 -54.12 -90.09 1.29
N GLU C 17 -53.47 -89.06 0.77
CA GLU C 17 -52.45 -89.25 -0.26
C GLU C 17 -51.09 -89.57 0.34
N GLU C 18 -50.64 -90.80 0.13
CA GLU C 18 -49.32 -91.23 0.59
C GLU C 18 -48.36 -91.35 -0.59
N THR C 19 -47.19 -90.73 -0.45
CA THR C 19 -46.20 -90.72 -1.51
C THR C 19 -45.49 -92.07 -1.63
N MET C 20 -44.85 -92.31 -2.77
CA MET C 20 -44.15 -93.56 -3.02
C MET C 20 -42.97 -93.33 -3.97
N VAL C 21 -41.76 -93.37 -3.42
CA VAL C 21 -40.55 -93.05 -4.17
C VAL C 21 -40.03 -94.25 -4.98
N LEU C 22 -40.19 -94.19 -6.29
CA LEU C 22 -39.67 -95.23 -7.18
C LEU C 22 -38.23 -94.92 -7.57
N GLU C 23 -37.47 -95.95 -7.90
CA GLU C 23 -36.06 -95.79 -8.27
C GLU C 23 -35.56 -96.90 -9.20
N ALA C 24 -34.40 -96.66 -9.79
CA ALA C 24 -33.77 -97.64 -10.68
C ALA C 24 -32.27 -97.34 -10.82
N HIS C 25 -31.45 -98.18 -10.20
CA HIS C 25 -30.00 -97.97 -10.22
C HIS C 25 -29.35 -98.75 -11.36
N ASP C 26 -28.33 -98.17 -11.96
CA ASP C 26 -27.59 -98.80 -13.05
C ASP C 26 -28.52 -99.23 -14.18
N ALA C 27 -29.55 -98.43 -14.44
CA ALA C 27 -30.52 -98.75 -15.49
C ALA C 27 -30.23 -97.95 -16.76
N GLN C 28 -30.51 -98.57 -17.90
CA GLN C 28 -30.29 -97.92 -19.20
C GLN C 28 -31.61 -97.53 -19.85
N GLY C 29 -31.63 -96.36 -20.48
CA GLY C 29 -32.81 -95.87 -21.16
C GLY C 29 -33.99 -95.69 -20.22
N ASP C 30 -35.20 -95.78 -20.78
CA ASP C 30 -36.42 -95.63 -19.99
C ASP C 30 -36.84 -96.97 -19.39
N VAL C 31 -37.86 -96.93 -18.54
CA VAL C 31 -38.38 -98.14 -17.91
C VAL C 31 -39.81 -97.95 -17.41
N PRO C 32 -40.77 -98.62 -18.08
CA PRO C 32 -42.19 -98.55 -17.73
C PRO C 32 -42.45 -99.11 -16.33
N VAL C 33 -42.89 -98.26 -15.42
CA VAL C 33 -43.18 -98.69 -14.05
C VAL C 33 -44.68 -98.67 -13.77
N THR C 34 -45.18 -99.77 -13.22
CA THR C 34 -46.60 -99.87 -12.89
C THR C 34 -46.80 -100.22 -11.41
N VAL C 35 -47.35 -99.28 -10.65
CA VAL C 35 -47.60 -99.49 -9.23
C VAL C 35 -49.03 -99.95 -8.98
N THR C 36 -49.17 -100.99 -8.16
CA THR C 36 -50.49 -101.53 -7.85
C THR C 36 -50.58 -101.89 -6.37
N VAL C 37 -51.77 -101.74 -5.80
CA VAL C 37 -52.00 -102.06 -4.40
C VAL C 37 -53.19 -102.99 -4.22
N HIS C 38 -52.98 -104.08 -3.49
CA HIS C 38 -54.05 -105.04 -3.25
C HIS C 38 -54.26 -105.25 -1.75
N ASP C 39 -55.46 -105.72 -1.37
CA ASP C 39 -55.74 -106.03 0.01
C ASP C 39 -54.99 -107.30 0.41
N PHE C 40 -54.86 -107.52 1.72
CA PHE C 40 -54.12 -108.68 2.22
C PHE C 40 -54.95 -109.48 3.22
N PRO C 41 -55.02 -110.81 3.00
CA PRO C 41 -54.44 -111.47 1.83
C PRO C 41 -55.38 -111.42 0.63
N GLY C 42 -55.06 -112.17 -0.41
CA GLY C 42 -55.90 -112.27 -1.58
C GLY C 42 -55.76 -111.09 -2.54
N LYS C 43 -56.72 -110.96 -3.45
CA LYS C 43 -56.70 -109.90 -4.45
C LYS C 43 -58.06 -109.22 -4.54
N LYS C 44 -58.10 -107.92 -4.32
CA LYS C 44 -59.34 -107.16 -4.43
C LYS C 44 -59.11 -105.87 -5.22
N LEU C 45 -57.85 -105.52 -5.39
CA LEU C 45 -57.46 -104.37 -6.21
C LEU C 45 -58.04 -103.06 -5.68
N VAL C 46 -57.48 -102.55 -4.59
CA VAL C 46 -57.92 -101.29 -4.01
C VAL C 46 -57.48 -100.11 -4.89
N LEU C 47 -56.35 -100.29 -5.57
CA LEU C 47 -55.83 -99.25 -6.45
C LEU C 47 -54.88 -99.86 -7.49
N SER C 48 -55.24 -99.73 -8.76
CA SER C 48 -54.45 -100.28 -9.84
C SER C 48 -53.78 -99.19 -10.66
N SER C 49 -54.30 -97.98 -10.55
CA SER C 49 -53.79 -96.84 -11.32
C SER C 49 -52.40 -96.43 -10.87
N GLU C 50 -51.97 -95.24 -11.30
CA GLU C 50 -50.69 -94.69 -10.93
C GLU C 50 -49.51 -95.44 -11.55
N LYS C 51 -49.22 -95.12 -12.82
CA LYS C 51 -48.06 -95.69 -13.50
C LYS C 51 -47.21 -94.56 -14.09
N THR C 52 -45.89 -94.69 -13.97
CA THR C 52 -44.97 -93.68 -14.48
C THR C 52 -43.75 -94.30 -15.13
N VAL C 53 -42.94 -93.48 -15.78
CA VAL C 53 -41.74 -93.94 -16.44
C VAL C 53 -40.50 -93.23 -15.90
N LEU C 54 -39.48 -94.00 -15.54
CA LEU C 54 -38.24 -93.44 -15.01
C LEU C 54 -37.31 -92.99 -16.13
N THR C 55 -37.23 -91.68 -16.32
CA THR C 55 -36.41 -91.11 -17.38
C THR C 55 -34.99 -90.86 -16.88
N PRO C 56 -33.98 -91.22 -17.71
CA PRO C 56 -32.57 -90.98 -17.39
C PRO C 56 -32.29 -89.51 -17.12
N ALA C 57 -33.20 -88.64 -17.53
CA ALA C 57 -33.05 -87.20 -17.31
C ALA C 57 -33.40 -86.81 -15.88
N THR C 58 -33.93 -87.78 -15.13
CA THR C 58 -34.29 -87.55 -13.73
C THR C 58 -33.57 -88.52 -12.81
N ASN C 59 -32.44 -89.04 -13.28
CA ASN C 59 -31.65 -90.00 -12.51
C ASN C 59 -32.44 -91.24 -12.13
N HIS C 60 -33.48 -91.54 -12.91
CA HIS C 60 -34.29 -92.73 -12.72
C HIS C 60 -35.02 -92.73 -11.37
N MET C 61 -35.59 -91.59 -11.00
CA MET C 61 -36.40 -91.50 -9.79
C MET C 61 -37.86 -91.22 -10.14
N GLY C 62 -38.75 -92.06 -9.62
CA GLY C 62 -40.17 -91.90 -9.88
C GLY C 62 -40.91 -91.23 -8.74
N ASN C 63 -42.18 -90.96 -8.96
CA ASN C 63 -43.01 -90.31 -7.95
C ASN C 63 -44.49 -90.57 -8.19
N VAL C 64 -45.06 -91.49 -7.41
CA VAL C 64 -46.46 -91.87 -7.58
C VAL C 64 -47.28 -91.60 -6.31
N THR C 65 -48.24 -90.69 -6.42
CA THR C 65 -49.12 -90.37 -5.31
C THR C 65 -50.43 -91.14 -5.43
N PHE C 66 -50.69 -92.01 -4.47
CA PHE C 66 -51.88 -92.85 -4.49
C PHE C 66 -52.78 -92.60 -3.29
N THR C 67 -54.01 -93.12 -3.35
CA THR C 67 -54.97 -92.96 -2.26
C THR C 67 -55.78 -94.24 -2.07
N ILE C 68 -55.80 -94.74 -0.84
CA ILE C 68 -56.52 -95.97 -0.52
C ILE C 68 -57.95 -95.67 -0.08
N PRO C 69 -58.93 -96.12 -0.87
CA PRO C 69 -60.36 -95.92 -0.59
C PRO C 69 -60.79 -96.59 0.72
N ALA C 70 -62.09 -96.56 0.99
CA ALA C 70 -62.62 -97.17 2.20
C ALA C 70 -63.14 -98.58 1.95
N ASN C 71 -64.40 -98.68 1.53
CA ASN C 71 -65.03 -99.97 1.28
C ASN C 71 -64.80 -100.95 2.44
N ARG C 72 -64.98 -100.45 3.66
CA ARG C 72 -64.77 -101.25 4.87
C ARG C 72 -65.27 -102.68 4.71
N LYS C 78 -63.22 -107.89 15.59
CA LYS C 78 -62.08 -107.11 15.14
C LYS C 78 -60.98 -107.03 16.20
N GLY C 79 -60.02 -106.14 15.97
CA GLY C 79 -58.91 -105.96 16.88
C GLY C 79 -57.57 -106.20 16.23
N ARG C 80 -57.57 -107.00 15.17
CA ARG C 80 -56.33 -107.33 14.47
C ARG C 80 -56.10 -106.41 13.27
N ASN C 81 -54.90 -105.83 13.23
CA ASN C 81 -54.53 -104.90 12.17
C ASN C 81 -54.74 -105.46 10.78
N LYS C 82 -55.03 -104.59 9.82
CA LYS C 82 -55.18 -104.99 8.43
C LYS C 82 -54.02 -104.45 7.60
N PHE C 83 -53.54 -105.25 6.65
CA PHE C 83 -52.39 -104.88 5.84
C PHE C 83 -52.72 -104.82 4.36
N VAL C 84 -51.86 -104.16 3.59
CA VAL C 84 -52.00 -104.08 2.14
C VAL C 84 -50.70 -104.50 1.46
N THR C 85 -50.80 -104.92 0.21
CA THR C 85 -49.63 -105.39 -0.53
C THR C 85 -49.29 -104.47 -1.69
N VAL C 86 -48.22 -103.68 -1.52
CA VAL C 86 -47.75 -102.80 -2.58
C VAL C 86 -46.98 -103.61 -3.61
N GLN C 87 -47.27 -103.38 -4.89
CA GLN C 87 -46.65 -104.14 -5.97
C GLN C 87 -46.16 -103.23 -7.09
N ALA C 88 -44.86 -103.01 -7.15
CA ALA C 88 -44.26 -102.16 -8.18
C ALA C 88 -43.56 -103.00 -9.24
N THR C 89 -44.06 -102.94 -10.47
CA THR C 89 -43.48 -103.70 -11.58
C THR C 89 -42.63 -102.81 -12.47
N PHE C 90 -41.32 -103.01 -12.43
CA PHE C 90 -40.39 -102.24 -13.24
C PHE C 90 -40.16 -102.90 -14.60
N GLY C 91 -41.12 -102.72 -15.51
CA GLY C 91 -41.04 -103.31 -16.83
C GLY C 91 -41.45 -104.78 -16.82
N THR C 92 -40.59 -105.61 -16.26
CA THR C 92 -40.87 -107.04 -16.15
C THR C 92 -40.59 -107.53 -14.73
N GLN C 93 -39.47 -107.07 -14.17
CA GLN C 93 -39.09 -107.42 -12.80
C GLN C 93 -40.05 -106.80 -11.81
N VAL C 94 -40.71 -107.63 -11.00
CA VAL C 94 -41.68 -107.16 -10.03
C VAL C 94 -41.12 -107.15 -8.61
N VAL C 95 -41.40 -106.09 -7.88
CA VAL C 95 -40.97 -105.96 -6.49
C VAL C 95 -42.14 -105.54 -5.61
N GLU C 96 -42.47 -106.37 -4.63
CA GLU C 96 -43.63 -106.10 -3.76
C GLU C 96 -43.28 -106.12 -2.28
N LYS C 97 -44.04 -105.39 -1.49
CA LYS C 97 -43.81 -105.29 -0.05
C LYS C 97 -45.13 -105.03 0.67
N VAL C 98 -45.30 -105.65 1.84
CA VAL C 98 -46.52 -105.48 2.62
C VAL C 98 -46.34 -104.40 3.69
N VAL C 99 -47.30 -103.49 3.77
CA VAL C 99 -47.22 -102.37 4.71
C VAL C 99 -48.46 -102.31 5.61
N LEU C 100 -48.25 -101.87 6.85
CA LEU C 100 -49.33 -101.74 7.81
C LEU C 100 -50.23 -100.55 7.46
N VAL C 101 -51.51 -100.66 7.80
CA VAL C 101 -52.48 -99.61 7.48
C VAL C 101 -53.17 -99.09 8.75
N SER C 102 -53.34 -97.77 8.81
CA SER C 102 -54.00 -97.15 9.95
C SER C 102 -55.44 -96.75 9.60
N LEU C 103 -56.34 -96.94 10.56
CA LEU C 103 -57.75 -96.60 10.36
C LEU C 103 -58.00 -95.12 10.65
N GLN C 104 -56.99 -94.45 11.20
CA GLN C 104 -57.10 -93.03 11.51
C GLN C 104 -57.20 -92.21 10.22
N SER C 105 -58.35 -91.56 10.00
CA SER C 105 -58.55 -90.76 8.80
C SER C 105 -58.07 -89.33 8.99
N GLY C 106 -58.01 -88.89 10.24
CA GLY C 106 -57.57 -87.55 10.56
C GLY C 106 -57.74 -87.22 12.03
N TYR C 107 -57.83 -85.93 12.33
CA TYR C 107 -57.98 -85.47 13.70
C TYR C 107 -59.28 -84.68 13.89
N LEU C 108 -59.72 -84.56 15.13
CA LEU C 108 -60.90 -83.78 15.46
C LEU C 108 -60.66 -82.92 16.70
N PHE C 109 -60.98 -81.63 16.58
CA PHE C 109 -60.78 -80.69 17.69
C PHE C 109 -62.10 -80.07 18.12
N ILE C 110 -62.48 -80.31 19.37
CA ILE C 110 -63.72 -79.76 19.91
C ILE C 110 -63.45 -78.50 20.73
N GLN C 111 -64.26 -77.47 20.49
CA GLN C 111 -64.09 -76.19 21.18
C GLN C 111 -65.39 -75.73 21.82
N THR C 112 -65.36 -75.50 23.12
CA THR C 112 -66.52 -74.99 23.84
C THR C 112 -66.28 -73.54 24.28
N ASP C 113 -67.30 -72.70 24.15
CA ASP C 113 -67.18 -71.30 24.52
C ASP C 113 -66.67 -71.13 25.95
N LYS C 114 -67.37 -71.73 26.90
CA LYS C 114 -66.96 -71.67 28.31
C LYS C 114 -66.32 -72.97 28.75
N THR C 115 -65.77 -72.97 29.96
CA THR C 115 -65.16 -74.17 30.53
C THR C 115 -66.09 -74.81 31.54
N ILE C 116 -66.98 -74.01 32.11
CA ILE C 116 -67.95 -74.49 33.08
C ILE C 116 -69.33 -73.89 32.80
N TYR C 117 -70.37 -74.69 32.99
CA TYR C 117 -71.73 -74.27 32.69
C TYR C 117 -72.69 -74.50 33.85
N THR C 118 -73.74 -73.68 33.92
CA THR C 118 -74.77 -73.83 34.94
C THR C 118 -76.00 -74.51 34.37
N PRO C 119 -76.65 -75.36 35.17
CA PRO C 119 -77.86 -76.07 34.76
C PRO C 119 -78.94 -75.09 34.28
N GLY C 120 -79.22 -75.12 32.98
CA GLY C 120 -80.23 -74.23 32.41
C GLY C 120 -79.70 -73.43 31.24
N SER C 121 -78.38 -73.31 31.17
CA SER C 121 -77.75 -72.54 30.10
C SER C 121 -77.55 -73.38 28.85
N THR C 122 -76.98 -72.77 27.81
CA THR C 122 -76.73 -73.46 26.55
C THR C 122 -75.24 -73.59 26.27
N VAL C 123 -74.82 -74.76 25.80
CA VAL C 123 -73.42 -75.01 25.49
C VAL C 123 -73.15 -74.87 23.99
N LEU C 124 -72.24 -73.97 23.63
CA LEU C 124 -71.89 -73.76 22.23
C LEU C 124 -70.55 -74.40 21.92
N TYR C 125 -70.57 -75.43 21.09
CA TYR C 125 -69.35 -76.16 20.75
C TYR C 125 -69.19 -76.36 19.24
N ARG C 126 -67.96 -76.18 18.76
CA ARG C 126 -67.65 -76.39 17.35
C ARG C 126 -66.69 -77.54 17.15
N ILE C 127 -66.90 -78.31 16.09
CA ILE C 127 -66.04 -79.45 15.78
C ILE C 127 -65.23 -79.18 14.51
N PHE C 128 -63.91 -79.11 14.66
CA PHE C 128 -63.03 -78.89 13.52
C PHE C 128 -62.61 -80.20 12.87
N THR C 129 -62.87 -80.32 11.57
CA THR C 129 -62.55 -81.54 10.84
C THR C 129 -61.40 -81.31 9.86
N VAL C 130 -60.27 -81.98 10.13
CA VAL C 130 -59.10 -81.86 9.26
C VAL C 130 -58.43 -83.22 9.07
N ASN C 131 -57.54 -83.30 8.10
CA ASN C 131 -56.81 -84.54 7.83
C ASN C 131 -55.48 -84.58 8.57
N HIS C 132 -54.60 -85.50 8.16
CA HIS C 132 -53.30 -85.65 8.79
C HIS C 132 -52.39 -84.46 8.47
N LYS C 133 -52.75 -83.70 7.43
CA LYS C 133 -52.00 -82.52 7.04
C LYS C 133 -52.62 -81.27 7.65
N LEU C 134 -53.56 -81.48 8.57
CA LEU C 134 -54.23 -80.38 9.26
C LEU C 134 -55.07 -79.51 8.32
N LEU C 135 -55.19 -79.94 7.07
CA LEU C 135 -56.01 -79.23 6.09
C LEU C 135 -57.47 -79.68 6.21
N PRO C 136 -58.41 -78.72 6.14
CA PRO C 136 -59.84 -78.99 6.27
C PRO C 136 -60.32 -80.07 5.30
N VAL C 137 -61.36 -80.79 5.67
CA VAL C 137 -61.89 -81.86 4.84
C VAL C 137 -63.37 -82.10 5.13
N GLY C 138 -64.10 -82.56 4.11
CA GLY C 138 -65.52 -82.82 4.25
C GLY C 138 -65.82 -84.28 4.51
N ARG C 139 -66.21 -84.60 5.74
CA ARG C 139 -66.52 -85.97 6.11
C ARG C 139 -67.78 -86.02 6.98
N THR C 140 -68.21 -87.23 7.32
CA THR C 140 -69.36 -87.42 8.19
C THR C 140 -68.91 -87.65 9.63
N VAL C 141 -69.40 -86.82 10.54
CA VAL C 141 -68.97 -86.87 11.93
C VAL C 141 -70.11 -87.28 12.87
N MET C 142 -69.81 -88.18 13.81
CA MET C 142 -70.77 -88.60 14.82
C MET C 142 -70.42 -87.97 16.16
N VAL C 143 -71.32 -87.15 16.70
CA VAL C 143 -71.06 -86.45 17.94
C VAL C 143 -72.01 -86.87 19.06
N ASN C 144 -71.45 -87.29 20.18
CA ASN C 144 -72.24 -87.67 21.35
C ASN C 144 -71.89 -86.83 22.57
N ILE C 145 -72.80 -86.80 23.55
CA ILE C 145 -72.58 -86.07 24.78
C ILE C 145 -72.92 -86.94 25.99
N GLU C 146 -71.90 -87.27 26.78
CA GLU C 146 -72.09 -88.14 27.94
C GLU C 146 -72.11 -87.37 29.25
N ASN C 147 -72.86 -87.88 30.22
CA ASN C 147 -72.92 -87.28 31.55
C ASN C 147 -71.78 -87.79 32.43
N PRO C 148 -71.64 -87.21 33.64
CA PRO C 148 -70.58 -87.64 34.55
C PRO C 148 -70.46 -89.15 34.72
N GLU C 149 -71.59 -89.86 34.67
CA GLU C 149 -71.59 -91.31 34.84
C GLU C 149 -71.46 -92.05 33.51
N GLY C 150 -70.90 -91.37 32.51
CA GLY C 150 -70.67 -91.98 31.21
C GLY C 150 -71.92 -92.53 30.55
N ILE C 151 -72.91 -91.66 30.36
CA ILE C 151 -74.16 -92.06 29.74
C ILE C 151 -74.60 -91.04 28.68
N PRO C 152 -74.50 -91.42 27.40
CA PRO C 152 -74.88 -90.56 26.28
C PRO C 152 -76.32 -90.07 26.41
N VAL C 153 -76.55 -88.79 26.12
CA VAL C 153 -77.88 -88.21 26.20
C VAL C 153 -78.32 -87.62 24.86
N LYS C 154 -77.34 -87.15 24.08
CA LYS C 154 -77.63 -86.57 22.77
C LYS C 154 -76.58 -87.01 21.75
N GLN C 155 -77.04 -87.39 20.56
CA GLN C 155 -76.15 -87.81 19.49
C GLN C 155 -76.59 -87.22 18.15
N ASP C 156 -75.63 -86.59 17.45
CA ASP C 156 -75.90 -85.99 16.16
C ASP C 156 -75.10 -86.66 15.06
N SER C 157 -75.41 -86.34 13.81
CA SER C 157 -74.71 -86.91 12.67
C SER C 157 -74.67 -85.91 11.51
N LEU C 158 -73.89 -84.85 11.68
CA LEU C 158 -73.77 -83.82 10.66
C LEU C 158 -72.54 -84.04 9.79
N SER C 159 -72.47 -83.34 8.67
CA SER C 159 -71.35 -83.47 7.74
C SER C 159 -70.68 -82.11 7.50
N SER C 160 -69.35 -82.10 7.50
CA SER C 160 -68.59 -80.89 7.25
C SER C 160 -68.46 -80.62 5.75
N GLN C 161 -69.34 -81.23 4.97
CA GLN C 161 -69.33 -81.07 3.53
C GLN C 161 -69.60 -79.63 3.13
N ASN C 162 -68.63 -79.02 2.44
CA ASN C 162 -68.76 -77.64 2.01
C ASN C 162 -68.97 -76.67 3.17
N GLN C 163 -68.51 -77.07 4.35
CA GLN C 163 -68.65 -76.23 5.54
C GLN C 163 -67.30 -75.70 5.99
N LEU C 164 -66.27 -76.00 5.19
CA LEU C 164 -64.92 -75.53 5.45
C LEU C 164 -64.36 -76.07 6.77
N GLY C 165 -64.68 -77.32 7.07
CA GLY C 165 -64.13 -78.00 8.23
C GLY C 165 -64.49 -77.37 9.57
N VAL C 166 -65.69 -76.82 9.67
CA VAL C 166 -66.17 -76.23 10.91
C VAL C 166 -67.63 -76.57 11.16
N LEU C 167 -67.91 -77.32 12.22
CA LEU C 167 -69.27 -77.74 12.52
C LEU C 167 -69.81 -77.08 13.79
N PRO C 168 -70.51 -75.95 13.63
CA PRO C 168 -71.14 -75.24 14.75
C PRO C 168 -72.32 -76.03 15.32
N LEU C 169 -72.32 -76.24 16.64
CA LEU C 169 -73.39 -76.96 17.29
C LEU C 169 -73.74 -76.34 18.65
N SER C 170 -74.84 -76.80 19.23
CA SER C 170 -75.29 -76.28 20.52
C SER C 170 -76.26 -77.24 21.20
N TRP C 171 -76.23 -77.25 22.53
CA TRP C 171 -77.12 -78.11 23.31
C TRP C 171 -77.50 -77.45 24.64
N ASP C 172 -78.80 -77.47 24.94
CA ASP C 172 -79.30 -76.85 26.17
C ASP C 172 -79.28 -77.84 27.33
N ILE C 173 -78.66 -77.43 28.43
CA ILE C 173 -78.58 -78.25 29.64
C ILE C 173 -79.83 -78.08 30.50
N PRO C 174 -80.59 -79.17 30.68
CA PRO C 174 -81.80 -79.16 31.50
C PRO C 174 -81.51 -78.79 32.95
N GLU C 175 -82.46 -78.15 33.61
CA GLU C 175 -82.31 -77.80 35.02
C GLU C 175 -82.10 -79.05 35.87
N LEU C 176 -82.89 -80.07 35.61
CA LEU C 176 -82.78 -81.33 36.34
C LEU C 176 -81.71 -82.22 35.72
N VAL C 177 -80.50 -82.15 36.28
CA VAL C 177 -79.39 -82.95 35.78
C VAL C 177 -78.24 -83.01 36.78
N ASN C 178 -77.47 -84.10 36.73
CA ASN C 178 -76.35 -84.29 37.65
C ASN C 178 -75.18 -83.37 37.36
N MET C 179 -74.64 -82.75 38.40
CA MET C 179 -73.46 -81.90 38.26
C MET C 179 -72.19 -82.74 38.30
N GLY C 180 -71.11 -82.17 37.76
CA GLY C 180 -69.84 -82.87 37.74
C GLY C 180 -69.07 -82.60 36.45
N GLN C 181 -68.41 -83.65 35.95
CA GLN C 181 -67.63 -83.53 34.72
C GLN C 181 -68.34 -84.15 33.53
N TRP C 182 -68.69 -83.31 32.55
CA TRP C 182 -69.34 -83.77 31.33
C TRP C 182 -68.33 -83.94 30.21
N LYS C 183 -68.68 -84.76 29.22
CA LYS C 183 -67.77 -85.05 28.12
C LYS C 183 -68.48 -85.02 26.77
N ILE C 184 -67.80 -84.48 25.77
CA ILE C 184 -68.33 -84.46 24.41
C ILE C 184 -67.41 -85.30 23.51
N ARG C 185 -67.94 -86.41 23.00
CA ARG C 185 -67.14 -87.33 22.20
C ARG C 185 -67.56 -87.33 20.74
N ALA C 186 -66.61 -87.08 19.85
CA ALA C 186 -66.86 -87.08 18.41
C ALA C 186 -65.88 -87.98 17.67
N TYR C 187 -66.30 -88.48 16.52
CA TYR C 187 -65.46 -89.37 15.73
C TYR C 187 -65.96 -89.49 14.29
N TYR C 188 -65.03 -89.67 13.36
CA TYR C 188 -65.40 -89.85 11.96
C TYR C 188 -66.18 -91.14 11.78
N GLU C 189 -67.16 -91.11 10.88
CA GLU C 189 -68.01 -92.27 10.62
C GLU C 189 -67.20 -93.44 10.05
N ASN C 190 -66.05 -93.12 9.47
CA ASN C 190 -65.20 -94.13 8.85
C ASN C 190 -64.13 -94.69 9.80
N SER C 191 -64.26 -94.35 11.08
CA SER C 191 -63.31 -94.82 12.09
C SER C 191 -63.88 -94.69 13.50
N PRO C 192 -64.83 -95.56 13.86
CA PRO C 192 -65.47 -95.55 15.18
C PRO C 192 -64.48 -95.80 16.30
N GLN C 193 -63.37 -96.49 16.01
CA GLN C 193 -62.39 -96.81 17.03
C GLN C 193 -61.62 -95.59 17.52
N GLN C 194 -61.40 -94.62 16.63
CA GLN C 194 -60.71 -93.39 16.99
C GLN C 194 -61.69 -92.32 17.43
N VAL C 195 -61.71 -92.03 18.73
CA VAL C 195 -62.65 -91.06 19.27
C VAL C 195 -61.93 -89.90 19.97
N PHE C 196 -62.40 -88.68 19.70
CA PHE C 196 -61.86 -87.49 20.33
C PHE C 196 -62.86 -86.93 21.34
N SER C 197 -62.36 -86.43 22.46
CA SER C 197 -63.23 -85.95 23.53
C SER C 197 -62.74 -84.66 24.19
N THR C 198 -63.69 -83.85 24.65
CA THR C 198 -63.38 -82.63 25.39
C THR C 198 -64.38 -82.46 26.53
N GLU C 199 -63.88 -82.19 27.72
CA GLU C 199 -64.72 -82.13 28.91
C GLU C 199 -65.11 -80.72 29.30
N PHE C 200 -66.32 -80.57 29.83
CA PHE C 200 -66.80 -79.29 30.35
C PHE C 200 -67.57 -79.53 31.65
N GLU C 201 -67.20 -78.80 32.70
CA GLU C 201 -67.80 -79.00 34.01
C GLU C 201 -69.16 -78.33 34.14
N VAL C 202 -70.09 -79.01 34.81
CA VAL C 202 -71.41 -78.45 35.09
C VAL C 202 -71.59 -78.27 36.59
N LYS C 203 -71.81 -77.03 37.01
CA LYS C 203 -71.90 -76.72 38.43
C LYS C 203 -72.68 -75.44 38.67
N GLU C 204 -73.38 -75.38 39.79
CA GLU C 204 -74.11 -74.17 40.18
C GLU C 204 -73.15 -73.15 40.77
N TYR C 205 -72.68 -72.23 39.94
CA TYR C 205 -71.65 -71.28 40.36
C TYR C 205 -72.06 -69.83 40.14
N VAL C 206 -71.18 -68.92 40.54
CA VAL C 206 -71.38 -67.48 40.33
C VAL C 206 -70.02 -66.82 40.10
N LEU C 207 -69.88 -66.13 38.97
CA LEU C 207 -68.62 -65.50 38.61
C LEU C 207 -68.14 -64.50 39.67
N PRO C 208 -66.96 -64.77 40.25
CA PRO C 208 -66.32 -63.90 41.24
C PRO C 208 -65.96 -62.54 40.65
N SER C 209 -65.18 -61.76 41.38
CA SER C 209 -64.80 -60.43 40.93
C SER C 209 -63.28 -60.25 40.93
N PHE C 210 -62.55 -61.32 41.24
CA PHE C 210 -61.10 -61.25 41.30
C PHE C 210 -60.46 -62.63 41.20
N GLU C 211 -59.22 -62.66 40.70
CA GLU C 211 -58.49 -63.91 40.56
C GLU C 211 -57.42 -64.05 41.64
N VAL C 212 -57.03 -65.28 41.93
CA VAL C 212 -56.02 -65.55 42.94
C VAL C 212 -54.89 -66.42 42.37
N ILE C 213 -53.67 -65.93 42.48
CA ILE C 213 -52.51 -66.65 41.97
C ILE C 213 -51.60 -67.10 43.10
N VAL C 214 -51.16 -68.36 43.04
CA VAL C 214 -50.27 -68.91 44.06
C VAL C 214 -48.94 -69.34 43.44
N GLU C 215 -47.91 -68.51 43.61
CA GLU C 215 -46.62 -68.75 43.00
C GLU C 215 -45.52 -68.94 44.04
N PRO C 216 -45.01 -70.18 44.17
CA PRO C 216 -43.86 -70.46 45.02
C PRO C 216 -42.59 -69.86 44.44
N THR C 217 -41.71 -69.34 45.30
CA THR C 217 -40.46 -68.74 44.83
C THR C 217 -39.73 -69.66 43.87
N GLU C 218 -39.65 -70.93 44.22
CA GLU C 218 -39.04 -71.94 43.36
C GLU C 218 -40.10 -72.87 42.80
N LYS C 219 -39.91 -73.31 41.57
CA LYS C 219 -40.84 -74.25 40.94
C LYS C 219 -40.59 -75.66 41.45
N PHE C 220 -40.12 -75.74 42.69
CA PHE C 220 -39.81 -77.02 43.33
C PHE C 220 -39.46 -76.77 44.79
N TYR C 221 -38.96 -77.79 45.47
CA TYR C 221 -38.54 -77.66 46.86
C TYR C 221 -37.31 -78.51 47.17
N TYR C 222 -36.29 -77.87 47.73
CA TYR C 222 -35.08 -78.57 48.12
C TYR C 222 -35.23 -79.13 49.53
N ILE C 223 -35.08 -80.45 49.67
CA ILE C 223 -35.31 -81.12 50.94
C ILE C 223 -34.40 -80.56 52.03
N TYR C 224 -33.20 -80.14 51.66
CA TYR C 224 -32.24 -79.62 52.62
C TYR C 224 -32.28 -78.10 52.71
N ASN C 225 -33.43 -77.52 52.34
CA ASN C 225 -33.61 -76.08 52.40
C ASN C 225 -34.20 -75.65 53.74
N GLU C 226 -33.39 -74.99 54.56
CA GLU C 226 -33.81 -74.56 55.88
C GLU C 226 -34.97 -73.59 55.81
N LYS C 227 -34.89 -72.62 54.90
CA LYS C 227 -35.90 -71.59 54.76
C LYS C 227 -37.30 -72.18 54.62
N GLY C 228 -37.44 -73.22 53.81
CA GLY C 228 -38.72 -73.87 53.60
C GLY C 228 -39.37 -73.44 52.31
N LEU C 229 -40.58 -73.93 52.06
CA LEU C 229 -41.31 -73.61 50.85
C LEU C 229 -42.00 -72.25 50.95
N GLU C 230 -41.44 -71.25 50.27
CA GLU C 230 -42.00 -69.91 50.27
C GLU C 230 -43.04 -69.76 49.16
N VAL C 231 -44.22 -69.29 49.52
CA VAL C 231 -45.31 -69.11 48.55
C VAL C 231 -45.87 -67.69 48.61
N THR C 232 -46.12 -67.12 47.43
CA THR C 232 -46.67 -65.77 47.34
C THR C 232 -48.11 -65.80 46.85
N ILE C 233 -48.99 -65.12 47.59
CA ILE C 233 -50.41 -65.09 47.25
C ILE C 233 -50.78 -63.76 46.59
N THR C 234 -50.95 -63.78 45.28
CA THR C 234 -51.31 -62.57 44.54
C THR C 234 -52.79 -62.57 44.15
N ALA C 235 -53.49 -61.53 44.58
CA ALA C 235 -54.93 -61.41 44.29
C ALA C 235 -55.26 -60.04 43.71
N ARG C 236 -55.86 -60.03 42.52
CA ARG C 236 -56.27 -58.80 41.87
C ARG C 236 -57.63 -58.95 41.20
N PHE C 237 -58.39 -57.86 41.17
CA PHE C 237 -59.70 -57.87 40.53
C PHE C 237 -59.57 -58.19 39.04
N LEU C 238 -60.69 -58.59 38.43
CA LEU C 238 -60.69 -58.96 37.01
C LEU C 238 -60.29 -57.79 36.13
N TYR C 239 -60.59 -56.57 36.57
CA TYR C 239 -60.26 -55.38 35.80
C TYR C 239 -58.83 -54.89 36.04
N GLY C 240 -58.06 -55.67 36.80
CA GLY C 240 -56.66 -55.38 37.00
C GLY C 240 -56.32 -54.79 38.36
N LYS C 241 -57.24 -54.00 38.91
CA LYS C 241 -57.01 -53.34 40.19
C LYS C 241 -56.66 -54.34 41.30
N LYS C 242 -55.81 -53.91 42.23
CA LYS C 242 -55.35 -54.77 43.30
C LYS C 242 -56.47 -55.09 44.30
N VAL C 243 -56.30 -56.18 45.04
CA VAL C 243 -57.34 -56.63 45.96
C VAL C 243 -56.90 -56.55 47.43
N GLU C 244 -57.80 -56.06 48.27
CA GLU C 244 -57.56 -55.99 49.71
C GLU C 244 -58.46 -56.98 50.45
N GLY C 245 -57.85 -57.89 51.20
CA GLY C 245 -58.61 -58.89 51.95
C GLY C 245 -57.73 -59.78 52.81
N THR C 246 -58.27 -60.94 53.18
CA THR C 246 -57.53 -61.90 53.99
C THR C 246 -57.59 -63.29 53.35
N ALA C 247 -56.46 -63.97 53.32
CA ALA C 247 -56.38 -65.27 52.67
C ALA C 247 -56.13 -66.41 53.65
N PHE C 248 -56.67 -67.59 53.32
CA PHE C 248 -56.47 -68.78 54.13
C PHE C 248 -55.72 -69.84 53.32
N VAL C 249 -54.44 -70.02 53.62
CA VAL C 249 -53.60 -70.93 52.84
C VAL C 249 -53.22 -72.19 53.62
N ILE C 250 -53.30 -73.33 52.95
CA ILE C 250 -52.93 -74.61 53.56
C ILE C 250 -52.04 -75.40 52.61
N PHE C 251 -51.38 -76.44 53.12
CA PHE C 251 -50.48 -77.26 52.32
C PHE C 251 -50.85 -78.74 52.37
N GLY C 252 -49.98 -79.58 51.81
CA GLY C 252 -50.21 -81.01 51.80
C GLY C 252 -49.27 -81.74 50.85
N ILE C 253 -49.18 -83.05 51.02
CA ILE C 253 -48.32 -83.88 50.16
C ILE C 253 -49.15 -84.81 49.30
N GLN C 254 -48.73 -85.01 48.06
CA GLN C 254 -49.43 -85.88 47.14
C GLN C 254 -48.61 -87.12 46.81
N ASP C 255 -49.30 -88.24 46.58
CA ASP C 255 -48.64 -89.51 46.28
C ASP C 255 -49.40 -90.27 45.20
N GLY C 256 -49.07 -89.98 43.94
CA GLY C 256 -49.74 -90.61 42.82
C GLY C 256 -51.13 -90.06 42.58
N GLU C 257 -52.05 -90.37 43.50
CA GLU C 257 -53.42 -89.88 43.42
C GLU C 257 -53.93 -89.50 44.81
N GLN C 258 -53.24 -89.99 45.84
CA GLN C 258 -53.65 -89.75 47.22
C GLN C 258 -53.01 -88.47 47.78
N ARG C 259 -53.80 -87.69 48.51
CA ARG C 259 -53.32 -86.46 49.11
C ARG C 259 -53.40 -86.50 50.64
N ILE C 260 -52.38 -85.98 51.29
CA ILE C 260 -52.33 -85.93 52.75
C ILE C 260 -52.24 -84.49 53.24
N SER C 261 -53.36 -83.94 53.69
CA SER C 261 -53.41 -82.57 54.16
C SER C 261 -52.55 -82.36 55.40
N LEU C 262 -52.02 -81.15 55.54
CA LEU C 262 -51.20 -80.80 56.70
C LEU C 262 -51.88 -79.73 57.54
N PRO C 263 -52.72 -80.14 58.50
CA PRO C 263 -53.49 -79.26 59.36
C PRO C 263 -52.63 -78.25 60.12
N GLU C 264 -51.38 -78.62 60.41
CA GLU C 264 -50.49 -77.77 61.18
C GLU C 264 -49.78 -76.74 60.30
N SER C 265 -50.19 -76.66 59.04
CA SER C 265 -49.58 -75.69 58.11
C SER C 265 -50.57 -74.60 57.73
N LEU C 266 -51.79 -74.70 58.26
CA LEU C 266 -52.83 -73.72 57.97
C LEU C 266 -52.44 -72.33 58.45
N LYS C 267 -52.44 -71.36 57.54
CA LYS C 267 -52.06 -70.00 57.86
C LYS C 267 -53.17 -69.02 57.48
N ARG C 268 -53.19 -67.87 58.16
CA ARG C 268 -54.14 -66.80 57.83
C ARG C 268 -53.41 -65.48 57.68
N ILE C 269 -52.91 -65.21 56.49
CA ILE C 269 -52.14 -64.00 56.23
C ILE C 269 -52.99 -62.92 55.56
N PRO C 270 -52.78 -61.66 55.97
CA PRO C 270 -53.46 -60.51 55.37
C PRO C 270 -53.00 -60.29 53.93
N ILE C 271 -53.84 -59.64 53.13
CA ILE C 271 -53.51 -59.37 51.74
C ILE C 271 -53.53 -57.87 51.45
N GLU C 272 -52.37 -57.23 51.62
CA GLU C 272 -52.26 -55.80 51.37
C GLU C 272 -51.61 -55.54 50.01
N ASP C 273 -52.06 -54.48 49.34
CA ASP C 273 -51.53 -54.10 48.04
C ASP C 273 -51.71 -55.22 47.01
N GLY C 274 -52.69 -56.09 47.26
CA GLY C 274 -52.99 -57.19 46.36
C GLY C 274 -51.94 -58.28 46.40
N SER C 275 -51.20 -58.36 47.50
CA SER C 275 -50.14 -59.37 47.63
C SER C 275 -50.10 -59.94 49.05
N GLY C 276 -49.63 -61.18 49.16
CA GLY C 276 -49.51 -61.85 50.44
C GLY C 276 -48.29 -62.74 50.48
N GLU C 277 -47.80 -63.02 51.69
CA GLU C 277 -46.60 -63.85 51.85
C GLU C 277 -46.83 -64.94 52.89
N VAL C 278 -46.68 -66.20 52.46
CA VAL C 278 -46.82 -67.34 53.34
C VAL C 278 -45.65 -68.30 53.19
N VAL C 279 -45.22 -68.89 54.30
CA VAL C 279 -44.08 -69.80 54.30
C VAL C 279 -44.40 -71.11 55.00
N LEU C 280 -43.97 -72.22 54.39
CA LEU C 280 -44.14 -73.54 54.98
C LEU C 280 -42.81 -74.04 55.53
N SER C 281 -42.60 -73.85 56.83
CA SER C 281 -41.35 -74.24 57.47
C SER C 281 -41.09 -75.74 57.32
N ARG C 282 -39.84 -76.10 57.10
CA ARG C 282 -39.45 -77.50 56.94
C ARG C 282 -39.79 -78.30 58.20
N LYS C 283 -39.82 -77.62 59.33
CA LYS C 283 -40.15 -78.25 60.60
C LYS C 283 -41.55 -78.87 60.56
N VAL C 284 -42.53 -78.08 60.14
CA VAL C 284 -43.90 -78.55 60.06
C VAL C 284 -44.07 -79.64 59.01
N LEU C 285 -43.34 -79.50 57.91
CA LEU C 285 -43.41 -80.47 56.82
C LEU C 285 -43.01 -81.86 57.29
N LEU C 286 -41.85 -81.96 57.92
CA LEU C 286 -41.34 -83.24 58.42
C LEU C 286 -42.25 -83.79 59.50
N ASP C 287 -42.82 -82.90 60.32
CA ASP C 287 -43.72 -83.30 61.39
C ASP C 287 -45.05 -83.79 60.83
N GLY C 288 -45.32 -83.47 59.57
CA GLY C 288 -46.53 -83.91 58.91
C GLY C 288 -46.53 -85.41 58.69
N VAL C 289 -45.34 -85.98 58.58
CA VAL C 289 -45.19 -87.42 58.45
C VAL C 289 -44.56 -88.03 59.68
N GLN C 290 -44.23 -89.32 59.58
CA GLN C 290 -43.67 -90.08 60.70
C GLN C 290 -42.37 -90.78 60.29
N ARG C 293 -36.56 -89.54 57.76
CA ARG C 293 -36.21 -90.09 56.46
C ARG C 293 -36.52 -89.11 55.34
N ALA C 294 -36.09 -87.87 55.50
CA ALA C 294 -36.33 -86.81 54.53
C ALA C 294 -36.14 -87.31 53.09
N GLU C 295 -35.16 -88.16 52.88
CA GLU C 295 -34.86 -88.69 51.56
C GLU C 295 -36.02 -89.49 50.97
N ASP C 296 -36.98 -89.83 51.82
CA ASP C 296 -38.16 -90.58 51.39
C ASP C 296 -39.16 -89.68 50.66
N LEU C 297 -39.39 -88.50 51.21
CA LEU C 297 -40.32 -87.55 50.60
C LEU C 297 -39.89 -87.18 49.19
N VAL C 298 -38.63 -87.46 48.87
CA VAL C 298 -38.10 -87.21 47.54
C VAL C 298 -38.89 -87.97 46.50
N GLY C 299 -39.41 -87.25 45.52
CA GLY C 299 -40.24 -87.85 44.47
C GLY C 299 -41.68 -87.41 44.59
N LYS C 300 -42.14 -87.24 45.83
CA LYS C 300 -43.50 -86.78 46.07
C LYS C 300 -43.68 -85.33 45.66
N SER C 301 -44.89 -84.80 45.84
CA SER C 301 -45.18 -83.43 45.45
C SER C 301 -45.96 -82.69 46.53
N LEU C 302 -45.87 -81.36 46.52
CA LEU C 302 -46.59 -80.53 47.47
C LEU C 302 -47.64 -79.69 46.75
N TYR C 303 -48.77 -79.46 47.40
CA TYR C 303 -49.82 -78.65 46.81
C TYR C 303 -50.32 -77.57 47.78
N VAL C 304 -50.49 -76.36 47.26
CA VAL C 304 -50.95 -75.23 48.07
C VAL C 304 -52.41 -74.91 47.75
N SER C 305 -53.20 -74.70 48.79
CA SER C 305 -54.61 -74.36 48.63
C SER C 305 -54.96 -73.06 49.34
N ALA C 306 -55.07 -71.98 48.59
CA ALA C 306 -55.37 -70.68 49.15
C ALA C 306 -56.86 -70.35 49.04
N THR C 307 -57.30 -69.40 49.88
CA THR C 307 -58.69 -68.97 49.88
C THR C 307 -58.81 -67.53 50.34
N VAL C 308 -58.98 -66.62 49.37
CA VAL C 308 -59.02 -65.19 49.67
C VAL C 308 -60.45 -64.69 49.89
N ILE C 309 -60.63 -63.87 50.92
CA ILE C 309 -61.92 -63.26 51.21
C ILE C 309 -61.77 -61.75 51.39
N LEU C 310 -62.53 -60.99 50.61
CA LEU C 310 -62.48 -59.53 50.67
C LEU C 310 -62.83 -59.02 52.06
N HIS C 311 -62.38 -57.80 52.37
CA HIS C 311 -62.68 -57.18 53.66
C HIS C 311 -64.16 -56.82 53.76
N SER C 312 -64.89 -57.00 52.66
CA SER C 312 -66.32 -56.72 52.64
C SER C 312 -67.12 -58.00 52.88
N GLY C 313 -66.44 -59.14 52.77
CA GLY C 313 -67.09 -60.43 52.96
C GLY C 313 -68.17 -60.67 51.92
N SER C 314 -68.03 -60.04 50.76
CA SER C 314 -69.01 -60.16 49.69
C SER C 314 -68.67 -61.29 48.74
N ASP C 315 -67.39 -61.39 48.38
CA ASP C 315 -66.95 -62.41 47.43
C ASP C 315 -65.87 -63.29 48.05
N MET C 316 -65.68 -64.48 47.45
CA MET C 316 -64.72 -65.45 47.95
C MET C 316 -64.19 -66.32 46.83
N VAL C 317 -62.88 -66.49 46.77
CA VAL C 317 -62.24 -67.26 45.71
C VAL C 317 -61.26 -68.29 46.27
N GLN C 318 -61.29 -69.50 45.69
CA GLN C 318 -60.38 -70.57 46.11
C GLN C 318 -59.42 -70.96 44.99
N ALA C 319 -58.13 -70.72 45.22
CA ALA C 319 -57.10 -71.08 44.26
C ALA C 319 -56.34 -72.33 44.72
N GLU C 320 -55.45 -72.83 43.88
CA GLU C 320 -54.69 -74.02 44.22
C GLU C 320 -53.54 -74.29 43.24
N ARG C 321 -52.34 -74.45 43.79
CA ARG C 321 -51.17 -74.84 43.00
C ARG C 321 -50.76 -76.26 43.39
N SER C 322 -50.76 -77.16 42.42
CA SER C 322 -50.42 -78.56 42.69
C SER C 322 -49.35 -79.08 41.73
N GLY C 323 -48.49 -79.94 42.23
CA GLY C 323 -47.46 -80.55 41.41
C GLY C 323 -46.06 -80.07 41.74
N ILE C 324 -45.90 -79.43 42.88
CA ILE C 324 -44.59 -78.93 43.30
C ILE C 324 -43.66 -80.09 43.66
N PRO C 325 -42.67 -80.36 42.79
CA PRO C 325 -41.78 -81.51 42.94
C PRO C 325 -40.82 -81.37 44.11
N ILE C 326 -40.54 -82.48 44.79
CA ILE C 326 -39.56 -82.50 45.86
C ILE C 326 -38.35 -83.31 45.41
N VAL C 327 -37.35 -82.63 44.87
CA VAL C 327 -36.17 -83.30 44.33
C VAL C 327 -34.87 -82.78 44.94
N THR C 328 -33.81 -83.56 44.80
CA THR C 328 -32.51 -83.19 45.34
C THR C 328 -31.75 -82.32 44.35
N SER C 329 -32.29 -82.27 43.12
CA SER C 329 -31.67 -81.51 42.06
C SER C 329 -32.67 -80.65 41.30
N PRO C 330 -32.34 -79.36 41.13
CA PRO C 330 -33.19 -78.38 40.45
C PRO C 330 -33.34 -78.64 38.95
N TYR C 331 -32.73 -79.71 38.45
CA TYR C 331 -32.77 -80.00 37.02
C TYR C 331 -32.95 -81.49 36.72
N GLN C 332 -33.25 -81.79 35.47
CA GLN C 332 -33.39 -83.17 35.00
C GLN C 332 -32.81 -83.31 33.59
N ILE C 333 -32.21 -84.45 33.31
CA ILE C 333 -31.61 -84.68 31.99
C ILE C 333 -32.27 -85.85 31.27
N HIS C 334 -32.60 -85.63 30.00
CA HIS C 334 -33.24 -86.67 29.19
C HIS C 334 -32.54 -86.85 27.85
N PHE C 335 -32.25 -88.10 27.51
CA PHE C 335 -31.64 -88.41 26.22
C PHE C 335 -32.70 -88.89 25.23
N THR C 336 -33.89 -88.30 25.33
CA THR C 336 -35.01 -88.69 24.46
C THR C 336 -34.88 -88.06 23.07
N LYS C 337 -33.99 -87.10 22.94
CA LYS C 337 -33.78 -86.42 21.67
C LYS C 337 -32.40 -86.74 21.09
N THR C 338 -31.76 -87.76 21.64
CA THR C 338 -30.43 -88.18 21.18
C THR C 338 -30.46 -89.59 20.62
N PRO C 339 -29.96 -89.75 19.38
CA PRO C 339 -29.90 -91.06 18.72
C PRO C 339 -29.24 -92.12 19.60
N LYS C 340 -29.74 -93.34 19.56
CA LYS C 340 -29.21 -94.43 20.37
C LYS C 340 -28.20 -95.27 19.60
N TYR C 341 -27.67 -94.69 18.52
CA TYR C 341 -26.69 -95.39 17.69
C TYR C 341 -25.63 -94.44 17.16
N PHE C 342 -24.37 -94.82 17.32
CA PHE C 342 -23.25 -93.99 16.87
C PHE C 342 -22.48 -94.66 15.74
N LYS C 343 -21.73 -93.87 14.99
CA LYS C 343 -20.89 -94.39 13.93
C LYS C 343 -19.46 -94.54 14.41
N PRO C 344 -18.96 -95.78 14.46
CA PRO C 344 -17.61 -96.10 14.95
C PRO C 344 -16.54 -95.23 14.29
N GLY C 345 -15.90 -94.36 15.07
CA GLY C 345 -14.84 -93.51 14.57
C GLY C 345 -15.35 -92.23 13.95
N MET C 346 -16.60 -91.88 14.25
CA MET C 346 -17.21 -90.68 13.68
C MET C 346 -17.87 -89.84 14.78
N PRO C 347 -17.87 -88.50 14.60
CA PRO C 347 -18.43 -87.56 15.57
C PRO C 347 -19.89 -87.86 15.89
N PHE C 348 -20.15 -88.23 17.15
CA PHE C 348 -21.52 -88.50 17.59
C PHE C 348 -22.11 -87.29 18.29
N ASP C 349 -23.31 -86.88 17.86
CA ASP C 349 -23.96 -85.70 18.41
C ASP C 349 -24.89 -86.05 19.56
N LEU C 350 -24.77 -85.32 20.67
CA LEU C 350 -25.61 -85.55 21.84
C LEU C 350 -26.56 -84.38 22.07
N MET C 351 -27.86 -84.65 21.99
CA MET C 351 -28.87 -83.63 22.20
C MET C 351 -29.41 -83.67 23.63
N VAL C 352 -28.66 -83.10 24.56
CA VAL C 352 -29.05 -83.08 25.96
C VAL C 352 -30.33 -82.26 26.15
N PHE C 353 -31.32 -82.87 26.80
CA PHE C 353 -32.60 -82.21 27.02
C PHE C 353 -32.83 -81.93 28.50
N VAL C 354 -32.35 -80.78 28.96
CA VAL C 354 -32.48 -80.39 30.36
C VAL C 354 -33.82 -79.74 30.64
N THR C 355 -34.50 -80.20 31.68
CA THR C 355 -35.79 -79.66 32.06
C THR C 355 -35.94 -79.50 33.57
N ASN C 356 -36.78 -78.55 33.97
CA ASN C 356 -37.06 -78.34 35.39
C ASN C 356 -37.89 -79.47 35.97
N PRO C 357 -37.87 -79.63 37.30
CA PRO C 357 -38.59 -80.72 37.99
C PRO C 357 -40.06 -80.83 37.56
N ASP C 358 -40.66 -79.72 37.14
CA ASP C 358 -42.06 -79.73 36.75
C ASP C 358 -42.26 -80.32 35.35
N GLY C 359 -41.34 -80.02 34.44
CA GLY C 359 -41.43 -80.53 33.08
C GLY C 359 -41.00 -79.50 32.04
N SER C 360 -41.13 -78.22 32.40
CA SER C 360 -40.76 -77.14 31.50
C SER C 360 -39.25 -77.08 31.30
N PRO C 361 -38.82 -76.84 30.05
CA PRO C 361 -37.40 -76.76 29.68
C PRO C 361 -36.64 -75.75 30.51
N ALA C 362 -35.38 -76.03 30.80
CA ALA C 362 -34.53 -75.12 31.57
C ALA C 362 -33.61 -74.33 30.64
N TYR C 363 -33.63 -73.01 30.79
CA TYR C 363 -32.83 -72.13 29.94
C TYR C 363 -31.49 -71.79 30.58
N ARG C 364 -30.44 -71.80 29.76
CA ARG C 364 -29.09 -71.49 30.23
C ARG C 364 -28.63 -72.38 31.37
N VAL C 365 -28.29 -73.63 31.05
CA VAL C 365 -27.74 -74.56 32.02
C VAL C 365 -26.64 -75.41 31.40
N PRO C 366 -25.39 -75.03 31.65
CA PRO C 366 -24.19 -75.69 31.09
C PRO C 366 -24.17 -77.19 31.36
N VAL C 367 -23.72 -77.97 30.38
CA VAL C 367 -23.63 -79.41 30.52
C VAL C 367 -22.32 -79.92 29.91
N ALA C 368 -21.95 -81.15 30.28
CA ALA C 368 -20.72 -81.75 29.78
C ALA C 368 -20.76 -83.27 29.89
N VAL C 369 -19.67 -83.92 29.52
CA VAL C 369 -19.58 -85.38 29.59
C VAL C 369 -18.79 -85.79 30.82
N GLN C 370 -18.85 -87.07 31.16
CA GLN C 370 -18.12 -87.61 32.31
C GLN C 370 -16.67 -87.12 32.30
N GLY C 371 -15.94 -87.48 31.26
CA GLY C 371 -14.59 -87.00 31.08
C GLY C 371 -14.59 -85.64 30.39
N GLU C 372 -13.47 -85.29 29.76
CA GLU C 372 -13.37 -84.02 29.06
C GLU C 372 -13.90 -82.87 29.90
N ASP C 373 -13.19 -82.57 31.00
CA ASP C 373 -13.61 -81.50 31.90
C ASP C 373 -13.69 -80.16 31.17
N THR C 374 -12.99 -80.06 30.05
CA THR C 374 -12.95 -78.82 29.28
C THR C 374 -14.20 -78.63 28.42
N VAL C 375 -14.77 -79.74 27.94
CA VAL C 375 -15.95 -79.66 27.08
C VAL C 375 -17.13 -79.08 27.82
N GLN C 376 -17.83 -78.15 27.18
CA GLN C 376 -19.00 -77.51 27.77
C GLN C 376 -20.00 -77.07 26.71
N SER C 377 -21.22 -76.76 27.15
CA SER C 377 -22.27 -76.29 26.26
C SER C 377 -23.47 -75.84 27.06
N LEU C 378 -23.99 -74.66 26.74
CA LEU C 378 -25.16 -74.14 27.42
C LEU C 378 -26.45 -74.59 26.75
N THR C 379 -27.55 -74.52 27.47
CA THR C 379 -28.85 -74.95 26.96
C THR C 379 -29.58 -73.78 26.31
N GLN C 380 -30.18 -74.04 25.15
CA GLN C 380 -30.90 -73.00 24.40
C GLN C 380 -32.29 -72.76 25.00
N GLY C 381 -33.09 -71.97 24.30
CA GLY C 381 -34.42 -71.64 24.76
C GLY C 381 -35.40 -72.79 24.68
N ASP C 382 -35.08 -73.78 23.87
CA ASP C 382 -35.94 -74.94 23.68
C ASP C 382 -35.71 -76.00 24.76
N GLY C 383 -34.58 -75.91 25.44
CA GLY C 383 -34.23 -76.86 26.48
C GLY C 383 -33.28 -77.93 25.98
N VAL C 384 -32.61 -77.66 24.87
CA VAL C 384 -31.69 -78.63 24.28
C VAL C 384 -30.28 -78.05 24.17
N ALA C 385 -29.29 -78.82 24.61
CA ALA C 385 -27.90 -78.40 24.54
C ALA C 385 -27.18 -79.11 23.40
N LYS C 386 -26.15 -78.47 22.86
CA LYS C 386 -25.40 -79.02 21.74
C LYS C 386 -24.07 -79.64 22.17
N LEU C 387 -23.99 -80.96 22.13
CA LEU C 387 -22.76 -81.66 22.48
C LEU C 387 -22.28 -82.54 21.33
N SER C 388 -20.97 -82.73 21.24
CA SER C 388 -20.38 -83.55 20.20
C SER C 388 -19.10 -84.22 20.70
N ILE C 389 -19.01 -85.53 20.51
CA ILE C 389 -17.86 -86.29 20.98
C ILE C 389 -17.25 -87.14 19.87
N ASN C 390 -15.95 -87.42 19.99
CA ASN C 390 -15.25 -88.28 19.04
C ASN C 390 -15.13 -89.71 19.56
N THR C 391 -15.51 -90.67 18.72
CA THR C 391 -15.49 -92.06 19.10
C THR C 391 -14.37 -92.82 18.39
N HIS C 392 -13.97 -93.96 18.96
CA HIS C 392 -12.93 -94.80 18.36
C HIS C 392 -13.56 -95.84 17.44
N PRO C 393 -12.75 -96.39 16.52
CA PRO C 393 -13.21 -97.44 15.60
C PRO C 393 -13.50 -98.76 16.30
N SER C 394 -13.99 -98.69 17.54
CA SER C 394 -14.30 -99.89 18.31
C SER C 394 -15.78 -100.26 18.16
N GLN C 395 -16.05 -101.55 17.93
CA GLN C 395 -17.41 -102.03 17.79
C GLN C 395 -18.05 -102.28 19.16
N LYS C 396 -17.41 -101.76 20.20
CA LYS C 396 -17.92 -101.92 21.56
C LYS C 396 -18.83 -100.77 21.93
N PRO C 397 -19.98 -101.09 22.58
CA PRO C 397 -20.98 -100.10 22.98
C PRO C 397 -20.35 -98.87 23.63
N LEU C 398 -20.93 -97.70 23.36
CA LEU C 398 -20.42 -96.45 23.90
C LEU C 398 -21.31 -95.96 25.05
N SER C 399 -20.73 -95.88 26.24
CA SER C 399 -21.46 -95.41 27.42
C SER C 399 -21.12 -93.95 27.70
N ILE C 400 -22.16 -93.11 27.75
CA ILE C 400 -21.97 -91.68 27.99
C ILE C 400 -22.76 -91.19 29.19
N THR C 401 -22.09 -90.45 30.08
CA THR C 401 -22.73 -89.86 31.23
C THR C 401 -22.63 -88.34 31.18
N VAL C 402 -23.78 -87.69 31.02
CA VAL C 402 -23.82 -86.23 30.95
C VAL C 402 -24.10 -85.62 32.32
N ARG C 403 -23.32 -84.61 32.68
CA ARG C 403 -23.45 -83.98 33.99
C ARG C 403 -23.66 -82.48 33.88
N THR C 404 -24.72 -81.98 34.51
CA THR C 404 -24.97 -80.55 34.56
C THR C 404 -23.87 -79.85 35.33
N LYS C 405 -23.43 -78.70 34.81
CA LYS C 405 -22.31 -77.97 35.41
C LYS C 405 -22.69 -76.53 35.74
N LYS C 406 -23.89 -76.34 36.27
CA LYS C 406 -24.36 -75.01 36.64
C LYS C 406 -23.73 -74.58 37.96
N GLN C 407 -23.08 -73.42 37.96
CA GLN C 407 -22.43 -72.89 39.15
C GLN C 407 -23.45 -72.57 40.23
N GLU C 408 -22.99 -71.90 41.29
CA GLU C 408 -23.85 -71.50 42.40
C GLU C 408 -24.31 -72.70 43.23
N LEU C 409 -24.25 -73.88 42.64
CA LEU C 409 -24.65 -75.10 43.32
C LEU C 409 -23.43 -75.96 43.65
N SER C 410 -23.69 -77.22 44.01
CA SER C 410 -22.61 -78.15 44.34
C SER C 410 -22.75 -79.44 43.55
N GLU C 411 -21.69 -80.25 43.53
CA GLU C 411 -21.70 -81.51 42.80
C GLU C 411 -22.73 -82.48 43.37
N ALA C 412 -23.34 -82.11 44.49
CA ALA C 412 -24.34 -82.96 45.13
C ALA C 412 -25.75 -82.58 44.67
N GLU C 413 -25.93 -81.31 44.31
CA GLU C 413 -27.23 -80.81 43.88
C GLU C 413 -27.42 -80.94 42.38
N GLN C 414 -26.43 -81.52 41.70
CA GLN C 414 -26.48 -81.68 40.25
C GLN C 414 -27.22 -82.97 39.87
N ALA C 415 -27.87 -82.94 38.71
CA ALA C 415 -28.60 -84.10 38.21
C ALA C 415 -27.83 -84.78 37.07
N THR C 416 -27.71 -86.10 37.14
CA THR C 416 -26.97 -86.85 36.13
C THR C 416 -27.82 -87.94 35.49
N ARG C 417 -27.44 -88.34 34.29
CA ARG C 417 -28.13 -89.41 33.57
C ARG C 417 -27.16 -90.11 32.63
N THR C 418 -27.35 -91.42 32.45
CA THR C 418 -26.46 -92.21 31.61
C THR C 418 -27.22 -92.98 30.54
N MET C 419 -26.68 -93.00 29.32
CA MET C 419 -27.28 -93.74 28.23
C MET C 419 -26.25 -94.66 27.58
N GLN C 420 -26.71 -95.50 26.66
CA GLN C 420 -25.83 -96.44 25.97
C GLN C 420 -26.12 -96.49 24.47
N ALA C 421 -25.13 -96.12 23.67
CA ALA C 421 -25.29 -96.13 22.22
C ALA C 421 -24.58 -97.34 21.60
N LEU C 422 -25.20 -97.91 20.57
CA LEU C 422 -24.64 -99.08 19.90
C LEU C 422 -24.11 -98.73 18.52
N PRO C 423 -22.98 -99.34 18.14
CA PRO C 423 -22.35 -99.12 16.83
C PRO C 423 -23.28 -99.50 15.68
N TYR C 424 -23.10 -98.85 14.53
CA TYR C 424 -23.90 -99.13 13.35
C TYR C 424 -23.40 -100.39 12.64
N SER C 425 -24.17 -101.46 12.73
CA SER C 425 -23.82 -102.72 12.08
C SER C 425 -23.83 -102.59 10.57
N THR C 426 -22.66 -102.70 9.96
CA THR C 426 -22.53 -102.57 8.51
C THR C 426 -22.67 -103.92 7.83
N VAL C 427 -23.13 -103.88 6.58
CA VAL C 427 -23.35 -105.10 5.84
C VAL C 427 -22.05 -105.89 5.65
N GLY C 428 -22.03 -107.09 6.19
CA GLY C 428 -20.88 -107.98 6.04
C GLY C 428 -19.60 -107.41 6.65
N ASN C 429 -19.76 -106.53 7.63
CA ASN C 429 -18.62 -105.92 8.30
C ASN C 429 -17.67 -105.23 7.32
N SER C 430 -18.24 -104.45 6.39
CA SER C 430 -17.44 -103.77 5.39
C SER C 430 -16.96 -102.41 5.89
N ASN C 431 -17.41 -102.03 7.08
CA ASN C 431 -17.01 -100.77 7.70
C ASN C 431 -17.32 -99.54 6.84
N ASN C 432 -18.45 -99.59 6.14
CA ASN C 432 -18.90 -98.45 5.34
C ASN C 432 -20.03 -97.70 6.03
N TYR C 433 -19.75 -96.47 6.45
CA TYR C 433 -20.71 -95.69 7.22
C TYR C 433 -21.14 -94.41 6.50
N LEU C 434 -22.15 -93.75 7.06
CA LEU C 434 -22.64 -92.48 6.54
C LEU C 434 -23.18 -91.63 7.69
N HIS C 435 -22.63 -90.44 7.85
CA HIS C 435 -23.04 -89.56 8.94
C HIS C 435 -23.66 -88.26 8.44
N LEU C 436 -24.76 -87.87 9.09
CA LEU C 436 -25.45 -86.64 8.74
C LEU C 436 -25.43 -85.65 9.89
N SER C 437 -24.50 -84.70 9.84
CA SER C 437 -24.39 -83.68 10.87
C SER C 437 -25.18 -82.43 10.49
N VAL C 438 -26.04 -81.98 11.39
CA VAL C 438 -26.88 -80.81 11.13
C VAL C 438 -26.59 -79.68 12.11
N LEU C 439 -26.37 -78.48 11.58
CA LEU C 439 -26.17 -77.30 12.40
C LEU C 439 -27.45 -76.98 13.14
N ARG C 440 -27.66 -77.61 14.29
CA ARG C 440 -28.93 -77.49 14.99
C ARG C 440 -29.11 -76.12 15.67
N THR C 441 -29.93 -75.29 15.05
CA THR C 441 -30.38 -74.04 15.65
C THR C 441 -31.88 -73.97 15.46
N GLU C 442 -32.54 -73.07 16.20
CA GLU C 442 -33.99 -72.94 16.10
C GLU C 442 -34.40 -72.61 14.67
N LEU C 443 -34.74 -73.65 13.91
CA LEU C 443 -35.13 -73.48 12.51
C LEU C 443 -36.43 -72.72 12.39
N ARG C 444 -36.49 -71.82 11.42
CA ARG C 444 -37.67 -71.00 11.19
C ARG C 444 -38.04 -71.02 9.70
N PRO C 445 -39.32 -71.28 9.40
CA PRO C 445 -39.81 -71.33 8.02
C PRO C 445 -39.36 -70.12 7.21
N GLY C 446 -38.47 -70.34 6.24
CA GLY C 446 -37.93 -69.28 5.42
C GLY C 446 -36.42 -69.36 5.32
N GLU C 447 -35.80 -69.91 6.35
CA GLU C 447 -34.34 -70.05 6.39
C GLU C 447 -33.90 -71.23 5.54
N THR C 448 -32.58 -71.46 5.49
CA THR C 448 -32.02 -72.58 4.76
C THR C 448 -31.14 -73.42 5.68
N LEU C 449 -31.17 -74.73 5.51
CA LEU C 449 -30.40 -75.63 6.36
C LEU C 449 -29.25 -76.29 5.60
N ASN C 450 -28.08 -76.31 6.23
CA ASN C 450 -26.90 -76.93 5.62
C ASN C 450 -26.75 -78.39 6.03
N VAL C 451 -27.28 -79.29 5.21
CA VAL C 451 -27.20 -80.72 5.50
C VAL C 451 -25.86 -81.29 5.07
N ASN C 452 -25.09 -81.77 6.04
CA ASN C 452 -23.76 -82.32 5.77
C ASN C 452 -23.79 -83.83 5.52
N PHE C 453 -23.14 -84.25 4.44
CA PHE C 453 -23.05 -85.66 4.10
C PHE C 453 -21.61 -86.15 4.25
N LEU C 454 -21.35 -86.90 5.31
CA LEU C 454 -20.00 -87.40 5.58
C LEU C 454 -19.90 -88.89 5.25
N LEU C 455 -19.09 -89.21 4.24
CA LEU C 455 -18.90 -90.59 3.82
C LEU C 455 -17.77 -91.27 4.60
N ARG C 456 -17.84 -92.59 4.70
CA ARG C 456 -16.83 -93.35 5.43
C ARG C 456 -16.62 -94.74 4.82
N MET C 457 -15.62 -94.86 3.96
CA MET C 457 -15.28 -96.13 3.33
C MET C 457 -13.94 -96.06 2.62
N ASP C 458 -13.31 -97.22 2.41
CA ASP C 458 -12.03 -97.29 1.73
C ASP C 458 -12.13 -96.74 0.31
N ARG C 459 -11.02 -96.20 -0.20
CA ARG C 459 -11.02 -95.58 -1.52
C ARG C 459 -11.25 -96.60 -2.64
N ALA C 460 -11.13 -97.87 -2.31
CA ALA C 460 -11.28 -98.94 -3.29
C ALA C 460 -12.67 -98.94 -3.95
N HIS C 461 -13.65 -98.35 -3.26
CA HIS C 461 -15.01 -98.33 -3.76
C HIS C 461 -15.67 -96.97 -3.60
N GLU C 462 -14.90 -95.98 -3.14
CA GLU C 462 -15.43 -94.64 -2.92
C GLU C 462 -15.80 -93.96 -4.24
N ALA C 463 -15.12 -94.36 -5.31
CA ALA C 463 -15.37 -93.78 -6.64
C ALA C 463 -16.67 -94.29 -7.23
N LYS C 464 -17.27 -95.29 -6.59
CA LYS C 464 -18.53 -95.85 -7.06
C LYS C 464 -19.72 -95.02 -6.61
N ILE C 465 -19.56 -94.36 -5.47
CA ILE C 465 -20.62 -93.50 -4.93
C ILE C 465 -20.63 -92.16 -5.65
N ARG C 466 -21.76 -91.82 -6.26
CA ARG C 466 -21.88 -90.59 -7.04
C ARG C 466 -23.10 -89.76 -6.65
N TYR C 467 -23.96 -90.31 -5.80
CA TYR C 467 -25.17 -89.62 -5.39
C TYR C 467 -25.79 -90.20 -4.13
N TYR C 468 -26.48 -89.34 -3.38
CA TYR C 468 -27.19 -89.77 -2.19
C TYR C 468 -28.71 -89.62 -2.40
N THR C 469 -29.48 -90.57 -1.87
CA THR C 469 -30.93 -90.51 -1.97
C THR C 469 -31.54 -90.14 -0.63
N TYR C 470 -31.98 -88.89 -0.50
CA TYR C 470 -32.54 -88.41 0.75
C TYR C 470 -34.07 -88.28 0.67
N LEU C 471 -34.72 -88.52 1.80
CA LEU C 471 -36.18 -88.39 1.88
C LEU C 471 -36.58 -87.54 3.08
N ILE C 472 -37.69 -86.83 2.96
CA ILE C 472 -38.17 -85.95 4.03
C ILE C 472 -39.44 -86.50 4.67
N MET C 473 -39.41 -86.62 5.99
CA MET C 473 -40.58 -87.06 6.75
C MET C 473 -41.24 -85.88 7.45
N ASN C 474 -42.57 -85.83 7.38
CA ASN C 474 -43.32 -84.72 7.98
C ASN C 474 -44.76 -85.10 8.31
N LYS C 475 -45.10 -85.05 9.59
CA LYS C 475 -46.45 -85.37 10.04
C LYS C 475 -46.87 -86.78 9.64
N GLY C 476 -45.89 -87.61 9.27
CA GLY C 476 -46.15 -88.99 8.92
C GLY C 476 -46.28 -89.24 7.44
N ARG C 477 -45.88 -88.26 6.63
CA ARG C 477 -45.93 -88.40 5.17
C ARG C 477 -44.63 -87.95 4.53
N LEU C 478 -44.39 -88.43 3.31
CA LEU C 478 -43.20 -88.05 2.56
C LEU C 478 -43.37 -86.66 1.94
N LEU C 479 -42.67 -85.68 2.51
CA LEU C 479 -42.76 -84.30 2.04
C LEU C 479 -42.01 -84.10 0.73
N LYS C 480 -40.77 -84.60 0.68
CA LYS C 480 -39.94 -84.44 -0.51
C LYS C 480 -38.82 -85.47 -0.55
N ALA C 481 -38.32 -85.74 -1.75
CA ALA C 481 -37.21 -86.68 -1.94
C ALA C 481 -36.42 -86.31 -3.19
N GLY C 482 -35.10 -86.23 -3.06
CA GLY C 482 -34.25 -85.85 -4.18
C GLY C 482 -32.92 -86.56 -4.20
N ARG C 483 -31.95 -85.98 -4.91
CA ARG C 483 -30.62 -86.55 -5.03
C ARG C 483 -29.54 -85.53 -4.74
N GLN C 484 -28.49 -85.95 -4.05
CA GLN C 484 -27.35 -85.08 -3.76
C GLN C 484 -26.11 -85.58 -4.49
N VAL C 485 -25.69 -84.84 -5.51
CA VAL C 485 -24.54 -85.24 -6.32
C VAL C 485 -23.25 -85.30 -5.50
N ARG C 486 -22.34 -86.18 -5.93
CA ARG C 486 -21.06 -86.34 -5.26
C ARG C 486 -19.98 -86.78 -6.25
N GLU C 487 -18.86 -86.06 -6.24
CA GLU C 487 -17.73 -86.41 -7.10
C GLU C 487 -16.69 -87.23 -6.33
N PRO C 488 -16.00 -88.14 -7.03
CA PRO C 488 -14.99 -89.02 -6.44
C PRO C 488 -13.92 -88.23 -5.69
N GLY C 489 -13.76 -88.52 -4.40
CA GLY C 489 -12.76 -87.85 -3.59
C GLY C 489 -13.36 -86.87 -2.61
N GLN C 490 -14.69 -86.78 -2.61
CA GLN C 490 -15.39 -85.87 -1.71
C GLN C 490 -16.02 -86.62 -0.54
N ASP C 491 -15.58 -86.29 0.67
CA ASP C 491 -16.09 -86.94 1.88
C ASP C 491 -17.19 -86.10 2.53
N LEU C 492 -17.24 -84.82 2.19
CA LEU C 492 -18.23 -83.92 2.78
C LEU C 492 -18.89 -83.04 1.72
N VAL C 493 -20.20 -83.22 1.52
CA VAL C 493 -20.96 -82.40 0.60
C VAL C 493 -22.17 -81.78 1.30
N VAL C 494 -22.46 -80.53 1.00
CA VAL C 494 -23.54 -79.81 1.66
C VAL C 494 -24.79 -79.77 0.79
N LEU C 495 -25.95 -79.95 1.43
CA LEU C 495 -27.23 -79.92 0.74
C LEU C 495 -28.07 -78.71 1.17
N PRO C 496 -28.17 -77.71 0.29
CA PRO C 496 -28.97 -76.51 0.55
C PRO C 496 -30.47 -76.83 0.63
N LEU C 497 -30.92 -77.21 1.82
CA LEU C 497 -32.32 -77.58 2.00
C LEU C 497 -33.13 -76.41 2.55
N SER C 498 -33.94 -75.79 1.69
CA SER C 498 -34.78 -74.67 2.08
C SER C 498 -35.95 -75.13 2.96
N ILE C 499 -36.16 -74.43 4.06
CA ILE C 499 -37.24 -74.78 4.98
C ILE C 499 -38.49 -73.93 4.72
N THR C 500 -39.60 -74.60 4.46
CA THR C 500 -40.86 -73.91 4.21
C THR C 500 -41.78 -74.01 5.43
N THR C 501 -43.06 -73.71 5.22
CA THR C 501 -44.04 -73.75 6.29
C THR C 501 -44.63 -75.16 6.46
N ASP C 502 -44.10 -76.11 5.70
CA ASP C 502 -44.58 -77.48 5.75
C ASP C 502 -43.81 -78.31 6.78
N PHE C 503 -42.53 -77.99 6.96
CA PHE C 503 -41.66 -78.72 7.87
C PHE C 503 -42.17 -78.70 9.31
N ILE C 504 -42.99 -77.70 9.63
CA ILE C 504 -43.58 -77.59 10.96
C ILE C 504 -44.47 -78.79 11.25
N PRO C 505 -44.35 -79.37 12.46
CA PRO C 505 -43.43 -78.94 13.52
C PRO C 505 -42.03 -79.51 13.32
N SER C 506 -41.92 -80.84 13.31
CA SER C 506 -40.64 -81.50 13.18
C SER C 506 -40.58 -82.33 11.90
N PHE C 507 -39.41 -82.34 11.27
CA PHE C 507 -39.20 -83.10 10.04
C PHE C 507 -37.95 -83.95 10.13
N ARG C 508 -38.01 -85.16 9.57
CA ARG C 508 -36.85 -86.05 9.55
C ARG C 508 -36.16 -86.03 8.20
N LEU C 509 -34.95 -86.55 8.16
CA LEU C 509 -34.16 -86.59 6.93
C LEU C 509 -33.32 -87.85 6.86
N VAL C 510 -33.73 -88.79 6.02
CA VAL C 510 -32.98 -90.02 5.82
C VAL C 510 -32.18 -89.94 4.53
N ALA C 511 -30.93 -90.40 4.59
CA ALA C 511 -30.06 -90.41 3.42
C ALA C 511 -29.32 -91.73 3.31
N TYR C 512 -29.26 -92.28 2.11
CA TYR C 512 -28.60 -93.56 1.89
C TYR C 512 -27.96 -93.64 0.51
N TYR C 513 -26.98 -94.52 0.38
CA TYR C 513 -26.33 -94.77 -0.90
C TYR C 513 -26.16 -96.27 -1.11
N THR C 514 -26.19 -96.71 -2.37
CA THR C 514 -26.05 -98.12 -2.68
C THR C 514 -25.00 -98.35 -3.76
N LEU C 515 -24.20 -99.39 -3.61
CA LEU C 515 -23.16 -99.72 -4.57
C LEU C 515 -22.78 -101.19 -4.49
N ILE C 516 -21.84 -101.61 -5.34
CA ILE C 516 -21.36 -102.97 -5.35
C ILE C 516 -19.89 -103.01 -4.95
N GLY C 517 -19.56 -103.87 -3.99
CA GLY C 517 -18.20 -103.99 -3.51
C GLY C 517 -17.98 -105.22 -2.64
N ALA C 518 -16.85 -105.25 -1.94
CA ALA C 518 -16.50 -106.36 -1.06
C ALA C 518 -16.26 -107.65 -1.85
N SER C 519 -17.34 -108.27 -2.33
CA SER C 519 -17.24 -109.50 -3.10
C SER C 519 -18.47 -109.69 -3.97
N GLY C 520 -18.75 -108.72 -4.84
CA GLY C 520 -19.90 -108.77 -5.70
C GLY C 520 -21.20 -108.81 -4.92
N GLN C 521 -21.16 -108.30 -3.70
CA GLN C 521 -22.32 -108.29 -2.82
C GLN C 521 -22.96 -106.91 -2.75
N ARG C 522 -24.28 -106.85 -2.86
CA ARG C 522 -25.00 -105.59 -2.78
C ARG C 522 -24.99 -105.07 -1.35
N GLU C 523 -24.72 -103.78 -1.19
CA GLU C 523 -24.67 -103.16 0.14
C GLU C 523 -25.45 -101.85 0.16
N VAL C 524 -26.16 -101.62 1.26
CA VAL C 524 -26.90 -100.38 1.45
C VAL C 524 -26.56 -99.76 2.80
N VAL C 525 -26.17 -98.48 2.78
CA VAL C 525 -25.83 -97.77 4.01
C VAL C 525 -26.67 -96.51 4.15
N ALA C 526 -27.28 -96.32 5.32
CA ALA C 526 -28.17 -95.19 5.53
C ALA C 526 -27.92 -94.49 6.86
N ASP C 527 -28.51 -93.32 7.02
CA ASP C 527 -28.44 -92.55 8.26
C ASP C 527 -29.57 -91.54 8.31
N SER C 528 -30.28 -91.52 9.44
CA SER C 528 -31.42 -90.61 9.61
C SER C 528 -31.15 -89.58 10.70
N VAL C 529 -31.88 -88.47 10.64
CA VAL C 529 -31.74 -87.41 11.63
C VAL C 529 -33.06 -86.68 11.84
N TRP C 530 -33.36 -86.37 13.10
CA TRP C 530 -34.60 -85.68 13.44
C TRP C 530 -34.33 -84.25 13.92
N VAL C 531 -34.87 -83.28 13.20
CA VAL C 531 -34.67 -81.87 13.53
C VAL C 531 -35.99 -81.21 13.90
N ASP C 532 -35.95 -80.33 14.90
CA ASP C 532 -37.14 -79.64 15.36
C ASP C 532 -37.21 -78.22 14.81
N VAL C 533 -38.34 -77.88 14.22
CA VAL C 533 -38.57 -76.52 13.72
C VAL C 533 -39.49 -75.76 14.67
N LYS C 534 -39.34 -74.44 14.71
CA LYS C 534 -40.12 -73.60 15.61
C LYS C 534 -41.64 -73.93 15.55
N ASP C 535 -42.25 -74.33 16.69
CA ASP C 535 -43.69 -74.68 16.77
C ASP C 535 -44.61 -73.46 16.74
N SER C 536 -45.27 -73.26 15.60
CA SER C 536 -46.17 -72.13 15.43
C SER C 536 -47.24 -72.44 14.39
N CYS C 537 -48.16 -71.51 14.18
CA CYS C 537 -49.22 -71.70 13.19
C CYS C 537 -48.64 -71.84 11.79
N VAL C 538 -49.20 -72.75 11.01
CA VAL C 538 -48.76 -72.98 9.64
C VAL C 538 -48.77 -71.67 8.87
N GLY C 539 -49.76 -70.82 9.16
CA GLY C 539 -49.85 -69.50 8.56
C GLY C 539 -49.64 -68.42 9.62
N SER C 540 -50.72 -67.71 9.95
CA SER C 540 -50.67 -66.67 10.96
C SER C 540 -52.05 -66.09 11.23
N LEU C 541 -52.35 -65.85 12.50
CA LEU C 541 -53.63 -65.25 12.88
C LEU C 541 -53.45 -64.36 14.11
N VAL C 542 -53.64 -63.06 13.93
CA VAL C 542 -53.46 -62.10 15.01
C VAL C 542 -54.73 -61.28 15.25
N VAL C 543 -55.03 -61.02 16.51
CA VAL C 543 -56.21 -60.22 16.87
C VAL C 543 -55.83 -59.11 17.85
N LYS C 544 -55.81 -57.88 17.36
CA LYS C 544 -55.48 -56.74 18.20
C LYS C 544 -56.59 -55.69 18.16
N SER C 545 -56.41 -54.62 18.93
CA SER C 545 -57.39 -53.54 19.00
C SER C 545 -57.35 -52.66 17.75
N GLY C 546 -58.53 -52.38 17.19
CA GLY C 546 -58.62 -51.51 16.03
C GLY C 546 -58.18 -50.10 16.35
N GLN C 547 -58.58 -49.61 17.51
CA GLN C 547 -58.18 -48.29 17.96
C GLN C 547 -56.68 -48.23 18.20
N SER C 548 -55.95 -47.58 17.30
CA SER C 548 -54.51 -47.43 17.45
C SER C 548 -54.19 -46.30 18.43
N GLU C 549 -55.09 -46.11 19.40
CA GLU C 549 -54.94 -45.04 20.38
C GLU C 549 -55.93 -45.21 21.52
N ASP C 550 -55.94 -44.25 22.44
CA ASP C 550 -56.90 -44.22 23.54
C ASP C 550 -56.62 -45.24 24.64
N ARG C 551 -57.56 -45.37 25.57
CA ARG C 551 -57.37 -46.18 26.77
C ARG C 551 -58.41 -47.30 26.84
N GLN C 552 -58.96 -47.51 28.04
CA GLN C 552 -59.96 -48.55 28.25
C GLN C 552 -61.36 -48.04 27.93
N PRO C 553 -62.17 -48.89 27.28
CA PRO C 553 -63.53 -48.56 26.87
C PRO C 553 -64.50 -48.47 28.05
N VAL C 554 -65.78 -48.31 27.73
CA VAL C 554 -66.83 -48.21 28.75
C VAL C 554 -67.99 -49.12 28.36
N PRO C 555 -68.55 -49.87 29.33
CA PRO C 555 -69.65 -50.80 29.06
C PRO C 555 -70.70 -50.24 28.10
N GLY C 556 -70.87 -50.89 26.96
CA GLY C 556 -71.83 -50.46 25.97
C GLY C 556 -71.20 -49.76 24.79
N GLN C 557 -69.94 -49.36 24.95
CA GLN C 557 -69.22 -48.64 23.91
C GLN C 557 -68.73 -49.58 22.81
N GLN C 558 -68.66 -49.06 21.58
CA GLN C 558 -68.17 -49.83 20.45
C GLN C 558 -66.65 -49.74 20.36
N MET C 559 -66.04 -50.73 19.70
CA MET C 559 -64.60 -50.72 19.48
C MET C 559 -64.22 -51.55 18.26
N THR C 560 -63.35 -50.99 17.43
CA THR C 560 -62.87 -51.68 16.24
C THR C 560 -61.98 -52.86 16.65
N LEU C 561 -62.12 -53.98 15.95
CA LEU C 561 -61.35 -55.17 16.26
C LEU C 561 -60.61 -55.67 15.03
N LYS C 562 -59.33 -55.36 14.94
CA LYS C 562 -58.51 -55.74 13.80
C LYS C 562 -58.20 -57.24 13.82
N ILE C 563 -58.31 -57.87 12.66
CA ILE C 563 -58.02 -59.29 12.52
C ILE C 563 -57.07 -59.55 11.35
N GLU C 564 -55.84 -59.94 11.65
CA GLU C 564 -54.84 -60.19 10.63
C GLU C 564 -54.64 -61.69 10.42
N GLY C 565 -55.23 -62.22 9.35
CA GLY C 565 -55.11 -63.64 9.06
C GLY C 565 -54.79 -63.90 7.60
N ASP C 566 -54.77 -65.17 7.22
CA ASP C 566 -54.47 -65.56 5.84
C ASP C 566 -55.66 -65.30 4.92
N HIS C 567 -55.37 -65.02 3.66
CA HIS C 567 -56.41 -64.74 2.68
C HIS C 567 -57.26 -65.97 2.37
N GLY C 568 -58.57 -65.77 2.26
CA GLY C 568 -59.48 -66.85 1.94
C GLY C 568 -59.82 -67.71 3.13
N ALA C 569 -59.22 -67.40 4.28
CA ALA C 569 -59.43 -68.17 5.49
C ALA C 569 -60.65 -67.70 6.26
N ARG C 570 -61.38 -68.65 6.85
CA ARG C 570 -62.54 -68.33 7.68
C ARG C 570 -62.15 -68.33 9.15
N VAL C 571 -62.58 -67.29 9.86
CA VAL C 571 -62.24 -67.15 11.28
C VAL C 571 -63.47 -67.18 12.17
N VAL C 572 -63.47 -68.07 13.15
CA VAL C 572 -64.55 -68.14 14.12
C VAL C 572 -64.11 -67.48 15.44
N LEU C 573 -64.98 -66.64 15.99
CA LEU C 573 -64.62 -65.87 17.17
C LEU C 573 -65.45 -66.25 18.39
N VAL C 574 -64.99 -65.82 19.57
CA VAL C 574 -65.69 -66.07 20.82
C VAL C 574 -65.04 -65.28 21.96
N ALA C 575 -65.87 -64.57 22.73
CA ALA C 575 -65.38 -63.77 23.84
C ALA C 575 -65.95 -64.29 25.17
N VAL C 576 -65.07 -64.48 26.15
CA VAL C 576 -65.48 -65.01 27.44
C VAL C 576 -64.88 -64.21 28.60
N ASP C 577 -65.70 -63.97 29.62
CA ASP C 577 -65.25 -63.26 30.81
C ASP C 577 -64.17 -64.05 31.53
N LYS C 578 -63.05 -63.41 31.83
CA LYS C 578 -61.93 -64.06 32.49
C LYS C 578 -62.33 -64.72 33.81
N GLY C 579 -63.36 -64.18 34.44
CA GLY C 579 -63.84 -64.70 35.70
C GLY C 579 -64.19 -66.17 35.62
N VAL C 580 -64.56 -66.62 34.43
CA VAL C 580 -64.91 -68.02 34.21
C VAL C 580 -63.71 -68.94 34.37
N PHE C 581 -62.55 -68.49 33.90
CA PHE C 581 -61.33 -69.30 33.96
C PHE C 581 -60.78 -69.40 35.37
N VAL C 582 -61.31 -68.58 36.27
CA VAL C 582 -60.92 -68.64 37.68
C VAL C 582 -61.49 -69.89 38.32
N LEU C 583 -62.61 -70.37 37.78
CA LEU C 583 -63.26 -71.57 38.28
C LEU C 583 -62.77 -72.80 37.54
N ASN C 584 -62.35 -72.60 36.29
CA ASN C 584 -61.87 -73.70 35.46
C ASN C 584 -61.11 -73.19 34.24
N LYS C 585 -59.84 -73.57 34.14
CA LYS C 585 -59.01 -73.16 33.01
C LYS C 585 -58.53 -74.36 32.21
N LYS C 586 -59.00 -75.55 32.58
CA LYS C 586 -58.58 -76.78 31.92
C LYS C 586 -59.45 -77.08 30.70
N ASN C 587 -58.97 -77.98 29.87
CA ASN C 587 -59.71 -78.43 28.69
C ASN C 587 -59.97 -77.32 27.67
N LYS C 588 -59.05 -76.36 27.60
CA LYS C 588 -59.16 -75.29 26.61
C LYS C 588 -58.59 -75.74 25.27
N LEU C 589 -58.54 -74.83 24.30
CA LEU C 589 -58.00 -75.14 22.99
C LEU C 589 -56.81 -74.25 22.66
N THR C 590 -55.63 -74.87 22.55
CA THR C 590 -54.40 -74.14 22.27
C THR C 590 -53.68 -74.73 21.06
N GLN C 591 -53.04 -73.87 20.28
CA GLN C 591 -52.27 -74.31 19.12
C GLN C 591 -51.18 -75.30 19.52
N SER C 592 -50.65 -75.12 20.73
CA SER C 592 -49.61 -76.00 21.26
C SER C 592 -50.15 -77.40 21.51
N LYS C 593 -51.41 -77.47 21.94
CA LYS C 593 -52.07 -78.75 22.20
C LYS C 593 -52.33 -79.51 20.90
N ILE C 594 -52.44 -78.76 19.81
CA ILE C 594 -52.68 -79.36 18.49
C ILE C 594 -51.43 -80.08 17.99
N TRP C 595 -50.29 -79.40 18.04
CA TRP C 595 -49.03 -79.98 17.60
C TRP C 595 -48.63 -81.15 18.49
N ASP C 596 -49.02 -81.08 19.77
CA ASP C 596 -48.72 -82.15 20.71
C ASP C 596 -49.42 -83.44 20.29
N VAL C 597 -50.60 -83.30 19.70
CA VAL C 597 -51.36 -84.45 19.22
C VAL C 597 -50.77 -84.99 17.92
N VAL C 598 -50.42 -84.07 17.02
CA VAL C 598 -49.84 -84.44 15.74
C VAL C 598 -48.53 -85.21 15.93
N GLU C 599 -47.73 -84.76 16.89
CA GLU C 599 -46.44 -85.39 17.15
C GLU C 599 -46.63 -86.80 17.72
N LYS C 600 -47.67 -86.96 18.53
CA LYS C 600 -47.98 -88.25 19.13
C LYS C 600 -48.41 -89.27 18.08
N ALA C 601 -48.98 -88.78 16.98
CA ALA C 601 -49.45 -89.65 15.91
C ALA C 601 -48.37 -89.89 14.86
N ASP C 602 -47.12 -89.63 15.24
CA ASP C 602 -45.99 -89.82 14.34
C ASP C 602 -45.66 -91.30 14.20
N ILE C 603 -45.23 -91.70 13.01
CA ILE C 603 -44.91 -93.09 12.73
C ILE C 603 -43.45 -93.41 13.02
N GLY C 604 -42.66 -92.37 13.25
CA GLY C 604 -41.26 -92.54 13.60
C GLY C 604 -41.09 -92.75 15.09
N CYS C 605 -40.22 -93.67 15.46
CA CYS C 605 -40.03 -94.02 16.87
C CYS C 605 -38.56 -93.98 17.28
N THR C 606 -37.78 -93.16 16.61
CA THR C 606 -36.36 -93.04 16.92
C THR C 606 -35.82 -91.67 16.50
N PRO C 607 -35.10 -91.00 17.41
CA PRO C 607 -34.50 -89.68 17.15
C PRO C 607 -33.59 -89.70 15.92
N GLY C 608 -33.18 -90.89 15.49
CA GLY C 608 -32.33 -91.03 14.32
C GLY C 608 -31.46 -92.26 14.34
N SER C 609 -30.88 -92.59 13.19
CA SER C 609 -30.00 -93.74 13.07
C SER C 609 -30.71 -95.06 13.39
N GLY C 610 -29.97 -96.16 13.29
CA GLY C 610 -30.51 -97.48 13.58
C GLY C 610 -29.42 -98.52 13.72
N LYS C 611 -29.82 -99.76 14.00
CA LYS C 611 -28.87 -100.85 14.14
C LYS C 611 -28.22 -101.19 12.81
N ASP C 612 -29.03 -101.20 11.75
CA ASP C 612 -28.54 -101.46 10.40
C ASP C 612 -29.29 -100.61 9.38
N TYR C 613 -29.09 -100.91 8.11
CA TYR C 613 -29.74 -100.15 7.04
C TYR C 613 -31.25 -100.37 7.06
N ALA C 614 -31.65 -101.60 7.38
CA ALA C 614 -33.07 -101.94 7.46
C ALA C 614 -33.71 -101.37 8.72
N GLY C 615 -32.87 -100.93 9.65
CA GLY C 615 -33.34 -100.35 10.89
C GLY C 615 -33.49 -98.85 10.80
N VAL C 616 -32.61 -98.22 10.03
CA VAL C 616 -32.64 -96.77 9.84
C VAL C 616 -33.97 -96.33 9.24
N PHE C 617 -34.42 -97.03 8.20
CA PHE C 617 -35.68 -96.71 7.55
C PHE C 617 -36.86 -96.94 8.48
N SER C 618 -36.91 -98.12 9.09
CA SER C 618 -38.01 -98.48 9.99
C SER C 618 -38.11 -97.55 11.19
N ASP C 619 -36.95 -97.18 11.73
CA ASP C 619 -36.90 -96.30 12.90
C ASP C 619 -37.17 -94.85 12.52
N ALA C 620 -37.45 -94.61 11.24
CA ALA C 620 -37.76 -93.27 10.76
C ALA C 620 -39.13 -93.22 10.12
N GLY C 621 -39.82 -94.35 10.11
CA GLY C 621 -41.16 -94.43 9.54
C GLY C 621 -41.13 -94.65 8.04
N LEU C 622 -40.35 -95.63 7.60
CA LEU C 622 -40.24 -95.94 6.17
C LEU C 622 -40.01 -97.42 5.92
N THR C 623 -40.23 -97.84 4.69
CA THR C 623 -40.03 -99.23 4.30
C THR C 623 -39.22 -99.33 3.01
N PHE C 624 -38.13 -100.09 3.05
CA PHE C 624 -37.27 -100.26 1.89
C PHE C 624 -37.42 -101.66 1.30
N THR C 625 -37.50 -101.73 -0.02
CA THR C 625 -37.64 -103.00 -0.72
C THR C 625 -37.03 -102.91 -2.12
N SER C 626 -36.09 -103.81 -2.41
CA SER C 626 -35.39 -103.79 -3.69
C SER C 626 -35.50 -105.11 -4.43
N SER C 627 -35.05 -105.12 -5.69
CA SER C 627 -35.08 -106.31 -6.51
C SER C 627 -33.90 -107.23 -6.21
N SER C 628 -32.97 -106.72 -5.40
CA SER C 628 -31.78 -107.49 -5.04
C SER C 628 -32.03 -108.35 -3.80
N GLY C 629 -32.97 -107.91 -2.96
CA GLY C 629 -33.33 -108.66 -1.77
C GLY C 629 -33.31 -107.84 -0.50
N GLN C 630 -32.52 -106.78 -0.49
CA GLN C 630 -32.40 -105.93 0.69
C GLN C 630 -33.70 -105.24 1.04
N GLN C 631 -34.35 -105.71 2.10
CA GLN C 631 -35.59 -105.11 2.57
C GLN C 631 -35.51 -104.76 4.05
N THR C 632 -36.52 -104.05 4.55
CA THR C 632 -36.54 -103.65 5.95
C THR C 632 -37.29 -104.66 6.82
N ALA C 633 -37.25 -104.44 8.13
CA ALA C 633 -37.93 -105.32 9.07
C ALA C 633 -39.44 -105.16 8.99
N GLN C 634 -40.15 -106.28 8.91
CA GLN C 634 -41.61 -106.26 8.82
C GLN C 634 -42.24 -105.60 10.04
N ARG C 635 -43.02 -104.55 9.80
CA ARG C 635 -43.75 -103.88 10.86
C ARG C 635 -45.24 -104.24 10.82
N ALA C 636 -45.76 -104.72 11.94
CA ALA C 636 -47.15 -105.15 12.02
C ALA C 636 -47.83 -104.64 13.28
N GLU C 637 -47.28 -103.56 13.85
CA GLU C 637 -47.85 -102.99 15.06
C GLU C 637 -48.09 -101.49 14.89
N LEU C 638 -49.32 -101.07 15.17
CA LEU C 638 -49.71 -99.67 15.01
C LEU C 638 -48.82 -98.73 15.83
N GLN C 639 -48.97 -98.79 17.15
CA GLN C 639 -48.22 -97.92 18.05
C GLN C 639 -46.72 -98.16 17.96
N CYS C 640 -45.95 -97.16 18.40
CA CYS C 640 -44.50 -97.28 18.48
C CYS C 640 -44.13 -98.32 19.54
N PRO C 641 -42.84 -98.66 19.64
CA PRO C 641 -42.41 -99.61 20.67
C PRO C 641 -42.87 -99.18 22.05
N GLN C 642 -43.42 -100.11 22.82
CA GLN C 642 -43.81 -99.82 24.20
C GLN C 642 -42.61 -99.27 24.96
N PRO C 643 -42.66 -97.98 25.31
CA PRO C 643 -41.57 -97.26 25.97
C PRO C 643 -40.98 -98.07 27.13
N ALA C 644 -39.99 -98.90 26.82
CA ALA C 644 -39.39 -99.78 27.81
C ALA C 644 -38.27 -99.09 28.57
N ALA C 645 -38.54 -97.88 29.06
CA ALA C 645 -37.59 -97.10 29.84
C ALA C 645 -36.16 -97.25 29.34
N LEU D 3 -86.08 -32.14 40.83
CA LEU D 3 -84.69 -32.52 41.06
C LEU D 3 -83.75 -31.38 40.68
N ASP D 4 -83.47 -30.51 41.64
CA ASP D 4 -82.58 -29.37 41.42
C ASP D 4 -81.21 -29.62 42.04
N GLU D 5 -81.11 -30.68 42.85
CA GLU D 5 -79.85 -31.03 43.49
C GLU D 5 -78.74 -31.27 42.46
N ASP D 6 -77.50 -31.23 42.93
CA ASP D 6 -76.35 -31.47 42.06
C ASP D 6 -76.11 -32.97 41.89
N ILE D 7 -77.14 -33.67 41.46
CA ILE D 7 -77.07 -35.12 41.30
C ILE D 7 -78.01 -35.58 40.19
N ILE D 8 -78.00 -36.88 39.89
CA ILE D 8 -78.84 -37.44 38.85
C ILE D 8 -80.03 -38.20 39.45
N ALA D 9 -81.22 -37.92 38.94
CA ALA D 9 -82.43 -38.57 39.42
C ALA D 9 -82.47 -40.05 39.05
N GLU D 10 -83.39 -40.79 39.67
CA GLU D 10 -83.53 -42.22 39.42
C GLU D 10 -84.02 -42.48 38.00
N GLU D 11 -84.83 -41.57 37.48
CA GLU D 11 -85.41 -41.73 36.15
C GLU D 11 -84.39 -41.47 35.05
N ASN D 12 -83.20 -41.03 35.43
CA ASN D 12 -82.15 -40.73 34.47
C ASN D 12 -80.96 -41.68 34.51
N ILE D 13 -81.10 -42.76 35.29
CA ILE D 13 -80.04 -43.76 35.40
C ILE D 13 -80.43 -45.06 34.71
N VAL D 14 -79.89 -45.27 33.51
CA VAL D 14 -80.13 -46.50 32.78
C VAL D 14 -79.26 -47.63 33.32
N SER D 15 -79.88 -48.62 33.94
CA SER D 15 -79.16 -49.70 34.57
C SER D 15 -78.53 -50.67 33.56
N ARG D 16 -77.40 -51.24 33.93
CA ARG D 16 -76.74 -52.25 33.11
C ARG D 16 -77.35 -53.62 33.39
N SER D 17 -77.77 -54.30 32.34
CA SER D 17 -78.45 -55.59 32.49
C SER D 17 -77.74 -56.71 31.73
N GLU D 18 -77.14 -56.37 30.60
CA GLU D 18 -76.45 -57.37 29.78
C GLU D 18 -75.16 -57.84 30.43
N PHE D 19 -75.23 -58.98 31.12
CA PHE D 19 -74.05 -59.55 31.76
C PHE D 19 -73.80 -60.99 31.30
N PRO D 20 -73.46 -61.18 30.02
CA PRO D 20 -73.20 -62.52 29.48
C PRO D 20 -71.86 -63.07 29.95
N GLU D 21 -71.74 -64.39 30.00
CA GLU D 21 -70.49 -65.03 30.38
C GLU D 21 -69.66 -65.32 29.13
N SER D 22 -70.33 -65.47 28.00
CA SER D 22 -69.66 -65.74 26.73
C SER D 22 -70.48 -65.21 25.56
N TRP D 23 -69.88 -64.29 24.81
CA TRP D 23 -70.56 -63.70 23.65
C TRP D 23 -69.62 -63.65 22.44
N LEU D 24 -70.01 -62.86 21.44
CA LEU D 24 -69.23 -62.73 20.22
C LEU D 24 -68.99 -64.09 19.56
N TRP D 25 -70.02 -64.94 19.58
CA TRP D 25 -69.95 -66.25 18.93
C TRP D 25 -70.24 -66.09 17.44
N ASN D 26 -69.42 -65.33 16.76
CA ASN D 26 -69.64 -65.02 15.35
C ASN D 26 -68.68 -65.74 14.41
N VAL D 27 -68.91 -65.59 13.11
CA VAL D 27 -68.05 -66.18 12.09
C VAL D 27 -67.76 -65.18 10.99
N GLU D 28 -66.47 -64.93 10.74
CA GLU D 28 -66.07 -63.94 9.74
C GLU D 28 -65.05 -64.52 8.76
N ASP D 29 -65.23 -64.22 7.48
CA ASP D 29 -64.31 -64.70 6.45
C ASP D 29 -63.38 -63.57 5.99
N LEU D 30 -62.12 -63.92 5.76
CA LEU D 30 -61.12 -62.95 5.32
C LEU D 30 -60.93 -62.97 3.81
N LYS D 31 -61.84 -62.31 3.10
CA LYS D 31 -61.78 -62.24 1.64
C LYS D 31 -61.33 -60.85 1.19
N GLU D 32 -60.89 -60.03 2.14
CA GLU D 32 -60.46 -58.67 1.85
C GLU D 32 -59.18 -58.66 1.02
N PRO D 33 -58.94 -57.55 0.30
CA PRO D 33 -57.72 -57.39 -0.51
C PRO D 33 -56.46 -57.72 0.27
N PRO D 34 -55.78 -58.81 -0.10
CA PRO D 34 -54.58 -59.29 0.59
C PRO D 34 -53.36 -58.42 0.34
N LYS D 35 -52.55 -58.23 1.37
CA LYS D 35 -51.28 -57.53 1.23
C LYS D 35 -50.19 -58.28 1.99
N ASN D 36 -49.24 -58.84 1.25
CA ASN D 36 -48.20 -59.69 1.82
C ASN D 36 -48.78 -60.98 2.39
N GLY D 37 -49.85 -61.47 1.76
CA GLY D 37 -50.49 -62.69 2.18
C GLY D 37 -51.22 -62.55 3.50
N ILE D 38 -51.45 -61.31 3.92
CA ILE D 38 -52.12 -61.04 5.19
C ILE D 38 -53.32 -60.13 5.02
N SER D 39 -54.52 -60.71 5.05
CA SER D 39 -55.75 -59.94 4.97
C SER D 39 -56.03 -59.24 6.30
N THR D 40 -56.93 -58.26 6.28
CA THR D 40 -57.24 -57.50 7.48
C THR D 40 -58.71 -57.08 7.53
N LYS D 41 -59.46 -57.65 8.46
CA LYS D 41 -60.86 -57.30 8.65
C LYS D 41 -61.05 -56.48 9.92
N LEU D 42 -61.77 -55.36 9.80
CA LEU D 42 -62.05 -54.50 10.94
C LEU D 42 -63.49 -54.68 11.41
N MET D 43 -63.67 -55.31 12.56
CA MET D 43 -65.00 -55.54 13.11
C MET D 43 -65.38 -54.48 14.12
N ASN D 44 -66.66 -54.08 14.11
CA ASN D 44 -67.16 -53.12 15.08
C ASN D 44 -68.06 -53.80 16.11
N ILE D 45 -67.45 -54.30 17.18
CA ILE D 45 -68.18 -55.06 18.19
C ILE D 45 -68.86 -54.15 19.22
N PHE D 46 -69.86 -54.71 19.91
CA PHE D 46 -70.60 -53.97 20.92
C PHE D 46 -70.34 -54.56 22.31
N LEU D 47 -69.38 -53.99 23.02
CA LEU D 47 -69.02 -54.46 24.35
C LEU D 47 -70.23 -54.49 25.27
N LYS D 48 -70.32 -55.52 26.10
CA LYS D 48 -71.45 -55.71 27.01
C LYS D 48 -71.33 -54.80 28.23
N ASP D 49 -72.24 -54.99 29.19
CA ASP D 49 -72.28 -54.16 30.37
C ASP D 49 -71.35 -54.67 31.47
N SER D 50 -70.96 -55.94 31.37
CA SER D 50 -70.07 -56.55 32.36
C SER D 50 -68.76 -55.79 32.49
N ILE D 51 -68.51 -55.25 33.68
CA ILE D 51 -67.28 -54.53 33.95
C ILE D 51 -66.17 -55.49 34.35
N THR D 52 -65.43 -55.96 33.37
CA THR D 52 -64.38 -56.95 33.59
C THR D 52 -63.45 -57.01 32.39
N THR D 53 -62.60 -58.04 32.35
CA THR D 53 -61.68 -58.22 31.23
C THR D 53 -62.09 -59.42 30.38
N TRP D 54 -62.42 -59.16 29.12
CA TRP D 54 -62.83 -60.22 28.21
C TRP D 54 -61.62 -60.87 27.55
N GLU D 55 -61.76 -62.15 27.19
CA GLU D 55 -60.69 -62.85 26.49
C GLU D 55 -61.20 -63.41 25.17
N ILE D 56 -60.76 -62.80 24.07
CA ILE D 56 -61.22 -63.20 22.74
C ILE D 56 -60.30 -64.26 22.13
N LEU D 57 -60.89 -65.39 21.75
CA LEU D 57 -60.14 -66.48 21.12
C LEU D 57 -60.52 -66.60 19.65
N ALA D 58 -59.52 -66.63 18.78
CA ALA D 58 -59.75 -66.70 17.34
C ALA D 58 -59.16 -67.98 16.75
N VAL D 59 -59.89 -68.57 15.80
CA VAL D 59 -59.43 -69.78 15.13
C VAL D 59 -59.67 -69.67 13.62
N SER D 60 -58.58 -69.74 12.85
CA SER D 60 -58.67 -69.64 11.40
C SER D 60 -58.60 -71.01 10.74
N MET D 61 -59.46 -71.24 9.76
CA MET D 61 -59.50 -72.50 9.04
C MET D 61 -59.28 -72.28 7.54
N SER D 62 -58.03 -72.23 7.12
CA SER D 62 -57.69 -72.01 5.72
C SER D 62 -57.39 -73.33 5.03
N ASP D 63 -57.78 -73.44 3.75
CA ASP D 63 -57.52 -74.64 2.97
C ASP D 63 -56.11 -74.62 2.39
N LYS D 64 -55.33 -73.61 2.78
CA LYS D 64 -53.94 -73.50 2.34
C LYS D 64 -52.99 -73.58 3.51
N LYS D 65 -53.34 -72.92 4.62
CA LYS D 65 -52.48 -72.87 5.80
C LYS D 65 -53.06 -73.70 6.94
N GLY D 66 -54.08 -74.50 6.64
CA GLY D 66 -54.70 -75.35 7.64
C GLY D 66 -55.29 -74.59 8.81
N ILE D 67 -55.48 -75.29 9.92
CA ILE D 67 -56.05 -74.68 11.13
C ILE D 67 -54.98 -73.92 11.91
N CYS D 68 -55.40 -72.92 12.66
CA CYS D 68 -54.48 -72.11 13.46
C CYS D 68 -55.21 -71.39 14.59
N VAL D 69 -54.79 -71.65 15.82
CA VAL D 69 -55.38 -71.01 16.99
C VAL D 69 -54.58 -69.77 17.40
N ALA D 70 -55.20 -68.60 17.26
CA ALA D 70 -54.54 -67.35 17.59
C ALA D 70 -54.37 -67.18 19.10
N ASP D 71 -53.42 -66.34 19.49
CA ASP D 71 -53.18 -66.06 20.90
C ASP D 71 -54.30 -65.20 21.47
N PRO D 72 -54.85 -65.62 22.63
CA PRO D 72 -55.96 -64.93 23.29
C PRO D 72 -55.70 -63.44 23.46
N PHE D 73 -56.69 -62.63 23.08
CA PHE D 73 -56.58 -61.18 23.20
C PHE D 73 -57.53 -60.66 24.29
N GLU D 74 -56.96 -60.03 25.31
CA GLU D 74 -57.74 -59.55 26.44
C GLU D 74 -58.14 -58.08 26.31
N VAL D 75 -59.39 -57.79 26.64
CA VAL D 75 -59.90 -56.42 26.60
C VAL D 75 -60.46 -56.01 27.97
N THR D 76 -59.82 -55.03 28.59
CA THR D 76 -60.23 -54.57 29.91
C THR D 76 -61.30 -53.48 29.83
N VAL D 77 -62.46 -53.76 30.39
CA VAL D 77 -63.56 -52.79 30.42
C VAL D 77 -63.86 -52.35 31.85
N MET D 78 -63.44 -51.14 32.18
CA MET D 78 -63.60 -50.63 33.54
C MET D 78 -64.23 -49.24 33.56
N GLN D 79 -64.64 -48.79 34.74
CA GLN D 79 -65.20 -47.47 34.91
C GLN D 79 -64.76 -46.88 36.25
N ASP D 80 -64.48 -45.58 36.27
CA ASP D 80 -63.99 -44.91 37.47
C ASP D 80 -64.89 -45.17 38.68
N PHE D 81 -66.19 -45.34 38.43
CA PHE D 81 -67.17 -45.60 39.49
C PHE D 81 -68.28 -46.52 39.01
N PHE D 82 -68.64 -47.51 39.82
CA PHE D 82 -69.66 -48.47 39.44
C PHE D 82 -70.17 -49.28 40.64
N ILE D 83 -71.13 -50.17 40.37
CA ILE D 83 -71.70 -51.02 41.40
C ILE D 83 -71.55 -52.49 41.04
N ASP D 84 -71.17 -53.30 42.03
CA ASP D 84 -71.03 -54.73 41.83
C ASP D 84 -72.09 -55.51 42.61
N LEU D 85 -73.32 -55.48 42.12
CA LEU D 85 -74.41 -56.19 42.76
C LEU D 85 -74.19 -57.69 42.71
N ARG D 86 -73.99 -58.30 43.87
CA ARG D 86 -73.70 -59.72 43.94
C ARG D 86 -74.88 -60.53 44.49
N LEU D 87 -75.50 -61.32 43.62
CA LEU D 87 -76.63 -62.16 44.00
C LEU D 87 -76.25 -63.64 43.98
N PRO D 88 -76.75 -64.40 44.96
CA PRO D 88 -76.53 -65.85 45.02
C PRO D 88 -77.13 -66.54 43.80
N TYR D 89 -76.67 -67.74 43.49
CA TYR D 89 -77.18 -68.48 42.35
C TYR D 89 -78.69 -68.70 42.47
N SER D 90 -79.13 -69.13 43.64
CA SER D 90 -80.54 -69.39 43.88
C SER D 90 -80.93 -69.04 45.31
N VAL D 91 -82.13 -68.47 45.47
CA VAL D 91 -82.63 -68.12 46.79
C VAL D 91 -83.98 -68.78 47.05
N VAL D 92 -84.14 -69.35 48.24
CA VAL D 92 -85.37 -70.03 48.61
C VAL D 92 -86.50 -69.02 48.81
N ARG D 93 -87.67 -69.34 48.28
CA ARG D 93 -88.84 -68.48 48.42
C ARG D 93 -89.24 -68.31 49.89
N ASN D 94 -89.64 -67.08 50.24
CA ASN D 94 -90.07 -66.77 51.60
C ASN D 94 -88.93 -66.63 52.60
N GLU D 95 -87.75 -67.15 52.24
CA GLU D 95 -86.58 -67.05 53.11
C GLU D 95 -85.93 -65.68 53.00
N GLN D 96 -85.76 -65.02 54.15
CA GLN D 96 -85.12 -63.71 54.18
C GLN D 96 -83.60 -63.83 54.12
N VAL D 97 -83.00 -63.23 53.10
CA VAL D 97 -81.55 -63.27 52.93
C VAL D 97 -80.99 -61.88 52.67
N GLU D 98 -79.69 -61.73 52.88
CA GLU D 98 -79.02 -60.45 52.67
C GLU D 98 -78.17 -60.46 51.41
N ILE D 99 -78.37 -59.45 50.57
CA ILE D 99 -77.59 -59.32 49.33
C ILE D 99 -76.61 -58.16 49.44
N ARG D 100 -75.41 -58.36 48.91
CA ARG D 100 -74.37 -57.33 48.96
C ARG D 100 -74.40 -56.45 47.72
N ALA D 101 -74.06 -55.17 47.92
CA ALA D 101 -73.97 -54.22 46.81
C ALA D 101 -72.72 -53.36 46.99
N VAL D 102 -71.60 -53.83 46.46
CA VAL D 102 -70.33 -53.14 46.62
C VAL D 102 -70.18 -51.98 45.65
N LEU D 103 -69.91 -50.79 46.18
CA LEU D 103 -69.70 -49.61 45.37
C LEU D 103 -68.21 -49.26 45.32
N TYR D 104 -67.61 -49.43 44.14
CA TYR D 104 -66.17 -49.19 43.98
C TYR D 104 -65.87 -47.74 43.58
N ASN D 105 -64.79 -47.21 44.14
CA ASN D 105 -64.34 -45.86 43.81
C ASN D 105 -62.85 -45.84 43.53
N TYR D 106 -62.48 -45.75 42.25
CA TYR D 106 -61.08 -45.81 41.86
C TYR D 106 -60.53 -44.45 41.41
N ARG D 107 -61.09 -43.38 41.95
CA ARG D 107 -60.57 -42.04 41.69
C ARG D 107 -59.26 -41.82 42.42
N GLN D 108 -58.39 -41.00 41.83
CA GLN D 108 -57.08 -40.71 42.41
C GLN D 108 -57.17 -40.28 43.87
N ASN D 109 -57.63 -39.06 44.10
CA ASN D 109 -57.77 -38.54 45.46
C ASN D 109 -59.08 -37.79 45.67
N GLN D 110 -60.20 -38.46 45.39
CA GLN D 110 -61.51 -37.84 45.51
C GLN D 110 -62.53 -38.81 46.10
N GLU D 111 -62.74 -38.73 47.42
CA GLU D 111 -63.75 -39.55 48.07
C GLU D 111 -65.14 -39.12 47.59
N LEU D 112 -65.98 -40.09 47.24
CA LEU D 112 -67.25 -39.80 46.61
C LEU D 112 -68.43 -39.82 47.59
N LYS D 113 -69.24 -38.77 47.55
CA LYS D 113 -70.49 -38.73 48.28
C LYS D 113 -71.56 -39.45 47.46
N VAL D 114 -71.85 -40.69 47.81
CA VAL D 114 -72.73 -41.53 47.01
C VAL D 114 -74.15 -41.65 47.57
N ARG D 115 -75.12 -41.73 46.67
CA ARG D 115 -76.51 -41.94 47.03
C ARG D 115 -77.03 -43.21 46.36
N VAL D 116 -77.14 -44.28 47.14
CA VAL D 116 -77.56 -45.57 46.61
C VAL D 116 -79.01 -45.88 46.99
N GLU D 117 -79.77 -46.39 46.02
CA GLU D 117 -81.18 -46.72 46.24
C GLU D 117 -81.53 -48.08 45.67
N LEU D 118 -82.38 -48.82 46.39
CA LEU D 118 -82.86 -50.11 45.93
C LEU D 118 -84.29 -49.99 45.41
N LEU D 119 -84.45 -50.04 44.10
CA LEU D 119 -85.76 -49.91 43.47
C LEU D 119 -86.75 -50.96 43.99
N HIS D 120 -88.01 -50.57 44.08
CA HIS D 120 -89.06 -51.47 44.59
C HIS D 120 -89.47 -52.50 43.56
N ASN D 121 -89.85 -53.69 44.03
CA ASN D 121 -90.32 -54.76 43.17
C ASN D 121 -91.29 -55.66 43.91
N PRO D 122 -92.54 -55.75 43.40
CA PRO D 122 -93.60 -56.56 44.01
C PRO D 122 -93.18 -58.00 44.27
N ALA D 123 -92.15 -58.47 43.57
CA ALA D 123 -91.66 -59.83 43.73
C ALA D 123 -90.86 -59.98 45.01
N PHE D 124 -90.33 -58.88 45.52
CA PHE D 124 -89.54 -58.90 46.75
C PHE D 124 -90.17 -58.03 47.83
N CYS D 125 -89.78 -58.27 49.08
CA CYS D 125 -90.30 -57.50 50.21
C CYS D 125 -89.16 -56.86 50.99
N SER D 126 -88.93 -55.58 50.73
CA SER D 126 -87.87 -54.84 51.42
C SER D 126 -88.42 -53.52 51.98
N LEU D 127 -87.53 -52.69 52.50
CA LEU D 127 -87.93 -51.40 53.06
C LEU D 127 -88.43 -50.46 51.97
N ALA D 128 -88.07 -50.76 50.72
CA ALA D 128 -88.50 -49.96 49.58
C ALA D 128 -89.86 -50.42 49.09
N THR D 129 -90.85 -49.53 49.13
CA THR D 129 -92.20 -49.85 48.66
C THR D 129 -92.58 -48.98 47.47
N THR D 130 -93.84 -49.06 47.06
CA THR D 130 -94.33 -48.34 45.90
C THR D 130 -94.28 -46.82 46.10
N LYS D 131 -94.43 -46.39 47.35
CA LYS D 131 -94.44 -44.95 47.65
C LYS D 131 -93.30 -44.55 48.57
N ARG D 132 -92.49 -45.52 48.99
CA ARG D 132 -91.35 -45.24 49.85
C ARG D 132 -90.05 -45.71 49.21
N ARG D 133 -89.05 -44.83 49.20
CA ARG D 133 -87.74 -45.16 48.64
C ARG D 133 -86.75 -45.51 49.74
N HIS D 134 -86.11 -46.67 49.59
CA HIS D 134 -85.07 -47.08 50.54
C HIS D 134 -83.70 -46.69 50.01
N GLN D 135 -83.26 -45.49 50.36
CA GLN D 135 -82.01 -44.95 49.86
C GLN D 135 -81.09 -44.47 50.97
N GLN D 136 -79.83 -44.91 50.92
CA GLN D 136 -78.82 -44.46 51.86
C GLN D 136 -77.94 -43.39 51.24
N THR D 137 -77.09 -42.77 52.05
CA THR D 137 -76.17 -41.75 51.57
C THR D 137 -74.80 -41.93 52.21
N VAL D 138 -74.04 -42.88 51.70
CA VAL D 138 -72.73 -43.21 52.26
C VAL D 138 -71.60 -42.51 51.53
N THR D 139 -70.39 -42.62 52.07
CA THR D 139 -69.21 -42.02 51.47
C THR D 139 -68.11 -43.05 51.27
N ILE D 140 -67.44 -43.00 50.12
CA ILE D 140 -66.41 -43.97 49.79
C ILE D 140 -65.04 -43.32 49.63
N PRO D 141 -64.05 -43.77 50.40
CA PRO D 141 -62.68 -43.28 50.32
C PRO D 141 -62.09 -43.52 48.94
N PRO D 142 -61.11 -42.70 48.53
CA PRO D 142 -60.44 -42.84 47.23
C PRO D 142 -59.69 -44.17 47.11
N LYS D 143 -59.74 -44.77 45.92
CA LYS D 143 -59.03 -46.02 45.66
C LYS D 143 -59.43 -47.13 46.62
N SER D 144 -60.73 -47.23 46.88
CA SER D 144 -61.25 -48.28 47.76
C SER D 144 -62.70 -48.60 47.43
N SER D 145 -63.29 -49.53 48.19
CA SER D 145 -64.67 -49.94 47.95
C SER D 145 -65.51 -49.82 49.22
N LEU D 146 -66.82 -50.04 49.07
CA LEU D 146 -67.74 -49.96 50.20
C LEU D 146 -68.97 -50.84 49.97
N SER D 147 -69.17 -51.79 50.87
CA SER D 147 -70.29 -52.71 50.76
C SER D 147 -71.58 -52.11 51.31
N VAL D 148 -72.70 -52.41 50.67
CA VAL D 148 -73.99 -51.91 51.11
C VAL D 148 -75.01 -53.03 51.21
N PRO D 149 -75.39 -53.39 52.45
CA PRO D 149 -76.34 -54.48 52.74
C PRO D 149 -77.75 -54.18 52.25
N TYR D 150 -78.50 -55.24 51.94
CA TYR D 150 -79.89 -55.11 51.52
C TYR D 150 -80.68 -56.37 51.84
N VAL D 151 -81.60 -56.28 52.79
CA VAL D 151 -82.43 -57.42 53.17
C VAL D 151 -83.67 -57.50 52.30
N ILE D 152 -83.88 -58.66 51.68
CA ILE D 152 -85.03 -58.88 50.82
C ILE D 152 -85.65 -60.25 51.05
N VAL D 153 -86.91 -60.40 50.64
CA VAL D 153 -87.62 -61.66 50.80
C VAL D 153 -88.40 -62.02 49.53
N PRO D 154 -87.91 -63.00 48.78
CA PRO D 154 -88.57 -63.47 47.55
C PRO D 154 -90.00 -63.90 47.83
N LEU D 155 -90.94 -63.53 46.95
CA LEU D 155 -92.34 -63.84 47.15
C LEU D 155 -92.86 -64.82 46.09
N LYS D 156 -92.40 -64.65 44.86
CA LYS D 156 -92.82 -65.51 43.76
C LYS D 156 -91.63 -66.19 43.10
N THR D 157 -91.80 -67.47 42.76
CA THR D 157 -90.74 -68.25 42.14
C THR D 157 -90.47 -67.80 40.71
N GLY D 158 -89.37 -68.28 40.14
CA GLY D 158 -88.99 -67.91 38.78
C GLY D 158 -87.85 -66.92 38.77
N LEU D 159 -87.33 -66.64 37.58
CA LEU D 159 -86.23 -65.70 37.41
C LEU D 159 -86.67 -64.28 37.73
N GLN D 160 -86.47 -63.85 38.97
CA GLN D 160 -86.86 -62.52 39.39
C GLN D 160 -85.76 -61.50 39.07
N GLU D 161 -86.00 -60.24 39.44
CA GLU D 161 -85.09 -59.16 39.07
C GLU D 161 -84.83 -58.19 40.22
N VAL D 162 -83.57 -58.05 40.60
CA VAL D 162 -83.16 -57.08 41.62
C VAL D 162 -82.40 -55.95 40.94
N GLU D 163 -82.76 -54.71 41.28
CA GLU D 163 -82.17 -53.54 40.64
C GLU D 163 -81.77 -52.46 41.63
N VAL D 164 -80.51 -52.04 41.57
CA VAL D 164 -80.01 -50.98 42.44
C VAL D 164 -79.35 -49.88 41.63
N LYS D 165 -79.54 -48.63 42.05
CA LYS D 165 -78.95 -47.48 41.37
C LYS D 165 -78.23 -46.58 42.36
N ALA D 166 -77.23 -45.85 41.88
CA ALA D 166 -76.47 -44.94 42.73
C ALA D 166 -75.81 -43.82 41.94
N ALA D 167 -75.90 -42.61 42.48
CA ALA D 167 -75.28 -41.44 41.86
C ALA D 167 -74.51 -40.64 42.90
N VAL D 168 -73.45 -39.97 42.47
CA VAL D 168 -72.62 -39.19 43.37
C VAL D 168 -73.00 -37.71 43.35
N TYR D 169 -72.87 -37.06 44.50
CA TYR D 169 -73.16 -35.63 44.61
C TYR D 169 -72.03 -34.80 44.03
N HIS D 170 -72.39 -33.68 43.41
CA HIS D 170 -71.41 -32.77 42.80
C HIS D 170 -70.82 -33.34 41.52
N HIS D 171 -70.30 -34.55 41.59
CA HIS D 171 -69.86 -35.27 40.39
C HIS D 171 -71.07 -35.78 39.61
N PHE D 172 -71.05 -35.60 38.30
CA PHE D 172 -72.14 -36.06 37.46
C PHE D 172 -71.88 -37.46 36.91
N ILE D 173 -71.86 -38.44 37.81
CA ILE D 173 -71.64 -39.83 37.44
C ILE D 173 -72.69 -40.72 38.09
N SER D 174 -72.94 -41.88 37.51
CA SER D 174 -73.91 -42.81 38.06
C SER D 174 -73.78 -44.19 37.41
N ASP D 175 -74.42 -45.18 38.02
CA ASP D 175 -74.41 -46.55 37.49
C ASP D 175 -75.44 -47.42 38.18
N GLY D 176 -76.35 -47.99 37.40
CA GLY D 176 -77.35 -48.91 37.92
C GLY D 176 -77.08 -50.33 37.49
N VAL D 177 -77.46 -51.28 38.32
CA VAL D 177 -77.27 -52.69 38.01
C VAL D 177 -78.58 -53.45 38.10
N ARG D 178 -78.96 -54.12 37.02
CA ARG D 178 -80.21 -54.87 36.98
C ARG D 178 -79.97 -56.35 36.70
N LYS D 179 -79.41 -57.04 37.69
CA LYS D 179 -79.16 -58.48 37.56
C LYS D 179 -80.39 -59.29 37.95
N SER D 180 -80.39 -60.56 37.59
CA SER D 180 -81.52 -61.44 37.88
C SER D 180 -81.06 -62.71 38.58
N LEU D 181 -81.81 -63.12 39.60
CA LEU D 181 -81.48 -64.32 40.35
C LEU D 181 -82.64 -65.32 40.34
N LYS D 182 -82.31 -66.60 40.29
CA LYS D 182 -83.32 -67.65 40.26
C LYS D 182 -83.94 -67.86 41.64
N VAL D 183 -85.26 -67.90 41.69
CA VAL D 183 -85.98 -68.10 42.95
C VAL D 183 -86.65 -69.47 42.98
N VAL D 184 -86.01 -70.42 43.66
CA VAL D 184 -86.49 -71.79 43.74
C VAL D 184 -87.22 -72.05 45.05
N PRO D 185 -88.33 -72.78 44.99
CA PRO D 185 -89.14 -73.15 46.16
C PRO D 185 -88.34 -73.94 47.18
N GLU D 186 -89.06 -74.74 47.96
CA GLU D 186 -88.43 -75.50 49.02
C GLU D 186 -88.39 -76.99 48.70
N GLY D 187 -87.35 -77.39 47.99
CA GLY D 187 -87.17 -78.79 47.62
C GLY D 187 -85.71 -79.22 47.58
N ILE D 188 -85.49 -80.53 47.46
CA ILE D 188 -84.14 -81.09 47.42
C ILE D 188 -83.97 -82.15 46.33
N ARG D 189 -82.83 -82.12 45.66
CA ARG D 189 -82.53 -83.07 44.59
C ARG D 189 -82.54 -84.52 45.08
N MET D 190 -83.07 -85.41 44.25
CA MET D 190 -83.04 -86.85 44.53
C MET D 190 -83.31 -87.67 43.28
N ASN D 191 -82.82 -88.90 43.27
CA ASN D 191 -82.95 -89.78 42.11
C ASN D 191 -83.43 -91.17 42.48
N LYS D 192 -84.68 -91.27 42.92
CA LYS D 192 -85.25 -92.56 43.30
C LYS D 192 -85.22 -93.54 42.14
N THR D 193 -84.84 -94.79 42.44
CA THR D 193 -84.77 -95.83 41.42
C THR D 193 -86.14 -96.44 41.17
N VAL D 194 -86.60 -96.34 39.92
CA VAL D 194 -87.90 -96.89 39.55
C VAL D 194 -87.90 -98.40 39.65
N ALA D 195 -87.12 -99.05 38.80
CA ALA D 195 -87.03 -100.51 38.79
C ALA D 195 -85.78 -100.98 38.05
N VAL D 196 -85.32 -102.18 38.40
CA VAL D 196 -84.15 -102.76 37.76
C VAL D 196 -84.35 -104.26 37.52
N ARG D 197 -84.72 -104.60 36.29
CA ARG D 197 -84.96 -105.99 35.92
C ARG D 197 -84.18 -106.38 34.67
N THR D 198 -84.09 -107.69 34.42
CA THR D 198 -83.33 -108.20 33.29
C THR D 198 -84.22 -108.54 32.10
N LEU D 199 -83.78 -108.16 30.91
CA LEU D 199 -84.53 -108.42 29.69
C LEU D 199 -83.89 -109.50 28.84
N ASP D 200 -84.53 -110.66 28.77
CA ASP D 200 -84.04 -111.76 27.95
C ASP D 200 -85.17 -112.73 27.63
N PRO D 201 -85.84 -112.50 26.49
CA PRO D 201 -86.96 -113.36 26.04
C PRO D 201 -86.52 -114.82 25.91
N GLU D 202 -85.30 -115.03 25.42
CA GLU D 202 -84.77 -116.37 25.22
C GLU D 202 -84.73 -117.17 26.52
N ARG D 203 -84.71 -116.46 27.65
CA ARG D 203 -84.55 -117.08 28.97
C ARG D 203 -85.73 -116.80 29.90
N LEU D 204 -86.09 -115.53 30.01
CA LEU D 204 -87.11 -115.06 30.93
C LEU D 204 -88.45 -114.89 30.23
N GLY D 205 -89.50 -115.47 30.80
CA GLY D 205 -90.83 -115.36 30.25
C GLY D 205 -91.13 -116.44 29.21
N ARG D 206 -90.15 -117.30 28.98
CA ARG D 206 -90.28 -118.37 27.99
C ARG D 206 -90.84 -117.85 26.68
N GLU D 207 -92.08 -118.21 26.38
CA GLU D 207 -92.78 -117.78 25.17
C GLU D 207 -91.84 -117.40 24.03
N GLY D 208 -91.44 -116.13 24.01
CA GLY D 208 -90.51 -115.64 23.00
C GLY D 208 -90.59 -114.13 22.87
N VAL D 209 -91.54 -113.53 23.57
CA VAL D 209 -91.74 -112.09 23.53
C VAL D 209 -91.94 -111.52 24.93
N GLN D 210 -90.87 -111.53 25.72
CA GLN D 210 -90.94 -111.07 27.12
C GLN D 210 -91.58 -109.69 27.24
N LYS D 211 -92.59 -109.61 28.10
CA LYS D 211 -93.25 -108.34 28.40
C LYS D 211 -92.88 -107.89 29.81
N GLU D 212 -93.02 -106.59 30.08
CA GLU D 212 -92.64 -106.06 31.37
C GLU D 212 -93.50 -104.87 31.80
N ASP D 213 -94.22 -105.04 32.90
CA ASP D 213 -95.03 -103.96 33.47
C ASP D 213 -94.15 -103.02 34.29
N ILE D 214 -94.26 -101.72 34.04
CA ILE D 214 -93.46 -100.75 34.76
C ILE D 214 -94.31 -99.72 35.49
N PRO D 215 -94.35 -99.83 36.83
CA PRO D 215 -95.09 -98.89 37.67
C PRO D 215 -94.48 -97.49 37.59
N PRO D 216 -95.33 -96.45 37.57
CA PRO D 216 -94.83 -95.08 37.55
C PRO D 216 -94.25 -94.69 38.91
N ALA D 217 -93.59 -93.53 38.97
CA ALA D 217 -92.98 -93.07 40.21
C ALA D 217 -94.02 -92.46 41.13
N ASP D 218 -94.20 -93.05 42.30
CA ASP D 218 -95.19 -92.56 43.26
C ASP D 218 -94.86 -91.17 43.77
N LEU D 219 -93.57 -90.94 44.04
CA LEU D 219 -93.10 -89.68 44.62
C LEU D 219 -94.16 -88.97 45.41
N SER D 220 -94.60 -89.60 46.50
CA SER D 220 -95.65 -89.05 47.35
C SER D 220 -95.21 -87.75 48.02
N ASP D 221 -93.91 -87.48 47.98
CA ASP D 221 -93.36 -86.29 48.62
C ASP D 221 -92.74 -85.33 47.61
N GLN D 222 -93.36 -85.20 46.44
CA GLN D 222 -92.87 -84.28 45.43
C GLN D 222 -93.46 -82.89 45.64
N VAL D 223 -92.59 -81.90 45.79
CA VAL D 223 -93.03 -80.52 45.97
C VAL D 223 -93.88 -80.06 44.79
N PRO D 224 -95.13 -79.66 45.05
CA PRO D 224 -96.05 -79.21 44.01
C PRO D 224 -95.44 -78.15 43.11
N ASP D 225 -95.83 -78.14 41.85
CA ASP D 225 -95.36 -77.13 40.88
C ASP D 225 -93.89 -77.32 40.50
N THR D 226 -93.44 -78.58 40.45
CA THR D 226 -92.08 -78.89 40.04
C THR D 226 -92.06 -79.97 38.97
N GLU D 227 -91.11 -79.87 38.05
CA GLU D 227 -90.96 -80.82 36.96
C GLU D 227 -90.10 -82.02 37.36
N SER D 228 -90.26 -83.13 36.65
CA SER D 228 -89.50 -84.34 36.92
C SER D 228 -89.41 -85.21 35.68
N GLU D 229 -88.19 -85.61 35.32
CA GLU D 229 -87.98 -86.42 34.12
C GLU D 229 -87.69 -87.88 34.45
N THR D 230 -88.17 -88.77 33.59
CA THR D 230 -87.92 -90.19 33.75
C THR D 230 -87.01 -90.69 32.62
N ARG D 231 -85.92 -91.35 32.99
CA ARG D 231 -84.94 -91.81 32.01
C ARG D 231 -84.89 -93.33 31.91
N ILE D 232 -85.05 -93.85 30.70
CA ILE D 232 -84.98 -95.28 30.44
C ILE D 232 -83.60 -95.64 29.89
N LEU D 233 -83.00 -96.67 30.44
CA LEU D 233 -81.66 -97.09 30.01
C LEU D 233 -81.65 -98.53 29.52
N LEU D 234 -81.23 -98.72 28.27
CA LEU D 234 -81.08 -100.04 27.69
C LEU D 234 -79.60 -100.38 27.52
N GLN D 235 -79.18 -101.50 28.09
CA GLN D 235 -77.78 -101.91 27.99
C GLN D 235 -77.63 -103.39 27.65
N GLY D 236 -76.80 -103.68 26.66
CA GLY D 236 -76.49 -105.06 26.31
C GLY D 236 -75.41 -105.62 27.21
N THR D 237 -75.67 -106.82 27.75
CA THR D 237 -74.68 -107.51 28.57
C THR D 237 -74.16 -108.72 27.80
N PRO D 238 -73.31 -108.47 26.81
CA PRO D 238 -72.79 -109.53 25.94
C PRO D 238 -71.74 -110.36 26.67
N VAL D 239 -71.74 -111.67 26.45
CA VAL D 239 -70.76 -112.55 27.08
C VAL D 239 -70.07 -113.42 26.04
N ALA D 240 -68.90 -112.98 25.59
CA ALA D 240 -68.14 -113.74 24.60
C ALA D 240 -67.35 -114.85 25.27
N GLN D 241 -66.31 -115.32 24.58
CA GLN D 241 -65.41 -116.38 25.06
C GLN D 241 -65.64 -117.70 24.32
N MET D 242 -64.78 -118.67 24.63
CA MET D 242 -64.87 -120.01 24.05
C MET D 242 -64.32 -120.09 22.63
N THR D 243 -63.01 -120.25 22.53
CA THR D 243 -62.34 -120.46 21.25
C THR D 243 -60.95 -121.03 21.49
N GLU D 244 -60.79 -122.33 21.27
CA GLU D 244 -59.52 -122.97 21.53
C GLU D 244 -58.45 -122.64 20.48
N ASP D 245 -57.35 -122.03 20.93
CA ASP D 245 -56.27 -121.55 20.07
C ASP D 245 -55.82 -122.53 18.98
N ALA D 246 -55.21 -121.97 17.95
CA ALA D 246 -54.70 -122.76 16.82
C ALA D 246 -53.22 -123.07 17.01
N VAL D 247 -52.54 -123.38 15.91
CA VAL D 247 -51.12 -123.71 15.93
C VAL D 247 -50.27 -122.45 16.13
N ASP D 248 -49.19 -122.59 16.88
CA ASP D 248 -48.28 -121.48 17.14
C ASP D 248 -47.76 -120.88 15.82
N ALA D 249 -47.47 -121.75 14.86
CA ALA D 249 -47.00 -121.34 13.54
C ALA D 249 -45.58 -120.80 13.55
N GLU D 250 -45.20 -120.17 14.66
CA GLU D 250 -43.86 -119.60 14.80
C GLU D 250 -42.79 -120.68 14.61
N ARG D 251 -43.11 -121.90 15.01
CA ARG D 251 -42.19 -123.02 14.89
C ARG D 251 -42.71 -124.03 13.88
N LEU D 252 -43.26 -123.52 12.78
CA LEU D 252 -43.82 -124.36 11.73
C LEU D 252 -43.50 -123.77 10.36
N LYS D 253 -42.21 -123.71 10.03
CA LYS D 253 -41.78 -123.11 8.77
C LYS D 253 -41.12 -124.16 7.87
N HIS D 254 -41.89 -125.17 7.47
CA HIS D 254 -41.36 -126.22 6.62
C HIS D 254 -42.39 -126.73 5.62
N LEU D 255 -43.66 -126.40 5.87
CA LEU D 255 -44.74 -126.83 5.00
C LEU D 255 -44.65 -126.19 3.62
N ILE D 256 -43.83 -125.15 3.50
CA ILE D 256 -43.62 -124.48 2.23
C ILE D 256 -42.62 -125.26 1.38
N VAL D 257 -42.99 -126.48 1.00
CA VAL D 257 -42.14 -127.34 0.20
C VAL D 257 -42.37 -127.11 -1.29
N THR D 258 -41.28 -126.98 -2.04
CA THR D 258 -41.36 -126.78 -3.48
C THR D 258 -41.78 -128.06 -4.18
N PRO D 259 -42.98 -128.07 -4.76
CA PRO D 259 -43.52 -129.25 -5.46
C PRO D 259 -42.63 -129.68 -6.62
N SER D 260 -42.33 -130.97 -6.69
CA SER D 260 -41.50 -131.51 -7.75
C SER D 260 -41.64 -133.02 -7.85
N GLY D 261 -41.20 -133.58 -8.97
CA GLY D 261 -41.26 -135.02 -9.17
C GLY D 261 -42.16 -135.41 -10.33
N CYS D 262 -42.81 -136.56 -10.20
CA CYS D 262 -43.67 -137.08 -11.26
C CYS D 262 -45.13 -136.65 -11.04
N GLY D 263 -46.03 -137.63 -11.03
CA GLY D 263 -47.45 -137.35 -10.84
C GLY D 263 -47.82 -137.31 -9.36
N GLU D 264 -47.49 -138.38 -8.64
CA GLU D 264 -47.80 -138.47 -7.22
C GLU D 264 -46.75 -137.78 -6.37
N GLN D 265 -45.50 -137.84 -6.80
CA GLN D 265 -44.40 -137.18 -6.08
C GLN D 265 -44.62 -135.67 -6.05
N ASN D 266 -45.25 -135.14 -7.09
CA ASN D 266 -45.55 -133.71 -7.17
C ASN D 266 -46.65 -133.32 -6.21
N MET D 267 -47.60 -134.22 -6.00
CA MET D 267 -48.71 -133.97 -5.10
C MET D 267 -48.27 -133.98 -3.63
N ILE D 268 -47.40 -134.93 -3.29
CA ILE D 268 -46.90 -135.04 -1.93
C ILE D 268 -46.12 -133.81 -1.51
N GLY D 269 -45.52 -133.14 -2.50
CA GLY D 269 -44.75 -131.93 -2.23
C GLY D 269 -45.61 -130.67 -2.27
N MET D 270 -46.76 -130.77 -2.92
CA MET D 270 -47.68 -129.65 -3.05
C MET D 270 -48.71 -129.65 -1.92
N THR D 271 -48.90 -130.81 -1.31
CA THR D 271 -49.89 -130.95 -0.23
C THR D 271 -49.60 -130.02 0.96
N PRO D 272 -48.37 -130.08 1.50
CA PRO D 272 -48.02 -129.25 2.66
C PRO D 272 -48.20 -127.75 2.39
N THR D 273 -47.76 -127.29 1.23
CA THR D 273 -47.82 -125.87 0.89
C THR D 273 -49.25 -125.37 0.77
N VAL D 274 -50.10 -126.15 0.10
CA VAL D 274 -51.49 -125.77 -0.11
C VAL D 274 -52.25 -125.65 1.20
N ILE D 275 -52.18 -126.68 2.02
CA ILE D 275 -52.89 -126.71 3.29
C ILE D 275 -52.31 -125.70 4.29
N ALA D 276 -51.05 -125.34 4.08
CA ALA D 276 -50.39 -124.38 4.96
C ALA D 276 -50.98 -122.99 4.79
N VAL D 277 -51.10 -122.54 3.54
CA VAL D 277 -51.66 -121.24 3.23
C VAL D 277 -53.13 -121.16 3.66
N HIS D 278 -53.86 -122.25 3.41
CA HIS D 278 -55.27 -122.31 3.78
C HIS D 278 -55.46 -122.19 5.29
N TYR D 279 -54.48 -122.66 6.04
CA TYR D 279 -54.54 -122.63 7.50
C TYR D 279 -54.15 -121.26 8.04
N LEU D 280 -53.12 -120.67 7.45
CA LEU D 280 -52.64 -119.35 7.88
C LEU D 280 -53.62 -118.24 7.50
N ASP D 281 -54.43 -118.48 6.47
CA ASP D 281 -55.42 -117.52 6.03
C ASP D 281 -56.58 -117.41 7.01
N GLU D 282 -57.04 -118.56 7.50
CA GLU D 282 -58.18 -118.60 8.41
C GLU D 282 -57.77 -118.29 9.85
N THR D 283 -56.47 -118.25 10.10
CA THR D 283 -55.97 -117.94 11.43
C THR D 283 -55.24 -116.60 11.45
N GLU D 284 -55.21 -115.94 10.30
CA GLU D 284 -54.52 -114.65 10.14
C GLU D 284 -53.23 -114.57 10.94
N GLN D 285 -52.43 -115.64 10.87
CA GLN D 285 -51.16 -115.68 11.60
C GLN D 285 -49.99 -115.32 10.68
N TRP D 286 -50.30 -114.69 9.55
CA TRP D 286 -49.27 -114.28 8.60
C TRP D 286 -48.39 -113.17 9.16
N GLU D 287 -48.86 -112.52 10.22
CA GLU D 287 -48.11 -111.45 10.86
C GLU D 287 -46.92 -112.02 11.63
N LYS D 288 -47.16 -113.09 12.38
CA LYS D 288 -46.12 -113.71 13.18
C LYS D 288 -45.29 -114.67 12.35
N PHE D 289 -45.81 -115.04 11.17
CA PHE D 289 -45.12 -115.97 10.29
C PHE D 289 -44.26 -115.23 9.26
N GLY D 290 -44.78 -114.13 8.73
CA GLY D 290 -44.08 -113.36 7.73
C GLY D 290 -44.96 -113.07 6.53
N LEU D 291 -45.45 -111.84 6.44
CA LEU D 291 -46.34 -111.46 5.35
C LEU D 291 -45.67 -111.60 3.99
N GLU D 292 -44.42 -111.19 3.89
CA GLU D 292 -43.68 -111.23 2.63
C GLU D 292 -43.29 -112.65 2.24
N LYS D 293 -43.74 -113.63 3.01
CA LYS D 293 -43.44 -115.03 2.74
C LYS D 293 -44.60 -115.71 2.01
N ARG D 294 -45.78 -115.12 2.11
CA ARG D 294 -46.97 -115.69 1.48
C ARG D 294 -46.87 -115.70 -0.04
N GLN D 295 -46.32 -114.63 -0.60
CA GLN D 295 -46.16 -114.52 -2.04
C GLN D 295 -45.31 -115.66 -2.58
N GLY D 296 -44.30 -116.06 -1.81
CA GLY D 296 -43.44 -117.16 -2.19
C GLY D 296 -44.15 -118.50 -2.11
N ALA D 297 -45.25 -118.52 -1.37
CA ALA D 297 -46.04 -119.74 -1.21
C ALA D 297 -47.05 -119.90 -2.34
N LEU D 298 -47.71 -118.80 -2.69
CA LEU D 298 -48.68 -118.81 -3.78
C LEU D 298 -48.04 -119.26 -5.09
N GLU D 299 -46.79 -118.87 -5.30
CA GLU D 299 -46.06 -119.25 -6.50
C GLU D 299 -45.77 -120.74 -6.53
N LEU D 300 -45.47 -121.31 -5.36
CA LEU D 300 -45.19 -122.73 -5.25
C LEU D 300 -46.45 -123.57 -5.42
N ILE D 301 -47.58 -123.01 -4.99
CA ILE D 301 -48.86 -123.68 -5.14
C ILE D 301 -49.29 -123.69 -6.59
N LYS D 302 -49.17 -122.54 -7.25
CA LYS D 302 -49.51 -122.41 -8.66
C LYS D 302 -48.57 -123.23 -9.52
N LYS D 303 -47.31 -123.34 -9.07
CA LYS D 303 -46.31 -124.11 -9.79
C LYS D 303 -46.62 -125.60 -9.71
N GLY D 304 -47.13 -126.03 -8.55
CA GLY D 304 -47.52 -127.42 -8.36
C GLY D 304 -48.73 -127.78 -9.19
N TYR D 305 -49.62 -126.82 -9.37
CA TYR D 305 -50.81 -127.01 -10.19
C TYR D 305 -50.46 -127.21 -11.65
N THR D 306 -49.51 -126.40 -12.13
CA THR D 306 -49.08 -126.47 -13.52
C THR D 306 -48.37 -127.78 -13.82
N GLN D 307 -47.51 -128.21 -12.89
CA GLN D 307 -46.77 -129.45 -13.06
C GLN D 307 -47.69 -130.67 -13.03
N GLN D 308 -48.83 -130.54 -12.37
CA GLN D 308 -49.79 -131.63 -12.26
C GLN D 308 -50.58 -131.81 -13.55
N LEU D 309 -50.61 -130.74 -14.35
CA LEU D 309 -51.33 -130.77 -15.63
C LEU D 309 -50.57 -131.60 -16.66
N ALA D 310 -49.25 -131.73 -16.47
CA ALA D 310 -48.42 -132.50 -17.37
C ALA D 310 -48.60 -134.00 -17.15
N PHE D 311 -49.53 -134.35 -16.27
CA PHE D 311 -49.81 -135.76 -15.98
C PHE D 311 -51.29 -136.05 -16.06
N ARG D 312 -52.03 -135.17 -16.74
CA ARG D 312 -53.46 -135.35 -16.92
C ARG D 312 -53.76 -136.17 -18.17
N GLN D 313 -53.97 -137.47 -17.98
CA GLN D 313 -54.32 -138.36 -19.08
C GLN D 313 -55.66 -137.95 -19.68
N PRO D 314 -56.02 -138.52 -20.84
CA PRO D 314 -57.30 -138.22 -21.48
C PRO D 314 -58.46 -138.33 -20.50
N SER D 315 -58.27 -139.11 -19.43
CA SER D 315 -59.27 -139.24 -18.38
C SER D 315 -59.50 -137.90 -17.68
N ALA D 320 -50.23 -141.13 -11.66
CA ALA D 320 -48.80 -140.96 -11.51
C ALA D 320 -48.13 -140.78 -12.86
N PHE D 321 -47.58 -141.86 -13.40
CA PHE D 321 -46.97 -141.83 -14.71
C PHE D 321 -48.01 -141.97 -15.81
N VAL D 322 -47.86 -141.18 -16.88
CA VAL D 322 -48.77 -141.23 -18.00
C VAL D 322 -48.75 -142.60 -18.67
N LYS D 323 -47.62 -143.28 -18.57
CA LYS D 323 -47.47 -144.62 -19.14
C LYS D 323 -48.24 -145.64 -18.33
N ARG D 324 -48.61 -145.25 -17.11
CA ARG D 324 -49.31 -146.15 -16.19
C ARG D 324 -50.82 -145.96 -16.26
N ALA D 325 -51.56 -146.99 -15.87
CA ALA D 325 -53.01 -146.93 -15.83
C ALA D 325 -53.49 -145.94 -14.76
N PRO D 326 -54.58 -145.21 -15.05
CA PRO D 326 -55.15 -144.21 -14.15
C PRO D 326 -55.46 -144.78 -12.77
N SER D 327 -55.18 -144.01 -11.73
CA SER D 327 -55.45 -144.44 -10.36
C SER D 327 -56.74 -143.81 -9.85
N THR D 328 -57.53 -144.59 -9.13
CA THR D 328 -58.80 -144.11 -8.60
C THR D 328 -58.59 -143.19 -7.40
N TRP D 329 -57.66 -143.57 -6.52
CA TRP D 329 -57.37 -142.79 -5.32
C TRP D 329 -56.68 -141.47 -5.65
N LEU D 330 -55.64 -141.55 -6.47
CA LEU D 330 -54.87 -140.36 -6.84
C LEU D 330 -55.76 -139.32 -7.49
N THR D 331 -56.59 -139.74 -8.44
CA THR D 331 -57.51 -138.85 -9.12
C THR D 331 -58.49 -138.23 -8.13
N ALA D 332 -58.93 -139.02 -7.16
CA ALA D 332 -59.87 -138.55 -6.15
C ALA D 332 -59.21 -137.54 -5.20
N TYR D 333 -57.92 -137.75 -4.94
CA TYR D 333 -57.17 -136.86 -4.05
C TYR D 333 -56.88 -135.52 -4.73
N VAL D 334 -56.64 -135.57 -6.03
CA VAL D 334 -56.40 -134.36 -6.80
C VAL D 334 -57.58 -133.40 -6.66
N VAL D 335 -58.79 -133.95 -6.71
CA VAL D 335 -60.01 -133.16 -6.56
C VAL D 335 -60.07 -132.53 -5.18
N LYS D 336 -59.63 -133.27 -4.17
CA LYS D 336 -59.66 -132.80 -2.78
C LYS D 336 -58.80 -131.55 -2.59
N VAL D 337 -57.57 -131.60 -3.10
CA VAL D 337 -56.64 -130.49 -2.98
C VAL D 337 -57.05 -129.31 -3.85
N PHE D 338 -57.40 -129.60 -5.09
CA PHE D 338 -57.79 -128.56 -6.05
C PHE D 338 -59.02 -127.78 -5.57
N SER D 339 -60.03 -128.50 -5.10
CA SER D 339 -61.27 -127.89 -4.64
C SER D 339 -61.03 -126.96 -3.45
N LEU D 340 -59.99 -127.26 -2.68
CA LEU D 340 -59.65 -126.46 -1.51
C LEU D 340 -58.80 -125.25 -1.90
N ALA D 341 -58.05 -125.38 -2.99
CA ALA D 341 -57.19 -124.31 -3.46
C ALA D 341 -57.82 -123.55 -4.62
N VAL D 342 -59.14 -123.42 -4.59
CA VAL D 342 -59.86 -122.70 -5.63
C VAL D 342 -59.81 -121.19 -5.40
N ASN D 343 -59.69 -120.80 -4.13
CA ASN D 343 -59.63 -119.38 -3.77
C ASN D 343 -58.20 -118.88 -3.70
N LEU D 344 -57.24 -119.78 -3.80
CA LEU D 344 -55.84 -119.43 -3.75
C LEU D 344 -55.28 -119.11 -5.13
N ILE D 345 -55.56 -120.01 -6.09
CA ILE D 345 -55.10 -119.83 -7.46
C ILE D 345 -56.24 -120.01 -8.46
N ALA D 346 -55.90 -120.00 -9.74
CA ALA D 346 -56.90 -120.14 -10.79
C ALA D 346 -57.09 -121.61 -11.19
N ILE D 347 -58.02 -122.28 -10.53
CA ILE D 347 -58.31 -123.68 -10.82
C ILE D 347 -59.24 -123.80 -12.02
N ASP D 348 -58.82 -124.56 -13.03
CA ASP D 348 -59.61 -124.74 -14.24
C ASP D 348 -60.79 -125.67 -13.98
N SER D 349 -61.98 -125.25 -14.42
CA SER D 349 -63.19 -126.04 -14.24
C SER D 349 -63.17 -127.27 -15.15
N GLN D 350 -62.51 -127.15 -16.30
CA GLN D 350 -62.41 -128.25 -17.25
C GLN D 350 -61.62 -129.41 -16.67
N VAL D 351 -60.52 -129.09 -15.98
CA VAL D 351 -59.67 -130.11 -15.38
C VAL D 351 -60.31 -130.71 -14.13
N LEU D 352 -60.83 -129.83 -13.26
CA LEU D 352 -61.44 -130.27 -12.01
C LEU D 352 -62.66 -131.14 -12.25
N CYS D 353 -63.60 -130.62 -13.03
CA CYS D 353 -64.83 -131.36 -13.33
C CYS D 353 -64.55 -132.56 -14.22
N GLY D 354 -63.48 -132.49 -14.99
CA GLY D 354 -63.10 -133.59 -15.88
C GLY D 354 -62.80 -134.86 -15.12
N ALA D 355 -62.15 -134.72 -13.96
CA ALA D 355 -61.82 -135.87 -13.12
C ALA D 355 -63.05 -136.36 -12.38
N VAL D 356 -63.92 -135.44 -11.97
CA VAL D 356 -65.14 -135.79 -11.25
C VAL D 356 -66.07 -136.62 -12.14
N LYS D 357 -66.20 -136.20 -13.39
CA LYS D 357 -67.05 -136.91 -14.35
C LYS D 357 -66.52 -138.32 -14.62
N TRP D 358 -65.21 -138.48 -14.51
CA TRP D 358 -64.57 -139.76 -14.77
C TRP D 358 -64.82 -140.77 -13.65
N LEU D 359 -64.64 -140.33 -12.40
CA LEU D 359 -64.83 -141.20 -11.25
C LEU D 359 -66.25 -141.75 -11.17
N ILE D 360 -67.21 -140.99 -11.70
CA ILE D 360 -68.61 -141.37 -11.62
C ILE D 360 -69.00 -142.40 -12.68
N LEU D 361 -68.63 -142.12 -13.93
CA LEU D 361 -69.03 -142.97 -15.05
C LEU D 361 -68.11 -144.16 -15.27
N GLU D 362 -66.93 -144.14 -14.65
CA GLU D 362 -65.95 -145.19 -14.86
C GLU D 362 -65.75 -146.07 -13.61
N LYS D 363 -65.14 -145.49 -12.58
CA LYS D 363 -64.78 -146.26 -11.39
C LYS D 363 -65.88 -146.21 -10.32
N GLN D 364 -67.09 -146.58 -10.71
CA GLN D 364 -68.20 -146.62 -9.76
C GLN D 364 -69.16 -147.76 -10.06
N LYS D 365 -69.28 -148.69 -9.12
CA LYS D 365 -70.19 -149.82 -9.27
C LYS D 365 -71.64 -149.37 -9.15
N PRO D 366 -72.58 -150.19 -9.67
CA PRO D 366 -74.01 -149.87 -9.63
C PRO D 366 -74.50 -149.60 -8.22
N ASP D 367 -73.87 -150.22 -7.22
CA ASP D 367 -74.27 -150.04 -5.83
C ASP D 367 -73.71 -148.75 -5.23
N GLY D 368 -72.80 -148.12 -5.96
CA GLY D 368 -72.22 -146.86 -5.53
C GLY D 368 -70.80 -147.00 -4.98
N VAL D 369 -70.29 -148.23 -4.98
CA VAL D 369 -68.96 -148.49 -4.47
C VAL D 369 -67.87 -148.13 -5.48
N PHE D 370 -66.82 -147.46 -5.02
CA PHE D 370 -65.70 -147.11 -5.87
C PHE D 370 -64.58 -148.13 -5.73
N GLN D 371 -64.11 -148.65 -6.86
CA GLN D 371 -63.09 -149.69 -6.86
C GLN D 371 -61.74 -149.18 -7.34
N GLU D 372 -60.67 -149.62 -6.67
CA GLU D 372 -59.32 -149.26 -7.05
C GLU D 372 -58.75 -150.26 -8.04
N ASP D 373 -58.35 -149.76 -9.21
CA ASP D 373 -57.83 -150.64 -10.27
C ASP D 373 -56.32 -150.49 -10.42
N ALA D 374 -55.80 -149.32 -10.08
CA ALA D 374 -54.37 -149.05 -10.19
C ALA D 374 -53.83 -148.34 -8.94
N PRO D 375 -53.51 -149.11 -7.90
CA PRO D 375 -52.97 -148.57 -6.65
C PRO D 375 -51.73 -147.72 -6.88
N VAL D 376 -51.64 -146.58 -6.19
CA VAL D 376 -50.51 -145.69 -6.34
C VAL D 376 -49.21 -146.36 -5.91
N ILE D 377 -48.10 -145.97 -6.52
CA ILE D 377 -46.80 -146.52 -6.19
C ILE D 377 -46.43 -146.21 -4.74
N HIS D 378 -46.46 -144.92 -4.40
CA HIS D 378 -46.17 -144.49 -3.03
C HIS D 378 -47.34 -144.83 -2.11
N GLN D 379 -47.30 -146.02 -1.52
CA GLN D 379 -48.38 -146.50 -0.67
C GLN D 379 -48.31 -145.89 0.73
N GLU D 380 -47.59 -144.78 0.88
CA GLU D 380 -47.46 -144.13 2.18
C GLU D 380 -48.17 -142.78 2.19
N MET D 381 -48.63 -142.34 1.02
CA MET D 381 -49.32 -141.06 0.89
C MET D 381 -50.83 -141.21 1.03
N ILE D 382 -51.31 -142.44 0.97
CA ILE D 382 -52.74 -142.71 1.07
C ILE D 382 -53.22 -142.69 2.51
N GLY D 383 -52.29 -142.85 3.45
CA GLY D 383 -52.62 -142.80 4.86
C GLY D 383 -53.26 -144.08 5.38
N GLY D 384 -54.38 -143.93 6.07
CA GLY D 384 -55.06 -145.05 6.68
C GLY D 384 -55.69 -146.02 5.69
N LEU D 385 -55.57 -145.71 4.41
CA LEU D 385 -56.12 -146.57 3.37
C LEU D 385 -55.18 -147.72 3.03
N ARG D 386 -53.98 -147.69 3.61
CA ARG D 386 -53.00 -148.74 3.37
C ARG D 386 -53.42 -150.04 4.03
N ASN D 387 -54.20 -149.92 5.10
CA ASN D 387 -54.73 -151.09 5.81
C ASN D 387 -55.78 -151.81 4.97
N ASN D 388 -55.48 -153.07 4.63
CA ASN D 388 -56.36 -153.85 3.76
C ASN D 388 -57.74 -154.08 4.36
N ASN D 389 -57.86 -153.90 5.66
CA ASN D 389 -59.13 -154.11 6.36
C ASN D 389 -60.22 -153.14 5.90
N GLU D 390 -61.29 -153.69 5.33
CA GLU D 390 -62.43 -152.89 4.89
C GLU D 390 -62.01 -151.77 3.94
N LYS D 391 -61.49 -152.14 2.78
CA LYS D 391 -61.08 -151.15 1.78
C LYS D 391 -62.24 -150.79 0.86
N ASP D 392 -63.36 -151.48 1.03
CA ASP D 392 -64.56 -151.22 0.25
C ASP D 392 -65.36 -150.07 0.88
N MET D 393 -65.01 -149.74 2.12
CA MET D 393 -65.68 -148.65 2.82
C MET D 393 -64.80 -147.41 2.88
N ALA D 394 -63.51 -147.61 3.17
CA ALA D 394 -62.57 -146.50 3.28
C ALA D 394 -62.42 -145.75 1.96
N LEU D 395 -62.21 -146.50 0.89
CA LEU D 395 -62.03 -145.90 -0.43
C LEU D 395 -63.28 -145.16 -0.88
N THR D 396 -64.43 -145.82 -0.73
CA THR D 396 -65.71 -145.22 -1.12
C THR D 396 -65.98 -143.94 -0.33
N ALA D 397 -65.58 -143.94 0.94
CA ALA D 397 -65.77 -142.78 1.80
C ALA D 397 -64.81 -141.66 1.43
N PHE D 398 -63.61 -142.03 0.97
CA PHE D 398 -62.60 -141.06 0.59
C PHE D 398 -63.00 -140.32 -0.69
N VAL D 399 -63.37 -141.10 -1.71
CA VAL D 399 -63.78 -140.54 -2.99
C VAL D 399 -65.05 -139.70 -2.83
N LEU D 400 -65.94 -140.13 -1.95
CA LEU D 400 -67.20 -139.45 -1.71
C LEU D 400 -66.98 -138.04 -1.19
N ILE D 401 -66.04 -137.89 -0.26
CA ILE D 401 -65.73 -136.59 0.33
C ILE D 401 -65.25 -135.60 -0.72
N SER D 402 -64.41 -136.08 -1.64
CA SER D 402 -63.85 -135.23 -2.68
C SER D 402 -64.92 -134.78 -3.68
N LEU D 403 -65.95 -135.60 -3.85
CA LEU D 403 -67.01 -135.31 -4.80
C LEU D 403 -68.00 -134.28 -4.24
N GLN D 404 -68.14 -134.25 -2.92
CA GLN D 404 -69.06 -133.31 -2.28
C GLN D 404 -68.45 -131.94 -2.09
N GLU D 405 -67.12 -131.90 -1.93
CA GLU D 405 -66.41 -130.64 -1.76
C GLU D 405 -66.25 -129.93 -3.09
N ALA D 406 -66.48 -130.66 -4.18
CA ALA D 406 -66.43 -130.08 -5.52
C ALA D 406 -67.84 -130.01 -6.10
N LYS D 407 -68.83 -129.98 -5.21
CA LYS D 407 -70.24 -129.95 -5.61
C LYS D 407 -70.59 -128.64 -6.31
N ASP D 408 -70.56 -127.54 -5.56
CA ASP D 408 -70.91 -126.23 -6.10
C ASP D 408 -70.13 -125.90 -7.38
N ILE D 409 -68.90 -126.40 -7.46
CA ILE D 409 -68.04 -126.12 -8.60
C ILE D 409 -68.44 -126.94 -9.82
N CYS D 410 -68.96 -128.15 -9.59
CA CYS D 410 -69.32 -129.03 -10.69
C CYS D 410 -70.74 -129.57 -10.58
N GLU D 411 -71.72 -128.67 -10.64
CA GLU D 411 -73.13 -129.06 -10.66
C GLU D 411 -73.76 -128.82 -12.04
N GLU D 412 -73.34 -127.74 -12.70
CA GLU D 412 -73.87 -127.38 -14.00
C GLU D 412 -73.12 -128.09 -15.12
N GLN D 413 -71.87 -128.46 -14.84
CA GLN D 413 -71.03 -129.13 -15.83
C GLN D 413 -71.16 -130.65 -15.74
N VAL D 414 -71.57 -131.13 -14.58
CA VAL D 414 -71.76 -132.57 -14.36
C VAL D 414 -73.15 -132.85 -13.79
N ASN D 415 -73.99 -133.49 -14.59
CA ASN D 415 -75.36 -133.79 -14.18
C ASN D 415 -75.49 -135.14 -13.47
N SER D 416 -74.47 -135.98 -13.63
CA SER D 416 -74.49 -137.31 -13.01
C SER D 416 -73.95 -137.28 -11.59
N LEU D 417 -73.71 -136.07 -11.07
CA LEU D 417 -73.19 -135.90 -9.72
C LEU D 417 -74.23 -136.21 -8.64
N PRO D 418 -75.40 -135.55 -8.72
CA PRO D 418 -76.45 -135.76 -7.70
C PRO D 418 -76.81 -137.23 -7.55
N GLY D 419 -76.96 -137.93 -8.65
CA GLY D 419 -77.31 -139.35 -8.62
C GLY D 419 -76.21 -140.20 -8.00
N SER D 420 -74.97 -139.85 -8.29
CA SER D 420 -73.83 -140.59 -7.76
C SER D 420 -73.66 -140.34 -6.27
N ILE D 421 -73.87 -139.11 -5.85
CA ILE D 421 -73.74 -138.73 -4.45
C ILE D 421 -74.66 -139.55 -3.56
N THR D 422 -75.90 -139.72 -3.99
CA THR D 422 -76.88 -140.48 -3.23
C THR D 422 -76.52 -141.96 -3.17
N LYS D 423 -76.13 -142.52 -4.31
CA LYS D 423 -75.75 -143.93 -4.39
C LYS D 423 -74.63 -144.28 -3.41
N ALA D 424 -73.55 -143.50 -3.46
CA ALA D 424 -72.41 -143.73 -2.58
C ALA D 424 -72.80 -143.65 -1.12
N GLY D 425 -73.80 -142.80 -0.82
CA GLY D 425 -74.27 -142.63 0.54
C GLY D 425 -75.13 -143.80 1.00
N ASP D 426 -75.79 -144.45 0.05
CA ASP D 426 -76.66 -145.59 0.35
C ASP D 426 -75.84 -146.78 0.83
N PHE D 427 -74.75 -147.06 0.14
CA PHE D 427 -73.90 -148.21 0.48
C PHE D 427 -73.24 -148.04 1.85
N LEU D 428 -72.70 -146.84 2.08
CA LEU D 428 -72.02 -146.56 3.35
C LEU D 428 -72.98 -146.58 4.53
N GLU D 429 -74.21 -146.12 4.29
CA GLU D 429 -75.22 -146.05 5.34
C GLU D 429 -75.67 -147.45 5.77
N ALA D 430 -75.78 -148.36 4.81
CA ALA D 430 -76.23 -149.71 5.09
C ALA D 430 -75.15 -150.53 5.80
N ASN D 431 -73.89 -150.28 5.45
CA ASN D 431 -72.77 -151.01 6.03
C ASN D 431 -71.97 -150.17 7.01
N TYR D 432 -72.65 -149.28 7.73
CA TYR D 432 -71.99 -148.41 8.70
C TYR D 432 -71.97 -149.06 10.08
N MET D 433 -72.99 -149.85 10.37
CA MET D 433 -73.08 -150.54 11.66
C MET D 433 -72.16 -151.76 11.70
N ASN D 434 -71.57 -152.10 10.55
CA ASN D 434 -70.68 -153.25 10.45
C ASN D 434 -69.22 -152.83 10.34
N LEU D 435 -68.80 -151.93 11.22
CA LEU D 435 -67.42 -151.44 11.22
C LEU D 435 -66.75 -151.63 12.57
N GLN D 436 -65.45 -151.92 12.55
CA GLN D 436 -64.69 -152.11 13.78
C GLN D 436 -63.61 -151.05 13.93
N ARG D 437 -62.89 -150.79 12.85
CA ARG D 437 -61.84 -149.78 12.85
C ARG D 437 -62.39 -148.40 13.12
N SER D 438 -61.80 -147.69 14.09
CA SER D 438 -62.21 -146.33 14.40
C SER D 438 -61.94 -145.40 13.23
N TYR D 439 -60.95 -145.75 12.42
CA TYR D 439 -60.60 -144.97 11.25
C TYR D 439 -61.69 -145.04 10.19
N THR D 440 -62.19 -146.24 9.95
CA THR D 440 -63.25 -146.45 8.96
C THR D 440 -64.52 -145.73 9.37
N VAL D 441 -64.85 -145.79 10.66
CA VAL D 441 -66.05 -145.15 11.19
C VAL D 441 -65.96 -143.63 11.04
N ALA D 442 -64.77 -143.09 11.23
CA ALA D 442 -64.56 -141.64 11.17
C ALA D 442 -64.63 -141.13 9.72
N ILE D 443 -63.86 -141.75 8.84
CA ILE D 443 -63.80 -141.34 7.44
C ILE D 443 -65.15 -141.50 6.75
N ALA D 444 -65.95 -142.44 7.22
CA ALA D 444 -67.26 -142.69 6.65
C ALA D 444 -68.31 -141.79 7.27
N GLY D 445 -68.09 -141.40 8.52
CA GLY D 445 -69.01 -140.52 9.23
C GLY D 445 -69.08 -139.13 8.64
N TYR D 446 -67.92 -138.62 8.23
CA TYR D 446 -67.84 -137.29 7.63
C TYR D 446 -68.40 -137.28 6.21
N ALA D 447 -68.36 -138.43 5.54
CA ALA D 447 -68.88 -138.55 4.20
C ALA D 447 -70.41 -138.58 4.21
N LEU D 448 -70.98 -138.95 5.36
CA LEU D 448 -72.43 -139.00 5.50
C LEU D 448 -72.96 -137.76 6.21
N ALA D 449 -72.11 -137.12 6.99
CA ALA D 449 -72.50 -135.92 7.72
C ALA D 449 -72.72 -134.74 6.78
N GLN D 450 -71.98 -134.72 5.69
CA GLN D 450 -72.10 -133.66 4.69
C GLN D 450 -73.49 -133.65 4.05
N MET D 451 -74.08 -134.84 3.93
CA MET D 451 -75.41 -134.98 3.36
C MET D 451 -76.48 -134.83 4.44
N GLY D 452 -76.08 -135.00 5.69
CA GLY D 452 -76.99 -134.97 6.81
C GLY D 452 -77.64 -136.33 7.01
N ARG D 453 -76.98 -137.37 6.53
CA ARG D 453 -77.49 -138.73 6.62
C ARG D 453 -76.75 -139.52 7.69
N LEU D 454 -76.46 -138.87 8.81
CA LEU D 454 -75.77 -139.52 9.91
C LEU D 454 -76.60 -139.37 11.19
N LYS D 455 -77.75 -140.03 11.21
CA LYS D 455 -78.65 -139.96 12.37
C LYS D 455 -78.92 -141.34 12.94
N GLY D 456 -79.82 -141.41 13.91
CA GLY D 456 -80.19 -142.66 14.54
C GLY D 456 -79.00 -143.43 15.10
N PRO D 457 -79.03 -144.77 14.96
CA PRO D 457 -77.98 -145.66 15.45
C PRO D 457 -76.61 -145.30 14.88
N LEU D 458 -76.59 -144.86 13.62
CA LEU D 458 -75.34 -144.50 12.96
C LEU D 458 -74.67 -143.33 13.67
N LEU D 459 -75.47 -142.37 14.12
CA LEU D 459 -74.95 -141.21 14.84
C LEU D 459 -74.40 -141.61 16.21
N ASN D 460 -75.07 -142.56 16.85
CA ASN D 460 -74.65 -143.04 18.17
C ASN D 460 -73.33 -143.80 18.10
N LYS D 461 -73.18 -144.63 17.07
CA LYS D 461 -71.97 -145.44 16.90
C LYS D 461 -70.74 -144.56 16.74
N PHE D 462 -70.83 -143.56 15.86
CA PHE D 462 -69.72 -142.67 15.60
C PHE D 462 -69.22 -141.98 16.86
N LEU D 463 -70.15 -141.62 17.74
CA LEU D 463 -69.81 -140.92 18.97
C LEU D 463 -69.20 -141.86 20.00
N THR D 464 -69.75 -143.06 20.12
CA THR D 464 -69.29 -144.04 21.09
C THR D 464 -67.97 -144.69 20.67
N THR D 465 -67.63 -144.54 19.40
CA THR D 465 -66.38 -145.09 18.87
C THR D 465 -65.16 -144.42 19.49
N ALA D 466 -65.27 -143.11 19.71
CA ALA D 466 -64.18 -142.34 20.29
C ALA D 466 -63.80 -142.83 21.68
N LYS D 467 -62.51 -143.06 21.88
CA LYS D 467 -62.01 -143.49 23.18
C LYS D 467 -61.73 -142.27 24.06
N ASP D 468 -62.26 -142.30 25.28
CA ASP D 468 -62.16 -141.17 26.20
C ASP D 468 -62.88 -139.95 25.64
N LYS D 469 -63.63 -140.15 24.57
CA LYS D 469 -64.41 -139.10 23.93
C LYS D 469 -63.54 -137.89 23.57
N ASN D 470 -62.45 -138.14 22.87
CA ASN D 470 -61.55 -137.08 22.42
C ASN D 470 -60.58 -137.53 21.35
N ARG D 471 -60.72 -138.78 20.91
CA ARG D 471 -59.84 -139.34 19.89
C ARG D 471 -60.39 -140.63 19.27
N TRP D 472 -60.22 -140.75 17.96
CA TRP D 472 -60.58 -141.97 17.25
C TRP D 472 -59.32 -142.74 16.88
N GLU D 473 -58.84 -143.57 17.79
CA GLU D 473 -57.57 -144.27 17.61
C GLU D 473 -57.75 -145.76 17.35
N ASP D 474 -56.74 -146.36 16.73
CA ASP D 474 -56.71 -147.79 16.47
C ASP D 474 -55.31 -148.34 16.75
N PRO D 475 -55.24 -149.56 17.30
CA PRO D 475 -53.96 -150.21 17.62
C PRO D 475 -53.03 -150.28 16.41
N GLY D 476 -52.15 -149.29 16.29
CA GLY D 476 -51.22 -149.23 15.18
C GLY D 476 -50.42 -147.94 15.18
N LYS D 477 -50.18 -147.40 13.99
CA LYS D 477 -49.43 -146.15 13.85
C LYS D 477 -50.24 -144.97 14.37
N GLN D 478 -49.55 -143.92 14.78
CA GLN D 478 -50.21 -142.74 15.35
C GLN D 478 -50.69 -141.79 14.26
N LEU D 479 -50.02 -141.82 13.11
CA LEU D 479 -50.38 -140.92 12.00
C LEU D 479 -51.76 -141.25 11.45
N TYR D 480 -52.15 -142.52 11.52
CA TYR D 480 -53.47 -142.93 11.07
C TYR D 480 -54.54 -142.48 12.06
N ASN D 481 -54.17 -142.42 13.33
CA ASN D 481 -55.08 -141.97 14.38
C ASN D 481 -55.34 -140.48 14.29
N VAL D 482 -54.27 -139.71 14.04
CA VAL D 482 -54.39 -138.27 13.88
C VAL D 482 -55.29 -137.93 12.69
N GLU D 483 -55.15 -138.70 11.61
CA GLU D 483 -55.97 -138.52 10.42
C GLU D 483 -57.42 -138.88 10.71
N ALA D 484 -57.63 -139.98 11.40
CA ALA D 484 -58.97 -140.44 11.74
C ALA D 484 -59.70 -139.41 12.61
N THR D 485 -58.96 -138.81 13.55
CA THR D 485 -59.53 -137.80 14.44
C THR D 485 -59.88 -136.53 13.65
N SER D 486 -59.09 -136.26 12.62
CA SER D 486 -59.32 -135.09 11.77
C SER D 486 -60.66 -135.20 11.03
N TYR D 487 -60.89 -136.35 10.41
CA TYR D 487 -62.15 -136.60 9.72
C TYR D 487 -63.32 -136.57 10.69
N ALA D 488 -63.09 -137.06 11.91
CA ALA D 488 -64.12 -137.08 12.94
C ALA D 488 -64.48 -135.66 13.37
N LEU D 489 -63.48 -134.79 13.45
CA LEU D 489 -63.71 -133.41 13.83
C LEU D 489 -64.56 -132.70 12.79
N LEU D 490 -64.22 -132.87 11.52
CA LEU D 490 -64.97 -132.26 10.43
C LEU D 490 -66.42 -132.73 10.43
N ALA D 491 -66.62 -133.99 10.81
CA ALA D 491 -67.96 -134.56 10.87
C ALA D 491 -68.80 -133.86 11.94
N LEU D 492 -68.21 -133.66 13.10
CA LEU D 492 -68.90 -132.99 14.20
C LEU D 492 -69.21 -131.55 13.84
N LEU D 493 -68.31 -130.92 13.10
CA LEU D 493 -68.49 -129.52 12.67
C LEU D 493 -69.57 -129.42 11.60
N GLN D 494 -69.76 -130.48 10.84
CA GLN D 494 -70.77 -130.51 9.79
C GLN D 494 -72.16 -130.75 10.39
N LEU D 495 -72.20 -131.48 11.49
CA LEU D 495 -73.45 -131.76 12.18
C LEU D 495 -73.74 -130.71 13.24
N LYS D 496 -72.81 -129.78 13.41
CA LYS D 496 -72.96 -128.68 14.37
C LYS D 496 -73.11 -129.19 15.80
N ASP D 497 -72.17 -130.02 16.24
CA ASP D 497 -72.16 -130.52 17.60
C ASP D 497 -71.01 -129.92 18.37
N PHE D 498 -71.13 -128.64 18.71
CA PHE D 498 -70.05 -127.90 19.38
C PHE D 498 -69.92 -128.27 20.86
N ASP D 499 -70.67 -129.27 21.28
CA ASP D 499 -70.62 -129.74 22.66
C ASP D 499 -69.64 -130.89 22.81
N PHE D 500 -69.25 -131.49 21.68
CA PHE D 500 -68.35 -132.62 21.68
C PHE D 500 -67.05 -132.27 20.95
N VAL D 501 -66.95 -131.02 20.51
CA VAL D 501 -65.80 -130.57 19.74
C VAL D 501 -64.60 -130.16 20.62
N PRO D 502 -64.83 -129.33 21.64
CA PRO D 502 -63.74 -128.85 22.48
C PRO D 502 -62.80 -129.97 22.98
N PRO D 503 -63.35 -131.07 23.51
CA PRO D 503 -62.47 -132.14 23.98
C PRO D 503 -61.62 -132.74 22.86
N VAL D 504 -62.21 -132.85 21.67
CA VAL D 504 -61.51 -133.43 20.52
C VAL D 504 -60.36 -132.54 20.05
N VAL D 505 -60.64 -131.26 19.87
CA VAL D 505 -59.64 -130.31 19.41
C VAL D 505 -58.47 -130.21 20.38
N ARG D 506 -58.77 -130.24 21.67
CA ARG D 506 -57.74 -130.16 22.70
C ARG D 506 -56.75 -131.31 22.56
N TRP D 507 -57.25 -132.49 22.24
CA TRP D 507 -56.41 -133.67 22.08
C TRP D 507 -55.46 -133.52 20.91
N LEU D 508 -55.93 -132.84 19.85
CA LEU D 508 -55.12 -132.62 18.66
C LEU D 508 -53.94 -131.69 18.94
N ASN D 509 -54.23 -130.56 19.55
CA ASN D 509 -53.20 -129.56 19.85
C ASN D 509 -52.13 -130.08 20.80
N GLU D 510 -52.54 -130.94 21.73
CA GLU D 510 -51.60 -131.51 22.70
C GLU D 510 -50.64 -132.50 22.05
N GLN D 511 -51.06 -133.08 20.93
CA GLN D 511 -50.21 -134.00 20.19
C GLN D 511 -49.02 -133.26 19.58
N ARG D 512 -49.19 -131.97 19.36
CA ARG D 512 -48.12 -131.13 18.81
C ARG D 512 -47.54 -131.71 17.52
N TYR D 513 -48.43 -132.06 16.60
CA TYR D 513 -48.02 -132.58 15.30
C TYR D 513 -48.03 -131.47 14.26
N TYR D 514 -46.85 -131.07 13.81
CA TYR D 514 -46.72 -129.95 12.88
C TYR D 514 -46.63 -130.39 11.43
N GLY D 515 -47.12 -131.59 11.15
CA GLY D 515 -47.08 -132.13 9.80
C GLY D 515 -45.67 -132.45 9.34
N GLY D 516 -45.54 -132.84 8.08
CA GLY D 516 -44.24 -133.20 7.54
C GLY D 516 -43.77 -134.55 8.05
N GLY D 517 -42.96 -135.23 7.24
CA GLY D 517 -42.45 -136.54 7.59
C GLY D 517 -42.88 -137.59 6.59
N TYR D 518 -42.05 -138.59 6.39
CA TYR D 518 -42.34 -139.65 5.42
C TYR D 518 -43.75 -140.18 5.57
N GLY D 519 -44.51 -140.14 4.48
CA GLY D 519 -45.87 -140.65 4.47
C GLY D 519 -46.81 -139.87 5.37
N SER D 520 -46.72 -138.55 5.32
CA SER D 520 -47.57 -137.69 6.13
C SER D 520 -48.43 -136.79 5.25
N THR D 521 -48.79 -137.27 4.07
CA THR D 521 -49.60 -136.51 3.13
C THR D 521 -51.01 -136.30 3.66
N GLN D 522 -51.64 -137.40 4.08
CA GLN D 522 -53.01 -137.35 4.60
C GLN D 522 -53.04 -136.80 6.02
N ALA D 523 -52.04 -137.18 6.82
CA ALA D 523 -51.98 -136.77 8.21
C ALA D 523 -51.84 -135.25 8.35
N THR D 524 -51.17 -134.63 7.38
CA THR D 524 -50.93 -133.19 7.42
C THR D 524 -52.09 -132.40 6.80
N PHE D 525 -52.55 -132.85 5.65
CA PHE D 525 -53.61 -132.15 4.92
C PHE D 525 -54.92 -132.14 5.69
N MET D 526 -55.19 -133.20 6.43
CA MET D 526 -56.45 -133.34 7.15
C MET D 526 -56.42 -132.70 8.53
N VAL D 527 -55.26 -132.77 9.19
CA VAL D 527 -55.13 -132.21 10.53
C VAL D 527 -55.21 -130.68 10.53
N PHE D 528 -54.83 -130.08 9.41
CA PHE D 528 -54.86 -128.62 9.28
C PHE D 528 -56.15 -128.16 8.60
N GLN D 529 -56.84 -129.09 7.93
CA GLN D 529 -58.12 -128.77 7.32
C GLN D 529 -59.21 -128.74 8.37
N ALA D 530 -59.04 -129.55 9.41
CA ALA D 530 -60.00 -129.62 10.49
C ALA D 530 -59.83 -128.45 11.46
N LEU D 531 -58.58 -128.13 11.77
CA LEU D 531 -58.27 -127.02 12.67
C LEU D 531 -58.57 -125.68 12.01
N ALA D 532 -58.45 -125.63 10.68
CA ALA D 532 -58.76 -124.42 9.93
C ALA D 532 -60.28 -124.23 9.86
N GLN D 533 -60.99 -125.31 9.56
CA GLN D 533 -62.44 -125.27 9.52
C GLN D 533 -62.98 -124.95 10.91
N TYR D 534 -62.29 -125.43 11.93
CA TYR D 534 -62.66 -125.18 13.31
C TYR D 534 -62.69 -123.69 13.62
N GLN D 535 -61.98 -122.91 12.81
CA GLN D 535 -61.92 -121.46 12.99
C GLN D 535 -63.05 -120.76 12.23
N LYS D 536 -63.43 -121.31 11.09
CA LYS D 536 -64.51 -120.74 10.29
C LYS D 536 -65.87 -120.97 10.94
N ASP D 537 -66.08 -122.19 11.43
CA ASP D 537 -67.34 -122.54 12.07
C ASP D 537 -67.35 -122.15 13.55
N ALA D 538 -66.30 -121.44 13.96
CA ALA D 538 -66.17 -121.00 15.34
C ALA D 538 -67.24 -119.97 15.70
N PRO D 539 -67.92 -120.18 16.84
CA PRO D 539 -69.01 -119.32 17.31
C PRO D 539 -68.51 -118.07 18.05
N ASP D 540 -67.76 -118.30 19.13
CA ASP D 540 -67.33 -117.23 20.04
C ASP D 540 -68.37 -116.99 21.14
N HIS D 541 -69.35 -117.88 21.22
CA HIS D 541 -70.41 -117.77 22.22
C HIS D 541 -71.07 -116.39 22.18
N GLN D 542 -72.05 -116.23 21.29
CA GLN D 542 -72.71 -114.95 21.10
C GLN D 542 -73.96 -115.06 20.22
N GLU D 543 -74.92 -114.17 20.45
CA GLU D 543 -76.13 -114.10 19.65
C GLU D 543 -76.98 -112.92 20.11
N LEU D 544 -76.61 -111.72 19.65
CA LEU D 544 -77.25 -110.49 20.13
C LEU D 544 -78.16 -109.83 19.10
N ASN D 545 -79.40 -110.28 19.04
CA ASN D 545 -80.41 -109.70 18.16
C ASN D 545 -81.66 -109.37 18.96
N LEU D 546 -81.60 -108.29 19.73
CA LEU D 546 -82.73 -107.86 20.56
C LEU D 546 -83.51 -106.73 19.89
N ASP D 547 -84.83 -106.87 19.86
CA ASP D 547 -85.70 -105.85 19.29
C ASP D 547 -86.68 -105.34 20.33
N VAL D 548 -86.24 -104.38 21.13
CA VAL D 548 -87.05 -103.85 22.23
C VAL D 548 -87.99 -102.74 21.74
N SER D 549 -89.23 -102.79 22.19
CA SER D 549 -90.22 -101.78 21.86
C SER D 549 -90.74 -101.11 23.12
N LEU D 550 -91.09 -99.83 23.01
CA LEU D 550 -91.59 -99.07 24.15
C LEU D 550 -92.92 -98.40 23.84
N GLN D 551 -93.92 -98.66 24.68
CA GLN D 551 -95.24 -98.07 24.50
C GLN D 551 -95.64 -97.23 25.71
N LEU D 552 -95.30 -95.96 25.68
CA LEU D 552 -95.67 -95.03 26.76
C LEU D 552 -96.96 -94.29 26.40
N PRO D 553 -97.69 -93.80 27.41
CA PRO D 553 -98.94 -93.07 27.22
C PRO D 553 -98.83 -91.94 26.20
N SER D 554 -97.61 -91.47 25.95
CA SER D 554 -97.40 -90.45 24.92
C SER D 554 -97.92 -90.97 23.60
N ARG D 555 -98.12 -92.28 23.53
CA ARG D 555 -98.73 -92.97 22.40
C ARG D 555 -99.31 -92.04 21.34
N SER D 556 -98.46 -91.50 20.49
CA SER D 556 -98.91 -90.68 19.38
C SER D 556 -98.25 -91.20 18.10
N SER D 557 -97.17 -91.94 18.29
CA SER D 557 -96.46 -92.56 17.19
C SER D 557 -96.11 -94.01 17.57
N LYS D 558 -94.83 -94.25 17.82
CA LYS D 558 -94.34 -95.56 18.23
C LYS D 558 -92.87 -95.48 18.61
N ILE D 559 -92.33 -96.57 19.16
CA ILE D 559 -90.93 -96.61 19.56
C ILE D 559 -90.34 -98.00 19.36
N THR D 560 -89.16 -98.05 18.76
CA THR D 560 -88.48 -99.32 18.52
C THR D 560 -86.98 -99.13 18.35
N HIS D 561 -86.20 -99.68 19.27
CA HIS D 561 -84.75 -99.63 19.18
C HIS D 561 -84.16 -101.04 19.12
N ARG D 562 -83.24 -101.26 18.20
CA ARG D 562 -82.63 -102.58 18.01
C ARG D 562 -81.19 -102.63 18.48
N ILE D 563 -80.88 -103.61 19.32
CA ILE D 563 -79.53 -103.78 19.85
C ILE D 563 -78.82 -104.96 19.19
N HIS D 564 -78.24 -104.73 18.02
CA HIS D 564 -77.50 -105.78 17.31
C HIS D 564 -76.07 -105.86 17.84
N TRP D 565 -75.33 -106.86 17.36
CA TRP D 565 -73.95 -107.11 17.81
C TRP D 565 -73.07 -105.85 17.77
N GLU D 566 -72.06 -105.85 16.91
CA GLU D 566 -71.15 -104.71 16.77
C GLU D 566 -71.42 -103.57 17.74
N SER D 567 -72.44 -102.76 17.45
CA SER D 567 -72.86 -101.68 18.33
C SER D 567 -73.24 -102.19 19.72
N ALA D 568 -74.28 -103.02 19.79
CA ALA D 568 -74.73 -103.67 21.02
C ALA D 568 -74.61 -102.83 22.29
N SER D 569 -73.43 -102.90 22.90
CA SER D 569 -73.11 -102.17 24.12
C SER D 569 -73.68 -100.75 24.11
N LEU D 570 -73.81 -100.17 22.93
CA LEU D 570 -74.39 -98.86 22.77
C LEU D 570 -75.58 -98.68 23.69
N LEU D 571 -75.46 -97.75 24.64
CA LEU D 571 -76.53 -97.52 25.61
C LEU D 571 -77.59 -96.57 25.07
N ARG D 572 -78.69 -97.15 24.58
CA ARG D 572 -79.79 -96.35 24.07
C ARG D 572 -80.71 -95.91 25.21
N SER D 573 -81.03 -94.63 25.24
CA SER D 573 -81.82 -94.05 26.32
C SER D 573 -82.98 -93.21 25.81
N GLU D 574 -84.03 -93.11 26.63
CA GLU D 574 -85.19 -92.28 26.30
C GLU D 574 -85.63 -91.49 27.52
N GLU D 575 -86.05 -90.24 27.30
CA GLU D 575 -86.42 -89.36 28.40
C GLU D 575 -87.84 -88.82 28.24
N THR D 576 -88.58 -88.79 29.35
CA THR D 576 -89.94 -88.24 29.37
C THR D 576 -90.14 -87.32 30.56
N LYS D 577 -90.52 -86.07 30.30
CA LYS D 577 -90.69 -85.09 31.36
C LYS D 577 -91.95 -85.36 32.20
N GLU D 578 -92.63 -86.46 31.90
CA GLU D 578 -93.84 -86.82 32.63
C GLU D 578 -93.72 -88.23 33.20
N ASN D 579 -94.20 -88.40 34.42
CA ASN D 579 -94.16 -89.71 35.07
C ASN D 579 -95.32 -90.60 34.65
N GLU D 580 -95.04 -91.56 33.77
CA GLU D 580 -96.07 -92.43 33.23
C GLU D 580 -95.83 -93.90 33.59
N GLY D 581 -96.86 -94.71 33.43
CA GLY D 581 -96.75 -96.15 33.64
C GLY D 581 -96.84 -96.88 32.32
N PHE D 582 -95.69 -97.35 31.83
CA PHE D 582 -95.61 -97.96 30.50
C PHE D 582 -95.24 -99.43 30.56
N THR D 583 -95.16 -100.05 29.39
CA THR D 583 -94.82 -101.47 29.27
C THR D 583 -93.75 -101.68 28.21
N VAL D 584 -92.80 -102.56 28.51
CA VAL D 584 -91.70 -102.86 27.60
C VAL D 584 -91.84 -104.25 26.99
N THR D 585 -91.55 -104.38 25.71
CA THR D 585 -91.63 -105.66 25.01
C THR D 585 -90.35 -105.98 24.26
N ALA D 586 -89.65 -107.02 24.71
CA ALA D 586 -88.42 -107.45 24.06
C ALA D 586 -88.67 -108.63 23.12
N GLU D 587 -87.70 -108.89 22.25
CA GLU D 587 -87.83 -109.98 21.29
C GLU D 587 -86.48 -110.31 20.63
N GLY D 588 -86.23 -111.60 20.41
CA GLY D 588 -85.02 -112.03 19.76
C GLY D 588 -84.03 -112.69 20.71
N LYS D 589 -82.86 -113.04 20.19
CA LYS D 589 -81.82 -113.68 20.98
C LYS D 589 -80.99 -112.64 21.73
N GLY D 590 -80.23 -113.10 22.71
CA GLY D 590 -79.35 -112.22 23.47
C GLY D 590 -79.88 -111.92 24.87
N GLN D 591 -79.00 -111.41 25.72
CA GLN D 591 -79.35 -111.07 27.08
C GLN D 591 -78.92 -109.64 27.41
N GLY D 592 -79.85 -108.85 27.94
CA GLY D 592 -79.57 -107.46 28.24
C GLY D 592 -80.08 -107.03 29.61
N THR D 593 -79.91 -105.74 29.91
CA THR D 593 -80.34 -105.19 31.18
C THR D 593 -81.15 -103.91 30.99
N LEU D 594 -82.20 -103.74 31.78
CA LEU D 594 -83.04 -102.56 31.70
C LEU D 594 -83.10 -101.83 33.05
N SER D 595 -82.55 -100.61 33.09
CA SER D 595 -82.54 -99.83 34.31
C SER D 595 -83.21 -98.47 34.10
N VAL D 596 -84.28 -98.23 34.87
CA VAL D 596 -85.01 -96.97 34.78
C VAL D 596 -84.87 -96.16 36.07
N VAL D 597 -84.46 -94.90 35.94
CA VAL D 597 -84.26 -94.04 37.10
C VAL D 597 -84.92 -92.67 36.89
N THR D 598 -85.58 -92.17 37.93
CA THR D 598 -86.23 -90.87 37.86
C THR D 598 -85.47 -89.83 38.68
N MET D 599 -85.55 -88.57 38.25
CA MET D 599 -84.90 -87.47 38.95
C MET D 599 -85.92 -86.35 39.21
N TYR D 600 -86.04 -85.95 40.47
CA TYR D 600 -87.05 -84.96 40.85
C TYR D 600 -86.64 -84.18 42.09
N HIS D 601 -87.49 -83.24 42.49
CA HIS D 601 -87.27 -82.47 43.71
C HIS D 601 -88.08 -83.05 44.86
N ALA D 602 -87.40 -83.74 45.77
CA ALA D 602 -88.06 -84.34 46.93
C ALA D 602 -88.38 -83.31 48.00
N LYS D 603 -89.30 -83.64 48.89
CA LYS D 603 -89.70 -82.74 49.97
C LYS D 603 -88.80 -82.89 51.18
N ALA D 604 -87.96 -81.90 51.42
CA ALA D 604 -87.16 -81.86 52.65
C ALA D 604 -88.04 -81.39 53.81
N LYS D 605 -88.06 -82.16 54.92
CA LYS D 605 -88.85 -81.85 56.11
C LYS D 605 -88.33 -80.64 56.87
N ASP D 606 -88.11 -79.54 56.14
CA ASP D 606 -87.60 -78.32 56.73
C ASP D 606 -86.30 -78.60 57.49
N GLN D 607 -85.55 -79.59 57.02
CA GLN D 607 -84.30 -79.96 57.68
C GLN D 607 -83.47 -78.73 57.99
N LEU D 608 -82.80 -78.75 59.15
CA LEU D 608 -81.99 -77.62 59.59
C LEU D 608 -81.17 -77.09 58.42
N THR D 609 -81.45 -75.86 58.01
CA THR D 609 -80.72 -75.25 56.90
C THR D 609 -79.36 -74.74 57.36
N CYS D 610 -79.15 -74.70 58.66
CA CYS D 610 -77.89 -74.27 59.24
C CYS D 610 -77.00 -75.46 59.55
N ASN D 611 -77.49 -76.34 60.41
CA ASN D 611 -76.75 -77.52 60.89
C ASN D 611 -75.23 -77.42 60.76
N LYS D 612 -74.57 -77.26 61.92
CA LYS D 612 -73.11 -77.14 62.02
C LYS D 612 -72.72 -75.80 62.65
N PHE D 613 -73.70 -74.93 62.81
CA PHE D 613 -73.47 -73.61 63.39
C PHE D 613 -74.72 -73.02 64.03
N ASP D 614 -74.88 -73.24 65.33
CA ASP D 614 -75.94 -72.57 66.08
C ASP D 614 -75.58 -71.10 66.24
N LEU D 615 -76.59 -70.23 66.17
CA LEU D 615 -76.33 -68.80 66.24
C LEU D 615 -77.51 -68.02 66.83
N LYS D 616 -77.26 -67.34 67.95
CA LYS D 616 -78.26 -66.47 68.56
C LYS D 616 -77.73 -65.04 68.67
N VAL D 617 -78.41 -64.12 68.00
CA VAL D 617 -78.01 -62.72 68.03
C VAL D 617 -78.98 -61.89 68.86
N THR D 618 -78.44 -61.10 69.78
CA THR D 618 -79.25 -60.28 70.66
C THR D 618 -78.86 -58.81 70.61
N ILE D 619 -79.85 -57.94 70.67
CA ILE D 619 -79.62 -56.49 70.65
C ILE D 619 -80.32 -55.82 71.84
N LYS D 620 -79.53 -55.26 72.75
CA LYS D 620 -80.08 -54.62 73.95
C LYS D 620 -79.59 -53.19 74.10
N PRO D 621 -80.40 -52.33 74.73
CA PRO D 621 -80.01 -50.96 75.03
C PRO D 621 -78.81 -50.91 75.98
N ALA D 622 -78.21 -49.74 76.15
CA ALA D 622 -77.05 -49.60 77.02
C ALA D 622 -77.40 -48.89 78.32
N PRO D 623 -76.68 -49.22 79.41
CA PRO D 623 -76.88 -48.60 80.73
C PRO D 623 -76.61 -47.10 80.68
N GLN D 630 -77.24 -39.87 80.53
CA GLN D 630 -75.88 -40.05 80.01
C GLN D 630 -75.91 -40.34 78.51
N ASP D 631 -75.70 -39.30 77.71
CA ASP D 631 -75.70 -39.43 76.26
C ASP D 631 -76.93 -40.18 75.79
N ALA D 632 -78.06 -39.48 75.70
CA ALA D 632 -79.31 -40.09 75.29
C ALA D 632 -79.33 -40.40 73.80
N LYS D 633 -78.18 -40.77 73.26
CA LYS D 633 -78.07 -41.16 71.86
C LYS D 633 -78.91 -42.40 71.60
N ASN D 634 -78.26 -43.57 71.59
CA ASN D 634 -78.94 -44.84 71.46
C ASN D 634 -78.00 -46.01 71.70
N THR D 635 -76.71 -45.76 71.58
CA THR D 635 -75.66 -46.76 71.78
C THR D 635 -76.19 -48.07 72.38
N MET D 636 -76.30 -49.09 71.55
CA MET D 636 -76.80 -50.38 72.00
C MET D 636 -75.67 -51.42 72.10
N ILE D 637 -76.03 -52.63 72.50
CA ILE D 637 -75.06 -53.71 72.65
C ILE D 637 -75.39 -54.89 71.75
N LEU D 638 -74.41 -55.34 70.98
CA LEU D 638 -74.59 -56.47 70.09
C LEU D 638 -73.86 -57.71 70.61
N GLU D 639 -74.62 -58.72 71.00
CA GLU D 639 -74.05 -59.96 71.52
C GLU D 639 -74.23 -61.11 70.54
N ILE D 640 -73.15 -61.82 70.27
CA ILE D 640 -73.18 -62.94 69.32
C ILE D 640 -72.71 -64.23 69.97
N CYS D 641 -73.54 -65.27 69.89
CA CYS D 641 -73.19 -66.57 70.44
C CYS D 641 -73.32 -67.66 69.37
N THR D 642 -72.31 -68.52 69.28
CA THR D 642 -72.30 -69.57 68.28
C THR D 642 -71.68 -70.87 68.80
N ARG D 643 -72.03 -71.98 68.16
CA ARG D 643 -71.49 -73.29 68.53
C ARG D 643 -71.47 -74.22 67.33
N TYR D 644 -70.43 -75.04 67.24
CA TYR D 644 -70.29 -75.98 66.13
C TYR D 644 -70.97 -77.31 66.45
N ARG D 645 -71.81 -77.78 65.53
CA ARG D 645 -72.54 -79.02 65.73
C ARG D 645 -71.74 -80.24 65.30
N GLY D 646 -70.43 -80.20 65.56
CA GLY D 646 -69.56 -81.31 65.22
C GLY D 646 -68.94 -81.97 66.44
N ASP D 647 -68.15 -83.01 66.21
CA ASP D 647 -67.49 -83.71 67.30
C ASP D 647 -66.16 -83.04 67.65
N GLN D 648 -65.59 -82.34 66.68
CA GLN D 648 -64.33 -81.65 66.88
C GLN D 648 -64.53 -80.13 66.89
N ASP D 649 -63.65 -79.42 67.58
CA ASP D 649 -63.70 -77.97 67.60
C ASP D 649 -63.40 -77.42 66.22
N ALA D 650 -64.41 -76.87 65.55
CA ALA D 650 -64.24 -76.32 64.22
C ALA D 650 -63.02 -75.41 64.16
N THR D 651 -62.27 -75.49 63.06
CA THR D 651 -61.04 -74.73 62.91
C THR D 651 -61.29 -73.23 62.77
N MET D 652 -60.63 -72.61 61.79
CA MET D 652 -60.71 -71.18 61.59
C MET D 652 -61.97 -70.77 60.84
N SER D 653 -62.84 -70.04 61.53
CA SER D 653 -64.10 -69.60 60.94
C SER D 653 -64.14 -68.08 60.74
N ILE D 654 -65.25 -67.58 60.22
CA ILE D 654 -65.39 -66.15 59.94
C ILE D 654 -66.71 -65.59 60.47
N LEU D 655 -66.65 -64.37 60.99
CA LEU D 655 -67.85 -63.68 61.47
C LEU D 655 -68.18 -62.48 60.58
N ASP D 656 -69.16 -62.65 59.70
CA ASP D 656 -69.59 -61.58 58.82
C ASP D 656 -70.74 -60.80 59.44
N ILE D 657 -70.47 -59.56 59.82
CA ILE D 657 -71.46 -58.73 60.50
C ILE D 657 -71.92 -57.55 59.64
N SER D 658 -73.22 -57.29 59.66
CA SER D 658 -73.78 -56.14 58.95
C SER D 658 -74.56 -55.25 59.91
N MET D 659 -74.07 -54.03 60.09
CA MET D 659 -74.67 -53.09 61.04
C MET D 659 -76.06 -52.63 60.60
N MET D 660 -76.81 -52.08 61.54
CA MET D 660 -78.12 -51.50 61.23
C MET D 660 -77.91 -50.08 60.71
N THR D 661 -78.30 -49.85 59.45
CA THR D 661 -78.09 -48.57 58.80
C THR D 661 -78.11 -47.38 59.76
N GLY D 662 -76.93 -46.87 60.08
CA GLY D 662 -76.79 -45.75 61.00
C GLY D 662 -76.13 -46.15 62.30
N PHE D 663 -75.36 -47.23 62.27
CA PHE D 663 -74.66 -47.72 63.45
C PHE D 663 -73.25 -48.18 63.14
N ALA D 664 -72.29 -47.70 63.93
CA ALA D 664 -70.89 -48.08 63.76
C ALA D 664 -70.33 -48.67 65.05
N PRO D 665 -69.59 -49.79 64.93
CA PRO D 665 -69.01 -50.48 66.09
C PRO D 665 -68.06 -49.56 66.86
N ASP D 666 -68.03 -49.73 68.19
CA ASP D 666 -67.14 -48.94 69.03
C ASP D 666 -65.69 -49.32 68.78
N THR D 667 -64.89 -48.33 68.41
CA THR D 667 -63.48 -48.57 68.10
C THR D 667 -62.75 -49.25 69.25
N ASP D 668 -62.90 -48.73 70.46
CA ASP D 668 -62.24 -49.26 71.63
C ASP D 668 -62.59 -50.73 71.87
N ASP D 669 -63.85 -51.08 71.69
CA ASP D 669 -64.30 -52.45 71.88
C ASP D 669 -63.67 -53.41 70.88
N LEU D 670 -63.45 -52.93 69.66
CA LEU D 670 -62.84 -53.74 68.62
C LEU D 670 -61.39 -54.07 68.97
N LYS D 671 -60.68 -53.10 69.53
CA LYS D 671 -59.30 -53.31 69.97
C LYS D 671 -59.22 -54.41 71.01
N GLN D 672 -60.20 -54.44 71.91
CA GLN D 672 -60.25 -55.44 72.98
C GLN D 672 -60.41 -56.85 72.40
N LEU D 673 -61.39 -57.01 71.52
CA LEU D 673 -61.67 -58.31 70.92
C LEU D 673 -60.53 -58.73 69.98
N ALA D 674 -59.81 -57.75 69.45
CA ALA D 674 -58.71 -58.03 68.53
C ALA D 674 -57.49 -58.56 69.27
N ASN D 675 -57.09 -57.86 70.33
CA ASN D 675 -55.93 -58.26 71.12
C ASN D 675 -56.10 -59.64 71.74
N GLY D 676 -57.34 -60.01 72.00
CA GLY D 676 -57.65 -61.31 72.58
C GLY D 676 -57.27 -62.47 71.67
N VAL D 677 -56.74 -63.53 72.26
CA VAL D 677 -56.34 -64.70 71.50
C VAL D 677 -57.54 -65.40 70.89
N ASP D 678 -57.31 -66.19 69.85
CA ASP D 678 -58.37 -66.94 69.17
C ASP D 678 -59.29 -66.02 68.37
N ARG D 679 -59.01 -64.71 68.40
CA ARG D 679 -59.76 -63.74 67.62
C ARG D 679 -58.82 -62.83 66.85
N TYR D 680 -59.26 -62.35 65.69
CA TYR D 680 -58.43 -61.51 64.85
C TYR D 680 -59.25 -60.54 63.99
N ILE D 681 -58.82 -59.29 63.98
CA ILE D 681 -59.44 -58.27 63.14
C ILE D 681 -58.36 -57.48 62.41
N SER D 682 -58.29 -57.65 61.09
CA SER D 682 -57.25 -57.03 60.28
C SER D 682 -57.12 -55.53 60.54
N LYS D 683 -55.89 -55.04 60.50
CA LYS D 683 -55.61 -53.62 60.70
C LYS D 683 -56.42 -52.77 59.73
N TYR D 684 -56.70 -53.32 58.56
CA TYR D 684 -57.49 -52.63 57.54
C TYR D 684 -58.87 -52.28 58.06
N GLU D 685 -59.43 -53.16 58.90
CA GLU D 685 -60.77 -52.96 59.43
C GLU D 685 -60.76 -52.02 60.62
N LEU D 686 -59.62 -51.93 61.30
CA LEU D 686 -59.49 -51.08 62.49
C LEU D 686 -59.70 -49.60 62.19
N ASP D 687 -58.70 -49.00 61.53
CA ASP D 687 -58.71 -47.57 61.28
C ASP D 687 -59.66 -47.17 60.15
N LYS D 688 -60.92 -47.59 60.25
CA LYS D 688 -61.93 -47.18 59.28
C LYS D 688 -62.71 -45.98 59.81
N ALA D 689 -62.52 -45.69 61.09
CA ALA D 689 -63.21 -44.58 61.74
C ALA D 689 -64.72 -44.80 61.81
N PHE D 690 -65.38 -44.03 62.66
CA PHE D 690 -66.81 -44.14 62.87
C PHE D 690 -67.57 -43.87 61.56
N SER D 691 -66.90 -43.15 60.66
CA SER D 691 -67.49 -42.74 59.39
C SER D 691 -68.04 -43.90 58.56
N ASP D 692 -67.21 -44.92 58.37
CA ASP D 692 -67.53 -45.97 57.41
C ASP D 692 -67.03 -47.34 57.86
N ARG D 693 -67.95 -48.13 58.42
CA ARG D 693 -67.63 -49.51 58.82
C ARG D 693 -68.91 -50.33 58.97
N ASN D 694 -69.87 -50.09 58.10
CA ASN D 694 -71.15 -50.78 58.16
C ASN D 694 -71.01 -52.31 58.09
N THR D 695 -69.95 -52.78 57.44
CA THR D 695 -69.69 -54.21 57.34
C THR D 695 -68.44 -54.58 58.13
N LEU D 696 -68.58 -55.55 59.03
CA LEU D 696 -67.49 -55.96 59.89
C LEU D 696 -67.15 -57.44 59.69
N ILE D 697 -65.87 -57.77 59.82
CA ILE D 697 -65.42 -59.16 59.69
C ILE D 697 -64.51 -59.56 60.85
N ILE D 698 -65.01 -60.43 61.70
CA ILE D 698 -64.24 -60.92 62.84
C ILE D 698 -63.80 -62.36 62.65
N TYR D 699 -62.52 -62.55 62.32
CA TYR D 699 -61.97 -63.88 62.08
C TYR D 699 -61.76 -64.63 63.40
N LEU D 700 -62.32 -65.83 63.48
CA LEU D 700 -62.17 -66.68 64.66
C LEU D 700 -61.21 -67.83 64.39
N ASP D 701 -60.37 -68.13 65.37
CA ASP D 701 -59.41 -69.22 65.24
C ASP D 701 -60.08 -70.57 65.51
N LYS D 702 -61.19 -70.54 66.25
CA LYS D 702 -61.91 -71.75 66.60
C LYS D 702 -63.26 -71.46 67.23
N VAL D 703 -64.15 -72.45 67.20
CA VAL D 703 -65.45 -72.35 67.86
C VAL D 703 -65.79 -73.67 68.54
N SER D 704 -66.04 -73.61 69.85
CA SER D 704 -66.31 -74.80 70.64
C SER D 704 -67.53 -75.57 70.11
N HIS D 705 -67.54 -76.87 70.37
CA HIS D 705 -68.65 -77.72 69.96
C HIS D 705 -69.48 -78.17 71.16
N SER D 706 -68.93 -77.95 72.35
CA SER D 706 -69.62 -78.32 73.59
C SER D 706 -70.56 -77.19 74.02
N GLU D 707 -69.97 -76.06 74.39
CA GLU D 707 -70.75 -74.89 74.78
C GLU D 707 -70.67 -73.78 73.73
N ASP D 708 -71.21 -72.61 74.06
CA ASP D 708 -71.26 -71.50 73.12
C ASP D 708 -70.18 -70.46 73.38
N ASP D 709 -69.45 -70.11 72.32
CA ASP D 709 -68.46 -69.04 72.40
C ASP D 709 -69.13 -67.70 72.09
N CYS D 710 -69.31 -66.87 73.10
CA CYS D 710 -70.04 -65.61 72.94
C CYS D 710 -69.14 -64.39 73.09
N LEU D 711 -69.37 -63.39 72.24
CA LEU D 711 -68.66 -62.12 72.32
C LEU D 711 -69.65 -60.97 72.14
N ALA D 712 -69.26 -59.78 72.59
CA ALA D 712 -70.14 -58.62 72.50
C ALA D 712 -69.36 -57.32 72.38
N PHE D 713 -69.91 -56.37 71.64
CA PHE D 713 -69.30 -55.06 71.47
C PHE D 713 -70.35 -53.96 71.37
N LYS D 714 -69.96 -52.74 71.71
CA LYS D 714 -70.88 -51.61 71.70
C LYS D 714 -71.03 -50.98 70.32
N VAL D 715 -72.21 -50.45 70.04
CA VAL D 715 -72.48 -49.78 68.78
C VAL D 715 -73.22 -48.47 69.04
N HIS D 716 -72.85 -47.42 68.31
CA HIS D 716 -73.46 -46.11 68.50
C HIS D 716 -74.20 -45.67 67.24
N GLN D 717 -75.21 -44.80 67.43
CA GLN D 717 -75.96 -44.26 66.30
C GLN D 717 -75.43 -42.89 65.90
N TYR D 718 -75.03 -42.76 64.65
CA TYR D 718 -74.47 -41.50 64.15
C TYR D 718 -75.32 -40.98 62.99
N PHE D 719 -76.29 -41.78 62.57
CA PHE D 719 -77.06 -41.48 61.37
C PHE D 719 -78.55 -41.70 61.58
N ASN D 720 -79.23 -40.68 62.08
CA ASN D 720 -80.66 -40.77 62.36
C ASN D 720 -81.52 -40.98 61.12
N VAL D 721 -82.36 -42.01 61.15
CA VAL D 721 -83.38 -42.21 60.13
C VAL D 721 -84.54 -43.03 60.66
N GLU D 722 -85.73 -42.77 60.14
CA GLU D 722 -86.90 -43.57 60.50
C GLU D 722 -86.90 -44.84 59.67
N LEU D 723 -87.34 -45.95 60.29
CA LEU D 723 -87.29 -47.25 59.64
C LEU D 723 -85.86 -47.66 59.33
N ILE D 724 -85.21 -48.29 60.30
CA ILE D 724 -83.84 -48.76 60.12
C ILE D 724 -83.82 -50.19 59.60
N GLN D 725 -82.79 -50.53 58.85
CA GLN D 725 -82.67 -51.85 58.24
C GLN D 725 -82.07 -52.87 59.21
N PRO D 726 -82.75 -54.01 59.39
CA PRO D 726 -82.30 -55.08 60.30
C PRO D 726 -80.90 -55.57 59.96
N GLY D 727 -80.05 -55.71 60.98
CA GLY D 727 -78.70 -56.20 60.77
C GLY D 727 -78.67 -57.70 60.52
N ALA D 728 -77.46 -58.24 60.39
CA ALA D 728 -77.30 -59.67 60.13
C ALA D 728 -75.90 -60.15 60.47
N VAL D 729 -75.81 -61.38 60.97
CA VAL D 729 -74.53 -61.99 61.30
C VAL D 729 -74.43 -63.38 60.69
N LYS D 730 -73.33 -63.65 59.98
CA LYS D 730 -73.15 -64.91 59.30
C LYS D 730 -71.92 -65.66 59.81
N VAL D 731 -72.08 -66.97 60.03
CA VAL D 731 -70.98 -67.80 60.49
C VAL D 731 -70.75 -68.97 59.55
N TYR D 732 -69.47 -69.30 59.32
CA TYR D 732 -69.12 -70.40 58.43
C TYR D 732 -67.63 -70.71 58.47
N ALA D 733 -67.28 -71.94 58.13
CA ALA D 733 -65.88 -72.34 58.08
C ALA D 733 -65.21 -71.79 56.82
N TYR D 734 -63.88 -71.73 56.84
CA TYR D 734 -63.14 -71.16 55.72
C TYR D 734 -63.10 -72.12 54.52
N TYR D 735 -63.33 -73.39 54.79
CA TYR D 735 -63.25 -74.41 53.74
C TYR D 735 -64.60 -74.73 53.13
N ASN D 736 -65.67 -74.25 53.77
CA ASN D 736 -67.03 -74.53 53.28
C ASN D 736 -67.96 -73.34 53.49
N LEU D 737 -68.53 -72.86 52.40
CA LEU D 737 -69.43 -71.71 52.44
C LEU D 737 -70.89 -72.15 52.50
N GLU D 738 -71.19 -73.30 51.90
CA GLU D 738 -72.55 -73.83 51.88
C GLU D 738 -73.11 -74.01 53.29
N GLU D 739 -72.35 -74.68 54.15
CA GLU D 739 -72.79 -74.94 55.51
C GLU D 739 -72.65 -73.72 56.41
N SER D 740 -73.43 -72.69 56.13
CA SER D 740 -73.39 -71.47 56.90
C SER D 740 -74.74 -71.17 57.55
N CYS D 741 -74.72 -70.39 58.63
CA CYS D 741 -75.94 -70.01 59.33
C CYS D 741 -75.97 -68.50 59.53
N THR D 742 -77.13 -67.90 59.26
CA THR D 742 -77.26 -66.45 59.36
C THR D 742 -78.46 -66.02 60.19
N ARG D 743 -78.21 -65.16 61.18
CA ARG D 743 -79.27 -64.60 62.01
C ARG D 743 -79.34 -63.09 61.84
N PHE D 744 -80.53 -62.53 62.11
CA PHE D 744 -80.72 -61.09 62.02
C PHE D 744 -81.05 -60.50 63.39
N TYR D 745 -81.06 -59.17 63.48
CA TYR D 745 -81.37 -58.51 64.74
C TYR D 745 -81.97 -57.12 64.53
N HIS D 746 -83.04 -56.84 65.23
CA HIS D 746 -83.71 -55.54 65.14
C HIS D 746 -84.24 -55.12 66.51
N PRO D 747 -84.06 -53.84 66.87
CA PRO D 747 -84.48 -53.29 68.16
C PRO D 747 -85.97 -53.49 68.43
N GLU D 748 -86.74 -53.75 67.39
CA GLU D 748 -88.18 -53.91 67.54
C GLU D 748 -88.66 -55.28 67.03
N LYS D 749 -88.55 -55.48 65.72
CA LYS D 749 -89.01 -56.70 65.09
C LYS D 749 -88.47 -57.96 65.77
N GLU D 750 -89.19 -59.06 65.62
CA GLU D 750 -88.86 -60.32 66.28
C GLU D 750 -87.36 -60.59 66.35
N ASP D 751 -86.81 -61.13 65.27
CA ASP D 751 -85.39 -61.45 65.21
C ASP D 751 -84.79 -61.04 63.87
N GLY D 752 -85.12 -59.82 63.43
CA GLY D 752 -84.65 -59.33 62.15
C GLY D 752 -85.63 -59.67 61.04
N LYS D 753 -86.27 -60.83 61.15
CA LYS D 753 -87.29 -61.23 60.20
C LYS D 753 -88.32 -60.12 60.05
N LEU D 754 -88.46 -59.61 58.83
CA LEU D 754 -89.37 -58.52 58.57
C LEU D 754 -90.79 -58.97 58.79
N ASN D 755 -91.66 -58.38 58.01
CA ASN D 755 -93.06 -58.59 58.25
C ASN D 755 -93.78 -59.02 56.99
N LYS D 756 -94.38 -60.20 57.03
CA LYS D 756 -95.06 -60.75 55.88
C LYS D 756 -96.28 -61.57 56.27
N LEU D 757 -97.38 -61.38 55.55
CA LEU D 757 -98.59 -62.16 55.75
C LEU D 757 -98.61 -63.34 54.80
N CYS D 758 -98.78 -64.54 55.34
CA CYS D 758 -98.75 -65.75 54.53
C CYS D 758 -99.83 -66.75 54.91
N ARG D 759 -100.43 -67.37 53.91
CA ARG D 759 -101.41 -68.43 54.11
C ARG D 759 -101.07 -69.61 53.21
N ASP D 760 -100.87 -70.78 53.80
CA ASP D 760 -100.46 -71.97 53.06
C ASP D 760 -99.10 -71.74 52.40
N GLU D 761 -99.10 -71.44 51.11
CA GLU D 761 -97.88 -71.16 50.38
C GLU D 761 -97.98 -69.83 49.63
N LEU D 762 -98.86 -68.96 50.11
CA LEU D 762 -99.08 -67.67 49.47
C LEU D 762 -98.75 -66.53 50.42
N CYS D 763 -97.55 -65.98 50.29
CA CYS D 763 -97.10 -64.92 51.17
C CYS D 763 -96.88 -63.60 50.43
N ARG D 764 -97.00 -62.49 51.16
CA ARG D 764 -96.81 -61.17 50.56
C ARG D 764 -95.96 -60.27 51.44
N CYS D 765 -95.47 -59.18 50.87
CA CYS D 765 -94.64 -58.23 51.61
C CYS D 765 -95.48 -57.37 52.52
N ALA D 766 -95.78 -57.87 53.72
CA ALA D 766 -96.58 -57.14 54.68
C ALA D 766 -95.79 -56.02 55.35
N GLU D 767 -94.57 -55.79 54.86
CA GLU D 767 -93.75 -54.69 55.37
C GLU D 767 -94.37 -53.36 54.97
N GLU D 768 -95.40 -52.96 55.71
CA GLU D 768 -96.12 -51.72 55.44
C GLU D 768 -96.86 -51.26 56.69
N ASN D 769 -97.68 -50.23 56.53
CA ASN D 769 -98.41 -49.67 57.66
C ASN D 769 -99.84 -50.20 57.75
N CYS D 770 -100.59 -49.73 58.75
CA CYS D 770 -101.97 -50.15 58.93
C CYS D 770 -102.91 -49.16 58.26
N PHE D 771 -104.21 -49.28 58.56
CA PHE D 771 -105.21 -48.40 57.95
C PHE D 771 -106.41 -48.20 58.87
N ILE D 772 -106.73 -46.94 59.15
CA ILE D 772 -107.87 -46.60 59.99
C ILE D 772 -108.06 -45.08 60.06
N SER D 775 -111.28 -39.53 64.07
CA SER D 775 -112.50 -39.12 64.76
C SER D 775 -113.42 -38.32 63.83
N ASP D 776 -113.76 -38.92 62.69
CA ASP D 776 -114.64 -38.31 61.71
C ASP D 776 -114.53 -36.78 61.69
N ASP D 777 -113.48 -36.28 61.04
CA ASP D 777 -113.25 -34.84 60.96
C ASP D 777 -114.38 -34.14 60.22
N LYS D 778 -114.16 -33.85 58.94
CA LYS D 778 -115.17 -33.20 58.12
C LYS D 778 -115.31 -33.87 56.77
N VAL D 779 -115.67 -35.16 56.77
CA VAL D 779 -115.87 -35.86 55.52
C VAL D 779 -117.07 -35.29 54.77
N THR D 780 -116.81 -34.66 53.63
CA THR D 780 -117.86 -34.02 52.85
C THR D 780 -118.03 -34.69 51.49
N LEU D 781 -118.89 -34.10 50.66
CA LEU D 781 -119.15 -34.64 49.33
C LEU D 781 -117.94 -34.40 48.43
N GLU D 782 -117.20 -33.33 48.73
CA GLU D 782 -116.05 -32.96 47.93
C GLU D 782 -114.79 -33.69 48.36
N GLU D 783 -114.70 -34.00 49.65
CA GLU D 783 -113.54 -34.72 50.18
C GLU D 783 -113.45 -36.13 49.64
N ARG D 784 -114.60 -36.68 49.26
CA ARG D 784 -114.68 -38.04 48.74
C ARG D 784 -114.44 -38.07 47.23
N LEU D 785 -115.05 -37.13 46.52
CA LEU D 785 -114.92 -37.06 45.07
C LEU D 785 -113.47 -36.88 44.63
N ASP D 786 -112.64 -36.34 45.53
CA ASP D 786 -111.24 -36.13 45.23
C ASP D 786 -110.40 -37.35 45.56
N LYS D 787 -110.67 -37.97 46.70
CA LYS D 787 -109.93 -39.16 47.13
C LYS D 787 -110.44 -40.41 46.44
N ALA D 788 -111.54 -40.30 45.71
CA ALA D 788 -112.10 -41.42 44.97
C ALA D 788 -111.83 -41.30 43.48
N CYS D 789 -111.02 -40.30 43.13
CA CYS D 789 -110.62 -40.09 41.74
C CYS D 789 -109.11 -39.98 41.63
N GLU D 790 -108.42 -40.40 42.69
CA GLU D 790 -106.97 -40.37 42.72
C GLU D 790 -106.37 -41.43 41.79
N PRO D 791 -105.05 -41.39 41.57
CA PRO D 791 -104.37 -42.35 40.68
C PRO D 791 -104.72 -43.80 41.00
N GLY D 792 -104.24 -44.30 42.14
CA GLY D 792 -104.41 -45.69 42.51
C GLY D 792 -105.85 -46.17 42.56
N VAL D 793 -106.79 -45.23 42.69
CA VAL D 793 -108.20 -45.57 42.76
C VAL D 793 -108.61 -46.52 41.63
N ASP D 794 -108.96 -47.75 41.99
CA ASP D 794 -109.29 -48.77 41.00
C ASP D 794 -110.72 -49.26 41.14
N TYR D 795 -111.12 -49.61 42.36
CA TYR D 795 -112.43 -50.18 42.60
C TYR D 795 -113.22 -49.41 43.65
N VAL D 796 -114.53 -49.30 43.43
CA VAL D 796 -115.42 -48.65 44.39
C VAL D 796 -116.75 -49.41 44.45
N TYR D 797 -117.04 -50.00 45.60
CA TYR D 797 -118.27 -50.79 45.75
C TYR D 797 -119.04 -50.45 47.02
N LYS D 798 -120.35 -50.74 46.99
CA LYS D 798 -121.18 -50.67 48.17
C LYS D 798 -121.52 -52.10 48.60
N THR D 799 -120.69 -52.65 49.48
CA THR D 799 -120.79 -54.06 49.83
C THR D 799 -121.51 -54.30 51.16
N ARG D 800 -121.91 -55.54 51.37
CA ARG D 800 -122.54 -55.97 52.62
C ARG D 800 -121.80 -57.19 53.16
N LEU D 801 -121.22 -57.04 54.35
CA LEU D 801 -120.46 -58.13 54.96
C LEU D 801 -121.38 -59.30 55.32
N VAL D 802 -121.10 -60.45 54.73
CA VAL D 802 -121.94 -61.64 54.95
C VAL D 802 -121.36 -62.55 56.03
N LYS D 803 -120.08 -62.86 55.92
CA LYS D 803 -119.43 -63.77 56.87
C LYS D 803 -118.12 -63.19 57.40
N VAL D 804 -117.83 -63.45 58.66
CA VAL D 804 -116.61 -62.95 59.30
C VAL D 804 -115.79 -64.08 59.92
N GLN D 805 -114.70 -64.44 59.26
CA GLN D 805 -113.78 -65.44 59.81
C GLN D 805 -112.54 -64.75 60.37
N LEU D 806 -111.85 -65.43 61.28
CA LEU D 806 -110.71 -64.84 61.97
C LEU D 806 -109.69 -65.90 62.36
N SER D 807 -108.45 -65.70 61.93
CA SER D 807 -107.38 -66.66 62.21
C SER D 807 -106.36 -66.10 63.19
N ASN D 808 -105.33 -66.90 63.48
CA ASN D 808 -104.30 -66.50 64.43
C ASN D 808 -103.19 -65.70 63.76
N ASP D 809 -103.26 -65.55 62.44
CA ASP D 809 -102.24 -64.83 61.70
C ASP D 809 -102.83 -63.74 60.79
N PHE D 810 -104.15 -63.67 60.72
CA PHE D 810 -104.84 -62.64 59.95
C PHE D 810 -106.34 -62.89 59.87
N ASP D 811 -107.12 -61.82 59.83
CA ASP D 811 -108.57 -61.95 59.71
C ASP D 811 -109.03 -61.70 58.27
N GLU D 812 -110.33 -61.86 58.03
CA GLU D 812 -110.88 -61.69 56.69
C GLU D 812 -112.37 -61.42 56.73
N TYR D 813 -112.91 -60.93 55.62
CA TYR D 813 -114.33 -60.59 55.55
C TYR D 813 -114.92 -60.90 54.18
N ILE D 814 -115.85 -61.86 54.16
CA ILE D 814 -116.54 -62.23 52.92
C ILE D 814 -117.71 -61.28 52.67
N MET D 815 -117.45 -60.23 51.89
CA MET D 815 -118.47 -59.23 51.62
C MET D 815 -119.03 -59.35 50.21
N ALA D 816 -120.34 -59.15 50.08
CA ALA D 816 -121.00 -59.23 48.77
C ALA D 816 -121.28 -57.85 48.20
N ILE D 817 -120.87 -57.64 46.96
CA ILE D 817 -121.06 -56.35 46.29
C ILE D 817 -122.52 -56.16 45.88
N GLU D 818 -123.14 -55.08 46.36
CA GLU D 818 -124.52 -54.78 46.02
C GLU D 818 -124.61 -53.85 44.81
N GLN D 819 -123.48 -53.24 44.46
CA GLN D 819 -123.40 -52.38 43.28
C GLN D 819 -121.96 -52.00 42.97
N THR D 820 -121.63 -51.94 41.69
CA THR D 820 -120.29 -51.58 41.26
C THR D 820 -120.21 -50.12 40.83
N ILE D 821 -119.89 -49.25 41.78
CA ILE D 821 -119.79 -47.82 41.51
C ILE D 821 -118.71 -47.56 40.45
N LYS D 822 -117.61 -48.30 40.53
CA LYS D 822 -116.53 -48.17 39.58
C LYS D 822 -115.82 -49.50 39.37
N SER D 823 -116.04 -50.12 38.21
CA SER D 823 -115.42 -51.40 37.89
C SER D 823 -113.91 -51.25 37.74
N GLY D 824 -113.17 -52.19 38.31
CA GLY D 824 -111.72 -52.17 38.24
C GLY D 824 -111.17 -53.27 37.36
N SER D 825 -109.98 -53.76 37.69
CA SER D 825 -109.35 -54.84 36.94
C SER D 825 -110.03 -56.17 37.21
N ASP D 826 -110.92 -56.18 38.20
CA ASP D 826 -111.64 -57.39 38.59
C ASP D 826 -113.05 -57.40 38.02
N GLU D 827 -113.29 -58.29 37.05
CA GLU D 827 -114.60 -58.43 36.44
C GLU D 827 -115.58 -59.10 37.41
N VAL D 828 -116.32 -58.29 38.15
CA VAL D 828 -117.27 -58.81 39.13
C VAL D 828 -118.67 -58.24 38.95
N GLN D 829 -119.65 -59.12 38.84
CA GLN D 829 -121.05 -58.70 38.72
C GLN D 829 -121.67 -58.46 40.08
N VAL D 830 -122.77 -57.70 40.10
CA VAL D 830 -123.47 -57.39 41.34
C VAL D 830 -124.10 -58.63 41.94
N GLY D 831 -123.66 -58.99 43.15
CA GLY D 831 -124.20 -60.15 43.84
C GLY D 831 -123.11 -61.11 44.30
N GLN D 832 -122.06 -61.24 43.50
CA GLN D 832 -120.95 -62.13 43.83
C GLN D 832 -120.23 -61.66 45.09
N GLN D 833 -119.43 -62.55 45.67
CA GLN D 833 -118.70 -62.24 46.89
C GLN D 833 -117.20 -62.16 46.66
N ARG D 834 -116.60 -61.05 47.10
CA ARG D 834 -115.16 -60.85 47.00
C ARG D 834 -114.53 -60.83 48.39
N THR D 835 -113.55 -61.69 48.60
CA THR D 835 -112.91 -61.82 49.92
C THR D 835 -111.96 -60.67 50.22
N PHE D 836 -112.09 -60.10 51.42
CA PHE D 836 -111.19 -59.06 51.89
C PHE D 836 -110.32 -59.58 53.02
N ILE D 837 -109.06 -59.13 53.07
CA ILE D 837 -108.12 -59.61 54.07
C ILE D 837 -107.44 -58.46 54.81
N SER D 838 -107.26 -58.64 56.12
CA SER D 838 -106.63 -57.63 56.96
C SER D 838 -105.85 -58.27 58.10
N PRO D 839 -104.77 -57.61 58.55
CA PRO D 839 -103.97 -58.11 59.68
C PRO D 839 -104.81 -58.27 60.94
N ILE D 840 -104.32 -59.08 61.89
CA ILE D 840 -105.04 -59.33 63.12
C ILE D 840 -104.97 -58.12 64.06
N LYS D 841 -104.04 -57.22 63.79
CA LYS D 841 -103.87 -56.03 64.62
C LYS D 841 -104.86 -54.93 64.25
N CYS D 842 -105.49 -55.08 63.09
CA CYS D 842 -106.45 -54.08 62.61
C CYS D 842 -107.89 -54.46 62.97
N ARG D 843 -108.04 -55.31 63.98
CA ARG D 843 -109.38 -55.68 64.44
C ARG D 843 -110.03 -54.54 65.19
N GLU D 844 -109.22 -53.52 65.51
CA GLU D 844 -109.72 -52.34 66.21
C GLU D 844 -109.96 -51.19 65.24
N ALA D 845 -109.46 -51.33 64.03
CA ALA D 845 -109.68 -50.33 62.99
C ALA D 845 -111.17 -50.15 62.75
N LEU D 846 -111.74 -51.03 61.93
CA LEU D 846 -113.18 -51.04 61.68
C LEU D 846 -113.80 -52.39 61.99
N LYS D 847 -114.48 -52.47 63.12
CA LYS D 847 -115.17 -53.69 63.51
C LYS D 847 -116.27 -54.02 62.51
N LEU D 848 -115.90 -54.69 61.43
CA LEU D 848 -116.84 -55.02 60.38
C LEU D 848 -117.87 -56.04 60.86
N GLU D 849 -118.99 -55.53 61.37
CA GLU D 849 -120.06 -56.38 61.87
C GLU D 849 -120.74 -57.09 60.69
N GLU D 850 -121.67 -57.99 61.00
CA GLU D 850 -122.33 -58.76 59.95
C GLU D 850 -123.62 -58.13 59.47
N LYS D 851 -123.89 -58.25 58.17
CA LYS D 851 -125.10 -57.73 57.55
C LYS D 851 -125.15 -56.20 57.56
N LYS D 852 -123.98 -55.58 57.57
CA LYS D 852 -123.89 -54.12 57.50
C LYS D 852 -123.25 -53.67 56.19
N HIS D 853 -123.66 -52.51 55.70
CA HIS D 853 -123.15 -51.99 54.43
C HIS D 853 -121.94 -51.08 54.65
N TYR D 854 -121.05 -51.04 53.66
CA TYR D 854 -119.85 -50.23 53.74
C TYR D 854 -119.41 -49.73 52.36
N LEU D 855 -118.97 -48.48 52.30
CA LEU D 855 -118.42 -47.91 51.08
C LEU D 855 -116.90 -48.02 51.11
N MET D 856 -116.32 -48.70 50.13
CA MET D 856 -114.89 -48.95 50.12
C MET D 856 -114.23 -48.74 48.75
N TRP D 857 -112.97 -48.32 48.77
CA TRP D 857 -112.17 -48.20 47.56
C TRP D 857 -110.69 -48.28 47.89
N GLY D 858 -109.93 -48.96 47.04
CA GLY D 858 -108.50 -49.13 47.26
C GLY D 858 -107.70 -49.09 45.96
N LEU D 859 -106.46 -49.54 46.03
CA LEU D 859 -105.58 -49.54 44.86
C LEU D 859 -105.53 -50.91 44.21
N SER D 860 -105.01 -50.97 42.99
CA SER D 860 -104.88 -52.22 42.27
C SER D 860 -103.71 -53.04 42.82
N SER D 861 -102.84 -52.39 43.57
CA SER D 861 -101.70 -53.05 44.18
C SER D 861 -102.12 -53.82 45.42
N ASP D 862 -103.42 -53.81 45.70
CA ASP D 862 -103.96 -54.49 46.87
C ASP D 862 -104.58 -55.85 46.50
N PHE D 863 -104.59 -56.15 45.21
CA PHE D 863 -105.10 -57.43 44.74
C PHE D 863 -104.21 -58.57 45.21
N TRP D 864 -104.81 -59.73 45.45
CA TRP D 864 -104.08 -60.86 46.00
C TRP D 864 -104.53 -62.18 45.38
N GLY D 865 -103.62 -62.85 44.69
CA GLY D 865 -103.92 -64.12 44.05
C GLY D 865 -103.93 -64.02 42.54
N GLU D 866 -104.54 -65.00 41.89
CA GLU D 866 -104.64 -65.01 40.42
C GLU D 866 -106.09 -65.13 39.97
N LYS D 867 -106.43 -64.38 38.92
CA LYS D 867 -107.79 -64.39 38.38
C LYS D 867 -108.19 -65.79 37.94
N PRO D 868 -109.50 -66.11 38.07
CA PRO D 868 -110.51 -65.23 38.63
C PRO D 868 -110.52 -65.25 40.15
N ASN D 869 -109.74 -66.15 40.74
CA ASN D 869 -109.67 -66.29 42.19
C ASN D 869 -108.78 -65.24 42.84
N LEU D 870 -109.27 -64.02 42.92
CA LEU D 870 -108.51 -62.93 43.53
C LEU D 870 -108.97 -62.67 44.96
N SER D 871 -108.29 -61.75 45.63
CA SER D 871 -108.63 -61.39 47.00
C SER D 871 -108.17 -59.97 47.31
N TYR D 872 -109.08 -59.17 47.87
CA TYR D 872 -108.77 -57.78 48.21
C TYR D 872 -108.01 -57.68 49.52
N ILE D 873 -107.22 -56.61 49.66
CA ILE D 873 -106.45 -56.39 50.87
C ILE D 873 -106.75 -55.00 51.46
N ILE D 874 -107.23 -54.99 52.70
CA ILE D 874 -107.52 -53.75 53.39
C ILE D 874 -106.23 -53.08 53.86
N GLY D 875 -105.59 -52.35 52.96
CA GLY D 875 -104.33 -51.71 53.25
C GLY D 875 -104.48 -50.24 53.62
N LYS D 876 -103.34 -49.56 53.78
CA LYS D 876 -103.32 -48.16 54.18
C LYS D 876 -104.15 -47.27 53.25
N ASP D 877 -104.20 -47.65 51.98
CA ASP D 877 -104.91 -46.87 50.97
C ASP D 877 -106.34 -47.36 50.76
N THR D 878 -106.81 -48.21 51.67
CA THR D 878 -108.17 -48.73 51.61
C THR D 878 -109.11 -47.86 52.44
N TRP D 879 -110.15 -47.35 51.80
CA TRP D 879 -111.12 -46.48 52.47
C TRP D 879 -112.32 -47.28 52.98
N VAL D 880 -112.43 -47.39 54.30
CA VAL D 880 -113.54 -48.13 54.91
C VAL D 880 -114.47 -47.18 55.64
N GLU D 881 -115.72 -47.10 55.17
CA GLU D 881 -116.72 -46.23 55.77
C GLU D 881 -118.02 -46.97 56.02
N HIS D 882 -118.67 -46.68 57.14
CA HIS D 882 -119.92 -47.32 57.51
C HIS D 882 -121.11 -46.72 56.75
N TRP D 883 -121.84 -47.57 56.05
CA TRP D 883 -123.00 -47.13 55.29
C TRP D 883 -124.29 -47.43 56.07
N PRO D 884 -124.97 -46.39 56.55
CA PRO D 884 -126.20 -46.51 57.32
C PRO D 884 -127.26 -47.35 56.59
N GLU D 885 -128.14 -47.99 57.36
CA GLU D 885 -129.18 -48.82 56.77
C GLU D 885 -130.31 -47.97 56.20
N GLU D 886 -131.31 -48.62 55.62
CA GLU D 886 -132.44 -47.92 55.03
C GLU D 886 -133.23 -47.14 56.08
N ASP D 887 -133.53 -47.80 57.20
CA ASP D 887 -134.33 -47.17 58.25
C ASP D 887 -133.45 -46.49 59.31
N GLU D 888 -132.20 -46.24 58.95
CA GLU D 888 -131.28 -45.57 59.87
C GLU D 888 -131.02 -44.13 59.45
N CYS D 889 -131.23 -43.84 58.17
CA CYS D 889 -131.06 -42.48 57.65
C CYS D 889 -132.16 -41.57 58.19
N GLN D 890 -133.14 -42.16 58.85
CA GLN D 890 -134.24 -41.40 59.43
C GLN D 890 -133.76 -40.67 60.68
N ASP D 891 -132.76 -41.23 61.34
CA ASP D 891 -132.19 -40.62 62.54
C ASP D 891 -131.62 -39.25 62.20
N GLU D 892 -131.95 -38.25 63.03
CA GLU D 892 -131.54 -36.88 62.78
C GLU D 892 -130.06 -36.64 63.06
N GLU D 893 -129.29 -37.72 63.13
CA GLU D 893 -127.86 -37.62 63.36
C GLU D 893 -127.06 -38.33 62.27
N ASN D 894 -127.73 -39.18 61.51
CA ASN D 894 -127.11 -39.91 60.42
C ASN D 894 -127.50 -39.36 59.05
N GLN D 895 -128.30 -38.30 59.06
CA GLN D 895 -128.79 -37.68 57.83
C GLN D 895 -127.66 -37.04 57.03
N LYS D 896 -126.76 -36.36 57.74
CA LYS D 896 -125.65 -35.65 57.10
C LYS D 896 -124.77 -36.60 56.29
N GLN D 897 -124.77 -37.88 56.67
CA GLN D 897 -123.96 -38.87 55.99
C GLN D 897 -124.75 -39.59 54.89
N CYS D 898 -126.05 -39.74 55.12
CA CYS D 898 -126.91 -40.41 54.15
C CYS D 898 -127.04 -39.60 52.86
N GLN D 899 -127.08 -38.28 53.00
CA GLN D 899 -127.19 -37.38 51.85
C GLN D 899 -125.88 -37.32 51.07
N ASP D 900 -124.77 -37.36 51.79
CA ASP D 900 -123.45 -37.31 51.17
C ASP D 900 -123.16 -38.61 50.40
N LEU D 901 -123.46 -39.73 51.02
CA LEU D 901 -123.26 -41.03 50.39
C LEU D 901 -124.17 -41.20 49.19
N GLY D 902 -125.43 -40.78 49.34
CA GLY D 902 -126.40 -40.87 48.27
C GLY D 902 -126.03 -40.01 47.07
N ALA D 903 -125.55 -38.81 47.35
CA ALA D 903 -125.14 -37.89 46.29
C ALA D 903 -123.83 -38.34 45.65
N PHE D 904 -122.95 -38.91 46.47
CA PHE D 904 -121.68 -39.44 45.98
C PHE D 904 -121.91 -40.60 45.02
N THR D 905 -123.02 -41.31 45.22
CA THR D 905 -123.36 -42.44 44.36
C THR D 905 -123.71 -41.98 42.95
N GLU D 906 -124.68 -41.07 42.85
CA GLU D 906 -125.12 -40.56 41.56
C GLU D 906 -124.02 -39.76 40.87
N SER D 907 -123.16 -39.12 41.66
CA SER D 907 -122.08 -38.31 41.11
C SER D 907 -120.96 -39.18 40.55
N MET D 908 -121.09 -40.49 40.71
CA MET D 908 -120.06 -41.41 40.24
C MET D 908 -120.55 -42.29 39.10
N VAL D 909 -121.77 -42.80 39.23
CA VAL D 909 -122.33 -43.71 38.23
C VAL D 909 -122.43 -43.08 36.85
N VAL D 910 -122.98 -41.88 36.78
CA VAL D 910 -123.23 -41.23 35.50
C VAL D 910 -122.18 -40.18 35.15
N PHE D 911 -121.59 -39.56 36.16
CA PHE D 911 -120.68 -38.44 35.94
C PHE D 911 -119.23 -38.88 35.83
N GLY D 912 -118.55 -39.05 36.97
CA GLY D 912 -117.19 -39.51 36.98
C GLY D 912 -116.22 -38.52 37.60
N CYS D 913 -114.93 -38.85 37.56
CA CYS D 913 -113.90 -38.01 38.16
C CYS D 913 -113.65 -36.76 37.34
N PRO D 914 -113.34 -35.65 38.02
CA PRO D 914 -113.15 -34.32 37.44
C PRO D 914 -111.81 -34.13 36.71
N ASN D 915 -111.06 -35.20 36.50
CA ASN D 915 -109.75 -35.04 35.88
C ASN D 915 -109.71 -35.55 34.44
N SER E 1 12.95 -86.03 13.36
CA SER E 1 13.38 -84.68 13.01
C SER E 1 12.64 -83.64 13.84
N PRO E 2 13.14 -83.36 15.06
CA PRO E 2 12.54 -82.37 15.96
C PRO E 2 12.37 -81.01 15.30
N MET E 3 11.13 -80.55 15.18
CA MET E 3 10.83 -79.28 14.53
C MET E 3 10.36 -78.25 15.55
N TYR E 4 11.16 -77.21 15.75
CA TYR E 4 10.83 -76.18 16.73
C TYR E 4 10.25 -74.94 16.04
N SER E 5 8.96 -74.73 16.21
CA SER E 5 8.27 -73.59 15.60
C SER E 5 7.94 -72.52 16.62
N ILE E 6 7.63 -71.32 16.14
CA ILE E 6 7.28 -70.21 17.01
C ILE E 6 6.26 -69.29 16.33
N ILE E 7 5.28 -68.82 17.10
CA ILE E 7 4.25 -67.95 16.56
C ILE E 7 4.00 -66.73 17.44
N THR E 8 4.08 -65.55 16.83
CA THR E 8 3.83 -64.29 17.53
C THR E 8 2.95 -63.39 16.68
N PRO E 9 2.23 -62.45 17.33
CA PRO E 9 1.39 -61.50 16.60
C PRO E 9 2.15 -60.84 15.45
N ASN E 10 1.47 -60.62 14.34
CA ASN E 10 2.09 -60.03 13.16
C ASN E 10 2.73 -58.68 13.47
N ILE E 11 2.13 -57.96 14.42
CA ILE E 11 2.67 -56.68 14.86
C ILE E 11 2.65 -56.58 16.38
N LEU E 12 3.82 -56.38 16.97
CA LEU E 12 3.93 -56.25 18.41
C LEU E 12 3.59 -54.84 18.87
N ARG E 13 3.34 -54.69 20.17
CA ARG E 13 2.95 -53.40 20.72
C ARG E 13 3.77 -53.06 21.96
N LEU E 14 3.94 -51.76 22.22
CA LEU E 14 4.73 -51.30 23.35
C LEU E 14 3.89 -51.16 24.62
N GLU E 15 4.52 -51.41 25.77
CA GLU E 15 3.85 -51.29 27.06
C GLU E 15 2.58 -52.13 27.12
N SER E 16 2.65 -53.34 26.55
CA SER E 16 1.52 -54.25 26.56
C SER E 16 2.00 -55.70 26.52
N GLU E 17 1.23 -56.61 27.10
CA GLU E 17 1.59 -58.02 27.13
C GLU E 17 1.19 -58.75 25.85
N GLU E 18 2.18 -59.16 25.08
CA GLU E 18 1.95 -59.92 23.86
C GLU E 18 2.35 -61.39 24.06
N THR E 19 1.44 -62.29 23.72
CA THR E 19 1.68 -63.72 23.92
C THR E 19 2.66 -64.26 22.88
N MET E 20 3.21 -65.44 23.15
CA MET E 20 4.19 -66.06 22.27
C MET E 20 4.12 -67.58 22.41
N VAL E 21 3.56 -68.24 21.40
CA VAL E 21 3.33 -69.69 21.44
C VAL E 21 4.56 -70.50 21.03
N LEU E 22 5.19 -71.14 22.01
CA LEU E 22 6.33 -72.00 21.74
C LEU E 22 5.87 -73.42 21.43
N GLU E 23 6.68 -74.16 20.68
CA GLU E 23 6.33 -75.52 20.28
C GLU E 23 7.56 -76.39 20.01
N ALA E 24 7.33 -77.69 19.93
CA ALA E 24 8.38 -78.66 19.65
C ALA E 24 7.79 -79.96 19.14
N HIS E 25 7.96 -80.22 17.84
CA HIS E 25 7.40 -81.41 17.22
C HIS E 25 8.41 -82.55 17.19
N ASP E 26 7.93 -83.77 17.39
CA ASP E 26 8.77 -84.96 17.37
C ASP E 26 9.94 -84.84 18.34
N ALA E 27 9.70 -84.21 19.49
CA ALA E 27 10.74 -84.01 20.50
C ALA E 27 10.61 -85.05 21.62
N GLN E 28 11.76 -85.44 22.17
CA GLN E 28 11.79 -86.41 23.27
C GLN E 28 12.15 -85.75 24.59
N GLY E 29 11.47 -86.18 25.65
CA GLY E 29 11.73 -85.65 26.98
C GLY E 29 11.46 -84.16 27.08
N ASP E 30 12.14 -83.50 28.01
CA ASP E 30 11.98 -82.07 28.21
C ASP E 30 12.92 -81.28 27.30
N VAL E 31 12.76 -79.97 27.28
CA VAL E 31 13.60 -79.10 26.46
C VAL E 31 13.60 -77.66 26.98
N PRO E 32 14.73 -77.23 27.55
CA PRO E 32 14.90 -75.87 28.09
C PRO E 32 14.77 -74.82 27.00
N VAL E 33 13.74 -73.98 27.10
CA VAL E 33 13.52 -72.92 26.12
C VAL E 33 13.78 -71.54 26.72
N THR E 34 14.57 -70.74 26.01
CA THR E 34 14.89 -69.39 26.46
C THR E 34 14.52 -68.35 25.42
N VAL E 35 13.53 -67.53 25.72
CA VAL E 35 13.07 -66.48 24.81
C VAL E 35 13.74 -65.14 25.12
N THR E 36 14.24 -64.49 24.09
CA THR E 36 14.91 -63.20 24.25
C THR E 36 14.52 -62.24 23.14
N VAL E 37 14.44 -60.95 23.46
CA VAL E 37 14.09 -59.93 22.49
C VAL E 37 15.12 -58.80 22.47
N HIS E 38 15.61 -58.46 21.28
CA HIS E 38 16.58 -57.39 21.13
C HIS E 38 16.08 -56.33 20.15
N ASP E 39 16.62 -55.12 20.27
CA ASP E 39 16.30 -54.05 19.33
C ASP E 39 16.93 -54.34 17.98
N PHE E 40 16.46 -53.68 16.94
CA PHE E 40 16.97 -53.91 15.59
C PHE E 40 17.38 -52.60 14.91
N PRO E 41 18.60 -52.57 14.36
CA PRO E 41 19.55 -53.69 14.45
C PRO E 41 20.36 -53.63 15.75
N GLY E 42 21.40 -54.44 15.85
CA GLY E 42 22.28 -54.44 17.00
C GLY E 42 21.74 -55.20 18.19
N LYS E 43 22.33 -54.96 19.36
CA LYS E 43 21.92 -55.62 20.59
C LYS E 43 21.80 -54.62 21.74
N LYS E 44 20.61 -54.54 22.34
CA LYS E 44 20.38 -53.65 23.46
C LYS E 44 19.64 -54.38 24.58
N LEU E 45 19.07 -55.53 24.23
CA LEU E 45 18.40 -56.39 25.21
C LEU E 45 17.22 -55.71 25.89
N VAL E 46 16.12 -55.57 25.17
CA VAL E 46 14.92 -54.96 25.72
C VAL E 46 14.23 -55.90 26.71
N LEU E 47 14.40 -57.20 26.48
CA LEU E 47 13.82 -58.22 27.36
C LEU E 47 14.56 -59.54 27.21
N SER E 48 15.18 -59.99 28.31
CA SER E 48 15.95 -61.24 28.29
C SER E 48 15.25 -62.33 29.10
N SER E 49 14.33 -61.92 29.96
CA SER E 49 13.62 -62.86 30.84
C SER E 49 12.67 -63.76 30.05
N GLU E 50 11.77 -64.42 30.77
CA GLU E 50 10.77 -65.29 30.16
C GLU E 50 11.39 -66.56 29.55
N LYS E 51 11.65 -67.54 30.40
CA LYS E 51 12.12 -68.85 29.93
C LYS E 51 11.23 -69.96 30.50
N THR E 52 10.93 -70.95 29.68
CA THR E 52 10.08 -72.05 30.10
C THR E 52 10.56 -73.38 29.54
N VAL E 53 9.97 -74.47 30.02
CA VAL E 53 10.34 -75.81 29.57
C VAL E 53 9.14 -76.53 28.97
N LEU E 54 9.33 -77.11 27.78
CA LEU E 54 8.25 -77.83 27.11
C LEU E 54 8.17 -79.27 27.61
N THR E 55 7.15 -79.54 28.43
CA THR E 55 6.96 -80.86 29.01
C THR E 55 6.12 -81.75 28.09
N PRO E 56 6.53 -83.01 27.91
CA PRO E 56 5.78 -83.98 27.11
C PRO E 56 4.36 -84.15 27.60
N ALA E 57 4.09 -83.71 28.83
CA ALA E 57 2.75 -83.81 29.40
C ALA E 57 1.84 -82.72 28.86
N THR E 58 2.41 -81.79 28.11
CA THR E 58 1.65 -80.70 27.52
C THR E 58 1.81 -80.68 25.99
N ASN E 59 2.15 -81.84 25.43
CA ASN E 59 2.35 -81.97 23.99
C ASN E 59 3.42 -81.01 23.46
N HIS E 60 4.33 -80.61 24.34
CA HIS E 60 5.45 -79.75 23.97
C HIS E 60 5.01 -78.37 23.46
N MET E 61 4.04 -77.78 24.16
CA MET E 61 3.60 -76.43 23.82
C MET E 61 3.95 -75.46 24.96
N GLY E 62 4.64 -74.38 24.63
CA GLY E 62 5.03 -73.39 25.61
C GLY E 62 4.13 -72.18 25.61
N ASN E 63 4.36 -71.28 26.57
CA ASN E 63 3.56 -70.07 26.69
C ASN E 63 4.32 -69.00 27.47
N VAL E 64 4.86 -68.02 26.74
CA VAL E 64 5.64 -66.96 27.36
C VAL E 64 5.03 -65.57 27.11
N THR E 65 4.59 -64.93 28.18
CA THR E 65 4.04 -63.58 28.09
C THR E 65 5.10 -62.54 28.42
N PHE E 66 5.43 -61.71 27.43
CA PHE E 66 6.47 -60.71 27.60
C PHE E 66 5.92 -59.28 27.43
N THR E 67 6.73 -58.30 27.80
CA THR E 67 6.35 -56.90 27.68
C THR E 67 7.53 -56.04 27.26
N ILE E 68 7.35 -55.27 26.19
CA ILE E 68 8.42 -54.42 25.67
C ILE E 68 8.36 -53.03 26.29
N PRO E 69 9.39 -52.66 27.05
CA PRO E 69 9.49 -51.35 27.72
C PRO E 69 9.53 -50.20 26.71
N ALA E 70 9.74 -48.99 27.22
CA ALA E 70 9.81 -47.81 26.36
C ALA E 70 11.24 -47.44 26.02
N ASN E 71 11.87 -46.66 26.88
CA ASN E 71 13.24 -46.21 26.65
C ASN E 71 13.43 -45.65 25.25
N ARG E 72 12.47 -44.83 24.80
CA ARG E 72 12.48 -44.24 23.47
C ARG E 72 13.89 -43.83 23.04
N LYS E 78 12.36 -38.80 11.98
CA LYS E 78 11.62 -40.05 12.12
C LYS E 78 10.73 -40.32 10.92
N GLY E 79 9.85 -41.30 11.06
CA GLY E 79 8.93 -41.68 9.99
C GLY E 79 9.08 -43.13 9.59
N ARG E 80 10.25 -43.69 9.84
CA ARG E 80 10.53 -45.08 9.48
C ARG E 80 10.27 -46.03 10.65
N ASN E 81 9.49 -47.07 10.39
CA ASN E 81 9.12 -48.04 11.39
C ASN E 81 10.32 -48.65 12.10
N LYS E 82 10.14 -49.02 13.36
CA LYS E 82 11.19 -49.69 14.12
C LYS E 82 10.82 -51.15 14.37
N PHE E 83 11.82 -52.03 14.30
CA PHE E 83 11.57 -53.46 14.44
C PHE E 83 12.33 -54.06 15.62
N VAL E 84 11.92 -55.25 16.02
CA VAL E 84 12.60 -55.98 17.09
C VAL E 84 12.91 -57.40 16.63
N THR E 85 13.90 -58.03 17.27
CA THR E 85 14.31 -59.37 16.90
C THR E 85 14.02 -60.39 17.98
N VAL E 86 12.99 -61.20 17.76
CA VAL E 86 12.64 -62.26 18.70
C VAL E 86 13.61 -63.44 18.53
N GLN E 87 14.11 -63.96 19.64
CA GLN E 87 15.09 -65.04 19.61
C GLN E 87 14.74 -66.14 20.60
N ALA E 88 14.22 -67.25 20.08
CA ALA E 88 13.86 -68.39 20.92
C ALA E 88 14.87 -69.53 20.78
N THR E 89 15.55 -69.83 21.87
CA THR E 89 16.56 -70.89 21.87
C THR E 89 16.02 -72.17 22.51
N PHE E 90 15.80 -73.20 21.70
CA PHE E 90 15.29 -74.47 22.19
C PHE E 90 16.43 -75.40 22.59
N GLY E 91 17.00 -75.16 23.77
CA GLY E 91 18.10 -75.97 24.26
C GLY E 91 19.42 -75.53 23.66
N THR E 92 19.61 -75.83 22.38
CA THR E 92 20.81 -75.45 21.66
C THR E 92 20.46 -74.82 20.32
N GLN E 93 19.49 -75.43 19.63
CA GLN E 93 19.02 -74.92 18.35
C GLN E 93 18.27 -73.59 18.54
N VAL E 94 18.77 -72.55 17.88
CA VAL E 94 18.17 -71.22 18.02
C VAL E 94 17.33 -70.84 16.80
N VAL E 95 16.16 -70.27 17.06
CA VAL E 95 15.27 -69.81 16.00
C VAL E 95 14.81 -68.39 16.26
N GLU E 96 15.12 -67.48 15.34
CA GLU E 96 14.80 -66.08 15.52
C GLU E 96 14.01 -65.49 14.35
N LYS E 97 13.22 -64.46 14.64
CA LYS E 97 12.39 -63.81 13.64
C LYS E 97 12.18 -62.34 13.99
N VAL E 98 12.18 -61.49 12.98
CA VAL E 98 12.00 -60.05 13.18
C VAL E 98 10.54 -59.65 12.98
N VAL E 99 10.01 -58.88 13.94
CA VAL E 99 8.60 -58.48 13.90
C VAL E 99 8.46 -56.96 13.99
N LEU E 100 7.44 -56.43 13.31
CA LEU E 100 7.16 -55.00 13.32
C LEU E 100 6.60 -54.56 14.67
N VAL E 101 6.88 -53.32 15.05
CA VAL E 101 6.43 -52.79 16.34
C VAL E 101 5.59 -51.54 16.16
N SER E 102 4.51 -51.44 16.93
CA SER E 102 3.63 -50.28 16.88
C SER E 102 3.86 -49.35 18.07
N LEU E 103 3.81 -48.05 17.80
CA LEU E 103 4.02 -47.05 18.85
C LEU E 103 2.72 -46.78 19.60
N GLN E 104 1.62 -47.33 19.11
CA GLN E 104 0.32 -47.14 19.73
C GLN E 104 0.25 -47.84 21.08
N SER E 105 -0.01 -47.07 22.13
CA SER E 105 -0.06 -47.60 23.49
C SER E 105 -1.47 -48.00 23.90
N GLY E 106 -2.46 -47.39 23.26
CA GLY E 106 -3.84 -47.67 23.56
C GLY E 106 -4.81 -46.74 22.86
N TYR E 107 -6.01 -46.60 23.41
CA TYR E 107 -7.02 -45.73 22.83
C TYR E 107 -7.44 -44.62 23.79
N LEU E 108 -8.04 -43.57 23.25
CA LEU E 108 -8.54 -42.47 24.06
C LEU E 108 -9.93 -42.05 23.59
N PHE E 109 -10.86 -41.94 24.53
CA PHE E 109 -12.23 -41.56 24.21
C PHE E 109 -12.63 -40.28 24.93
N ILE E 110 -12.95 -39.25 24.16
CA ILE E 110 -13.35 -37.96 24.72
C ILE E 110 -14.87 -37.83 24.74
N GLN E 111 -15.41 -37.38 25.87
CA GLN E 111 -16.85 -37.22 26.03
C GLN E 111 -17.22 -35.83 26.52
N THR E 112 -18.06 -35.14 25.75
CA THR E 112 -18.54 -33.82 26.15
C THR E 112 -20.02 -33.89 26.51
N ASP E 113 -20.39 -33.19 27.58
CA ASP E 113 -21.78 -33.19 28.06
C ASP E 113 -22.75 -32.83 26.93
N LYS E 114 -22.54 -31.66 26.32
CA LYS E 114 -23.40 -31.22 25.22
C LYS E 114 -22.69 -31.39 23.89
N THR E 115 -23.42 -31.17 22.79
CA THR E 115 -22.87 -31.26 21.45
C THR E 115 -22.59 -29.88 20.90
N ILE E 116 -23.32 -28.89 21.40
CA ILE E 116 -23.14 -27.50 20.98
C ILE E 116 -23.14 -26.57 22.20
N TYR E 117 -22.31 -25.54 22.15
CA TYR E 117 -22.16 -24.62 23.28
C TYR E 117 -22.30 -23.17 22.87
N THR E 118 -22.74 -22.33 23.80
CA THR E 118 -22.86 -20.89 23.55
C THR E 118 -21.69 -20.15 24.18
N PRO E 119 -21.22 -19.09 23.51
CA PRO E 119 -20.11 -18.27 24.01
C PRO E 119 -20.41 -17.73 25.40
N GLY E 120 -19.68 -18.22 26.40
CA GLY E 120 -19.87 -17.77 27.77
C GLY E 120 -20.11 -18.93 28.73
N SER E 121 -20.51 -20.07 28.18
CA SER E 121 -20.79 -21.25 28.98
C SER E 121 -19.52 -22.05 29.26
N THR E 122 -19.67 -23.15 29.99
CA THR E 122 -18.53 -24.01 30.33
C THR E 122 -18.67 -25.39 29.69
N VAL E 123 -17.57 -25.90 29.16
CA VAL E 123 -17.57 -27.21 28.53
C VAL E 123 -17.01 -28.28 29.45
N LEU E 124 -17.82 -29.29 29.74
CA LEU E 124 -17.41 -30.39 30.60
C LEU E 124 -17.06 -31.63 29.78
N TYR E 125 -15.78 -32.00 29.78
CA TYR E 125 -15.32 -33.13 28.99
C TYR E 125 -14.45 -34.10 29.80
N ARG E 126 -14.67 -35.39 29.60
CA ARG E 126 -13.90 -36.42 30.28
C ARG E 126 -13.08 -37.24 29.28
N ILE E 127 -11.87 -37.60 29.67
CA ILE E 127 -10.99 -38.40 28.81
C ILE E 127 -10.79 -39.79 29.39
N PHE E 128 -11.25 -40.80 28.67
CA PHE E 128 -11.12 -42.19 29.12
C PHE E 128 -9.81 -42.78 28.61
N THR E 129 -9.01 -43.29 29.54
CA THR E 129 -7.71 -43.87 29.19
C THR E 129 -7.71 -45.39 29.39
N VAL E 130 -7.57 -46.12 28.28
CA VAL E 130 -7.55 -47.58 28.32
C VAL E 130 -6.49 -48.13 27.38
N ASN E 131 -6.17 -49.41 27.53
CA ASN E 131 -5.20 -50.06 26.65
C ASN E 131 -5.87 -50.74 25.45
N HIS E 132 -5.13 -51.62 24.80
CA HIS E 132 -5.66 -52.33 23.64
C HIS E 132 -6.72 -53.35 24.05
N LYS E 133 -6.74 -53.69 25.33
CA LYS E 133 -7.72 -54.62 25.86
C LYS E 133 -8.91 -53.87 26.45
N LEU E 134 -8.95 -52.57 26.21
CA LEU E 134 -10.03 -51.70 26.69
C LEU E 134 -10.08 -51.60 28.21
N LEU E 135 -9.08 -52.18 28.87
CA LEU E 135 -8.97 -52.09 30.32
C LEU E 135 -8.28 -50.80 30.74
N PRO E 136 -8.80 -50.14 31.77
CA PRO E 136 -8.27 -48.87 32.27
C PRO E 136 -6.78 -48.95 32.56
N VAL E 137 -6.09 -47.81 32.45
CA VAL E 137 -4.66 -47.75 32.67
C VAL E 137 -4.22 -46.35 33.10
N GLY E 138 -3.16 -46.29 33.90
CA GLY E 138 -2.65 -45.02 34.38
C GLY E 138 -1.47 -44.52 33.55
N ARG E 139 -1.71 -43.48 32.76
CA ARG E 139 -0.68 -42.90 31.92
C ARG E 139 -0.74 -41.38 31.94
N THR E 140 0.21 -40.74 31.26
CA THR E 140 0.23 -39.28 31.17
C THR E 140 -0.40 -38.84 29.86
N VAL E 141 -1.42 -37.99 29.95
CA VAL E 141 -2.16 -37.55 28.78
C VAL E 141 -2.00 -36.06 28.51
N MET E 142 -1.79 -35.71 27.24
CA MET E 142 -1.69 -34.32 26.82
C MET E 142 -2.96 -33.90 26.09
N VAL E 143 -3.67 -32.93 26.64
CA VAL E 143 -4.95 -32.49 26.06
C VAL E 143 -4.90 -31.05 25.57
N ASN E 144 -5.25 -30.85 24.31
CA ASN E 144 -5.30 -29.52 23.72
C ASN E 144 -6.69 -29.18 23.20
N ILE E 145 -6.95 -27.89 23.02
CA ILE E 145 -8.23 -27.43 22.48
C ILE E 145 -8.02 -26.40 21.37
N GLU E 146 -8.39 -26.77 20.15
CA GLU E 146 -8.19 -25.92 18.99
C GLU E 146 -9.48 -25.21 18.57
N ASN E 147 -9.33 -24.02 18.01
CA ASN E 147 -10.47 -23.27 17.49
C ASN E 147 -10.77 -23.66 16.05
N PRO E 148 -11.89 -23.16 15.49
CA PRO E 148 -12.26 -23.49 14.10
C PRO E 148 -11.10 -23.38 13.12
N GLU E 149 -10.21 -22.41 13.33
CA GLU E 149 -9.09 -22.20 12.42
C GLU E 149 -7.85 -23.00 12.83
N GLY E 150 -8.06 -24.07 13.57
CA GLY E 150 -6.98 -24.94 13.99
C GLY E 150 -5.88 -24.24 14.76
N ILE E 151 -6.25 -23.60 15.87
CA ILE E 151 -5.29 -22.88 16.70
C ILE E 151 -5.51 -23.20 18.18
N PRO E 152 -4.58 -23.97 18.77
CA PRO E 152 -4.65 -24.34 20.18
C PRO E 152 -4.75 -23.13 21.09
N VAL E 153 -5.62 -23.21 22.11
CA VAL E 153 -5.80 -22.11 23.05
C VAL E 153 -5.52 -22.54 24.48
N LYS E 154 -5.78 -23.82 24.77
CA LYS E 154 -5.54 -24.37 26.10
C LYS E 154 -4.94 -25.77 26.01
N GLN E 155 -3.92 -26.01 26.82
CA GLN E 155 -3.27 -27.32 26.86
C GLN E 155 -2.98 -27.77 28.29
N ASP E 156 -3.41 -28.98 28.62
CA ASP E 156 -3.21 -29.54 29.95
C ASP E 156 -2.31 -30.77 29.90
N SER E 157 -1.89 -31.23 31.07
CA SER E 157 -1.03 -32.41 31.17
C SER E 157 -1.30 -33.17 32.46
N LEU E 158 -2.47 -33.80 32.54
CA LEU E 158 -2.86 -34.55 33.73
C LEU E 158 -2.55 -36.04 33.56
N SER E 159 -2.61 -36.78 34.66
CA SER E 159 -2.34 -38.21 34.64
C SER E 159 -3.51 -39.01 35.21
N SER E 160 -3.85 -40.10 34.54
CA SER E 160 -4.94 -40.96 34.99
C SER E 160 -4.45 -41.92 36.07
N GLN E 161 -3.33 -41.58 36.70
CA GLN E 161 -2.76 -42.42 37.75
C GLN E 161 -3.70 -42.53 38.93
N ASN E 162 -4.12 -43.76 39.24
CA ASN E 162 -5.02 -44.02 40.36
C ASN E 162 -6.34 -43.27 40.22
N GLN E 163 -6.71 -42.94 38.98
CA GLN E 163 -7.95 -42.23 38.72
C GLN E 163 -8.96 -43.14 38.02
N LEU E 164 -8.59 -44.41 37.87
CA LEU E 164 -9.45 -45.42 37.28
C LEU E 164 -9.79 -45.10 35.83
N GLY E 165 -8.82 -44.56 35.09
CA GLY E 165 -8.96 -44.30 33.68
C GLY E 165 -10.05 -43.32 33.31
N VAL E 166 -10.24 -42.31 34.15
CA VAL E 166 -11.24 -41.26 33.89
C VAL E 166 -10.70 -39.90 34.29
N LEU E 167 -10.52 -39.02 33.30
CA LEU E 167 -9.98 -37.69 33.56
C LEU E 167 -11.01 -36.59 33.35
N PRO E 168 -11.69 -36.18 34.44
CA PRO E 168 -12.67 -35.10 34.39
C PRO E 168 -12.00 -33.75 34.17
N LEU E 169 -12.47 -32.99 33.18
CA LEU E 169 -11.92 -31.67 32.88
C LEU E 169 -13.00 -30.68 32.51
N SER E 170 -12.64 -29.41 32.41
CA SER E 170 -13.59 -28.36 32.07
C SER E 170 -12.88 -27.10 31.58
N TRP E 171 -13.54 -26.37 30.68
CA TRP E 171 -12.97 -25.14 30.13
C TRP E 171 -14.07 -24.13 29.81
N ASP E 172 -13.87 -22.89 30.24
CA ASP E 172 -14.86 -21.83 30.01
C ASP E 172 -14.63 -21.12 28.69
N ILE E 173 -15.67 -21.05 27.87
CA ILE E 173 -15.59 -20.37 26.58
C ILE E 173 -15.84 -18.88 26.73
N PRO E 174 -14.83 -18.07 26.39
CA PRO E 174 -14.93 -16.61 26.47
C PRO E 174 -16.02 -16.07 25.55
N GLU E 175 -16.64 -14.95 25.94
CA GLU E 175 -17.67 -14.31 25.13
C GLU E 175 -17.11 -13.92 23.77
N LEU E 176 -15.91 -13.33 23.78
CA LEU E 176 -15.26 -12.92 22.55
C LEU E 176 -14.49 -14.08 21.92
N VAL E 177 -15.12 -14.76 20.98
CA VAL E 177 -14.50 -15.90 20.31
C VAL E 177 -15.24 -16.27 19.04
N ASN E 178 -14.51 -16.86 18.09
CA ASN E 178 -15.08 -17.24 16.80
C ASN E 178 -16.00 -18.46 16.91
N MET E 179 -17.17 -18.36 16.29
CA MET E 179 -18.12 -19.47 16.25
C MET E 179 -17.77 -20.44 15.12
N GLY E 180 -18.25 -21.67 15.24
CA GLY E 180 -17.98 -22.69 14.24
C GLY E 180 -17.76 -24.06 14.85
N GLN E 181 -16.81 -24.81 14.28
CA GLN E 181 -16.51 -26.15 14.76
C GLN E 181 -15.23 -26.18 15.58
N TRP E 182 -15.36 -26.51 16.86
CA TRP E 182 -14.20 -26.61 17.75
C TRP E 182 -13.77 -28.06 17.90
N LYS E 183 -12.52 -28.26 18.28
CA LYS E 183 -11.96 -29.61 18.40
C LYS E 183 -11.13 -29.78 19.66
N ILE E 184 -11.27 -30.94 20.29
CA ILE E 184 -10.48 -31.29 21.47
C ILE E 184 -9.58 -32.47 21.15
N ARG E 185 -8.27 -32.23 21.14
CA ARG E 185 -7.31 -33.27 20.77
C ARG E 185 -6.48 -33.74 21.95
N ALA E 186 -6.49 -35.05 22.19
CA ALA E 186 -5.72 -35.63 23.28
C ALA E 186 -4.86 -36.79 22.78
N TYR E 187 -3.77 -37.06 23.50
CA TYR E 187 -2.85 -38.12 23.11
C TYR E 187 -1.92 -38.51 24.25
N TYR E 188 -1.55 -39.78 24.31
CA TYR E 188 -0.62 -40.25 25.32
C TYR E 188 0.75 -39.60 25.13
N GLU E 189 1.42 -39.31 26.24
CA GLU E 189 2.73 -38.66 26.20
C GLU E 189 3.77 -39.56 25.52
N ASN E 190 3.49 -40.86 25.51
CA ASN E 190 4.43 -41.82 24.94
C ASN E 190 4.15 -42.13 23.47
N SER E 191 3.27 -41.33 22.86
CA SER E 191 2.93 -41.51 21.45
C SER E 191 2.26 -40.27 20.87
N PRO E 192 3.05 -39.21 20.64
CA PRO E 192 2.57 -37.94 20.09
C PRO E 192 1.96 -38.10 18.70
N GLN E 193 2.39 -39.13 17.96
CA GLN E 193 1.92 -39.34 16.60
C GLN E 193 0.46 -39.80 16.56
N GLN E 194 0.03 -40.55 17.57
CA GLN E 194 -1.34 -41.02 17.66
C GLN E 194 -2.20 -40.05 18.45
N VAL E 195 -3.08 -39.32 17.76
CA VAL E 195 -3.92 -38.32 18.40
C VAL E 195 -5.41 -38.61 18.22
N PHE E 196 -6.17 -38.47 19.30
CA PHE E 196 -7.61 -38.66 19.26
C PHE E 196 -8.31 -37.31 19.39
N SER E 197 -9.41 -37.14 18.68
CA SER E 197 -10.11 -35.85 18.67
C SER E 197 -11.63 -35.99 18.69
N THR E 198 -12.29 -35.01 19.31
CA THR E 198 -13.75 -34.95 19.33
C THR E 198 -14.19 -33.50 19.16
N GLU E 199 -15.14 -33.27 18.26
CA GLU E 199 -15.56 -31.91 17.93
C GLU E 199 -16.84 -31.48 18.65
N PHE E 200 -16.90 -30.19 19.00
CA PHE E 200 -18.09 -29.61 19.58
C PHE E 200 -18.34 -28.23 18.98
N GLU E 201 -19.55 -27.99 18.49
CA GLU E 201 -19.88 -26.75 17.82
C GLU E 201 -20.16 -25.61 18.78
N VAL E 202 -19.67 -24.42 18.43
CA VAL E 202 -19.94 -23.22 19.22
C VAL E 202 -20.78 -22.25 18.41
N LYS E 203 -21.97 -21.92 18.91
CA LYS E 203 -22.91 -21.08 18.19
C LYS E 203 -23.88 -20.40 19.13
N GLU E 204 -24.32 -19.18 18.77
CA GLU E 204 -25.31 -18.47 19.55
C GLU E 204 -26.70 -19.01 19.23
N TYR E 205 -27.19 -19.94 20.05
CA TYR E 205 -28.44 -20.62 19.77
C TYR E 205 -29.44 -20.52 20.93
N VAL E 206 -30.62 -21.10 20.71
CA VAL E 206 -31.65 -21.17 21.74
C VAL E 206 -32.46 -22.45 21.58
N LEU E 207 -32.49 -23.26 22.64
CA LEU E 207 -33.17 -24.55 22.59
C LEU E 207 -34.64 -24.43 22.18
N PRO E 208 -35.00 -25.06 21.05
CA PRO E 208 -36.38 -25.09 20.55
C PRO E 208 -37.31 -25.83 21.51
N SER E 209 -38.52 -26.12 21.06
CA SER E 209 -39.50 -26.80 21.89
C SER E 209 -40.04 -28.05 21.20
N PHE E 210 -39.50 -28.36 20.01
CA PHE E 210 -39.92 -29.54 19.26
C PHE E 210 -38.89 -29.98 18.23
N GLU E 211 -38.87 -31.27 17.91
CA GLU E 211 -37.93 -31.81 16.93
C GLU E 211 -38.63 -32.10 15.61
N VAL E 212 -37.87 -32.12 14.52
CA VAL E 212 -38.41 -32.40 13.20
C VAL E 212 -37.66 -33.54 12.52
N ILE E 213 -38.38 -34.56 12.10
CA ILE E 213 -37.79 -35.72 11.46
C ILE E 213 -38.23 -35.81 10.00
N VAL E 214 -37.27 -36.06 9.11
CA VAL E 214 -37.55 -36.19 7.68
C VAL E 214 -37.17 -37.59 7.19
N GLU E 215 -38.18 -38.45 7.03
CA GLU E 215 -37.94 -39.84 6.63
C GLU E 215 -38.59 -40.17 5.30
N PRO E 216 -37.76 -40.38 4.26
CA PRO E 216 -38.24 -40.85 2.95
C PRO E 216 -38.72 -42.29 3.05
N THR E 217 -39.79 -42.63 2.34
CA THR E 217 -40.32 -43.99 2.35
C THR E 217 -39.21 -45.01 2.10
N GLU E 218 -38.38 -44.74 1.11
CA GLU E 218 -37.25 -45.59 0.80
C GLU E 218 -35.95 -44.90 1.17
N LYS E 219 -34.97 -45.67 1.65
CA LYS E 219 -33.67 -45.12 1.99
C LYS E 219 -32.84 -44.89 0.75
N PHE E 220 -33.53 -44.62 -0.36
CA PHE E 220 -32.90 -44.37 -1.65
C PHE E 220 -33.95 -43.90 -2.65
N TYR E 221 -33.57 -43.84 -3.92
CA TYR E 221 -34.51 -43.46 -4.97
C TYR E 221 -34.26 -44.21 -6.27
N TYR E 222 -35.30 -44.84 -6.79
CA TYR E 222 -35.22 -45.56 -8.05
C TYR E 222 -35.48 -44.60 -9.21
N ILE E 223 -34.50 -44.50 -10.10
CA ILE E 223 -34.58 -43.55 -11.22
C ILE E 223 -35.82 -43.78 -12.08
N TYR E 224 -36.23 -45.03 -12.20
CA TYR E 224 -37.38 -45.39 -13.02
C TYR E 224 -38.66 -45.48 -12.20
N ASN E 225 -38.68 -44.80 -11.06
CA ASN E 225 -39.85 -44.78 -10.20
C ASN E 225 -40.78 -43.61 -10.53
N GLU E 226 -41.94 -43.93 -11.10
CA GLU E 226 -42.89 -42.91 -11.53
C GLU E 226 -43.39 -42.09 -10.34
N LYS E 227 -43.71 -42.76 -9.25
CA LYS E 227 -44.26 -42.11 -8.06
C LYS E 227 -43.39 -40.95 -7.61
N GLY E 228 -42.07 -41.15 -7.59
CA GLY E 228 -41.15 -40.12 -7.17
C GLY E 228 -40.66 -40.33 -5.75
N LEU E 229 -39.85 -39.39 -5.26
CA LEU E 229 -39.31 -39.47 -3.91
C LEU E 229 -40.32 -39.00 -2.87
N GLU E 230 -40.90 -39.95 -2.15
CA GLU E 230 -41.88 -39.64 -1.11
C GLU E 230 -41.18 -39.38 0.23
N VAL E 231 -41.49 -38.26 0.85
CA VAL E 231 -40.88 -37.90 2.12
C VAL E 231 -41.94 -37.57 3.18
N THR E 232 -41.73 -38.06 4.39
CA THR E 232 -42.67 -37.80 5.48
C THR E 232 -42.06 -36.86 6.51
N ILE E 233 -42.80 -35.81 6.86
CA ILE E 233 -42.32 -34.82 7.82
C ILE E 233 -42.99 -35.01 9.18
N THR E 234 -42.23 -35.57 10.12
CA THR E 234 -42.76 -35.82 11.47
C THR E 234 -42.23 -34.80 12.46
N ALA E 235 -43.14 -34.09 13.12
CA ALA E 235 -42.77 -33.07 14.10
C ALA E 235 -43.50 -33.27 15.42
N ARG E 236 -42.74 -33.40 16.50
CA ARG E 236 -43.32 -33.56 17.83
C ARG E 236 -42.53 -32.76 18.86
N PHE E 237 -43.23 -32.27 19.89
CA PHE E 237 -42.59 -31.52 20.96
C PHE E 237 -41.56 -32.39 21.69
N LEU E 238 -40.67 -31.75 22.42
CA LEU E 238 -39.62 -32.46 23.15
C LEU E 238 -40.19 -33.40 24.19
N TYR E 239 -41.37 -33.06 24.73
CA TYR E 239 -42.00 -33.89 25.74
C TYR E 239 -42.84 -35.01 25.14
N GLY E 240 -42.79 -35.15 23.82
CA GLY E 240 -43.46 -36.25 23.14
C GLY E 240 -44.73 -35.87 22.41
N LYS E 241 -45.46 -34.90 22.97
CA LYS E 241 -46.73 -34.47 22.37
C LYS E 241 -46.57 -34.07 20.91
N LYS E 242 -47.61 -34.32 20.12
CA LYS E 242 -47.58 -34.02 18.69
C LYS E 242 -47.59 -32.51 18.42
N VAL E 243 -47.13 -32.12 17.24
CA VAL E 243 -47.01 -30.71 16.89
C VAL E 243 -47.95 -30.30 15.76
N GLU E 244 -48.59 -29.14 15.93
CA GLU E 244 -49.46 -28.58 14.91
C GLU E 244 -48.83 -27.32 14.32
N GLY E 245 -48.63 -27.31 13.01
CA GLY E 245 -48.04 -26.16 12.34
C GLY E 245 -47.96 -26.33 10.83
N THR E 246 -47.09 -25.55 10.20
CA THR E 246 -46.89 -25.62 8.76
C THR E 246 -45.41 -25.74 8.43
N ALA E 247 -45.08 -26.63 7.49
CA ALA E 247 -43.69 -26.89 7.15
C ALA E 247 -43.33 -26.43 5.75
N PHE E 248 -42.08 -26.03 5.56
CA PHE E 248 -41.57 -25.62 4.26
C PHE E 248 -40.44 -26.56 3.83
N VAL E 249 -40.74 -27.44 2.88
CA VAL E 249 -39.79 -28.46 2.46
C VAL E 249 -39.25 -28.20 1.05
N ILE E 250 -37.94 -28.37 0.88
CA ILE E 250 -37.30 -28.20 -0.41
C ILE E 250 -36.35 -29.37 -0.68
N PHE E 251 -35.92 -29.50 -1.94
CA PHE E 251 -35.03 -30.60 -2.33
C PHE E 251 -33.77 -30.09 -3.01
N GLY E 252 -32.98 -31.01 -3.55
CA GLY E 252 -31.74 -30.67 -4.22
C GLY E 252 -30.86 -31.88 -4.49
N ILE E 253 -29.90 -31.71 -5.38
CA ILE E 253 -28.97 -32.78 -5.73
C ILE E 253 -27.55 -32.45 -5.26
N GLN E 254 -26.84 -33.45 -4.77
CA GLN E 254 -25.47 -33.26 -4.30
C GLN E 254 -24.47 -33.97 -5.20
N ASP E 255 -23.27 -33.39 -5.32
CA ASP E 255 -22.23 -33.95 -6.18
C ASP E 255 -20.86 -33.82 -5.51
N GLY E 256 -20.51 -34.80 -4.68
CA GLY E 256 -19.25 -34.78 -3.97
C GLY E 256 -19.28 -33.80 -2.81
N GLU E 257 -19.29 -32.51 -3.12
CA GLU E 257 -19.34 -31.47 -2.11
C GLU E 257 -20.27 -30.33 -2.55
N GLN E 258 -20.57 -30.30 -3.84
CA GLN E 258 -21.41 -29.24 -4.41
C GLN E 258 -22.88 -29.62 -4.38
N ARG E 259 -23.74 -28.66 -4.02
CA ARG E 259 -25.17 -28.88 -3.97
C ARG E 259 -25.91 -27.98 -4.95
N ILE E 260 -26.93 -28.55 -5.60
CA ILE E 260 -27.74 -27.80 -6.55
C ILE E 260 -29.20 -27.79 -6.12
N SER E 261 -29.63 -26.67 -5.54
CA SER E 261 -31.00 -26.54 -5.04
C SER E 261 -32.02 -26.63 -6.17
N LEU E 262 -33.20 -27.12 -5.85
CA LEU E 262 -34.28 -27.22 -6.83
C LEU E 262 -35.46 -26.33 -6.44
N PRO E 263 -35.42 -25.07 -6.88
CA PRO E 263 -36.44 -24.06 -6.56
C PRO E 263 -37.85 -24.50 -6.92
N GLU E 264 -37.98 -25.33 -7.94
CA GLU E 264 -39.30 -25.76 -8.42
C GLU E 264 -39.83 -26.94 -7.63
N SER E 265 -39.15 -27.29 -6.55
CA SER E 265 -39.58 -28.41 -5.70
C SER E 265 -40.05 -27.92 -4.35
N LEU E 266 -39.97 -26.61 -4.13
CA LEU E 266 -40.39 -26.01 -2.86
C LEU E 266 -41.87 -26.24 -2.60
N LYS E 267 -42.17 -26.84 -1.45
CA LYS E 267 -43.54 -27.15 -1.08
C LYS E 267 -43.90 -26.53 0.27
N ARG E 268 -45.19 -26.29 0.49
CA ARG E 268 -45.67 -25.80 1.77
C ARG E 268 -46.85 -26.64 2.25
N ILE E 269 -46.55 -27.73 2.95
CA ILE E 269 -47.58 -28.66 3.40
C ILE E 269 -47.92 -28.44 4.87
N PRO E 270 -49.22 -28.54 5.21
CA PRO E 270 -49.68 -28.43 6.59
C PRO E 270 -49.20 -29.61 7.43
N ILE E 271 -49.12 -29.42 8.74
CA ILE E 271 -48.68 -30.48 9.64
C ILE E 271 -49.75 -30.79 10.68
N GLU E 272 -50.63 -31.74 10.36
CA GLU E 272 -51.69 -32.15 11.27
C GLU E 272 -51.33 -33.44 11.98
N ASP E 273 -51.74 -33.55 13.23
CA ASP E 273 -51.48 -34.75 14.03
C ASP E 273 -49.99 -35.01 14.17
N GLY E 274 -49.19 -33.95 14.00
CA GLY E 274 -47.75 -34.06 14.13
C GLY E 274 -47.11 -34.79 12.97
N SER E 275 -47.78 -34.81 11.83
CA SER E 275 -47.28 -35.49 10.64
C SER E 275 -47.57 -34.71 9.37
N GLY E 276 -46.71 -34.90 8.37
CA GLY E 276 -46.87 -34.22 7.09
C GLY E 276 -46.43 -35.11 5.94
N GLU E 277 -46.95 -34.85 4.75
CA GLU E 277 -46.65 -35.65 3.58
C GLU E 277 -46.23 -34.79 2.38
N VAL E 278 -45.02 -34.99 1.90
CA VAL E 278 -44.52 -34.26 0.74
C VAL E 278 -43.92 -35.21 -0.28
N VAL E 279 -44.11 -34.90 -1.56
CA VAL E 279 -43.63 -35.75 -2.64
C VAL E 279 -42.84 -34.95 -3.69
N LEU E 280 -41.72 -35.51 -4.11
CA LEU E 280 -40.91 -34.89 -5.17
C LEU E 280 -41.10 -35.65 -6.48
N SER E 281 -41.99 -35.15 -7.33
CA SER E 281 -42.29 -35.80 -8.60
C SER E 281 -41.04 -35.92 -9.47
N ARG E 282 -40.91 -37.05 -10.16
CA ARG E 282 -39.77 -37.29 -11.04
C ARG E 282 -39.71 -36.23 -12.14
N LYS E 283 -40.85 -35.67 -12.49
CA LYS E 283 -40.93 -34.64 -13.51
C LYS E 283 -40.09 -33.43 -13.15
N VAL E 284 -40.29 -32.93 -11.92
CA VAL E 284 -39.56 -31.76 -11.44
C VAL E 284 -38.07 -32.07 -11.28
N LEU E 285 -37.76 -33.28 -10.84
CA LEU E 285 -36.38 -33.70 -10.64
C LEU E 285 -35.58 -33.61 -11.93
N LEU E 286 -36.09 -34.24 -12.99
CA LEU E 286 -35.43 -34.25 -14.28
C LEU E 286 -35.34 -32.82 -14.86
N ASP E 287 -36.37 -32.03 -14.59
CA ASP E 287 -36.40 -30.65 -15.07
C ASP E 287 -35.40 -29.78 -14.31
N GLY E 288 -34.94 -30.28 -13.17
CA GLY E 288 -33.96 -29.57 -12.37
C GLY E 288 -32.61 -29.50 -13.08
N VAL E 289 -32.35 -30.49 -13.92
CA VAL E 289 -31.13 -30.52 -14.73
C VAL E 289 -31.49 -30.34 -16.21
N GLN E 290 -30.53 -30.58 -17.10
CA GLN E 290 -30.80 -30.43 -18.53
C GLN E 290 -30.51 -31.72 -19.29
N ARG E 293 -30.99 -37.83 -19.82
CA ARG E 293 -29.95 -38.79 -19.48
C ARG E 293 -30.07 -39.25 -18.03
N ALA E 294 -31.27 -39.67 -17.65
CA ALA E 294 -31.54 -40.10 -16.28
C ALA E 294 -30.44 -40.98 -15.70
N GLU E 295 -29.86 -41.83 -16.55
CA GLU E 295 -28.79 -42.72 -16.14
C GLU E 295 -27.57 -41.98 -15.62
N ASP E 296 -27.52 -40.67 -15.88
CA ASP E 296 -26.42 -39.83 -15.42
C ASP E 296 -26.56 -39.51 -13.94
N LEU E 297 -27.77 -39.16 -13.53
CA LEU E 297 -28.04 -38.82 -12.12
C LEU E 297 -27.71 -40.00 -11.22
N VAL E 298 -27.61 -41.19 -11.80
CA VAL E 298 -27.25 -42.39 -11.06
C VAL E 298 -25.89 -42.22 -10.40
N GLY E 299 -25.85 -42.40 -9.08
CA GLY E 299 -24.62 -42.23 -8.32
C GLY E 299 -24.71 -41.01 -7.42
N LYS E 300 -25.38 -39.97 -7.89
CA LYS E 300 -25.57 -38.76 -7.11
C LYS E 300 -26.52 -39.00 -5.94
N SER E 301 -26.75 -37.96 -5.14
CA SER E 301 -27.62 -38.08 -3.98
C SER E 301 -28.60 -36.92 -3.88
N LEU E 302 -29.70 -37.16 -3.18
CA LEU E 302 -30.72 -36.12 -2.97
C LEU E 302 -30.79 -35.75 -1.49
N TYR E 303 -31.06 -34.48 -1.21
CA TYR E 303 -31.16 -34.01 0.16
C TYR E 303 -32.44 -33.19 0.38
N VAL E 304 -33.12 -33.47 1.48
CA VAL E 304 -34.36 -32.77 1.82
C VAL E 304 -34.12 -31.76 2.94
N SER E 305 -34.65 -30.56 2.78
CA SER E 305 -34.51 -29.52 3.79
C SER E 305 -35.87 -28.98 4.22
N ALA E 306 -36.34 -29.43 5.38
CA ALA E 306 -37.64 -29.01 5.89
C ALA E 306 -37.51 -27.88 6.90
N THR E 307 -38.61 -27.16 7.12
CA THR E 307 -38.63 -26.05 8.05
C THR E 307 -40.04 -25.86 8.63
N VAL E 308 -40.25 -26.35 9.85
CA VAL E 308 -41.56 -26.30 10.48
C VAL E 308 -41.75 -25.06 11.33
N ILE E 309 -42.93 -24.43 11.21
CA ILE E 309 -43.28 -23.28 12.02
C ILE E 309 -44.64 -23.46 12.67
N LEU E 310 -44.69 -23.35 13.99
CA LEU E 310 -45.92 -23.52 14.74
C LEU E 310 -46.99 -22.52 14.29
N HIS E 311 -48.25 -22.85 14.54
CA HIS E 311 -49.36 -21.98 14.19
C HIS E 311 -49.37 -20.73 15.07
N SER E 312 -48.48 -20.71 16.06
CA SER E 312 -48.36 -19.56 16.96
C SER E 312 -47.24 -18.64 16.50
N GLY E 313 -46.41 -19.12 15.59
CA GLY E 313 -45.30 -18.34 15.08
C GLY E 313 -44.31 -17.99 16.17
N SER E 314 -44.27 -18.81 17.21
CA SER E 314 -43.39 -18.56 18.34
C SER E 314 -42.03 -19.25 18.16
N ASP E 315 -42.07 -20.49 17.70
CA ASP E 315 -40.85 -21.27 17.52
C ASP E 315 -40.68 -21.74 16.07
N MET E 316 -39.45 -22.08 15.70
CA MET E 316 -39.13 -22.50 14.34
C MET E 316 -37.95 -23.46 14.33
N VAL E 317 -38.09 -24.56 13.61
CA VAL E 317 -37.05 -25.58 13.54
C VAL E 317 -36.72 -25.97 12.11
N GLN E 318 -35.43 -26.14 11.83
CA GLN E 318 -34.98 -26.54 10.49
C GLN E 318 -34.31 -27.90 10.51
N ALA E 319 -34.92 -28.88 9.84
CA ALA E 319 -34.36 -30.21 9.76
C ALA E 319 -33.76 -30.45 8.37
N GLU E 320 -33.11 -31.60 8.19
CA GLU E 320 -32.48 -31.92 6.91
C GLU E 320 -32.03 -33.36 6.82
N ARG E 321 -32.46 -34.05 5.76
CA ARG E 321 -32.00 -35.40 5.47
C ARG E 321 -31.14 -35.38 4.21
N SER E 322 -29.89 -35.81 4.34
CA SER E 322 -28.97 -35.79 3.22
C SER E 322 -28.29 -37.14 3.02
N GLY E 323 -28.04 -37.49 1.76
CA GLY E 323 -27.35 -38.72 1.43
C GLY E 323 -28.24 -39.76 0.78
N ILE E 324 -29.41 -39.34 0.30
CA ILE E 324 -30.34 -40.24 -0.36
C ILE E 324 -29.79 -40.69 -1.71
N PRO E 325 -29.34 -41.95 -1.79
CA PRO E 325 -28.69 -42.50 -2.99
C PRO E 325 -29.63 -42.67 -4.17
N ILE E 326 -29.14 -42.39 -5.37
CA ILE E 326 -29.89 -42.62 -6.59
C ILE E 326 -29.28 -43.77 -7.36
N VAL E 327 -29.80 -44.98 -7.14
CA VAL E 327 -29.24 -46.18 -7.75
C VAL E 327 -30.29 -46.98 -8.51
N THR E 328 -29.83 -47.87 -9.38
CA THR E 328 -30.71 -48.69 -10.19
C THR E 328 -31.17 -49.96 -9.47
N SER E 329 -30.62 -50.21 -8.28
CA SER E 329 -30.99 -51.39 -7.50
C SER E 329 -31.07 -51.06 -6.02
N PRO E 330 -32.15 -51.48 -5.37
CA PRO E 330 -32.41 -51.23 -3.94
C PRO E 330 -31.43 -51.93 -3.01
N TYR E 331 -30.47 -52.67 -3.57
CA TYR E 331 -29.54 -53.43 -2.76
C TYR E 331 -28.11 -53.38 -3.29
N GLN E 332 -27.17 -53.83 -2.47
CA GLN E 332 -25.76 -53.91 -2.86
C GLN E 332 -25.14 -55.18 -2.27
N ILE E 333 -24.21 -55.78 -3.02
CA ILE E 333 -23.56 -57.01 -2.56
C ILE E 333 -22.06 -56.82 -2.39
N HIS E 334 -21.53 -57.28 -1.27
CA HIS E 334 -20.11 -57.15 -0.97
C HIS E 334 -19.51 -58.48 -0.53
N PHE E 335 -18.38 -58.85 -1.14
CA PHE E 335 -17.67 -60.07 -0.76
C PHE E 335 -16.51 -59.74 0.17
N THR E 336 -16.71 -58.74 1.02
CA THR E 336 -15.66 -58.29 1.93
C THR E 336 -15.54 -59.20 3.15
N LYS E 337 -16.54 -60.07 3.33
CA LYS E 337 -16.54 -60.99 4.46
C LYS E 337 -16.39 -62.43 3.99
N THR E 338 -16.00 -62.61 2.73
CA THR E 338 -15.81 -63.93 2.16
C THR E 338 -14.35 -64.16 1.77
N PRO E 339 -13.76 -65.27 2.25
CA PRO E 339 -12.37 -65.63 1.94
C PRO E 339 -12.11 -65.63 0.43
N LYS E 340 -10.93 -65.18 0.03
CA LYS E 340 -10.57 -65.11 -1.38
C LYS E 340 -9.79 -66.34 -1.82
N TYR E 341 -9.89 -67.40 -1.05
CA TYR E 341 -9.19 -68.65 -1.36
C TYR E 341 -10.03 -69.87 -1.00
N PHE E 342 -10.14 -70.80 -1.95
CA PHE E 342 -10.94 -72.01 -1.73
C PHE E 342 -10.06 -73.25 -1.73
N LYS E 343 -10.57 -74.33 -1.15
CA LYS E 343 -9.86 -75.60 -1.14
C LYS E 343 -10.38 -76.50 -2.26
N PRO E 344 -9.51 -76.82 -3.22
CA PRO E 344 -9.87 -77.64 -4.39
C PRO E 344 -10.56 -78.94 -4.00
N GLY E 345 -11.84 -79.05 -4.35
CA GLY E 345 -12.61 -80.25 -4.06
C GLY E 345 -13.24 -80.24 -2.69
N MET E 346 -13.31 -79.07 -2.08
CA MET E 346 -13.86 -78.93 -0.74
C MET E 346 -14.90 -77.82 -0.68
N PRO E 347 -15.92 -77.99 0.18
CA PRO E 347 -17.01 -77.03 0.33
C PRO E 347 -16.51 -75.62 0.67
N PHE E 348 -16.73 -74.68 -0.23
CA PHE E 348 -16.32 -73.30 -0.01
C PHE E 348 -17.51 -72.46 0.49
N ASP E 349 -17.30 -71.75 1.58
CA ASP E 349 -18.36 -70.95 2.20
C ASP E 349 -18.36 -69.51 1.68
N LEU E 350 -19.53 -69.02 1.30
CA LEU E 350 -19.66 -67.66 0.80
C LEU E 350 -20.48 -66.80 1.76
N MET E 351 -19.84 -65.76 2.30
CA MET E 351 -20.51 -64.86 3.23
C MET E 351 -21.00 -63.60 2.52
N VAL E 352 -22.13 -63.73 1.85
CA VAL E 352 -22.72 -62.61 1.11
C VAL E 352 -23.13 -61.49 2.06
N PHE E 353 -22.66 -60.27 1.79
CA PHE E 353 -22.94 -59.12 2.63
C PHE E 353 -23.83 -58.11 1.91
N VAL E 354 -25.13 -58.30 2.00
CA VAL E 354 -26.10 -57.42 1.34
C VAL E 354 -26.39 -56.19 2.19
N THR E 355 -26.32 -55.02 1.56
CA THR E 355 -26.57 -53.76 2.26
C THR E 355 -27.40 -52.81 1.40
N ASN E 356 -28.14 -51.92 2.07
CA ASN E 356 -28.92 -50.91 1.37
C ASN E 356 -28.02 -49.84 0.77
N PRO E 357 -28.53 -49.09 -0.22
CA PRO E 357 -27.76 -48.05 -0.93
C PRO E 357 -27.05 -47.09 0.01
N ASP E 358 -27.60 -46.89 1.20
CA ASP E 358 -27.00 -45.96 2.17
C ASP E 358 -25.79 -46.56 2.87
N GLY E 359 -25.85 -47.84 3.19
CA GLY E 359 -24.77 -48.52 3.87
C GLY E 359 -25.23 -49.49 4.92
N SER E 360 -26.43 -49.25 5.45
CA SER E 360 -27.00 -50.12 6.47
C SER E 360 -27.38 -51.47 5.90
N PRO E 361 -27.11 -52.55 6.65
CA PRO E 361 -27.39 -53.93 6.24
C PRO E 361 -28.85 -54.13 5.88
N ALA E 362 -29.10 -55.00 4.91
CA ALA E 362 -30.47 -55.30 4.47
C ALA E 362 -30.95 -56.62 5.09
N TYR E 363 -32.11 -56.58 5.72
CA TYR E 363 -32.66 -57.76 6.39
C TYR E 363 -33.62 -58.52 5.48
N ARG E 364 -33.52 -59.85 5.51
CA ARG E 364 -34.38 -60.71 4.71
C ARG E 364 -34.31 -60.39 3.22
N VAL E 365 -33.23 -60.81 2.57
CA VAL E 365 -33.08 -60.65 1.13
C VAL E 365 -32.38 -61.87 0.53
N PRO E 366 -33.17 -62.79 -0.05
CA PRO E 366 -32.69 -64.05 -0.62
C PRO E 366 -31.58 -63.84 -1.64
N VAL E 367 -30.59 -64.73 -1.63
CA VAL E 367 -29.48 -64.66 -2.58
C VAL E 367 -29.14 -66.05 -3.11
N ALA E 368 -28.41 -66.09 -4.21
CA ALA E 368 -28.02 -67.36 -4.82
C ALA E 368 -26.79 -67.19 -5.71
N VAL E 369 -26.38 -68.27 -6.37
CA VAL E 369 -25.24 -68.23 -7.27
C VAL E 369 -25.72 -68.18 -8.71
N GLN E 370 -24.79 -67.92 -9.64
CA GLN E 370 -25.12 -67.87 -11.06
C GLN E 370 -25.95 -69.09 -11.46
N GLY E 371 -25.36 -70.27 -11.31
CA GLY E 371 -26.08 -71.51 -11.56
C GLY E 371 -26.86 -71.95 -10.34
N GLU E 372 -27.15 -73.24 -10.26
CA GLU E 372 -27.89 -73.78 -9.13
C GLU E 372 -29.11 -72.94 -8.80
N ASP E 373 -30.08 -72.93 -9.70
CA ASP E 373 -31.29 -72.13 -9.52
C ASP E 373 -32.02 -72.53 -8.23
N THR E 374 -31.76 -73.75 -7.77
CA THR E 374 -32.44 -74.27 -6.58
C THR E 374 -31.82 -73.74 -5.29
N VAL E 375 -30.51 -73.49 -5.30
CA VAL E 375 -29.82 -73.01 -4.11
C VAL E 375 -30.32 -71.63 -3.71
N GLN E 376 -30.59 -71.46 -2.41
CA GLN E 376 -31.05 -70.18 -1.88
C GLN E 376 -30.61 -69.98 -0.44
N SER E 377 -30.74 -68.74 0.03
CA SER E 377 -30.39 -68.40 1.41
C SER E 377 -30.81 -66.96 1.71
N LEU E 378 -31.49 -66.78 2.84
CA LEU E 378 -31.93 -65.45 3.25
C LEU E 378 -30.86 -64.74 4.07
N THR E 379 -30.97 -63.42 4.15
CA THR E 379 -30.00 -62.63 4.89
C THR E 379 -30.44 -62.43 6.34
N GLN E 380 -29.49 -62.58 7.26
CA GLN E 380 -29.78 -62.44 8.69
C GLN E 380 -29.87 -60.99 9.10
N GLY E 381 -29.97 -60.75 10.41
CA GLY E 381 -30.10 -59.39 10.93
C GLY E 381 -28.83 -58.58 10.81
N ASP E 382 -27.71 -59.25 10.64
CA ASP E 382 -26.41 -58.59 10.54
C ASP E 382 -26.12 -58.12 9.11
N GLY E 383 -26.85 -58.68 8.15
CA GLY E 383 -26.67 -58.35 6.76
C GLY E 383 -25.80 -59.35 6.03
N VAL E 384 -25.67 -60.55 6.60
CA VAL E 384 -24.85 -61.60 6.01
C VAL E 384 -25.67 -62.85 5.73
N ALA E 385 -25.53 -63.38 4.51
CA ALA E 385 -26.22 -64.60 4.12
C ALA E 385 -25.29 -65.79 4.13
N LYS E 386 -25.85 -66.98 4.34
CA LYS E 386 -25.05 -68.20 4.43
C LYS E 386 -25.14 -69.02 3.15
N LEU E 387 -24.04 -69.05 2.39
CA LEU E 387 -23.97 -69.84 1.17
C LEU E 387 -22.82 -70.84 1.22
N SER E 388 -23.00 -71.96 0.54
CA SER E 388 -21.97 -73.00 0.48
C SER E 388 -22.02 -73.74 -0.85
N ILE E 389 -20.87 -73.87 -1.50
CA ILE E 389 -20.79 -74.51 -2.81
C ILE E 389 -19.73 -75.60 -2.83
N ASN E 390 -19.92 -76.59 -3.71
CA ASN E 390 -18.95 -77.66 -3.88
C ASN E 390 -18.05 -77.40 -5.09
N THR E 391 -16.74 -77.51 -4.87
CA THR E 391 -15.77 -77.25 -5.92
C THR E 391 -15.12 -78.53 -6.43
N HIS E 392 -14.56 -78.49 -7.63
CA HIS E 392 -13.87 -79.64 -8.20
C HIS E 392 -12.39 -79.59 -7.87
N PRO E 393 -11.71 -80.74 -7.95
CA PRO E 393 -10.27 -80.83 -7.69
C PRO E 393 -9.43 -80.14 -8.77
N SER E 394 -9.96 -79.05 -9.33
CA SER E 394 -9.25 -78.30 -10.35
C SER E 394 -8.46 -77.13 -9.75
N GLN E 395 -7.21 -76.99 -10.18
CA GLN E 395 -6.35 -75.92 -9.70
C GLN E 395 -6.63 -74.62 -10.44
N LYS E 396 -7.74 -74.58 -11.17
CA LYS E 396 -8.14 -73.39 -11.92
C LYS E 396 -9.02 -72.48 -11.07
N PRO E 397 -8.74 -71.16 -11.13
CA PRO E 397 -9.47 -70.15 -10.36
C PRO E 397 -10.99 -70.35 -10.41
N LEU E 398 -11.66 -70.09 -9.29
CA LEU E 398 -13.10 -70.27 -9.20
C LEU E 398 -13.81 -68.92 -9.27
N SER E 399 -14.62 -68.73 -10.30
CA SER E 399 -15.37 -67.50 -10.48
C SER E 399 -16.82 -67.67 -10.01
N ILE E 400 -17.24 -66.83 -9.07
CA ILE E 400 -18.59 -66.93 -8.52
C ILE E 400 -19.36 -65.62 -8.67
N THR E 401 -20.59 -65.72 -9.17
CA THR E 401 -21.47 -64.56 -9.30
C THR E 401 -22.72 -64.75 -8.47
N VAL E 402 -22.86 -63.93 -7.43
CA VAL E 402 -24.03 -64.01 -6.55
C VAL E 402 -25.11 -63.04 -6.98
N ARG E 403 -26.35 -63.52 -7.05
CA ARG E 403 -27.47 -62.72 -7.51
C ARG E 403 -28.60 -62.68 -6.50
N THR E 404 -29.01 -61.47 -6.12
CA THR E 404 -30.15 -61.30 -5.22
C THR E 404 -31.43 -61.82 -5.89
N LYS E 405 -32.24 -62.53 -5.12
CA LYS E 405 -33.45 -63.15 -5.65
C LYS E 405 -34.70 -62.72 -4.88
N LYS E 406 -34.78 -61.43 -4.55
CA LYS E 406 -35.93 -60.91 -3.82
C LYS E 406 -37.10 -60.71 -4.77
N GLN E 407 -38.23 -61.31 -4.44
CA GLN E 407 -39.43 -61.20 -5.26
C GLN E 407 -39.95 -59.76 -5.30
N GLU E 408 -41.14 -59.59 -5.87
CA GLU E 408 -41.77 -58.27 -5.96
C GLU E 408 -41.05 -57.37 -6.97
N LEU E 409 -39.80 -57.69 -7.27
CA LEU E 409 -39.01 -56.92 -8.21
C LEU E 409 -38.80 -57.70 -9.51
N SER E 410 -37.87 -57.23 -10.34
CA SER E 410 -37.56 -57.89 -11.60
C SER E 410 -36.07 -58.15 -11.72
N GLU E 411 -35.69 -59.00 -12.67
CA GLU E 411 -34.29 -59.34 -12.88
C GLU E 411 -33.47 -58.13 -13.31
N ALA E 412 -34.15 -57.02 -13.56
CA ALA E 412 -33.48 -55.79 -13.96
C ALA E 412 -33.18 -54.89 -12.77
N GLU E 413 -34.00 -55.01 -11.73
CA GLU E 413 -33.84 -54.20 -10.52
C GLU E 413 -32.94 -54.88 -9.50
N GLN E 414 -32.42 -56.05 -9.85
CA GLN E 414 -31.56 -56.81 -8.94
C GLN E 414 -30.11 -56.35 -9.05
N ALA E 415 -29.38 -56.47 -7.94
CA ALA E 415 -27.98 -56.09 -7.92
C ALA E 415 -27.08 -57.33 -7.89
N THR E 416 -26.05 -57.32 -8.73
CA THR E 416 -25.15 -58.46 -8.84
C THR E 416 -23.69 -58.07 -8.60
N ARG E 417 -22.88 -59.04 -8.21
CA ARG E 417 -21.45 -58.82 -7.99
C ARG E 417 -20.69 -60.12 -8.22
N THR E 418 -19.47 -60.00 -8.75
CA THR E 418 -18.65 -61.16 -9.06
C THR E 418 -17.28 -61.09 -8.40
N MET E 419 -16.83 -62.22 -7.86
CA MET E 419 -15.51 -62.31 -7.25
C MET E 419 -14.72 -63.47 -7.84
N GLN E 420 -13.45 -63.57 -7.46
CA GLN E 420 -12.59 -64.64 -7.95
C GLN E 420 -11.74 -65.22 -6.83
N ALA E 421 -11.93 -66.51 -6.56
CA ALA E 421 -11.17 -67.21 -5.52
C ALA E 421 -10.07 -68.07 -6.14
N LEU E 422 -8.92 -68.11 -5.46
CA LEU E 422 -7.79 -68.89 -5.94
C LEU E 422 -7.55 -70.12 -5.08
N PRO E 423 -7.18 -71.25 -5.72
CA PRO E 423 -6.90 -72.51 -5.02
C PRO E 423 -5.77 -72.37 -4.01
N TYR E 424 -5.79 -73.19 -2.96
CA TYR E 424 -4.76 -73.17 -1.94
C TYR E 424 -3.52 -73.92 -2.41
N SER E 425 -2.45 -73.18 -2.69
CA SER E 425 -1.20 -73.78 -3.14
C SER E 425 -0.57 -74.62 -2.03
N THR E 426 -0.50 -75.93 -2.27
CA THR E 426 0.08 -76.85 -1.29
C THR E 426 1.57 -77.05 -1.52
N VAL E 427 2.31 -77.35 -0.46
CA VAL E 427 3.77 -77.51 -0.53
C VAL E 427 4.17 -78.64 -1.49
N GLY E 428 4.92 -78.28 -2.54
CA GLY E 428 5.40 -79.26 -3.49
C GLY E 428 4.29 -80.00 -4.20
N ASN E 429 3.12 -79.37 -4.30
CA ASN E 429 1.97 -79.97 -4.96
C ASN E 429 1.62 -81.35 -4.39
N SER E 430 1.60 -81.45 -3.07
CA SER E 430 1.30 -82.71 -2.40
C SER E 430 -0.20 -82.92 -2.21
N ASN E 431 -0.97 -81.90 -2.57
CA ASN E 431 -2.43 -81.96 -2.47
C ASN E 431 -2.93 -82.25 -1.07
N ASN E 432 -2.25 -81.71 -0.07
CA ASN E 432 -2.67 -81.87 1.32
C ASN E 432 -3.32 -80.59 1.84
N TYR E 433 -4.63 -80.65 2.11
CA TYR E 433 -5.38 -79.48 2.51
C TYR E 433 -5.96 -79.60 3.92
N LEU E 434 -6.51 -78.51 4.41
CA LEU E 434 -7.17 -78.47 5.71
C LEU E 434 -8.29 -77.43 5.69
N HIS E 435 -9.50 -77.86 5.99
CA HIS E 435 -10.65 -76.97 5.94
C HIS E 435 -11.31 -76.80 7.31
N LEU E 436 -11.66 -75.56 7.64
CA LEU E 436 -12.31 -75.27 8.91
C LEU E 436 -13.71 -74.69 8.68
N SER E 437 -14.72 -75.55 8.79
CA SER E 437 -16.10 -75.12 8.62
C SER E 437 -16.72 -74.76 9.97
N VAL E 438 -17.31 -73.57 10.04
CA VAL E 438 -17.91 -73.10 11.28
C VAL E 438 -19.41 -72.85 11.12
N LEU E 439 -20.20 -73.40 12.03
CA LEU E 439 -21.64 -73.18 12.05
C LEU E 439 -21.91 -71.72 12.37
N ARG E 440 -21.90 -70.87 11.35
CA ARG E 440 -22.00 -69.44 11.59
C ARG E 440 -23.41 -68.98 11.98
N THR E 441 -23.57 -68.71 13.27
CA THR E 441 -24.77 -68.08 13.79
C THR E 441 -24.33 -66.94 14.70
N GLU E 442 -25.25 -66.04 15.03
CA GLU E 442 -24.91 -64.92 15.89
C GLU E 442 -24.36 -65.40 17.23
N LEU E 443 -23.04 -65.48 17.33
CA LEU E 443 -22.39 -65.96 18.54
C LEU E 443 -22.60 -65.00 19.70
N ARG E 444 -22.86 -65.56 20.87
CA ARG E 444 -23.09 -64.76 22.07
C ARG E 444 -22.26 -65.29 23.23
N PRO E 445 -21.54 -64.39 23.92
CA PRO E 445 -20.69 -64.75 25.05
C PRO E 445 -21.41 -65.66 26.04
N GLY E 446 -20.98 -66.92 26.11
CA GLY E 446 -21.61 -67.89 26.99
C GLY E 446 -21.90 -69.18 26.27
N GLU E 447 -22.14 -69.08 24.96
CA GLU E 447 -22.44 -70.26 24.15
C GLU E 447 -21.16 -71.03 23.82
N THR E 448 -21.32 -72.13 23.09
CA THR E 448 -20.18 -72.93 22.66
C THR E 448 -20.18 -73.09 21.14
N LEU E 449 -19.01 -73.09 20.55
CA LEU E 449 -18.88 -73.19 19.10
C LEU E 449 -18.28 -74.52 18.67
N ASN E 450 -18.89 -75.14 17.65
CA ASN E 450 -18.41 -76.41 17.12
C ASN E 450 -17.45 -76.21 15.96
N VAL E 451 -16.16 -76.19 16.26
CA VAL E 451 -15.14 -76.00 15.24
C VAL E 451 -14.82 -77.32 14.54
N ASN E 452 -15.11 -77.37 13.24
CA ASN E 452 -14.89 -78.59 12.46
C ASN E 452 -13.51 -78.62 11.80
N PHE E 453 -12.81 -79.74 11.96
CA PHE E 453 -11.50 -79.92 11.35
C PHE E 453 -11.56 -80.99 10.27
N LEU E 454 -11.53 -80.57 9.01
CA LEU E 454 -11.62 -81.49 7.89
C LEU E 454 -10.26 -81.67 7.22
N LEU E 455 -9.72 -82.88 7.31
CA LEU E 455 -8.42 -83.19 6.72
C LEU E 455 -8.56 -83.65 5.28
N ARG E 456 -7.49 -83.46 4.50
CA ARG E 456 -7.49 -83.83 3.09
C ARG E 456 -6.11 -84.27 2.62
N MET E 457 -5.87 -85.56 2.63
CA MET E 457 -4.59 -86.12 2.17
C MET E 457 -4.67 -87.63 2.02
N ASP E 458 -3.79 -88.19 1.19
CA ASP E 458 -3.75 -89.63 0.98
C ASP E 458 -3.46 -90.38 2.28
N ARG E 459 -3.97 -91.61 2.37
CA ARG E 459 -3.83 -92.40 3.59
C ARG E 459 -2.38 -92.77 3.88
N ALA E 460 -1.52 -92.60 2.89
CA ALA E 460 -0.12 -92.97 3.03
C ALA E 460 0.58 -92.19 4.14
N HIS E 461 0.03 -91.04 4.50
CA HIS E 461 0.63 -90.19 5.52
C HIS E 461 -0.40 -89.64 6.50
N GLU E 462 -1.64 -90.08 6.37
CA GLU E 462 -2.71 -89.61 7.23
C GLU E 462 -2.53 -90.09 8.67
N ALA E 463 -1.86 -91.22 8.83
CA ALA E 463 -1.62 -91.79 10.15
C ALA E 463 -0.55 -91.02 10.91
N LYS E 464 0.13 -90.11 10.22
CA LYS E 464 1.17 -89.30 10.83
C LYS E 464 0.58 -88.12 11.59
N ILE E 465 -0.57 -87.64 11.12
CA ILE E 465 -1.25 -86.52 11.77
C ILE E 465 -1.99 -87.00 13.02
N ARG E 466 -1.67 -86.42 14.16
CA ARG E 466 -2.27 -86.85 15.42
C ARG E 466 -2.81 -85.68 16.24
N TYR E 467 -2.54 -84.45 15.78
CA TYR E 467 -2.98 -83.26 16.51
C TYR E 467 -2.95 -82.01 15.65
N TYR E 468 -3.84 -81.06 15.96
CA TYR E 468 -3.88 -79.77 15.28
C TYR E 468 -3.49 -78.66 16.26
N THR E 469 -2.74 -77.68 15.76
CA THR E 469 -2.35 -76.54 16.58
C THR E 469 -3.15 -75.30 16.19
N TYR E 470 -4.12 -74.95 17.03
CA TYR E 470 -4.98 -73.80 16.74
C TYR E 470 -4.63 -72.60 17.62
N LEU E 471 -4.81 -71.41 17.06
CA LEU E 471 -4.56 -70.17 17.79
C LEU E 471 -5.74 -69.21 17.67
N ILE E 472 -5.96 -68.41 18.71
CA ILE E 472 -7.07 -67.47 18.72
C ILE E 472 -6.60 -66.03 18.61
N MET E 473 -7.15 -65.29 17.64
CA MET E 473 -6.84 -63.88 17.48
C MET E 473 -7.98 -63.01 18.00
N ASN E 474 -7.63 -61.95 18.73
CA ASN E 474 -8.62 -61.07 19.32
C ASN E 474 -8.07 -59.67 19.60
N LYS E 475 -8.66 -58.67 18.96
CA LYS E 475 -8.24 -57.29 19.14
C LYS E 475 -6.76 -57.09 18.83
N GLY E 476 -6.17 -58.04 18.13
CA GLY E 476 -4.78 -57.94 17.71
C GLY E 476 -3.81 -58.66 18.62
N ARG E 477 -4.34 -59.51 19.51
CA ARG E 477 -3.49 -60.26 20.43
C ARG E 477 -3.90 -61.73 20.46
N LEU E 478 -2.98 -62.59 20.89
CA LEU E 478 -3.25 -64.01 21.01
C LEU E 478 -4.05 -64.31 22.28
N LEU E 479 -5.32 -64.63 22.10
CA LEU E 479 -6.21 -64.89 23.23
C LEU E 479 -5.94 -66.27 23.85
N LYS E 480 -5.84 -67.28 22.99
CA LYS E 480 -5.61 -68.65 23.45
C LYS E 480 -5.06 -69.53 22.35
N ALA E 481 -4.37 -70.61 22.75
CA ALA E 481 -3.83 -71.57 21.81
C ALA E 481 -3.72 -72.94 22.45
N GLY E 482 -4.22 -73.96 21.76
CA GLY E 482 -4.21 -75.32 22.29
C GLY E 482 -3.99 -76.39 21.25
N ARG E 483 -4.38 -77.61 21.57
CA ARG E 483 -4.21 -78.75 20.67
C ARG E 483 -5.50 -79.53 20.52
N GLN E 484 -5.77 -79.99 19.30
CA GLN E 484 -6.93 -80.82 19.04
C GLN E 484 -6.51 -82.22 18.62
N VAL E 485 -6.73 -83.19 19.51
CA VAL E 485 -6.33 -84.57 19.26
C VAL E 485 -7.02 -85.17 18.04
N ARG E 486 -6.34 -86.10 17.38
CA ARG E 486 -6.89 -86.77 16.21
C ARG E 486 -6.36 -88.19 16.08
N GLU E 487 -7.26 -89.15 15.94
CA GLU E 487 -6.88 -90.54 15.75
C GLU E 487 -6.87 -90.92 14.27
N PRO E 488 -5.94 -91.83 13.89
CA PRO E 488 -5.79 -92.27 12.50
C PRO E 488 -7.11 -92.77 11.91
N GLY E 489 -7.53 -92.17 10.81
CA GLY E 489 -8.77 -92.58 10.14
C GLY E 489 -9.89 -91.58 10.34
N GLN E 490 -9.60 -90.49 11.05
CA GLN E 490 -10.58 -89.46 11.31
C GLN E 490 -10.37 -88.24 10.42
N ASP E 491 -11.35 -87.95 9.57
CA ASP E 491 -11.26 -86.81 8.67
C ASP E 491 -11.97 -85.59 9.24
N LEU E 492 -12.85 -85.82 10.22
CA LEU E 492 -13.60 -84.74 10.83
C LEU E 492 -13.64 -84.83 12.35
N VAL E 493 -13.03 -83.86 13.01
CA VAL E 493 -13.05 -83.80 14.47
C VAL E 493 -13.57 -82.44 14.94
N VAL E 494 -14.38 -82.45 15.99
CA VAL E 494 -15.01 -81.23 16.49
C VAL E 494 -14.27 -80.69 17.71
N LEU E 495 -14.11 -79.36 17.76
CA LEU E 495 -13.45 -78.70 18.87
C LEU E 495 -14.43 -77.84 19.67
N PRO E 496 -14.80 -78.31 20.87
CA PRO E 496 -15.71 -77.58 21.77
C PRO E 496 -15.06 -76.28 22.26
N LEU E 497 -15.20 -75.21 21.49
CA LEU E 497 -14.62 -73.93 21.85
C LEU E 497 -15.63 -73.02 22.54
N SER E 498 -15.49 -72.88 23.86
CA SER E 498 -16.39 -72.04 24.63
C SER E 498 -16.10 -70.56 24.38
N ILE E 499 -17.18 -69.80 24.14
CA ILE E 499 -17.04 -68.37 23.87
C ILE E 499 -17.28 -67.55 25.13
N THR E 500 -16.29 -66.73 25.49
CA THR E 500 -16.39 -65.87 26.66
C THR E 500 -16.65 -64.42 26.25
N THR E 501 -16.45 -63.50 27.19
CA THR E 501 -16.66 -62.08 26.94
C THR E 501 -15.43 -61.42 26.33
N ASP E 502 -14.41 -62.23 26.04
CA ASP E 502 -13.18 -61.72 25.48
C ASP E 502 -13.21 -61.73 23.95
N PHE E 503 -13.91 -62.70 23.38
CA PHE E 503 -13.99 -62.86 21.93
C PHE E 503 -14.57 -61.63 21.24
N ILE E 504 -15.33 -60.84 21.99
CA ILE E 504 -15.92 -59.61 21.46
C ILE E 504 -14.82 -58.63 21.03
N PRO E 505 -14.97 -58.02 19.84
CA PRO E 505 -16.09 -58.22 18.92
C PRO E 505 -15.91 -59.45 18.05
N SER E 506 -14.84 -59.45 17.25
CA SER E 506 -14.58 -60.55 16.34
C SER E 506 -13.28 -61.28 16.70
N PHE E 507 -13.28 -62.60 16.52
CA PHE E 507 -12.11 -63.40 16.83
C PHE E 507 -11.78 -64.34 15.66
N ARG E 508 -10.51 -64.52 15.40
CA ARG E 508 -10.07 -65.44 14.34
C ARG E 508 -9.62 -66.77 14.91
N LEU E 509 -9.50 -67.76 14.04
CA LEU E 509 -9.07 -69.10 14.45
C LEU E 509 -8.24 -69.76 13.37
N VAL E 510 -6.93 -69.84 13.62
CA VAL E 510 -6.02 -70.49 12.68
C VAL E 510 -5.67 -71.88 13.18
N ALA E 511 -5.66 -72.85 12.27
CA ALA E 511 -5.32 -74.22 12.62
C ALA E 511 -4.38 -74.82 11.59
N TYR E 512 -3.35 -75.51 12.05
CA TYR E 512 -2.37 -76.11 11.15
C TYR E 512 -1.79 -77.39 11.71
N TYR E 513 -1.26 -78.23 10.82
CA TYR E 513 -0.61 -79.46 11.21
C TYR E 513 0.68 -79.63 10.42
N THR E 514 1.67 -80.28 11.02
CA THR E 514 2.95 -80.49 10.38
C THR E 514 3.39 -81.96 10.46
N LEU E 515 3.96 -82.47 9.37
CA LEU E 515 4.41 -83.84 9.31
C LEU E 515 5.48 -84.03 8.24
N ILE E 516 5.99 -85.25 8.12
CA ILE E 516 6.99 -85.57 7.12
C ILE E 516 6.43 -86.55 6.11
N GLY E 517 6.57 -86.24 4.83
CA GLY E 517 6.06 -87.08 3.76
C GLY E 517 6.59 -86.69 2.40
N ALA E 518 5.96 -87.23 1.35
CA ALA E 518 6.36 -86.96 -0.03
C ALA E 518 7.75 -87.52 -0.34
N SER E 519 8.78 -86.86 0.16
CA SER E 519 10.15 -87.31 -0.06
C SER E 519 11.08 -86.76 1.02
N GLY E 520 10.77 -87.08 2.28
CA GLY E 520 11.56 -86.62 3.40
C GLY E 520 11.57 -85.11 3.50
N GLN E 521 10.53 -84.49 2.95
CA GLN E 521 10.42 -83.03 2.95
C GLN E 521 9.40 -82.56 3.98
N ARG E 522 9.78 -81.54 4.75
CA ARG E 522 8.90 -80.96 5.75
C ARG E 522 7.75 -80.19 5.09
N GLU E 523 6.54 -80.41 5.57
CA GLU E 523 5.37 -79.74 5.01
C GLU E 523 4.47 -79.17 6.11
N VAL E 524 3.94 -77.98 5.86
CA VAL E 524 3.02 -77.33 6.79
C VAL E 524 1.75 -76.90 6.07
N VAL E 525 0.60 -77.30 6.60
CA VAL E 525 -0.68 -76.94 6.02
C VAL E 525 -1.56 -76.24 7.06
N ALA E 526 -2.12 -75.10 6.68
CA ALA E 526 -2.92 -74.31 7.60
C ALA E 526 -4.22 -73.81 6.99
N ASP E 527 -5.11 -73.30 7.83
CA ASP E 527 -6.36 -72.72 7.39
C ASP E 527 -6.93 -71.81 8.48
N SER E 528 -7.30 -70.59 8.10
CA SER E 528 -7.82 -69.61 9.05
C SER E 528 -9.28 -69.28 8.78
N VAL E 529 -9.97 -68.78 9.80
CA VAL E 529 -11.37 -68.41 9.66
C VAL E 529 -11.72 -67.24 10.58
N TRP E 530 -12.51 -66.31 10.07
CA TRP E 530 -12.90 -65.13 10.84
C TRP E 530 -14.39 -65.17 11.19
N VAL E 531 -14.69 -65.20 12.48
CA VAL E 531 -16.08 -65.26 12.95
C VAL E 531 -16.44 -64.00 13.72
N ASP E 532 -17.68 -63.53 13.52
CA ASP E 532 -18.14 -62.32 14.20
C ASP E 532 -19.03 -62.66 15.39
N VAL E 533 -18.72 -62.08 16.54
CA VAL E 533 -19.52 -62.27 17.75
C VAL E 533 -20.38 -61.03 17.99
N LYS E 534 -21.53 -61.23 18.63
CA LYS E 534 -22.47 -60.14 18.90
C LYS E 534 -21.79 -58.91 19.50
N ASP E 535 -22.02 -57.75 18.89
CA ASP E 535 -21.41 -56.51 19.36
C ASP E 535 -22.19 -55.90 20.53
N SER E 536 -21.63 -56.03 21.72
CA SER E 536 -22.23 -55.47 22.93
C SER E 536 -21.17 -55.15 23.97
N CYS E 537 -21.59 -54.59 25.09
CA CYS E 537 -20.66 -54.26 26.17
C CYS E 537 -20.01 -55.51 26.72
N VAL E 538 -18.71 -55.42 27.01
CA VAL E 538 -17.97 -56.55 27.58
C VAL E 538 -18.67 -57.08 28.82
N GLY E 539 -19.26 -56.16 29.59
CA GLY E 539 -20.03 -56.51 30.77
C GLY E 539 -21.50 -56.17 30.57
N SER E 540 -21.96 -55.15 31.29
CA SER E 540 -23.34 -54.70 31.17
C SER E 540 -23.58 -53.46 32.03
N LEU E 541 -24.33 -52.51 31.47
CA LEU E 541 -24.68 -51.28 32.19
C LEU E 541 -26.08 -50.81 31.78
N VAL E 542 -27.01 -50.85 32.73
CA VAL E 542 -28.39 -50.45 32.45
C VAL E 542 -28.84 -49.34 33.39
N VAL E 543 -29.61 -48.39 32.86
CA VAL E 543 -30.13 -47.29 33.65
C VAL E 543 -31.63 -47.11 33.43
N LYS E 544 -32.41 -47.50 34.43
CA LYS E 544 -33.86 -47.38 34.35
C LYS E 544 -34.42 -46.58 35.52
N SER E 545 -35.73 -46.37 35.52
CA SER E 545 -36.39 -45.60 36.56
C SER E 545 -36.52 -46.40 37.85
N GLY E 546 -36.16 -45.77 38.97
CA GLY E 546 -36.27 -46.41 40.27
C GLY E 546 -37.72 -46.70 40.63
N GLN E 547 -38.60 -45.76 40.33
CA GLN E 547 -40.02 -45.93 40.57
C GLN E 547 -40.58 -47.03 39.68
N SER E 548 -40.86 -48.18 40.27
CA SER E 548 -41.44 -49.30 39.53
C SER E 548 -42.94 -49.09 39.36
N GLU E 549 -43.36 -47.82 39.27
CA GLU E 549 -44.76 -47.47 39.15
C GLU E 549 -44.92 -45.99 38.79
N ASP E 550 -46.17 -45.53 38.73
CA ASP E 550 -46.48 -44.12 38.50
C ASP E 550 -46.27 -43.67 37.06
N ARG E 551 -46.37 -42.36 36.85
CA ARG E 551 -46.33 -41.78 35.52
C ARG E 551 -45.18 -40.79 35.37
N GLN E 552 -45.45 -39.66 34.74
CA GLN E 552 -44.43 -38.63 34.52
C GLN E 552 -44.31 -37.70 35.72
N PRO E 553 -43.07 -37.35 36.08
CA PRO E 553 -42.78 -36.48 37.23
C PRO E 553 -43.18 -35.03 36.98
N VAL E 554 -42.82 -34.16 37.92
CA VAL E 554 -43.12 -32.73 37.83
C VAL E 554 -41.87 -31.93 38.18
N PRO E 555 -41.59 -30.87 37.40
CA PRO E 555 -40.39 -30.05 37.61
C PRO E 555 -40.11 -29.76 39.07
N GLY E 556 -38.96 -30.22 39.56
CA GLY E 556 -38.56 -30.01 40.94
C GLY E 556 -38.72 -31.26 41.79
N GLN E 557 -39.47 -32.23 41.27
CA GLN E 557 -39.73 -33.47 42.00
C GLN E 557 -38.55 -34.43 41.95
N GLN E 558 -38.39 -35.21 43.01
CA GLN E 558 -37.32 -36.20 43.09
C GLN E 558 -37.76 -37.50 42.43
N MET E 559 -36.77 -38.29 42.01
CA MET E 559 -37.05 -39.61 41.44
C MET E 559 -35.87 -40.56 41.60
N THR E 560 -36.15 -41.78 42.01
CA THR E 560 -35.11 -42.79 42.16
C THR E 560 -34.58 -43.21 40.80
N LEU E 561 -33.26 -43.40 40.71
CA LEU E 561 -32.63 -43.77 39.45
C LEU E 561 -31.81 -45.04 39.61
N LYS E 562 -32.37 -46.17 39.21
CA LYS E 562 -31.70 -47.45 39.32
C LYS E 562 -30.56 -47.59 38.33
N ILE E 563 -29.43 -48.11 38.80
CA ILE E 563 -28.26 -48.32 37.95
C ILE E 563 -27.72 -49.74 38.11
N GLU E 564 -27.89 -50.55 37.07
CA GLU E 564 -27.43 -51.94 37.11
C GLU E 564 -26.14 -52.10 36.30
N GLY E 565 -25.01 -52.18 37.00
CA GLY E 565 -23.73 -52.34 36.36
C GLY E 565 -22.88 -53.41 37.02
N ASP E 566 -21.64 -53.55 36.55
CA ASP E 566 -20.72 -54.54 37.09
C ASP E 566 -20.16 -54.10 38.44
N HIS E 567 -19.84 -55.08 39.29
CA HIS E 567 -19.32 -54.79 40.62
C HIS E 567 -17.92 -54.18 40.57
N GLY E 568 -17.68 -53.18 41.40
CA GLY E 568 -16.39 -52.53 41.48
C GLY E 568 -16.17 -51.51 40.38
N ALA E 569 -17.16 -51.38 39.49
CA ALA E 569 -17.06 -50.46 38.36
C ALA E 569 -17.51 -49.06 38.73
N ARG E 570 -16.82 -48.06 38.18
CA ARG E 570 -17.19 -46.66 38.40
C ARG E 570 -18.02 -46.15 37.22
N VAL E 571 -19.12 -45.48 37.55
CA VAL E 571 -20.03 -44.97 36.53
C VAL E 571 -20.12 -43.45 36.54
N VAL E 572 -19.86 -42.83 35.40
CA VAL E 572 -20.01 -41.39 35.25
C VAL E 572 -21.31 -41.06 34.54
N LEU E 573 -22.06 -40.09 35.07
CA LEU E 573 -23.38 -39.77 34.54
C LEU E 573 -23.44 -38.37 33.93
N VAL E 574 -24.51 -38.12 33.18
CA VAL E 574 -24.73 -36.83 32.55
C VAL E 574 -26.12 -36.77 31.92
N ALA E 575 -26.86 -35.72 32.22
CA ALA E 575 -28.21 -35.54 31.67
C ALA E 575 -28.29 -34.30 30.81
N VAL E 576 -28.84 -34.44 29.60
CA VAL E 576 -28.94 -33.34 28.66
C VAL E 576 -30.33 -33.24 28.05
N ASP E 577 -30.83 -32.01 27.92
CA ASP E 577 -32.12 -31.76 27.29
C ASP E 577 -32.09 -32.18 25.83
N LYS E 578 -33.08 -32.98 25.43
CA LYS E 578 -33.16 -33.49 24.06
C LYS E 578 -33.17 -32.37 23.03
N GLY E 579 -33.66 -31.19 23.44
CA GLY E 579 -33.72 -30.05 22.56
C GLY E 579 -32.37 -29.70 21.96
N VAL E 580 -31.31 -30.05 22.69
CA VAL E 580 -29.95 -29.77 22.23
C VAL E 580 -29.58 -30.60 21.00
N PHE E 581 -30.04 -31.85 20.98
CA PHE E 581 -29.72 -32.76 19.89
C PHE E 581 -30.47 -32.40 18.61
N VAL E 582 -31.47 -31.52 18.74
CA VAL E 582 -32.21 -31.05 17.59
C VAL E 582 -31.34 -30.12 16.75
N LEU E 583 -30.39 -29.47 17.41
CA LEU E 583 -29.47 -28.56 16.73
C LEU E 583 -28.21 -29.30 16.29
N ASN E 584 -27.86 -30.36 17.01
CA ASN E 584 -26.68 -31.14 16.71
C ASN E 584 -26.68 -32.50 17.42
N LYS E 585 -26.66 -33.58 16.64
CA LYS E 585 -26.68 -34.92 17.20
C LYS E 585 -25.41 -35.68 16.82
N LYS E 586 -24.49 -34.99 16.14
CA LYS E 586 -23.26 -35.62 15.69
C LYS E 586 -22.17 -35.57 16.75
N ASN E 587 -21.12 -36.37 16.56
CA ASN E 587 -19.98 -36.39 17.47
C ASN E 587 -20.33 -36.84 18.89
N LYS E 588 -21.33 -37.70 19.01
CA LYS E 588 -21.70 -38.25 20.31
C LYS E 588 -20.81 -39.44 20.65
N LEU E 589 -21.10 -40.09 21.77
CA LEU E 589 -20.34 -41.26 22.20
C LEU E 589 -21.23 -42.49 22.30
N THR E 590 -20.97 -43.47 21.44
CA THR E 590 -21.76 -44.70 21.43
C THR E 590 -20.87 -45.93 21.53
N GLN E 591 -21.37 -46.97 22.20
CA GLN E 591 -20.63 -48.21 22.33
C GLN E 591 -20.30 -48.81 20.97
N SER E 592 -21.18 -48.57 20.01
CA SER E 592 -20.99 -49.07 18.65
C SER E 592 -19.82 -48.37 17.97
N LYS E 593 -19.65 -47.09 18.28
CA LYS E 593 -18.54 -46.32 17.72
C LYS E 593 -17.20 -46.77 18.30
N ILE E 594 -17.24 -47.36 19.50
CA ILE E 594 -16.04 -47.86 20.15
C ILE E 594 -15.52 -49.11 19.45
N TRP E 595 -16.42 -50.07 19.23
CA TRP E 595 -16.05 -51.32 18.55
C TRP E 595 -15.63 -51.06 17.11
N ASP E 596 -16.21 -50.03 16.50
CA ASP E 596 -15.87 -49.66 15.14
C ASP E 596 -14.42 -49.22 15.05
N VAL E 597 -13.92 -48.60 16.10
CA VAL E 597 -12.54 -48.16 16.17
C VAL E 597 -11.60 -49.34 16.43
N VAL E 598 -12.01 -50.19 17.36
CA VAL E 598 -11.22 -51.37 17.71
C VAL E 598 -11.02 -52.28 16.49
N GLU E 599 -12.08 -52.43 15.71
CA GLU E 599 -12.04 -53.30 14.53
C GLU E 599 -11.11 -52.72 13.47
N LYS E 600 -11.09 -51.40 13.36
CA LYS E 600 -10.24 -50.71 12.40
C LYS E 600 -8.76 -50.87 12.75
N ALA E 601 -8.48 -51.07 14.04
CA ALA E 601 -7.10 -51.21 14.51
C ALA E 601 -6.67 -52.68 14.51
N ASP E 602 -7.40 -53.51 13.77
CA ASP E 602 -7.10 -54.94 13.70
C ASP E 602 -5.90 -55.18 12.80
N ILE E 603 -5.08 -56.17 13.16
CA ILE E 603 -3.88 -56.49 12.40
C ILE E 603 -4.15 -57.50 11.28
N GLY E 604 -5.33 -58.10 11.32
CA GLY E 604 -5.74 -59.04 10.30
C GLY E 604 -6.36 -58.33 9.11
N CYS E 605 -6.00 -58.76 7.90
CA CYS E 605 -6.46 -58.10 6.69
C CYS E 605 -7.08 -59.07 5.69
N THR E 606 -7.65 -60.16 6.21
CA THR E 606 -8.28 -61.16 5.36
C THR E 606 -9.34 -61.94 6.13
N PRO E 607 -10.53 -62.07 5.54
CA PRO E 607 -11.66 -62.81 6.14
C PRO E 607 -11.28 -64.25 6.48
N GLY E 608 -10.19 -64.74 5.90
CA GLY E 608 -9.72 -66.09 6.18
C GLY E 608 -8.94 -66.70 5.03
N SER E 609 -8.24 -67.80 5.31
CA SER E 609 -7.47 -68.51 4.30
C SER E 609 -6.35 -67.65 3.72
N GLY E 610 -5.59 -68.23 2.80
CA GLY E 610 -4.50 -67.53 2.15
C GLY E 610 -3.99 -68.27 0.93
N LYS E 611 -3.00 -67.69 0.25
CA LYS E 611 -2.42 -68.31 -0.93
C LYS E 611 -1.65 -69.58 -0.56
N ASP E 612 -0.91 -69.50 0.54
CA ASP E 612 -0.15 -70.65 1.03
C ASP E 612 -0.15 -70.67 2.55
N TYR E 613 0.67 -71.53 3.14
CA TYR E 613 0.75 -71.65 4.59
C TYR E 613 1.32 -70.38 5.21
N ALA E 614 2.29 -69.77 4.52
CA ALA E 614 2.91 -68.55 5.00
C ALA E 614 1.98 -67.36 4.80
N GLY E 615 0.93 -67.55 4.01
CA GLY E 615 -0.04 -66.50 3.75
C GLY E 615 -1.20 -66.54 4.72
N VAL E 616 -1.57 -67.75 5.14
CA VAL E 616 -2.66 -67.93 6.09
C VAL E 616 -2.38 -67.21 7.40
N PHE E 617 -1.17 -67.38 7.92
CA PHE E 617 -0.77 -66.74 9.16
C PHE E 617 -0.73 -65.22 9.01
N SER E 618 -0.05 -64.75 7.97
CA SER E 618 0.10 -63.31 7.74
C SER E 618 -1.24 -62.62 7.50
N ASP E 619 -2.12 -63.30 6.78
CA ASP E 619 -3.44 -62.74 6.46
C ASP E 619 -4.38 -62.84 7.66
N ALA E 620 -3.86 -63.34 8.77
CA ALA E 620 -4.65 -63.47 9.99
C ALA E 620 -4.02 -62.70 11.14
N GLY E 621 -2.89 -62.05 10.87
CA GLY E 621 -2.19 -61.27 11.86
C GLY E 621 -1.27 -62.12 12.73
N LEU E 622 -0.45 -62.94 12.09
CA LEU E 622 0.47 -63.81 12.80
C LEU E 622 1.77 -64.03 12.02
N THR E 623 2.79 -64.53 12.71
CA THR E 623 4.08 -64.81 12.09
C THR E 623 4.58 -66.19 12.49
N PHE E 624 4.89 -67.00 11.48
CA PHE E 624 5.38 -68.36 11.72
C PHE E 624 6.88 -68.46 11.41
N THR E 625 7.61 -69.14 12.29
CA THR E 625 9.05 -69.33 12.10
C THR E 625 9.50 -70.62 12.77
N SER E 626 10.14 -71.49 12.00
CA SER E 626 10.56 -72.79 12.50
C SER E 626 12.06 -73.02 12.31
N SER E 627 12.57 -74.10 12.91
CA SER E 627 13.97 -74.45 12.80
C SER E 627 14.26 -75.18 11.50
N SER E 628 13.21 -75.53 10.78
CA SER E 628 13.34 -76.24 9.51
C SER E 628 13.50 -75.27 8.34
N GLY E 629 12.98 -74.07 8.50
CA GLY E 629 13.10 -73.04 7.48
C GLY E 629 11.79 -72.39 7.09
N GLN E 630 10.70 -73.12 7.28
CA GLN E 630 9.37 -72.62 6.90
C GLN E 630 8.97 -71.40 7.72
N GLN E 631 9.01 -70.23 7.09
CA GLN E 631 8.61 -68.99 7.74
C GLN E 631 7.57 -68.25 6.90
N THR E 632 7.00 -67.19 7.48
CA THR E 632 5.99 -66.42 6.78
C THR E 632 6.58 -65.24 6.02
N ALA E 633 5.74 -64.54 5.26
CA ALA E 633 6.19 -63.39 4.49
C ALA E 633 6.49 -62.20 5.40
N GLN E 634 7.65 -61.58 5.19
CA GLN E 634 8.07 -60.43 5.98
C GLN E 634 7.08 -59.29 5.87
N ARG E 635 6.55 -58.85 7.01
CA ARG E 635 5.65 -57.69 7.04
C ARG E 635 6.38 -56.48 7.61
N ALA E 636 6.36 -55.38 6.87
CA ALA E 636 7.04 -54.16 7.29
C ALA E 636 6.17 -52.93 7.08
N GLU E 637 4.86 -53.13 7.02
CA GLU E 637 3.93 -52.03 6.82
C GLU E 637 2.84 -52.03 7.89
N LEU E 638 2.68 -50.90 8.56
CA LEU E 638 1.70 -50.77 9.64
C LEU E 638 0.29 -51.10 9.18
N GLN E 639 -0.28 -50.23 8.34
CA GLN E 639 -1.64 -50.40 7.87
C GLN E 639 -1.81 -51.67 7.03
N CYS E 640 -3.05 -52.13 6.92
CA CYS E 640 -3.37 -53.27 6.06
C CYS E 640 -3.13 -52.90 4.60
N PRO E 641 -3.24 -53.88 3.69
CA PRO E 641 -3.08 -53.58 2.27
C PRO E 641 -4.01 -52.46 1.82
N GLN E 642 -3.47 -51.49 1.07
CA GLN E 642 -4.29 -50.42 0.52
C GLN E 642 -5.42 -51.03 -0.29
N PRO E 643 -6.66 -50.88 0.21
CA PRO E 643 -7.85 -51.46 -0.41
C PRO E 643 -7.88 -51.23 -1.92
N ALA E 644 -7.30 -52.16 -2.67
CA ALA E 644 -7.18 -52.03 -4.11
C ALA E 644 -8.42 -52.56 -4.84
N ALA E 645 -9.59 -52.16 -4.36
CA ALA E 645 -10.85 -52.55 -4.97
C ALA E 645 -10.85 -54.01 -5.44
N LEU F 3 -57.50 -11.46 48.24
CA LEU F 3 -57.66 -12.46 47.20
C LEU F 3 -58.65 -13.54 47.61
N ASP F 4 -59.93 -13.29 47.33
CA ASP F 4 -61.00 -14.22 47.66
C ASP F 4 -61.46 -14.99 46.42
N GLU F 5 -60.99 -14.56 45.25
CA GLU F 5 -61.34 -15.21 44.00
C GLU F 5 -60.93 -16.68 44.00
N ASP F 6 -61.51 -17.45 43.09
CA ASP F 6 -61.19 -18.87 42.96
C ASP F 6 -59.92 -19.05 42.13
N ILE F 7 -58.85 -18.37 42.53
CA ILE F 7 -57.59 -18.43 41.81
C ILE F 7 -56.42 -18.23 42.77
N ILE F 8 -55.20 -18.31 42.23
CA ILE F 8 -53.99 -18.15 43.04
C ILE F 8 -53.36 -16.77 42.81
N ALA F 9 -53.02 -16.10 43.91
CA ALA F 9 -52.42 -14.78 43.83
C ALA F 9 -50.99 -14.84 43.28
N GLU F 10 -50.45 -13.69 42.91
CA GLU F 10 -49.11 -13.61 42.36
C GLU F 10 -48.05 -13.97 43.40
N GLU F 11 -48.35 -13.65 44.66
CA GLU F 11 -47.41 -13.90 45.75
C GLU F 11 -47.33 -15.38 46.12
N ASN F 12 -48.20 -16.19 45.51
CA ASN F 12 -48.26 -17.62 45.80
C ASN F 12 -47.78 -18.50 44.65
N ILE F 13 -47.24 -17.87 43.60
CA ILE F 13 -46.74 -18.61 42.45
C ILE F 13 -45.22 -18.58 42.39
N VAL F 14 -44.59 -19.68 42.79
CA VAL F 14 -43.14 -19.79 42.73
C VAL F 14 -42.70 -20.13 41.30
N SER F 15 -42.02 -19.19 40.66
CA SER F 15 -41.62 -19.36 39.27
C SER F 15 -40.48 -20.38 39.10
N ARG F 16 -40.48 -21.07 37.97
CA ARG F 16 -39.42 -22.00 37.64
C ARG F 16 -38.26 -21.23 36.99
N SER F 17 -37.06 -21.42 37.53
CA SER F 17 -35.89 -20.68 37.07
C SER F 17 -34.77 -21.60 36.58
N GLU F 18 -34.64 -22.75 37.24
CA GLU F 18 -33.59 -23.70 36.89
C GLU F 18 -33.86 -24.38 35.54
N PHE F 19 -33.25 -23.84 34.49
CA PHE F 19 -33.39 -24.41 33.16
C PHE F 19 -32.02 -24.75 32.56
N PRO F 20 -31.29 -25.66 33.21
CA PRO F 20 -29.97 -26.06 32.71
C PRO F 20 -30.10 -26.84 31.40
N GLU F 21 -29.05 -26.80 30.57
CA GLU F 21 -29.03 -27.56 29.33
C GLU F 21 -28.40 -28.93 29.56
N SER F 22 -27.54 -29.00 30.57
CA SER F 22 -26.86 -30.25 30.91
C SER F 22 -26.51 -30.28 32.40
N TRP F 23 -27.05 -31.27 33.11
CA TRP F 23 -26.79 -31.43 34.53
C TRP F 23 -26.48 -32.87 34.89
N LEU F 24 -26.52 -33.19 36.18
CA LEU F 24 -26.22 -34.53 36.66
C LEU F 24 -24.84 -34.99 36.22
N TRP F 25 -23.88 -34.07 36.26
CA TRP F 25 -22.50 -34.38 35.92
C TRP F 25 -21.80 -34.99 37.14
N ASN F 26 -22.31 -36.13 37.59
CA ASN F 26 -21.81 -36.76 38.81
C ASN F 26 -20.99 -38.02 38.53
N VAL F 27 -20.41 -38.58 39.59
CA VAL F 27 -19.64 -39.81 39.50
C VAL F 27 -20.00 -40.76 40.63
N GLU F 28 -20.42 -41.97 40.28
CA GLU F 28 -20.84 -42.95 41.28
C GLU F 28 -20.13 -44.29 41.08
N ASP F 29 -19.72 -44.90 42.19
CA ASP F 29 -19.05 -46.19 42.14
C ASP F 29 -19.98 -47.31 42.58
N LEU F 30 -19.90 -48.45 41.89
CA LEU F 30 -20.75 -49.59 42.20
C LEU F 30 -20.03 -50.60 43.10
N LYS F 31 -19.99 -50.31 44.40
CA LYS F 31 -19.34 -51.19 45.37
C LYS F 31 -20.39 -51.92 46.21
N GLU F 32 -21.65 -51.82 45.82
CA GLU F 32 -22.75 -52.45 46.54
C GLU F 32 -22.68 -53.97 46.43
N PRO F 33 -23.30 -54.67 47.40
CA PRO F 33 -23.34 -56.13 47.40
C PRO F 33 -23.78 -56.70 46.06
N PRO F 34 -22.88 -57.39 45.36
CA PRO F 34 -23.12 -57.94 44.02
C PRO F 34 -24.04 -59.16 44.05
N LYS F 35 -24.92 -59.26 43.06
CA LYS F 35 -25.76 -60.43 42.89
C LYS F 35 -25.79 -60.83 41.42
N ASN F 36 -25.21 -61.98 41.12
CA ASN F 36 -25.06 -62.44 39.74
C ASN F 36 -24.11 -61.54 38.95
N GLY F 37 -23.13 -60.98 39.64
CA GLY F 37 -22.15 -60.11 39.01
C GLY F 37 -22.74 -58.78 38.59
N ILE F 38 -23.92 -58.45 39.12
CA ILE F 38 -24.59 -57.21 38.77
C ILE F 38 -24.96 -56.40 40.00
N SER F 39 -24.19 -55.35 40.27
CA SER F 39 -24.46 -54.45 41.38
C SER F 39 -25.63 -53.53 41.03
N THR F 40 -26.20 -52.88 42.04
CA THR F 40 -27.34 -52.00 41.83
C THR F 40 -27.33 -50.81 42.78
N LYS F 41 -27.14 -49.62 42.23
CA LYS F 41 -27.16 -48.39 43.01
C LYS F 41 -28.42 -47.58 42.73
N LEU F 42 -29.09 -47.15 43.79
CA LEU F 42 -30.30 -46.35 43.66
C LEU F 42 -30.02 -44.89 44.00
N MET F 43 -30.02 -44.04 42.97
CA MET F 43 -29.75 -42.62 43.17
C MET F 43 -31.04 -41.81 43.28
N ASN F 44 -31.04 -40.81 44.15
CA ASN F 44 -32.18 -39.93 44.31
C ASN F 44 -31.89 -38.55 43.71
N ILE F 45 -32.17 -38.40 42.42
CA ILE F 45 -31.86 -37.17 41.70
C ILE F 45 -32.94 -36.11 41.87
N PHE F 46 -32.57 -34.86 41.63
CA PHE F 46 -33.49 -33.73 41.74
C PHE F 46 -33.75 -33.11 40.37
N LEU F 47 -34.83 -33.55 39.73
CA LEU F 47 -35.19 -33.05 38.41
C LEU F 47 -35.30 -31.53 38.40
N LYS F 48 -34.84 -30.90 37.32
CA LYS F 48 -34.86 -29.45 37.21
C LYS F 48 -36.24 -28.93 36.84
N ASP F 49 -36.32 -27.63 36.57
CA ASP F 49 -37.59 -26.98 36.27
C ASP F 49 -37.94 -27.10 34.79
N SER F 50 -36.95 -27.37 33.95
CA SER F 50 -37.16 -27.48 32.51
C SER F 50 -38.19 -28.55 32.18
N ILE F 51 -39.29 -28.12 31.56
CA ILE F 51 -40.35 -29.04 31.17
C ILE F 51 -40.04 -29.64 29.80
N THR F 52 -39.35 -30.78 29.81
CA THR F 52 -38.91 -31.42 28.57
C THR F 52 -38.51 -32.87 28.85
N THR F 53 -37.86 -33.50 27.88
CA THR F 53 -37.38 -34.87 28.05
C THR F 53 -35.87 -34.91 28.16
N TRP F 54 -35.37 -35.38 29.29
CA TRP F 54 -33.93 -35.48 29.53
C TRP F 54 -33.38 -36.79 28.97
N GLU F 55 -32.11 -36.77 28.59
CA GLU F 55 -31.45 -37.98 28.11
C GLU F 55 -30.19 -38.26 28.93
N ILE F 56 -30.27 -39.29 29.76
CA ILE F 56 -29.17 -39.64 30.65
C ILE F 56 -28.22 -40.65 29.99
N LEU F 57 -26.94 -40.29 29.93
CA LEU F 57 -25.93 -41.17 29.36
C LEU F 57 -24.99 -41.67 30.45
N ALA F 58 -24.81 -42.99 30.50
CA ALA F 58 -23.96 -43.61 31.52
C ALA F 58 -22.76 -44.31 30.91
N VAL F 59 -21.62 -44.21 31.58
CA VAL F 59 -20.39 -44.87 31.12
C VAL F 59 -19.67 -45.54 32.29
N SER F 60 -19.52 -46.85 32.21
CA SER F 60 -18.86 -47.61 33.26
C SER F 60 -17.41 -47.92 32.90
N MET F 61 -16.52 -47.77 33.86
CA MET F 61 -15.10 -48.04 33.65
C MET F 61 -14.60 -49.07 34.66
N SER F 62 -14.75 -50.35 34.31
CA SER F 62 -14.33 -51.44 35.18
C SER F 62 -12.96 -51.97 34.75
N ASP F 63 -12.15 -52.36 35.73
CA ASP F 63 -10.83 -52.92 35.45
C ASP F 63 -10.93 -54.40 35.12
N LYS F 64 -12.16 -54.90 35.02
CA LYS F 64 -12.39 -56.30 34.68
C LYS F 64 -13.16 -56.42 33.37
N LYS F 65 -14.15 -55.56 33.19
CA LYS F 65 -14.99 -55.59 32.00
C LYS F 65 -14.73 -54.40 31.09
N GLY F 66 -13.66 -53.67 31.36
CA GLY F 66 -13.29 -52.53 30.55
C GLY F 66 -14.35 -51.44 30.50
N ILE F 67 -14.28 -50.60 29.48
CA ILE F 67 -15.22 -49.51 29.31
C ILE F 67 -16.51 -50.00 28.66
N CYS F 68 -17.62 -49.31 28.95
CA CYS F 68 -18.92 -49.68 28.40
C CYS F 68 -19.88 -48.50 28.42
N VAL F 69 -20.39 -48.14 27.25
CA VAL F 69 -21.35 -47.04 27.14
C VAL F 69 -22.78 -47.56 27.14
N ALA F 70 -23.52 -47.23 28.20
CA ALA F 70 -24.90 -47.69 28.35
C ALA F 70 -25.84 -46.99 27.36
N ASP F 71 -26.97 -47.62 27.08
CA ASP F 71 -27.96 -47.04 26.18
C ASP F 71 -28.67 -45.86 26.85
N PRO F 72 -28.75 -44.73 26.14
CA PRO F 72 -29.37 -43.50 26.65
C PRO F 72 -30.75 -43.74 27.24
N PHE F 73 -30.98 -43.21 28.44
CA PHE F 73 -32.27 -43.35 29.10
C PHE F 73 -33.00 -42.00 29.16
N GLU F 74 -34.17 -41.95 28.54
CA GLU F 74 -34.93 -40.70 28.45
C GLU F 74 -35.98 -40.57 29.56
N VAL F 75 -36.07 -39.38 30.15
CA VAL F 75 -37.04 -39.10 31.19
C VAL F 75 -37.91 -37.91 30.80
N THR F 76 -39.20 -38.16 30.61
CA THR F 76 -40.12 -37.10 30.21
C THR F 76 -40.71 -36.37 31.41
N VAL F 77 -40.46 -35.07 31.47
CA VAL F 77 -40.99 -34.24 32.55
C VAL F 77 -41.99 -33.22 32.00
N MET F 78 -43.27 -33.47 32.25
CA MET F 78 -44.33 -32.61 31.71
C MET F 78 -45.33 -32.21 32.79
N GLN F 79 -46.17 -31.23 32.47
CA GLN F 79 -47.23 -30.78 33.38
C GLN F 79 -48.48 -30.44 32.59
N ASP F 80 -49.64 -30.77 33.16
CA ASP F 80 -50.92 -30.57 32.47
C ASP F 80 -51.09 -29.15 31.97
N PHE F 81 -50.48 -28.21 32.68
CA PHE F 81 -50.55 -26.82 32.28
C PHE F 81 -49.27 -26.11 32.65
N PHE F 82 -48.76 -25.30 31.74
CA PHE F 82 -47.51 -24.59 31.97
C PHE F 82 -47.29 -23.45 30.98
N ILE F 83 -46.18 -22.74 31.14
CA ILE F 83 -45.84 -21.62 30.27
C ILE F 83 -44.48 -21.85 29.62
N ASP F 84 -44.39 -21.54 28.33
CA ASP F 84 -43.13 -21.67 27.59
C ASP F 84 -42.62 -20.30 27.17
N LEU F 85 -42.07 -19.57 28.13
CA LEU F 85 -41.52 -18.24 27.86
C LEU F 85 -40.31 -18.35 26.96
N ARG F 86 -40.43 -17.82 25.73
CA ARG F 86 -39.34 -17.92 24.76
C ARG F 86 -38.65 -16.58 24.54
N LEU F 87 -37.40 -16.50 24.99
CA LEU F 87 -36.60 -15.28 24.84
C LEU F 87 -35.46 -15.49 23.84
N PRO F 88 -35.19 -14.48 23.01
CA PRO F 88 -34.07 -14.53 22.06
C PRO F 88 -32.74 -14.65 22.80
N TYR F 89 -31.71 -15.13 22.11
CA TYR F 89 -30.40 -15.28 22.71
C TYR F 89 -29.89 -13.95 23.27
N SER F 90 -29.99 -12.90 22.46
CA SER F 90 -29.54 -11.58 22.87
C SER F 90 -30.43 -10.48 22.30
N VAL F 91 -30.68 -9.45 23.10
CA VAL F 91 -31.49 -8.33 22.67
C VAL F 91 -30.72 -7.01 22.81
N VAL F 92 -30.79 -6.19 21.77
CA VAL F 92 -30.10 -4.90 21.77
C VAL F 92 -30.73 -3.93 22.74
N ARG F 93 -29.91 -3.23 23.51
CA ARG F 93 -30.40 -2.25 24.48
C ARG F 93 -31.14 -1.12 23.80
N ASN F 94 -32.24 -0.68 24.42
CA ASN F 94 -33.06 0.41 23.92
C ASN F 94 -33.96 0.01 22.75
N GLU F 95 -33.66 -1.12 22.12
CA GLU F 95 -34.48 -1.61 21.02
C GLU F 95 -35.73 -2.32 21.51
N GLN F 96 -36.88 -1.88 21.03
CA GLN F 96 -38.16 -2.48 21.41
C GLN F 96 -38.42 -3.76 20.63
N VAL F 97 -38.57 -4.86 21.35
CA VAL F 97 -38.82 -6.15 20.72
C VAL F 97 -40.01 -6.87 21.37
N GLU F 98 -40.57 -7.84 20.67
CA GLU F 98 -41.70 -8.60 21.17
C GLU F 98 -41.28 -10.00 21.60
N ILE F 99 -41.64 -10.39 22.82
CA ILE F 99 -41.35 -11.73 23.32
C ILE F 99 -42.61 -12.56 23.41
N ARG F 100 -42.50 -13.84 23.05
CA ARG F 100 -43.64 -14.75 23.07
C ARG F 100 -43.77 -15.49 24.40
N ALA F 101 -45.01 -15.75 24.81
CA ALA F 101 -45.27 -16.51 26.01
C ALA F 101 -46.39 -17.50 25.76
N VAL F 102 -46.04 -18.70 25.29
CA VAL F 102 -47.01 -19.71 24.92
C VAL F 102 -47.53 -20.47 26.15
N LEU F 103 -48.85 -20.47 26.31
CA LEU F 103 -49.49 -21.19 27.41
C LEU F 103 -50.14 -22.46 26.89
N TYR F 104 -49.57 -23.61 27.28
CA TYR F 104 -50.06 -24.90 26.81
C TYR F 104 -51.14 -25.48 27.72
N ASN F 105 -52.14 -26.11 27.11
CA ASN F 105 -53.21 -26.76 27.84
C ASN F 105 -53.48 -28.16 27.30
N TYR F 106 -53.01 -29.17 28.01
CA TYR F 106 -53.14 -30.55 27.55
C TYR F 106 -54.17 -31.35 28.32
N ARG F 107 -55.19 -30.67 28.83
CA ARG F 107 -56.30 -31.34 29.50
C ARG F 107 -57.20 -32.04 28.48
N GLN F 108 -57.80 -33.16 28.89
CA GLN F 108 -58.67 -33.92 28.00
C GLN F 108 -59.74 -33.07 27.31
N ASN F 109 -60.75 -32.65 28.07
CA ASN F 109 -61.80 -31.81 27.52
C ASN F 109 -62.19 -30.67 28.45
N GLN F 110 -61.21 -29.86 28.82
CA GLN F 110 -61.44 -28.75 29.74
C GLN F 110 -60.67 -27.51 29.30
N GLU F 111 -61.33 -26.61 28.58
CA GLU F 111 -60.70 -25.34 28.20
C GLU F 111 -60.48 -24.50 29.45
N LEU F 112 -59.28 -23.93 29.56
CA LEU F 112 -58.87 -23.24 30.78
C LEU F 112 -59.04 -21.72 30.70
N LYS F 113 -59.68 -21.15 31.72
CA LYS F 113 -59.75 -19.70 31.87
C LYS F 113 -58.47 -19.23 32.56
N VAL F 114 -57.54 -18.70 31.77
CA VAL F 114 -56.22 -18.36 32.29
C VAL F 114 -56.03 -16.87 32.55
N ARG F 115 -55.26 -16.57 33.59
CA ARG F 115 -54.91 -15.19 33.93
C ARG F 115 -53.40 -15.04 33.93
N VAL F 116 -52.86 -14.44 32.87
CA VAL F 116 -51.41 -14.28 32.73
C VAL F 116 -50.97 -12.85 33.03
N GLU F 117 -49.87 -12.72 33.77
CA GLU F 117 -49.35 -11.42 34.15
C GLU F 117 -47.84 -11.34 33.96
N LEU F 118 -47.37 -10.19 33.49
CA LEU F 118 -45.94 -9.95 33.32
C LEU F 118 -45.42 -9.06 34.44
N LEU F 119 -44.68 -9.66 35.37
CA LEU F 119 -44.14 -8.92 36.52
C LEU F 119 -43.28 -7.75 36.08
N HIS F 120 -43.31 -6.68 36.86
CA HIS F 120 -42.55 -5.47 36.55
C HIS F 120 -41.07 -5.62 36.88
N ASN F 121 -40.24 -4.96 36.09
CA ASN F 121 -38.80 -4.98 36.31
C ASN F 121 -38.16 -3.69 35.79
N PRO F 122 -37.51 -2.93 36.70
CA PRO F 122 -36.86 -1.66 36.39
C PRO F 122 -35.91 -1.75 35.20
N ALA F 123 -35.44 -2.96 34.91
CA ALA F 123 -34.51 -3.17 33.81
C ALA F 123 -35.23 -3.10 32.45
N PHE F 124 -36.53 -3.34 32.47
CA PHE F 124 -37.33 -3.31 31.24
C PHE F 124 -38.42 -2.25 31.32
N CYS F 125 -38.94 -1.87 30.15
CA CYS F 125 -40.00 -0.87 30.08
C CYS F 125 -41.22 -1.41 29.35
N SER F 126 -42.21 -1.85 30.11
CA SER F 126 -43.44 -2.38 29.55
C SER F 126 -44.66 -1.72 30.16
N LEU F 127 -45.84 -2.23 29.84
CA LEU F 127 -47.08 -1.69 30.38
C LEU F 127 -47.20 -1.95 31.87
N ALA F 128 -46.42 -2.92 32.36
CA ALA F 128 -46.42 -3.25 33.78
C ALA F 128 -45.43 -2.38 34.54
N THR F 129 -45.94 -1.60 35.49
CA THR F 129 -45.10 -0.72 36.29
C THR F 129 -45.13 -1.13 37.77
N THR F 130 -44.54 -0.31 38.61
CA THR F 130 -44.44 -0.61 40.04
C THR F 130 -45.80 -0.65 40.72
N LYS F 131 -46.74 0.14 40.20
CA LYS F 131 -48.07 0.22 40.79
C LYS F 131 -49.17 -0.25 39.84
N ARG F 132 -48.78 -0.62 38.62
CA ARG F 132 -49.72 -1.10 37.63
C ARG F 132 -49.37 -2.50 37.15
N ARG F 133 -50.35 -3.39 37.14
CA ARG F 133 -50.13 -4.76 36.69
C ARG F 133 -50.64 -4.95 35.26
N HIS F 134 -49.78 -5.48 34.40
CA HIS F 134 -50.16 -5.77 33.02
C HIS F 134 -50.58 -7.23 32.90
N GLN F 135 -51.87 -7.48 33.11
CA GLN F 135 -52.39 -8.85 33.13
C GLN F 135 -53.58 -9.02 32.18
N GLN F 136 -53.51 -10.06 31.35
CA GLN F 136 -54.62 -10.40 30.47
C GLN F 136 -55.42 -11.56 31.04
N THR F 137 -56.55 -11.85 30.42
CA THR F 137 -57.40 -12.96 30.85
C THR F 137 -57.93 -13.72 29.64
N VAL F 138 -57.07 -14.57 29.06
CA VAL F 138 -57.42 -15.32 27.86
C VAL F 138 -57.94 -16.71 28.17
N THR F 139 -58.42 -17.40 27.14
CA THR F 139 -58.93 -18.76 27.29
C THR F 139 -58.25 -19.70 26.30
N ILE F 140 -57.90 -20.89 26.76
CA ILE F 140 -57.20 -21.86 25.93
C ILE F 140 -58.02 -23.12 25.72
N PRO F 141 -58.28 -23.48 24.46
CA PRO F 141 -59.00 -24.70 24.11
C PRO F 141 -58.27 -25.94 24.59
N PRO F 142 -59.01 -27.04 24.82
CA PRO F 142 -58.41 -28.30 25.29
C PRO F 142 -57.45 -28.90 24.26
N LYS F 143 -56.36 -29.47 24.74
CA LYS F 143 -55.38 -30.12 23.88
C LYS F 143 -54.83 -29.16 22.82
N SER F 144 -54.53 -27.94 23.23
CA SER F 144 -53.97 -26.94 22.33
C SER F 144 -53.15 -25.90 23.10
N SER F 145 -52.61 -24.92 22.37
CA SER F 145 -51.79 -23.88 22.98
C SER F 145 -52.30 -22.49 22.63
N LEU F 146 -51.72 -21.47 23.26
CA LEU F 146 -52.09 -20.09 23.01
C LEU F 146 -50.93 -19.14 23.29
N SER F 147 -50.53 -18.39 22.27
CA SER F 147 -49.42 -17.46 22.39
C SER F 147 -49.87 -16.13 22.99
N VAL F 148 -49.01 -15.54 23.82
CA VAL F 148 -49.31 -14.26 24.44
C VAL F 148 -48.16 -13.27 24.26
N PRO F 149 -48.39 -12.24 23.43
CA PRO F 149 -47.37 -11.22 23.10
C PRO F 149 -47.02 -10.35 24.30
N TYR F 150 -45.79 -9.83 24.30
CA TYR F 150 -45.33 -8.92 25.34
C TYR F 150 -44.23 -8.00 24.83
N VAL F 151 -44.55 -6.71 24.69
CA VAL F 151 -43.58 -5.73 24.23
C VAL F 151 -42.75 -5.17 25.38
N ILE F 152 -41.43 -5.26 25.26
CA ILE F 152 -40.52 -4.78 26.30
C ILE F 152 -39.34 -4.04 25.69
N VAL F 153 -38.69 -3.21 26.50
CA VAL F 153 -37.53 -2.44 26.05
C VAL F 153 -36.41 -2.47 27.09
N PRO F 154 -35.35 -3.23 26.81
CA PRO F 154 -34.18 -3.33 27.69
C PRO F 154 -33.59 -1.95 27.99
N LEU F 155 -33.23 -1.71 29.23
CA LEU F 155 -32.70 -0.41 29.63
C LEU F 155 -31.24 -0.50 30.06
N LYS F 156 -30.88 -1.58 30.75
CA LYS F 156 -29.52 -1.77 31.21
C LYS F 156 -28.93 -3.08 30.68
N THR F 157 -27.66 -3.03 30.29
CA THR F 157 -26.98 -4.20 29.73
C THR F 157 -26.73 -5.25 30.81
N GLY F 158 -26.33 -6.44 30.38
CA GLY F 158 -26.06 -7.54 31.29
C GLY F 158 -27.17 -8.57 31.28
N LEU F 159 -26.94 -9.69 31.98
CA LEU F 159 -27.93 -10.75 32.06
C LEU F 159 -29.14 -10.31 32.86
N GLN F 160 -30.16 -9.82 32.16
CA GLN F 160 -31.39 -9.36 32.81
C GLN F 160 -32.35 -10.52 33.04
N GLU F 161 -33.51 -10.21 33.61
CA GLU F 161 -34.47 -11.25 33.99
C GLU F 161 -35.91 -10.90 33.64
N VAL F 162 -36.54 -11.74 32.83
CA VAL F 162 -37.95 -11.58 32.50
C VAL F 162 -38.76 -12.67 33.20
N GLU F 163 -39.86 -12.28 33.82
CA GLU F 163 -40.66 -13.21 34.60
C GLU F 163 -42.15 -13.06 34.34
N VAL F 164 -42.79 -14.17 33.99
CA VAL F 164 -44.24 -14.18 33.74
C VAL F 164 -44.92 -15.27 34.57
N LYS F 165 -46.11 -14.96 35.07
CA LYS F 165 -46.88 -15.92 35.85
C LYS F 165 -48.31 -16.03 35.34
N ALA F 166 -48.94 -17.18 35.57
CA ALA F 166 -50.31 -17.39 35.12
C ALA F 166 -51.02 -18.46 35.94
N ALA F 167 -52.27 -18.18 36.30
CA ALA F 167 -53.09 -19.13 37.05
C ALA F 167 -54.47 -19.24 36.41
N VAL F 168 -55.08 -20.41 36.54
CA VAL F 168 -56.40 -20.65 35.95
C VAL F 168 -57.51 -20.46 36.98
N TYR F 169 -58.66 -19.98 36.50
CA TYR F 169 -59.82 -19.77 37.37
C TYR F 169 -60.52 -21.09 37.65
N HIS F 170 -61.03 -21.23 38.87
CA HIS F 170 -61.75 -22.44 39.29
C HIS F 170 -60.79 -23.61 39.53
N HIS F 171 -59.95 -23.91 38.55
CA HIS F 171 -58.88 -24.88 38.74
C HIS F 171 -57.77 -24.28 39.58
N PHE F 172 -57.27 -25.04 40.55
CA PHE F 172 -56.18 -24.57 41.40
C PHE F 172 -54.82 -24.99 40.85
N ILE F 173 -54.45 -24.43 39.70
CA ILE F 173 -53.17 -24.72 39.08
C ILE F 173 -52.50 -23.41 38.67
N SER F 174 -51.18 -23.45 38.54
CA SER F 174 -50.42 -22.27 38.14
C SER F 174 -48.99 -22.64 37.74
N ASP F 175 -48.29 -21.70 37.11
CA ASP F 175 -46.91 -21.91 36.70
C ASP F 175 -46.26 -20.61 36.26
N GLY F 176 -45.17 -20.24 36.93
CA GLY F 176 -44.41 -19.06 36.58
C GLY F 176 -43.09 -19.42 35.95
N VAL F 177 -42.60 -18.56 35.05
CA VAL F 177 -41.33 -18.79 34.38
C VAL F 177 -40.41 -17.59 34.55
N ARG F 178 -39.22 -17.84 35.10
CA ARG F 178 -38.26 -16.77 35.34
C ARG F 178 -36.95 -17.01 34.59
N LYS F 179 -37.00 -16.88 33.26
CA LYS F 179 -35.83 -17.05 32.43
C LYS F 179 -35.02 -15.75 32.33
N SER F 180 -33.78 -15.86 31.88
CA SER F 180 -32.90 -14.70 31.75
C SER F 180 -32.32 -14.60 30.35
N LEU F 181 -32.29 -13.38 29.82
CA LEU F 181 -31.75 -13.14 28.48
C LEU F 181 -30.62 -12.12 28.52
N LYS F 182 -29.61 -12.32 27.68
CA LYS F 182 -28.46 -11.42 27.63
C LYS F 182 -28.82 -10.13 26.89
N VAL F 183 -28.47 -9.00 27.50
CA VAL F 183 -28.74 -7.69 26.91
C VAL F 183 -27.44 -7.03 26.46
N VAL F 184 -27.15 -7.10 25.16
CA VAL F 184 -25.93 -6.55 24.60
C VAL F 184 -26.19 -5.21 23.94
N PRO F 185 -25.26 -4.24 24.12
CA PRO F 185 -25.32 -2.90 23.51
C PRO F 185 -25.38 -2.95 21.98
N GLU F 186 -24.95 -1.87 21.30
CA GLU F 186 -25.02 -1.83 19.84
C GLU F 186 -23.63 -1.88 19.18
N GLY F 187 -23.22 -3.07 18.76
CA GLY F 187 -21.94 -3.26 18.12
C GLY F 187 -21.91 -4.45 17.16
N ILE F 188 -20.78 -4.65 16.49
CA ILE F 188 -20.63 -5.77 15.56
C ILE F 188 -19.25 -6.42 15.66
N ARG F 189 -19.20 -7.75 15.60
CA ARG F 189 -17.95 -8.49 15.72
C ARG F 189 -16.98 -8.14 14.61
N MET F 190 -15.68 -8.19 14.91
CA MET F 190 -14.63 -7.99 13.92
C MET F 190 -13.27 -8.43 14.46
N ASN F 191 -12.42 -8.91 13.57
CA ASN F 191 -11.09 -9.36 13.95
C ASN F 191 -9.97 -8.62 13.21
N LYS F 192 -9.78 -7.35 13.54
CA LYS F 192 -8.75 -6.53 12.92
C LYS F 192 -7.35 -7.08 13.21
N THR F 193 -6.51 -7.12 12.18
CA THR F 193 -5.16 -7.63 12.31
C THR F 193 -4.19 -6.57 12.82
N VAL F 194 -3.55 -6.84 13.95
CA VAL F 194 -2.60 -5.91 14.53
C VAL F 194 -1.35 -5.78 13.66
N ALA F 195 -0.59 -6.86 13.56
CA ALA F 195 0.63 -6.87 12.76
C ALA F 195 1.07 -8.29 12.45
N VAL F 196 1.83 -8.43 11.36
CA VAL F 196 2.34 -9.73 10.95
C VAL F 196 3.78 -9.61 10.44
N ARG F 197 4.73 -9.93 11.30
CA ARG F 197 6.14 -9.85 10.95
C ARG F 197 6.88 -11.15 11.26
N THR F 198 8.08 -11.29 10.71
CA THR F 198 8.87 -12.50 10.87
C THR F 198 9.93 -12.34 11.95
N LEU F 199 10.06 -13.37 12.79
CA LEU F 199 11.04 -13.36 13.88
C LEU F 199 12.20 -14.30 13.62
N ASP F 200 13.38 -13.73 13.35
CA ASP F 200 14.57 -14.52 13.11
C ASP F 200 15.81 -13.67 13.37
N PRO F 201 16.33 -13.71 14.60
CA PRO F 201 17.53 -12.95 14.98
C PRO F 201 18.73 -13.32 14.11
N GLU F 202 18.85 -14.61 13.79
CA GLU F 202 19.96 -15.11 12.98
C GLU F 202 20.01 -14.42 11.61
N ARG F 203 18.87 -13.86 11.18
CA ARG F 203 18.72 -13.29 9.85
C ARG F 203 18.33 -11.81 9.88
N LEU F 204 17.29 -11.51 10.64
CA LEU F 204 16.70 -10.18 10.71
C LEU F 204 17.23 -9.43 11.93
N GLY F 205 17.69 -8.21 11.72
CA GLY F 205 18.19 -7.38 12.79
C GLY F 205 19.65 -7.67 13.10
N ARG F 206 20.19 -8.65 12.40
CA ARG F 206 21.56 -9.05 12.61
C ARG F 206 21.88 -9.21 14.10
N GLU F 207 22.68 -8.28 14.63
CA GLU F 207 23.08 -8.29 16.04
C GLU F 207 23.09 -9.69 16.65
N GLY F 208 21.94 -10.12 17.15
CA GLY F 208 21.79 -11.44 17.73
C GLY F 208 20.56 -11.53 18.61
N VAL F 209 19.93 -10.38 18.84
CA VAL F 209 18.77 -10.29 19.71
C VAL F 209 17.68 -9.41 19.09
N GLN F 210 17.06 -9.91 18.03
CA GLN F 210 16.04 -9.15 17.31
C GLN F 210 14.97 -8.58 18.24
N LYS F 211 14.72 -7.29 18.10
CA LYS F 211 13.68 -6.61 18.87
C LYS F 211 12.53 -6.23 17.94
N GLU F 212 11.34 -6.00 18.52
CA GLU F 212 10.18 -5.69 17.70
C GLU F 212 9.16 -4.81 18.41
N ASP F 213 9.00 -3.59 17.92
CA ASP F 213 8.02 -2.67 18.47
C ASP F 213 6.62 -3.03 17.95
N ILE F 214 5.66 -3.13 18.86
CA ILE F 214 4.30 -3.49 18.48
C ILE F 214 3.29 -2.43 18.92
N PRO F 215 2.75 -1.70 17.93
CA PRO F 215 1.73 -0.66 18.19
C PRO F 215 0.44 -1.30 18.69
N PRO F 216 -0.23 -0.65 19.65
CA PRO F 216 -1.52 -1.16 20.15
C PRO F 216 -2.61 -0.94 19.12
N ALA F 217 -3.77 -1.53 19.35
CA ALA F 217 -4.89 -1.42 18.42
C ALA F 217 -5.59 -0.07 18.60
N ASP F 218 -5.63 0.72 17.53
CA ASP F 218 -6.24 2.04 17.58
C ASP F 218 -7.75 1.94 17.80
N LEU F 219 -8.38 0.99 17.12
CA LEU F 219 -9.83 0.81 17.17
C LEU F 219 -10.56 2.11 17.47
N SER F 220 -10.44 3.07 16.57
CA SER F 220 -11.04 4.38 16.75
C SER F 220 -12.57 4.30 16.76
N ASP F 221 -13.09 3.16 16.32
CA ASP F 221 -14.54 2.97 16.23
C ASP F 221 -15.03 1.88 17.16
N GLN F 222 -14.42 1.77 18.34
CA GLN F 222 -14.86 0.79 19.32
C GLN F 222 -15.99 1.33 20.18
N VAL F 223 -17.11 0.62 20.20
CA VAL F 223 -18.26 1.01 21.00
C VAL F 223 -17.88 1.10 22.47
N PRO F 224 -18.07 2.28 23.08
CA PRO F 224 -17.72 2.50 24.49
C PRO F 224 -18.35 1.45 25.40
N ASP F 225 -17.66 1.11 26.49
CA ASP F 225 -18.17 0.16 27.48
C ASP F 225 -18.18 -1.28 26.97
N THR F 226 -17.20 -1.62 26.13
CA THR F 226 -17.07 -2.98 25.62
C THR F 226 -15.66 -3.51 25.81
N GLU F 227 -15.55 -4.82 26.04
CA GLU F 227 -14.26 -5.47 26.25
C GLU F 227 -13.64 -5.97 24.94
N SER F 228 -12.32 -6.06 24.91
CA SER F 228 -11.60 -6.52 23.74
C SER F 228 -10.29 -7.21 24.13
N GLU F 229 -10.08 -8.42 23.61
CA GLU F 229 -8.89 -9.18 23.94
C GLU F 229 -7.88 -9.19 22.80
N THR F 230 -6.60 -9.18 23.15
CA THR F 230 -5.52 -9.25 22.17
C THR F 230 -4.79 -10.58 22.29
N ARG F 231 -4.66 -11.29 21.16
CA ARG F 231 -4.05 -12.60 21.16
C ARG F 231 -2.72 -12.63 20.41
N ILE F 232 -1.68 -13.10 21.08
CA ILE F 232 -0.35 -13.24 20.47
C ILE F 232 -0.13 -14.68 20.03
N LEU F 233 0.35 -14.86 18.81
CA LEU F 233 0.58 -16.19 18.28
C LEU F 233 2.03 -16.40 17.85
N LEU F 234 2.68 -17.39 18.47
CA LEU F 234 4.04 -17.75 18.10
C LEU F 234 4.05 -19.09 17.36
N GLN F 235 4.63 -19.10 16.16
CA GLN F 235 4.70 -20.31 15.35
C GLN F 235 6.07 -20.53 14.75
N GLY F 236 6.59 -21.75 14.91
CA GLY F 236 7.84 -22.13 14.30
C GLY F 236 7.64 -22.54 12.85
N THR F 237 8.45 -21.99 11.96
CA THR F 237 8.42 -22.36 10.55
C THR F 237 9.67 -23.16 10.19
N PRO F 238 9.66 -24.45 10.51
CA PRO F 238 10.81 -25.32 10.28
C PRO F 238 10.90 -25.73 8.82
N VAL F 239 12.12 -25.79 8.30
CA VAL F 239 12.33 -26.23 6.92
C VAL F 239 13.37 -27.33 6.85
N ALA F 240 12.91 -28.59 6.87
CA ALA F 240 13.81 -29.72 6.80
C ALA F 240 14.27 -29.96 5.36
N GLN F 241 14.65 -31.21 5.08
CA GLN F 241 15.16 -31.62 3.78
C GLN F 241 16.68 -31.71 3.75
N MET F 242 17.22 -32.08 2.58
CA MET F 242 18.66 -32.20 2.38
C MET F 242 19.29 -33.39 3.10
N THR F 243 19.16 -34.56 2.48
CA THR F 243 19.84 -35.77 2.94
C THR F 243 20.15 -36.61 1.73
N GLU F 244 21.05 -36.09 0.90
CA GLU F 244 21.36 -36.72 -0.37
C GLU F 244 21.35 -38.23 -0.28
N ASP F 245 20.40 -38.80 -1.01
CA ASP F 245 20.13 -40.21 -0.94
C ASP F 245 21.37 -41.10 -0.97
N ALA F 246 21.21 -42.30 -0.44
CA ALA F 246 22.29 -43.27 -0.39
C ALA F 246 22.19 -44.21 -1.58
N VAL F 247 22.79 -45.39 -1.43
CA VAL F 247 22.77 -46.39 -2.50
C VAL F 247 21.41 -47.08 -2.59
N ASP F 248 20.99 -47.39 -3.82
CA ASP F 248 19.72 -48.06 -4.05
C ASP F 248 19.64 -49.37 -3.28
N ALA F 249 20.76 -50.09 -3.24
CA ALA F 249 20.86 -51.36 -2.51
C ALA F 249 20.09 -52.50 -3.17
N GLU F 250 18.98 -52.15 -3.84
CA GLU F 250 18.16 -53.15 -4.52
C GLU F 250 18.97 -53.92 -5.54
N ARG F 251 19.95 -53.25 -6.14
CA ARG F 251 20.80 -53.87 -7.15
C ARG F 251 22.23 -53.99 -6.63
N LEU F 252 22.35 -54.36 -5.36
CA LEU F 252 23.65 -54.51 -4.71
C LEU F 252 23.63 -55.71 -3.77
N LYS F 253 23.46 -56.90 -4.34
CA LYS F 253 23.39 -58.12 -3.55
C LYS F 253 24.55 -59.05 -3.87
N HIS F 254 25.77 -58.60 -3.58
CA HIS F 254 26.96 -59.41 -3.83
C HIS F 254 28.03 -59.19 -2.78
N LEU F 255 27.89 -58.12 -1.99
CA LEU F 255 28.86 -57.82 -0.94
C LEU F 255 28.86 -58.88 0.15
N ILE F 256 27.82 -59.71 0.18
CA ILE F 256 27.72 -60.78 1.16
C ILE F 256 28.56 -61.97 0.72
N VAL F 257 29.88 -61.76 0.66
CA VAL F 257 30.80 -62.81 0.24
C VAL F 257 31.28 -63.63 1.43
N THR F 258 31.26 -64.95 1.28
CA THR F 258 31.71 -65.85 2.34
C THR F 258 33.22 -65.81 2.48
N PRO F 259 33.72 -65.28 3.61
CA PRO F 259 35.16 -65.16 3.86
C PRO F 259 35.85 -66.53 3.84
N SER F 260 36.97 -66.61 3.12
CA SER F 260 37.72 -67.86 3.03
C SER F 260 39.12 -67.60 2.51
N GLY F 261 40.01 -68.59 2.69
CA GLY F 261 41.38 -68.47 2.22
C GLY F 261 42.40 -68.49 3.34
N CYS F 262 43.49 -67.76 3.16
CA CYS F 262 44.55 -67.72 4.14
C CYS F 262 44.38 -66.56 5.11
N GLY F 263 45.42 -65.73 5.22
CA GLY F 263 45.39 -64.58 6.12
C GLY F 263 44.81 -63.36 5.45
N GLU F 264 45.37 -63.00 4.30
CA GLU F 264 44.91 -61.83 3.56
C GLU F 264 43.73 -62.16 2.66
N GLN F 265 43.72 -63.37 2.13
CA GLN F 265 42.62 -63.82 1.28
C GLN F 265 41.30 -63.84 2.05
N ASN F 266 41.40 -64.12 3.35
CA ASN F 266 40.23 -64.14 4.22
C ASN F 266 39.70 -62.74 4.48
N MET F 267 40.60 -61.77 4.54
CA MET F 267 40.22 -60.38 4.78
C MET F 267 39.54 -59.77 3.57
N ILE F 268 40.05 -60.08 2.38
CA ILE F 268 39.48 -59.55 1.15
C ILE F 268 38.04 -60.04 0.95
N GLY F 269 37.75 -61.22 1.49
CA GLY F 269 36.42 -61.79 1.38
C GLY F 269 35.50 -61.35 2.50
N MET F 270 36.09 -60.89 3.60
CA MET F 270 35.33 -60.43 4.76
C MET F 270 35.06 -58.93 4.70
N THR F 271 35.87 -58.23 3.91
CA THR F 271 35.73 -56.78 3.77
C THR F 271 34.36 -56.35 3.25
N PRO F 272 33.93 -56.92 2.11
CA PRO F 272 32.64 -56.55 1.52
C PRO F 272 31.47 -56.78 2.48
N THR F 273 31.46 -57.93 3.14
CA THR F 273 30.36 -58.30 4.03
C THR F 273 30.26 -57.37 5.24
N VAL F 274 31.41 -57.06 5.85
CA VAL F 274 31.43 -56.21 7.03
C VAL F 274 30.93 -54.80 6.73
N ILE F 275 31.48 -54.19 5.69
CA ILE F 275 31.10 -52.82 5.32
C ILE F 275 29.69 -52.76 4.77
N ALA F 276 29.20 -53.88 4.27
CA ALA F 276 27.85 -53.95 3.73
C ALA F 276 26.80 -53.80 4.83
N VAL F 277 26.97 -54.58 5.89
CA VAL F 277 26.05 -54.53 7.02
C VAL F 277 26.10 -53.17 7.71
N HIS F 278 27.31 -52.62 7.85
CA HIS F 278 27.49 -51.33 8.47
C HIS F 278 26.79 -50.22 7.68
N TYR F 279 26.69 -50.41 6.37
CA TYR F 279 26.06 -49.42 5.51
C TYR F 279 24.54 -49.56 5.53
N LEU F 280 24.06 -50.79 5.53
CA LEU F 280 22.62 -51.06 5.53
C LEU F 280 21.99 -50.72 6.88
N ASP F 281 22.81 -50.74 7.93
CA ASP F 281 22.34 -50.42 9.27
C ASP F 281 22.07 -48.93 9.43
N GLU F 282 22.97 -48.11 8.90
CA GLU F 282 22.85 -46.66 9.01
C GLU F 282 21.89 -46.08 7.99
N THR F 283 21.48 -46.89 7.02
CA THR F 283 20.54 -46.46 5.99
C THR F 283 19.20 -47.18 6.12
N GLU F 284 19.11 -48.03 7.13
CA GLU F 284 17.91 -48.83 7.37
C GLU F 284 17.23 -49.29 6.08
N GLN F 285 18.03 -49.79 5.15
CA GLN F 285 17.51 -50.27 3.87
C GLN F 285 17.35 -51.79 3.88
N TRP F 286 17.32 -52.38 5.07
CA TRP F 286 17.15 -53.82 5.22
C TRP F 286 15.76 -54.27 4.80
N GLU F 287 14.84 -53.32 4.72
CA GLU F 287 13.47 -53.61 4.31
C GLU F 287 13.41 -53.94 2.82
N LYS F 288 14.08 -53.12 2.02
CA LYS F 288 14.09 -53.30 0.57
C LYS F 288 15.12 -54.33 0.15
N PHE F 289 16.04 -54.65 1.06
CA PHE F 289 17.11 -55.61 0.78
C PHE F 289 16.71 -57.01 1.21
N GLY F 290 16.07 -57.12 2.38
CA GLY F 290 15.66 -58.40 2.92
C GLY F 290 16.10 -58.57 4.36
N LEU F 291 15.15 -58.41 5.28
CA LEU F 291 15.44 -58.50 6.70
C LEU F 291 16.01 -59.87 7.08
N GLU F 292 15.42 -60.93 6.54
CA GLU F 292 15.85 -62.28 6.85
C GLU F 292 17.19 -62.64 6.22
N LYS F 293 17.82 -61.67 5.58
CA LYS F 293 19.12 -61.89 4.94
C LYS F 293 20.26 -61.40 5.84
N ARG F 294 19.93 -60.52 6.78
CA ARG F 294 20.94 -59.95 7.66
C ARG F 294 21.57 -61.00 8.56
N GLN F 295 20.75 -61.93 9.05
CA GLN F 295 21.23 -62.99 9.91
C GLN F 295 22.28 -63.84 9.22
N GLY F 296 22.12 -64.03 7.91
CA GLY F 296 23.07 -64.77 7.13
C GLY F 296 24.36 -64.00 6.92
N ALA F 297 24.30 -62.69 7.13
CA ALA F 297 25.46 -61.83 6.98
C ALA F 297 26.28 -61.78 8.26
N LEU F 298 25.60 -61.67 9.40
CA LEU F 298 26.26 -61.64 10.69
C LEU F 298 27.08 -62.90 10.92
N GLU F 299 26.58 -64.03 10.44
CA GLU F 299 27.27 -65.31 10.58
C GLU F 299 28.55 -65.33 9.74
N LEU F 300 28.49 -64.73 8.57
CA LEU F 300 29.65 -64.69 7.69
C LEU F 300 30.71 -63.72 8.21
N ILE F 301 30.26 -62.66 8.89
CA ILE F 301 31.18 -61.70 9.50
C ILE F 301 31.89 -62.33 10.69
N LYS F 302 31.12 -63.00 11.54
CA LYS F 302 31.66 -63.67 12.71
C LYS F 302 32.57 -64.83 12.29
N LYS F 303 32.22 -65.46 11.18
CA LYS F 303 33.00 -66.58 10.66
C LYS F 303 34.35 -66.08 10.13
N GLY F 304 34.35 -64.90 9.54
CA GLY F 304 35.57 -64.30 9.04
C GLY F 304 36.48 -63.87 10.16
N TYR F 305 35.89 -63.45 11.27
CA TYR F 305 36.64 -63.04 12.45
C TYR F 305 37.36 -64.24 13.07
N THR F 306 36.66 -65.37 13.15
CA THR F 306 37.22 -66.58 13.73
C THR F 306 38.36 -67.13 12.88
N GLN F 307 38.18 -67.11 11.56
CA GLN F 307 39.20 -67.61 10.64
C GLN F 307 40.45 -66.75 10.66
N GLN F 308 40.28 -65.47 11.01
CA GLN F 308 41.39 -64.53 11.06
C GLN F 308 42.24 -64.75 12.30
N LEU F 309 41.66 -65.39 13.32
CA LEU F 309 42.36 -65.67 14.55
C LEU F 309 43.38 -66.80 14.36
N ALA F 310 43.15 -67.63 13.36
CA ALA F 310 44.04 -68.74 13.06
C ALA F 310 45.31 -68.26 12.37
N PHE F 311 45.43 -66.94 12.23
CA PHE F 311 46.61 -66.35 11.60
C PHE F 311 47.21 -65.25 12.45
N ARG F 312 46.86 -65.26 13.74
CA ARG F 312 47.39 -64.27 14.68
C ARG F 312 48.70 -64.75 15.29
N GLN F 313 49.82 -64.29 14.73
CA GLN F 313 51.12 -64.61 15.24
C GLN F 313 51.28 -64.05 16.66
N PRO F 314 52.36 -64.45 17.37
CA PRO F 314 52.63 -63.94 18.71
C PRO F 314 52.54 -62.41 18.77
N SER F 315 52.73 -61.78 17.62
CA SER F 315 52.61 -60.33 17.52
C SER F 315 51.18 -59.89 17.83
N ALA F 320 49.63 -62.50 6.72
CA ALA F 320 49.12 -63.51 5.79
C ALA F 320 49.39 -64.91 6.31
N PHE F 321 50.48 -65.51 5.83
CA PHE F 321 50.88 -66.84 6.29
C PHE F 321 51.68 -66.75 7.59
N VAL F 322 51.39 -67.66 8.51
CA VAL F 322 52.09 -67.69 9.79
C VAL F 322 53.59 -67.94 9.59
N LYS F 323 53.92 -68.64 8.50
CA LYS F 323 55.31 -68.94 8.17
C LYS F 323 56.03 -67.69 7.69
N ARG F 324 55.25 -66.67 7.32
CA ARG F 324 55.79 -65.43 6.78
C ARG F 324 55.96 -64.37 7.86
N ALA F 325 56.86 -63.42 7.61
CA ALA F 325 57.08 -62.31 8.54
C ALA F 325 55.85 -61.40 8.59
N PRO F 326 55.55 -60.88 9.79
CA PRO F 326 54.40 -60.00 10.02
C PRO F 326 54.39 -58.80 9.09
N SER F 327 53.21 -58.44 8.59
CA SER F 327 53.06 -57.29 7.70
C SER F 327 52.55 -56.08 8.46
N THR F 328 53.10 -54.91 8.16
CA THR F 328 52.70 -53.68 8.83
C THR F 328 51.34 -53.20 8.34
N TRP F 329 51.13 -53.27 7.03
CA TRP F 329 49.87 -52.82 6.43
C TRP F 329 48.70 -53.73 6.80
N LEU F 330 48.90 -55.04 6.63
CA LEU F 330 47.85 -56.02 6.91
C LEU F 330 47.38 -55.91 8.36
N THR F 331 48.33 -55.84 9.29
CA THR F 331 48.01 -55.71 10.70
C THR F 331 47.23 -54.43 10.97
N ALA F 332 47.62 -53.36 10.27
CA ALA F 332 46.97 -52.06 10.42
C ALA F 332 45.55 -52.09 9.86
N TYR F 333 45.35 -52.85 8.79
CA TYR F 333 44.04 -52.95 8.16
C TYR F 333 43.09 -53.80 8.99
N VAL F 334 43.63 -54.82 9.66
CA VAL F 334 42.83 -55.67 10.53
C VAL F 334 42.17 -54.82 11.61
N VAL F 335 42.92 -53.87 12.16
CA VAL F 335 42.40 -52.96 13.18
C VAL F 335 41.27 -52.11 12.62
N LYS F 336 41.42 -51.68 11.37
CA LYS F 336 40.43 -50.83 10.73
C LYS F 336 39.07 -51.54 10.62
N VAL F 337 39.08 -52.78 10.14
CA VAL F 337 37.85 -53.54 9.97
C VAL F 337 37.25 -53.96 11.32
N PHE F 338 38.11 -54.46 12.21
CA PHE F 338 37.68 -54.92 13.52
C PHE F 338 37.03 -53.81 14.33
N SER F 339 37.67 -52.64 14.35
CA SER F 339 37.18 -51.50 15.11
C SER F 339 35.82 -51.03 14.61
N LEU F 340 35.55 -51.28 13.33
CA LEU F 340 34.28 -50.89 12.73
C LEU F 340 33.20 -51.94 12.99
N ALA F 341 33.63 -53.19 13.16
CA ALA F 341 32.71 -54.29 13.38
C ALA F 341 32.64 -54.67 14.86
N VAL F 342 32.79 -53.68 15.73
CA VAL F 342 32.73 -53.91 17.18
C VAL F 342 31.29 -54.00 17.66
N ASN F 343 30.39 -53.33 16.96
CA ASN F 343 28.97 -53.32 17.32
C ASN F 343 28.20 -54.43 16.61
N LEU F 344 28.86 -55.09 15.66
CA LEU F 344 28.23 -56.17 14.90
C LEU F 344 28.43 -57.52 15.57
N ILE F 345 29.68 -57.79 15.96
CA ILE F 345 30.00 -59.06 16.62
C ILE F 345 30.82 -58.82 17.89
N ALA F 346 31.28 -59.91 18.50
CA ALA F 346 32.05 -59.83 19.74
C ALA F 346 33.55 -59.74 19.45
N ILE F 347 34.05 -58.51 19.32
CA ILE F 347 35.47 -58.30 19.07
C ILE F 347 36.27 -58.35 20.37
N ASP F 348 37.28 -59.22 20.39
CA ASP F 348 38.12 -59.38 21.57
C ASP F 348 39.07 -58.20 21.74
N SER F 349 39.11 -57.66 22.96
CA SER F 349 39.99 -56.52 23.25
C SER F 349 41.45 -56.95 23.26
N GLN F 350 41.69 -58.21 23.63
CA GLN F 350 43.05 -58.74 23.69
C GLN F 350 43.68 -58.80 22.29
N VAL F 351 42.88 -59.22 21.31
CA VAL F 351 43.36 -59.34 19.94
C VAL F 351 43.48 -57.96 19.28
N LEU F 352 42.45 -57.14 19.45
CA LEU F 352 42.43 -55.82 18.84
C LEU F 352 43.55 -54.93 19.38
N CYS F 353 43.61 -54.79 20.70
CA CYS F 353 44.63 -53.96 21.33
C CYS F 353 46.02 -54.58 21.18
N GLY F 354 46.06 -55.89 21.03
CA GLY F 354 47.31 -56.60 20.86
C GLY F 354 48.06 -56.16 19.63
N ALA F 355 47.32 -55.91 18.54
CA ALA F 355 47.92 -55.47 17.30
C ALA F 355 48.30 -53.99 17.37
N VAL F 356 47.49 -53.22 18.07
CA VAL F 356 47.73 -51.78 18.23
C VAL F 356 49.03 -51.55 19.00
N LYS F 357 49.22 -52.31 20.07
CA LYS F 357 50.42 -52.19 20.89
C LYS F 357 51.67 -52.58 20.10
N TRP F 358 51.50 -53.47 19.13
CA TRP F 358 52.61 -53.94 18.32
C TRP F 358 53.09 -52.89 17.32
N LEU F 359 52.14 -52.28 16.61
CA LEU F 359 52.46 -51.27 15.62
C LEU F 359 53.20 -50.08 16.20
N ILE F 360 52.95 -49.81 17.48
CA ILE F 360 53.53 -48.65 18.15
C ILE F 360 54.96 -48.91 18.61
N LEU F 361 55.17 -50.02 19.29
CA LEU F 361 56.47 -50.33 19.88
C LEU F 361 57.44 -51.00 18.91
N GLU F 362 56.91 -51.48 17.79
CA GLU F 362 57.73 -52.21 16.83
C GLU F 362 57.94 -51.44 15.52
N LYS F 363 56.88 -51.31 14.73
CA LYS F 363 56.98 -50.70 13.41
C LYS F 363 56.71 -49.20 13.44
N GLN F 364 57.43 -48.48 14.30
CA GLN F 364 57.30 -47.03 14.37
C GLN F 364 58.63 -46.35 14.64
N LYS F 365 59.07 -45.52 13.71
CA LYS F 365 60.32 -44.78 13.87
C LYS F 365 60.17 -43.68 14.91
N PRO F 366 61.30 -43.21 15.47
CA PRO F 366 61.29 -42.15 16.48
C PRO F 366 60.56 -40.90 16.02
N ASP F 367 60.56 -40.65 14.71
CA ASP F 367 59.90 -39.47 14.15
C ASP F 367 58.39 -39.68 13.99
N GLY F 368 57.95 -40.92 14.17
CA GLY F 368 56.53 -41.25 14.09
C GLY F 368 56.15 -41.95 12.79
N VAL F 369 57.13 -42.16 11.92
CA VAL F 369 56.88 -42.79 10.64
C VAL F 369 56.76 -44.31 10.76
N PHE F 370 55.77 -44.88 10.10
CA PHE F 370 55.59 -46.33 10.10
C PHE F 370 56.21 -46.94 8.84
N GLN F 371 57.05 -47.96 9.04
CA GLN F 371 57.77 -48.58 7.93
C GLN F 371 57.24 -49.98 7.61
N GLU F 372 57.13 -50.27 6.32
CA GLU F 372 56.69 -51.59 5.87
C GLU F 372 57.89 -52.52 5.70
N ASP F 373 57.87 -53.65 6.41
CA ASP F 373 58.97 -54.60 6.37
C ASP F 373 58.60 -55.86 5.58
N ALA F 374 57.31 -56.18 5.56
CA ALA F 374 56.85 -57.36 4.84
C ALA F 374 55.58 -57.06 4.04
N PRO F 375 55.76 -56.52 2.83
CA PRO F 375 54.65 -56.19 1.93
C PRO F 375 53.74 -57.39 1.68
N VAL F 376 52.43 -57.17 1.70
CA VAL F 376 51.47 -58.24 1.47
C VAL F 376 51.62 -58.83 0.07
N ILE F 377 51.31 -60.13 -0.05
CA ILE F 377 51.40 -60.82 -1.33
C ILE F 377 50.43 -60.19 -2.34
N HIS F 378 49.17 -60.12 -1.98
CA HIS F 378 48.15 -59.52 -2.83
C HIS F 378 48.29 -58.00 -2.83
N GLN F 379 49.09 -57.49 -3.76
CA GLN F 379 49.36 -56.06 -3.84
C GLN F 379 48.23 -55.29 -4.51
N GLU F 380 47.05 -55.88 -4.55
CA GLU F 380 45.90 -55.23 -5.16
C GLU F 380 44.84 -54.88 -4.12
N MET F 381 45.04 -55.35 -2.89
CA MET F 381 44.09 -55.09 -1.82
C MET F 381 44.47 -53.85 -1.02
N ILE F 382 45.69 -53.35 -1.22
CA ILE F 382 46.17 -52.17 -0.51
C ILE F 382 45.63 -50.89 -1.12
N GLY F 383 45.19 -50.96 -2.37
CA GLY F 383 44.63 -49.81 -3.05
C GLY F 383 45.66 -48.81 -3.54
N GLY F 384 45.46 -47.54 -3.20
CA GLY F 384 46.34 -46.48 -3.67
C GLY F 384 47.73 -46.52 -3.07
N LEU F 385 47.98 -47.48 -2.19
CA LEU F 385 49.29 -47.62 -1.56
C LEU F 385 50.26 -48.40 -2.46
N ARG F 386 49.75 -48.93 -3.57
CA ARG F 386 50.58 -49.67 -4.50
C ARG F 386 51.53 -48.74 -5.24
N ASN F 387 51.14 -47.48 -5.38
CA ASN F 387 51.98 -46.48 -6.02
C ASN F 387 53.18 -46.14 -5.15
N ASN F 388 54.38 -46.41 -5.66
CA ASN F 388 55.61 -46.20 -4.92
C ASN F 388 55.85 -44.74 -4.53
N ASN F 389 55.15 -43.83 -5.20
CA ASN F 389 55.30 -42.41 -4.94
C ASN F 389 54.86 -42.01 -3.54
N GLU F 390 55.80 -41.50 -2.75
CA GLU F 390 55.50 -41.04 -1.39
C GLU F 390 54.83 -42.12 -0.54
N LYS F 391 55.54 -43.21 -0.29
CA LYS F 391 55.02 -44.31 0.51
C LYS F 391 55.31 -44.08 1.99
N ASP F 392 56.08 -43.02 2.28
CA ASP F 392 56.41 -42.67 3.65
C ASP F 392 55.30 -41.83 4.26
N MET F 393 54.41 -41.32 3.41
CA MET F 393 53.28 -40.51 3.87
C MET F 393 51.98 -41.31 3.83
N ALA F 394 51.78 -42.06 2.75
CA ALA F 394 50.56 -42.84 2.58
C ALA F 394 50.42 -43.92 3.65
N LEU F 395 51.50 -44.67 3.88
CA LEU F 395 51.49 -45.74 4.87
C LEU F 395 51.29 -45.19 6.28
N THR F 396 52.02 -44.13 6.61
CA THR F 396 51.92 -43.51 7.92
C THR F 396 50.51 -42.98 8.16
N ALA F 397 49.90 -42.45 7.11
CA ALA F 397 48.55 -41.92 7.19
C ALA F 397 47.51 -43.03 7.33
N PHE F 398 47.79 -44.17 6.69
CA PHE F 398 46.89 -45.31 6.74
C PHE F 398 46.86 -45.94 8.14
N VAL F 399 48.05 -46.22 8.67
CA VAL F 399 48.18 -46.81 10.00
C VAL F 399 47.63 -45.87 11.07
N LEU F 400 47.82 -44.57 10.87
CA LEU F 400 47.37 -43.57 11.82
C LEU F 400 45.85 -43.59 11.97
N ILE F 401 45.14 -43.71 10.86
CA ILE F 401 43.69 -43.74 10.88
C ILE F 401 43.15 -44.92 11.67
N SER F 402 43.79 -46.07 11.52
CA SER F 402 43.37 -47.29 12.21
C SER F 402 43.61 -47.19 13.72
N LEU F 403 44.61 -46.41 14.11
CA LEU F 403 44.96 -46.27 15.52
C LEU F 403 44.02 -45.31 16.24
N GLN F 404 43.46 -44.36 15.50
CA GLN F 404 42.56 -43.37 16.09
C GLN F 404 41.13 -43.91 16.19
N GLU F 405 40.77 -44.80 15.27
CA GLU F 405 39.45 -45.41 15.28
C GLU F 405 39.34 -46.49 16.34
N ALA F 406 40.49 -46.91 16.86
CA ALA F 406 40.54 -47.89 17.94
C ALA F 406 40.99 -47.21 19.23
N LYS F 407 40.79 -45.90 19.29
CA LYS F 407 41.22 -45.11 20.45
C LYS F 407 40.43 -45.48 21.70
N ASP F 408 39.14 -45.18 21.70
CA ASP F 408 38.27 -45.44 22.85
C ASP F 408 38.37 -46.88 23.31
N ILE F 409 38.59 -47.80 22.37
CA ILE F 409 38.65 -49.21 22.68
C ILE F 409 39.98 -49.59 23.35
N CYS F 410 41.05 -48.89 22.98
CA CYS F 410 42.37 -49.21 23.52
C CYS F 410 43.08 -48.00 24.10
N GLU F 411 42.52 -47.43 25.16
CA GLU F 411 43.15 -46.33 25.87
C GLU F 411 43.64 -46.78 27.25
N GLU F 412 42.88 -47.67 27.88
CA GLU F 412 43.22 -48.16 29.22
C GLU F 412 44.17 -49.35 29.14
N GLN F 413 44.13 -50.05 28.02
CA GLN F 413 44.97 -51.24 27.83
C GLN F 413 46.30 -50.87 27.17
N VAL F 414 46.31 -49.74 26.47
CA VAL F 414 47.53 -49.27 25.81
C VAL F 414 47.82 -47.82 26.19
N ASN F 415 48.90 -47.61 26.94
CA ASN F 415 49.26 -46.28 27.40
C ASN F 415 50.19 -45.54 26.44
N SER F 416 50.79 -46.28 25.52
CA SER F 416 51.71 -45.70 24.55
C SER F 416 50.97 -45.19 23.31
N LEU F 417 49.64 -45.19 23.38
CA LEU F 417 48.82 -44.74 22.26
C LEU F 417 48.83 -43.21 22.10
N PRO F 418 48.53 -42.47 23.18
CA PRO F 418 48.49 -41.01 23.09
C PRO F 418 49.79 -40.43 22.57
N GLY F 419 50.92 -40.93 23.05
CA GLY F 419 52.22 -40.47 22.62
C GLY F 419 52.49 -40.76 21.15
N SER F 420 52.06 -41.93 20.71
CA SER F 420 52.26 -42.34 19.32
C SER F 420 51.38 -41.55 18.37
N ILE F 421 50.14 -41.28 18.80
CA ILE F 421 49.20 -40.53 17.99
C ILE F 421 49.74 -39.15 17.64
N THR F 422 50.32 -38.47 18.62
CA THR F 422 50.87 -37.14 18.42
C THR F 422 52.08 -37.17 17.49
N LYS F 423 52.97 -38.13 17.71
CA LYS F 423 54.17 -38.26 16.90
C LYS F 423 53.85 -38.43 15.41
N ALA F 424 52.96 -39.37 15.12
CA ALA F 424 52.56 -39.63 13.73
C ALA F 424 51.95 -38.40 13.09
N GLY F 425 51.28 -37.58 13.89
CA GLY F 425 50.66 -36.36 13.41
C GLY F 425 51.67 -35.28 13.14
N ASP F 426 52.77 -35.29 13.87
CA ASP F 426 53.82 -34.29 13.71
C ASP F 426 54.51 -34.43 12.36
N PHE F 427 54.84 -35.66 11.99
CA PHE F 427 55.54 -35.92 10.73
C PHE F 427 54.67 -35.56 9.52
N LEU F 428 53.41 -35.97 9.56
CA LEU F 428 52.49 -35.71 8.45
C LEU F 428 52.20 -34.22 8.31
N GLU F 429 52.15 -33.52 9.43
CA GLU F 429 51.85 -32.09 9.44
C GLU F 429 52.99 -31.27 8.82
N ALA F 430 54.22 -31.68 9.09
CA ALA F 430 55.39 -30.99 8.59
C ALA F 430 55.60 -31.23 7.10
N ASN F 431 55.27 -32.43 6.64
CA ASN F 431 55.44 -32.79 5.24
C ASN F 431 54.13 -32.89 4.48
N TYR F 432 53.17 -32.03 4.84
CA TYR F 432 51.86 -32.01 4.21
C TYR F 432 51.84 -31.06 3.02
N MET F 433 52.63 -29.99 3.12
CA MET F 433 52.72 -29.00 2.05
C MET F 433 53.59 -29.49 0.91
N ASN F 434 54.26 -30.63 1.12
CA ASN F 434 55.14 -31.20 0.11
C ASN F 434 54.52 -32.43 -0.56
N LEU F 435 53.27 -32.30 -0.98
CA LEU F 435 52.57 -33.41 -1.62
C LEU F 435 52.02 -33.00 -2.99
N GLN F 436 52.04 -33.95 -3.92
CA GLN F 436 51.53 -33.70 -5.27
C GLN F 436 50.30 -34.56 -5.57
N ARG F 437 50.38 -35.84 -5.22
CA ARG F 437 49.28 -36.77 -5.44
C ARG F 437 48.05 -36.36 -4.64
N SER F 438 46.90 -36.28 -5.30
CA SER F 438 45.66 -35.95 -4.64
C SER F 438 45.27 -37.05 -3.66
N TYR F 439 45.73 -38.26 -3.93
CA TYR F 439 45.46 -39.40 -3.05
C TYR F 439 46.17 -39.24 -1.72
N THR F 440 47.44 -38.86 -1.79
CA THR F 440 48.26 -38.68 -0.58
C THR F 440 47.71 -37.55 0.29
N VAL F 441 47.28 -36.47 -0.36
CA VAL F 441 46.73 -35.31 0.34
C VAL F 441 45.44 -35.68 1.06
N ALA F 442 44.63 -36.52 0.43
CA ALA F 442 43.35 -36.93 0.99
C ALA F 442 43.51 -37.88 2.17
N ILE F 443 44.29 -38.94 1.97
CA ILE F 443 44.49 -39.94 3.01
C ILE F 443 45.20 -39.36 4.23
N ALA F 444 46.00 -38.32 4.01
CA ALA F 444 46.72 -37.67 5.09
C ALA F 444 45.87 -36.60 5.77
N GLY F 445 44.95 -36.02 5.00
CA GLY F 445 44.07 -34.99 5.52
C GLY F 445 43.10 -35.51 6.56
N TYR F 446 42.59 -36.73 6.32
CA TYR F 446 41.64 -37.35 7.24
C TYR F 446 42.35 -37.84 8.50
N ALA F 447 43.63 -38.15 8.38
CA ALA F 447 44.42 -38.61 9.52
C ALA F 447 44.76 -37.45 10.45
N LEU F 448 44.70 -36.24 9.93
CA LEU F 448 44.98 -35.05 10.72
C LEU F 448 43.70 -34.35 11.16
N ALA F 449 42.62 -34.58 10.40
CA ALA F 449 41.33 -33.97 10.72
C ALA F 449 40.74 -34.58 11.99
N GLN F 450 41.03 -35.85 12.24
CA GLN F 450 40.53 -36.55 13.42
C GLN F 450 41.08 -35.91 14.70
N MET F 451 42.30 -35.39 14.61
CA MET F 451 42.93 -34.74 15.76
C MET F 451 42.56 -33.27 15.81
N GLY F 452 42.11 -32.73 14.68
CA GLY F 452 41.79 -31.32 14.56
C GLY F 452 43.03 -30.52 14.23
N ARG F 453 44.03 -31.20 13.66
CA ARG F 453 45.29 -30.56 13.31
C ARG F 453 45.39 -30.31 11.82
N LEU F 454 44.28 -29.91 11.21
CA LEU F 454 44.25 -29.61 9.79
C LEU F 454 43.76 -28.18 9.56
N LYS F 455 44.55 -27.21 9.97
CA LYS F 455 44.19 -25.81 9.84
C LYS F 455 45.23 -25.04 9.03
N GLY F 456 45.05 -23.73 8.94
CA GLY F 456 45.98 -22.87 8.21
C GLY F 456 46.18 -23.30 6.77
N PRO F 457 47.42 -23.18 6.28
CA PRO F 457 47.79 -23.54 4.91
C PRO F 457 47.44 -24.98 4.58
N LEU F 458 47.59 -25.87 5.55
CA LEU F 458 47.27 -27.28 5.35
C LEU F 458 45.81 -27.49 5.00
N LEU F 459 44.94 -26.72 5.64
CA LEU F 459 43.51 -26.81 5.38
C LEU F 459 43.17 -26.29 3.98
N ASN F 460 43.87 -25.24 3.57
CA ASN F 460 43.66 -24.65 2.26
C ASN F 460 44.10 -25.57 1.13
N LYS F 461 45.24 -26.23 1.31
CA LYS F 461 45.78 -27.14 0.30
C LYS F 461 44.82 -28.29 0.03
N PHE F 462 44.33 -28.92 1.08
CA PHE F 462 43.42 -30.06 0.95
C PHE F 462 42.18 -29.70 0.14
N LEU F 463 41.67 -28.49 0.33
CA LEU F 463 40.47 -28.04 -0.36
C LEU F 463 40.75 -27.71 -1.82
N THR F 464 41.88 -27.05 -2.08
CA THR F 464 42.23 -26.64 -3.43
C THR F 464 42.72 -27.80 -4.28
N THR F 465 43.05 -28.91 -3.62
CA THR F 465 43.52 -30.10 -4.31
C THR F 465 42.41 -30.71 -5.17
N ALA F 466 41.18 -30.67 -4.66
CA ALA F 466 40.04 -31.23 -5.36
C ALA F 466 39.81 -30.54 -6.72
N LYS F 467 39.66 -31.35 -7.76
CA LYS F 467 39.40 -30.83 -9.10
C LYS F 467 37.90 -30.62 -9.28
N ASP F 468 37.51 -29.43 -9.74
CA ASP F 468 36.11 -29.08 -9.89
C ASP F 468 35.40 -29.07 -8.52
N LYS F 469 36.20 -29.17 -7.46
CA LYS F 469 35.68 -29.14 -6.10
C LYS F 469 34.60 -30.19 -5.86
N ASN F 470 34.89 -31.43 -6.23
CA ASN F 470 33.96 -32.53 -6.03
C ASN F 470 34.62 -33.90 -6.16
N ARG F 471 35.94 -33.91 -6.35
CA ARG F 471 36.68 -35.14 -6.51
C ARG F 471 38.19 -34.96 -6.34
N TRP F 472 38.82 -35.92 -5.67
CA TRP F 472 40.27 -35.93 -5.54
C TRP F 472 40.86 -37.03 -6.44
N GLU F 473 41.09 -36.67 -7.70
CA GLU F 473 41.54 -37.65 -8.68
C GLU F 473 43.01 -37.48 -9.08
N ASP F 474 43.60 -38.56 -9.58
CA ASP F 474 44.97 -38.55 -10.08
C ASP F 474 45.05 -39.34 -11.38
N PRO F 475 45.89 -38.88 -12.31
CA PRO F 475 46.08 -39.54 -13.62
C PRO F 475 46.45 -41.01 -13.47
N GLY F 476 45.45 -41.88 -13.50
CA GLY F 476 45.68 -43.31 -13.36
C GLY F 476 44.37 -44.09 -13.27
N LYS F 477 44.35 -45.11 -12.43
CA LYS F 477 43.15 -45.93 -12.26
C LYS F 477 42.06 -45.14 -11.56
N GLN F 478 40.81 -45.54 -11.78
CA GLN F 478 39.67 -44.84 -11.19
C GLN F 478 39.37 -45.32 -9.77
N LEU F 479 39.74 -46.56 -9.47
CA LEU F 479 39.50 -47.13 -8.16
C LEU F 479 40.30 -46.41 -7.07
N TYR F 480 41.47 -45.89 -7.44
CA TYR F 480 42.29 -45.13 -6.51
C TYR F 480 41.69 -43.75 -6.26
N ASN F 481 41.04 -43.22 -7.28
CA ASN F 481 40.37 -41.92 -7.17
C ASN F 481 39.13 -42.00 -6.28
N VAL F 482 38.36 -43.06 -6.45
CA VAL F 482 37.17 -43.28 -5.63
C VAL F 482 37.56 -43.41 -4.16
N GLU F 483 38.66 -44.11 -3.91
CA GLU F 483 39.16 -44.29 -2.55
C GLU F 483 39.65 -42.96 -1.97
N ALA F 484 40.38 -42.20 -2.78
CA ALA F 484 40.90 -40.91 -2.37
C ALA F 484 39.78 -39.95 -2.01
N THR F 485 38.71 -39.97 -2.79
CA THR F 485 37.56 -39.12 -2.54
C THR F 485 36.83 -39.54 -1.27
N SER F 486 36.88 -40.83 -0.98
CA SER F 486 36.24 -41.36 0.23
C SER F 486 36.92 -40.83 1.48
N TYR F 487 38.24 -40.89 1.52
CA TYR F 487 39.01 -40.37 2.64
C TYR F 487 38.81 -38.86 2.78
N ALA F 488 38.69 -38.19 1.63
CA ALA F 488 38.47 -36.75 1.62
C ALA F 488 37.12 -36.39 2.20
N LEU F 489 36.12 -37.20 1.91
CA LEU F 489 34.77 -36.98 2.43
C LEU F 489 34.75 -37.10 3.95
N LEU F 490 35.37 -38.16 4.46
CA LEU F 490 35.44 -38.39 5.90
C LEU F 490 36.15 -37.24 6.60
N ALA F 491 37.14 -36.66 5.93
CA ALA F 491 37.89 -35.54 6.48
C ALA F 491 36.99 -34.32 6.64
N LEU F 492 36.21 -34.03 5.61
CA LEU F 492 35.28 -32.90 5.64
C LEU F 492 34.22 -33.09 6.72
N LEU F 493 33.80 -34.34 6.91
CA LEU F 493 32.79 -34.67 7.91
C LEU F 493 33.36 -34.56 9.32
N GLN F 494 34.66 -34.77 9.45
CA GLN F 494 35.33 -34.68 10.74
C GLN F 494 35.58 -33.22 11.13
N LEU F 495 35.75 -32.38 10.11
CA LEU F 495 35.97 -30.95 10.34
C LEU F 495 34.65 -30.19 10.32
N LYS F 496 33.57 -30.91 10.04
CA LYS F 496 32.23 -30.33 10.02
C LYS F 496 32.09 -29.23 8.98
N ASP F 497 32.47 -29.53 7.74
CA ASP F 497 32.34 -28.58 6.64
C ASP F 497 31.23 -29.04 5.69
N PHE F 498 29.99 -28.90 6.12
CA PHE F 498 28.84 -29.38 5.36
C PHE F 498 28.52 -28.47 4.16
N ASP F 499 29.38 -27.50 3.92
CA ASP F 499 29.19 -26.58 2.79
C ASP F 499 29.96 -27.07 1.57
N PHE F 500 30.88 -28.00 1.78
CA PHE F 500 31.70 -28.53 0.70
C PHE F 500 31.44 -30.02 0.52
N VAL F 501 30.50 -30.55 1.29
CA VAL F 501 30.18 -31.98 1.25
C VAL F 501 29.22 -32.37 0.12
N PRO F 502 28.10 -31.64 0.00
CA PRO F 502 27.10 -31.99 -1.03
C PRO F 502 27.69 -32.22 -2.42
N PRO F 503 28.55 -31.31 -2.91
CA PRO F 503 29.13 -31.52 -4.24
C PRO F 503 29.96 -32.79 -4.33
N VAL F 504 30.67 -33.11 -3.26
CA VAL F 504 31.52 -34.29 -3.22
C VAL F 504 30.71 -35.58 -3.25
N VAL F 505 29.71 -35.67 -2.38
CA VAL F 505 28.86 -36.85 -2.29
C VAL F 505 28.13 -37.11 -3.61
N ARG F 506 27.67 -36.04 -4.24
CA ARG F 506 26.96 -36.16 -5.52
C ARG F 506 27.83 -36.85 -6.57
N TRP F 507 29.12 -36.50 -6.58
CA TRP F 507 30.06 -37.08 -7.52
C TRP F 507 30.21 -38.58 -7.31
N LEU F 508 30.16 -39.00 -6.05
CA LEU F 508 30.31 -40.41 -5.69
C LEU F 508 29.14 -41.23 -6.20
N ASN F 509 27.92 -40.78 -5.91
CA ASN F 509 26.72 -41.50 -6.29
C ASN F 509 26.56 -41.62 -7.80
N GLU F 510 27.01 -40.60 -8.53
CA GLU F 510 26.92 -40.59 -9.98
C GLU F 510 27.87 -41.59 -10.62
N GLN F 511 28.93 -41.93 -9.89
CA GLN F 511 29.89 -42.92 -10.37
C GLN F 511 29.26 -44.30 -10.41
N ARG F 512 28.24 -44.50 -9.59
CA ARG F 512 27.52 -45.77 -9.52
C ARG F 512 28.46 -46.95 -9.33
N TYR F 513 29.34 -46.85 -8.35
CA TYR F 513 30.26 -47.92 -8.01
C TYR F 513 29.72 -48.73 -6.84
N TYR F 514 29.32 -49.97 -7.12
CA TYR F 514 28.69 -50.81 -6.12
C TYR F 514 29.68 -51.76 -5.44
N GLY F 515 30.95 -51.40 -5.49
CA GLY F 515 31.99 -52.23 -4.89
C GLY F 515 32.18 -53.54 -5.64
N GLY F 516 33.04 -54.40 -5.10
CA GLY F 516 33.32 -55.68 -5.72
C GLY F 516 34.19 -55.53 -6.95
N GLY F 517 34.98 -56.56 -7.24
CA GLY F 517 35.88 -56.53 -8.38
C GLY F 517 37.33 -56.71 -7.94
N TYR F 518 38.13 -57.34 -8.79
CA TYR F 518 39.53 -57.60 -8.46
C TYR F 518 40.23 -56.36 -7.90
N GLY F 519 40.80 -56.51 -6.71
CA GLY F 519 41.53 -55.42 -6.08
C GLY F 519 40.65 -54.24 -5.71
N SER F 520 39.48 -54.53 -5.15
CA SER F 520 38.55 -53.48 -4.74
C SER F 520 38.30 -53.52 -3.23
N THR F 521 39.30 -53.96 -2.49
CA THR F 521 39.18 -54.06 -1.03
C THR F 521 39.06 -52.68 -0.39
N GLN F 522 39.98 -51.79 -0.74
CA GLN F 522 39.99 -50.44 -0.19
C GLN F 522 38.91 -49.56 -0.83
N ALA F 523 38.72 -49.75 -2.13
CA ALA F 523 37.74 -48.95 -2.88
C ALA F 523 36.33 -49.18 -2.37
N THR F 524 36.04 -50.38 -1.90
CA THR F 524 34.71 -50.73 -1.43
C THR F 524 34.50 -50.38 0.04
N PHE F 525 35.48 -50.72 0.87
CA PHE F 525 35.38 -50.49 2.30
C PHE F 525 35.31 -49.01 2.65
N MET F 526 36.00 -48.18 1.86
CA MET F 526 36.07 -46.75 2.14
C MET F 526 34.91 -45.98 1.53
N VAL F 527 34.46 -46.40 0.36
CA VAL F 527 33.37 -45.70 -0.33
C VAL F 527 32.05 -45.86 0.40
N PHE F 528 31.91 -46.95 1.15
CA PHE F 528 30.68 -47.21 1.89
C PHE F 528 30.81 -46.75 3.35
N GLN F 529 32.05 -46.54 3.79
CA GLN F 529 32.29 -46.02 5.13
C GLN F 529 32.04 -44.52 5.16
N ALA F 530 32.28 -43.86 4.03
CA ALA F 530 32.08 -42.43 3.91
C ALA F 530 30.60 -42.10 3.71
N LEU F 531 29.93 -42.88 2.87
CA LEU F 531 28.52 -42.68 2.60
C LEU F 531 27.67 -43.07 3.81
N ALA F 532 28.16 -44.02 4.60
CA ALA F 532 27.48 -44.44 5.81
C ALA F 532 27.63 -43.38 6.90
N GLN F 533 28.86 -42.89 7.05
CA GLN F 533 29.14 -41.82 8.01
C GLN F 533 28.38 -40.57 7.61
N TYR F 534 28.24 -40.37 6.31
CA TYR F 534 27.50 -39.22 5.77
C TYR F 534 26.06 -39.21 6.27
N GLN F 535 25.57 -40.38 6.68
CA GLN F 535 24.21 -40.50 7.18
C GLN F 535 24.12 -40.24 8.68
N LYS F 536 25.18 -40.62 9.40
CA LYS F 536 25.22 -40.40 10.85
C LYS F 536 25.43 -38.92 11.18
N ASP F 537 26.34 -38.28 10.47
CA ASP F 537 26.64 -36.87 10.69
C ASP F 537 25.67 -35.97 9.93
N ALA F 538 24.66 -36.58 9.32
CA ALA F 538 23.67 -35.83 8.56
C ALA F 538 22.81 -34.94 9.47
N PRO F 539 22.66 -33.66 9.08
CA PRO F 539 21.91 -32.67 9.85
C PRO F 539 20.41 -32.74 9.62
N ASP F 540 20.00 -32.58 8.37
CA ASP F 540 18.58 -32.50 7.99
C ASP F 540 18.09 -31.04 8.00
N HIS F 541 19.01 -30.11 8.22
CA HIS F 541 18.69 -28.69 8.29
C HIS F 541 17.65 -28.38 9.36
N GLN F 542 18.10 -27.78 10.45
CA GLN F 542 17.23 -27.41 11.55
C GLN F 542 17.91 -26.34 12.41
N GLU F 543 17.86 -26.52 13.74
CA GLU F 543 18.45 -25.59 14.71
C GLU F 543 17.42 -24.64 15.32
N LEU F 544 16.17 -25.09 15.37
CA LEU F 544 15.09 -24.29 15.94
C LEU F 544 15.31 -24.04 17.42
N ASN F 545 16.24 -23.14 17.72
CA ASN F 545 16.56 -22.80 19.08
C ASN F 545 16.19 -21.36 19.36
N LEU F 546 14.91 -21.05 19.21
CA LEU F 546 14.41 -19.70 19.41
C LEU F 546 13.98 -19.47 20.85
N ASP F 547 14.40 -18.35 21.42
CA ASP F 547 14.03 -17.98 22.78
C ASP F 547 13.34 -16.63 22.78
N VAL F 548 12.03 -16.64 22.53
CA VAL F 548 11.26 -15.40 22.43
C VAL F 548 10.77 -14.92 23.79
N SER F 549 10.90 -13.62 24.03
CA SER F 549 10.45 -13.02 25.27
C SER F 549 9.40 -11.94 24.99
N LEU F 550 8.46 -11.79 25.92
CA LEU F 550 7.38 -10.82 25.77
C LEU F 550 7.30 -9.88 26.97
N GLN F 551 7.36 -8.58 26.70
CA GLN F 551 7.25 -7.59 27.77
C GLN F 551 6.07 -6.65 27.56
N LEU F 552 4.92 -7.03 28.10
CA LEU F 552 3.72 -6.20 28.02
C LEU F 552 3.58 -5.34 29.27
N PRO F 553 2.85 -4.22 29.16
CA PRO F 553 2.63 -3.29 30.28
C PRO F 553 2.15 -3.98 31.55
N SER F 554 1.58 -5.18 31.41
CA SER F 554 1.17 -5.97 32.57
C SER F 554 2.38 -6.18 33.48
N ARG F 555 3.56 -5.97 32.90
CA ARG F 555 4.83 -6.01 33.61
C ARG F 555 4.70 -6.12 35.13
N SER F 556 4.45 -7.32 35.62
CA SER F 556 4.42 -7.57 37.06
C SER F 556 5.30 -8.76 37.36
N SER F 557 5.58 -9.54 36.32
CA SER F 557 6.48 -10.68 36.42
C SER F 557 7.41 -10.70 35.22
N LYS F 558 7.18 -11.65 34.32
CA LYS F 558 7.96 -11.77 33.09
C LYS F 558 7.36 -12.83 32.18
N ILE F 559 7.88 -12.93 30.97
CA ILE F 559 7.39 -13.91 30.00
C ILE F 559 8.51 -14.43 29.11
N THR F 560 8.56 -15.75 28.95
CA THR F 560 9.58 -16.38 28.13
C THR F 560 9.14 -17.77 27.65
N HIS F 561 8.98 -17.91 26.34
CA HIS F 561 8.63 -19.19 25.75
C HIS F 561 9.70 -19.64 24.75
N ARG F 562 10.10 -20.90 24.85
CA ARG F 562 11.15 -21.43 23.99
C ARG F 562 10.62 -22.42 22.96
N ILE F 563 10.96 -22.18 21.70
CA ILE F 563 10.53 -23.04 20.60
C ILE F 563 11.67 -23.92 20.10
N HIS F 564 11.90 -25.04 20.78
CA HIS F 564 12.94 -25.98 20.36
C HIS F 564 12.42 -26.92 19.28
N TRP F 565 13.30 -27.75 18.72
CA TRP F 565 12.97 -28.66 17.64
C TRP F 565 11.71 -29.50 17.94
N GLU F 566 11.88 -30.82 18.06
CA GLU F 566 10.78 -31.73 18.34
C GLU F 566 9.41 -31.05 18.42
N SER F 567 9.12 -30.40 19.53
CA SER F 567 7.88 -29.65 19.70
C SER F 567 7.73 -28.56 18.62
N ALA F 568 8.64 -27.59 18.63
CA ALA F 568 8.70 -26.53 17.61
C ALA F 568 7.35 -26.02 17.12
N SER F 569 6.84 -26.68 16.09
CA SER F 569 5.55 -26.35 15.47
C SER F 569 4.50 -25.95 16.50
N LEU F 570 4.63 -26.51 17.71
CA LEU F 570 3.74 -26.17 18.81
C LEU F 570 3.43 -24.68 18.82
N LEU F 571 2.17 -24.34 18.60
CA LEU F 571 1.76 -22.94 18.54
C LEU F 571 1.48 -22.38 19.92
N ARG F 572 2.45 -21.66 20.47
CA ARG F 572 2.30 -21.04 21.78
C ARG F 572 1.60 -19.69 21.64
N SER F 573 0.58 -19.48 22.47
CA SER F 573 -0.23 -18.27 22.38
C SER F 573 -0.41 -17.60 23.73
N GLU F 574 -0.64 -16.29 23.71
CA GLU F 574 -0.91 -15.52 24.92
C GLU F 574 -2.06 -14.55 24.70
N GLU F 575 -2.89 -14.38 25.72
CA GLU F 575 -4.07 -13.53 25.60
C GLU F 575 -4.10 -12.44 26.67
N THR F 576 -4.50 -11.24 26.26
CA THR F 576 -4.64 -10.11 27.18
C THR F 576 -5.94 -9.36 26.93
N LYS F 577 -6.77 -9.26 27.96
CA LYS F 577 -8.07 -8.61 27.82
C LYS F 577 -7.95 -7.10 27.68
N GLU F 578 -6.72 -6.61 27.62
CA GLU F 578 -6.47 -5.17 27.46
C GLU F 578 -5.59 -4.89 26.25
N ASN F 579 -5.92 -3.83 25.53
CA ASN F 579 -5.16 -3.45 24.36
C ASN F 579 -3.92 -2.63 24.71
N GLU F 580 -2.76 -3.28 24.67
CA GLU F 580 -1.51 -2.63 25.06
C GLU F 580 -0.51 -2.57 23.91
N GLY F 581 0.50 -1.71 24.06
CA GLY F 581 1.58 -1.63 23.10
C GLY F 581 2.86 -2.21 23.68
N PHE F 582 3.21 -3.41 23.23
CA PHE F 582 4.34 -4.13 23.80
C PHE F 582 5.48 -4.32 22.81
N THR F 583 6.53 -5.00 23.26
CA THR F 583 7.71 -5.25 22.43
C THR F 583 8.16 -6.71 22.55
N VAL F 584 8.51 -7.30 21.42
CA VAL F 584 8.94 -8.70 21.39
C VAL F 584 10.43 -8.81 21.11
N THR F 585 11.09 -9.72 21.82
CA THR F 585 12.53 -9.94 21.65
C THR F 585 12.85 -11.41 21.41
N ALA F 586 13.33 -11.71 20.21
CA ALA F 586 13.71 -13.07 19.86
C ALA F 586 15.21 -13.29 20.00
N GLU F 587 15.63 -14.54 20.04
CA GLU F 587 17.04 -14.88 20.18
C GLU F 587 17.31 -16.34 19.82
N GLY F 588 18.44 -16.59 19.19
CA GLY F 588 18.84 -17.93 18.83
C GLY F 588 18.70 -18.23 17.34
N LYS F 589 18.94 -19.48 16.97
CA LYS F 589 18.85 -19.90 15.57
C LYS F 589 17.42 -20.29 15.21
N GLY F 590 17.16 -20.42 13.92
CA GLY F 590 15.85 -20.82 13.44
C GLY F 590 15.04 -19.67 12.88
N GLN F 591 13.99 -20.00 12.14
CA GLN F 591 13.12 -18.99 11.53
C GLN F 591 11.66 -19.28 11.87
N GLY F 592 10.95 -18.25 12.36
CA GLY F 592 9.57 -18.41 12.76
C GLY F 592 8.67 -17.29 12.28
N THR F 593 7.40 -17.35 12.69
CA THR F 593 6.41 -16.35 12.28
C THR F 593 5.63 -15.85 13.49
N LEU F 594 5.37 -14.54 13.51
CA LEU F 594 4.61 -13.93 14.60
C LEU F 594 3.36 -13.22 14.09
N SER F 595 2.20 -13.73 14.44
CA SER F 595 0.94 -13.15 14.00
C SER F 595 0.05 -12.76 15.19
N VAL F 596 -0.27 -11.47 15.28
CA VAL F 596 -1.11 -10.96 16.36
C VAL F 596 -2.44 -10.45 15.83
N VAL F 597 -3.53 -10.95 16.40
CA VAL F 597 -4.87 -10.57 15.97
C VAL F 597 -5.76 -10.19 17.15
N THR F 598 -6.52 -9.12 17.01
CA THR F 598 -7.44 -8.67 18.05
C THR F 598 -8.89 -8.94 17.69
N MET F 599 -9.71 -9.17 18.70
CA MET F 599 -11.14 -9.42 18.49
C MET F 599 -11.96 -8.49 19.38
N TYR F 600 -12.87 -7.73 18.79
CA TYR F 600 -13.65 -6.74 19.52
C TYR F 600 -15.00 -6.49 18.89
N HIS F 601 -15.78 -5.59 19.50
CA HIS F 601 -17.07 -5.19 18.97
C HIS F 601 -16.95 -3.85 18.24
N ALA F 602 -16.90 -3.90 16.92
CA ALA F 602 -16.79 -2.70 16.10
C ALA F 602 -18.10 -1.93 16.06
N LYS F 603 -18.04 -0.66 15.70
CA LYS F 603 -19.22 0.18 15.63
C LYS F 603 -19.90 0.06 14.27
N ALA F 604 -21.02 -0.65 14.22
CA ALA F 604 -21.85 -0.65 13.03
C ALA F 604 -22.60 0.69 13.00
N LYS F 605 -22.39 1.53 11.96
CA LYS F 605 -23.05 2.84 11.84
C LYS F 605 -24.55 2.71 11.67
N ASP F 606 -25.19 2.04 12.62
CA ASP F 606 -26.62 1.83 12.60
C ASP F 606 -27.05 1.21 11.28
N GLN F 607 -26.16 0.41 10.70
CA GLN F 607 -26.44 -0.22 9.42
C GLN F 607 -27.83 -0.82 9.40
N LEU F 608 -28.51 -0.71 8.26
CA LEU F 608 -29.86 -1.22 8.11
C LEU F 608 -29.99 -2.59 8.76
N THR F 609 -30.75 -2.67 9.85
CA THR F 609 -30.95 -3.95 10.53
C THR F 609 -31.92 -4.84 9.77
N CYS F 610 -32.61 -4.25 8.81
CA CYS F 610 -33.56 -5.00 7.98
C CYS F 610 -32.91 -5.46 6.69
N ASN F 611 -32.39 -4.51 5.92
CA ASN F 611 -31.79 -4.77 4.61
C ASN F 611 -32.20 -6.10 3.97
N LYS F 612 -33.12 -6.00 3.01
CA LYS F 612 -33.73 -7.15 2.31
C LYS F 612 -35.23 -7.15 2.54
N PHE F 613 -35.70 -6.27 3.41
CA PHE F 613 -37.12 -6.14 3.70
C PHE F 613 -37.51 -4.77 4.23
N ASP F 614 -38.48 -4.15 3.56
CA ASP F 614 -39.07 -2.90 4.04
C ASP F 614 -40.46 -3.17 4.57
N LEU F 615 -40.89 -2.40 5.56
CA LEU F 615 -42.18 -2.63 6.19
C LEU F 615 -42.79 -1.37 6.80
N LYS F 616 -43.98 -1.00 6.33
CA LYS F 616 -44.72 0.11 6.90
C LYS F 616 -46.10 -0.35 7.35
N VAL F 617 -46.38 -0.20 8.65
CA VAL F 617 -47.66 -0.60 9.21
C VAL F 617 -48.49 0.61 9.59
N THR F 618 -49.75 0.63 9.15
CA THR F 618 -50.63 1.74 9.42
C THR F 618 -51.94 1.29 10.08
N ILE F 619 -52.43 2.09 11.02
CA ILE F 619 -53.68 1.79 11.70
C ILE F 619 -54.63 2.99 11.65
N LYS F 620 -55.75 2.82 10.94
CA LYS F 620 -56.71 3.90 10.77
C LYS F 620 -58.11 3.48 11.21
N PRO F 621 -58.91 4.44 11.71
CA PRO F 621 -60.30 4.18 12.09
C PRO F 621 -61.14 3.78 10.88
N ALA F 622 -62.11 2.90 11.10
CA ALA F 622 -62.99 2.44 10.02
C ALA F 622 -64.02 3.51 9.64
N PRO F 623 -64.51 3.46 8.40
CA PRO F 623 -65.51 4.40 7.90
C PRO F 623 -66.75 4.43 8.80
N LYS F 633 -67.05 -2.75 17.58
CA LYS F 633 -67.39 -1.41 18.08
C LYS F 633 -66.54 -0.35 17.40
N ASN F 634 -65.36 -0.08 17.96
CA ASN F 634 -64.45 0.91 17.40
C ASN F 634 -64.03 0.55 15.98
N THR F 635 -63.81 -0.74 15.76
CA THR F 635 -63.41 -1.28 14.46
C THR F 635 -62.43 -0.39 13.67
N MET F 636 -61.19 -0.86 13.55
CA MET F 636 -60.18 -0.12 12.80
C MET F 636 -59.67 -0.94 11.61
N ILE F 637 -58.77 -0.35 10.84
CA ILE F 637 -58.22 -1.01 9.66
C ILE F 637 -56.70 -1.16 9.77
N LEU F 638 -56.21 -2.38 9.53
CA LEU F 638 -54.79 -2.65 9.59
C LEU F 638 -54.22 -2.88 8.18
N GLU F 639 -53.35 -1.98 7.75
CA GLU F 639 -52.74 -2.07 6.43
C GLU F 639 -51.26 -2.40 6.53
N ILE F 640 -50.82 -3.41 5.78
CA ILE F 640 -49.43 -3.84 5.81
C ILE F 640 -48.79 -3.78 4.43
N CYS F 641 -47.68 -3.07 4.32
CA CYS F 641 -46.95 -2.96 3.06
C CYS F 641 -45.49 -3.38 3.24
N THR F 642 -45.01 -4.20 2.32
CA THR F 642 -43.64 -4.72 2.40
C THR F 642 -42.99 -4.85 1.03
N ARG F 643 -41.66 -4.87 1.01
CA ARG F 643 -40.91 -5.02 -0.23
C ARG F 643 -39.54 -5.64 0.04
N TYR F 644 -39.10 -6.51 -0.87
CA TYR F 644 -37.82 -7.19 -0.73
C TYR F 644 -36.70 -6.36 -1.35
N ARG F 645 -35.64 -6.13 -0.57
CA ARG F 645 -34.51 -5.34 -1.04
C ARG F 645 -33.50 -6.19 -1.83
N GLY F 646 -34.01 -7.12 -2.63
CA GLY F 646 -33.16 -7.97 -3.44
C GLY F 646 -33.37 -7.74 -4.92
N ASP F 647 -32.61 -8.44 -5.74
CA ASP F 647 -32.73 -8.33 -7.19
C ASP F 647 -33.82 -9.27 -7.71
N GLN F 648 -34.09 -10.32 -6.95
CA GLN F 648 -35.11 -11.30 -7.33
C GLN F 648 -36.30 -11.23 -6.40
N ASP F 649 -37.47 -11.60 -6.90
CA ASP F 649 -38.67 -11.65 -6.08
C ASP F 649 -38.52 -12.73 -5.02
N ALA F 650 -38.39 -12.31 -3.76
CA ALA F 650 -38.25 -13.24 -2.66
C ALA F 650 -39.31 -14.33 -2.73
N THR F 651 -38.91 -15.56 -2.41
CA THR F 651 -39.80 -16.71 -2.51
C THR F 651 -40.90 -16.66 -1.46
N MET F 652 -41.15 -17.81 -0.82
CA MET F 652 -42.23 -17.94 0.14
C MET F 652 -41.85 -17.36 1.50
N SER F 653 -42.55 -16.29 1.89
CA SER F 653 -42.28 -15.62 3.16
C SER F 653 -43.43 -15.80 4.15
N ILE F 654 -43.28 -15.21 5.33
CA ILE F 654 -44.29 -15.35 6.38
C ILE F 654 -44.65 -14.00 7.00
N LEU F 655 -45.94 -13.82 7.29
CA LEU F 655 -46.42 -12.61 7.96
C LEU F 655 -46.90 -12.93 9.38
N ASP F 656 -46.06 -12.59 10.36
CA ASP F 656 -46.41 -12.82 11.76
C ASP F 656 -47.05 -11.57 12.36
N ILE F 657 -48.34 -11.66 12.65
CA ILE F 657 -49.09 -10.51 13.16
C ILE F 657 -49.53 -10.70 14.61
N SER F 658 -49.41 -9.64 15.40
CA SER F 658 -49.85 -9.66 16.78
C SER F 658 -50.86 -8.54 17.03
N MET F 659 -52.10 -8.91 17.34
CA MET F 659 -53.16 -7.94 17.53
C MET F 659 -52.96 -7.09 18.78
N MET F 660 -53.67 -5.96 18.84
CA MET F 660 -53.65 -5.10 20.01
C MET F 660 -54.63 -5.65 21.04
N THR F 661 -54.10 -6.05 22.20
CA THR F 661 -54.91 -6.68 23.25
C THR F 661 -56.35 -6.18 23.27
N GLY F 662 -57.26 -7.00 22.75
CA GLY F 662 -58.67 -6.65 22.69
C GLY F 662 -59.16 -6.44 21.27
N PHE F 663 -58.41 -6.97 20.31
CA PHE F 663 -58.78 -6.85 18.90
C PHE F 663 -58.63 -8.16 18.15
N ALA F 664 -59.61 -8.47 17.31
CA ALA F 664 -59.59 -9.70 16.52
C ALA F 664 -59.90 -9.42 15.06
N PRO F 665 -59.13 -10.04 14.15
CA PRO F 665 -59.30 -9.87 12.71
C PRO F 665 -60.69 -10.28 12.24
N ASP F 666 -61.23 -9.55 11.27
CA ASP F 666 -62.54 -9.86 10.72
C ASP F 666 -62.49 -11.19 9.96
N THR F 667 -63.36 -12.12 10.35
CA THR F 667 -63.40 -13.44 9.73
C THR F 667 -63.58 -13.34 8.22
N ASP F 668 -64.56 -12.56 7.79
CA ASP F 668 -64.87 -12.41 6.37
C ASP F 668 -63.67 -11.91 5.57
N ASP F 669 -62.96 -10.92 6.12
CA ASP F 669 -61.80 -10.35 5.46
C ASP F 669 -60.68 -11.38 5.29
N LEU F 670 -60.58 -12.30 6.25
CA LEU F 670 -59.56 -13.34 6.19
C LEU F 670 -59.82 -14.32 5.05
N LYS F 671 -61.09 -14.65 4.83
CA LYS F 671 -61.47 -15.52 3.72
C LYS F 671 -61.06 -14.91 2.39
N GLN F 672 -61.24 -13.60 2.27
CA GLN F 672 -60.92 -12.88 1.04
C GLN F 672 -59.43 -12.98 0.72
N LEU F 673 -58.60 -12.67 1.72
CA LEU F 673 -57.15 -12.71 1.54
C LEU F 673 -56.65 -14.15 1.36
N ALA F 674 -57.40 -15.10 1.90
CA ALA F 674 -57.03 -16.50 1.81
C ALA F 674 -57.28 -17.06 0.41
N ASN F 675 -58.49 -16.83 -0.11
CA ASN F 675 -58.85 -17.31 -1.43
C ASN F 675 -57.97 -16.73 -2.53
N GLY F 676 -57.44 -15.52 -2.28
CA GLY F 676 -56.57 -14.87 -3.23
C GLY F 676 -55.27 -15.63 -3.45
N VAL F 677 -54.82 -15.65 -4.71
CA VAL F 677 -53.59 -16.34 -5.05
C VAL F 677 -52.38 -15.65 -4.43
N ASP F 678 -51.28 -16.38 -4.29
CA ASP F 678 -50.04 -15.86 -3.72
C ASP F 678 -50.17 -15.59 -2.21
N ARG F 679 -51.34 -15.90 -1.66
CA ARG F 679 -51.56 -15.79 -0.22
C ARG F 679 -52.20 -17.06 0.32
N TYR F 680 -51.91 -17.37 1.59
CA TYR F 680 -52.44 -18.58 2.20
C TYR F 680 -52.60 -18.45 3.71
N ILE F 681 -53.75 -18.90 4.21
CA ILE F 681 -54.01 -18.93 5.63
C ILE F 681 -54.61 -20.29 6.01
N SER F 682 -53.84 -21.08 6.76
CA SER F 682 -54.25 -22.43 7.12
C SER F 682 -55.65 -22.49 7.71
N LYS F 683 -56.38 -23.56 7.40
CA LYS F 683 -57.72 -23.77 7.91
C LYS F 683 -57.74 -23.69 9.44
N TYR F 684 -56.63 -24.10 10.05
CA TYR F 684 -56.49 -24.08 11.50
C TYR F 684 -56.67 -22.66 12.04
N GLU F 685 -56.21 -21.68 11.28
CA GLU F 685 -56.26 -20.29 11.69
C GLU F 685 -57.63 -19.67 11.42
N LEU F 686 -58.35 -20.25 10.46
CA LEU F 686 -59.66 -19.74 10.06
C LEU F 686 -60.70 -19.85 11.18
N ASP F 687 -61.14 -21.06 11.47
CA ASP F 687 -62.21 -21.29 12.43
C ASP F 687 -61.76 -21.12 13.88
N LYS F 688 -61.38 -19.90 14.24
CA LYS F 688 -60.97 -19.60 15.60
C LYS F 688 -61.92 -18.59 16.26
N ALA F 689 -62.61 -17.82 15.42
CA ALA F 689 -63.54 -16.79 15.89
C ALA F 689 -62.82 -15.66 16.62
N PHE F 690 -63.51 -14.54 16.77
CA PHE F 690 -62.91 -13.35 17.39
C PHE F 690 -62.14 -13.66 18.67
N SER F 691 -62.67 -14.58 19.47
CA SER F 691 -62.09 -14.91 20.77
C SER F 691 -60.58 -15.17 20.70
N ASP F 692 -60.20 -16.42 20.50
CA ASP F 692 -58.80 -16.80 20.49
C ASP F 692 -58.17 -16.70 19.11
N ARG F 693 -57.66 -15.51 18.78
CA ARG F 693 -56.95 -15.29 17.52
C ARG F 693 -56.05 -14.06 17.62
N ASN F 694 -55.52 -13.80 18.82
CA ASN F 694 -54.67 -12.64 19.04
C ASN F 694 -53.41 -12.66 18.16
N THR F 695 -52.99 -13.87 17.77
CA THR F 695 -51.84 -14.02 16.89
C THR F 695 -52.26 -14.56 15.53
N LEU F 696 -51.81 -13.91 14.47
CA LEU F 696 -52.18 -14.31 13.11
C LEU F 696 -50.94 -14.62 12.27
N ILE F 697 -51.08 -15.55 11.34
CA ILE F 697 -49.98 -15.91 10.45
C ILE F 697 -50.45 -15.99 9.00
N ILE F 698 -50.00 -15.03 8.19
CA ILE F 698 -50.37 -14.98 6.78
C ILE F 698 -49.19 -15.37 5.89
N TYR F 699 -49.24 -16.58 5.36
CA TYR F 699 -48.16 -17.08 4.50
C TYR F 699 -48.23 -16.46 3.11
N LEU F 700 -47.11 -15.89 2.67
CA LEU F 700 -47.04 -15.29 1.34
C LEU F 700 -46.21 -16.16 0.40
N ASP F 701 -46.66 -16.28 -0.84
CA ASP F 701 -45.94 -17.07 -1.85
C ASP F 701 -44.78 -16.28 -2.44
N LYS F 702 -44.86 -14.96 -2.35
CA LYS F 702 -43.83 -14.09 -2.90
C LYS F 702 -44.01 -12.63 -2.48
N VAL F 703 -42.94 -11.86 -2.56
CA VAL F 703 -42.99 -10.42 -2.30
C VAL F 703 -42.13 -9.67 -3.31
N SER F 704 -42.76 -8.72 -4.01
CA SER F 704 -42.08 -7.98 -5.06
C SER F 704 -40.86 -7.22 -4.54
N HIS F 705 -39.89 -6.98 -5.42
CA HIS F 705 -38.69 -6.25 -5.06
C HIS F 705 -38.68 -4.87 -5.71
N SER F 706 -39.59 -4.66 -6.65
CA SER F 706 -39.70 -3.37 -7.33
C SER F 706 -40.59 -2.43 -6.54
N GLU F 707 -41.87 -2.77 -6.43
CA GLU F 707 -42.83 -1.99 -5.65
C GLU F 707 -43.26 -2.71 -4.39
N ASP F 708 -44.25 -2.16 -3.69
CA ASP F 708 -44.68 -2.72 -2.42
C ASP F 708 -45.97 -3.53 -2.56
N ASP F 709 -45.95 -4.75 -2.02
CA ASP F 709 -47.14 -5.59 -1.97
C ASP F 709 -47.92 -5.31 -0.70
N CYS F 710 -49.06 -4.63 -0.82
CA CYS F 710 -49.83 -4.21 0.34
C CYS F 710 -51.15 -4.95 0.47
N LEU F 711 -51.50 -5.30 1.71
CA LEU F 711 -52.78 -5.92 2.01
C LEU F 711 -53.39 -5.27 3.25
N ALA F 712 -54.70 -5.42 3.43
CA ALA F 712 -55.39 -4.82 4.55
C ALA F 712 -56.62 -5.60 4.96
N PHE F 713 -56.89 -5.63 6.27
CA PHE F 713 -58.07 -6.32 6.80
C PHE F 713 -58.65 -5.57 8.00
N LYS F 714 -59.93 -5.78 8.26
CA LYS F 714 -60.62 -5.09 9.35
C LYS F 714 -60.42 -5.78 10.68
N VAL F 715 -60.40 -5.00 11.75
CA VAL F 715 -60.28 -5.54 13.10
C VAL F 715 -61.31 -4.91 14.03
N HIS F 716 -61.85 -5.71 14.94
CA HIS F 716 -62.90 -5.23 15.84
C HIS F 716 -62.46 -5.33 17.30
N GLN F 717 -62.95 -4.41 18.13
CA GLN F 717 -62.66 -4.43 19.55
C GLN F 717 -63.77 -5.16 20.30
N TYR F 718 -63.38 -6.11 21.15
CA TYR F 718 -64.34 -6.96 21.83
C TYR F 718 -64.05 -7.08 23.33
N PHE F 719 -63.00 -6.41 23.79
CA PHE F 719 -62.54 -6.60 25.16
C PHE F 719 -62.51 -5.32 25.98
N ASN F 720 -62.27 -4.20 25.32
CA ASN F 720 -62.20 -2.88 25.98
C ASN F 720 -61.42 -2.88 27.29
N VAL F 721 -60.20 -2.37 27.26
CA VAL F 721 -59.40 -2.22 28.46
C VAL F 721 -58.41 -1.07 28.31
N GLU F 722 -58.43 -0.15 29.27
CA GLU F 722 -57.56 1.02 29.23
C GLU F 722 -56.10 0.61 29.02
N LEU F 723 -55.35 1.46 28.33
CA LEU F 723 -53.95 1.18 28.02
C LEU F 723 -53.81 -0.13 27.24
N ILE F 724 -53.99 -0.05 25.92
CA ILE F 724 -53.86 -1.23 25.07
C ILE F 724 -52.41 -1.43 24.64
N GLN F 725 -52.03 -2.68 24.42
CA GLN F 725 -50.66 -3.02 24.05
C GLN F 725 -50.45 -2.89 22.54
N PRO F 726 -49.41 -2.16 22.14
CA PRO F 726 -49.09 -1.94 20.73
C PRO F 726 -48.88 -3.25 19.98
N GLY F 727 -49.50 -3.36 18.80
CA GLY F 727 -49.36 -4.56 17.99
C GLY F 727 -48.01 -4.63 17.31
N ALA F 728 -47.81 -5.67 16.49
CA ALA F 728 -46.54 -5.86 15.80
C ALA F 728 -46.70 -6.79 14.60
N VAL F 729 -45.94 -6.51 13.54
CA VAL F 729 -45.94 -7.33 12.34
C VAL F 729 -44.51 -7.66 11.94
N LYS F 730 -44.25 -8.95 11.70
CA LYS F 730 -42.91 -9.41 11.36
C LYS F 730 -42.87 -10.09 10.00
N VAL F 731 -41.86 -9.74 9.21
CA VAL F 731 -41.68 -10.33 7.88
C VAL F 731 -40.31 -10.98 7.76
N TYR F 732 -40.27 -12.13 7.08
CA TYR F 732 -39.02 -12.86 6.89
C TYR F 732 -39.19 -14.04 5.95
N ALA F 733 -38.09 -14.45 5.32
CA ALA F 733 -38.11 -15.61 4.43
C ALA F 733 -38.15 -16.90 5.24
N TYR F 734 -38.56 -17.98 4.59
CA TYR F 734 -38.69 -19.27 5.27
C TYR F 734 -37.33 -19.91 5.52
N TYR F 735 -36.33 -19.49 4.76
CA TYR F 735 -35.00 -20.09 4.84
C TYR F 735 -34.06 -19.29 5.76
N ASN F 736 -34.48 -18.09 6.13
CA ASN F 736 -33.66 -17.24 6.97
C ASN F 736 -34.49 -16.43 7.97
N LEU F 737 -34.20 -16.62 9.25
CA LEU F 737 -34.94 -15.92 10.31
C LEU F 737 -34.20 -14.65 10.75
N GLU F 738 -32.88 -14.68 10.67
CA GLU F 738 -32.06 -13.55 11.08
C GLU F 738 -32.44 -12.27 10.33
N GLU F 739 -32.52 -12.36 9.00
CA GLU F 739 -32.84 -11.21 8.18
C GLU F 739 -34.33 -10.89 8.18
N SER F 740 -34.84 -10.51 9.34
CA SER F 740 -36.25 -10.17 9.47
C SER F 740 -36.44 -8.71 9.86
N CYS F 741 -37.61 -8.17 9.56
CA CYS F 741 -37.92 -6.78 9.89
C CYS F 741 -39.28 -6.70 10.59
N THR F 742 -39.33 -5.98 11.70
CA THR F 742 -40.54 -5.90 12.51
C THR F 742 -40.97 -4.46 12.80
N ARG F 743 -42.24 -4.16 12.51
CA ARG F 743 -42.81 -2.85 12.81
C ARG F 743 -43.96 -2.98 13.80
N PHE F 744 -44.26 -1.89 14.50
CA PHE F 744 -45.36 -1.88 15.46
C PHE F 744 -46.42 -0.87 15.03
N TYR F 745 -47.57 -0.90 15.71
CA TYR F 745 -48.65 0.03 15.40
C TYR F 745 -49.54 0.30 16.62
N HIS F 746 -49.83 1.57 16.84
CA HIS F 746 -50.68 1.99 17.95
C HIS F 746 -51.56 3.17 17.54
N PRO F 747 -52.84 3.13 17.93
CA PRO F 747 -53.82 4.17 17.59
C PRO F 747 -53.38 5.56 18.03
N GLU F 748 -52.45 5.63 18.98
CA GLU F 748 -52.00 6.91 19.51
C GLU F 748 -50.49 7.09 19.33
N LYS F 749 -49.71 6.28 20.02
CA LYS F 749 -48.26 6.38 20.00
C LYS F 749 -47.70 6.40 18.58
N GLU F 750 -46.52 6.99 18.44
CA GLU F 750 -45.88 7.18 17.13
C GLU F 750 -46.08 5.98 16.20
N ASP F 751 -45.27 4.95 16.39
CA ASP F 751 -45.36 3.75 15.57
C ASP F 751 -45.20 2.49 16.41
N GLY F 752 -45.81 2.49 17.58
CA GLY F 752 -45.73 1.37 18.49
C GLY F 752 -44.67 1.56 19.56
N LYS F 753 -43.59 2.24 19.18
CA LYS F 753 -42.51 2.54 20.12
C LYS F 753 -43.03 3.26 21.36
N LEU F 754 -42.78 2.66 22.52
CA LEU F 754 -43.23 3.25 23.78
C LEU F 754 -42.60 4.63 23.99
N ASN F 755 -43.32 5.49 24.70
CA ASN F 755 -42.90 6.87 24.91
C ASN F 755 -41.88 6.99 26.04
N LYS F 756 -40.78 6.26 25.92
CA LYS F 756 -39.75 6.24 26.95
C LYS F 756 -38.85 7.47 26.87
N LEU F 757 -38.64 8.12 28.02
CA LEU F 757 -37.74 9.27 28.10
C LEU F 757 -36.29 8.80 28.08
N CYS F 758 -35.48 9.43 27.24
CA CYS F 758 -34.08 9.02 27.11
C CYS F 758 -33.19 10.12 26.55
N ARG F 759 -31.97 10.21 27.07
CA ARG F 759 -30.97 11.13 26.58
C ARG F 759 -29.61 10.43 26.54
N ASP F 760 -28.71 10.91 25.69
CA ASP F 760 -27.40 10.28 25.51
C ASP F 760 -27.56 8.79 25.20
N GLU F 761 -27.43 7.95 26.21
CA GLU F 761 -27.61 6.52 26.06
C GLU F 761 -28.36 5.90 27.23
N LEU F 762 -28.61 6.70 28.26
CA LEU F 762 -29.36 6.24 29.42
C LEU F 762 -30.83 6.63 29.31
N CYS F 763 -31.70 5.64 29.48
CA CYS F 763 -33.14 5.87 29.34
C CYS F 763 -33.89 5.45 30.61
N ARG F 764 -35.19 5.73 30.62
CA ARG F 764 -36.05 5.36 31.74
C ARG F 764 -37.49 5.24 31.28
N CYS F 765 -38.11 4.09 31.56
CA CYS F 765 -39.49 3.84 31.14
C CYS F 765 -40.43 4.96 31.56
N ALA F 766 -41.15 5.53 30.59
CA ALA F 766 -42.06 6.62 30.86
C ALA F 766 -43.50 6.28 30.49
N GLU F 767 -43.81 4.99 30.45
CA GLU F 767 -45.16 4.54 30.17
C GLU F 767 -45.98 4.52 31.46
N GLU F 768 -46.46 5.69 31.87
CA GLU F 768 -47.17 5.85 33.13
C GLU F 768 -47.98 7.14 33.15
N ASN F 769 -49.04 7.16 33.93
CA ASN F 769 -49.84 8.37 34.12
C ASN F 769 -48.95 9.52 34.60
N CYS F 770 -49.09 10.67 33.95
CA CYS F 770 -48.23 11.82 34.24
C CYS F 770 -48.10 12.14 35.73
N PHE F 771 -49.23 12.23 36.43
CA PHE F 771 -49.22 12.57 37.84
C PHE F 771 -50.44 12.04 38.59
N ILE F 772 -50.20 11.13 39.55
CA ILE F 772 -51.25 10.54 40.38
C ILE F 772 -52.57 10.35 39.63
N GLN F 773 -53.59 11.12 40.01
CA GLN F 773 -54.92 10.96 39.44
C GLN F 773 -55.68 12.28 39.36
N LYS F 774 -56.45 12.56 40.40
CA LYS F 774 -57.28 13.77 40.44
C LYS F 774 -56.48 14.99 40.89
N SER F 775 -56.54 16.05 40.08
CA SER F 775 -55.84 17.28 40.40
C SER F 775 -56.78 18.31 41.02
N ASP F 776 -58.01 18.36 40.53
CA ASP F 776 -59.00 19.30 41.05
C ASP F 776 -60.29 18.59 41.45
N ASP F 777 -60.27 17.26 41.41
CA ASP F 777 -61.44 16.47 41.78
C ASP F 777 -61.47 16.25 43.29
N LYS F 778 -62.02 17.22 44.01
CA LYS F 778 -62.12 17.17 45.47
C LYS F 778 -60.87 16.65 46.19
N VAL F 779 -59.84 17.49 46.27
CA VAL F 779 -58.67 17.21 47.09
C VAL F 779 -58.82 17.93 48.43
N THR F 780 -58.62 17.19 49.53
CA THR F 780 -58.79 17.76 50.86
C THR F 780 -57.47 17.83 51.62
N LEU F 781 -57.55 18.28 52.87
CA LEU F 781 -56.37 18.41 53.72
C LEU F 781 -55.86 17.03 54.14
N GLU F 782 -56.78 16.08 54.23
CA GLU F 782 -56.45 14.73 54.66
C GLU F 782 -55.93 13.87 53.51
N GLU F 783 -56.42 14.15 52.30
CA GLU F 783 -55.99 13.40 51.12
C GLU F 783 -54.53 13.66 50.82
N ARG F 784 -54.03 14.82 51.21
CA ARG F 784 -52.66 15.20 50.96
C ARG F 784 -51.72 14.68 52.05
N LEU F 785 -52.14 14.82 53.30
CA LEU F 785 -51.33 14.38 54.44
C LEU F 785 -51.01 12.89 54.37
N ASP F 786 -51.85 12.14 53.66
CA ASP F 786 -51.67 10.70 53.52
C ASP F 786 -50.76 10.36 52.35
N LYS F 787 -50.97 11.04 51.23
CA LYS F 787 -50.16 10.81 50.03
C LYS F 787 -48.82 11.53 50.09
N ALA F 788 -48.65 12.37 51.12
CA ALA F 788 -47.40 13.09 51.31
C ALA F 788 -46.58 12.49 52.45
N CYS F 789 -47.06 11.36 52.97
CA CYS F 789 -46.36 10.64 54.02
C CYS F 789 -46.18 9.17 53.64
N GLU F 790 -46.37 8.88 52.36
CA GLU F 790 -46.21 7.52 51.85
C GLU F 790 -44.74 7.12 51.83
N PRO F 791 -44.46 5.82 51.58
CA PRO F 791 -43.09 5.31 51.56
C PRO F 791 -42.15 6.15 50.68
N GLY F 792 -42.35 6.10 49.37
CA GLY F 792 -41.47 6.76 48.42
C GLY F 792 -41.32 8.25 48.62
N VAL F 793 -42.27 8.86 49.33
CA VAL F 793 -42.24 10.30 49.59
C VAL F 793 -40.88 10.73 50.13
N ASP F 794 -40.16 11.50 49.33
CA ASP F 794 -38.80 11.93 49.70
C ASP F 794 -38.68 13.44 49.83
N TYR F 795 -39.17 14.16 48.82
CA TYR F 795 -39.03 15.62 48.79
C TYR F 795 -40.37 16.32 48.64
N VAL F 796 -40.52 17.46 49.32
CA VAL F 796 -41.71 18.29 49.20
C VAL F 796 -41.33 19.76 49.22
N TYR F 797 -41.58 20.46 48.11
CA TYR F 797 -41.20 21.86 48.01
C TYR F 797 -42.31 22.74 47.46
N LYS F 798 -42.24 24.03 47.78
CA LYS F 798 -43.11 25.03 47.17
C LYS F 798 -42.26 25.87 46.21
N THR F 799 -42.21 25.46 44.96
CA THR F 799 -41.30 26.05 43.99
C THR F 799 -41.97 27.07 43.07
N ARG F 800 -41.15 27.88 42.41
CA ARG F 800 -41.63 28.83 41.42
C ARG F 800 -40.88 28.64 40.11
N LEU F 801 -41.61 28.30 39.05
CA LEU F 801 -40.99 28.06 37.76
C LEU F 801 -40.39 29.33 37.19
N VAL F 802 -39.08 29.33 36.97
CA VAL F 802 -38.37 30.50 36.47
C VAL F 802 -38.19 30.47 34.96
N LYS F 803 -37.70 29.36 34.44
CA LYS F 803 -37.44 29.22 33.01
C LYS F 803 -38.02 27.94 32.44
N VAL F 804 -38.52 28.01 31.21
CA VAL F 804 -39.11 26.86 30.56
C VAL F 804 -38.46 26.57 29.20
N GLN F 805 -37.63 25.53 29.15
CA GLN F 805 -37.03 25.09 27.91
C GLN F 805 -37.73 23.85 27.39
N LEU F 806 -37.63 23.60 26.08
CA LEU F 806 -38.34 22.51 25.45
C LEU F 806 -37.58 21.97 24.25
N SER F 807 -37.32 20.66 24.26
CA SER F 807 -36.56 20.02 23.19
C SER F 807 -37.44 19.10 22.35
N ASN F 808 -36.83 18.46 21.36
CA ASN F 808 -37.56 17.57 20.46
C ASN F 808 -37.67 16.15 21.01
N ASP F 809 -37.02 15.91 22.14
CA ASP F 809 -37.03 14.58 22.75
C ASP F 809 -37.45 14.60 24.22
N PHE F 810 -37.67 15.80 24.76
CA PHE F 810 -38.14 15.95 26.13
C PHE F 810 -38.10 17.42 26.57
N ASP F 811 -39.02 17.79 27.45
CA ASP F 811 -39.05 19.15 27.98
C ASP F 811 -38.46 19.21 29.39
N GLU F 812 -38.38 20.41 29.94
CA GLU F 812 -37.82 20.60 31.27
C GLU F 812 -38.26 21.92 31.89
N TYR F 813 -38.07 22.04 33.21
CA TYR F 813 -38.51 23.23 33.94
C TYR F 813 -37.53 23.61 35.04
N ILE F 814 -36.89 24.76 34.89
CA ILE F 814 -35.97 25.26 35.91
C ILE F 814 -36.74 26.00 37.00
N MET F 815 -37.10 25.29 38.06
CA MET F 815 -37.88 25.86 39.14
C MET F 815 -37.04 26.13 40.39
N ALA F 816 -37.30 27.25 41.03
CA ALA F 816 -36.57 27.63 42.25
C ALA F 816 -37.39 27.34 43.50
N ILE F 817 -36.77 26.64 44.44
CA ILE F 817 -37.44 26.29 45.69
C ILE F 817 -37.55 27.50 46.61
N GLU F 818 -38.78 27.84 47.01
CA GLU F 818 -39.02 28.96 47.91
C GLU F 818 -39.07 28.51 49.36
N GLN F 819 -39.20 27.20 49.57
CA GLN F 819 -39.19 26.62 50.90
C GLN F 819 -39.11 25.10 50.84
N THR F 820 -38.37 24.51 51.77
CA THR F 820 -38.22 23.07 51.83
C THR F 820 -39.13 22.46 52.89
N ILE F 821 -40.34 22.09 52.48
CA ILE F 821 -41.31 21.48 53.39
C ILE F 821 -40.76 20.20 53.99
N LYS F 822 -40.05 19.42 53.17
CA LYS F 822 -39.45 18.18 53.62
C LYS F 822 -38.16 17.88 52.86
N SER F 823 -37.02 18.02 53.53
CA SER F 823 -35.73 17.76 52.92
C SER F 823 -35.55 16.28 52.63
N GLY F 824 -35.03 15.96 51.45
CA GLY F 824 -34.80 14.58 51.06
C GLY F 824 -33.32 14.24 51.00
N SER F 825 -32.96 13.43 50.01
CA SER F 825 -31.57 13.02 49.82
C SER F 825 -30.77 14.13 49.15
N ASP F 826 -31.46 15.16 48.68
CA ASP F 826 -30.82 16.27 48.00
C ASP F 826 -30.67 17.47 48.93
N GLU F 827 -29.44 17.78 49.30
CA GLU F 827 -29.15 18.91 50.16
C GLU F 827 -29.30 20.22 49.39
N VAL F 828 -30.48 20.82 49.48
CA VAL F 828 -30.77 22.06 48.76
C VAL F 828 -31.32 23.14 49.68
N GLN F 829 -30.69 24.30 49.66
CA GLN F 829 -31.14 25.44 50.45
C GLN F 829 -32.23 26.23 49.72
N VAL F 830 -33.00 27.00 50.46
CA VAL F 830 -34.08 27.81 49.90
C VAL F 830 -33.53 28.90 48.98
N GLY F 831 -33.89 28.84 47.70
CA GLY F 831 -33.45 29.84 46.75
C GLY F 831 -32.80 29.23 45.52
N GLN F 832 -32.06 28.15 45.73
CA GLN F 832 -31.37 27.47 44.63
C GLN F 832 -32.38 26.90 43.63
N GLN F 833 -31.89 26.56 42.45
CA GLN F 833 -32.75 26.04 41.39
C GLN F 833 -32.47 24.57 41.09
N ARG F 834 -33.53 23.77 41.11
CA ARG F 834 -33.43 22.35 40.81
C ARG F 834 -34.17 22.04 39.51
N THR F 835 -33.48 21.43 38.56
CA THR F 835 -34.04 21.15 37.24
C THR F 835 -35.02 19.98 37.26
N PHE F 836 -36.18 20.17 36.65
CA PHE F 836 -37.17 19.11 36.52
C PHE F 836 -37.29 18.69 35.05
N ILE F 837 -37.52 17.40 34.82
CA ILE F 837 -37.59 16.88 33.46
C ILE F 837 -38.84 16.03 33.23
N SER F 838 -39.44 16.19 32.05
CA SER F 838 -40.64 15.45 31.70
C SER F 838 -40.69 15.16 30.20
N PRO F 839 -41.32 14.05 29.81
CA PRO F 839 -41.48 13.69 28.39
C PRO F 839 -42.19 14.78 27.60
N ILE F 840 -42.00 14.78 26.28
CA ILE F 840 -42.61 15.79 25.42
C ILE F 840 -44.12 15.58 25.29
N LYS F 841 -44.58 14.39 25.68
CA LYS F 841 -45.99 14.06 25.56
C LYS F 841 -46.79 14.50 26.79
N CYS F 842 -46.07 14.93 27.82
CA CYS F 842 -46.72 15.42 29.04
C CYS F 842 -46.84 16.94 29.04
N ARG F 843 -46.77 17.54 27.85
CA ARG F 843 -46.93 18.98 27.74
C ARG F 843 -48.39 19.38 27.95
N GLU F 844 -49.28 18.38 27.90
CA GLU F 844 -50.69 18.62 28.13
C GLU F 844 -51.06 18.27 29.57
N ALA F 845 -50.13 17.62 30.27
CA ALA F 845 -50.32 17.28 31.68
C ALA F 845 -50.56 18.55 32.49
N LEU F 846 -49.47 19.19 32.90
CA LEU F 846 -49.54 20.48 33.59
C LEU F 846 -48.73 21.54 32.87
N LYS F 847 -49.42 22.42 32.17
CA LYS F 847 -48.78 23.53 31.47
C LYS F 847 -48.09 24.43 32.48
N LEU F 848 -46.87 24.08 32.86
CA LEU F 848 -46.12 24.83 33.85
C LEU F 848 -45.74 26.21 33.30
N GLU F 849 -46.59 27.20 33.54
CA GLU F 849 -46.35 28.56 33.09
C GLU F 849 -45.19 29.16 33.87
N GLU F 850 -44.78 30.37 33.50
CA GLU F 850 -43.63 31.01 34.15
C GLU F 850 -44.05 31.92 35.30
N LYS F 851 -43.23 31.93 36.34
CA LYS F 851 -43.46 32.77 37.52
C LYS F 851 -44.69 32.35 38.32
N LYS F 852 -45.04 31.07 38.23
CA LYS F 852 -46.14 30.53 38.99
C LYS F 852 -45.65 29.51 40.03
N HIS F 853 -46.36 29.43 41.15
CA HIS F 853 -45.98 28.55 42.24
C HIS F 853 -46.65 27.19 42.13
N TYR F 854 -45.98 26.15 42.62
CA TYR F 854 -46.52 24.79 42.56
C TYR F 854 -46.05 23.95 43.75
N LEU F 855 -46.96 23.14 44.28
CA LEU F 855 -46.62 22.21 45.35
C LEU F 855 -46.34 20.83 44.75
N MET F 856 -45.14 20.31 44.98
CA MET F 856 -44.74 19.05 44.37
C MET F 856 -44.02 18.11 45.32
N TRP F 857 -44.19 16.81 45.07
CA TRP F 857 -43.47 15.77 45.82
C TRP F 857 -43.40 14.49 45.01
N GLY F 858 -42.25 13.82 45.08
CA GLY F 858 -42.04 12.59 44.33
C GLY F 858 -41.21 11.57 45.09
N LEU F 859 -40.73 10.56 44.38
CA LEU F 859 -39.93 9.51 45.00
C LEU F 859 -38.44 9.76 44.79
N SER F 860 -37.61 9.04 45.55
CA SER F 860 -36.16 9.15 45.42
C SER F 860 -35.66 8.43 44.17
N SER F 861 -36.51 7.58 43.62
CA SER F 861 -36.17 6.85 42.40
C SER F 861 -36.33 7.74 41.17
N ASP F 862 -36.70 8.99 41.40
CA ASP F 862 -36.90 9.94 40.31
C ASP F 862 -35.69 10.86 40.14
N PHE F 863 -34.69 10.71 41.01
CA PHE F 863 -33.46 11.49 40.89
C PHE F 863 -32.70 11.12 39.63
N TRP F 864 -31.98 12.09 39.07
CA TRP F 864 -31.30 11.89 37.80
C TRP F 864 -29.93 12.57 37.78
N GLY F 865 -28.88 11.77 37.63
CA GLY F 865 -27.52 12.29 37.59
C GLY F 865 -26.74 11.97 38.84
N GLU F 866 -25.66 12.71 39.07
CA GLU F 866 -24.81 12.51 40.23
C GLU F 866 -24.65 13.80 41.03
N LYS F 867 -24.70 13.68 42.35
CA LYS F 867 -24.56 14.82 43.24
C LYS F 867 -23.23 15.55 43.01
N PRO F 868 -23.23 16.88 43.19
CA PRO F 868 -24.41 17.67 43.55
C PRO F 868 -25.28 17.99 42.34
N ASN F 869 -24.78 17.66 41.16
CA ASN F 869 -25.50 17.95 39.92
C ASN F 869 -26.61 16.93 39.63
N LEU F 870 -27.70 17.02 40.37
CA LEU F 870 -28.83 16.11 40.19
C LEU F 870 -29.93 16.75 39.35
N SER F 871 -30.97 15.96 39.07
CA SER F 871 -32.10 16.45 38.29
C SER F 871 -33.36 15.65 38.62
N TYR F 872 -34.46 16.36 38.88
CA TYR F 872 -35.72 15.71 39.23
C TYR F 872 -36.46 15.24 37.98
N ILE F 873 -37.28 14.21 38.16
CA ILE F 873 -38.07 13.65 37.06
C ILE F 873 -39.55 13.63 37.40
N ILE F 874 -40.35 14.32 36.58
CA ILE F 874 -41.80 14.35 36.79
C ILE F 874 -42.44 13.05 36.32
N GLY F 875 -42.43 12.05 37.19
CA GLY F 875 -42.97 10.74 36.86
C GLY F 875 -44.38 10.54 37.38
N LYS F 876 -44.86 9.30 37.26
CA LYS F 876 -46.21 8.96 37.70
C LYS F 876 -46.45 9.31 39.17
N ASP F 877 -45.42 9.14 39.98
CA ASP F 877 -45.53 9.35 41.42
C ASP F 877 -45.18 10.78 41.81
N THR F 878 -45.12 11.66 40.81
CA THR F 878 -44.84 13.07 41.06
C THR F 878 -46.13 13.87 41.16
N TRP F 879 -46.32 14.53 42.30
CA TRP F 879 -47.54 15.31 42.53
C TRP F 879 -47.36 16.76 42.11
N VAL F 880 -48.06 17.16 41.04
CA VAL F 880 -48.00 18.52 40.56
C VAL F 880 -49.31 19.26 40.78
N GLU F 881 -49.28 20.29 41.61
CA GLU F 881 -50.47 21.06 41.93
C GLU F 881 -50.19 22.56 41.80
N HIS F 882 -51.18 23.30 41.29
CA HIS F 882 -51.05 24.74 41.11
C HIS F 882 -51.25 25.49 42.41
N TRP F 883 -50.26 26.29 42.79
CA TRP F 883 -50.34 27.09 44.01
C TRP F 883 -50.73 28.53 43.69
N PRO F 884 -51.94 28.93 44.08
CA PRO F 884 -52.46 30.29 43.83
C PRO F 884 -51.51 31.37 44.33
N GLU F 885 -51.56 32.54 43.71
CA GLU F 885 -50.69 33.65 44.10
C GLU F 885 -51.20 34.31 45.37
N GLU F 886 -50.48 35.33 45.84
CA GLU F 886 -50.86 36.04 47.06
C GLU F 886 -52.20 36.75 46.91
N ASP F 887 -52.37 37.46 45.79
CA ASP F 887 -53.59 38.22 45.55
C ASP F 887 -54.62 37.42 44.76
N GLU F 888 -54.46 36.09 44.74
CA GLU F 888 -55.40 35.22 44.04
C GLU F 888 -56.27 34.45 45.03
N CYS F 889 -55.78 34.30 46.27
CA CYS F 889 -56.54 33.62 47.30
C CYS F 889 -57.74 34.46 47.72
N GLN F 890 -57.79 35.69 47.24
CA GLN F 890 -58.89 36.60 47.54
C GLN F 890 -60.14 36.18 46.78
N ASP F 891 -59.94 35.56 45.62
CA ASP F 891 -61.04 35.09 44.80
C ASP F 891 -61.87 34.06 45.58
N GLU F 892 -63.19 34.24 45.55
CA GLU F 892 -64.09 33.37 46.31
C GLU F 892 -64.24 31.99 45.70
N GLU F 893 -63.30 31.61 44.83
CA GLU F 893 -63.33 30.30 44.20
C GLU F 893 -62.01 29.55 44.43
N ASN F 894 -60.98 30.30 44.82
CA ASN F 894 -59.67 29.71 45.09
C ASN F 894 -59.38 29.62 46.58
N GLN F 895 -60.34 30.05 47.39
CA GLN F 895 -60.17 30.06 48.84
C GLN F 895 -60.08 28.65 49.41
N LYS F 896 -60.91 27.75 48.90
CA LYS F 896 -60.95 26.37 49.38
C LYS F 896 -59.60 25.68 49.23
N GLN F 897 -58.80 26.15 48.28
CA GLN F 897 -57.49 25.56 48.03
C GLN F 897 -56.39 26.30 48.78
N CYS F 898 -56.56 27.60 48.97
CA CYS F 898 -55.60 28.41 49.70
C CYS F 898 -55.52 28.02 51.17
N GLN F 899 -56.66 27.67 51.74
CA GLN F 899 -56.71 27.27 53.14
C GLN F 899 -56.14 25.87 53.34
N ASP F 900 -56.37 24.99 52.37
CA ASP F 900 -55.86 23.63 52.44
C ASP F 900 -54.34 23.60 52.28
N LEU F 901 -53.84 24.37 51.31
CA LEU F 901 -52.40 24.45 51.08
C LEU F 901 -51.69 25.09 52.26
N GLY F 902 -52.25 26.18 52.78
CA GLY F 902 -51.68 26.88 53.92
C GLY F 902 -51.67 25.99 55.16
N ALA F 903 -52.74 25.23 55.34
CA ALA F 903 -52.85 24.31 56.47
C ALA F 903 -51.86 23.16 56.30
N PHE F 904 -51.77 22.64 55.08
CA PHE F 904 -50.87 21.55 54.78
C PHE F 904 -49.42 21.94 55.05
N THR F 905 -49.13 23.23 54.89
CA THR F 905 -47.78 23.74 55.12
C THR F 905 -47.39 23.63 56.59
N GLU F 906 -48.18 24.24 57.47
CA GLU F 906 -47.90 24.21 58.89
C GLU F 906 -47.98 22.80 59.47
N SER F 907 -48.85 21.99 58.88
CA SER F 907 -49.03 20.61 59.35
C SER F 907 -47.85 19.72 58.97
N MET F 908 -46.89 20.29 58.23
CA MET F 908 -45.73 19.54 57.78
C MET F 908 -44.43 20.05 58.40
N VAL F 909 -44.30 21.37 58.48
CA VAL F 909 -43.07 21.97 59.02
C VAL F 909 -42.84 21.59 60.47
N VAL F 910 -43.80 21.90 61.34
CA VAL F 910 -43.67 21.58 62.76
C VAL F 910 -43.97 20.11 63.05
N PHE F 911 -45.05 19.60 62.46
CA PHE F 911 -45.40 18.19 62.62
C PHE F 911 -44.65 17.31 61.62
N GLY F 912 -45.40 16.52 60.86
CA GLY F 912 -44.80 15.63 59.88
C GLY F 912 -45.56 14.33 59.73
N CYS F 913 -45.02 13.42 58.93
CA CYS F 913 -45.67 12.13 58.70
C CYS F 913 -45.70 11.27 59.96
N PRO F 914 -46.91 10.90 60.40
CA PRO F 914 -47.13 10.12 61.61
C PRO F 914 -47.35 8.63 61.34
N ASN F 915 -47.42 7.86 62.43
CA ASN F 915 -47.84 6.45 62.44
C ASN F 915 -46.74 5.36 62.46
N SER G 1 39.70 119.98 -32.36
CA SER G 1 41.12 119.82 -32.68
C SER G 1 41.38 118.47 -33.33
N PRO G 2 41.20 118.39 -34.66
CA PRO G 2 41.42 117.17 -35.43
C PRO G 2 42.82 116.59 -35.20
N MET G 3 42.87 115.38 -34.65
CA MET G 3 44.14 114.73 -34.35
C MET G 3 44.39 113.55 -35.29
N TYR G 4 45.41 113.68 -36.13
CA TYR G 4 45.72 112.63 -37.10
C TYR G 4 46.90 111.78 -36.62
N SER G 5 46.60 110.54 -36.21
CA SER G 5 47.63 109.64 -35.72
C SER G 5 47.95 108.55 -36.75
N ILE G 6 49.09 107.88 -36.55
CA ILE G 6 49.50 106.79 -37.43
C ILE G 6 50.27 105.73 -36.67
N ILE G 7 50.03 104.47 -36.99
CA ILE G 7 50.68 103.36 -36.32
C ILE G 7 51.23 102.33 -37.30
N THR G 8 52.51 102.02 -37.17
CA THR G 8 53.15 101.03 -38.02
C THR G 8 54.04 100.12 -37.17
N PRO G 9 54.31 98.89 -37.64
CA PRO G 9 55.17 97.96 -36.91
C PRO G 9 56.49 98.62 -36.51
N ASN G 10 56.98 98.29 -35.33
CA ASN G 10 58.20 98.89 -34.81
C ASN G 10 59.38 98.70 -35.77
N ILE G 11 59.36 97.58 -36.49
CA ILE G 11 60.39 97.30 -37.48
C ILE G 11 59.78 96.77 -38.78
N LEU G 12 60.01 97.49 -39.87
CA LEU G 12 59.49 97.09 -41.18
C LEU G 12 60.35 96.01 -41.81
N ARG G 13 59.81 95.34 -42.81
CA ARG G 13 60.50 94.25 -43.49
C ARG G 13 60.47 94.40 -45.00
N LEU G 14 61.48 93.86 -45.68
CA LEU G 14 61.58 93.97 -47.12
C LEU G 14 60.85 92.83 -47.83
N GLU G 15 60.31 93.12 -49.01
CA GLU G 15 59.60 92.13 -49.81
C GLU G 15 58.49 91.45 -49.02
N SER G 16 57.76 92.23 -48.22
CA SER G 16 56.66 91.71 -47.44
C SER G 16 55.62 92.80 -47.19
N GLU G 17 54.37 92.40 -47.05
CA GLU G 17 53.28 93.36 -46.84
C GLU G 17 53.14 93.74 -45.37
N GLU G 18 53.46 95.00 -45.07
CA GLU G 18 53.31 95.52 -43.72
C GLU G 18 52.11 96.47 -43.64
N THR G 19 51.24 96.24 -42.66
CA THR G 19 50.04 97.05 -42.52
C THR G 19 50.36 98.43 -41.94
N MET G 20 49.42 99.36 -42.09
CA MET G 20 49.60 100.72 -41.61
C MET G 20 48.25 101.35 -41.25
N VAL G 21 47.99 101.48 -39.96
CA VAL G 21 46.71 101.95 -39.46
C VAL G 21 46.59 103.47 -39.45
N LEU G 22 45.79 104.01 -40.36
CA LEU G 22 45.53 105.44 -40.43
C LEU G 22 44.35 105.81 -39.53
N GLU G 23 44.34 107.05 -39.06
CA GLU G 23 43.27 107.51 -38.16
C GLU G 23 43.04 109.02 -38.25
N ALA G 24 41.92 109.46 -37.70
CA ALA G 24 41.57 110.88 -37.67
C ALA G 24 40.54 111.15 -36.58
N HIS G 25 40.97 111.79 -35.50
CA HIS G 25 40.10 112.06 -34.37
C HIS G 25 39.46 113.45 -34.48
N ASP G 26 38.20 113.55 -34.07
CA ASP G 26 37.49 114.83 -34.09
C ASP G 26 37.49 115.45 -35.48
N ALA G 27 37.41 114.61 -36.51
CA ALA G 27 37.41 115.07 -37.88
C ALA G 27 36.00 115.13 -38.47
N GLN G 28 35.76 116.09 -39.35
CA GLN G 28 34.46 116.24 -39.98
C GLN G 28 34.50 115.83 -41.45
N GLY G 29 33.45 115.16 -41.91
CA GLY G 29 33.36 114.72 -43.29
C GLY G 29 34.48 113.78 -43.68
N ASP G 30 34.80 113.76 -44.97
CA ASP G 30 35.85 112.90 -45.48
C ASP G 30 37.21 113.59 -45.38
N VAL G 31 38.26 112.84 -45.69
CA VAL G 31 39.63 113.39 -45.65
C VAL G 31 40.58 112.55 -46.51
N PRO G 32 41.02 113.14 -47.64
CA PRO G 32 41.95 112.48 -48.56
C PRO G 32 43.30 112.21 -47.90
N VAL G 33 43.65 110.92 -47.76
CA VAL G 33 44.91 110.54 -47.14
C VAL G 33 45.87 109.94 -48.17
N THR G 34 47.10 110.43 -48.18
CA THR G 34 48.11 109.93 -49.11
C THR G 34 49.36 109.46 -48.37
N VAL G 35 49.59 108.15 -48.41
CA VAL G 35 50.75 107.56 -47.74
C VAL G 35 51.92 107.40 -48.71
N THR G 36 53.11 107.82 -48.27
CA THR G 36 54.30 107.73 -49.10
C THR G 36 55.50 107.28 -48.27
N VAL G 37 56.41 106.52 -48.89
CA VAL G 37 57.60 106.04 -48.20
C VAL G 37 58.85 106.38 -49.00
N HIS G 38 59.84 106.98 -48.34
CA HIS G 38 61.10 107.34 -48.98
C HIS G 38 62.27 106.72 -48.24
N ASP G 39 63.40 106.58 -48.95
CA ASP G 39 64.62 106.08 -48.32
C ASP G 39 65.20 107.16 -47.41
N PHE G 40 66.09 106.75 -46.51
CA PHE G 40 66.67 107.69 -45.56
C PHE G 40 68.20 107.63 -45.57
N PRO G 41 68.85 108.80 -45.69
CA PRO G 41 68.16 110.09 -45.88
C PRO G 41 67.85 110.33 -47.35
N GLY G 42 67.44 111.56 -47.67
CA GLY G 42 67.18 111.94 -49.04
C GLY G 42 65.83 111.48 -49.56
N LYS G 43 65.68 111.52 -50.89
CA LYS G 43 64.43 111.11 -51.53
C LYS G 43 64.70 110.20 -52.72
N LYS G 44 64.13 109.01 -52.69
CA LYS G 44 64.28 108.06 -53.80
C LYS G 44 62.93 107.45 -54.16
N LEU G 45 61.96 107.62 -53.27
CA LEU G 45 60.59 107.18 -53.52
C LEU G 45 60.49 105.67 -53.75
N VAL G 46 60.62 104.90 -52.67
CA VAL G 46 60.50 103.45 -52.76
C VAL G 46 59.05 103.03 -52.99
N LEU G 47 58.12 103.83 -52.49
CA LEU G 47 56.70 103.56 -52.65
C LEU G 47 55.88 104.84 -52.49
N SER G 48 55.18 105.25 -53.55
CA SER G 48 54.38 106.46 -53.53
C SER G 48 52.89 106.15 -53.56
N SER G 49 52.56 104.94 -53.98
CA SER G 49 51.16 104.53 -54.10
C SER G 49 50.48 104.39 -52.73
N GLU G 50 49.33 103.74 -52.73
CA GLU G 50 48.58 103.49 -51.50
C GLU G 50 47.99 104.76 -50.90
N LYS G 51 46.85 105.20 -51.43
CA LYS G 51 46.12 106.34 -50.89
C LYS G 51 44.67 105.94 -50.62
N THR G 52 44.14 106.40 -49.50
CA THR G 52 42.76 106.08 -49.13
C THR G 52 42.05 107.27 -48.50
N VAL G 53 40.74 107.14 -48.29
CA VAL G 53 39.95 108.21 -47.69
C VAL G 53 39.26 107.72 -46.43
N LEU G 54 39.38 108.50 -45.36
CA LEU G 54 38.78 108.15 -44.08
C LEU G 54 37.32 108.59 -44.03
N THR G 55 36.40 107.63 -44.16
CA THR G 55 34.98 107.92 -44.16
C THR G 55 34.41 107.90 -42.75
N PRO G 56 33.56 108.90 -42.43
CA PRO G 56 32.90 108.96 -41.12
C PRO G 56 32.09 107.71 -40.82
N ALA G 57 31.82 106.92 -41.85
CA ALA G 57 31.07 105.67 -41.68
C ALA G 57 31.95 104.57 -41.12
N THR G 58 33.25 104.83 -41.03
CA THR G 58 34.20 103.88 -40.50
C THR G 58 34.97 104.45 -39.32
N ASN G 59 34.36 105.44 -38.66
CA ASN G 59 34.99 106.09 -37.51
C ASN G 59 36.35 106.70 -37.85
N HIS G 60 36.55 107.01 -39.12
CA HIS G 60 37.78 107.66 -39.59
C HIS G 60 39.02 106.79 -39.37
N MET G 61 38.91 105.50 -39.66
CA MET G 61 40.06 104.61 -39.59
C MET G 61 40.44 104.10 -40.98
N GLY G 62 41.71 104.27 -41.34
CA GLY G 62 42.20 103.85 -42.63
C GLY G 62 42.94 102.52 -42.57
N ASN G 63 43.31 102.01 -43.75
CA ASN G 63 44.02 100.74 -43.83
C ASN G 63 44.79 100.64 -45.15
N VAL G 64 46.10 100.85 -45.09
CA VAL G 64 46.94 100.83 -46.28
C VAL G 64 48.02 99.76 -46.20
N THR G 65 47.94 98.77 -47.08
CA THR G 65 48.93 97.70 -47.14
C THR G 65 49.97 98.01 -48.21
N PHE G 66 51.22 98.18 -47.79
CA PHE G 66 52.30 98.53 -48.71
C PHE G 66 53.39 97.46 -48.73
N THR G 67 54.28 97.57 -49.70
CA THR G 67 55.39 96.63 -49.83
C THR G 67 56.66 97.35 -50.29
N ILE G 68 57.74 97.16 -49.53
CA ILE G 68 59.02 97.80 -49.85
C ILE G 68 59.87 96.92 -50.75
N PRO G 69 60.13 97.38 -51.98
CA PRO G 69 60.95 96.65 -52.96
C PRO G 69 62.39 96.46 -52.49
N ALA G 70 63.23 95.91 -53.36
CA ALA G 70 64.62 95.66 -53.03
C ALA G 70 65.52 96.80 -53.51
N ASN G 71 65.97 96.69 -54.75
CA ASN G 71 66.87 97.69 -55.33
C ASN G 71 68.04 98.00 -54.40
N ARG G 72 68.63 96.96 -53.84
CA ARG G 72 69.74 97.10 -52.91
C ARG G 72 70.72 98.21 -53.32
N LYS G 78 79.56 97.90 -44.85
CA LYS G 78 78.23 97.82 -44.26
C LYS G 78 78.29 97.56 -42.76
N GLY G 79 77.13 97.24 -42.18
CA GLY G 79 77.05 96.97 -40.75
C GLY G 79 76.06 97.90 -40.06
N ARG G 80 75.83 99.06 -40.65
CA ARG G 80 74.92 100.04 -40.07
C ARG G 80 73.51 99.93 -40.65
N ASN G 81 72.52 99.83 -39.76
CA ASN G 81 71.14 99.68 -40.14
C ASN G 81 70.67 100.75 -41.11
N LYS G 82 69.72 100.40 -41.97
CA LYS G 82 69.13 101.36 -42.89
C LYS G 82 67.68 101.65 -42.50
N PHE G 83 67.28 102.91 -42.63
CA PHE G 83 65.95 103.34 -42.22
C PHE G 83 65.14 103.90 -43.38
N VAL G 84 63.83 103.98 -43.18
CA VAL G 84 62.93 104.57 -44.17
C VAL G 84 62.05 105.64 -43.51
N THR G 85 61.53 106.56 -44.32
CA THR G 85 60.72 107.64 -43.80
C THR G 85 59.27 107.54 -44.28
N VAL G 86 58.39 107.13 -43.37
CA VAL G 86 56.96 107.06 -43.68
C VAL G 86 56.36 108.46 -43.64
N GLN G 87 55.56 108.79 -44.66
CA GLN G 87 54.97 110.12 -44.75
C GLN G 87 53.48 110.05 -45.10
N ALA G 88 52.64 110.28 -44.10
CA ALA G 88 51.20 110.27 -44.29
C ALA G 88 50.61 111.68 -44.31
N THR G 89 50.06 112.07 -45.46
CA THR G 89 49.49 113.39 -45.61
C THR G 89 47.95 113.35 -45.52
N PHE G 90 47.41 113.89 -44.44
CA PHE G 90 45.97 113.92 -44.23
C PHE G 90 45.36 115.18 -44.83
N GLY G 91 45.17 115.19 -46.14
CA GLY G 91 44.62 116.33 -46.83
C GLY G 91 45.65 117.41 -47.07
N THR G 92 46.05 118.08 -45.99
CA THR G 92 47.07 119.12 -46.07
C THR G 92 48.09 118.94 -44.97
N GLN G 93 47.62 118.62 -43.76
CA GLN G 93 48.50 118.37 -42.63
C GLN G 93 49.28 117.08 -42.83
N VAL G 94 50.60 117.20 -42.82
CA VAL G 94 51.48 116.05 -43.04
C VAL G 94 52.09 115.53 -41.75
N VAL G 95 52.11 114.21 -41.59
CA VAL G 95 52.70 113.57 -40.42
C VAL G 95 53.63 112.45 -40.86
N GLU G 96 54.90 112.56 -40.50
CA GLU G 96 55.90 111.58 -40.91
C GLU G 96 56.69 111.00 -39.73
N LYS G 97 57.19 109.78 -39.92
CA LYS G 97 57.93 109.08 -38.88
C LYS G 97 58.94 108.11 -39.52
N VAL G 98 60.12 108.03 -38.92
CA VAL G 98 61.16 107.14 -39.43
C VAL G 98 61.15 105.80 -38.71
N VAL G 99 61.19 104.71 -39.48
CA VAL G 99 61.12 103.37 -38.92
C VAL G 99 62.31 102.51 -39.36
N LEU G 100 62.74 101.62 -38.48
CA LEU G 100 63.86 100.72 -38.78
C LEU G 100 63.43 99.64 -39.79
N VAL G 101 64.38 99.19 -40.60
CA VAL G 101 64.09 98.18 -41.62
C VAL G 101 64.96 96.95 -41.45
N SER G 102 64.36 95.77 -41.62
CA SER G 102 65.08 94.51 -41.50
C SER G 102 65.38 93.92 -42.88
N LEU G 103 66.57 93.34 -43.02
CA LEU G 103 66.99 92.74 -44.28
C LEU G 103 66.48 91.31 -44.38
N GLN G 104 65.93 90.81 -43.29
CA GLN G 104 65.41 89.45 -43.25
C GLN G 104 64.22 89.29 -44.16
N SER G 105 64.40 88.40 -45.15
CA SER G 105 63.37 88.17 -46.14
C SER G 105 62.44 87.04 -45.71
N GLY G 106 62.94 86.13 -44.89
CA GLY G 106 62.14 85.01 -44.41
C GLY G 106 62.96 84.00 -43.63
N TYR G 107 62.46 82.76 -43.59
CA TYR G 107 63.14 81.69 -42.87
C TYR G 107 63.51 80.54 -43.80
N LEU G 108 64.45 79.71 -43.36
CA LEU G 108 64.86 78.53 -44.11
C LEU G 108 64.99 77.32 -43.20
N PHE G 109 64.36 76.22 -43.59
CA PHE G 109 64.42 74.99 -42.79
C PHE G 109 65.04 73.85 -43.58
N ILE G 110 66.15 73.33 -43.06
CA ILE G 110 66.85 72.23 -43.71
C ILE G 110 66.50 70.90 -43.07
N GLN G 111 66.20 69.91 -43.89
CA GLN G 111 65.82 68.58 -43.40
C GLN G 111 66.66 67.48 -44.04
N THR G 112 67.31 66.68 -43.20
CA THR G 112 68.10 65.55 -43.68
C THR G 112 67.43 64.25 -43.29
N ASP G 113 67.42 63.29 -44.21
CA ASP G 113 66.78 62.00 -43.97
C ASP G 113 67.29 61.35 -42.67
N LYS G 114 68.61 61.17 -42.59
CA LYS G 114 69.22 60.59 -41.39
C LYS G 114 69.89 61.67 -40.54
N THR G 115 70.33 61.27 -39.35
CA THR G 115 71.03 62.18 -38.45
C THR G 115 72.53 61.94 -38.50
N ILE G 116 72.91 60.71 -38.88
CA ILE G 116 74.31 60.34 -38.99
C ILE G 116 74.54 59.55 -40.27
N TYR G 117 75.69 59.77 -40.92
CA TYR G 117 75.99 59.13 -42.19
C TYR G 117 77.36 58.46 -42.18
N THR G 118 77.51 57.42 -43.00
CA THR G 118 78.79 56.73 -43.14
C THR G 118 79.49 57.16 -44.42
N PRO G 119 80.83 57.27 -44.37
CA PRO G 119 81.63 57.65 -45.54
C PRO G 119 81.36 56.73 -46.72
N GLY G 120 80.73 57.27 -47.76
CA GLY G 120 80.42 56.49 -48.94
C GLY G 120 78.96 56.55 -49.32
N SER G 121 78.12 56.90 -48.35
CA SER G 121 76.68 56.97 -48.57
C SER G 121 76.28 58.33 -49.15
N THR G 122 74.98 58.50 -49.40
CA THR G 122 74.46 59.73 -49.97
C THR G 122 73.55 60.45 -48.97
N VAL G 123 73.69 61.76 -48.89
CA VAL G 123 72.88 62.57 -47.99
C VAL G 123 71.73 63.25 -48.73
N LEU G 124 70.51 62.97 -48.30
CA LEU G 124 69.33 63.56 -48.92
C LEU G 124 68.76 64.68 -48.04
N TYR G 125 68.85 65.91 -48.53
CA TYR G 125 68.39 67.06 -47.75
C TYR G 125 67.49 67.99 -48.56
N ARG G 126 66.42 68.46 -47.93
CA ARG G 126 65.49 69.38 -48.57
C ARG G 126 65.50 70.74 -47.88
N ILE G 127 65.39 71.80 -48.67
CA ILE G 127 65.38 73.16 -48.13
C ILE G 127 64.01 73.80 -48.31
N PHE G 128 63.34 74.11 -47.21
CA PHE G 128 62.02 74.73 -47.26
C PHE G 128 62.14 76.26 -47.27
N THR G 129 61.56 76.88 -48.28
CA THR G 129 61.61 78.33 -48.42
C THR G 129 60.26 78.98 -48.16
N VAL G 130 60.18 79.76 -47.09
CA VAL G 130 58.95 80.45 -46.73
C VAL G 130 59.24 81.87 -46.26
N ASN G 131 58.20 82.69 -46.17
CA ASN G 131 58.33 84.06 -45.70
C ASN G 131 58.10 84.18 -44.20
N HIS G 132 57.89 85.41 -43.74
CA HIS G 132 57.65 85.66 -42.31
C HIS G 132 56.29 85.12 -41.89
N LYS G 133 55.42 84.87 -42.86
CA LYS G 133 54.10 84.32 -42.58
C LYS G 133 54.09 82.81 -42.75
N LEU G 134 55.29 82.25 -42.89
CA LEU G 134 55.47 80.80 -43.04
C LEU G 134 54.84 80.26 -44.33
N LEU G 135 54.38 81.16 -45.19
CA LEU G 135 53.83 80.77 -46.48
C LEU G 135 54.93 80.62 -47.51
N PRO G 136 54.87 79.56 -48.32
CA PRO G 136 55.86 79.26 -49.35
C PRO G 136 56.14 80.45 -50.26
N VAL G 137 57.35 80.53 -50.80
CA VAL G 137 57.74 81.64 -51.66
C VAL G 137 58.85 81.22 -52.62
N GLY G 138 58.88 81.83 -53.80
CA GLY G 138 59.87 81.52 -54.80
C GLY G 138 61.03 82.51 -54.80
N ARG G 139 62.18 82.06 -54.30
CA ARG G 139 63.36 82.90 -54.24
C ARG G 139 64.61 82.14 -54.67
N THR G 140 65.74 82.84 -54.71
CA THR G 140 67.01 82.21 -55.05
C THR G 140 67.79 81.87 -53.78
N VAL G 141 68.14 80.60 -53.63
CA VAL G 141 68.81 80.13 -52.42
C VAL G 141 70.24 79.65 -52.69
N MET G 142 71.16 80.04 -51.82
CA MET G 142 72.55 79.61 -51.91
C MET G 142 72.84 78.58 -50.82
N VAL G 143 73.18 77.36 -51.22
CA VAL G 143 73.42 76.27 -50.28
C VAL G 143 74.87 75.79 -50.29
N ASN G 144 75.50 75.79 -49.12
CA ASN G 144 76.87 75.29 -48.98
C ASN G 144 76.95 74.14 -47.99
N ILE G 145 78.04 73.37 -48.08
CA ILE G 145 78.27 72.26 -47.17
C ILE G 145 79.69 72.29 -46.62
N GLU G 146 79.81 72.52 -45.31
CA GLU G 146 81.12 72.64 -44.68
C GLU G 146 81.50 71.38 -43.92
N ASN G 147 82.80 71.11 -43.86
CA ASN G 147 83.33 69.97 -43.11
C ASN G 147 83.55 70.33 -41.64
N PRO G 148 83.88 69.35 -40.80
CA PRO G 148 84.11 69.60 -39.37
C PRO G 148 85.01 70.81 -39.10
N GLU G 149 85.99 71.04 -39.97
CA GLU G 149 86.92 72.16 -39.78
C GLU G 149 86.45 73.43 -40.47
N GLY G 150 85.15 73.53 -40.71
CA GLY G 150 84.55 74.72 -41.31
C GLY G 150 85.15 75.07 -42.66
N ILE G 151 85.07 74.12 -43.60
CA ILE G 151 85.60 74.34 -44.95
C ILE G 151 84.59 73.87 -46.00
N PRO G 152 83.97 74.81 -46.72
CA PRO G 152 82.98 74.49 -47.76
C PRO G 152 83.56 73.57 -48.82
N VAL G 153 82.79 72.59 -49.25
CA VAL G 153 83.23 71.64 -50.27
C VAL G 153 82.30 71.64 -51.48
N LYS G 154 81.03 71.94 -51.25
CA LYS G 154 80.04 71.98 -52.31
C LYS G 154 79.09 73.16 -52.13
N GLN G 155 78.83 73.88 -53.21
CA GLN G 155 77.92 75.02 -53.17
C GLN G 155 76.98 75.03 -54.38
N ASP G 156 75.68 75.14 -54.12
CA ASP G 156 74.68 75.17 -55.18
C ASP G 156 73.95 76.51 -55.20
N SER G 157 73.17 76.72 -56.26
CA SER G 157 72.40 77.96 -56.39
C SER G 157 71.10 77.69 -57.15
N LEU G 158 70.17 76.99 -56.50
CA LEU G 158 68.90 76.66 -57.11
C LEU G 158 67.81 77.65 -56.69
N SER G 159 66.67 77.62 -57.39
CA SER G 159 65.57 78.52 -57.08
C SER G 159 64.30 77.74 -56.80
N SER G 160 63.57 78.16 -55.77
CA SER G 160 62.31 77.53 -55.40
C SER G 160 61.16 78.06 -56.26
N GLN G 161 61.51 78.63 -57.41
CA GLN G 161 60.51 79.19 -58.31
C GLN G 161 59.59 78.10 -58.84
N ASN G 162 58.30 78.23 -58.57
CA ASN G 162 57.31 77.27 -59.01
C ASN G 162 57.58 75.86 -58.49
N GLN G 163 58.30 75.78 -57.38
CA GLN G 163 58.64 74.49 -56.78
C GLN G 163 57.87 74.28 -55.47
N LEU G 164 56.99 75.23 -55.17
CA LEU G 164 56.16 75.16 -53.98
C LEU G 164 56.97 75.17 -52.69
N GLY G 165 58.05 75.95 -52.68
CA GLY G 165 58.86 76.14 -51.48
C GLY G 165 59.52 74.87 -50.96
N VAL G 166 59.92 73.99 -51.86
CA VAL G 166 60.61 72.77 -51.47
C VAL G 166 61.75 72.46 -52.44
N LEU G 167 62.98 72.49 -51.95
CA LEU G 167 64.15 72.24 -52.79
C LEU G 167 64.86 70.94 -52.44
N PRO G 168 64.50 69.86 -53.16
CA PRO G 168 65.12 68.54 -52.97
C PRO G 168 66.56 68.54 -53.47
N LEU G 169 67.49 68.09 -52.63
CA LEU G 169 68.90 68.03 -53.01
C LEU G 169 69.57 66.78 -52.48
N SER G 170 70.80 66.52 -52.93
CA SER G 170 71.55 65.34 -52.49
C SER G 170 73.04 65.50 -52.76
N TRP G 171 73.85 64.89 -51.91
CA TRP G 171 75.30 64.95 -52.05
C TRP G 171 75.96 63.66 -51.56
N ASP G 172 76.86 63.11 -52.36
CA ASP G 172 77.54 61.87 -52.01
C ASP G 172 78.81 62.13 -51.20
N ILE G 173 78.92 61.48 -50.05
CA ILE G 173 80.08 61.62 -49.20
C ILE G 173 81.20 60.67 -49.63
N PRO G 174 82.34 61.24 -50.03
CA PRO G 174 83.51 60.45 -50.47
C PRO G 174 84.04 59.57 -49.35
N GLU G 175 84.60 58.41 -49.71
CA GLU G 175 85.19 57.51 -48.72
C GLU G 175 86.30 58.20 -47.94
N LEU G 176 87.17 58.91 -48.67
CA LEU G 176 88.26 59.64 -48.05
C LEU G 176 87.80 61.00 -47.57
N VAL G 177 87.46 61.08 -46.28
CA VAL G 177 87.00 62.34 -45.69
C VAL G 177 87.04 62.28 -44.17
N ASN G 178 87.19 63.45 -43.54
CA ASN G 178 87.27 63.54 -42.09
C ASN G 178 85.92 63.30 -41.41
N MET G 179 85.93 62.47 -40.38
CA MET G 179 84.72 62.22 -39.60
C MET G 179 84.52 63.30 -38.54
N GLY G 180 83.29 63.43 -38.06
CA GLY G 180 82.97 64.43 -37.07
C GLY G 180 81.61 65.07 -37.30
N GLN G 181 81.53 66.38 -37.05
CA GLN G 181 80.27 67.10 -37.21
C GLN G 181 80.28 67.94 -38.49
N TRP G 182 79.39 67.59 -39.41
CA TRP G 182 79.26 68.34 -40.66
C TRP G 182 78.10 69.33 -40.57
N LYS G 183 78.15 70.35 -41.42
CA LYS G 183 77.14 71.41 -41.40
C LYS G 183 76.67 71.80 -42.80
N ILE G 184 75.38 72.03 -42.93
CA ILE G 184 74.81 72.49 -44.19
C ILE G 184 74.23 73.90 -44.00
N ARG G 185 74.83 74.87 -44.67
CA ARG G 185 74.43 76.27 -44.50
C ARG G 185 73.75 76.82 -45.76
N ALA G 186 72.55 77.35 -45.58
CA ALA G 186 71.80 77.93 -46.70
C ALA G 186 71.32 79.34 -46.35
N TYR G 187 71.11 80.16 -47.38
CA TYR G 187 70.67 81.53 -47.18
C TYR G 187 70.12 82.13 -48.46
N TYR G 188 69.13 83.02 -48.32
CA TYR G 188 68.57 83.71 -49.48
C TYR G 188 69.63 84.60 -50.13
N GLU G 189 69.58 84.68 -51.46
CA GLU G 189 70.53 85.49 -52.20
C GLU G 189 70.41 86.97 -51.86
N ASN G 190 69.24 87.36 -51.36
CA ASN G 190 68.97 88.75 -51.04
C ASN G 190 69.29 89.10 -49.59
N SER G 191 69.97 88.19 -48.89
CA SER G 191 70.34 88.42 -47.50
C SER G 191 71.44 87.45 -47.06
N PRO G 192 72.68 87.69 -47.52
CA PRO G 192 73.84 86.87 -47.19
C PRO G 192 74.15 86.86 -45.69
N GLN G 193 73.74 87.91 -44.99
CA GLN G 193 74.03 88.03 -43.56
C GLN G 193 73.22 87.03 -42.73
N GLN G 194 72.00 86.73 -43.17
CA GLN G 194 71.15 85.78 -42.47
C GLN G 194 71.35 84.37 -43.02
N VAL G 195 71.99 83.51 -42.23
CA VAL G 195 72.29 82.15 -42.67
C VAL G 195 71.67 81.11 -41.74
N PHE G 196 71.08 80.08 -42.34
CA PHE G 196 70.49 78.98 -41.59
C PHE G 196 71.35 77.73 -41.76
N SER G 197 71.47 76.94 -40.69
CA SER G 197 72.34 75.77 -40.72
C SER G 197 71.75 74.57 -40.00
N THR G 198 72.10 73.38 -40.49
CA THR G 198 71.69 72.12 -39.85
C THR G 198 72.84 71.13 -39.92
N GLU G 199 73.15 70.51 -38.78
CA GLU G 199 74.31 69.63 -38.69
C GLU G 199 73.96 68.15 -38.83
N PHE G 200 74.87 67.40 -39.45
CA PHE G 200 74.72 65.95 -39.55
C PHE G 200 76.08 65.29 -39.33
N GLU G 201 76.12 64.31 -38.42
CA GLU G 201 77.37 63.67 -38.05
C GLU G 201 77.81 62.61 -39.05
N VAL G 202 79.10 62.56 -39.32
CA VAL G 202 79.68 61.54 -40.20
C VAL G 202 80.61 60.63 -39.40
N LYS G 203 80.28 59.34 -39.36
CA LYS G 203 81.03 58.39 -38.56
C LYS G 203 80.88 56.97 -39.10
N GLU G 204 81.92 56.16 -38.93
CA GLU G 204 81.87 54.76 -39.32
C GLU G 204 81.14 53.95 -38.25
N TYR G 205 79.84 53.74 -38.46
CA TYR G 205 79.00 53.10 -37.45
C TYR G 205 78.27 51.87 -37.99
N VAL G 206 77.52 51.22 -37.11
CA VAL G 206 76.69 50.08 -37.47
C VAL G 206 75.42 50.07 -36.61
N LEU G 207 74.27 50.09 -37.25
CA LEU G 207 73.00 50.14 -36.53
C LEU G 207 72.83 48.99 -35.54
N PRO G 208 72.70 49.32 -34.26
CA PRO G 208 72.47 48.34 -33.18
C PRO G 208 71.14 47.61 -33.35
N SER G 209 70.73 46.89 -32.31
CA SER G 209 69.48 46.14 -32.37
C SER G 209 68.57 46.47 -31.19
N PHE G 210 69.02 47.38 -30.33
CA PHE G 210 68.23 47.79 -29.17
C PHE G 210 68.66 49.17 -28.66
N GLU G 211 67.72 49.88 -28.03
CA GLU G 211 68.00 51.20 -27.48
C GLU G 211 68.14 51.16 -25.97
N VAL G 212 68.84 52.13 -25.41
CA VAL G 212 69.05 52.21 -23.96
C VAL G 212 68.64 53.58 -23.43
N ILE G 213 67.73 53.57 -22.44
CA ILE G 213 67.25 54.80 -21.84
C ILE G 213 67.69 54.92 -20.39
N VAL G 214 68.18 56.10 -20.02
CA VAL G 214 68.62 56.36 -18.65
C VAL G 214 67.79 57.47 -18.02
N GLU G 215 66.84 57.09 -17.18
CA GLU G 215 65.93 58.05 -16.56
C GLU G 215 66.05 58.07 -15.04
N PRO G 216 66.60 59.17 -14.49
CA PRO G 216 66.66 59.37 -13.05
C PRO G 216 65.25 59.63 -12.50
N THR G 217 64.97 59.12 -11.31
CA THR G 217 63.66 59.31 -10.69
C THR G 217 63.26 60.78 -10.71
N GLU G 218 64.19 61.65 -10.34
CA GLU G 218 63.96 63.09 -10.36
C GLU G 218 64.78 63.73 -11.47
N LYS G 219 64.22 64.75 -12.10
CA LYS G 219 64.93 65.48 -13.15
C LYS G 219 65.95 66.43 -12.54
N PHE G 220 66.47 66.06 -11.37
CA PHE G 220 67.44 66.85 -10.66
C PHE G 220 67.97 66.06 -9.46
N TYR G 221 68.71 66.72 -8.58
CA TYR G 221 69.20 66.07 -7.38
C TYR G 221 69.25 67.03 -6.19
N TYR G 222 68.62 66.61 -5.09
CA TYR G 222 68.61 67.40 -3.86
C TYR G 222 69.86 67.09 -3.04
N ILE G 223 70.66 68.11 -2.76
CA ILE G 223 71.93 67.94 -2.06
C ILE G 223 71.74 67.27 -0.71
N TYR G 224 70.62 67.55 -0.06
CA TYR G 224 70.34 67.01 1.26
C TYR G 224 69.50 65.74 1.19
N ASN G 225 69.54 65.06 0.05
CA ASN G 225 68.81 63.82 -0.14
C ASN G 225 69.65 62.61 0.24
N GLU G 226 69.28 61.97 1.35
CA GLU G 226 70.02 60.82 1.86
C GLU G 226 70.02 59.67 0.86
N LYS G 227 68.86 59.39 0.29
CA LYS G 227 68.70 58.28 -0.65
C LYS G 227 69.74 58.31 -1.76
N GLY G 228 69.97 59.49 -2.32
CA GLY G 228 70.93 59.66 -3.40
C GLY G 228 70.27 59.74 -4.76
N LEU G 229 71.08 59.81 -5.81
CA LEU G 229 70.57 59.90 -7.17
C LEU G 229 70.18 58.53 -7.70
N GLU G 230 68.88 58.28 -7.77
CA GLU G 230 68.37 57.00 -8.30
C GLU G 230 68.20 57.07 -9.81
N VAL G 231 68.76 56.10 -10.51
CA VAL G 231 68.67 56.05 -11.96
C VAL G 231 68.15 54.70 -12.45
N THR G 232 67.25 54.73 -13.42
CA THR G 232 66.68 53.52 -13.98
C THR G 232 67.20 53.27 -15.40
N ILE G 233 67.69 52.06 -15.65
CA ILE G 233 68.23 51.70 -16.95
C ILE G 233 67.25 50.83 -17.73
N THR G 234 66.59 51.44 -18.71
CA THR G 234 65.61 50.73 -19.53
C THR G 234 66.19 50.38 -20.89
N ALA G 235 66.19 49.09 -21.23
CA ALA G 235 66.72 48.64 -22.52
C ALA G 235 65.73 47.72 -23.23
N ARG G 236 65.38 48.09 -24.45
CA ARG G 236 64.46 47.29 -25.25
C ARG G 236 64.89 47.26 -26.72
N PHE G 237 64.64 46.14 -27.39
CA PHE G 237 64.97 46.01 -28.80
C PHE G 237 64.24 47.04 -29.64
N LEU G 238 64.72 47.26 -30.86
CA LEU G 238 64.13 48.25 -31.75
C LEU G 238 62.68 47.90 -32.09
N TYR G 239 62.37 46.62 -32.11
CA TYR G 239 61.02 46.17 -32.43
C TYR G 239 60.09 46.18 -31.20
N GLY G 240 60.59 46.68 -30.09
CA GLY G 240 59.77 46.85 -28.90
C GLY G 240 60.01 45.83 -27.81
N LYS G 241 60.36 44.61 -28.20
CA LYS G 241 60.58 43.53 -27.24
C LYS G 241 61.64 43.90 -26.20
N LYS G 242 61.46 43.39 -24.98
CA LYS G 242 62.36 43.71 -23.88
C LYS G 242 63.73 43.08 -24.08
N VAL G 243 64.74 43.62 -23.41
CA VAL G 243 66.12 43.17 -23.56
C VAL G 243 66.68 42.53 -22.29
N GLU G 244 67.37 41.40 -22.47
CA GLU G 244 68.03 40.73 -21.36
C GLU G 244 69.55 40.83 -21.52
N GLY G 245 70.22 41.38 -20.51
CA GLY G 245 71.65 41.54 -20.55
C GLY G 245 72.22 42.13 -19.26
N THR G 246 73.43 42.68 -19.37
CA THR G 246 74.09 43.30 -18.22
C THR G 246 74.60 44.69 -18.59
N ALA G 247 74.37 45.66 -17.71
CA ALA G 247 74.75 47.04 -17.99
C ALA G 247 75.87 47.55 -17.10
N PHE G 248 76.68 48.46 -17.64
CA PHE G 248 77.77 49.08 -16.90
C PHE G 248 77.53 50.58 -16.80
N VAL G 249 77.12 51.03 -15.61
CA VAL G 249 76.77 52.43 -15.41
C VAL G 249 77.78 53.17 -14.55
N ILE G 250 78.12 54.39 -14.96
CA ILE G 250 79.05 55.23 -14.22
C ILE G 250 78.48 56.65 -14.10
N PHE G 251 79.07 57.44 -13.21
CA PHE G 251 78.60 58.81 -12.98
C PHE G 251 79.73 59.83 -13.14
N GLY G 252 79.44 61.08 -12.79
CA GLY G 252 80.43 62.14 -12.88
C GLY G 252 79.81 63.52 -12.73
N ILE G 253 80.66 64.52 -12.47
CA ILE G 253 80.20 65.89 -12.32
C ILE G 253 80.71 66.77 -13.45
N GLN G 254 79.87 67.69 -13.92
CA GLN G 254 80.25 68.59 -15.00
C GLN G 254 80.37 70.03 -14.51
N ASP G 255 81.27 70.78 -15.11
CA ASP G 255 81.51 72.17 -14.73
C ASP G 255 81.75 73.04 -15.95
N GLY G 256 80.67 73.55 -16.53
CA GLY G 256 80.76 74.37 -17.72
C GLY G 256 81.05 73.54 -18.96
N GLU G 257 82.27 73.03 -19.05
CA GLU G 257 82.66 72.18 -20.17
C GLU G 257 83.52 71.02 -19.70
N GLN G 258 84.04 71.13 -18.48
CA GLN G 258 84.91 70.12 -17.92
C GLN G 258 84.12 69.05 -17.15
N ARG G 259 84.51 67.80 -17.33
CA ARG G 259 83.85 66.69 -16.65
C ARG G 259 84.81 65.95 -15.73
N ILE G 260 84.32 65.56 -14.56
CA ILE G 260 85.12 64.82 -13.59
C ILE G 260 84.47 63.47 -13.29
N SER G 261 85.02 62.42 -13.88
CA SER G 261 84.48 61.08 -13.71
C SER G 261 84.61 60.60 -12.26
N LEU G 262 83.68 59.74 -11.84
CA LEU G 262 83.70 59.20 -10.50
C LEU G 262 83.90 57.68 -10.54
N PRO G 263 85.17 57.25 -10.53
CA PRO G 263 85.56 55.84 -10.62
C PRO G 263 84.92 54.98 -9.53
N GLU G 264 84.63 55.57 -8.38
CA GLU G 264 84.08 54.82 -7.25
C GLU G 264 82.57 54.69 -7.33
N SER G 265 82.00 55.11 -8.46
CA SER G 265 80.55 55.03 -8.66
C SER G 265 80.20 53.99 -9.73
N LEU G 266 81.23 53.38 -10.30
CA LEU G 266 81.03 52.38 -11.35
C LEU G 266 80.25 51.17 -10.82
N LYS G 267 79.14 50.86 -11.48
CA LYS G 267 78.29 49.75 -11.07
C LYS G 267 78.08 48.76 -12.21
N ARG G 268 77.79 47.52 -11.87
CA ARG G 268 77.47 46.50 -12.86
C ARG G 268 76.18 45.77 -12.49
N ILE G 269 75.06 46.33 -12.89
CA ILE G 269 73.75 45.77 -12.55
C ILE G 269 73.16 44.95 -13.68
N PRO G 270 72.53 43.81 -13.34
CA PRO G 270 71.85 42.96 -14.31
C PRO G 270 70.64 43.67 -14.91
N ILE G 271 70.23 43.24 -16.10
CA ILE G 271 69.07 43.84 -16.76
C ILE G 271 68.00 42.79 -17.06
N GLU G 272 67.09 42.60 -16.11
CA GLU G 272 66.00 41.64 -16.27
C GLU G 272 64.71 42.33 -16.66
N ASP G 273 63.92 41.66 -17.50
CA ASP G 273 62.64 42.20 -17.96
C ASP G 273 62.83 43.52 -18.69
N GLY G 274 64.03 43.74 -19.22
CA GLY G 274 64.34 44.95 -19.96
C GLY G 274 64.44 46.17 -19.07
N SER G 275 64.74 45.96 -17.80
CA SER G 275 64.86 47.06 -16.84
C SER G 275 66.00 46.83 -15.86
N GLY G 276 66.56 47.93 -15.36
CA GLY G 276 67.64 47.87 -14.40
C GLY G 276 67.56 48.99 -13.39
N GLU G 277 68.16 48.78 -12.22
CA GLU G 277 68.11 49.77 -11.15
C GLU G 277 69.49 50.07 -10.58
N VAL G 278 69.92 51.32 -10.67
CA VAL G 278 71.21 51.74 -10.15
C VAL G 278 71.07 52.99 -9.29
N VAL G 279 71.84 53.06 -8.21
CA VAL G 279 71.77 54.19 -7.29
C VAL G 279 73.15 54.78 -7.00
N LEU G 280 73.24 56.10 -7.01
CA LEU G 280 74.48 56.80 -6.66
C LEU G 280 74.37 57.39 -5.26
N SER G 281 74.90 56.66 -4.28
CA SER G 281 74.84 57.11 -2.89
C SER G 281 75.53 58.46 -2.70
N ARG G 282 74.93 59.30 -1.86
CA ARG G 282 75.48 60.62 -1.58
C ARG G 282 76.88 60.51 -0.98
N LYS G 283 77.14 59.41 -0.31
CA LYS G 283 78.45 59.16 0.29
C LYS G 283 79.55 59.18 -0.75
N VAL G 284 79.36 58.41 -1.83
CA VAL G 284 80.35 58.33 -2.91
C VAL G 284 80.48 59.66 -3.63
N LEU G 285 79.36 60.36 -3.81
CA LEU G 285 79.35 61.64 -4.49
C LEU G 285 80.25 62.65 -3.80
N LEU G 286 80.04 62.84 -2.51
CA LEU G 286 80.84 63.77 -1.72
C LEU G 286 82.30 63.35 -1.68
N ASP G 287 82.54 62.04 -1.65
CA ASP G 287 83.90 61.51 -1.62
C ASP G 287 84.59 61.70 -2.96
N GLY G 288 83.80 61.98 -4.00
CA GLY G 288 84.34 62.23 -5.32
C GLY G 288 85.13 63.53 -5.37
N VAL G 289 84.77 64.46 -4.50
CA VAL G 289 85.50 65.73 -4.38
C VAL G 289 86.18 65.79 -3.01
N GLN G 290 86.65 66.96 -2.60
CA GLN G 290 87.28 67.06 -1.28
C GLN G 290 86.64 68.15 -0.43
N ARG G 293 81.71 70.80 1.90
CA ARG G 293 81.08 72.02 1.39
C ARG G 293 80.01 71.70 0.35
N ALA G 294 79.10 70.78 0.71
CA ALA G 294 78.05 70.35 -0.20
C ALA G 294 77.40 71.51 -0.94
N GLU G 295 77.25 72.64 -0.26
CA GLU G 295 76.63 73.82 -0.84
C GLU G 295 77.41 74.34 -2.06
N ASP G 296 78.64 73.85 -2.23
CA ASP G 296 79.47 74.23 -3.36
C ASP G 296 79.03 73.51 -4.63
N LEU G 297 78.74 72.22 -4.50
CA LEU G 297 78.30 71.42 -5.65
C LEU G 297 77.01 71.98 -6.23
N VAL G 298 76.32 72.79 -5.45
CA VAL G 298 75.09 73.43 -5.90
C VAL G 298 75.34 74.28 -7.14
N GLY G 299 74.62 74.01 -8.21
CA GLY G 299 74.80 74.71 -9.46
C GLY G 299 75.38 73.81 -10.53
N LYS G 300 76.25 72.89 -10.12
CA LYS G 300 76.86 71.93 -11.03
C LYS G 300 75.84 70.92 -11.50
N SER G 301 76.28 69.99 -12.35
CA SER G 301 75.38 68.98 -12.91
C SER G 301 76.00 67.59 -12.86
N LEU G 302 75.15 66.57 -12.88
CA LEU G 302 75.60 65.18 -12.88
C LEU G 302 75.23 64.51 -14.19
N TYR G 303 76.09 63.61 -14.66
CA TYR G 303 75.82 62.88 -15.90
C TYR G 303 76.02 61.38 -15.72
N VAL G 304 75.07 60.61 -16.25
CA VAL G 304 75.13 59.16 -16.15
C VAL G 304 75.53 58.55 -17.50
N SER G 305 76.44 57.59 -17.45
CA SER G 305 76.91 56.91 -18.67
C SER G 305 76.74 55.41 -18.55
N ALA G 306 75.70 54.88 -19.18
CA ALA G 306 75.41 53.45 -19.13
C ALA G 306 75.95 52.72 -20.35
N THR G 307 76.12 51.40 -20.23
CA THR G 307 76.62 50.58 -21.32
C THR G 307 76.08 49.15 -21.20
N VAL G 308 75.05 48.85 -22.00
CA VAL G 308 74.40 47.54 -21.92
C VAL G 308 74.99 46.54 -22.91
N ILE G 309 75.20 45.32 -22.45
CA ILE G 309 75.71 44.23 -23.29
C ILE G 309 74.83 42.99 -23.15
N LEU G 310 74.32 42.50 -24.27
CA LEU G 310 73.46 41.34 -24.28
C LEU G 310 74.17 40.11 -23.70
N HIS G 311 73.38 39.15 -23.22
CA HIS G 311 73.93 37.92 -22.67
C HIS G 311 74.57 37.06 -23.77
N SER G 312 74.42 37.49 -25.01
CA SER G 312 75.01 36.78 -26.13
C SER G 312 76.34 37.42 -26.54
N GLY G 313 76.61 38.61 -26.01
CA GLY G 313 77.83 39.32 -26.32
C GLY G 313 77.94 39.65 -27.79
N SER G 314 76.79 39.76 -28.46
CA SER G 314 76.76 40.04 -29.88
C SER G 314 76.69 41.54 -30.16
N ASP G 315 75.85 42.24 -29.40
CA ASP G 315 75.66 43.67 -29.60
C ASP G 315 75.97 44.47 -28.33
N MET G 316 76.24 45.75 -28.50
CA MET G 316 76.59 46.62 -27.39
C MET G 316 76.16 48.06 -27.64
N VAL G 317 75.52 48.67 -26.66
CA VAL G 317 75.01 50.03 -26.80
C VAL G 317 75.44 50.93 -25.63
N GLN G 318 75.83 52.15 -25.94
CA GLN G 318 76.24 53.11 -24.93
C GLN G 318 75.29 54.31 -24.87
N ALA G 319 74.59 54.45 -23.75
CA ALA G 319 73.68 55.58 -23.55
C ALA G 319 74.29 56.60 -22.59
N GLU G 320 73.61 57.73 -22.42
CA GLU G 320 74.12 58.78 -21.55
C GLU G 320 73.09 59.87 -21.27
N ARG G 321 72.86 60.14 -19.99
CA ARG G 321 72.00 61.25 -19.57
C ARG G 321 72.85 62.33 -18.92
N SER G 322 72.83 63.53 -19.49
CA SER G 322 73.64 64.63 -18.98
C SER G 322 72.80 65.88 -18.74
N GLY G 323 73.16 66.63 -17.70
CA GLY G 323 72.48 67.88 -17.40
C GLY G 323 71.63 67.83 -16.14
N ILE G 324 71.84 66.80 -15.33
CA ILE G 324 71.10 66.66 -14.08
C ILE G 324 71.50 67.73 -13.07
N PRO G 325 70.62 68.71 -12.86
CA PRO G 325 70.90 69.87 -12.01
C PRO G 325 71.01 69.52 -10.52
N ILE G 326 71.93 70.15 -9.82
CA ILE G 326 72.06 70.00 -8.38
C ILE G 326 71.62 71.29 -7.68
N VAL G 327 70.35 71.35 -7.29
CA VAL G 327 69.80 72.56 -6.71
C VAL G 327 69.14 72.29 -5.35
N THR G 328 68.93 73.37 -4.58
CA THR G 328 68.33 73.26 -3.26
C THR G 328 66.79 73.29 -3.27
N SER G 329 66.19 73.70 -4.38
CA SER G 329 64.73 73.70 -4.51
C SER G 329 64.31 73.06 -5.82
N PRO G 330 63.33 72.15 -5.77
CA PRO G 330 62.85 71.39 -6.94
C PRO G 330 62.15 72.27 -7.97
N TYR G 331 62.05 73.57 -7.72
CA TYR G 331 61.34 74.47 -8.62
C TYR G 331 62.06 75.80 -8.83
N GLN G 332 61.60 76.55 -9.82
CA GLN G 332 62.13 77.89 -10.10
C GLN G 332 61.01 78.82 -10.53
N ILE G 333 61.10 80.08 -10.14
CA ILE G 333 60.06 81.06 -10.47
C ILE G 333 60.61 82.18 -11.35
N HIS G 334 59.89 82.50 -12.42
CA HIS G 334 60.30 83.56 -13.33
C HIS G 334 59.16 84.54 -13.61
N PHE G 335 59.46 85.83 -13.50
CA PHE G 335 58.48 86.86 -13.80
C PHE G 335 58.71 87.42 -15.20
N THR G 336 59.13 86.55 -16.12
CA THR G 336 59.42 86.95 -17.49
C THR G 336 58.15 87.10 -18.31
N LYS G 337 57.04 86.62 -17.78
CA LYS G 337 55.76 86.70 -18.48
C LYS G 337 54.79 87.63 -17.75
N THR G 338 55.32 88.40 -16.81
CA THR G 338 54.51 89.34 -16.04
C THR G 338 54.93 90.78 -16.30
N PRO G 339 53.97 91.64 -16.66
CA PRO G 339 54.23 93.06 -16.92
C PRO G 339 54.97 93.72 -15.77
N LYS G 340 55.89 94.63 -16.09
CA LYS G 340 56.67 95.31 -15.06
C LYS G 340 56.07 96.66 -14.70
N TYR G 341 54.79 96.84 -15.01
CA TYR G 341 54.10 98.08 -14.72
C TYR G 341 52.65 97.83 -14.31
N PHE G 342 52.24 98.44 -13.20
CA PHE G 342 50.89 98.27 -12.68
C PHE G 342 50.11 99.58 -12.74
N LYS G 343 48.78 99.46 -12.69
CA LYS G 343 47.93 100.64 -12.66
C LYS G 343 47.50 100.94 -11.24
N PRO G 344 47.91 102.10 -10.71
CA PRO G 344 47.63 102.52 -9.33
C PRO G 344 46.14 102.42 -8.99
N GLY G 345 45.81 101.50 -8.09
CA GLY G 345 44.44 101.32 -7.65
C GLY G 345 43.64 100.39 -8.54
N MET G 346 44.35 99.61 -9.35
CA MET G 346 43.71 98.68 -10.28
C MET G 346 44.30 97.28 -10.18
N PRO G 347 43.47 96.26 -10.40
CA PRO G 347 43.89 94.84 -10.31
C PRO G 347 45.08 94.53 -11.22
N PHE G 348 46.21 94.19 -10.60
CA PHE G 348 47.40 93.82 -11.36
C PHE G 348 47.51 92.30 -11.48
N ASP G 349 47.70 91.82 -12.70
CA ASP G 349 47.79 90.39 -12.97
C ASP G 349 49.23 89.89 -12.94
N LEU G 350 49.45 88.80 -12.22
CA LEU G 350 50.78 88.20 -12.12
C LEU G 350 50.84 86.85 -12.81
N MET G 351 51.66 86.75 -13.84
CA MET G 351 51.82 85.50 -14.58
C MET G 351 53.04 84.73 -14.10
N VAL G 352 52.89 84.03 -12.98
CA VAL G 352 53.98 83.24 -12.42
C VAL G 352 54.38 82.11 -13.34
N PHE G 353 55.67 82.03 -13.66
CA PHE G 353 56.18 81.02 -14.57
C PHE G 353 57.09 80.03 -13.84
N VAL G 354 56.48 78.99 -13.29
CA VAL G 354 57.22 77.98 -12.54
C VAL G 354 57.80 76.91 -13.47
N THR G 355 59.08 76.62 -13.29
CA THR G 355 59.76 75.63 -14.12
C THR G 355 60.70 74.75 -13.29
N ASN G 356 60.93 73.54 -13.75
CA ASN G 356 61.85 72.62 -13.10
C ASN G 356 63.29 73.06 -13.30
N PRO G 357 64.20 72.58 -12.43
CA PRO G 357 65.62 72.96 -12.46
C PRO G 357 66.24 72.84 -13.85
N ASP G 358 65.73 71.94 -14.68
CA ASP G 358 66.28 71.73 -16.01
C ASP G 358 65.83 72.82 -16.99
N GLY G 359 64.58 73.25 -16.88
CA GLY G 359 64.04 74.28 -17.75
C GLY G 359 62.62 74.02 -18.17
N SER G 360 62.22 72.75 -18.15
CA SER G 360 60.87 72.35 -18.51
C SER G 360 59.85 72.83 -17.48
N PRO G 361 58.70 73.33 -17.94
CA PRO G 361 57.62 73.85 -17.09
C PRO G 361 57.17 72.82 -16.06
N ALA G 362 56.79 73.29 -14.87
CA ALA G 362 56.30 72.41 -13.82
C ALA G 362 54.78 72.43 -13.76
N TYR G 363 54.17 71.24 -13.79
CA TYR G 363 52.72 71.13 -13.77
C TYR G 363 52.17 70.94 -12.36
N ARG G 364 51.08 71.63 -12.06
CA ARG G 364 50.43 71.53 -10.75
C ARG G 364 51.38 71.88 -9.60
N VAL G 365 51.64 73.18 -9.44
CA VAL G 365 52.45 73.65 -8.33
C VAL G 365 51.90 74.97 -7.78
N PRO G 366 51.14 74.90 -6.69
CA PRO G 366 50.46 76.05 -6.06
C PRO G 366 51.44 77.18 -5.75
N VAL G 367 50.98 78.42 -5.96
CA VAL G 367 51.79 79.59 -5.66
C VAL G 367 50.95 80.66 -4.98
N ALA G 368 51.62 81.63 -4.36
CA ALA G 368 50.94 82.72 -3.68
C ALA G 368 51.85 83.93 -3.51
N VAL G 369 51.36 84.96 -2.84
CA VAL G 369 52.13 86.17 -2.60
C VAL G 369 52.66 86.17 -1.18
N GLN G 370 53.56 87.11 -0.87
CA GLN G 370 54.12 87.23 0.47
C GLN G 370 53.00 87.21 1.52
N GLY G 371 52.11 88.20 1.44
CA GLY G 371 50.96 88.25 2.32
C GLY G 371 49.81 87.43 1.75
N GLU G 372 48.59 87.75 2.17
CA GLU G 372 47.41 87.05 1.69
C GLU G 372 47.61 85.54 1.73
N ASP G 373 47.72 84.98 2.93
CA ASP G 373 47.94 83.55 3.10
C ASP G 373 46.82 82.74 2.44
N THR G 374 45.66 83.37 2.28
CA THR G 374 44.50 82.69 1.72
C THR G 374 44.56 82.58 0.20
N VAL G 375 45.18 83.57 -0.45
CA VAL G 375 45.26 83.58 -1.90
C VAL G 375 46.10 82.42 -2.42
N GLN G 376 45.60 81.74 -3.44
CA GLN G 376 46.31 80.61 -4.03
C GLN G 376 45.98 80.46 -5.52
N SER G 377 46.79 79.67 -6.21
CA SER G 377 46.59 79.40 -7.63
C SER G 377 47.53 78.30 -8.09
N LEU G 378 47.00 77.30 -8.79
CA LEU G 378 47.81 76.21 -9.31
C LEU G 378 48.38 76.54 -10.68
N THR G 379 49.42 75.83 -11.07
CA THR G 379 50.07 76.05 -12.35
C THR G 379 49.46 75.16 -13.43
N GLN G 380 49.22 75.75 -14.61
CA GLN G 380 48.62 75.02 -15.72
C GLN G 380 49.65 74.15 -16.43
N GLY G 381 49.25 73.58 -17.56
CA GLY G 381 50.13 72.70 -18.32
C GLY G 381 51.26 73.42 -19.02
N ASP G 382 51.11 74.72 -19.19
CA ASP G 382 52.11 75.53 -19.88
C ASP G 382 53.22 75.98 -18.92
N GLY G 383 52.94 75.91 -17.62
CA GLY G 383 53.89 76.33 -16.61
C GLY G 383 53.62 77.73 -16.11
N VAL G 384 52.41 78.22 -16.33
CA VAL G 384 52.03 79.56 -15.91
C VAL G 384 50.85 79.53 -14.94
N ALA G 385 50.96 80.26 -13.84
CA ALA G 385 49.90 80.35 -12.85
C ALA G 385 49.16 81.67 -12.97
N LYS G 386 47.90 81.69 -12.56
CA LYS G 386 47.09 82.89 -12.66
C LYS G 386 46.92 83.58 -11.30
N LEU G 387 47.56 84.73 -11.15
CA LEU G 387 47.45 85.51 -9.92
C LEU G 387 46.93 86.92 -10.21
N SER G 388 46.23 87.48 -9.23
CA SER G 388 45.69 88.83 -9.37
C SER G 388 45.63 89.53 -8.01
N ILE G 389 46.17 90.75 -7.95
CA ILE G 389 46.21 91.50 -6.70
C ILE G 389 45.63 92.90 -6.86
N ASN G 390 45.12 93.44 -5.76
CA ASN G 390 44.60 94.80 -5.74
C ASN G 390 45.61 95.79 -5.20
N THR G 391 45.83 96.88 -5.94
CA THR G 391 46.82 97.88 -5.55
C THR G 391 46.14 99.16 -5.07
N HIS G 392 46.88 99.96 -4.31
CA HIS G 392 46.37 101.24 -3.82
C HIS G 392 46.73 102.36 -4.79
N PRO G 393 45.99 103.49 -4.70
CA PRO G 393 46.25 104.66 -5.55
C PRO G 393 47.56 105.35 -5.21
N SER G 394 48.57 104.58 -4.80
CA SER G 394 49.87 105.14 -4.45
C SER G 394 50.82 105.09 -5.64
N GLN G 395 51.53 106.20 -5.86
CA GLN G 395 52.48 106.28 -6.96
C GLN G 395 53.82 105.66 -6.57
N LYS G 396 53.83 104.93 -5.46
CA LYS G 396 55.04 104.29 -4.97
C LYS G 396 55.18 102.88 -5.54
N PRO G 397 56.39 102.52 -5.98
CA PRO G 397 56.68 101.21 -6.58
C PRO G 397 56.06 100.06 -5.79
N LEU G 398 55.59 99.04 -6.53
CA LEU G 398 54.96 97.89 -5.90
C LEU G 398 55.92 96.70 -5.89
N SER G 399 56.28 96.23 -4.70
CA SER G 399 57.16 95.09 -4.55
C SER G 399 56.36 93.82 -4.26
N ILE G 400 56.53 92.80 -5.09
CA ILE G 400 55.80 91.56 -4.92
C ILE G 400 56.73 90.35 -4.80
N THR G 401 56.49 89.52 -3.79
CA THR G 401 57.26 88.30 -3.61
C THR G 401 56.35 87.09 -3.71
N VAL G 402 56.54 86.28 -4.75
CA VAL G 402 55.74 85.08 -4.95
C VAL G 402 56.42 83.85 -4.36
N ARG G 403 55.65 83.06 -3.61
CA ARG G 403 56.19 81.89 -2.94
C ARG G 403 55.43 80.62 -3.30
N THR G 404 56.15 79.61 -3.76
CA THR G 404 55.56 78.32 -4.05
C THR G 404 55.02 77.68 -2.78
N LYS G 405 53.83 77.10 -2.87
CA LYS G 405 53.17 76.52 -1.70
C LYS G 405 52.81 75.05 -1.91
N LYS G 406 53.73 74.30 -2.51
CA LYS G 406 53.50 72.88 -2.76
C LYS G 406 53.72 72.09 -1.47
N GLN G 407 52.72 71.31 -1.08
CA GLN G 407 52.80 70.50 0.13
C GLN G 407 53.88 69.42 0.01
N GLU G 408 53.91 68.51 0.97
CA GLU G 408 54.87 67.41 0.98
C GLU G 408 56.29 67.89 1.26
N LEU G 409 56.54 69.18 1.03
CA LEU G 409 57.84 69.77 1.27
C LEU G 409 57.82 70.68 2.49
N SER G 410 58.86 71.50 2.64
CA SER G 410 58.94 72.43 3.76
C SER G 410 59.24 73.84 3.26
N GLU G 411 59.05 74.82 4.13
CA GLU G 411 59.29 76.22 3.78
C GLU G 411 60.76 76.48 3.43
N ALA G 412 61.60 75.47 3.65
CA ALA G 412 63.02 75.59 3.36
C ALA G 412 63.34 75.07 1.95
N GLU G 413 62.54 74.14 1.47
CA GLU G 413 62.76 73.55 0.16
C GLU G 413 62.00 74.30 -0.93
N GLN G 414 61.32 75.38 -0.55
CA GLN G 414 60.56 76.18 -1.49
C GLN G 414 61.43 77.21 -2.19
N ALA G 415 61.07 77.56 -3.42
CA ALA G 415 61.81 78.55 -4.20
C ALA G 415 61.03 79.86 -4.26
N THR G 416 61.71 80.97 -4.02
CA THR G 416 61.08 82.28 -4.03
C THR G 416 61.77 83.24 -4.99
N ARG G 417 61.01 84.26 -5.42
CA ARG G 417 61.54 85.29 -6.31
C ARG G 417 60.79 86.59 -6.10
N THR G 418 61.49 87.71 -6.24
CA THR G 418 60.89 89.02 -6.02
C THR G 418 61.09 89.95 -7.21
N MET G 419 60.03 90.68 -7.57
CA MET G 419 60.09 91.65 -8.66
C MET G 419 59.62 93.02 -8.20
N GLN G 420 59.76 94.02 -9.06
CA GLN G 420 59.34 95.37 -8.74
C GLN G 420 58.60 96.02 -9.91
N ALA G 421 57.34 96.37 -9.70
CA ALA G 421 56.54 97.01 -10.73
C ALA G 421 56.41 98.51 -10.48
N LEU G 422 56.43 99.28 -11.55
CA LEU G 422 56.34 100.74 -11.44
C LEU G 422 54.99 101.25 -11.94
N PRO G 423 54.44 102.27 -11.26
CA PRO G 423 53.15 102.87 -11.62
C PRO G 423 53.18 103.46 -13.03
N TYR G 424 52.02 103.50 -13.68
CA TYR G 424 51.90 104.06 -15.02
C TYR G 424 51.86 105.58 -14.97
N SER G 425 52.93 106.22 -15.42
CA SER G 425 53.02 107.67 -15.45
C SER G 425 52.02 108.26 -16.44
N THR G 426 51.03 108.99 -15.93
CA THR G 426 50.00 109.61 -16.77
C THR G 426 50.46 111.01 -17.23
N VAL G 427 50.20 111.37 -18.50
CA VAL G 427 50.57 112.68 -19.08
C VAL G 427 50.20 113.85 -18.17
N GLY G 428 51.20 114.63 -17.76
CA GLY G 428 50.99 115.77 -16.90
C GLY G 428 50.38 115.41 -15.57
N ASN G 429 50.61 114.17 -15.13
CA ASN G 429 50.07 113.69 -13.85
C ASN G 429 48.56 113.86 -13.75
N SER G 430 47.85 113.48 -14.81
CA SER G 430 46.40 113.62 -14.84
C SER G 430 45.71 112.41 -14.22
N ASN G 431 46.50 111.40 -13.87
CA ASN G 431 45.98 110.18 -13.24
C ASN G 431 44.92 109.47 -14.09
N ASN G 432 45.11 109.49 -15.40
CA ASN G 432 44.21 108.79 -16.31
C ASN G 432 44.84 107.50 -16.82
N TYR G 433 44.28 106.36 -16.42
CA TYR G 433 44.85 105.07 -16.75
C TYR G 433 43.92 104.21 -17.61
N LEU G 434 44.45 103.09 -18.09
CA LEU G 434 43.68 102.14 -18.87
C LEU G 434 44.23 100.73 -18.64
N HIS G 435 43.37 99.83 -18.19
CA HIS G 435 43.81 98.47 -17.88
C HIS G 435 43.12 97.43 -18.76
N LEU G 436 43.89 96.47 -19.25
CA LEU G 436 43.36 95.40 -20.08
C LEU G 436 43.54 94.04 -19.41
N SER G 437 42.47 93.56 -18.77
CA SER G 437 42.52 92.26 -18.10
C SER G 437 42.00 91.17 -19.03
N VAL G 438 42.79 90.11 -19.19
CA VAL G 438 42.43 89.01 -20.07
C VAL G 438 42.27 87.70 -19.31
N LEU G 439 41.16 87.02 -19.53
CA LEU G 439 40.91 85.71 -18.93
C LEU G 439 41.90 84.71 -19.51
N ARG G 440 43.10 84.64 -18.94
CA ARG G 440 44.15 83.82 -19.52
C ARG G 440 43.94 82.32 -19.32
N THR G 441 43.51 81.67 -20.39
CA THR G 441 43.44 80.22 -20.46
C THR G 441 44.09 79.78 -21.76
N GLU G 442 44.41 78.51 -21.87
CA GLU G 442 45.06 78.00 -23.09
C GLU G 442 44.18 78.27 -24.31
N LEU G 443 44.46 79.39 -24.98
CA LEU G 443 43.68 79.79 -26.15
C LEU G 443 43.87 78.82 -27.31
N ARG G 444 42.77 78.50 -27.99
CA ARG G 444 42.81 77.58 -29.11
C ARG G 444 42.08 78.17 -30.31
N PRO G 445 42.71 78.14 -31.49
CA PRO G 445 42.12 78.68 -32.72
C PRO G 445 40.69 78.18 -32.92
N GLY G 446 39.73 79.09 -32.80
CA GLY G 446 38.32 78.75 -32.95
C GLY G 446 37.49 79.32 -31.81
N GLU G 447 38.12 79.48 -30.65
CA GLU G 447 37.45 80.02 -29.48
C GLU G 447 37.32 81.54 -29.57
N THR G 448 36.70 82.14 -28.56
CA THR G 448 36.57 83.59 -28.50
C THR G 448 37.15 84.12 -27.18
N LEU G 449 37.77 85.28 -27.24
CA LEU G 449 38.40 85.87 -26.07
C LEU G 449 37.67 87.11 -25.59
N ASN G 450 37.45 87.20 -24.28
CA ASN G 450 36.78 88.34 -23.68
C ASN G 450 37.76 89.41 -23.23
N VAL G 451 38.02 90.39 -24.09
CA VAL G 451 38.95 91.45 -23.78
C VAL G 451 38.28 92.54 -22.95
N ASN G 452 38.75 92.73 -21.72
CA ASN G 452 38.18 93.71 -20.80
C ASN G 452 38.86 95.07 -20.90
N PHE G 453 38.05 96.12 -21.03
CA PHE G 453 38.56 97.48 -21.07
C PHE G 453 38.16 98.25 -19.82
N LEU G 454 39.11 98.46 -18.92
CA LEU G 454 38.85 99.16 -17.67
C LEU G 454 39.40 100.57 -17.70
N LEU G 455 38.51 101.56 -17.66
CA LEU G 455 38.89 102.96 -17.69
C LEU G 455 39.16 103.50 -16.29
N ARG G 456 39.99 104.54 -16.20
CA ARG G 456 40.34 105.13 -14.92
C ARG G 456 40.61 106.63 -15.04
N MET G 457 39.58 107.43 -14.77
CA MET G 457 39.71 108.88 -14.82
C MET G 457 38.49 109.56 -14.20
N ASP G 458 38.67 110.81 -13.76
CA ASP G 458 37.58 111.57 -13.17
C ASP G 458 36.43 111.75 -14.16
N ARG G 459 35.21 111.88 -13.62
CA ARG G 459 34.02 111.98 -14.46
C ARG G 459 33.99 113.27 -15.27
N ALA G 460 34.85 114.22 -14.90
CA ALA G 460 34.89 115.52 -15.56
C ALA G 460 35.21 115.40 -17.05
N HIS G 461 35.84 114.30 -17.43
CA HIS G 461 36.25 114.11 -18.83
C HIS G 461 35.95 112.69 -19.32
N GLU G 462 35.28 111.90 -18.49
CA GLU G 462 34.96 110.52 -18.84
C GLU G 462 33.95 110.46 -19.98
N ALA G 463 33.12 111.50 -20.09
CA ALA G 463 32.09 111.56 -21.12
C ALA G 463 32.68 111.86 -22.48
N LYS G 464 33.96 112.21 -22.51
CA LYS G 464 34.65 112.52 -23.75
C LYS G 464 35.11 111.26 -24.46
N ILE G 465 35.40 110.22 -23.67
CA ILE G 465 35.83 108.94 -24.24
C ILE G 465 34.63 108.16 -24.76
N ARG G 466 34.68 107.82 -26.05
CA ARG G 466 33.56 107.13 -26.69
C ARG G 466 34.00 105.89 -27.46
N TYR G 467 35.30 105.70 -27.58
CA TYR G 467 35.82 104.55 -28.33
C TYR G 467 37.29 104.26 -28.02
N TYR G 468 37.66 102.99 -28.15
CA TYR G 468 39.05 102.57 -27.96
C TYR G 468 39.63 102.09 -29.28
N THR G 469 40.90 102.41 -29.52
CA THR G 469 41.58 101.96 -30.73
C THR G 469 42.56 100.84 -30.41
N TYR G 470 42.19 99.62 -30.75
CA TYR G 470 43.03 98.46 -30.46
C TYR G 470 43.73 97.93 -31.71
N LEU G 471 44.93 97.40 -31.53
CA LEU G 471 45.69 96.82 -32.63
C LEU G 471 46.20 95.43 -32.26
N ILE G 472 46.32 94.57 -33.26
CA ILE G 472 46.78 93.20 -33.03
C ILE G 472 48.17 92.96 -33.61
N MET G 473 49.07 92.45 -32.77
CA MET G 473 50.42 92.11 -33.21
C MET G 473 50.56 90.61 -33.37
N ASN G 474 51.21 90.19 -34.45
CA ASN G 474 51.38 88.77 -34.75
C ASN G 474 52.57 88.50 -35.66
N LYS G 475 53.54 87.74 -35.15
CA LYS G 475 54.73 87.40 -35.92
C LYS G 475 55.48 88.64 -36.42
N GLY G 476 55.18 89.78 -35.82
CA GLY G 476 55.86 91.02 -36.16
C GLY G 476 55.11 91.89 -37.16
N ARG G 477 53.84 91.57 -37.39
CA ARG G 477 53.02 92.35 -38.31
C ARG G 477 51.66 92.67 -37.70
N LEU G 478 51.01 93.71 -38.24
CA LEU G 478 49.69 94.10 -37.77
C LEU G 478 48.62 93.18 -38.37
N LEU G 479 48.06 92.32 -37.53
CA LEU G 479 47.05 91.36 -37.97
C LEU G 479 45.70 92.04 -38.18
N LYS G 480 45.29 92.84 -37.21
CA LYS G 480 43.99 93.51 -37.29
C LYS G 480 43.93 94.73 -36.37
N ALA G 481 43.04 95.67 -36.70
CA ALA G 481 42.84 96.86 -35.88
C ALA G 481 41.43 97.38 -36.05
N GLY G 482 40.76 97.65 -34.93
CA GLY G 482 39.38 98.11 -34.97
C GLY G 482 39.05 99.12 -33.88
N ARG G 483 37.76 99.25 -33.59
CA ARG G 483 37.28 100.20 -32.58
C ARG G 483 36.32 99.52 -31.61
N GLN G 484 36.43 99.88 -30.33
CA GLN G 484 35.53 99.37 -29.31
C GLN G 484 34.67 100.49 -28.75
N VAL G 485 33.38 100.49 -29.08
CA VAL G 485 32.47 101.54 -28.65
C VAL G 485 32.35 101.60 -27.13
N ARG G 486 32.11 102.80 -26.62
CA ARG G 486 31.97 102.99 -25.18
C ARG G 486 30.99 104.12 -24.87
N GLU G 487 29.99 103.82 -24.05
CA GLU G 487 29.01 104.83 -23.63
C GLU G 487 29.41 105.46 -22.30
N PRO G 488 29.11 106.75 -22.13
CA PRO G 488 29.44 107.51 -20.92
C PRO G 488 28.92 106.82 -19.66
N GLY G 489 29.82 106.54 -18.72
CA GLY G 489 29.45 105.90 -17.48
C GLY G 489 29.88 104.45 -17.42
N GLN G 490 30.52 103.97 -18.49
CA GLN G 490 30.97 102.59 -18.56
C GLN G 490 32.47 102.49 -18.30
N ASP G 491 32.83 101.86 -17.20
CA ASP G 491 34.24 101.65 -16.85
C ASP G 491 34.74 100.31 -17.37
N LEU G 492 33.81 99.43 -17.71
CA LEU G 492 34.18 98.10 -18.19
C LEU G 492 33.36 97.66 -19.40
N VAL G 493 34.04 97.51 -20.53
CA VAL G 493 33.42 97.03 -21.75
C VAL G 493 34.17 95.83 -22.31
N VAL G 494 33.43 94.83 -22.80
CA VAL G 494 34.04 93.60 -23.29
C VAL G 494 34.13 93.59 -24.81
N LEU G 495 35.26 93.10 -25.33
CA LEU G 495 35.48 93.01 -26.76
C LEU G 495 35.54 91.56 -27.22
N PRO G 496 34.48 91.10 -27.91
CA PRO G 496 34.41 89.73 -28.44
C PRO G 496 35.44 89.52 -29.55
N LEU G 497 36.66 89.14 -29.17
CA LEU G 497 37.73 88.93 -30.14
C LEU G 497 37.86 87.46 -30.51
N SER G 498 37.41 87.12 -31.70
CA SER G 498 37.48 85.74 -32.19
C SER G 498 38.92 85.36 -32.55
N ILE G 499 39.36 84.20 -32.08
CA ILE G 499 40.71 83.73 -32.35
C ILE G 499 40.75 82.78 -33.54
N THR G 500 41.54 83.11 -34.55
CA THR G 500 41.68 82.28 -35.73
C THR G 500 43.00 81.53 -35.71
N THR G 501 43.40 80.98 -36.86
CA THR G 501 44.63 80.22 -36.98
C THR G 501 45.82 81.13 -37.26
N ASP G 502 45.58 82.44 -37.25
CA ASP G 502 46.64 83.41 -37.52
C ASP G 502 47.33 83.84 -36.23
N PHE G 503 46.57 83.88 -35.14
CA PHE G 503 47.10 84.34 -33.85
C PHE G 503 48.29 83.49 -33.38
N ILE G 504 48.38 82.27 -33.88
CA ILE G 504 49.47 81.37 -33.53
C ILE G 504 50.80 81.96 -33.99
N PRO G 505 51.83 81.92 -33.12
CA PRO G 505 51.78 81.35 -31.78
C PRO G 505 51.21 82.33 -30.77
N SER G 506 51.89 83.47 -30.60
CA SER G 506 51.48 84.47 -29.63
C SER G 506 51.09 85.78 -30.33
N PHE G 507 50.07 86.44 -29.78
CA PHE G 507 49.60 87.70 -30.33
C PHE G 507 49.45 88.75 -29.25
N ARG G 508 49.79 89.99 -29.56
CA ARG G 508 49.66 91.08 -28.61
C ARG G 508 48.40 91.91 -28.89
N LEU G 509 48.01 92.73 -27.93
CA LEU G 509 46.84 93.58 -28.06
C LEU G 509 47.04 94.91 -27.36
N VAL G 510 47.23 95.96 -28.14
CA VAL G 510 47.39 97.30 -27.61
C VAL G 510 46.09 98.08 -27.77
N ALA G 511 45.72 98.82 -26.72
CA ALA G 511 44.51 99.62 -26.76
C ALA G 511 44.76 101.00 -26.15
N TYR G 512 44.28 102.04 -26.82
CA TYR G 512 44.49 103.40 -26.34
C TYR G 512 43.32 104.31 -26.69
N TYR G 513 43.19 105.40 -25.95
CA TYR G 513 42.17 106.39 -26.21
C TYR G 513 42.77 107.80 -26.11
N THR G 514 42.22 108.73 -26.88
CA THR G 514 42.73 110.10 -26.87
C THR G 514 41.60 111.11 -26.71
N LEU G 515 41.86 112.15 -25.92
CA LEU G 515 40.86 113.17 -25.66
C LEU G 515 41.52 114.48 -25.23
N ILE G 516 40.71 115.50 -25.00
CA ILE G 516 41.19 116.79 -24.53
C ILE G 516 40.69 117.08 -23.12
N GLY G 517 41.61 117.44 -22.23
CA GLY G 517 41.24 117.73 -20.85
C GLY G 517 42.36 118.41 -20.09
N ALA G 518 42.22 118.45 -18.76
CA ALA G 518 43.21 119.07 -17.90
C ALA G 518 43.29 120.58 -18.11
N SER G 519 43.91 120.99 -19.21
CA SER G 519 44.03 122.41 -19.54
C SER G 519 44.25 122.60 -21.04
N GLY G 520 43.30 122.12 -21.83
CA GLY G 520 43.39 122.22 -23.28
C GLY G 520 44.61 121.49 -23.82
N GLN G 521 45.09 120.51 -23.06
CA GLN G 521 46.26 119.74 -23.45
C GLN G 521 45.88 118.37 -23.98
N ARG G 522 46.49 117.98 -25.10
CA ARG G 522 46.23 116.66 -25.68
C ARG G 522 46.86 115.56 -24.84
N GLU G 523 46.09 114.51 -24.59
CA GLU G 523 46.58 113.39 -23.79
C GLU G 523 46.29 112.05 -24.46
N VAL G 524 47.24 111.12 -24.36
CA VAL G 524 47.07 109.79 -24.90
C VAL G 524 47.40 108.75 -23.83
N VAL G 525 46.49 107.82 -23.62
CA VAL G 525 46.69 106.75 -22.63
C VAL G 525 46.52 105.38 -23.29
N ALA G 526 47.50 104.49 -23.06
CA ALA G 526 47.49 103.19 -23.69
C ALA G 526 47.81 102.06 -22.72
N ASP G 527 47.57 100.83 -23.16
CA ASP G 527 47.90 99.64 -22.38
C ASP G 527 47.99 98.43 -23.30
N SER G 528 49.08 97.67 -23.17
CA SER G 528 49.30 96.50 -24.02
C SER G 528 49.28 95.21 -23.21
N VAL G 529 49.03 94.09 -23.88
CA VAL G 529 48.99 92.79 -23.22
C VAL G 529 49.43 91.69 -24.18
N TRP G 530 50.22 90.76 -23.66
CA TRP G 530 50.73 89.65 -24.47
C TRP G 530 50.11 88.32 -24.05
N VAL G 531 49.39 87.69 -24.97
CA VAL G 531 48.72 86.42 -24.69
C VAL G 531 49.30 85.30 -25.55
N ASP G 532 49.43 84.12 -24.94
CA ASP G 532 49.98 82.97 -25.64
C ASP G 532 48.89 82.02 -26.12
N VAL G 533 48.92 81.68 -27.40
CA VAL G 533 47.96 80.74 -27.97
C VAL G 533 48.58 79.36 -28.13
N LYS G 534 47.74 78.34 -28.06
CA LYS G 534 48.20 76.97 -28.13
C LYS G 534 49.11 76.74 -29.25
N ASP G 535 50.11 76.01 -28.87
CA ASP G 535 51.10 75.77 -29.82
C ASP G 535 50.78 74.50 -30.57
N SER G 536 50.27 74.68 -31.79
CA SER G 536 49.99 73.58 -32.70
C SER G 536 50.13 74.05 -34.14
N CYS G 537 49.99 73.11 -35.07
CA CYS G 537 50.08 73.41 -36.48
C CYS G 537 48.97 74.39 -36.90
N VAL G 538 49.32 75.34 -37.75
CA VAL G 538 48.35 76.32 -38.25
C VAL G 538 47.15 75.60 -38.84
N GLY G 539 47.41 74.47 -39.49
CA GLY G 539 46.35 73.64 -40.04
C GLY G 539 46.28 72.32 -39.32
N SER G 540 46.68 71.25 -40.01
CA SER G 540 46.69 69.91 -39.42
C SER G 540 47.29 68.89 -40.37
N LEU G 541 48.11 67.99 -39.83
CA LEU G 541 48.71 66.92 -40.63
C LEU G 541 48.86 65.65 -39.79
N VAL G 542 48.13 64.62 -40.17
CA VAL G 542 48.15 63.36 -39.42
C VAL G 542 48.55 62.19 -40.33
N VAL G 543 49.34 61.27 -39.79
CA VAL G 543 49.77 60.09 -40.53
C VAL G 543 49.55 58.82 -39.73
N LYS G 544 48.55 58.04 -40.12
CA LYS G 544 48.23 56.80 -39.43
C LYS G 544 48.24 55.62 -40.41
N SER G 545 48.01 54.43 -39.87
CA SER G 545 47.99 53.22 -40.69
C SER G 545 46.70 53.10 -41.50
N GLY G 546 46.86 52.78 -42.78
CA GLY G 546 45.72 52.61 -43.65
C GLY G 546 44.87 51.42 -43.23
N GLN G 547 45.53 50.33 -42.86
CA GLN G 547 44.84 49.14 -42.38
C GLN G 547 44.14 49.44 -41.06
N SER G 548 42.81 49.55 -41.12
CA SER G 548 42.01 49.78 -39.92
C SER G 548 41.81 48.48 -39.15
N GLU G 549 42.79 47.59 -39.24
CA GLU G 549 42.70 46.28 -38.60
C GLU G 549 44.06 45.57 -38.65
N ASP G 550 44.09 44.34 -38.16
CA ASP G 550 45.28 43.49 -38.22
C ASP G 550 46.38 43.89 -37.23
N ARG G 551 47.54 43.27 -37.37
CA ARG G 551 48.63 43.43 -36.40
C ARG G 551 49.88 43.99 -37.08
N GLN G 552 51.03 43.43 -36.73
CA GLN G 552 52.30 43.88 -37.28
C GLN G 552 52.60 43.20 -38.61
N PRO G 553 53.12 43.97 -39.58
CA PRO G 553 53.44 43.48 -40.92
C PRO G 553 54.65 42.55 -40.94
N VAL G 554 55.08 42.18 -42.14
CA VAL G 554 56.24 41.30 -42.33
C VAL G 554 57.14 41.89 -43.40
N PRO G 555 58.47 41.87 -43.17
CA PRO G 555 59.44 42.43 -44.10
C PRO G 555 59.12 42.11 -45.57
N GLY G 556 58.88 43.15 -46.36
CA GLY G 556 58.57 42.98 -47.77
C GLY G 556 57.09 43.16 -48.07
N GLN G 557 56.27 43.14 -47.04
CA GLN G 557 54.82 43.26 -47.18
C GLN G 557 54.40 44.71 -47.41
N GLN G 558 53.33 44.89 -48.16
CA GLN G 558 52.79 46.21 -48.43
C GLN G 558 51.84 46.64 -47.32
N MET G 559 51.65 47.95 -47.17
CA MET G 559 50.71 48.49 -46.20
C MET G 559 50.21 49.87 -46.60
N THR G 560 48.90 50.07 -46.48
CA THR G 560 48.30 51.36 -46.80
C THR G 560 48.71 52.41 -45.76
N LEU G 561 49.00 53.61 -46.21
CA LEU G 561 49.42 54.69 -45.33
C LEU G 561 48.54 55.91 -45.49
N LYS G 562 47.59 56.07 -44.56
CA LYS G 562 46.66 57.19 -44.61
C LYS G 562 47.34 58.51 -44.25
N ILE G 563 47.04 59.55 -45.01
CA ILE G 563 47.58 60.87 -44.74
C ILE G 563 46.48 61.93 -44.73
N GLU G 564 46.20 62.47 -43.55
CA GLU G 564 45.17 63.48 -43.40
C GLU G 564 45.76 64.87 -43.24
N GLY G 565 45.74 65.65 -44.32
CA GLY G 565 46.29 66.99 -44.31
C GLY G 565 45.36 68.00 -44.95
N ASP G 566 45.82 69.24 -45.06
CA ASP G 566 45.03 70.31 -45.66
C ASP G 566 44.98 70.18 -47.17
N HIS G 567 43.88 70.65 -47.78
CA HIS G 567 43.70 70.57 -49.21
C HIS G 567 44.66 71.48 -49.96
N GLY G 568 45.22 70.97 -51.06
CA GLY G 568 46.13 71.74 -51.88
C GLY G 568 47.54 71.78 -51.33
N ALA G 569 47.73 71.15 -50.17
CA ALA G 569 49.03 71.15 -49.51
C ALA G 569 49.93 70.02 -50.02
N ARG G 570 51.22 70.30 -50.13
CA ARG G 570 52.19 69.29 -50.54
C ARG G 570 52.88 68.69 -49.33
N VAL G 571 52.98 67.37 -49.29
CA VAL G 571 53.58 66.67 -48.15
C VAL G 571 54.82 65.89 -48.55
N VAL G 572 55.93 66.17 -47.87
CA VAL G 572 57.16 65.42 -48.07
C VAL G 572 57.35 64.39 -46.98
N LEU G 573 57.70 63.17 -47.37
CA LEU G 573 57.80 62.07 -46.42
C LEU G 573 59.23 61.55 -46.26
N VAL G 574 59.45 60.76 -45.21
CA VAL G 574 60.74 60.16 -44.94
C VAL G 574 60.65 59.15 -43.80
N ALA G 575 61.18 57.96 -44.01
CA ALA G 575 61.15 56.91 -43.00
C ALA G 575 62.56 56.52 -42.56
N VAL G 576 62.79 56.47 -41.26
CA VAL G 576 64.10 56.17 -40.72
C VAL G 576 64.03 55.13 -39.61
N ASP G 577 64.98 54.19 -39.61
CA ASP G 577 65.06 53.18 -38.58
C ASP G 577 65.34 53.82 -37.23
N LYS G 578 64.55 53.48 -36.22
CA LYS G 578 64.71 54.04 -34.89
C LYS G 578 66.10 53.82 -34.32
N GLY G 579 66.76 52.75 -34.76
CA GLY G 579 68.09 52.43 -34.30
C GLY G 579 69.06 53.59 -34.51
N VAL G 580 68.78 54.42 -35.49
CA VAL G 580 69.63 55.57 -35.80
C VAL G 580 69.58 56.61 -34.69
N PHE G 581 68.40 56.81 -34.12
CA PHE G 581 68.20 57.81 -33.08
C PHE G 581 68.83 57.39 -31.75
N VAL G 582 69.22 56.12 -31.67
CA VAL G 582 69.89 55.60 -30.48
C VAL G 582 71.31 56.16 -30.42
N LEU G 583 71.86 56.47 -31.58
CA LEU G 583 73.21 57.03 -31.67
C LEU G 583 73.16 58.55 -31.66
N ASN G 584 72.06 59.11 -32.13
CA ASN G 584 71.90 60.56 -32.19
C ASN G 584 70.44 60.96 -32.41
N LYS G 585 69.88 61.70 -31.46
CA LYS G 585 68.49 62.14 -31.56
C LYS G 585 68.41 63.67 -31.59
N LYS G 586 69.57 64.32 -31.60
CA LYS G 586 69.63 65.78 -31.60
C LYS G 586 69.52 66.36 -33.01
N ASN G 587 69.26 67.65 -33.09
CA ASN G 587 69.19 68.36 -34.36
C ASN G 587 68.09 67.86 -35.30
N LYS G 588 67.00 67.37 -34.71
CA LYS G 588 65.84 66.94 -35.49
C LYS G 588 64.96 68.13 -35.86
N LEU G 589 63.83 67.85 -36.50
CA LEU G 589 62.90 68.90 -36.88
C LEU G 589 61.53 68.68 -36.23
N THR G 590 61.16 69.61 -35.33
CA THR G 590 59.89 69.50 -34.63
C THR G 590 59.08 70.79 -34.76
N GLN G 591 57.76 70.65 -34.82
CA GLN G 591 56.87 71.81 -34.92
C GLN G 591 57.07 72.75 -33.74
N SER G 592 57.42 72.18 -32.60
CA SER G 592 57.66 72.97 -31.38
C SER G 592 58.90 73.83 -31.53
N LYS G 593 59.91 73.31 -32.23
CA LYS G 593 61.14 74.04 -32.47
C LYS G 593 60.91 75.20 -33.42
N ILE G 594 59.89 75.09 -34.26
CA ILE G 594 59.55 76.14 -35.21
C ILE G 594 58.95 77.35 -34.50
N TRP G 595 57.97 77.11 -33.65
CA TRP G 595 57.32 78.17 -32.89
C TRP G 595 58.30 78.83 -31.93
N ASP G 596 59.26 78.05 -31.44
CA ASP G 596 60.28 78.56 -30.53
C ASP G 596 61.14 79.61 -31.22
N VAL G 597 61.34 79.43 -32.52
CA VAL G 597 62.12 80.38 -33.31
C VAL G 597 61.29 81.62 -33.64
N VAL G 598 60.03 81.41 -34.01
CA VAL G 598 59.12 82.50 -34.32
C VAL G 598 58.95 83.44 -33.13
N GLU G 599 58.85 82.85 -31.95
CA GLU G 599 58.64 83.62 -30.72
C GLU G 599 59.89 84.45 -30.39
N LYS G 600 61.06 83.89 -30.69
CA LYS G 600 62.32 84.58 -30.44
C LYS G 600 62.49 85.79 -31.35
N ALA G 601 61.85 85.74 -32.52
CA ALA G 601 61.94 86.83 -33.48
C ALA G 601 60.83 87.85 -33.28
N ASP G 602 60.22 87.83 -32.10
CA ASP G 602 59.15 88.77 -31.77
C ASP G 602 59.71 90.15 -31.48
N ILE G 603 58.96 91.18 -31.86
CA ILE G 603 59.40 92.56 -31.67
C ILE G 603 58.95 93.12 -30.32
N GLY G 604 58.06 92.39 -29.66
CA GLY G 604 57.60 92.79 -28.35
C GLY G 604 58.53 92.29 -27.26
N CYS G 605 58.80 93.14 -26.27
CA CYS G 605 59.75 92.79 -25.22
C CYS G 605 59.17 93.01 -23.83
N THR G 606 57.85 92.89 -23.70
CA THR G 606 57.18 93.07 -22.42
C THR G 606 55.87 92.30 -22.38
N PRO G 607 55.65 91.53 -21.31
CA PRO G 607 54.42 90.75 -21.12
C PRO G 607 53.16 91.63 -21.17
N GLY G 608 53.35 92.94 -21.03
CA GLY G 608 52.23 93.87 -21.09
C GLY G 608 52.45 95.14 -20.30
N SER G 609 51.61 96.14 -20.54
CA SER G 609 51.69 97.42 -19.84
C SER G 609 53.02 98.13 -20.08
N GLY G 610 53.17 99.30 -19.48
CA GLY G 610 54.38 100.09 -19.61
C GLY G 610 54.45 101.22 -18.60
N LYS G 611 55.54 101.98 -18.63
CA LYS G 611 55.71 103.09 -17.71
C LYS G 611 54.72 104.21 -18.02
N ASP G 612 54.52 104.48 -19.30
CA ASP G 612 53.58 105.49 -19.74
C ASP G 612 52.89 105.06 -21.03
N TYR G 613 52.16 105.97 -21.66
CA TYR G 613 51.44 105.66 -22.89
C TYR G 613 52.42 105.39 -24.03
N ALA G 614 53.53 106.11 -24.04
CA ALA G 614 54.55 105.94 -25.06
C ALA G 614 55.36 104.68 -24.82
N GLY G 615 55.21 104.11 -23.62
CA GLY G 615 55.92 102.90 -23.26
C GLY G 615 55.10 101.66 -23.55
N VAL G 616 53.79 101.78 -23.40
CA VAL G 616 52.88 100.67 -23.67
C VAL G 616 53.01 100.19 -25.11
N PHE G 617 52.99 101.13 -26.05
CA PHE G 617 53.12 100.81 -27.46
C PHE G 617 54.47 100.18 -27.77
N SER G 618 55.54 100.84 -27.33
CA SER G 618 56.90 100.39 -27.60
C SER G 618 57.17 99.02 -26.99
N ASP G 619 56.66 98.79 -25.78
CA ASP G 619 56.86 97.52 -25.09
C ASP G 619 55.96 96.43 -25.65
N ALA G 620 55.21 96.77 -26.69
CA ALA G 620 54.32 95.81 -27.34
C ALA G 620 54.66 95.66 -28.81
N GLY G 621 55.67 96.39 -29.26
CA GLY G 621 56.11 96.32 -30.64
C GLY G 621 55.30 97.23 -31.55
N LEU G 622 55.14 98.48 -31.14
CA LEU G 622 54.38 99.46 -31.92
C LEU G 622 54.93 100.87 -31.78
N THR G 623 54.52 101.75 -32.68
CA THR G 623 54.96 103.14 -32.67
C THR G 623 53.77 104.08 -32.83
N PHE G 624 53.62 105.02 -31.89
CA PHE G 624 52.53 105.98 -31.93
C PHE G 624 53.03 107.36 -32.31
N THR G 625 52.30 108.03 -33.20
CA THR G 625 52.66 109.37 -33.63
C THR G 625 51.41 110.15 -34.05
N SER G 626 51.22 111.31 -33.44
CA SER G 626 50.03 112.12 -33.69
C SER G 626 50.38 113.54 -34.13
N SER G 627 49.36 114.28 -34.56
CA SER G 627 49.55 115.65 -35.01
C SER G 627 49.59 116.61 -33.83
N SER G 628 49.28 116.10 -32.64
CA SER G 628 49.28 116.90 -31.43
C SER G 628 50.66 116.94 -30.78
N GLY G 629 51.45 115.89 -31.01
CA GLY G 629 52.80 115.83 -30.49
C GLY G 629 53.11 114.55 -29.74
N GLN G 630 52.08 113.91 -29.22
CA GLN G 630 52.25 112.68 -28.45
C GLN G 630 52.81 111.55 -29.30
N GLN G 631 54.09 111.23 -29.10
CA GLN G 631 54.73 110.14 -29.82
C GLN G 631 55.40 109.17 -28.85
N THR G 632 55.86 108.04 -29.37
CA THR G 632 56.51 107.02 -28.55
C THR G 632 58.02 107.22 -28.51
N ALA G 633 58.68 106.42 -27.68
CA ALA G 633 60.14 106.49 -27.54
C ALA G 633 60.83 105.93 -28.79
N GLN G 634 61.80 106.68 -29.29
CA GLN G 634 62.55 106.27 -30.47
C GLN G 634 63.27 104.95 -30.25
N ARG G 635 62.98 103.97 -31.11
CA ARG G 635 63.65 102.69 -31.05
C ARG G 635 64.66 102.57 -32.20
N ALA G 636 65.91 102.26 -31.87
CA ALA G 636 66.96 102.16 -32.87
C ALA G 636 67.82 100.92 -32.64
N GLU G 637 67.28 99.94 -31.94
CA GLU G 637 68.02 98.71 -31.67
C GLU G 637 67.21 97.49 -32.09
N LEU G 638 67.82 96.63 -32.90
CA LEU G 638 67.16 95.44 -33.42
C LEU G 638 66.64 94.54 -32.30
N GLN G 639 67.56 93.91 -31.58
CA GLN G 639 67.21 92.98 -30.51
C GLN G 639 66.46 93.66 -29.38
N CYS G 640 65.74 92.87 -28.60
CA CYS G 640 65.05 93.36 -27.42
C CYS G 640 66.08 93.82 -26.37
N PRO G 641 65.61 94.45 -25.28
CA PRO G 641 66.54 94.87 -24.23
C PRO G 641 67.40 93.70 -23.75
N GLN G 642 68.71 93.92 -23.62
CA GLN G 642 69.60 92.91 -23.08
C GLN G 642 69.07 92.49 -21.71
N PRO G 643 68.53 91.25 -21.61
CA PRO G 643 67.87 90.78 -20.39
C PRO G 643 68.69 91.08 -19.14
N ALA G 644 68.31 92.12 -18.40
CA ALA G 644 69.06 92.55 -17.23
C ALA G 644 68.48 91.98 -15.94
N ALA G 645 68.30 90.66 -15.91
CA ALA G 645 67.82 89.96 -14.72
C ALA G 645 66.82 90.79 -13.91
N LEU H 3 64.76 16.19 -50.60
CA LEU H 3 64.35 16.84 -49.36
C LEU H 3 62.96 16.38 -48.93
N ASP H 4 62.90 15.28 -48.20
CA ASP H 4 61.65 14.74 -47.71
C ASP H 4 61.42 15.08 -46.24
N GLU H 5 62.46 15.61 -45.60
CA GLU H 5 62.37 16.00 -44.20
C GLU H 5 61.28 17.03 -43.97
N ASP H 6 60.86 17.18 -42.72
CA ASP H 6 59.84 18.15 -42.36
C ASP H 6 60.46 19.54 -42.18
N ILE H 7 61.17 19.99 -43.21
CA ILE H 7 61.85 21.27 -43.17
C ILE H 7 61.94 21.88 -44.56
N ILE H 8 62.49 23.08 -44.66
CA ILE H 8 62.64 23.77 -45.94
C ILE H 8 64.08 23.73 -46.43
N ALA H 9 64.26 23.36 -47.70
CA ALA H 9 65.59 23.27 -48.29
C ALA H 9 66.22 24.64 -48.46
N GLU H 10 67.52 24.66 -48.73
CA GLU H 10 68.26 25.91 -48.91
C GLU H 10 67.82 26.64 -50.17
N GLU H 11 67.41 25.87 -51.19
CA GLU H 11 67.00 26.45 -52.46
C GLU H 11 65.61 27.10 -52.38
N ASN H 12 64.95 26.94 -51.24
CA ASN H 12 63.61 27.48 -51.06
C ASN H 12 63.55 28.63 -50.05
N ILE H 13 64.71 29.09 -49.60
CA ILE H 13 64.78 30.20 -48.65
C ILE H 13 65.30 31.47 -49.30
N VAL H 14 64.40 32.39 -49.62
CA VAL H 14 64.78 33.67 -50.20
C VAL H 14 65.27 34.61 -49.11
N SER H 15 66.57 34.93 -49.14
CA SER H 15 67.18 35.75 -48.12
C SER H 15 66.77 37.21 -48.21
N ARG H 16 66.71 37.88 -47.06
CA ARG H 16 66.41 39.30 -47.00
C ARG H 16 67.70 40.09 -47.21
N SER H 17 67.68 41.01 -48.17
CA SER H 17 68.87 41.78 -48.51
C SER H 17 68.66 43.28 -48.37
N GLU H 18 67.45 43.74 -48.64
CA GLU H 18 67.14 45.16 -48.57
C GLU H 18 67.11 45.65 -47.13
N PHE H 19 68.22 46.22 -46.67
CA PHE H 19 68.30 46.77 -45.32
C PHE H 19 68.69 48.24 -45.35
N PRO H 20 67.81 49.07 -45.94
CA PRO H 20 68.09 50.51 -46.01
C PRO H 20 67.97 51.14 -44.63
N GLU H 21 68.71 52.23 -44.42
CA GLU H 21 68.64 52.97 -43.16
C GLU H 21 67.60 54.08 -43.27
N SER H 22 67.34 54.52 -44.49
CA SER H 22 66.35 55.57 -44.74
C SER H 22 65.76 55.44 -46.13
N TRP H 23 64.45 55.26 -46.20
CA TRP H 23 63.75 55.12 -47.47
C TRP H 23 62.47 55.95 -47.50
N LEU H 24 61.62 55.69 -48.47
CA LEU H 24 60.36 56.42 -48.63
C LEU H 24 60.62 57.92 -48.76
N TRP H 25 61.66 58.28 -49.50
CA TRP H 25 61.99 59.67 -49.76
C TRP H 25 61.14 60.18 -50.92
N ASN H 26 59.83 60.15 -50.75
CA ASN H 26 58.90 60.51 -51.81
C ASN H 26 58.22 61.87 -51.60
N VAL H 27 57.46 62.30 -52.59
CA VAL H 27 56.72 63.55 -52.52
C VAL H 27 55.29 63.36 -53.04
N GLU H 28 54.31 63.68 -52.20
CA GLU H 28 52.91 63.50 -52.57
C GLU H 28 52.11 64.77 -52.34
N ASP H 29 51.23 65.08 -53.29
CA ASP H 29 50.37 66.26 -53.18
C ASP H 29 48.94 65.87 -52.81
N LEU H 30 48.33 66.67 -51.94
CA LEU H 30 46.97 66.41 -51.49
C LEU H 30 45.94 67.22 -52.28
N LYS H 31 45.61 66.73 -53.47
CA LYS H 31 44.64 67.40 -54.33
C LYS H 31 43.31 66.63 -54.36
N GLU H 32 43.19 65.64 -53.48
CA GLU H 32 42.00 64.81 -53.40
C GLU H 32 40.79 65.61 -52.91
N PRO H 33 39.58 65.15 -53.23
CA PRO H 33 38.34 65.79 -52.80
C PRO H 33 38.34 66.08 -51.31
N PRO H 34 38.37 67.37 -50.93
CA PRO H 34 38.44 67.81 -49.54
C PRO H 34 37.12 67.61 -48.79
N LYS H 35 37.21 67.20 -47.53
CA LYS H 35 36.05 67.11 -46.67
C LYS H 35 36.37 67.70 -45.30
N ASN H 36 35.72 68.82 -44.98
CA ASN H 36 36.01 69.56 -43.75
C ASN H 36 37.41 70.16 -43.78
N GLY H 37 37.87 70.51 -44.97
CA GLY H 37 39.19 71.10 -45.14
C GLY H 37 40.32 70.12 -44.90
N ILE H 38 39.99 68.83 -44.90
CA ILE H 38 40.97 67.79 -44.65
C ILE H 38 40.97 66.74 -45.76
N SER H 39 41.97 66.82 -46.64
CA SER H 39 42.13 65.83 -47.70
C SER H 39 42.69 64.53 -47.14
N THR H 40 42.60 63.45 -47.91
CA THR H 40 43.07 62.16 -47.47
C THR H 40 43.64 61.34 -48.61
N LYS H 41 44.96 61.09 -48.58
CA LYS H 41 45.62 60.27 -49.58
C LYS H 41 46.03 58.92 -49.00
N LEU H 42 45.70 57.85 -49.71
CA LEU H 42 46.06 56.51 -49.27
C LEU H 42 47.21 55.96 -50.10
N MET H 43 48.38 55.85 -49.48
CA MET H 43 49.57 55.36 -50.17
C MET H 43 49.79 53.88 -49.92
N ASN H 44 50.24 53.16 -50.93
CA ASN H 44 50.55 51.74 -50.80
C ASN H 44 52.06 51.52 -50.82
N ILE H 45 52.68 51.58 -49.65
CA ILE H 45 54.13 51.49 -49.54
C ILE H 45 54.61 50.03 -49.49
N PHE H 46 55.88 49.83 -49.81
CA PHE H 46 56.48 48.51 -49.81
C PHE H 46 57.53 48.39 -48.72
N LEU H 47 57.14 47.89 -47.55
CA LEU H 47 58.04 47.74 -46.42
C LEU H 47 59.28 46.94 -46.80
N LYS H 48 60.43 47.35 -46.28
CA LYS H 48 61.69 46.70 -46.60
C LYS H 48 61.87 45.40 -45.81
N ASP H 49 63.05 44.81 -45.91
CA ASP H 49 63.33 43.54 -45.26
C ASP H 49 63.79 43.72 -43.81
N SER H 50 64.26 44.92 -43.50
CA SER H 50 64.75 45.22 -42.16
C SER H 50 63.69 44.96 -41.09
N ILE H 51 63.98 44.03 -40.20
CA ILE H 51 63.06 43.70 -39.11
C ILE H 51 63.28 44.64 -37.93
N THR H 52 62.54 45.74 -37.94
CA THR H 52 62.70 46.77 -36.91
C THR H 52 61.49 47.70 -36.91
N THR H 53 61.60 48.82 -36.22
CA THR H 53 60.53 49.82 -36.18
C THR H 53 60.91 51.07 -36.94
N TRP H 54 60.17 51.36 -38.01
CA TRP H 54 60.42 52.53 -38.83
C TRP H 54 59.75 53.78 -38.25
N GLU H 55 60.34 54.94 -38.50
CA GLU H 55 59.75 56.19 -38.05
C GLU H 55 59.52 57.13 -39.23
N ILE H 56 58.26 57.31 -39.61
CA ILE H 56 57.91 58.13 -40.76
C ILE H 56 57.66 59.58 -40.36
N LEU H 57 58.39 60.49 -40.98
CA LEU H 57 58.22 61.92 -40.72
C LEU H 57 57.59 62.62 -41.92
N ALA H 58 56.53 63.38 -41.67
CA ALA H 58 55.82 64.06 -42.74
C ALA H 58 55.88 65.58 -42.57
N VAL H 59 56.01 66.29 -43.69
CA VAL H 59 56.05 67.75 -43.67
C VAL H 59 55.19 68.33 -44.79
N SER H 60 54.17 69.09 -44.41
CA SER H 60 53.26 69.69 -45.39
C SER H 60 53.61 71.15 -45.65
N MET H 61 53.59 71.53 -46.92
CA MET H 61 53.89 72.90 -47.31
C MET H 61 52.73 73.51 -48.09
N SER H 62 51.77 74.07 -47.37
CA SER H 62 50.61 74.69 -47.99
C SER H 62 50.77 76.20 -48.10
N ASP H 63 50.25 76.77 -49.19
CA ASP H 63 50.32 78.21 -49.39
C ASP H 63 49.20 78.93 -48.65
N LYS H 64 48.45 78.16 -47.85
CA LYS H 64 47.36 78.72 -47.05
C LYS H 64 47.62 78.52 -45.57
N LYS H 65 48.11 77.35 -45.21
CA LYS H 65 48.36 77.01 -43.82
C LYS H 65 49.85 76.94 -43.51
N GLY H 66 50.67 77.40 -44.44
CA GLY H 66 52.11 77.42 -44.25
C GLY H 66 52.71 76.05 -44.03
N ILE H 67 53.90 76.01 -43.45
CA ILE H 67 54.60 74.76 -43.19
C ILE H 67 54.07 74.10 -41.90
N CYS H 68 54.17 72.77 -41.85
CA CYS H 68 53.72 72.03 -40.67
C CYS H 68 54.39 70.66 -40.59
N VAL H 69 55.08 70.42 -39.48
CA VAL H 69 55.74 69.14 -39.27
C VAL H 69 54.86 68.18 -38.46
N ALA H 70 54.43 67.11 -39.11
CA ALA H 70 53.55 66.13 -38.46
C ALA H 70 54.30 65.32 -37.41
N ASP H 71 53.54 64.74 -36.48
CA ASP H 71 54.13 63.91 -35.43
C ASP H 71 54.59 62.57 -36.02
N PRO H 72 55.83 62.17 -35.69
CA PRO H 72 56.44 60.95 -36.20
C PRO H 72 55.54 59.73 -36.00
N PHE H 73 55.37 58.93 -37.05
CA PHE H 73 54.55 57.73 -36.98
C PHE H 73 55.42 56.48 -37.07
N GLU H 74 55.38 55.65 -36.04
CA GLU H 74 56.23 54.47 -35.97
C GLU H 74 55.51 53.21 -36.46
N VAL H 75 56.21 52.41 -37.26
CA VAL H 75 55.67 51.15 -37.77
C VAL H 75 56.58 49.99 -37.39
N THR H 76 56.05 49.08 -36.56
CA THR H 76 56.83 47.93 -36.09
C THR H 76 56.72 46.75 -37.04
N VAL H 77 57.85 46.33 -37.59
CA VAL H 77 57.90 45.18 -38.50
C VAL H 77 58.69 44.04 -37.87
N MET H 78 57.97 43.01 -37.41
CA MET H 78 58.60 41.89 -36.73
C MET H 78 58.14 40.55 -37.30
N GLN H 79 58.83 39.49 -36.92
CA GLN H 79 58.48 38.14 -37.34
C GLN H 79 58.73 37.16 -36.19
N ASP H 80 57.84 36.18 -36.04
CA ASP H 80 57.93 35.21 -34.95
C ASP H 80 59.31 34.57 -34.85
N PHE H 81 60.01 34.49 -35.96
CA PHE H 81 61.34 33.89 -35.99
C PHE H 81 62.18 34.51 -37.10
N PHE H 82 63.43 34.83 -36.80
CA PHE H 82 64.31 35.48 -37.77
C PHE H 82 65.78 35.40 -37.37
N ILE H 83 66.64 35.94 -38.21
CA ILE H 83 68.07 35.96 -37.97
C ILE H 83 68.61 37.39 -37.97
N ASP H 84 69.48 37.70 -37.02
CA ASP H 84 70.09 39.02 -36.94
C ASP H 84 71.59 38.94 -37.22
N LEU H 85 71.94 38.76 -38.49
CA LEU H 85 73.34 38.67 -38.89
C LEU H 85 74.05 40.00 -38.66
N ARG H 86 75.00 40.01 -37.73
CA ARG H 86 75.70 41.24 -37.38
C ARG H 86 77.14 41.25 -37.90
N LEU H 87 77.39 42.12 -38.87
CA LEU H 87 78.72 42.26 -39.47
C LEU H 87 79.34 43.61 -39.10
N PRO H 88 80.65 43.59 -38.81
CA PRO H 88 81.39 44.83 -38.52
C PRO H 88 81.37 45.77 -39.71
N TYR H 89 81.60 47.06 -39.47
CA TYR H 89 81.62 48.05 -40.54
C TYR H 89 82.62 47.68 -41.62
N SER H 90 83.84 47.34 -41.20
CA SER H 90 84.89 46.98 -42.13
C SER H 90 85.79 45.89 -41.56
N VAL H 91 86.21 44.95 -42.41
CA VAL H 91 87.10 43.88 -41.99
C VAL H 91 88.36 43.86 -42.84
N VAL H 92 89.51 43.72 -42.18
CA VAL H 92 90.79 43.70 -42.86
C VAL H 92 90.97 42.42 -43.66
N ARG H 93 91.46 42.55 -44.88
CA ARG H 93 91.68 41.41 -45.76
C ARG H 93 92.70 40.44 -45.16
N ASN H 94 92.44 39.15 -45.31
CA ASN H 94 93.33 38.10 -44.82
C ASN H 94 93.24 37.87 -43.31
N GLU H 95 92.68 38.84 -42.59
CA GLU H 95 92.52 38.72 -41.15
C GLU H 95 91.31 37.87 -40.79
N GLN H 96 91.54 36.84 -39.98
CA GLN H 96 90.47 35.96 -39.55
C GLN H 96 89.68 36.57 -38.39
N VAL H 97 88.39 36.76 -38.62
CA VAL H 97 87.52 37.33 -37.60
C VAL H 97 86.25 36.49 -37.40
N GLU H 98 85.58 36.70 -36.28
CA GLU H 98 84.37 35.97 -35.96
C GLU H 98 83.14 36.84 -36.11
N ILE H 99 82.15 36.36 -36.85
CA ILE H 99 80.90 37.09 -37.03
C ILE H 99 79.76 36.40 -36.28
N ARG H 100 78.90 37.21 -35.66
CA ARG H 100 77.78 36.68 -34.90
C ARG H 100 76.53 36.53 -35.74
N ALA H 101 75.73 35.50 -35.44
CA ALA H 101 74.46 35.28 -36.12
C ALA H 101 73.39 34.89 -35.10
N VAL H 102 72.74 35.89 -34.53
CA VAL H 102 71.74 35.66 -33.48
C VAL H 102 70.40 35.21 -34.06
N LEU H 103 69.91 34.07 -33.58
CA LEU H 103 68.61 33.56 -34.00
C LEU H 103 67.58 33.78 -32.91
N TYR H 104 66.62 34.66 -33.17
CA TYR H 104 65.61 35.01 -32.16
C TYR H 104 64.37 34.12 -32.27
N ASN H 105 63.82 33.76 -31.12
CA ASN H 105 62.60 32.96 -31.06
C ASN H 105 61.60 33.56 -30.08
N TYR H 106 60.58 34.21 -30.60
CA TYR H 106 59.60 34.90 -29.77
C TYR H 106 58.25 34.18 -29.71
N ARG H 107 58.28 32.86 -29.86
CA ARG H 107 57.07 32.05 -29.71
C ARG H 107 56.68 31.95 -28.24
N GLN H 108 55.37 31.84 -27.99
CA GLN H 108 54.86 31.74 -26.63
C GLN H 108 55.55 30.67 -25.80
N ASN H 109 55.24 29.40 -26.09
CA ASN H 109 55.87 28.29 -25.38
C ASN H 109 56.28 27.15 -26.31
N GLN H 110 57.10 27.48 -27.31
CA GLN H 110 57.53 26.50 -28.30
C GLN H 110 59.00 26.68 -28.65
N GLU H 111 59.88 25.92 -27.99
CA GLU H 111 61.30 25.96 -28.31
C GLU H 111 61.51 25.39 -29.71
N LEU H 112 62.30 26.08 -30.53
CA LEU H 112 62.45 25.72 -31.92
C LEU H 112 63.70 24.90 -32.23
N LYS H 113 63.51 23.80 -32.94
CA LYS H 113 64.63 23.01 -33.46
C LYS H 113 65.11 23.65 -34.75
N VAL H 114 66.20 24.40 -34.67
CA VAL H 114 66.66 25.20 -35.82
C VAL H 114 67.84 24.57 -36.55
N ARG H 115 67.86 24.76 -37.86
CA ARG H 115 68.96 24.31 -38.71
C ARG H 115 69.56 25.50 -39.44
N VAL H 116 70.71 25.97 -38.98
CA VAL H 116 71.35 27.14 -39.57
C VAL H 116 72.55 26.75 -40.43
N GLU H 117 72.67 27.38 -41.60
CA GLU H 117 73.75 27.09 -42.54
C GLU H 117 74.37 28.37 -43.09
N LEU H 118 75.69 28.35 -43.24
CA LEU H 118 76.41 29.48 -43.82
C LEU H 118 76.80 29.17 -45.26
N LEU H 119 76.11 29.79 -46.21
CA LEU H 119 76.36 29.56 -47.63
C LEU H 119 77.82 29.85 -48.00
N HIS H 120 78.34 29.08 -48.95
CA HIS H 120 79.73 29.24 -49.38
C HIS H 120 79.91 30.44 -50.29
N ASN H 121 81.08 31.06 -50.21
CA ASN H 121 81.42 32.21 -51.04
C ASN H 121 82.92 32.27 -51.28
N PRO H 122 83.34 32.20 -52.56
CA PRO H 122 84.75 32.22 -52.96
C PRO H 122 85.51 33.42 -52.38
N ALA H 123 84.78 34.45 -51.99
CA ALA H 123 85.39 35.65 -51.43
C ALA H 123 85.84 35.43 -49.99
N PHE H 124 85.23 34.45 -49.33
CA PHE H 124 85.56 34.13 -47.95
C PHE H 124 86.07 32.70 -47.81
N CYS H 125 86.77 32.44 -46.70
CA CYS H 125 87.31 31.11 -46.44
C CYS H 125 86.81 30.56 -45.11
N SER H 126 85.78 29.72 -45.17
CA SER H 126 85.21 29.12 -43.97
C SER H 126 85.11 27.61 -44.11
N LEU H 127 84.46 26.96 -43.15
CA LEU H 127 84.29 25.52 -43.19
C LEU H 127 83.35 25.10 -44.32
N ALA H 128 82.56 26.05 -44.80
CA ALA H 128 81.64 25.80 -45.91
C ALA H 128 82.33 25.98 -47.25
N THR H 129 82.39 24.91 -48.03
CA THR H 129 83.01 24.96 -49.35
C THR H 129 82.00 24.70 -50.46
N THR H 130 82.48 24.55 -51.68
CA THR H 130 81.61 24.35 -52.84
C THR H 130 80.85 23.03 -52.77
N LYS H 131 81.44 22.04 -52.13
CA LYS H 131 80.83 20.71 -52.03
C LYS H 131 80.54 20.31 -50.60
N ARG H 132 80.91 21.18 -49.64
CA ARG H 132 80.65 20.90 -48.23
C ARG H 132 79.81 22.00 -47.60
N ARG H 133 78.76 21.61 -46.89
CA ARG H 133 77.90 22.56 -46.21
C ARG H 133 78.24 22.65 -44.72
N HIS H 134 78.45 23.87 -44.25
CA HIS H 134 78.71 24.10 -42.84
C HIS H 134 77.43 24.46 -42.12
N GLN H 135 76.71 23.45 -41.63
CA GLN H 135 75.41 23.66 -41.01
C GLN H 135 75.32 23.03 -39.62
N GLN H 136 74.86 23.82 -38.66
CA GLN H 136 74.64 23.33 -37.30
C GLN H 136 73.16 23.03 -37.09
N THR H 137 72.84 22.40 -35.95
CA THR H 137 71.45 22.10 -35.61
C THR H 137 71.21 22.38 -34.13
N VAL H 138 71.02 23.66 -33.80
CA VAL H 138 70.84 24.07 -32.41
C VAL H 138 69.37 24.21 -32.04
N THR H 139 69.12 24.43 -30.76
CA THR H 139 67.76 24.60 -30.26
C THR H 139 67.64 25.91 -29.47
N ILE H 140 66.54 26.61 -29.68
CA ILE H 140 66.33 27.90 -29.03
C ILE H 140 65.11 27.88 -28.11
N PRO H 141 65.31 28.20 -26.82
CA PRO H 141 64.23 28.28 -25.84
C PRO H 141 63.19 29.34 -26.24
N PRO H 142 61.94 29.17 -25.78
CA PRO H 142 60.87 30.11 -26.07
C PRO H 142 61.13 31.49 -25.49
N LYS H 143 60.77 32.54 -26.23
CA LYS H 143 60.94 33.92 -25.77
C LYS H 143 62.39 34.23 -25.41
N SER H 144 63.31 33.78 -26.25
CA SER H 144 64.73 34.04 -26.03
C SER H 144 65.50 34.01 -27.35
N SER H 145 66.82 34.21 -27.27
CA SER H 145 67.66 34.23 -28.46
C SER H 145 68.83 33.24 -28.33
N LEU H 146 69.57 33.08 -29.42
CA LEU H 146 70.71 32.18 -29.42
C LEU H 146 71.75 32.61 -30.46
N SER H 147 72.96 32.90 -30.00
CA SER H 147 74.02 33.35 -30.89
C SER H 147 74.72 32.18 -31.56
N VAL H 148 75.11 32.37 -32.82
CA VAL H 148 75.80 31.33 -33.58
C VAL H 148 77.07 31.87 -34.24
N PRO H 149 78.24 31.45 -33.73
CA PRO H 149 79.54 31.90 -34.21
C PRO H 149 79.84 31.44 -35.64
N TYR H 150 80.66 32.21 -36.34
CA TYR H 150 81.09 31.86 -37.70
C TYR H 150 82.43 32.50 -38.04
N VAL H 151 83.46 31.66 -38.15
CA VAL H 151 84.79 32.15 -38.49
C VAL H 151 84.99 32.23 -40.00
N ILE H 152 85.39 33.41 -40.46
CA ILE H 152 85.60 33.63 -41.89
C ILE H 152 86.87 34.44 -42.14
N VAL H 153 87.39 34.36 -43.37
CA VAL H 153 88.58 35.09 -43.74
C VAL H 153 88.44 35.73 -45.11
N PRO H 154 88.26 37.06 -45.15
CA PRO H 154 88.15 37.81 -46.40
C PRO H 154 89.34 37.57 -47.31
N LEU H 155 89.09 37.39 -48.61
CA LEU H 155 90.17 37.10 -49.56
C LEU H 155 90.35 38.22 -50.56
N LYS H 156 89.24 38.83 -50.99
CA LYS H 156 89.29 39.92 -51.96
C LYS H 156 88.63 41.18 -51.41
N THR H 157 89.24 42.32 -51.67
CA THR H 157 88.73 43.60 -51.19
C THR H 157 87.43 43.99 -51.91
N GLY H 158 86.77 45.01 -51.39
CA GLY H 158 85.52 45.48 -51.96
C GLY H 158 84.31 45.04 -51.16
N LEU H 159 83.15 45.55 -51.52
CA LEU H 159 81.91 45.21 -50.83
C LEU H 159 81.53 43.75 -51.06
N GLN H 160 81.94 42.88 -50.15
CA GLN H 160 81.64 41.46 -50.26
C GLN H 160 80.28 41.13 -49.68
N GLU H 161 79.91 39.85 -49.71
CA GLU H 161 78.58 39.44 -49.30
C GLU H 161 78.58 38.17 -48.44
N VAL H 162 78.06 38.29 -47.24
CA VAL H 162 77.90 37.14 -46.34
C VAL H 162 76.42 36.77 -46.25
N GLU H 163 76.13 35.48 -46.38
CA GLU H 163 74.74 35.03 -46.40
C GLU H 163 74.53 33.80 -45.52
N VAL H 164 73.55 33.89 -44.63
CA VAL H 164 73.21 32.76 -43.75
C VAL H 164 71.72 32.46 -43.81
N LYS H 165 71.37 31.18 -43.78
CA LYS H 165 69.98 30.76 -43.81
C LYS H 165 69.68 29.77 -42.69
N ALA H 166 68.42 29.72 -42.26
CA ALA H 166 68.02 28.82 -41.19
C ALA H 166 66.53 28.49 -41.25
N ALA H 167 66.21 27.21 -41.06
CA ALA H 167 64.83 26.75 -41.03
C ALA H 167 64.59 25.85 -39.83
N VAL H 168 63.36 25.85 -39.32
CA VAL H 168 63.03 25.04 -38.17
C VAL H 168 62.38 23.72 -38.56
N TYR H 169 62.63 22.68 -37.77
CA TYR H 169 62.05 21.37 -38.02
C TYR H 169 60.60 21.32 -37.56
N HIS H 170 59.77 20.60 -38.30
CA HIS H 170 58.35 20.45 -37.98
C HIS H 170 57.56 21.72 -38.29
N HIS H 171 58.03 22.85 -37.77
CA HIS H 171 57.45 24.14 -38.14
C HIS H 171 57.93 24.53 -39.53
N PHE H 172 57.00 25.02 -40.36
CA PHE H 172 57.35 25.46 -41.70
C PHE H 172 57.66 26.95 -41.76
N ILE H 173 58.77 27.33 -41.12
CA ILE H 173 59.21 28.71 -41.10
C ILE H 173 60.69 28.78 -41.44
N SER H 174 61.14 29.94 -41.94
CA SER H 174 62.54 30.14 -42.29
C SER H 174 62.86 31.60 -42.50
N ASP H 175 64.14 31.93 -42.56
CA ASP H 175 64.58 33.29 -42.79
C ASP H 175 66.07 33.35 -43.10
N GLY H 176 66.41 33.90 -44.27
CA GLY H 176 67.80 34.08 -44.66
C GLY H 176 68.20 35.53 -44.63
N VAL H 177 69.46 35.80 -44.35
CA VAL H 177 69.98 37.16 -44.31
C VAL H 177 71.18 37.32 -45.22
N ARG H 178 71.10 38.26 -46.16
CA ARG H 178 72.18 38.48 -47.10
C ARG H 178 72.72 39.91 -47.00
N LYS H 179 73.43 40.18 -45.91
CA LYS H 179 74.03 41.50 -45.70
C LYS H 179 75.40 41.58 -46.36
N SER H 180 75.91 42.80 -46.52
CA SER H 180 77.20 43.02 -47.14
C SER H 180 78.11 43.87 -46.27
N LEU H 181 79.37 43.48 -46.18
CA LEU H 181 80.35 44.21 -45.38
C LEU H 181 81.54 44.66 -46.22
N LYS H 182 82.06 45.84 -45.93
CA LYS H 182 83.20 46.39 -46.66
C LYS H 182 84.49 45.70 -46.25
N VAL H 183 85.27 45.28 -47.25
CA VAL H 183 86.55 44.63 -47.01
C VAL H 183 87.71 45.52 -47.41
N VAL H 184 88.33 46.17 -46.44
CA VAL H 184 89.43 47.10 -46.68
C VAL H 184 90.78 46.45 -46.39
N PRO H 185 91.79 46.72 -47.24
CA PRO H 185 93.17 46.22 -47.09
C PRO H 185 93.84 46.62 -45.76
N GLU H 186 95.17 46.57 -45.69
CA GLU H 186 95.94 46.91 -44.46
C GLU H 186 96.76 48.21 -44.59
N GLY H 187 96.30 49.25 -43.92
CA GLY H 187 96.98 50.54 -43.95
C GLY H 187 96.45 51.46 -42.87
N ILE H 188 96.97 52.69 -42.83
CA ILE H 188 96.58 53.64 -41.82
C ILE H 188 96.38 55.02 -42.43
N ARG H 189 95.33 55.69 -41.99
CA ARG H 189 95.01 57.02 -42.49
C ARG H 189 96.12 58.01 -42.19
N MET H 190 96.28 58.99 -43.07
CA MET H 190 97.23 60.09 -42.86
C MET H 190 96.97 61.24 -43.83
N ASN H 191 97.25 62.45 -43.38
CA ASN H 191 97.05 63.64 -44.20
C ASN H 191 98.34 64.45 -44.40
N LYS H 192 99.27 63.90 -45.17
CA LYS H 192 100.53 64.58 -45.44
C LYS H 192 100.32 65.89 -46.20
N THR H 193 101.02 66.93 -45.78
CA THR H 193 100.90 68.24 -46.39
C THR H 193 101.78 68.37 -47.62
N VAL H 194 101.17 68.67 -48.76
CA VAL H 194 101.91 68.83 -50.01
C VAL H 194 102.78 70.07 -49.97
N ALA H 195 102.15 71.24 -49.92
CA ALA H 195 102.87 72.50 -49.88
C ALA H 195 101.99 73.64 -49.39
N VAL H 196 102.61 74.67 -48.84
CA VAL H 196 101.89 75.83 -48.34
C VAL H 196 102.62 77.12 -48.69
N ARG H 197 102.20 77.78 -49.76
CA ARG H 197 102.83 79.03 -50.20
C ARG H 197 101.79 80.14 -50.39
N THR H 198 102.29 81.37 -50.50
CA THR H 198 101.42 82.54 -50.63
C THR H 198 101.29 82.98 -52.09
N LEU H 199 100.07 83.31 -52.49
CA LEU H 199 99.80 83.75 -53.86
C LEU H 199 99.48 85.24 -53.92
N ASP H 200 100.39 86.02 -54.47
CA ASP H 200 100.18 87.45 -54.63
C ASP H 200 101.08 88.00 -55.71
N PRO H 201 100.58 88.05 -56.95
CA PRO H 201 101.34 88.56 -58.10
C PRO H 201 101.79 89.99 -57.88
N GLU H 202 100.94 90.80 -57.27
CA GLU H 202 101.23 92.21 -57.01
C GLU H 202 102.49 92.36 -56.15
N ARG H 203 102.84 91.31 -55.42
CA ARG H 203 103.95 91.35 -54.46
C ARG H 203 105.05 90.33 -54.76
N LEU H 204 104.62 89.08 -54.95
CA LEU H 204 105.54 87.96 -55.15
C LEU H 204 105.68 87.64 -56.64
N GLY H 205 106.92 87.53 -57.09
CA GLY H 205 107.20 87.20 -58.48
C GLY H 205 107.21 88.43 -59.36
N ARG H 206 106.89 89.57 -58.75
CA ARG H 206 106.82 90.82 -59.47
C ARG H 206 106.04 90.69 -60.77
N GLU H 207 106.76 90.73 -61.90
CA GLU H 207 106.15 90.61 -63.23
C GLU H 207 104.71 91.08 -63.27
N GLY H 208 103.79 90.17 -62.96
CA GLY H 208 102.38 90.48 -62.93
C GLY H 208 101.53 89.22 -62.99
N VAL H 209 102.19 88.10 -63.24
CA VAL H 209 101.52 86.82 -63.38
C VAL H 209 102.24 85.71 -62.64
N GLN H 210 102.20 85.77 -61.31
CA GLN H 210 102.91 84.80 -60.47
C GLN H 210 102.62 83.36 -60.87
N LYS H 211 103.68 82.59 -61.05
CA LYS H 211 103.58 81.18 -61.37
C LYS H 211 104.04 80.34 -60.18
N GLU H 212 103.62 79.09 -60.12
CA GLU H 212 103.97 78.24 -58.98
C GLU H 212 104.06 76.76 -59.34
N ASP H 213 105.27 76.21 -59.26
CA ASP H 213 105.49 74.80 -59.50
C ASP H 213 105.08 73.98 -58.28
N ILE H 214 104.26 72.95 -58.50
CA ILE H 214 103.79 72.11 -57.40
C ILE H 214 104.18 70.65 -57.59
N PRO H 215 105.13 70.18 -56.77
CA PRO H 215 105.57 68.78 -56.80
C PRO H 215 104.45 67.84 -56.36
N PRO H 216 104.32 66.69 -57.01
CA PRO H 216 103.31 65.70 -56.61
C PRO H 216 103.70 65.03 -55.30
N ALA H 217 102.78 64.27 -54.72
CA ALA H 217 103.04 63.59 -53.46
C ALA H 217 103.86 62.34 -53.69
N ASP H 218 105.04 62.28 -53.06
CA ASP H 218 105.93 61.14 -53.23
C ASP H 218 105.34 59.87 -52.62
N LEU H 219 104.72 60.02 -51.45
CA LEU H 219 104.16 58.88 -50.71
C LEU H 219 104.87 57.58 -51.01
N SER H 220 106.16 57.53 -50.67
CA SER H 220 106.98 56.36 -50.93
C SER H 220 106.49 55.14 -50.15
N ASP H 221 105.63 55.38 -49.17
CA ASP H 221 105.13 54.30 -48.31
C ASP H 221 103.62 54.11 -48.46
N GLN H 222 103.12 54.28 -49.68
CA GLN H 222 101.70 54.07 -49.93
C GLN H 222 101.41 52.60 -50.23
N VAL H 223 100.50 52.00 -49.46
CA VAL H 223 100.13 50.61 -49.66
C VAL H 223 99.56 50.42 -51.07
N PRO H 224 100.18 49.52 -51.85
CA PRO H 224 99.75 49.25 -53.23
C PRO H 224 98.27 48.92 -53.30
N ASP H 225 97.63 49.30 -54.41
CA ASP H 225 96.22 49.01 -54.65
C ASP H 225 95.28 49.84 -53.76
N THR H 226 95.68 51.07 -53.47
CA THR H 226 94.86 51.97 -52.68
C THR H 226 94.71 53.33 -53.36
N GLU H 227 93.54 53.95 -53.17
CA GLU H 227 93.26 55.26 -53.78
C GLU H 227 93.67 56.41 -52.87
N SER H 228 93.96 57.56 -53.48
CA SER H 228 94.37 58.75 -52.74
C SER H 228 93.95 60.01 -53.48
N GLU H 229 93.29 60.92 -52.77
CA GLU H 229 92.81 62.16 -53.39
C GLU H 229 93.65 63.35 -52.97
N THR H 230 93.82 64.30 -53.89
CA THR H 230 94.55 65.53 -53.62
C THR H 230 93.59 66.71 -53.65
N ARG H 231 93.61 67.50 -52.58
CA ARG H 231 92.69 68.63 -52.45
C ARG H 231 93.41 69.98 -52.50
N ILE H 232 92.97 70.84 -53.40
CA ILE H 232 93.52 72.19 -53.53
C ILE H 232 92.61 73.18 -52.83
N LEU H 233 93.20 74.06 -52.02
CA LEU H 233 92.43 75.04 -51.27
C LEU H 233 92.87 76.46 -51.58
N LEU H 234 91.94 77.27 -52.09
CA LEU H 234 92.18 78.68 -52.34
C LEU H 234 91.45 79.55 -51.32
N GLN H 235 92.21 80.42 -50.64
CA GLN H 235 91.62 81.29 -49.64
C GLN H 235 92.11 82.73 -49.76
N GLY H 236 91.17 83.67 -49.74
CA GLY H 236 91.51 85.08 -49.76
C GLY H 236 91.82 85.57 -48.36
N THR H 237 92.95 86.27 -48.23
CA THR H 237 93.33 86.87 -46.96
C THR H 237 93.18 88.38 -47.07
N PRO H 238 91.93 88.87 -47.02
CA PRO H 238 91.61 90.29 -47.20
C PRO H 238 92.01 91.10 -45.98
N VAL H 239 92.49 92.31 -46.19
CA VAL H 239 92.83 93.19 -45.08
C VAL H 239 92.26 94.59 -45.30
N ALA H 240 91.10 94.85 -44.72
CA ALA H 240 90.48 96.17 -44.79
C ALA H 240 91.05 97.06 -43.70
N GLN H 241 90.25 98.03 -43.27
CA GLN H 241 90.61 98.92 -42.16
C GLN H 241 91.30 100.21 -42.59
N MET H 242 90.86 101.32 -42.01
CA MET H 242 91.51 102.63 -42.17
C MET H 242 90.56 103.84 -42.27
N THR H 243 89.71 104.03 -41.27
CA THR H 243 88.87 105.24 -41.22
C THR H 243 88.88 105.87 -39.81
N GLU H 244 88.66 107.17 -39.73
CA GLU H 244 88.53 107.85 -38.44
C GLU H 244 87.05 108.03 -38.10
N ASP H 245 86.65 109.27 -37.82
CA ASP H 245 85.27 109.58 -37.51
C ASP H 245 84.87 111.01 -37.89
N ALA H 246 83.72 111.44 -37.40
CA ALA H 246 83.21 112.78 -37.69
C ALA H 246 82.77 113.48 -36.41
N VAL H 247 82.18 114.67 -36.57
CA VAL H 247 81.72 115.46 -35.43
C VAL H 247 80.57 114.74 -34.71
N ASP H 248 80.55 114.88 -33.38
CA ASP H 248 79.52 114.26 -32.57
C ASP H 248 78.13 114.75 -32.98
N ALA H 249 78.03 116.05 -33.29
CA ALA H 249 76.79 116.66 -33.74
C ALA H 249 75.75 116.79 -32.63
N GLU H 250 75.81 115.89 -31.65
CA GLU H 250 74.88 115.90 -30.53
C GLU H 250 74.99 117.19 -29.75
N ARG H 251 76.20 117.74 -29.67
CA ARG H 251 76.45 118.97 -28.93
C ARG H 251 76.81 120.10 -29.88
N LEU H 252 76.13 120.13 -31.02
CA LEU H 252 76.37 121.15 -32.04
C LEU H 252 75.05 121.59 -32.65
N LYS H 253 74.22 122.25 -31.84
CA LYS H 253 72.90 122.70 -32.29
C LYS H 253 72.80 124.22 -32.25
N HIS H 254 73.55 124.90 -33.12
CA HIS H 254 73.54 126.35 -33.16
C HIS H 254 73.85 126.88 -34.56
N LEU H 255 74.34 126.00 -35.43
CA LEU H 255 74.68 126.39 -36.79
C LEU H 255 73.44 126.77 -37.59
N ILE H 256 72.27 126.36 -37.11
CA ILE H 256 71.01 126.68 -37.77
C ILE H 256 70.59 128.11 -37.43
N VAL H 257 71.41 129.07 -37.82
CA VAL H 257 71.14 130.48 -37.56
C VAL H 257 70.25 131.08 -38.64
N THR H 258 69.22 131.81 -38.23
CA THR H 258 68.31 132.46 -39.16
C THR H 258 68.99 133.64 -39.84
N PRO H 259 69.22 133.52 -41.15
CA PRO H 259 69.88 134.57 -41.94
C PRO H 259 69.10 135.88 -41.90
N SER H 260 69.78 136.97 -41.58
CA SER H 260 69.14 138.27 -41.53
C SER H 260 70.16 139.40 -41.64
N GLY H 261 69.67 140.63 -41.77
CA GLY H 261 70.52 141.80 -41.86
C GLY H 261 70.50 142.40 -43.24
N CYS H 262 71.62 143.01 -43.61
CA CYS H 262 71.77 143.61 -44.93
C CYS H 262 72.06 142.58 -46.02
N GLY H 263 74.49 143.21 -47.63
CA GLY H 263 74.35 141.84 -48.12
C GLY H 263 75.29 140.88 -47.42
N GLU H 264 76.21 141.43 -46.63
CA GLU H 264 77.20 140.62 -45.94
C GLU H 264 76.69 140.06 -44.62
N GLN H 265 75.88 140.85 -43.92
CA GLN H 265 75.30 140.39 -42.65
C GLN H 265 74.40 139.18 -42.87
N ASN H 266 73.76 139.13 -44.04
CA ASN H 266 72.87 138.02 -44.37
C ASN H 266 73.64 136.75 -44.69
N MET H 267 74.84 136.92 -45.25
CA MET H 267 75.70 135.80 -45.59
C MET H 267 76.34 135.18 -44.35
N ILE H 268 76.73 136.03 -43.40
CA ILE H 268 77.35 135.55 -42.16
C ILE H 268 76.38 134.69 -41.36
N GLY H 269 75.09 134.98 -41.51
CA GLY H 269 74.07 134.24 -40.79
C GLY H 269 73.60 133.04 -41.57
N MET H 270 73.86 133.03 -42.87
CA MET H 270 73.45 131.94 -43.74
C MET H 270 74.55 130.91 -43.91
N THR H 271 75.78 131.31 -43.61
CA THR H 271 76.94 130.44 -43.74
C THR H 271 76.86 129.19 -42.84
N PRO H 272 76.63 129.40 -41.53
CA PRO H 272 76.56 128.27 -40.59
C PRO H 272 75.48 127.27 -40.97
N THR H 273 74.33 127.76 -41.43
CA THR H 273 73.20 126.90 -41.74
C THR H 273 73.46 126.06 -43.00
N VAL H 274 73.99 126.69 -44.03
CA VAL H 274 74.25 126.00 -45.29
C VAL H 274 75.29 124.89 -45.13
N ILE H 275 76.38 125.19 -44.43
CA ILE H 275 77.45 124.23 -44.23
C ILE H 275 77.07 123.16 -43.22
N ALA H 276 76.04 123.45 -42.42
CA ALA H 276 75.56 122.50 -41.41
C ALA H 276 74.81 121.35 -42.06
N VAL H 277 73.91 121.67 -42.98
CA VAL H 277 73.12 120.67 -43.68
C VAL H 277 74.00 119.83 -44.60
N HIS H 278 74.97 120.47 -45.24
CA HIS H 278 75.88 119.79 -46.15
C HIS H 278 76.73 118.76 -45.42
N TYR H 279 77.01 119.03 -44.15
CA TYR H 279 77.83 118.14 -43.34
C TYR H 279 77.01 116.98 -42.77
N LEU H 280 75.78 117.28 -42.36
CA LEU H 280 74.90 116.27 -41.77
C LEU H 280 74.39 115.30 -42.83
N ASP H 281 74.37 115.74 -44.08
CA ASP H 281 73.91 114.90 -45.18
C ASP H 281 74.95 113.84 -45.55
N GLU H 282 76.22 114.23 -45.52
CA GLU H 282 77.30 113.32 -45.89
C GLU H 282 77.71 112.42 -44.72
N THR H 283 77.26 112.77 -43.52
CA THR H 283 77.57 111.99 -42.34
C THR H 283 76.34 111.27 -41.80
N GLU H 284 75.22 111.45 -42.50
CA GLU H 284 73.94 110.86 -42.10
C GLU H 284 73.73 110.85 -40.59
N GLN H 285 74.09 111.94 -39.93
CA GLN H 285 73.96 112.04 -38.48
C GLN H 285 72.68 112.74 -38.07
N TRP H 286 71.74 112.86 -39.01
CA TRP H 286 70.46 113.50 -38.72
C TRP H 286 69.68 112.73 -37.66
N GLU H 287 69.86 111.41 -37.64
CA GLU H 287 69.17 110.56 -36.69
C GLU H 287 69.45 110.97 -35.24
N LYS H 288 70.70 111.34 -34.98
CA LYS H 288 71.12 111.72 -33.63
C LYS H 288 70.95 113.21 -33.39
N PHE H 289 70.71 113.95 -34.47
CA PHE H 289 70.58 115.40 -34.39
C PHE H 289 69.14 115.84 -34.27
N GLY H 290 68.31 115.41 -35.22
CA GLY H 290 66.91 115.79 -35.26
C GLY H 290 66.37 115.73 -36.68
N LEU H 291 65.57 114.70 -36.96
CA LEU H 291 65.04 114.46 -38.28
C LEU H 291 64.04 115.54 -38.70
N GLU H 292 63.13 115.87 -37.79
CA GLU H 292 62.14 116.90 -38.05
C GLU H 292 62.74 118.30 -37.94
N LYS H 293 64.06 118.36 -37.78
CA LYS H 293 64.76 119.63 -37.67
C LYS H 293 65.36 120.07 -38.99
N ARG H 294 65.53 119.12 -39.91
CA ARG H 294 66.11 119.41 -41.21
C ARG H 294 65.22 120.31 -42.05
N GLN H 295 63.91 120.05 -42.00
CA GLN H 295 62.94 120.84 -42.75
C GLN H 295 63.00 122.30 -42.33
N GLY H 296 63.31 122.54 -41.06
CA GLY H 296 63.43 123.90 -40.55
C GLY H 296 64.74 124.54 -40.96
N ALA H 297 65.68 123.72 -41.42
CA ALA H 297 66.97 124.21 -41.85
C ALA H 297 66.95 124.58 -43.33
N LEU H 298 66.27 123.76 -44.13
CA LEU H 298 66.13 124.02 -45.56
C LEU H 298 65.40 125.32 -45.83
N GLU H 299 64.47 125.66 -44.94
CA GLU H 299 63.69 126.88 -45.07
C GLU H 299 64.54 128.11 -44.77
N LEU H 300 65.48 127.96 -43.84
CA LEU H 300 66.37 129.07 -43.48
C LEU H 300 67.44 129.29 -44.53
N ILE H 301 67.82 128.21 -45.22
CA ILE H 301 68.79 128.30 -46.31
C ILE H 301 68.17 128.97 -47.52
N LYS H 302 66.95 128.56 -47.85
CA LYS H 302 66.21 129.14 -48.96
C LYS H 302 65.84 130.58 -48.66
N LYS H 303 65.62 130.88 -47.38
CA LYS H 303 65.27 132.23 -46.95
C LYS H 303 66.49 133.15 -47.05
N GLY H 304 67.66 132.58 -46.84
CA GLY H 304 68.91 133.33 -46.94
C GLY H 304 69.27 133.60 -48.39
N TYR H 305 68.82 132.71 -49.27
CA TYR H 305 69.07 132.87 -50.70
C TYR H 305 68.20 133.97 -51.29
N THR H 306 66.94 134.01 -50.87
CA THR H 306 65.99 135.01 -51.35
C THR H 306 66.38 136.42 -50.89
N GLN H 307 66.82 136.52 -49.64
CA GLN H 307 67.22 137.82 -49.08
C GLN H 307 68.51 138.32 -49.71
N GLN H 308 69.29 137.41 -50.28
CA GLN H 308 70.55 137.77 -50.92
C GLN H 308 70.32 138.32 -52.32
N LEU H 309 69.13 138.02 -52.88
CA LEU H 309 68.78 138.50 -54.21
C LEU H 309 68.39 139.97 -54.16
N ALA H 310 68.00 140.45 -52.98
CA ALA H 310 67.61 141.85 -52.80
C ALA H 310 68.83 142.75 -52.74
N PHE H 311 70.01 142.17 -52.95
CA PHE H 311 71.25 142.92 -52.93
C PHE H 311 72.10 142.62 -54.15
N ARG H 312 71.47 142.09 -55.19
CA ARG H 312 72.15 141.78 -56.43
C ARG H 312 72.16 142.96 -57.38
N GLN H 313 73.24 143.74 -57.37
CA GLN H 313 73.40 144.87 -58.26
C GLN H 313 73.42 144.40 -59.71
N PRO H 314 73.32 145.34 -60.66
CA PRO H 314 73.37 144.99 -62.08
C PRO H 314 74.55 144.10 -62.41
N SER H 315 75.57 144.14 -61.56
CA SER H 315 76.74 143.29 -61.71
C SER H 315 76.36 141.82 -61.56
N ALA H 320 77.63 144.28 -50.40
CA ALA H 320 76.90 144.60 -49.18
C ALA H 320 75.69 145.47 -49.48
N PHE H 321 75.83 146.77 -49.27
CA PHE H 321 74.76 147.72 -49.57
C PHE H 321 74.73 148.05 -51.05
N VAL H 322 73.52 148.14 -51.60
CA VAL H 322 73.34 148.48 -53.01
C VAL H 322 73.89 149.87 -53.31
N LYS H 323 73.91 150.72 -52.29
CA LYS H 323 74.41 152.08 -52.42
C LYS H 323 75.94 152.07 -52.50
N ARG H 324 76.54 150.94 -52.14
CA ARG H 324 77.99 150.81 -52.09
C ARG H 324 78.52 150.14 -53.36
N ALA H 325 79.80 150.39 -53.66
CA ALA H 325 80.45 149.78 -54.81
C ALA H 325 80.60 148.27 -54.60
N PRO H 326 80.43 147.49 -55.68
CA PRO H 326 80.52 146.03 -55.65
C PRO H 326 81.84 145.53 -55.08
N SER H 327 81.77 144.51 -54.24
CA SER H 327 82.96 143.93 -53.62
C SER H 327 83.44 142.70 -54.39
N THR H 328 84.74 142.56 -54.53
CA THR H 328 85.32 141.43 -55.24
C THR H 328 85.29 140.16 -54.40
N TRP H 329 85.57 140.31 -53.11
CA TRP H 329 85.58 139.16 -52.20
C TRP H 329 84.16 138.65 -51.92
N LEU H 330 83.26 139.56 -51.58
CA LEU H 330 81.90 139.20 -51.25
C LEU H 330 81.23 138.46 -52.42
N THR H 331 81.42 138.99 -53.63
CA THR H 331 80.86 138.37 -54.82
C THR H 331 81.47 136.99 -55.05
N ALA H 332 82.74 136.85 -54.72
CA ALA H 332 83.45 135.58 -54.88
C ALA H 332 83.01 134.57 -53.84
N TYR H 333 82.59 135.06 -52.67
CA TYR H 333 82.16 134.19 -51.58
C TYR H 333 80.73 133.70 -51.81
N VAL H 334 79.91 134.55 -52.43
CA VAL H 334 78.54 134.17 -52.75
C VAL H 334 78.52 132.95 -53.66
N VAL H 335 79.45 132.91 -54.61
CA VAL H 335 79.57 131.79 -55.53
C VAL H 335 79.99 130.53 -54.79
N LYS H 336 80.81 130.69 -53.75
CA LYS H 336 81.30 129.56 -52.98
C LYS H 336 80.17 128.85 -52.22
N VAL H 337 79.30 129.63 -51.61
CA VAL H 337 78.19 129.08 -50.84
C VAL H 337 77.06 128.58 -51.74
N PHE H 338 76.75 129.36 -52.77
CA PHE H 338 75.69 129.01 -53.70
C PHE H 338 75.99 127.72 -54.45
N SER H 339 77.23 127.58 -54.92
CA SER H 339 77.63 126.40 -55.67
C SER H 339 77.59 125.13 -54.81
N LEU H 340 77.73 125.33 -53.50
CA LEU H 340 77.71 124.20 -52.56
C LEU H 340 76.26 123.85 -52.18
N ALA H 341 75.38 124.84 -52.24
CA ALA H 341 73.99 124.64 -51.89
C ALA H 341 73.11 124.51 -53.14
N VAL H 342 73.65 123.89 -54.18
CA VAL H 342 72.91 123.69 -55.42
C VAL H 342 71.98 122.50 -55.33
N ASN H 343 72.36 121.51 -54.53
CA ASN H 343 71.57 120.30 -54.34
C ASN H 343 70.56 120.46 -53.21
N LEU H 344 70.75 121.49 -52.39
CA LEU H 344 69.87 121.74 -51.26
C LEU H 344 68.62 122.50 -51.70
N ILE H 345 68.82 123.61 -52.40
CA ILE H 345 67.72 124.43 -52.87
C ILE H 345 67.83 124.69 -54.39
N ALA H 346 66.93 125.51 -54.90
CA ALA H 346 66.91 125.82 -56.33
C ALA H 346 67.75 127.07 -56.64
N ILE H 347 69.03 126.86 -56.92
CA ILE H 347 69.92 127.96 -57.25
C ILE H 347 69.77 128.37 -58.71
N ASP H 348 69.52 129.65 -58.94
CA ASP H 348 69.34 130.18 -60.29
C ASP H 348 70.66 130.22 -61.04
N SER H 349 70.64 129.79 -62.30
CA SER H 349 71.83 129.79 -63.13
C SER H 349 72.16 131.20 -63.61
N GLN H 350 71.15 132.06 -63.66
CA GLN H 350 71.32 133.43 -64.12
C GLN H 350 72.04 134.27 -63.07
N VAL H 351 71.79 133.98 -61.80
CA VAL H 351 72.41 134.72 -60.70
C VAL H 351 73.80 134.21 -60.41
N LEU H 352 73.97 132.89 -60.40
CA LEU H 352 75.25 132.27 -60.09
C LEU H 352 76.28 132.55 -61.18
N CYS H 353 75.89 132.34 -62.42
CA CYS H 353 76.79 132.57 -63.55
C CYS H 353 77.00 134.06 -63.82
N GLY H 354 76.04 134.86 -63.38
CA GLY H 354 76.12 136.30 -63.55
C GLY H 354 77.26 136.91 -62.77
N ALA H 355 77.52 136.37 -61.59
CA ALA H 355 78.63 136.81 -60.76
C ALA H 355 79.96 136.29 -61.29
N VAL H 356 79.94 135.06 -61.80
CA VAL H 356 81.14 134.44 -62.34
C VAL H 356 81.64 135.20 -63.56
N LYS H 357 80.72 135.55 -64.45
CA LYS H 357 81.05 136.30 -65.66
C LYS H 357 81.60 137.69 -65.32
N TRP H 358 81.17 138.22 -64.19
CA TRP H 358 81.60 139.55 -63.76
C TRP H 358 83.03 139.56 -63.24
N LEU H 359 83.35 138.58 -62.40
CA LEU H 359 84.68 138.49 -61.81
C LEU H 359 85.77 138.29 -62.87
N ILE H 360 85.39 137.69 -63.99
CA ILE H 360 86.35 137.38 -65.05
C ILE H 360 86.63 138.59 -65.95
N LEU H 361 85.56 139.26 -66.37
CA LEU H 361 85.70 140.36 -67.33
C LEU H 361 85.96 141.71 -66.67
N GLU H 362 85.73 141.79 -65.36
CA GLU H 362 85.88 143.04 -64.64
C GLU H 362 87.08 143.05 -63.69
N LYS H 363 86.97 142.30 -62.60
CA LYS H 363 88.00 142.31 -61.57
C LYS H 363 89.08 141.25 -61.81
N GLN H 364 89.67 141.28 -63.00
CA GLN H 364 90.76 140.35 -63.32
C GLN H 364 91.81 141.02 -64.21
N LYS H 365 93.03 141.10 -63.69
CA LYS H 365 94.15 141.68 -64.44
C LYS H 365 94.58 140.75 -65.55
N PRO H 366 95.27 141.30 -66.56
CA PRO H 366 95.76 140.52 -67.70
C PRO H 366 96.62 139.33 -67.28
N ASP H 367 97.28 139.44 -66.13
CA ASP H 367 98.13 138.37 -65.64
C ASP H 367 97.34 137.30 -64.89
N GLY H 368 96.07 137.60 -64.61
CA GLY H 368 95.19 136.66 -63.95
C GLY H 368 94.95 136.98 -62.49
N VAL H 369 95.52 138.08 -62.03
CA VAL H 369 95.38 138.49 -60.63
C VAL H 369 94.06 139.21 -60.38
N PHE H 370 93.37 138.82 -59.32
CA PHE H 370 92.11 139.46 -58.94
C PHE H 370 92.36 140.57 -57.92
N GLN H 371 91.87 141.77 -58.21
CA GLN H 371 92.10 142.92 -57.36
C GLN H 371 90.85 143.33 -56.58
N GLU H 372 91.03 143.69 -55.32
CA GLU H 372 89.93 144.14 -54.48
C GLU H 372 89.74 145.65 -54.62
N ASP H 373 88.52 146.06 -55.01
CA ASP H 373 88.23 147.47 -55.22
C ASP H 373 87.22 148.01 -54.21
N ALA H 374 86.64 147.11 -53.41
CA ALA H 374 85.67 147.51 -52.40
C ALA H 374 85.61 146.51 -51.26
N PRO H 375 86.60 146.59 -50.35
CA PRO H 375 86.68 145.70 -49.19
C PRO H 375 85.38 145.70 -48.38
N VAL H 376 84.94 144.53 -47.93
CA VAL H 376 83.71 144.41 -47.16
C VAL H 376 83.84 145.16 -45.84
N ILE H 377 82.71 145.66 -45.34
CA ILE H 377 82.69 146.39 -44.07
C ILE H 377 83.11 145.48 -42.93
N HIS H 378 82.47 144.32 -42.83
CA HIS H 378 82.81 143.35 -41.81
C HIS H 378 84.10 142.61 -42.17
N GLN H 379 85.23 143.15 -41.71
CA GLN H 379 86.54 142.61 -42.04
C GLN H 379 86.90 141.40 -41.18
N GLU H 380 85.89 140.76 -40.62
CA GLU H 380 86.13 139.59 -39.76
C GLU H 380 85.53 138.34 -40.38
N MET H 381 84.76 138.52 -41.45
CA MET H 381 84.15 137.40 -42.15
C MET H 381 85.05 136.87 -43.26
N ILE H 382 86.06 137.65 -43.63
CA ILE H 382 86.98 137.22 -44.69
C ILE H 382 88.02 136.22 -44.19
N GLY H 383 88.19 136.14 -42.87
CA GLY H 383 89.13 135.19 -42.29
C GLY H 383 90.58 135.59 -42.43
N GLY H 384 91.40 134.66 -42.92
CA GLY H 384 92.84 134.88 -43.04
C GLY H 384 93.22 135.94 -44.06
N LEU H 385 92.24 136.43 -44.80
CA LEU H 385 92.47 137.45 -45.81
C LEU H 385 92.62 138.83 -45.20
N ARG H 386 92.39 138.92 -43.89
CA ARG H 386 92.50 140.19 -43.18
C ARG H 386 93.97 140.61 -43.05
N ASN H 387 94.86 139.62 -43.04
CA ASN H 387 96.29 139.88 -42.97
C ASN H 387 96.80 140.50 -44.27
N ASN H 388 97.31 141.73 -44.16
CA ASN H 388 97.78 142.47 -45.33
C ASN H 388 98.93 141.79 -46.06
N ASN H 389 99.59 140.85 -45.38
CA ASN H 389 100.71 140.14 -45.97
C ASN H 389 100.32 139.27 -47.16
N GLU H 390 100.85 139.61 -48.33
CA GLU H 390 100.59 138.85 -49.55
C GLU H 390 99.10 138.72 -49.83
N LYS H 391 98.46 139.83 -50.19
CA LYS H 391 97.04 139.82 -50.51
C LYS H 391 96.82 139.65 -52.01
N ASP H 392 97.92 139.61 -52.75
CA ASP H 392 97.86 139.39 -54.19
C ASP H 392 97.82 137.90 -54.50
N MET H 393 98.10 137.08 -53.49
CA MET H 393 98.08 135.63 -53.63
C MET H 393 96.84 135.04 -52.97
N ALA H 394 96.53 135.51 -51.76
CA ALA H 394 95.40 135.01 -50.98
C ALA H 394 94.08 135.27 -51.68
N LEU H 395 93.90 136.50 -52.15
CA LEU H 395 92.67 136.89 -52.83
C LEU H 395 92.51 136.14 -54.14
N THR H 396 93.58 136.09 -54.93
CA THR H 396 93.55 135.41 -56.21
C THR H 396 93.28 133.92 -56.02
N ALA H 397 93.76 133.37 -54.91
CA ALA H 397 93.56 131.95 -54.61
C ALA H 397 92.15 131.68 -54.10
N PHE H 398 91.56 132.69 -53.47
CA PHE H 398 90.21 132.56 -52.93
C PHE H 398 89.17 132.60 -54.06
N VAL H 399 89.27 133.60 -54.91
CA VAL H 399 88.35 133.75 -56.04
C VAL H 399 88.47 132.58 -57.00
N LEU H 400 89.69 132.06 -57.14
CA LEU H 400 89.95 130.95 -58.05
C LEU H 400 89.19 129.70 -57.63
N ILE H 401 89.16 129.42 -56.34
CA ILE H 401 88.48 128.26 -55.81
C ILE H 401 86.98 128.31 -56.10
N SER H 402 86.42 129.52 -56.00
CA SER H 402 84.99 129.71 -56.23
C SER H 402 84.62 129.59 -57.70
N LEU H 403 85.60 129.79 -58.58
CA LEU H 403 85.37 129.73 -60.02
C LEU H 403 85.47 128.30 -60.55
N GLN H 404 86.19 127.45 -59.83
CA GLN H 404 86.37 126.07 -60.23
C GLN H 404 85.25 125.18 -59.70
N GLU H 405 84.69 125.56 -58.55
CA GLU H 405 83.60 124.81 -57.94
C GLU H 405 82.29 125.10 -58.66
N ALA H 406 82.26 126.19 -59.41
CA ALA H 406 81.09 126.55 -60.21
C ALA H 406 81.38 126.30 -61.69
N LYS H 407 82.30 125.38 -61.95
CA LYS H 407 82.71 125.06 -63.31
C LYS H 407 81.60 124.36 -64.09
N ASP H 408 81.25 123.16 -63.64
CA ASP H 408 80.22 122.36 -64.32
C ASP H 408 78.91 123.11 -64.46
N ILE H 409 78.64 124.01 -63.51
CA ILE H 409 77.42 124.79 -63.52
C ILE H 409 77.48 125.92 -64.55
N CYS H 410 78.68 126.48 -64.75
CA CYS H 410 78.85 127.59 -65.67
C CYS H 410 79.95 127.37 -66.71
N GLU H 411 79.72 126.40 -67.60
CA GLU H 411 80.62 126.15 -68.73
C GLU H 411 79.96 126.48 -70.07
N GLU H 412 78.64 126.36 -70.15
CA GLU H 412 77.91 126.61 -71.39
C GLU H 412 77.43 128.05 -71.45
N GLN H 413 77.25 128.66 -70.28
CA GLN H 413 76.76 130.02 -70.16
C GLN H 413 77.90 131.02 -70.13
N VAL H 414 79.08 130.56 -69.72
CA VAL H 414 80.27 131.42 -69.67
C VAL H 414 81.43 130.77 -70.41
N ASN H 415 81.82 131.38 -71.53
CA ASN H 415 82.90 130.84 -72.35
C ASN H 415 84.27 131.38 -71.97
N SER H 416 84.28 132.44 -71.17
CA SER H 416 85.53 133.08 -70.74
C SER H 416 86.06 132.45 -69.46
N LEU H 417 85.47 131.32 -69.07
CA LEU H 417 85.89 130.63 -67.85
C LEU H 417 87.19 129.83 -68.03
N PRO H 418 87.23 128.96 -69.06
CA PRO H 418 88.43 128.15 -69.29
C PRO H 418 89.68 128.99 -69.42
N GLY H 419 89.58 130.11 -70.13
CA GLY H 419 90.72 131.00 -70.33
C GLY H 419 91.14 131.70 -69.04
N SER H 420 90.17 132.02 -68.20
CA SER H 420 90.43 132.70 -66.94
C SER H 420 91.03 131.74 -65.91
N ILE H 421 90.52 130.51 -65.89
CA ILE H 421 91.00 129.50 -64.96
C ILE H 421 92.49 129.25 -65.12
N THR H 422 92.94 129.14 -66.37
CA THR H 422 94.34 128.89 -66.66
C THR H 422 95.22 130.07 -66.26
N LYS H 423 94.77 131.28 -66.58
CA LYS H 423 95.51 132.49 -66.26
C LYS H 423 95.77 132.61 -64.76
N ALA H 424 94.71 132.47 -63.97
CA ALA H 424 94.83 132.58 -62.51
C ALA H 424 95.78 131.51 -61.95
N GLY H 425 95.86 130.38 -62.64
CA GLY H 425 96.73 129.29 -62.22
C GLY H 425 98.18 129.57 -62.56
N ASP H 426 98.41 130.34 -63.61
CA ASP H 426 99.76 130.68 -64.04
C ASP H 426 100.46 131.59 -63.03
N PHE H 427 99.75 132.61 -62.58
CA PHE H 427 100.31 133.57 -61.63
C PHE H 427 100.65 132.92 -60.29
N LEU H 428 99.73 132.10 -59.79
CA LEU H 428 99.92 131.43 -58.50
C LEU H 428 101.04 130.41 -58.57
N GLU H 429 101.20 129.77 -59.73
CA GLU H 429 102.21 128.76 -59.91
C GLU H 429 103.62 129.35 -59.95
N ALA H 430 103.74 130.52 -60.56
CA ALA H 430 105.03 131.20 -60.68
C ALA H 430 105.47 131.80 -59.35
N ASN H 431 104.51 132.24 -58.55
CA ASN H 431 104.80 132.87 -57.27
C ASN H 431 104.39 132.01 -56.08
N TYR H 432 104.55 130.70 -56.23
CA TYR H 432 104.18 129.76 -55.17
C TYR H 432 105.40 129.44 -54.30
N MET H 433 106.57 129.48 -54.92
CA MET H 433 107.82 129.23 -54.21
C MET H 433 108.24 130.45 -53.39
N ASN H 434 107.52 131.56 -53.58
CA ASN H 434 107.81 132.79 -52.86
C ASN H 434 106.79 133.11 -51.77
N LEU H 435 106.42 132.10 -50.99
CA LEU H 435 105.44 132.27 -49.92
C LEU H 435 106.04 131.92 -48.57
N GLN H 436 105.71 132.70 -47.55
CA GLN H 436 106.21 132.45 -46.20
C GLN H 436 105.09 131.98 -45.28
N ARG H 437 103.93 132.61 -45.40
CA ARG H 437 102.77 132.26 -44.58
C ARG H 437 102.26 130.87 -44.93
N SER H 438 101.98 130.07 -43.89
CA SER H 438 101.45 128.74 -44.08
C SER H 438 100.01 128.81 -44.61
N TYR H 439 99.34 129.91 -44.32
CA TYR H 439 97.97 130.12 -44.77
C TYR H 439 97.93 130.35 -46.28
N THR H 440 98.85 131.18 -46.78
CA THR H 440 98.93 131.48 -48.19
C THR H 440 99.27 130.25 -49.01
N VAL H 441 100.20 129.45 -48.49
CA VAL H 441 100.62 128.22 -49.15
C VAL H 441 99.48 127.22 -49.24
N ALA H 442 98.65 127.19 -48.20
CA ALA H 442 97.53 126.25 -48.14
C ALA H 442 96.39 126.67 -49.05
N ILE H 443 95.99 127.94 -48.97
CA ILE H 443 94.88 128.45 -49.75
C ILE H 443 95.21 128.47 -51.24
N ALA H 444 96.50 128.56 -51.57
CA ALA H 444 96.94 128.56 -52.95
C ALA H 444 97.19 127.15 -53.45
N GLY H 445 97.48 126.24 -52.54
CA GLY H 445 97.73 124.85 -52.89
C GLY H 445 96.48 124.13 -53.36
N TYR H 446 95.36 124.46 -52.73
CA TYR H 446 94.08 123.85 -53.09
C TYR H 446 93.52 124.43 -54.38
N ALA H 447 93.92 125.66 -54.69
CA ALA H 447 93.49 126.32 -55.92
C ALA H 447 94.25 125.78 -57.13
N LEU H 448 95.37 125.11 -56.86
CA LEU H 448 96.20 124.55 -57.93
C LEU H 448 96.05 123.04 -57.98
N ALA H 449 95.58 122.45 -56.89
CA ALA H 449 95.38 121.01 -56.81
C ALA H 449 94.15 120.57 -57.61
N GLN H 450 93.19 121.47 -57.75
CA GLN H 450 91.97 121.19 -58.48
C GLN H 450 92.25 121.02 -59.97
N MET H 451 93.26 121.74 -60.47
CA MET H 451 93.65 121.65 -61.86
C MET H 451 94.67 120.52 -62.06
N GLY H 452 95.32 120.13 -60.96
CA GLY H 452 96.34 119.09 -61.00
C GLY H 452 97.69 119.70 -61.35
N ARG H 453 97.84 120.98 -61.00
CA ARG H 453 99.05 121.73 -61.30
C ARG H 453 99.87 122.00 -60.05
N LEU H 454 99.84 121.05 -59.11
CA LEU H 454 100.61 121.17 -57.87
C LEU H 454 101.63 120.04 -57.78
N LYS H 455 102.59 120.05 -58.69
CA LYS H 455 103.61 119.02 -58.74
C LYS H 455 105.01 119.61 -58.55
N GLY H 456 106.03 118.76 -58.67
CA GLY H 456 107.40 119.20 -58.53
C GLY H 456 107.68 119.88 -57.21
N PRO H 457 108.52 120.93 -57.24
CA PRO H 457 108.90 121.72 -56.07
C PRO H 457 107.69 122.29 -55.34
N LEU H 458 106.67 122.66 -56.09
CA LEU H 458 105.45 123.24 -55.52
C LEU H 458 104.74 122.24 -54.61
N LEU H 459 104.78 120.96 -55.01
CA LEU H 459 104.15 119.90 -54.23
C LEU H 459 104.93 119.65 -52.94
N ASN H 460 106.26 119.71 -53.04
CA ASN H 460 107.11 119.48 -51.88
C ASN H 460 106.97 120.57 -50.83
N LYS H 461 106.87 121.82 -51.29
CA LYS H 461 106.75 122.96 -50.39
C LYS H 461 105.49 122.86 -49.54
N PHE H 462 104.35 122.61 -50.19
CA PHE H 462 103.06 122.51 -49.51
C PHE H 462 103.09 121.47 -48.40
N LEU H 463 103.80 120.37 -48.64
CA LEU H 463 103.86 119.28 -47.66
C LEU H 463 104.80 119.61 -46.51
N THR H 464 105.94 120.23 -46.83
CA THR H 464 106.93 120.58 -45.81
C THR H 464 106.52 121.79 -45.00
N THR H 465 105.51 122.51 -45.47
CA THR H 465 105.02 123.70 -44.78
C THR H 465 104.34 123.32 -43.47
N ALA H 466 103.62 122.20 -43.49
CA ALA H 466 102.90 121.72 -42.30
C ALA H 466 103.85 121.43 -41.15
N LYS H 467 103.54 121.99 -39.98
CA LYS H 467 104.34 121.75 -38.79
C LYS H 467 103.88 120.46 -38.10
N ASP H 468 104.84 119.58 -37.83
CA ASP H 468 104.54 118.28 -37.24
C ASP H 468 103.73 117.41 -38.19
N LYS H 469 103.64 117.84 -39.44
CA LYS H 469 102.93 117.09 -40.48
C LYS H 469 101.48 116.81 -40.08
N ASN H 470 100.78 117.82 -39.60
CA ASN H 470 99.39 117.67 -39.21
C ASN H 470 98.64 119.00 -39.05
N ARG H 471 99.31 120.10 -39.38
CA ARG H 471 98.71 121.42 -39.25
C ARG H 471 99.47 122.51 -39.99
N TRP H 472 98.74 123.39 -40.66
CA TRP H 472 99.32 124.56 -41.31
C TRP H 472 99.04 125.80 -40.48
N GLU H 473 99.88 126.06 -39.48
CA GLU H 473 99.65 127.15 -38.55
C GLU H 473 100.59 128.33 -38.78
N ASP H 474 100.18 129.50 -38.30
CA ASP H 474 101.00 130.70 -38.35
C ASP H 474 100.87 131.48 -37.04
N PRO H 475 101.96 132.10 -36.59
CA PRO H 475 101.99 132.89 -35.35
C PRO H 475 100.92 133.96 -35.33
N GLY H 476 99.76 133.65 -34.76
CA GLY H 476 98.65 134.59 -34.69
C GLY H 476 97.40 133.95 -34.11
N LYS H 477 96.25 134.31 -34.67
CA LYS H 477 94.98 133.76 -34.20
C LYS H 477 94.85 132.29 -34.58
N GLN H 478 94.02 131.55 -33.86
CA GLN H 478 93.85 130.13 -34.09
C GLN H 478 92.80 129.86 -35.17
N LEU H 479 91.90 130.81 -35.37
CA LEU H 479 90.84 130.65 -36.37
C LEU H 479 91.39 130.71 -37.79
N TYR H 480 92.53 131.37 -37.96
CA TYR H 480 93.18 131.44 -39.26
C TYR H 480 93.93 130.15 -39.55
N ASN H 481 94.39 129.49 -38.49
CA ASN H 481 95.10 128.22 -38.62
C ASN H 481 94.14 127.08 -38.95
N VAL H 482 92.98 127.09 -38.29
CA VAL H 482 91.95 126.08 -38.54
C VAL H 482 91.47 126.17 -39.99
N GLU H 483 91.37 127.40 -40.50
CA GLU H 483 90.96 127.63 -41.87
C GLU H 483 92.05 127.19 -42.84
N ALA H 484 93.30 127.51 -42.51
CA ALA H 484 94.43 127.14 -43.34
C ALA H 484 94.57 125.63 -43.45
N THR H 485 94.27 124.93 -42.36
CA THR H 485 94.35 123.48 -42.34
C THR H 485 93.20 122.86 -43.13
N SER H 486 92.07 123.56 -43.17
CA SER H 486 90.90 123.10 -43.92
C SER H 486 91.17 123.12 -45.41
N TYR H 487 91.77 124.20 -45.90
CA TYR H 487 92.14 124.30 -47.30
C TYR H 487 93.22 123.29 -47.67
N ALA H 488 94.09 123.01 -46.72
CA ALA H 488 95.17 122.05 -46.93
C ALA H 488 94.63 120.63 -47.03
N LEU H 489 93.60 120.35 -46.24
CA LEU H 489 92.97 119.02 -46.25
C LEU H 489 92.29 118.75 -47.58
N LEU H 490 91.58 119.75 -48.09
CA LEU H 490 90.90 119.63 -49.38
C LEU H 490 91.89 119.44 -50.51
N ALA H 491 93.07 120.05 -50.38
CA ALA H 491 94.11 119.93 -51.39
C ALA H 491 94.64 118.51 -51.45
N LEU H 492 94.84 117.90 -50.29
CA LEU H 492 95.33 116.53 -50.21
C LEU H 492 94.30 115.55 -50.76
N LEU H 493 93.02 115.85 -50.54
CA LEU H 493 91.94 115.00 -51.03
C LEU H 493 91.80 115.11 -52.54
N GLN H 494 92.14 116.28 -53.08
CA GLN H 494 92.05 116.51 -54.52
C GLN H 494 93.20 115.83 -55.25
N LEU H 495 94.34 115.71 -54.58
CA LEU H 495 95.51 115.06 -55.14
C LEU H 495 95.53 113.58 -54.80
N LYS H 496 94.55 113.16 -54.00
CA LYS H 496 94.42 111.76 -53.59
C LYS H 496 95.65 111.26 -52.82
N ASP H 497 96.01 111.98 -51.77
CA ASP H 497 97.12 111.59 -50.91
C ASP H 497 96.60 111.14 -49.55
N PHE H 498 96.00 109.95 -49.51
CA PHE H 498 95.38 109.44 -48.31
C PHE H 498 96.40 108.91 -47.30
N ASP H 499 97.68 109.17 -47.57
CA ASP H 499 98.74 108.75 -46.67
C ASP H 499 99.16 109.88 -45.74
N PHE H 500 98.75 111.09 -46.08
CA PHE H 500 99.09 112.27 -45.29
C PHE H 500 97.83 112.91 -44.73
N VAL H 501 96.69 112.31 -45.02
CA VAL H 501 95.40 112.84 -44.56
C VAL H 501 95.06 112.49 -43.11
N PRO H 502 95.19 111.21 -42.74
CA PRO H 502 94.84 110.80 -41.37
C PRO H 502 95.44 111.69 -40.27
N PRO H 503 96.75 111.98 -40.34
CA PRO H 503 97.34 112.82 -39.30
C PRO H 503 96.72 114.22 -39.26
N VAL H 504 96.37 114.75 -40.43
CA VAL H 504 95.79 116.09 -40.53
C VAL H 504 94.39 116.14 -39.94
N VAL H 505 93.54 115.20 -40.34
CA VAL H 505 92.17 115.14 -39.87
C VAL H 505 92.10 114.97 -38.36
N ARG H 506 92.99 114.14 -37.83
CA ARG H 506 93.03 113.89 -36.38
C ARG H 506 93.27 115.18 -35.61
N TRP H 507 94.11 116.04 -36.17
CA TRP H 507 94.43 117.32 -35.53
C TRP H 507 93.22 118.24 -35.49
N LEU H 508 92.35 118.12 -36.49
CA LEU H 508 91.15 118.95 -36.57
C LEU H 508 90.13 118.57 -35.52
N ASN H 509 89.84 117.28 -35.42
CA ASN H 509 88.85 116.78 -34.47
C ASN H 509 89.24 117.02 -33.02
N GLU H 510 90.55 116.99 -32.75
CA GLU H 510 91.04 117.20 -31.39
C GLU H 510 90.91 118.66 -30.96
N GLN H 511 90.85 119.55 -31.95
CA GLN H 511 90.67 120.97 -31.67
C GLN H 511 89.27 121.23 -31.12
N ARG H 512 88.34 120.34 -31.46
CA ARG H 512 86.96 120.44 -30.98
C ARG H 512 86.36 121.82 -31.26
N TYR H 513 86.53 122.29 -32.50
CA TYR H 513 85.97 123.56 -32.92
C TYR H 513 84.62 123.34 -33.63
N TYR H 514 83.55 123.73 -32.97
CA TYR H 514 82.20 123.50 -33.48
C TYR H 514 81.68 124.69 -34.28
N GLY H 515 82.57 125.63 -34.59
CA GLY H 515 82.21 126.80 -35.36
C GLY H 515 81.35 127.77 -34.58
N GLY H 516 80.84 128.79 -35.25
CA GLY H 516 80.00 129.79 -34.63
C GLY H 516 80.79 130.82 -33.86
N GLY H 517 80.20 132.00 -33.66
CA GLY H 517 80.86 133.07 -32.93
C GLY H 517 81.11 134.29 -33.79
N TYR H 518 82.05 135.13 -33.35
CA TYR H 518 82.39 136.35 -34.07
C TYR H 518 83.55 136.12 -35.03
N GLY H 519 83.35 136.50 -36.29
CA GLY H 519 84.38 136.35 -37.30
C GLY H 519 84.74 134.90 -37.56
N SER H 520 83.73 134.04 -37.58
CA SER H 520 83.96 132.61 -37.81
C SER H 520 83.26 132.14 -39.08
N THR H 521 83.09 133.06 -40.03
CA THR H 521 82.43 132.74 -41.29
C THR H 521 83.26 131.77 -42.12
N GLN H 522 84.56 132.02 -42.20
CA GLN H 522 85.47 131.17 -42.98
C GLN H 522 85.93 129.96 -42.17
N ALA H 523 86.12 130.16 -40.87
CA ALA H 523 86.60 129.10 -40.00
C ALA H 523 85.56 128.00 -39.81
N THR H 524 84.31 128.29 -40.14
CA THR H 524 83.24 127.32 -39.99
C THR H 524 82.85 126.67 -41.31
N PHE H 525 82.79 127.47 -42.36
CA PHE H 525 82.37 126.98 -43.67
C PHE H 525 83.42 126.07 -44.29
N MET H 526 84.68 126.30 -43.94
CA MET H 526 85.79 125.51 -44.50
C MET H 526 86.10 124.29 -43.66
N VAL H 527 85.91 124.39 -42.35
CA VAL H 527 86.24 123.27 -41.47
C VAL H 527 85.23 122.14 -41.60
N PHE H 528 84.02 122.47 -42.03
CA PHE H 528 82.97 121.47 -42.20
C PHE H 528 82.84 121.05 -43.66
N GLN H 529 83.57 121.74 -44.53
CA GLN H 529 83.61 121.39 -45.95
C GLN H 529 84.69 120.36 -46.20
N ALA H 530 85.77 120.45 -45.43
CA ALA H 530 86.88 119.52 -45.54
C ALA H 530 86.56 118.19 -44.86
N LEU H 531 85.87 118.27 -43.73
CA LEU H 531 85.48 117.08 -42.99
C LEU H 531 84.32 116.36 -43.66
N ALA H 532 83.51 117.11 -44.41
CA ALA H 532 82.41 116.53 -45.15
C ALA H 532 82.91 115.84 -46.41
N GLN H 533 83.84 116.50 -47.10
CA GLN H 533 84.46 115.92 -48.29
C GLN H 533 85.28 114.71 -47.91
N TYR H 534 85.80 114.72 -46.68
CA TYR H 534 86.59 113.60 -46.17
C TYR H 534 85.70 112.37 -45.97
N GLN H 535 84.41 112.60 -45.75
CA GLN H 535 83.46 111.51 -45.57
C GLN H 535 82.91 111.04 -46.91
N LYS H 536 81.59 110.84 -46.96
CA LYS H 536 80.94 110.34 -48.17
C LYS H 536 81.68 109.10 -48.67
N ASP H 537 82.50 109.31 -49.69
CA ASP H 537 83.44 108.29 -50.12
C ASP H 537 84.60 108.26 -49.15
N ALA H 538 84.35 107.72 -47.96
CA ALA H 538 85.39 107.59 -46.94
C ALA H 538 86.54 106.76 -47.50
N PRO H 539 87.54 106.43 -46.67
CA PRO H 539 88.66 105.60 -47.13
C PRO H 539 88.19 104.38 -47.92
N ASP H 540 89.09 103.82 -48.73
CA ASP H 540 88.73 102.74 -49.65
C ASP H 540 88.45 101.41 -48.93
N HIS H 541 89.00 100.33 -49.49
CA HIS H 541 88.76 98.99 -48.97
C HIS H 541 89.53 97.92 -49.73
N GLN H 542 90.74 97.61 -49.26
CA GLN H 542 91.53 96.52 -49.83
C GLN H 542 91.51 96.54 -51.36
N GLU H 543 91.62 95.35 -51.97
CA GLU H 543 91.61 95.21 -53.42
C GLU H 543 91.79 93.74 -53.82
N LEU H 544 90.73 92.95 -53.62
CA LEU H 544 90.80 91.52 -53.93
C LEU H 544 90.33 91.20 -55.34
N ASN H 545 91.22 91.36 -56.32
CA ASN H 545 90.92 91.05 -57.70
C ASN H 545 91.87 89.97 -58.22
N LEU H 546 91.86 88.81 -57.57
CA LEU H 546 92.74 87.71 -57.92
C LEU H 546 92.09 86.78 -58.95
N ASP H 547 92.84 86.43 -59.97
CA ASP H 547 92.36 85.51 -61.00
C ASP H 547 93.29 84.30 -61.10
N VAL H 548 93.05 83.32 -60.24
CA VAL H 548 93.91 82.14 -60.18
C VAL H 548 93.50 81.07 -61.20
N SER H 549 94.48 80.50 -61.88
CA SER H 549 94.23 79.44 -62.84
C SER H 549 94.97 78.17 -62.44
N LEU H 550 94.38 77.02 -62.77
CA LEU H 550 94.97 75.73 -62.43
C LEU H 550 95.11 74.85 -63.66
N GLN H 551 96.33 74.35 -63.89
CA GLN H 551 96.59 73.47 -65.02
C GLN H 551 97.15 72.13 -64.56
N LEU H 552 96.24 71.19 -64.31
CA LEU H 552 96.65 69.84 -63.91
C LEU H 552 96.69 68.92 -65.13
N PRO H 553 97.46 67.83 -65.04
CA PRO H 553 97.62 66.86 -66.13
C PRO H 553 96.28 66.37 -66.68
N SER H 554 95.21 66.51 -65.91
CA SER H 554 93.87 66.16 -66.39
C SER H 554 93.58 66.96 -67.64
N ARG H 555 94.35 68.03 -67.84
CA ARG H 555 94.31 68.87 -69.02
C ARG H 555 93.44 68.32 -70.16
N SER H 556 92.13 68.52 -70.02
CA SER H 556 91.20 68.14 -71.08
C SER H 556 90.31 69.33 -71.38
N SER H 557 90.25 70.26 -70.43
CA SER H 557 89.51 71.50 -70.59
C SER H 557 90.35 72.66 -70.09
N LYS H 558 89.96 73.20 -68.94
CA LYS H 558 90.69 74.30 -68.30
C LYS H 558 90.10 74.59 -66.92
N ILE H 559 90.76 75.46 -66.17
CA ILE H 559 90.30 75.82 -64.83
C ILE H 559 90.62 77.28 -64.50
N THR H 560 89.63 77.98 -63.98
CA THR H 560 89.81 79.38 -63.61
C THR H 560 88.78 79.81 -62.56
N HIS H 561 89.28 80.17 -61.38
CA HIS H 561 88.42 80.67 -60.32
C HIS H 561 88.84 82.08 -59.90
N ARG H 562 87.86 82.97 -59.78
CA ARG H 562 88.14 84.37 -59.43
C ARG H 562 87.70 84.72 -58.02
N ILE H 563 88.62 85.29 -57.25
CA ILE H 563 88.34 85.69 -55.87
C ILE H 563 88.18 87.21 -55.76
N HIS H 564 86.98 87.70 -56.05
CA HIS H 564 86.69 89.13 -55.93
C HIS H 564 86.32 89.49 -54.49
N TRP H 565 86.16 90.77 -54.22
CA TRP H 565 85.84 91.27 -52.88
C TRP H 565 84.67 90.54 -52.23
N GLU H 566 83.57 91.25 -51.98
CA GLU H 566 82.37 90.67 -51.36
C GLU H 566 82.53 89.20 -50.95
N SER H 567 82.43 88.31 -51.93
CA SER H 567 82.63 86.88 -51.68
C SER H 567 84.02 86.61 -51.09
N ALA H 568 85.07 86.89 -51.87
CA ALA H 568 86.47 86.77 -51.42
C ALA H 568 86.77 85.58 -50.52
N SER H 569 86.59 85.80 -49.23
CA SER H 569 86.82 84.78 -48.20
C SER H 569 86.35 83.40 -48.63
N LEU H 570 85.32 83.38 -49.48
CA LEU H 570 84.81 82.13 -50.03
C LEU H 570 85.95 81.18 -50.38
N LEU H 571 86.00 80.06 -49.68
CA LEU H 571 87.07 79.08 -49.88
C LEU H 571 86.77 78.15 -51.04
N ARG H 572 87.35 78.45 -52.20
CA ARG H 572 87.17 77.59 -53.37
C ARG H 572 88.16 76.44 -53.35
N SER H 573 87.64 75.23 -53.58
CA SER H 573 88.46 74.03 -53.49
C SER H 573 88.29 73.13 -54.71
N GLU H 574 89.31 72.33 -55.01
CA GLU H 574 89.27 71.38 -56.10
C GLU H 574 89.86 70.04 -55.67
N GLU H 575 89.27 68.95 -56.13
CA GLU H 575 89.70 67.61 -55.72
C GLU H 575 90.06 66.73 -56.91
N THR H 576 91.14 65.97 -56.77
CA THR H 576 91.58 65.05 -57.81
C THR H 576 91.98 63.71 -57.20
N LYS H 577 91.32 62.64 -57.64
CA LYS H 577 91.56 61.31 -57.11
C LYS H 577 92.91 60.74 -57.54
N GLU H 578 93.68 61.56 -58.27
CA GLU H 578 95.00 61.14 -58.72
C GLU H 578 96.08 62.12 -58.28
N ASN H 579 97.22 61.59 -57.88
CA ASN H 579 98.33 62.42 -57.44
C ASN H 579 99.16 62.94 -58.60
N GLU H 580 98.97 64.21 -58.94
CA GLU H 580 99.64 64.81 -60.09
C GLU H 580 100.54 65.98 -59.67
N GLY H 581 101.44 66.36 -60.57
CA GLY H 581 102.29 67.52 -60.37
C GLY H 581 101.86 68.66 -61.28
N PHE H 582 101.20 69.65 -60.72
CA PHE H 582 100.63 70.74 -61.50
C PHE H 582 101.27 72.09 -61.21
N THR H 583 100.77 73.12 -61.87
CA THR H 583 101.30 74.47 -61.71
C THR H 583 100.16 75.49 -61.56
N VAL H 584 100.34 76.42 -60.63
CA VAL H 584 99.32 77.43 -60.36
C VAL H 584 99.76 78.81 -60.85
N THR H 585 98.84 79.55 -61.45
CA THR H 585 99.14 80.88 -61.95
C THR H 585 98.14 81.91 -61.44
N ALA H 586 98.62 82.84 -60.62
CA ALA H 586 97.77 83.90 -60.09
C ALA H 586 97.94 85.18 -60.88
N GLU H 587 97.00 86.10 -60.70
CA GLU H 587 97.04 87.38 -61.42
C GLU H 587 96.08 88.40 -60.80
N GLY H 588 96.51 89.66 -60.76
CA GLY H 588 95.68 90.73 -60.22
C GLY H 588 96.14 91.21 -58.87
N LYS H 589 95.37 92.13 -58.29
CA LYS H 589 95.69 92.70 -56.99
C LYS H 589 95.15 91.82 -55.86
N GLY H 590 95.63 92.07 -54.64
CA GLY H 590 95.19 91.33 -53.47
C GLY H 590 96.19 90.31 -53.00
N GLN H 591 96.01 89.84 -51.76
CA GLN H 591 96.90 88.85 -51.18
C GLN H 591 96.10 87.67 -50.63
N GLY H 592 96.51 86.46 -51.01
CA GLY H 592 95.80 85.26 -50.59
C GLY H 592 96.72 84.15 -50.12
N THR H 593 96.13 83.00 -49.79
CA THR H 593 96.89 81.86 -49.30
C THR H 593 96.49 80.58 -50.05
N LEU H 594 97.47 79.74 -50.35
CA LEU H 594 97.23 78.49 -51.05
C LEU H 594 97.73 77.30 -50.25
N SER H 595 96.81 76.46 -49.79
CA SER H 595 97.18 75.29 -49.00
C SER H 595 96.66 74.00 -49.64
N VAL H 596 97.59 73.11 -49.97
CA VAL H 596 97.24 71.83 -50.59
C VAL H 596 97.56 70.66 -49.66
N VAL H 597 96.57 69.81 -49.42
CA VAL H 597 96.74 68.67 -48.52
C VAL H 597 96.21 67.39 -49.16
N THR H 598 96.96 66.29 -49.00
CA THR H 598 96.55 65.00 -49.54
C THR H 598 96.13 64.05 -48.43
N MET H 599 95.21 63.15 -48.76
CA MET H 599 94.73 62.16 -47.81
C MET H 599 94.82 60.76 -48.42
N TYR H 600 95.50 59.85 -47.72
CA TYR H 600 95.73 58.51 -48.26
C TYR H 600 95.88 57.47 -47.15
N HIS H 601 96.11 56.23 -47.55
CA HIS H 601 96.36 55.15 -46.61
C HIS H 601 97.85 54.86 -46.53
N ALA H 602 98.49 55.35 -45.46
CA ALA H 602 99.92 55.14 -45.25
C ALA H 602 100.20 53.71 -44.82
N LYS H 603 101.46 53.29 -44.97
CA LYS H 603 101.86 51.95 -44.59
C LYS H 603 102.24 51.86 -43.12
N ALA H 604 101.36 51.29 -42.32
CA ALA H 604 101.67 51.02 -40.93
C ALA H 604 102.52 49.78 -40.84
N LYS H 605 103.44 49.80 -39.90
CA LYS H 605 104.34 48.68 -39.80
C LYS H 605 103.77 47.58 -38.91
N ASP H 606 102.57 47.12 -39.26
CA ASP H 606 101.92 46.04 -38.53
C ASP H 606 101.86 46.38 -37.05
N GLN H 607 101.74 47.66 -36.74
CA GLN H 607 101.70 48.10 -35.35
C GLN H 607 100.76 47.24 -34.53
N LEU H 608 101.15 46.97 -33.29
CA LEU H 608 100.35 46.12 -32.41
C LEU H 608 98.88 46.48 -32.51
N THR H 609 98.08 45.58 -33.05
CA THR H 609 96.65 45.82 -33.19
C THR H 609 95.94 45.67 -31.85
N CYS H 610 96.63 45.10 -30.88
CA CYS H 610 96.08 44.91 -29.54
C CYS H 610 96.48 46.06 -28.62
N ASN H 611 97.79 46.25 -28.47
CA ASN H 611 98.36 47.25 -27.57
C ASN H 611 97.41 47.74 -26.47
N LYS H 612 97.63 47.22 -25.26
CA LYS H 612 96.79 47.47 -24.08
C LYS H 612 96.19 46.15 -23.58
N PHE H 613 96.38 45.08 -24.36
CA PHE H 613 95.90 43.76 -23.98
C PHE H 613 96.69 42.63 -24.63
N ASP H 614 97.19 41.73 -23.79
CA ASP H 614 97.83 40.51 -24.27
C ASP H 614 96.91 39.31 -24.00
N LEU H 615 96.97 38.31 -24.86
CA LEU H 615 96.08 37.16 -24.74
C LEU H 615 96.66 35.88 -25.32
N LYS H 616 96.79 34.86 -24.48
CA LYS H 616 97.23 33.54 -24.93
C LYS H 616 96.20 32.49 -24.55
N VAL H 617 95.65 31.81 -25.55
CA VAL H 617 94.65 30.78 -25.32
C VAL H 617 95.22 29.39 -25.60
N THR H 618 95.02 28.48 -24.67
CA THR H 618 95.55 27.13 -24.80
C THR H 618 94.46 26.07 -24.62
N ILE H 619 94.54 25.01 -25.41
CA ILE H 619 93.58 23.91 -25.32
C ILE H 619 94.30 22.57 -25.18
N LYS H 620 94.12 21.93 -24.03
CA LYS H 620 94.78 20.66 -23.74
C LYS H 620 93.78 19.58 -23.35
N PRO H 621 94.11 18.32 -23.67
CA PRO H 621 93.27 17.17 -23.28
C PRO H 621 93.20 17.03 -21.77
N ALA H 622 92.07 16.57 -21.26
CA ALA H 622 91.89 16.39 -19.82
C ALA H 622 92.61 15.14 -19.33
N PRO H 623 92.97 15.13 -18.03
CA PRO H 623 93.65 13.98 -17.42
C PRO H 623 92.88 12.68 -17.62
N LYS H 633 82.85 13.29 -22.89
CA LYS H 633 83.63 12.23 -23.53
C LYS H 633 85.10 12.62 -23.64
N ASN H 634 85.45 13.30 -24.73
CA ASN H 634 86.83 13.74 -24.95
C ASN H 634 87.29 14.69 -23.86
N THR H 635 86.39 15.55 -23.40
CA THR H 635 86.65 16.52 -22.34
C THR H 635 88.06 17.13 -22.37
N MET H 636 88.13 18.42 -22.70
CA MET H 636 89.40 19.13 -22.74
C MET H 636 89.42 20.29 -21.74
N ILE H 637 90.55 20.98 -21.67
CA ILE H 637 90.70 22.09 -20.75
C ILE H 637 91.02 23.39 -21.49
N LEU H 638 90.28 24.44 -21.17
CA LEU H 638 90.47 25.74 -21.80
C LEU H 638 91.09 26.74 -20.82
N GLU H 639 92.33 27.15 -21.10
CA GLU H 639 93.03 28.08 -20.23
C GLU H 639 93.20 29.43 -20.92
N ILE H 640 92.83 30.50 -20.20
CA ILE H 640 92.91 31.85 -20.75
C ILE H 640 93.79 32.76 -19.89
N CYS H 641 94.78 33.37 -20.51
CA CYS H 641 95.68 34.29 -19.81
C CYS H 641 95.71 35.64 -20.51
N THR H 642 95.60 36.72 -19.73
CA THR H 642 95.57 38.06 -20.28
C THR H 642 96.29 39.07 -19.39
N ARG H 643 96.72 40.18 -19.98
CA ARG H 643 97.39 41.24 -19.24
C ARG H 643 97.19 42.60 -19.92
N TYR H 644 97.01 43.63 -19.11
CA TYR H 644 96.80 44.98 -19.63
C TYR H 644 98.13 45.70 -19.85
N ARG H 645 98.31 46.23 -21.06
CA ARG H 645 99.54 46.94 -21.40
C ARG H 645 99.51 48.40 -20.97
N GLY H 646 98.94 48.66 -19.80
CA GLY H 646 98.86 50.00 -19.27
C GLY H 646 99.65 50.15 -17.98
N ASP H 647 99.68 51.37 -17.44
CA ASP H 647 100.39 51.64 -16.20
C ASP H 647 99.49 51.33 -15.00
N GLN H 648 98.18 51.40 -15.21
CA GLN H 648 97.22 51.13 -14.16
C GLN H 648 96.47 49.83 -14.42
N ASP H 649 96.00 49.19 -13.35
CA ASP H 649 95.21 47.98 -13.48
C ASP H 649 93.88 48.30 -14.14
N ALA H 650 93.71 47.85 -15.38
CA ALA H 650 92.48 48.09 -16.12
C ALA H 650 91.27 47.76 -15.27
N THR H 651 90.23 48.58 -15.38
CA THR H 651 89.03 48.42 -14.56
C THR H 651 88.23 47.17 -14.96
N MET H 652 86.92 47.34 -15.06
CA MET H 652 86.03 46.21 -15.35
C MET H 652 86.02 45.85 -16.83
N SER H 653 86.51 44.65 -17.14
CA SER H 653 86.59 44.19 -18.53
C SER H 653 85.62 43.03 -18.77
N ILE H 654 85.62 42.52 -20.00
CA ILE H 654 84.72 41.44 -20.38
C ILE H 654 85.44 40.32 -21.11
N LEU H 655 85.05 39.08 -20.82
CA LEU H 655 85.59 37.90 -21.50
C LEU H 655 84.55 37.25 -22.39
N ASP H 656 84.65 37.49 -23.70
CA ASP H 656 83.72 36.90 -24.66
C ASP H 656 84.29 35.60 -25.22
N ILE H 657 83.66 34.48 -24.84
CA ILE H 657 84.15 33.16 -25.24
C ILE H 657 83.20 32.48 -26.21
N SER H 658 83.76 31.83 -27.24
CA SER H 658 82.99 31.06 -28.19
C SER H 658 83.49 29.63 -28.26
N MET H 659 82.64 28.69 -27.84
CA MET H 659 83.01 27.28 -27.78
C MET H 659 83.24 26.69 -29.16
N MET H 660 83.92 25.54 -29.19
CA MET H 660 84.11 24.80 -30.43
C MET H 660 82.88 23.94 -30.70
N THR H 661 82.19 24.24 -31.81
CA THR H 661 80.94 23.57 -32.15
C THR H 661 80.88 22.13 -31.65
N GLY H 662 80.14 21.92 -30.56
CA GLY H 662 80.01 20.61 -29.96
C GLY H 662 80.66 20.51 -28.60
N PHE H 663 80.89 21.66 -27.98
CA PHE H 663 81.52 21.72 -26.66
C PHE H 663 80.79 22.69 -25.72
N ALA H 664 80.60 22.27 -24.48
CA ALA H 664 79.93 23.10 -23.49
C ALA H 664 80.72 23.14 -22.19
N PRO H 665 80.87 24.34 -21.61
CA PRO H 665 81.60 24.54 -20.36
C PRO H 665 81.03 23.72 -19.22
N ASP H 666 81.90 23.21 -18.35
CA ASP H 666 81.47 22.44 -17.19
C ASP H 666 80.71 23.33 -16.21
N THR H 667 79.49 22.94 -15.87
CA THR H 667 78.66 23.73 -14.97
C THR H 667 79.36 23.98 -13.64
N ASP H 668 79.89 22.91 -13.04
CA ASP H 668 80.55 23.01 -11.74
C ASP H 668 81.72 23.98 -11.76
N ASP H 669 82.51 23.94 -12.83
CA ASP H 669 83.66 24.83 -12.96
C ASP H 669 83.24 26.29 -13.03
N LEU H 670 82.08 26.53 -13.64
CA LEU H 670 81.56 27.89 -13.78
C LEU H 670 81.18 28.47 -12.42
N LYS H 671 80.60 27.65 -11.56
CA LYS H 671 80.25 28.08 -10.21
C LYS H 671 81.48 28.51 -9.44
N GLN H 672 82.57 27.77 -9.63
CA GLN H 672 83.82 28.06 -8.93
C GLN H 672 84.36 29.42 -9.33
N LEU H 673 84.44 29.68 -10.63
CA LEU H 673 84.95 30.95 -11.14
C LEU H 673 84.00 32.10 -10.80
N ALA H 674 82.72 31.78 -10.65
CA ALA H 674 81.71 32.78 -10.36
C ALA H 674 81.80 33.26 -8.91
N ASN H 675 81.84 32.30 -7.98
CA ASN H 675 81.91 32.61 -6.56
C ASN H 675 83.17 33.39 -6.21
N GLY H 676 84.23 33.19 -6.99
CA GLY H 676 85.49 33.87 -6.77
C GLY H 676 85.38 35.37 -6.96
N VAL H 677 86.07 36.12 -6.12
CA VAL H 677 86.04 37.58 -6.19
C VAL H 677 86.72 38.06 -7.47
N ASP H 678 86.40 39.28 -7.89
CA ASP H 678 86.98 39.87 -9.09
C ASP H 678 86.48 39.21 -10.36
N ARG H 679 85.61 38.22 -10.21
CA ARG H 679 84.99 37.57 -11.36
C ARG H 679 83.48 37.49 -11.17
N TYR H 680 82.73 37.50 -12.27
CA TYR H 680 81.28 37.47 -12.22
C TYR H 680 80.66 36.83 -13.45
N ILE H 681 79.70 35.94 -13.22
CA ILE H 681 78.94 35.32 -14.30
C ILE H 681 77.45 35.37 -13.96
N SER H 682 76.70 36.16 -14.73
CA SER H 682 75.28 36.36 -14.47
C SER H 682 74.52 35.06 -14.31
N LYS H 683 73.53 35.07 -13.41
CA LYS H 683 72.69 33.89 -13.17
C LYS H 683 72.06 33.40 -14.47
N TYR H 684 71.81 34.33 -15.38
CA TYR H 684 71.21 34.01 -16.67
C TYR H 684 72.09 33.03 -17.45
N GLU H 685 73.41 33.18 -17.29
CA GLU H 685 74.36 32.33 -18.00
C GLU H 685 74.54 30.98 -17.30
N LEU H 686 74.27 30.95 -16.01
CA LEU H 686 74.46 29.74 -15.21
C LEU H 686 73.53 28.60 -15.66
N ASP H 687 72.24 28.73 -15.35
CA ASP H 687 71.28 27.66 -15.61
C ASP H 687 70.91 27.54 -17.09
N LYS H 688 71.89 27.16 -17.90
CA LYS H 688 71.67 26.96 -19.33
C LYS H 688 71.91 25.50 -19.72
N ALA H 689 72.69 24.81 -18.91
CA ALA H 689 73.04 23.40 -19.17
C ALA H 689 73.88 23.25 -20.43
N PHE H 690 74.54 22.09 -20.56
CA PHE H 690 75.44 21.84 -21.68
C PHE H 690 74.85 22.25 -23.03
N SER H 691 73.55 22.01 -23.20
CA SER H 691 72.88 22.28 -24.47
C SER H 691 73.19 23.67 -25.04
N ASP H 692 72.35 24.64 -24.69
CA ASP H 692 72.49 25.99 -25.23
C ASP H 692 73.40 26.87 -24.38
N ARG H 693 74.70 26.82 -24.67
CA ARG H 693 75.67 27.68 -24.00
C ARG H 693 76.96 27.79 -24.83
N ASN H 694 76.81 27.75 -26.15
CA ASN H 694 77.94 27.85 -27.06
C ASN H 694 78.72 29.15 -26.88
N THR H 695 78.04 30.18 -26.41
CA THR H 695 78.67 31.48 -26.16
C THR H 695 78.69 31.78 -24.66
N LEU H 696 79.86 32.16 -24.15
CA LEU H 696 80.02 32.45 -22.74
C LEU H 696 80.54 33.86 -22.51
N ILE H 697 80.13 34.46 -21.39
CA ILE H 697 80.58 35.81 -21.05
C ILE H 697 81.03 35.88 -19.59
N ILE H 698 82.33 36.03 -19.38
CA ILE H 698 82.89 36.11 -18.04
C ILE H 698 83.34 37.54 -17.72
N TYR H 699 82.55 38.24 -16.92
CA TYR H 699 82.88 39.61 -16.54
C TYR H 699 84.00 39.67 -15.51
N LEU H 700 85.03 40.45 -15.80
CA LEU H 700 86.15 40.62 -14.88
C LEU H 700 86.12 42.00 -14.24
N ASP H 701 86.44 42.05 -12.95
CA ASP H 701 86.45 43.31 -12.21
C ASP H 701 87.75 44.07 -12.46
N LYS H 702 88.79 43.35 -12.86
CA LYS H 702 90.09 43.95 -13.12
C LYS H 702 91.05 42.97 -13.80
N VAL H 703 92.08 43.51 -14.43
CA VAL H 703 93.14 42.70 -15.03
C VAL H 703 94.50 43.35 -14.78
N SER H 704 95.40 42.59 -14.17
CA SER H 704 96.72 43.11 -13.80
C SER H 704 97.50 43.60 -15.01
N HIS H 705 98.41 44.54 -14.77
CA HIS H 705 99.25 45.09 -15.83
C HIS H 705 100.69 44.62 -15.68
N SER H 706 101.00 44.04 -14.53
CA SER H 706 102.33 43.53 -14.25
C SER H 706 102.48 42.11 -14.78
N GLU H 707 101.73 41.19 -14.18
CA GLU H 707 101.73 39.80 -14.62
C GLU H 707 100.42 39.41 -15.29
N ASP H 708 100.25 38.13 -15.58
CA ASP H 708 99.07 37.66 -16.29
C ASP H 708 98.04 37.02 -15.36
N ASP H 709 96.79 37.47 -15.48
CA ASP H 709 95.69 36.86 -14.74
C ASP H 709 95.10 35.72 -15.55
N CYS H 710 95.35 34.48 -15.10
CA CYS H 710 94.93 33.30 -15.86
C CYS H 710 93.83 32.52 -15.15
N LEU H 711 92.88 32.03 -15.93
CA LEU H 711 91.81 31.18 -15.43
C LEU H 711 91.59 30.01 -16.37
N ALA H 712 90.96 28.94 -15.88
CA ALA H 712 90.74 27.75 -16.69
C ALA H 712 89.50 26.98 -16.24
N PHE H 713 88.80 26.40 -17.21
CA PHE H 713 87.62 25.59 -16.92
C PHE H 713 87.52 24.41 -17.88
N LYS H 714 86.81 23.37 -17.45
CA LYS H 714 86.68 22.15 -18.24
C LYS H 714 85.55 22.26 -19.27
N VAL H 715 85.74 21.58 -20.39
CA VAL H 715 84.73 21.55 -21.44
C VAL H 715 84.50 20.11 -21.92
N HIS H 716 83.25 19.79 -22.22
CA HIS H 716 82.90 18.43 -22.64
C HIS H 716 82.30 18.41 -24.04
N GLN H 717 82.55 17.32 -24.77
CA GLN H 717 81.98 17.15 -26.10
C GLN H 717 80.68 16.36 -26.02
N TYR H 718 79.63 16.89 -26.65
CA TYR H 718 78.30 16.30 -26.55
C TYR H 718 77.63 16.17 -27.91
N PHE H 719 78.32 16.58 -28.96
CA PHE H 719 77.68 16.65 -30.28
C PHE H 719 78.40 15.83 -31.36
N ASN H 720 79.71 15.66 -31.21
CA ASN H 720 80.53 14.91 -32.17
C ASN H 720 80.18 15.17 -33.64
N VAL H 721 81.02 15.95 -34.31
CA VAL H 721 80.86 16.19 -35.73
C VAL H 721 82.20 16.49 -36.37
N GLU H 722 82.54 15.76 -37.44
CA GLU H 722 83.81 15.94 -38.12
C GLU H 722 84.02 17.40 -38.50
N LEU H 723 85.29 17.82 -38.51
CA LEU H 723 85.65 19.20 -38.80
C LEU H 723 84.95 20.17 -37.84
N ILE H 724 85.55 20.37 -36.68
CA ILE H 724 84.99 21.29 -35.68
C ILE H 724 85.49 22.71 -35.93
N GLN H 725 84.66 23.69 -35.57
CA GLN H 725 84.99 25.10 -35.80
C GLN H 725 85.84 25.65 -34.65
N PRO H 726 86.98 26.28 -35.00
CA PRO H 726 87.90 26.86 -34.03
C PRO H 726 87.20 27.87 -33.11
N GLY H 727 87.44 27.77 -31.81
CA GLY H 727 86.86 28.68 -30.85
C GLY H 727 87.53 30.04 -30.88
N ALA H 728 87.10 30.93 -30.00
CA ALA H 728 87.66 32.28 -29.94
C ALA H 728 87.38 32.96 -28.60
N VAL H 729 88.34 33.74 -28.13
CA VAL H 729 88.19 34.50 -26.89
C VAL H 729 88.54 35.96 -27.11
N LYS H 730 87.67 36.86 -26.68
CA LYS H 730 87.86 38.29 -26.88
C LYS H 730 87.94 39.05 -25.55
N VAL H 731 88.91 39.95 -25.45
CA VAL H 731 89.06 40.76 -24.25
C VAL H 731 89.02 42.25 -24.58
N TYR H 732 88.38 43.03 -23.72
CA TYR H 732 88.26 44.47 -23.94
C TYR H 732 87.64 45.17 -22.72
N ALA H 733 87.93 46.45 -22.59
CA ALA H 733 87.37 47.26 -21.50
C ALA H 733 85.92 47.61 -21.81
N TYR H 734 85.17 47.97 -20.77
CA TYR H 734 83.75 48.27 -20.93
C TYR H 734 83.54 49.64 -21.59
N TYR H 735 84.56 50.49 -21.52
CA TYR H 735 84.45 51.85 -22.04
C TYR H 735 85.00 51.99 -23.45
N ASN H 736 85.70 50.95 -23.92
CA ASN H 736 86.30 50.97 -25.25
C ASN H 736 86.26 49.62 -25.93
N LEU H 737 85.61 49.55 -27.10
CA LEU H 737 85.49 48.31 -27.84
C LEU H 737 86.58 48.18 -28.90
N GLU H 738 87.02 49.32 -29.44
CA GLU H 738 88.05 49.34 -30.47
C GLU H 738 89.32 48.63 -30.01
N GLU H 739 89.81 49.00 -28.83
CA GLU H 739 91.05 48.43 -28.31
C GLU H 739 90.83 47.04 -27.72
N SER H 740 90.45 46.09 -28.56
CA SER H 740 90.22 44.72 -28.13
C SER H 740 91.21 43.76 -28.77
N CYS H 741 91.42 42.60 -28.13
CA CYS H 741 92.32 41.59 -28.65
C CYS H 741 91.65 40.22 -28.64
N THR H 742 91.73 39.51 -29.76
CA THR H 742 91.05 38.23 -29.90
C THR H 742 91.98 37.11 -30.35
N ARG H 743 91.94 36.00 -29.62
CA ARG H 743 92.71 34.81 -29.97
C ARG H 743 91.79 33.63 -30.24
N PHE H 744 92.28 32.66 -31.00
CA PHE H 744 91.51 31.46 -31.31
C PHE H 744 92.20 30.23 -30.73
N TYR H 745 91.51 29.09 -30.78
CA TYR H 745 92.07 27.84 -30.27
C TYR H 745 91.47 26.62 -30.96
N HIS H 746 92.33 25.70 -31.37
CA HIS H 746 91.89 24.48 -32.04
C HIS H 746 92.79 23.30 -31.62
N PRO H 747 92.16 22.15 -31.35
CA PRO H 747 92.88 20.94 -30.90
C PRO H 747 93.96 20.50 -31.86
N GLU H 748 93.91 20.97 -33.11
CA GLU H 748 94.87 20.58 -34.12
C GLU H 748 95.60 21.78 -34.71
N LYS H 749 94.85 22.61 -35.42
CA LYS H 749 95.41 23.78 -36.10
C LYS H 749 96.26 24.64 -35.17
N GLU H 750 97.19 25.39 -35.75
CA GLU H 750 98.14 26.21 -35.00
C GLU H 750 97.49 26.89 -33.78
N ASP H 751 96.81 28.00 -34.03
CA ASP H 751 96.15 28.74 -32.96
C ASP H 751 94.77 29.23 -33.39
N GLY H 752 94.05 28.38 -34.11
CA GLY H 752 92.73 28.71 -34.59
C GLY H 752 92.76 29.19 -36.04
N LYS H 753 93.85 29.87 -36.40
CA LYS H 753 94.01 30.36 -37.77
C LYS H 753 93.88 29.21 -38.78
N LEU H 754 92.95 29.35 -39.70
CA LEU H 754 92.73 28.34 -40.73
C LEU H 754 93.99 28.15 -41.58
N ASN H 755 94.15 26.95 -42.11
CA ASN H 755 95.36 26.61 -42.87
C ASN H 755 95.31 27.08 -44.32
N LYS H 756 94.87 28.31 -44.51
CA LYS H 756 94.73 28.88 -45.85
C LYS H 756 96.07 29.05 -46.57
N LEU H 757 96.12 28.61 -47.81
CA LEU H 757 97.32 28.76 -48.63
C LEU H 757 97.43 30.18 -49.17
N CYS H 758 98.61 30.78 -49.04
CA CYS H 758 98.81 32.16 -49.45
C CYS H 758 100.22 32.43 -49.95
N ARG H 759 100.37 33.45 -50.77
CA ARG H 759 101.67 33.90 -51.27
C ARG H 759 101.64 35.39 -51.58
N ASP H 760 102.72 36.09 -51.24
CA ASP H 760 102.81 37.52 -51.49
C ASP H 760 101.67 38.26 -50.80
N GLU H 761 100.57 38.43 -51.52
CA GLU H 761 99.39 39.08 -50.96
C GLU H 761 98.10 38.41 -51.42
N LEU H 762 98.21 37.56 -52.44
CA LEU H 762 97.04 36.87 -52.98
C LEU H 762 96.93 35.47 -52.38
N CYS H 763 95.83 35.23 -51.66
CA CYS H 763 95.62 33.97 -50.97
C CYS H 763 94.45 33.18 -51.55
N ARG H 764 94.21 32.00 -50.99
CA ARG H 764 93.09 31.16 -51.43
C ARG H 764 92.71 30.18 -50.32
N CYS H 765 91.43 30.16 -49.98
CA CYS H 765 90.94 29.29 -48.91
C CYS H 765 91.39 27.85 -49.12
N ALA H 766 92.05 27.29 -48.11
CA ALA H 766 92.56 25.93 -48.21
C ALA H 766 91.56 24.90 -47.69
N GLU H 767 91.10 25.10 -46.45
CA GLU H 767 90.16 24.20 -45.79
C GLU H 767 89.41 23.26 -46.74
N GLU H 768 90.09 22.19 -47.14
CA GLU H 768 89.53 21.23 -48.09
C GLU H 768 90.21 19.87 -47.91
N ASN H 769 89.42 18.80 -47.96
CA ASN H 769 89.97 17.47 -47.92
C ASN H 769 91.01 17.30 -49.03
N CYS H 770 92.28 17.41 -48.65
CA CYS H 770 93.40 17.38 -49.59
C CYS H 770 93.04 16.90 -51.00
N PHE H 771 92.57 15.67 -51.09
CA PHE H 771 92.19 15.10 -52.39
C PHE H 771 91.02 14.13 -52.26
N ILE H 772 89.98 14.39 -53.04
CA ILE H 772 88.81 13.51 -53.14
C ILE H 772 88.65 12.53 -51.97
N GLN H 773 88.71 11.24 -52.28
CA GLN H 773 88.53 10.18 -51.31
C GLN H 773 88.78 8.82 -51.97
N LYS H 774 89.11 7.82 -51.16
CA LYS H 774 89.39 6.48 -51.67
C LYS H 774 90.49 6.50 -52.72
N SER H 775 92.99 5.93 -50.12
CA SER H 775 93.56 6.18 -51.44
C SER H 775 93.79 4.88 -52.20
N ASP H 776 93.12 3.82 -51.76
CA ASP H 776 93.22 2.51 -52.40
C ASP H 776 92.12 1.57 -51.91
N ASP H 777 91.13 2.13 -51.22
CA ASP H 777 90.04 1.34 -50.66
C ASP H 777 89.34 0.54 -51.76
N LYS H 778 88.67 1.25 -52.66
CA LYS H 778 87.94 0.63 -53.75
C LYS H 778 87.80 1.59 -54.93
N VAL H 779 88.55 1.36 -56.00
CA VAL H 779 88.39 2.17 -57.20
C VAL H 779 88.32 1.32 -58.46
N THR H 780 87.26 1.52 -59.24
CA THR H 780 87.05 0.74 -60.45
C THR H 780 87.18 1.57 -61.71
N LEU H 781 86.94 0.94 -62.86
CA LEU H 781 87.04 1.60 -64.15
C LEU H 781 85.88 2.57 -64.33
N GLU H 782 84.75 2.25 -63.70
CA GLU H 782 83.54 3.06 -63.83
C GLU H 782 83.55 4.24 -62.85
N GLU H 783 84.17 4.04 -61.69
CA GLU H 783 84.24 5.09 -60.69
C GLU H 783 85.08 6.27 -61.18
N ARG H 784 86.02 5.99 -62.08
CA ARG H 784 86.90 7.02 -62.62
C ARG H 784 86.27 7.73 -63.81
N LEU H 785 85.66 6.96 -64.71
CA LEU H 785 85.03 7.52 -65.91
C LEU H 785 83.94 8.53 -65.56
N ASP H 786 83.37 8.40 -64.36
CA ASP H 786 82.32 9.30 -63.92
C ASP H 786 82.87 10.55 -63.25
N LYS H 787 83.89 10.36 -62.42
CA LYS H 787 84.52 11.48 -61.71
C LYS H 787 85.52 12.22 -62.60
N ALA H 788 85.79 11.67 -63.78
CA ALA H 788 86.70 12.29 -64.73
C ALA H 788 85.94 12.93 -65.88
N CYS H 789 84.62 12.94 -65.76
CA CYS H 789 83.76 13.57 -66.77
C CYS H 789 82.78 14.53 -66.10
N GLU H 790 83.08 14.89 -64.86
CA GLU H 790 82.25 15.83 -64.11
C GLU H 790 82.40 17.24 -64.66
N PRO H 791 81.55 18.18 -64.19
CA PRO H 791 81.59 19.57 -64.66
C PRO H 791 82.98 20.18 -64.61
N GLY H 792 83.49 20.42 -63.40
CA GLY H 792 84.76 21.09 -63.20
C GLY H 792 85.94 20.43 -63.88
N VAL H 793 85.80 19.15 -64.21
CA VAL H 793 86.88 18.39 -64.85
C VAL H 793 87.43 19.15 -66.06
N ASP H 794 88.67 19.61 -65.96
CA ASP H 794 89.29 20.41 -67.01
C ASP H 794 90.52 19.73 -67.61
N TYR H 795 91.41 19.26 -66.76
CA TYR H 795 92.68 18.67 -67.22
C TYR H 795 92.88 17.27 -66.68
N VAL H 796 93.46 16.40 -67.51
CA VAL H 796 93.80 15.04 -67.10
C VAL H 796 95.13 14.63 -67.72
N TYR H 797 96.14 14.41 -66.88
CA TYR H 797 97.48 14.07 -67.38
C TYR H 797 98.10 12.87 -66.66
N LYS H 798 99.02 12.22 -67.34
CA LYS H 798 99.85 11.19 -66.72
C LYS H 798 101.27 11.75 -66.55
N THR H 799 101.52 12.36 -65.41
CA THR H 799 102.77 13.08 -65.19
C THR H 799 103.80 12.29 -64.40
N ARG H 800 105.05 12.77 -64.45
CA ARG H 800 106.14 12.19 -63.69
C ARG H 800 106.83 13.28 -62.89
N LEU H 801 106.81 13.16 -61.57
CA LEU H 801 107.41 14.15 -60.70
C LEU H 801 108.93 14.18 -60.87
N VAL H 802 109.45 15.33 -61.28
CA VAL H 802 110.87 15.49 -61.54
C VAL H 802 111.61 16.08 -60.34
N LYS H 803 111.09 17.18 -59.81
CA LYS H 803 111.74 17.86 -58.70
C LYS H 803 110.75 18.16 -57.58
N VAL H 804 111.23 18.08 -56.33
CA VAL H 804 110.39 18.34 -55.17
C VAL H 804 110.99 19.40 -54.26
N GLN H 805 110.43 20.60 -54.30
CA GLN H 805 110.85 21.67 -53.40
C GLN H 805 109.84 21.85 -52.28
N LEU H 806 110.28 22.42 -51.16
CA LEU H 806 109.43 22.54 -49.99
C LEU H 806 109.79 23.79 -49.17
N SER H 807 108.80 24.64 -48.93
CA SER H 807 109.02 25.87 -48.19
C SER H 807 108.37 25.84 -46.81
N ASN H 808 108.50 26.94 -46.07
CA ASN H 808 107.95 27.03 -44.73
C ASN H 808 106.50 27.47 -44.73
N ASP H 809 105.98 27.80 -45.91
CA ASP H 809 104.60 28.28 -46.03
C ASP H 809 103.79 27.49 -47.07
N PHE H 810 104.45 26.57 -47.76
CA PHE H 810 103.79 25.71 -48.74
C PHE H 810 104.80 24.91 -49.56
N ASP H 811 104.40 23.71 -49.97
CA ASP H 811 105.27 22.88 -50.80
C ASP H 811 104.85 22.93 -52.27
N GLU H 812 105.61 22.25 -53.12
CA GLU H 812 105.33 22.25 -54.56
C GLU H 812 105.98 21.06 -55.25
N TYR H 813 105.54 20.79 -56.48
CA TYR H 813 106.03 19.64 -57.23
C TYR H 813 106.14 19.95 -58.72
N ILE H 814 107.37 19.96 -59.23
CA ILE H 814 107.61 20.18 -60.65
C ILE H 814 107.45 18.88 -61.42
N MET H 815 106.25 18.62 -61.94
CA MET H 815 105.97 17.39 -62.65
C MET H 815 105.89 17.59 -64.15
N ALA H 816 106.42 16.65 -64.91
CA ALA H 816 106.41 16.72 -66.36
C ALA H 816 105.32 15.83 -66.96
N ILE H 817 104.51 16.41 -67.83
CA ILE H 817 103.42 15.67 -68.47
C ILE H 817 103.95 14.72 -69.54
N GLU H 818 103.64 13.44 -69.40
CA GLU H 818 104.07 12.44 -70.37
C GLU H 818 103.00 12.19 -71.42
N GLN H 819 101.79 12.67 -71.15
CA GLN H 819 100.69 12.58 -72.11
C GLN H 819 99.50 13.40 -71.66
N THR H 820 98.82 14.03 -72.61
CA THR H 820 97.66 14.85 -72.31
C THR H 820 96.36 14.09 -72.60
N ILE H 821 95.86 13.39 -71.59
CA ILE H 821 94.62 12.62 -71.73
C ILE H 821 93.46 13.53 -72.11
N LYS H 822 93.43 14.72 -71.52
CA LYS H 822 92.40 15.70 -71.82
C LYS H 822 92.93 17.13 -71.68
N SER H 823 93.10 17.81 -72.81
CA SER H 823 93.60 19.17 -72.82
C SER H 823 92.56 20.13 -72.23
N GLY H 824 93.02 21.05 -71.40
CA GLY H 824 92.14 22.02 -70.77
C GLY H 824 92.37 23.42 -71.29
N SER H 825 92.27 24.41 -70.40
CA SER H 825 92.48 25.80 -70.78
C SER H 825 93.97 26.12 -70.90
N ASP H 826 94.81 25.17 -70.49
CA ASP H 826 96.25 25.36 -70.54
C ASP H 826 96.85 24.63 -71.74
N GLU H 827 97.34 25.39 -72.71
CA GLU H 827 97.97 24.83 -73.90
C GLU H 827 99.35 24.28 -73.56
N VAL H 828 99.42 22.99 -73.25
CA VAL H 828 100.68 22.36 -72.89
C VAL H 828 100.96 21.11 -73.72
N GLN H 829 102.14 21.07 -74.32
CA GLN H 829 102.56 19.92 -75.11
C GLN H 829 103.19 18.86 -74.23
N VAL H 830 103.22 17.62 -74.72
CA VAL H 830 103.80 16.51 -73.98
C VAL H 830 105.31 16.69 -73.79
N GLY H 831 105.73 16.78 -72.54
CA GLY H 831 107.15 16.93 -72.23
C GLY H 831 107.43 18.12 -71.32
N GLN H 832 106.68 19.19 -71.52
CA GLN H 832 106.85 20.41 -70.73
C GLN H 832 106.53 20.14 -69.26
N GLN H 833 106.97 21.05 -68.39
CA GLN H 833 106.75 20.90 -66.95
C GLN H 833 105.75 21.93 -66.40
N ARG H 834 104.74 21.43 -65.70
CA ARG H 834 103.75 22.30 -65.07
C ARG H 834 103.87 22.20 -63.56
N THR H 835 104.02 23.36 -62.90
CA THR H 835 104.22 23.39 -61.46
C THR H 835 102.93 23.15 -60.68
N PHE H 836 102.99 22.27 -59.69
CA PHE H 836 101.87 22.01 -58.81
C PHE H 836 102.16 22.53 -57.40
N ILE H 837 101.14 23.04 -56.73
CA ILE H 837 101.31 23.63 -55.41
C ILE H 837 100.33 23.07 -54.39
N SER H 838 100.81 22.84 -53.17
CA SER H 838 99.97 22.31 -52.10
C SER H 838 100.42 22.83 -50.74
N PRO H 839 99.48 22.97 -49.80
CA PRO H 839 99.79 23.42 -48.44
C PRO H 839 100.83 22.53 -47.76
N ILE H 840 101.50 23.06 -46.75
CA ILE H 840 102.53 22.31 -46.04
C ILE H 840 101.93 21.21 -45.17
N LYS H 841 100.63 21.29 -44.93
CA LYS H 841 99.95 20.32 -44.08
C LYS H 841 99.47 19.10 -44.88
N CYS H 842 99.58 19.18 -46.20
CA CYS H 842 99.20 18.07 -47.06
C CYS H 842 100.42 17.23 -47.45
N ARG H 843 101.48 17.33 -46.66
CA ARG H 843 102.68 16.53 -46.91
C ARG H 843 102.42 15.08 -46.53
N GLU H 844 101.35 14.84 -45.79
CA GLU H 844 100.97 13.49 -45.39
C GLU H 844 99.89 12.95 -46.33
N ALA H 845 99.34 13.83 -47.16
CA ALA H 845 98.34 13.44 -48.15
C ALA H 845 98.93 12.39 -49.09
N LEU H 846 99.62 12.86 -50.13
CA LEU H 846 100.33 11.97 -51.05
C LEU H 846 101.81 12.33 -51.12
N LYS H 847 102.64 11.53 -50.47
CA LYS H 847 104.08 11.72 -50.50
C LYS H 847 104.58 11.55 -51.93
N LEU H 848 104.50 12.63 -52.72
CA LEU H 848 104.92 12.59 -54.11
C LEU H 848 106.42 12.41 -54.22
N GLU H 849 106.84 11.15 -54.33
CA GLU H 849 108.26 10.81 -54.45
C GLU H 849 108.76 11.25 -55.81
N GLU H 850 110.07 11.11 -56.05
CA GLU H 850 110.66 11.56 -57.30
C GLU H 850 110.74 10.44 -58.34
N LYS H 851 110.53 10.82 -59.61
CA LYS H 851 110.60 9.89 -60.72
C LYS H 851 109.49 8.84 -60.70
N LYS H 852 108.36 9.20 -60.09
CA LYS H 852 107.19 8.34 -60.07
C LYS H 852 106.04 8.94 -60.87
N HIS H 853 105.21 8.07 -61.45
CA HIS H 853 104.10 8.51 -62.29
C HIS H 853 102.82 8.65 -61.49
N TYR H 854 101.96 9.58 -61.90
CA TYR H 854 100.69 9.81 -61.21
C TYR H 854 99.60 10.26 -62.18
N LEU H 855 98.39 9.75 -61.97
CA LEU H 855 97.24 10.20 -62.75
C LEU H 855 96.48 11.25 -61.97
N MET H 856 96.32 12.43 -62.58
CA MET H 856 95.71 13.56 -61.87
C MET H 856 94.72 14.34 -62.72
N TRP H 857 93.71 14.90 -62.07
CA TRP H 857 92.74 15.78 -62.72
C TRP H 857 92.07 16.70 -61.71
N GLY H 858 91.87 17.96 -62.09
CA GLY H 858 91.28 18.94 -61.21
C GLY H 858 90.36 19.91 -61.93
N LEU H 859 90.01 21.00 -61.26
CA LEU H 859 89.12 22.00 -61.85
C LEU H 859 89.91 23.17 -62.43
N SER H 860 89.23 23.99 -63.24
CA SER H 860 89.86 25.15 -63.84
C SER H 860 90.01 26.27 -62.81
N SER H 861 89.29 26.15 -61.70
CA SER H 861 89.36 27.14 -60.63
C SER H 861 90.62 26.92 -59.79
N ASP H 862 91.42 25.94 -60.18
CA ASP H 862 92.65 25.63 -59.45
C ASP H 862 93.88 26.22 -60.13
N PHE H 863 93.67 26.87 -61.26
CA PHE H 863 94.76 27.54 -61.97
C PHE H 863 95.30 28.71 -61.15
N TRP H 864 96.58 28.98 -61.30
CA TRP H 864 97.24 30.01 -60.51
C TRP H 864 98.26 30.81 -61.30
N GLY H 865 98.00 32.11 -61.44
CA GLY H 865 98.90 32.98 -62.18
C GLY H 865 98.30 33.44 -63.49
N GLU H 866 99.16 33.91 -64.39
CA GLU H 866 98.72 34.37 -65.70
C GLU H 866 99.46 33.65 -66.83
N LYS H 867 98.74 33.29 -67.88
CA LYS H 867 99.32 32.59 -69.02
C LYS H 867 100.45 33.40 -69.64
N PRO H 868 101.46 32.70 -70.20
CA PRO H 868 101.56 31.24 -70.19
C PRO H 868 102.10 30.71 -68.86
N ASN H 869 102.54 31.61 -68.00
CA ASN H 869 103.12 31.24 -66.71
C ASN H 869 102.06 30.91 -65.66
N LEU H 870 101.43 29.74 -65.81
CA LEU H 870 100.40 29.31 -64.87
C LEU H 870 100.95 28.33 -63.84
N SER H 871 100.11 27.93 -62.91
CA SER H 871 100.50 26.99 -61.86
C SER H 871 99.29 26.24 -61.32
N TYR H 872 99.39 24.92 -61.24
CA TYR H 872 98.28 24.10 -60.77
C TYR H 872 98.23 24.08 -59.24
N ILE H 873 97.03 23.84 -58.71
CA ILE H 873 96.84 23.78 -57.26
C ILE H 873 96.18 22.47 -56.85
N ILE H 874 96.86 21.71 -56.01
CA ILE H 874 96.32 20.44 -55.52
C ILE H 874 95.26 20.68 -54.45
N GLY H 875 94.03 20.92 -54.89
CA GLY H 875 92.94 21.21 -53.99
C GLY H 875 92.06 20.00 -53.71
N LYS H 876 90.95 20.23 -53.03
CA LYS H 876 90.02 19.16 -52.67
C LYS H 876 89.55 18.37 -53.89
N ASP H 877 89.36 19.08 -55.00
CA ASP H 877 88.84 18.46 -56.21
C ASP H 877 89.95 17.95 -57.12
N THR H 878 91.15 17.86 -56.57
CA THR H 878 92.30 17.33 -57.32
C THR H 878 92.48 15.85 -57.03
N TRP H 879 92.43 15.04 -58.09
CA TRP H 879 92.56 13.60 -57.95
C TRP H 879 94.02 13.16 -58.10
N VAL H 880 94.61 12.68 -57.00
CA VAL H 880 95.99 12.21 -57.03
C VAL H 880 96.06 10.71 -56.82
N GLU H 881 96.52 9.99 -57.84
CA GLU H 881 96.63 8.54 -57.78
C GLU H 881 98.01 8.07 -58.23
N HIS H 882 98.53 7.05 -57.56
CA HIS H 882 99.85 6.51 -57.89
C HIS H 882 99.79 5.60 -59.10
N TRP H 883 100.60 5.91 -60.11
CA TRP H 883 100.66 5.12 -61.33
C TRP H 883 101.88 4.19 -61.30
N PRO H 884 101.63 2.87 -61.18
CA PRO H 884 102.69 1.87 -61.13
C PRO H 884 103.65 1.97 -62.30
N GLU H 885 104.90 1.54 -62.10
CA GLU H 885 105.90 1.60 -63.15
C GLU H 885 105.69 0.50 -64.17
N GLU H 886 106.54 0.47 -65.19
CA GLU H 886 106.44 -0.54 -66.25
C GLU H 886 106.66 -1.96 -65.71
N ASP H 887 107.70 -2.12 -64.91
CA ASP H 887 108.05 -3.43 -64.36
C ASP H 887 107.42 -3.67 -62.99
N GLU H 888 106.40 -2.88 -62.66
CA GLU H 888 105.70 -3.03 -61.40
C GLU H 888 104.32 -3.65 -61.59
N CYS H 889 103.78 -3.53 -62.80
CA CYS H 889 102.49 -4.12 -63.12
C CYS H 889 102.59 -5.65 -63.17
N GLN H 890 103.81 -6.15 -63.11
CA GLN H 890 104.06 -7.59 -63.11
C GLN H 890 103.68 -8.19 -61.77
N ASP H 891 103.77 -7.39 -60.72
CA ASP H 891 103.39 -7.83 -59.38
C ASP H 891 101.93 -8.24 -59.35
N GLU H 892 101.66 -9.41 -58.77
CA GLU H 892 100.30 -9.96 -58.73
C GLU H 892 99.39 -9.22 -57.75
N GLU H 893 99.80 -8.02 -57.35
CA GLU H 893 98.99 -7.22 -56.42
C GLU H 893 98.70 -5.84 -57.00
N ASN H 894 99.46 -5.46 -58.03
CA ASN H 894 99.28 -4.17 -58.68
C ASN H 894 98.61 -4.31 -60.05
N GLN H 895 98.28 -5.54 -60.40
CA GLN H 895 97.66 -5.83 -61.70
C GLN H 895 96.27 -5.22 -61.81
N LYS H 896 95.49 -5.32 -60.73
CA LYS H 896 94.12 -4.82 -60.71
C LYS H 896 94.06 -3.33 -61.02
N GLN H 897 95.15 -2.62 -60.73
CA GLN H 897 95.21 -1.19 -60.94
C GLN H 897 95.81 -0.85 -62.30
N CYS H 898 96.75 -1.68 -62.76
CA CYS H 898 97.40 -1.48 -64.05
C CYS H 898 96.41 -1.65 -65.20
N GLN H 899 95.49 -2.59 -65.05
CA GLN H 899 94.48 -2.84 -66.08
C GLN H 899 93.43 -1.74 -66.11
N ASP H 900 93.08 -1.22 -64.93
CA ASP H 900 92.10 -0.16 -64.83
C ASP H 900 92.64 1.15 -65.39
N LEU H 901 93.88 1.47 -65.04
CA LEU H 901 94.54 2.68 -65.53
C LEU H 901 94.74 2.62 -67.04
N GLY H 902 95.21 1.48 -67.52
CA GLY H 902 95.43 1.28 -68.94
C GLY H 902 94.15 1.37 -69.73
N ALA H 903 93.08 0.81 -69.17
CA ALA H 903 91.77 0.85 -69.80
C ALA H 903 91.22 2.27 -69.78
N PHE H 904 91.39 2.94 -68.65
CA PHE H 904 90.92 4.31 -68.49
C PHE H 904 91.59 5.24 -69.49
N THR H 905 92.82 4.88 -69.88
CA THR H 905 93.57 5.70 -70.84
C THR H 905 92.93 5.65 -72.22
N GLU H 906 92.75 4.46 -72.76
CA GLU H 906 92.16 4.29 -74.09
C GLU H 906 90.72 4.74 -74.12
N SER H 907 90.03 4.60 -72.99
CA SER H 907 88.62 4.98 -72.90
C SER H 907 88.45 6.49 -72.86
N MET H 908 89.56 7.21 -72.86
CA MET H 908 89.54 8.68 -72.79
C MET H 908 90.09 9.32 -74.06
N VAL H 909 91.19 8.76 -74.58
CA VAL H 909 91.83 9.31 -75.76
C VAL H 909 90.91 9.28 -76.99
N VAL H 910 90.45 8.10 -77.37
CA VAL H 910 89.57 7.95 -78.52
C VAL H 910 88.14 8.35 -78.16
N PHE H 911 87.69 7.93 -76.98
CA PHE H 911 86.36 8.29 -76.49
C PHE H 911 86.43 9.59 -75.67
N GLY H 912 85.92 9.52 -74.45
CA GLY H 912 85.92 10.67 -73.56
C GLY H 912 84.87 10.58 -72.47
N CYS H 913 83.76 11.30 -72.65
CA CYS H 913 82.68 11.29 -71.66
C CYS H 913 81.34 10.91 -72.30
N PRO H 914 80.50 10.22 -71.52
CA PRO H 914 79.22 9.67 -72.00
C PRO H 914 78.03 10.59 -71.74
N ASN H 915 78.29 11.78 -71.20
CA ASN H 915 77.22 12.69 -70.78
C ASN H 915 76.93 13.77 -71.80
N LYS I 1 -90.63 -53.21 13.59
CA LYS I 1 -90.82 -51.89 14.20
C LYS I 1 -92.06 -51.21 13.65
N ILE I 2 -92.37 -51.47 12.39
CA ILE I 2 -93.55 -50.95 11.71
C ILE I 2 -93.41 -51.10 10.20
N VAL I 3 -93.53 -52.33 9.72
CA VAL I 3 -93.37 -52.62 8.30
C VAL I 3 -94.17 -51.65 7.45
N LEU I 4 -93.67 -51.34 6.27
CA LEU I 4 -94.28 -50.32 5.43
C LEU I 4 -94.28 -50.76 3.96
N ASP I 5 -95.38 -51.38 3.54
CA ASP I 5 -95.49 -51.86 2.16
C ASP I 5 -96.92 -52.29 1.80
N PRO I 6 -97.34 -52.00 0.56
CA PRO I 6 -98.65 -52.39 0.04
C PRO I 6 -98.77 -53.90 -0.15
N SER I 7 -97.67 -54.61 0.07
CA SER I 7 -97.66 -56.07 -0.07
C SER I 7 -98.47 -56.73 1.06
N GLY I 8 -99.11 -55.89 1.88
CA GLY I 8 -99.92 -56.38 2.97
C GLY I 8 -100.71 -55.25 3.61
N SER I 9 -101.96 -55.54 3.99
CA SER I 9 -102.81 -54.54 4.63
C SER I 9 -102.32 -54.19 6.03
N MET I 10 -102.62 -52.98 6.46
CA MET I 10 -102.19 -52.52 7.78
C MET I 10 -103.33 -51.78 8.49
N ASN I 11 -103.17 -51.54 9.78
CA ASN I 11 -104.16 -50.84 10.57
C ASN I 11 -103.54 -49.83 11.54
N ILE I 12 -104.13 -48.64 11.60
CA ILE I 12 -103.65 -47.60 12.50
C ILE I 12 -104.76 -47.13 13.43
N TYR I 13 -104.77 -47.64 14.65
CA TYR I 13 -105.79 -47.30 15.63
C TYR I 13 -105.40 -46.06 16.42
N LEU I 14 -105.96 -44.92 16.02
CA LEU I 14 -105.65 -43.64 16.67
C LEU I 14 -106.58 -43.37 17.84
N VAL I 15 -106.07 -43.56 19.06
CA VAL I 15 -106.83 -43.27 20.26
C VAL I 15 -106.34 -41.97 20.89
N LEU I 16 -107.26 -41.06 21.17
CA LEU I 16 -106.90 -39.76 21.72
C LEU I 16 -107.66 -39.47 23.01
N ASP I 17 -106.94 -38.95 24.00
CA ASP I 17 -107.54 -38.61 25.29
C ASP I 17 -108.05 -37.17 25.29
N GLY I 18 -109.27 -36.99 25.74
CA GLY I 18 -109.89 -35.67 25.74
C GLY I 18 -110.44 -35.24 27.08
N SER I 19 -109.87 -35.72 28.17
CA SER I 19 -110.34 -35.32 29.49
C SER I 19 -109.63 -34.06 29.94
N ASP I 20 -110.04 -33.53 31.09
CA ASP I 20 -109.53 -32.25 31.58
C ASP I 20 -108.01 -32.24 31.79
N SER I 21 -107.41 -33.38 32.14
CA SER I 21 -105.99 -33.42 32.44
C SER I 21 -105.12 -33.14 31.22
N ILE I 22 -105.73 -33.22 30.03
CA ILE I 22 -105.01 -32.96 28.79
C ILE I 22 -104.91 -31.46 28.54
N GLY I 23 -106.06 -30.79 28.53
CA GLY I 23 -106.09 -29.37 28.26
C GLY I 23 -106.22 -29.07 26.78
N ALA I 24 -106.71 -27.89 26.45
CA ALA I 24 -106.91 -27.49 25.06
C ALA I 24 -105.57 -27.25 24.35
N SER I 25 -104.55 -26.88 25.12
CA SER I 25 -103.25 -26.55 24.55
C SER I 25 -102.49 -27.78 24.09
N ASN I 26 -102.81 -28.94 24.67
CA ASN I 26 -102.14 -30.18 24.29
C ASN I 26 -103.01 -31.13 23.49
N PHE I 27 -104.32 -30.97 23.57
CA PHE I 27 -105.24 -31.79 22.79
C PHE I 27 -105.23 -31.34 21.34
N THR I 28 -105.15 -30.03 21.13
CA THR I 28 -105.05 -29.47 19.79
C THR I 28 -103.71 -29.86 19.16
N GLY I 29 -102.67 -29.88 19.99
CA GLY I 29 -101.35 -30.29 19.54
C GLY I 29 -101.27 -31.80 19.40
N ALA I 30 -102.20 -32.50 20.04
CA ALA I 30 -102.25 -33.95 19.96
C ALA I 30 -102.82 -34.39 18.61
N LYS I 31 -103.67 -33.54 18.04
CA LYS I 31 -104.23 -33.82 16.72
C LYS I 31 -103.18 -33.59 15.64
N LYS I 32 -102.42 -32.50 15.78
CA LYS I 32 -101.34 -32.20 14.87
C LYS I 32 -100.38 -33.39 14.78
N CYS I 33 -100.20 -34.08 15.90
CA CYS I 33 -99.36 -35.26 15.95
C CYS I 33 -100.16 -36.52 15.60
N LEU I 34 -100.95 -36.40 14.53
CA LEU I 34 -101.71 -37.52 13.98
C LEU I 34 -102.08 -37.15 12.56
N VAL I 35 -102.38 -35.87 12.36
CA VAL I 35 -102.65 -35.33 11.04
C VAL I 35 -101.41 -35.41 10.17
N ASN I 36 -100.31 -34.87 10.68
CA ASN I 36 -99.03 -34.89 9.97
C ASN I 36 -98.53 -36.31 9.77
N LEU I 37 -98.92 -37.21 10.66
CA LEU I 37 -98.55 -38.61 10.56
C LEU I 37 -99.21 -39.26 9.37
N ILE I 38 -100.53 -39.12 9.27
CA ILE I 38 -101.30 -39.69 8.17
C ILE I 38 -100.73 -39.23 6.83
N GLU I 39 -100.28 -37.98 6.77
CA GLU I 39 -99.70 -37.43 5.56
C GLU I 39 -98.37 -38.09 5.22
N LYS I 40 -97.53 -38.28 6.24
CA LYS I 40 -96.22 -38.90 6.04
C LYS I 40 -96.35 -40.40 5.86
N VAL I 41 -97.50 -40.95 6.23
CA VAL I 41 -97.76 -42.37 6.04
C VAL I 41 -98.33 -42.63 4.65
N ALA I 42 -99.19 -41.73 4.21
CA ALA I 42 -99.80 -41.84 2.88
C ALA I 42 -98.80 -41.45 1.79
N SER I 43 -97.81 -40.66 2.17
CA SER I 43 -96.77 -40.24 1.23
C SER I 43 -95.96 -41.44 0.76
N TYR I 44 -95.93 -42.49 1.58
CA TYR I 44 -95.22 -43.71 1.25
C TYR I 44 -96.03 -44.61 0.32
N GLY I 45 -97.33 -44.33 0.23
CA GLY I 45 -98.19 -45.07 -0.67
C GLY I 45 -99.10 -46.07 0.01
N VAL I 46 -98.70 -46.52 1.19
CA VAL I 46 -99.47 -47.50 1.95
C VAL I 46 -100.89 -47.00 2.25
N LYS I 47 -101.84 -47.90 2.26
CA LYS I 47 -103.24 -47.55 2.50
C LYS I 47 -103.81 -48.31 3.71
N PRO I 48 -103.55 -47.78 4.92
CA PRO I 48 -104.00 -48.40 6.17
C PRO I 48 -105.49 -48.16 6.43
N ARG I 49 -106.15 -49.12 7.08
CA ARG I 49 -107.54 -48.93 7.49
C ARG I 49 -107.59 -48.18 8.81
N TYR I 50 -107.59 -46.85 8.71
CA TYR I 50 -107.54 -45.99 9.89
C TYR I 50 -108.71 -46.20 10.85
N GLY I 51 -108.41 -46.08 12.14
CA GLY I 51 -109.43 -46.11 13.18
C GLY I 51 -109.24 -44.92 14.10
N LEU I 52 -110.32 -44.21 14.38
CA LEU I 52 -110.23 -43.00 15.19
C LEU I 52 -111.25 -43.00 16.32
N VAL I 53 -110.76 -43.03 17.55
CA VAL I 53 -111.64 -43.05 18.73
C VAL I 53 -111.16 -42.10 19.82
N THR I 54 -111.93 -41.04 20.05
CA THR I 54 -111.65 -40.11 21.13
C THR I 54 -112.37 -40.58 22.39
N TYR I 55 -111.65 -40.63 23.51
CA TYR I 55 -112.23 -41.19 24.73
C TYR I 55 -112.03 -40.29 25.95
N ALA I 56 -112.92 -40.46 26.94
CA ALA I 56 -112.80 -39.79 28.21
C ALA I 56 -113.33 -40.74 29.29
N THR I 57 -114.65 -40.78 29.44
CA THR I 57 -115.29 -41.77 30.29
C THR I 57 -116.01 -42.77 29.37
N TYR I 58 -116.46 -42.28 28.22
CA TYR I 58 -117.06 -43.11 27.20
C TYR I 58 -116.51 -42.70 25.84
N PRO I 59 -115.79 -43.61 25.18
CA PRO I 59 -115.15 -43.34 23.88
C PRO I 59 -116.18 -42.94 22.84
N LYS I 60 -115.71 -42.39 21.72
CA LYS I 60 -116.58 -41.99 20.63
C LYS I 60 -115.98 -42.45 19.31
N ILE I 61 -116.51 -43.54 18.75
CA ILE I 61 -115.99 -44.08 17.51
C ILE I 61 -116.28 -43.17 16.32
N TRP I 62 -115.25 -42.47 15.86
CA TRP I 62 -115.36 -41.62 14.69
C TRP I 62 -115.26 -42.45 13.41
N VAL I 63 -114.17 -43.21 13.30
CA VAL I 63 -113.93 -44.03 12.13
C VAL I 63 -113.70 -45.49 12.50
N LYS I 64 -114.38 -46.39 11.80
CA LYS I 64 -114.23 -47.82 12.04
C LYS I 64 -113.29 -48.44 11.00
N VAL I 65 -112.53 -49.44 11.42
CA VAL I 65 -111.59 -50.11 10.52
C VAL I 65 -112.29 -51.13 9.64
N SER I 66 -113.61 -50.98 9.49
CA SER I 66 -114.40 -51.89 8.67
C SER I 66 -115.10 -51.14 7.54
N GLU I 67 -115.25 -49.83 7.71
CA GLU I 67 -115.91 -48.99 6.71
C GLU I 67 -115.14 -48.98 5.40
N ALA I 68 -115.77 -48.47 4.35
CA ALA I 68 -115.14 -48.39 3.04
C ALA I 68 -114.39 -47.08 2.87
N ASP I 69 -114.62 -46.14 3.79
CA ASP I 69 -113.97 -44.85 3.75
C ASP I 69 -112.80 -44.77 4.73
N SER I 70 -112.51 -45.89 5.38
CA SER I 70 -111.43 -45.96 6.36
C SER I 70 -110.06 -46.03 5.70
N SER I 71 -110.03 -45.91 4.39
CA SER I 71 -108.78 -45.97 3.64
C SER I 71 -108.50 -44.67 2.88
N ASN I 72 -109.41 -43.71 3.01
CA ASN I 72 -109.25 -42.41 2.37
C ASN I 72 -108.69 -41.39 3.34
N ALA I 73 -107.36 -41.22 3.33
CA ALA I 73 -106.67 -40.33 4.25
C ALA I 73 -107.29 -38.94 4.27
N ASP I 74 -107.65 -38.41 3.11
CA ASP I 74 -108.22 -37.09 2.99
C ASP I 74 -109.47 -36.93 3.85
N TRP I 75 -110.22 -38.02 4.00
CA TRP I 75 -111.45 -38.00 4.80
C TRP I 75 -111.15 -38.20 6.28
N VAL I 76 -110.29 -39.17 6.59
CA VAL I 76 -109.89 -39.43 7.96
C VAL I 76 -109.28 -38.19 8.60
N THR I 77 -108.52 -37.44 7.80
CA THR I 77 -107.92 -36.20 8.25
C THR I 77 -109.01 -35.17 8.54
N LYS I 78 -110.03 -35.13 7.68
CA LYS I 78 -111.16 -34.23 7.87
C LYS I 78 -111.83 -34.49 9.21
N GLN I 79 -112.13 -35.75 9.50
CA GLN I 79 -112.74 -36.14 10.76
C GLN I 79 -111.88 -35.72 11.94
N LEU I 80 -110.63 -36.16 11.93
CA LEU I 80 -109.68 -35.84 13.00
C LEU I 80 -109.53 -34.32 13.17
N ASN I 81 -109.45 -33.62 12.04
CA ASN I 81 -109.28 -32.18 12.06
C ASN I 81 -110.52 -31.47 12.62
N GLU I 82 -111.68 -32.08 12.40
CA GLU I 82 -112.94 -31.53 12.86
C GLU I 82 -113.21 -31.88 14.32
N ILE I 83 -112.50 -32.90 14.81
CA ILE I 83 -112.66 -33.33 16.20
C ILE I 83 -112.40 -32.17 17.16
N ASN I 84 -113.47 -31.65 17.75
CA ASN I 84 -113.35 -30.55 18.69
C ASN I 84 -113.12 -31.06 20.11
N TYR I 85 -112.19 -30.42 20.81
CA TYR I 85 -111.81 -30.83 22.16
C TYR I 85 -113.02 -31.13 23.04
N GLU I 86 -113.92 -30.15 23.17
CA GLU I 86 -115.02 -30.22 24.12
C GLU I 86 -116.16 -31.14 23.67
N ASP I 87 -115.85 -32.11 22.83
CA ASP I 87 -116.88 -33.02 22.33
C ASP I 87 -117.56 -33.73 23.50
N HIS I 88 -116.77 -34.13 24.49
CA HIS I 88 -117.30 -34.57 25.78
C HIS I 88 -116.56 -33.91 26.94
N LYS I 89 -117.20 -32.91 27.53
CA LYS I 89 -116.61 -32.14 28.63
C LYS I 89 -117.25 -32.52 29.96
N LEU I 90 -118.40 -33.18 29.89
CA LEU I 90 -119.12 -33.59 31.09
C LEU I 90 -118.39 -34.69 31.85
N LYS I 91 -117.93 -35.71 31.13
CA LYS I 91 -117.29 -36.86 31.74
C LYS I 91 -115.77 -36.78 31.62
N SER I 92 -115.17 -35.91 32.42
CA SER I 92 -113.73 -35.70 32.36
C SER I 92 -112.95 -36.92 32.87
N GLY I 93 -113.66 -38.00 33.17
CA GLY I 93 -113.00 -39.23 33.58
C GLY I 93 -112.01 -39.69 32.53
N THR I 94 -111.12 -40.60 32.90
CA THR I 94 -110.12 -41.10 31.97
C THR I 94 -110.10 -42.62 31.91
N ASN I 95 -111.22 -43.18 31.47
CA ASN I 95 -111.36 -44.63 31.32
C ASN I 95 -110.65 -45.13 30.07
N THR I 96 -109.38 -45.49 30.22
CA THR I 96 -108.57 -45.97 29.11
C THR I 96 -108.92 -47.43 28.78
N LYS I 97 -109.16 -48.22 29.81
CA LYS I 97 -109.52 -49.62 29.63
C LYS I 97 -110.72 -49.75 28.69
N LYS I 98 -111.65 -48.81 28.79
CA LYS I 98 -112.84 -48.81 27.95
C LYS I 98 -112.50 -48.48 26.50
N ALA I 99 -111.59 -47.53 26.31
CA ALA I 99 -111.15 -47.13 24.99
C ALA I 99 -110.51 -48.30 24.24
N LEU I 100 -109.56 -48.94 24.90
CA LEU I 100 -108.88 -50.10 24.33
C LEU I 100 -109.86 -51.27 24.20
N GLN I 101 -110.86 -51.30 25.08
CA GLN I 101 -111.89 -52.34 25.03
C GLN I 101 -112.67 -52.25 23.72
N ALA I 102 -112.82 -51.02 23.22
CA ALA I 102 -113.52 -50.78 21.96
C ALA I 102 -112.63 -51.15 20.78
N VAL I 103 -111.34 -50.84 20.91
CA VAL I 103 -110.36 -51.17 19.88
C VAL I 103 -110.33 -52.67 19.64
N TYR I 104 -110.59 -53.43 20.70
CA TYR I 104 -110.62 -54.90 20.61
C TYR I 104 -111.65 -55.34 19.58
N SER I 105 -112.79 -54.65 19.53
CA SER I 105 -113.85 -54.99 18.60
C SER I 105 -113.47 -54.65 17.16
N MET I 106 -112.69 -53.60 17.00
CA MET I 106 -112.23 -53.19 15.67
C MET I 106 -111.56 -54.35 14.95
N MET I 107 -110.76 -55.11 15.68
CA MET I 107 -110.04 -56.25 15.12
C MET I 107 -110.77 -57.56 15.42
N SER I 108 -111.74 -57.51 16.32
CA SER I 108 -112.51 -58.68 16.68
C SER I 108 -113.42 -59.12 15.53
N TRP I 109 -112.96 -60.09 14.75
CA TRP I 109 -113.74 -60.60 13.63
C TRP I 109 -115.05 -61.19 14.09
N PRO I 110 -116.08 -61.13 13.22
CA PRO I 110 -117.43 -61.63 13.51
C PRO I 110 -117.51 -63.13 13.75
N ASP I 111 -117.25 -63.53 14.99
CA ASP I 111 -117.48 -64.90 15.44
C ASP I 111 -116.56 -65.98 14.87
N ASP I 112 -117.16 -67.12 14.58
CA ASP I 112 -116.43 -68.34 14.24
C ASP I 112 -115.70 -68.32 12.91
N VAL I 113 -115.53 -67.15 12.31
CA VAL I 113 -114.90 -67.11 11.00
C VAL I 113 -113.75 -66.10 10.89
N PRO I 114 -112.52 -66.60 10.72
CA PRO I 114 -111.35 -65.77 10.46
C PRO I 114 -111.39 -65.24 9.02
N PRO I 115 -111.40 -63.91 8.85
CA PRO I 115 -111.48 -63.27 7.54
C PRO I 115 -110.33 -63.70 6.63
N GLU I 116 -110.40 -63.31 5.35
CA GLU I 116 -109.35 -63.63 4.40
C GLU I 116 -107.98 -63.17 4.88
N GLY I 117 -107.03 -64.09 4.94
CA GLY I 117 -105.66 -63.78 5.32
C GLY I 117 -105.56 -62.69 6.38
N TRP I 118 -106.34 -62.85 7.45
CA TRP I 118 -106.36 -61.87 8.53
C TRP I 118 -105.00 -61.68 9.17
N ASN I 119 -104.34 -62.79 9.48
CA ASN I 119 -103.07 -62.76 10.22
C ASN I 119 -101.95 -61.98 9.52
N ARG I 120 -102.10 -61.75 8.22
CA ARG I 120 -101.07 -61.04 7.47
C ARG I 120 -101.19 -59.53 7.64
N THR I 121 -102.26 -59.10 8.30
CA THR I 121 -102.51 -57.68 8.53
C THR I 121 -101.76 -57.20 9.77
N ARG I 122 -101.13 -56.04 9.66
CA ARG I 122 -100.40 -55.45 10.77
C ARG I 122 -101.34 -54.60 11.63
N HIS I 123 -101.06 -54.55 12.93
CA HIS I 123 -101.89 -53.77 13.85
C HIS I 123 -101.05 -52.79 14.65
N VAL I 124 -101.39 -51.51 14.54
CA VAL I 124 -100.65 -50.46 15.23
C VAL I 124 -101.58 -49.57 16.06
N ILE I 125 -101.44 -49.63 17.37
CA ILE I 125 -102.24 -48.80 18.27
C ILE I 125 -101.46 -47.59 18.74
N ILE I 126 -101.98 -46.40 18.47
CA ILE I 126 -101.31 -45.16 18.86
C ILE I 126 -102.13 -44.41 19.90
N LEU I 127 -102.03 -44.84 21.15
CA LEU I 127 -102.73 -44.20 22.25
C LEU I 127 -102.01 -42.93 22.70
N MET I 128 -102.75 -41.83 22.81
CA MET I 128 -102.19 -40.56 23.25
C MET I 128 -102.86 -40.09 24.54
N THR I 129 -102.42 -40.63 25.67
CA THR I 129 -102.98 -40.26 26.97
C THR I 129 -101.88 -39.76 27.90
N ASP I 130 -102.26 -39.36 29.10
CA ASP I 130 -101.30 -38.87 30.08
C ASP I 130 -101.06 -39.91 31.18
N GLY I 131 -101.51 -41.14 30.94
CA GLY I 131 -101.33 -42.22 31.90
C GLY I 131 -102.28 -42.12 33.08
N LEU I 132 -102.62 -40.90 33.47
CA LEU I 132 -103.52 -40.66 34.59
C LEU I 132 -104.94 -41.10 34.25
N HIS I 133 -105.26 -42.35 34.57
CA HIS I 133 -106.60 -42.87 34.33
C HIS I 133 -107.28 -43.23 35.65
N ASN I 134 -108.49 -42.73 35.83
CA ASN I 134 -109.24 -42.94 37.07
C ASN I 134 -110.26 -44.06 36.97
N MET I 135 -111.21 -43.93 36.04
CA MET I 135 -112.25 -44.92 35.86
C MET I 135 -111.76 -46.13 35.09
N GLY I 136 -112.29 -47.30 35.41
CA GLY I 136 -111.87 -48.54 34.79
C GLY I 136 -110.77 -49.22 35.57
N GLY I 137 -110.30 -50.35 35.06
CA GLY I 137 -109.24 -51.10 35.72
C GLY I 137 -107.87 -50.75 35.16
N ASP I 138 -107.10 -51.78 34.82
CA ASP I 138 -105.77 -51.59 34.26
C ASP I 138 -105.77 -51.99 32.79
N PRO I 139 -105.60 -51.00 31.89
CA PRO I 139 -105.59 -51.23 30.44
C PRO I 139 -104.55 -52.25 30.00
N ILE I 140 -103.68 -52.65 30.92
CA ILE I 140 -102.66 -53.66 30.62
C ILE I 140 -103.28 -54.98 30.20
N THR I 141 -104.32 -55.39 30.93
CA THR I 141 -105.00 -56.65 30.64
C THR I 141 -105.55 -56.68 29.21
N VAL I 142 -105.94 -55.51 28.71
CA VAL I 142 -106.46 -55.40 27.35
C VAL I 142 -105.37 -55.74 26.34
N ILE I 143 -104.17 -55.23 26.59
CA ILE I 143 -103.02 -55.51 25.75
C ILE I 143 -102.72 -57.01 25.76
N ASP I 144 -103.02 -57.65 26.89
CA ASP I 144 -102.82 -59.09 27.03
C ASP I 144 -103.94 -59.87 26.35
N GLU I 145 -105.11 -59.25 26.25
CA GLU I 145 -106.24 -59.86 25.56
C GLU I 145 -106.02 -59.80 24.05
N ILE I 146 -105.63 -58.63 23.56
CA ILE I 146 -105.30 -58.46 22.16
C ILE I 146 -104.05 -59.29 21.84
N ARG I 147 -103.25 -59.53 22.86
CA ARG I 147 -102.02 -60.31 22.73
C ARG I 147 -102.36 -61.72 22.25
N ASP I 148 -103.56 -62.18 22.59
CA ASP I 148 -104.00 -63.54 22.24
C ASP I 148 -104.84 -63.56 20.97
N LEU I 149 -105.68 -62.54 20.80
CA LEU I 149 -106.56 -62.47 19.64
C LEU I 149 -105.78 -62.56 18.34
N LEU I 150 -104.74 -61.76 18.22
CA LEU I 150 -103.92 -61.75 17.01
C LEU I 150 -102.94 -62.92 17.02
N TYR I 151 -103.14 -63.86 17.94
CA TYR I 151 -102.28 -65.03 18.07
C TYR I 151 -100.82 -64.61 18.22
N ILE I 152 -100.57 -63.69 19.15
CA ILE I 152 -99.23 -63.17 19.38
C ILE I 152 -98.61 -63.75 20.65
N GLY I 153 -97.34 -64.13 20.57
CA GLY I 153 -96.62 -64.66 21.71
C GLY I 153 -97.25 -65.92 22.27
N LYS I 154 -97.82 -66.74 21.39
CA LYS I 154 -98.47 -67.98 21.80
C LYS I 154 -97.91 -69.18 21.06
N ASP I 155 -96.77 -68.98 20.38
CA ASP I 155 -96.10 -70.05 19.67
C ASP I 155 -94.59 -69.96 19.83
N ARG I 156 -93.91 -71.09 19.66
CA ARG I 156 -92.47 -71.16 19.85
C ARG I 156 -91.69 -70.41 18.78
N LYS I 157 -91.73 -70.93 17.56
CA LYS I 157 -90.95 -70.38 16.46
C LYS I 157 -91.72 -69.33 15.65
N ASN I 158 -92.95 -69.04 16.07
CA ASN I 158 -93.79 -68.06 15.40
C ASN I 158 -94.42 -67.08 16.38
N PRO I 159 -93.60 -66.19 16.96
CA PRO I 159 -94.03 -65.24 17.99
C PRO I 159 -95.05 -64.22 17.50
N ARG I 160 -94.95 -63.80 16.25
CA ARG I 160 -95.85 -62.79 15.69
C ARG I 160 -95.77 -61.47 16.45
N GLU I 161 -94.56 -61.08 16.84
CA GLU I 161 -94.36 -59.81 17.53
C GLU I 161 -94.21 -58.67 16.54
N ASP I 162 -94.38 -58.98 15.25
CA ASP I 162 -94.24 -57.99 14.20
C ASP I 162 -95.60 -57.40 13.80
N TYR I 163 -96.66 -57.94 14.38
CA TYR I 163 -98.02 -57.52 14.03
C TYR I 163 -98.68 -56.74 15.16
N LEU I 164 -97.87 -56.16 16.04
CA LEU I 164 -98.39 -55.40 17.16
C LEU I 164 -97.41 -54.31 17.60
N ASP I 165 -97.70 -53.07 17.22
CA ASP I 165 -96.85 -51.94 17.58
C ASP I 165 -97.63 -50.88 18.34
N VAL I 166 -97.56 -50.94 19.67
CA VAL I 166 -98.28 -50.01 20.52
C VAL I 166 -97.43 -48.79 20.86
N TYR I 167 -97.88 -47.63 20.40
CA TYR I 167 -97.19 -46.38 20.69
C TYR I 167 -98.01 -45.52 21.66
N VAL I 168 -97.34 -44.88 22.60
CA VAL I 168 -98.01 -44.03 23.57
C VAL I 168 -97.37 -42.65 23.65
N PHE I 169 -98.18 -41.61 23.44
CA PHE I 169 -97.70 -40.24 23.51
C PHE I 169 -98.15 -39.57 24.79
N GLY I 170 -97.19 -39.26 25.66
CA GLY I 170 -97.49 -38.64 26.94
C GLY I 170 -97.88 -37.18 26.81
N VAL I 171 -99.16 -36.95 26.50
CA VAL I 171 -99.68 -35.58 26.38
C VAL I 171 -100.06 -35.04 27.75
N GLY I 172 -100.16 -33.72 27.85
CA GLY I 172 -100.48 -33.08 29.12
C GLY I 172 -99.26 -32.95 30.01
N PRO I 173 -99.28 -31.97 30.93
CA PRO I 173 -98.19 -31.70 31.86
C PRO I 173 -97.85 -32.90 32.74
N LEU I 174 -98.29 -32.87 33.99
CA LEU I 174 -98.03 -33.96 34.93
C LEU I 174 -98.55 -35.28 34.38
N VAL I 175 -97.62 -36.17 34.04
CA VAL I 175 -97.96 -37.47 33.46
C VAL I 175 -97.29 -38.61 34.21
N ASN I 176 -98.08 -39.62 34.55
CA ASN I 176 -97.57 -40.81 35.24
C ASN I 176 -96.77 -41.69 34.30
N GLN I 177 -95.48 -41.40 34.17
CA GLN I 177 -94.60 -42.15 33.27
C GLN I 177 -94.61 -43.64 33.55
N VAL I 178 -94.59 -44.00 34.83
CA VAL I 178 -94.56 -45.41 35.24
C VAL I 178 -95.67 -46.21 34.57
N ASN I 179 -96.84 -45.58 34.42
CA ASN I 179 -97.99 -46.25 33.83
C ASN I 179 -97.87 -46.40 32.31
N ILE I 180 -97.44 -45.32 31.65
CA ILE I 180 -97.31 -45.32 30.19
C ILE I 180 -96.48 -46.48 29.66
N ASN I 181 -95.26 -46.60 30.16
CA ASN I 181 -94.34 -47.64 29.70
C ASN I 181 -94.95 -49.03 29.69
N ALA I 182 -95.70 -49.35 30.74
CA ALA I 182 -96.33 -50.67 30.85
C ALA I 182 -97.25 -50.94 29.66
N LEU I 183 -97.97 -49.91 29.22
CA LEU I 183 -98.87 -50.04 28.09
C LEU I 183 -98.11 -50.15 26.77
N ALA I 184 -97.13 -49.27 26.58
CA ALA I 184 -96.35 -49.25 25.35
C ALA I 184 -95.68 -50.60 25.09
N SER I 185 -95.48 -50.92 23.82
CA SER I 185 -94.86 -52.18 23.43
C SER I 185 -93.39 -52.21 23.84
N LYS I 186 -92.96 -53.33 24.40
CA LYS I 186 -91.58 -53.49 24.85
C LYS I 186 -90.76 -54.27 23.82
N LYS I 187 -90.24 -53.57 22.82
CA LYS I 187 -89.43 -54.19 21.78
C LYS I 187 -87.98 -53.70 21.84
N ASP I 188 -87.05 -54.57 21.51
CA ASP I 188 -85.63 -54.24 21.57
C ASP I 188 -85.22 -53.33 20.41
N ASN I 189 -84.33 -52.39 20.69
CA ASN I 189 -83.80 -51.49 19.67
C ASN I 189 -84.88 -50.65 19.00
N GLU I 190 -86.03 -50.51 19.66
CA GLU I 190 -87.13 -49.73 19.11
C GLU I 190 -87.66 -48.70 20.11
N GLN I 191 -88.38 -47.72 19.60
CA GLN I 191 -88.94 -46.66 20.43
C GLN I 191 -90.46 -46.63 20.35
N HIS I 192 -91.11 -46.60 21.51
CA HIS I 192 -92.58 -46.60 21.55
C HIS I 192 -93.10 -45.63 22.60
N VAL I 193 -92.19 -44.98 23.31
CA VAL I 193 -92.56 -44.03 24.36
C VAL I 193 -92.13 -42.61 24.02
N PHE I 194 -93.08 -41.77 23.65
CA PHE I 194 -92.81 -40.38 23.31
C PHE I 194 -93.49 -39.43 24.29
N LYS I 195 -92.80 -38.35 24.63
CA LYS I 195 -93.29 -37.40 25.61
C LYS I 195 -93.55 -36.02 25.00
N VAL I 196 -94.00 -35.09 25.84
CA VAL I 196 -94.39 -33.75 25.38
C VAL I 196 -93.30 -33.07 24.55
N LYS I 197 -92.11 -32.95 25.12
CA LYS I 197 -91.01 -32.26 24.46
C LYS I 197 -90.74 -32.80 23.06
N ASP I 198 -90.91 -34.11 22.90
CA ASP I 198 -90.66 -34.77 21.62
C ASP I 198 -91.47 -34.13 20.49
N MET I 199 -92.61 -33.56 20.83
CA MET I 199 -93.48 -32.92 19.85
C MET I 199 -92.71 -31.98 18.94
N GLU I 200 -92.12 -30.94 19.52
CA GLU I 200 -91.30 -30.00 18.77
C GLU I 200 -90.28 -30.75 17.91
N ASN I 201 -90.18 -30.37 16.65
CA ASN I 201 -89.34 -31.08 15.68
C ASN I 201 -89.92 -32.47 15.40
N LEU I 202 -91.18 -32.50 14.99
CA LEU I 202 -91.90 -33.74 14.76
C LEU I 202 -91.16 -34.74 13.87
N GLU I 203 -90.51 -34.22 12.83
CA GLU I 203 -89.81 -35.07 11.87
C GLU I 203 -88.92 -36.10 12.55
N ASP I 204 -88.24 -35.70 13.62
CA ASP I 204 -87.35 -36.59 14.36
C ASP I 204 -88.13 -37.74 14.96
N VAL I 205 -89.34 -37.46 15.44
CA VAL I 205 -90.19 -38.46 16.04
C VAL I 205 -90.61 -39.52 15.03
N PHE I 206 -91.16 -39.07 13.91
CA PHE I 206 -91.65 -39.97 12.87
C PHE I 206 -90.56 -40.95 12.39
N TYR I 207 -89.32 -40.50 12.45
CA TYR I 207 -88.19 -41.32 12.01
C TYR I 207 -88.22 -42.71 12.66
N GLN I 208 -88.13 -42.74 13.99
CA GLN I 208 -88.10 -44.00 14.72
C GLN I 208 -89.28 -44.91 14.37
N MET I 209 -90.49 -44.36 14.40
CA MET I 209 -91.68 -45.16 14.17
C MET I 209 -91.96 -45.45 12.70
N ILE I 210 -90.90 -45.54 11.91
CA ILE I 210 -91.02 -45.86 10.48
C ILE I 210 -89.76 -46.50 9.91
N ASP I 211 -89.92 -47.67 9.29
CA ASP I 211 -88.82 -48.32 8.59
C ASP I 211 -89.25 -48.70 7.16
N GLU I 212 -88.60 -48.09 6.18
CA GLU I 212 -88.99 -48.24 4.79
C GLU I 212 -88.42 -49.51 4.17
N SER I 213 -88.69 -50.66 4.77
CA SER I 213 -88.16 -51.93 4.27
C SER I 213 -88.38 -52.08 2.76
N GLN I 214 -89.64 -51.97 2.34
CA GLN I 214 -89.99 -52.11 0.93
C GLN I 214 -90.19 -50.76 0.23
N SER I 215 -89.88 -49.68 0.93
CA SER I 215 -90.01 -48.34 0.37
C SER I 215 -88.63 -47.72 0.21
N LEU I 216 -87.63 -48.57 0.21
CA LEU I 216 -86.27 -48.13 -0.03
C LEU I 216 -86.10 -47.77 -1.49
N SER I 217 -87.11 -48.10 -2.30
CA SER I 217 -87.04 -47.90 -3.74
C SER I 217 -87.86 -46.69 -4.21
N LEU I 218 -88.78 -46.23 -3.37
CA LEU I 218 -89.63 -45.10 -3.72
C LEU I 218 -88.83 -43.84 -3.99
N CYS I 219 -89.11 -43.19 -5.11
CA CYS I 219 -88.37 -42.00 -5.53
C CYS I 219 -88.94 -40.73 -4.92
N GLY I 220 -88.18 -39.64 -5.02
CA GLY I 220 -88.62 -38.34 -4.55
C GLY I 220 -89.04 -38.33 -3.09
N MET I 221 -88.53 -39.28 -2.32
CA MET I 221 -88.86 -39.36 -0.90
C MET I 221 -87.72 -38.83 -0.05
N VAL I 222 -88.05 -37.97 0.90
CA VAL I 222 -87.03 -37.27 1.69
C VAL I 222 -87.34 -37.23 3.18
N TRP I 223 -86.32 -37.47 3.99
CA TRP I 223 -86.43 -37.30 5.44
C TRP I 223 -86.01 -35.89 5.82
N GLU I 224 -86.75 -35.27 6.73
CA GLU I 224 -86.53 -33.87 7.07
C GLU I 224 -86.02 -33.65 8.49
N HIS I 225 -85.82 -34.73 9.23
CA HIS I 225 -85.37 -34.63 10.62
C HIS I 225 -84.09 -33.80 10.72
N ARG I 226 -83.96 -33.04 11.80
CA ARG I 226 -82.83 -32.14 11.98
C ARG I 226 -81.50 -32.88 12.05
N LYS I 227 -81.55 -34.11 12.54
CA LYS I 227 -80.34 -34.93 12.66
C LYS I 227 -79.94 -35.57 11.33
N GLY I 228 -80.52 -35.07 10.24
CA GLY I 228 -80.25 -35.60 8.92
C GLY I 228 -79.25 -34.78 8.14
N THR I 229 -78.26 -35.45 7.57
CA THR I 229 -77.25 -34.78 6.75
C THR I 229 -77.90 -34.18 5.52
N ASP I 230 -77.13 -33.41 4.75
CA ASP I 230 -77.62 -32.77 3.55
C ASP I 230 -78.24 -33.80 2.59
N TYR I 231 -77.61 -34.96 2.48
CA TYR I 231 -78.06 -35.99 1.55
C TYR I 231 -79.24 -36.79 2.08
N HIS I 232 -79.54 -36.61 3.37
CA HIS I 232 -80.77 -37.16 3.95
C HIS I 232 -81.95 -36.32 3.47
N LYS I 233 -81.65 -35.13 2.94
CA LYS I 233 -82.67 -34.22 2.45
C LYS I 233 -82.69 -34.19 0.93
N GLN I 234 -81.54 -34.48 0.33
CA GLN I 234 -81.43 -34.55 -1.13
C GLN I 234 -80.67 -35.81 -1.56
N PRO I 235 -81.32 -36.97 -1.45
CA PRO I 235 -80.71 -38.27 -1.78
C PRO I 235 -80.34 -38.36 -3.26
N TRP I 236 -81.18 -37.81 -4.13
CA TRP I 236 -80.95 -37.87 -5.57
C TRP I 236 -79.72 -37.06 -5.98
N GLN I 237 -79.45 -35.99 -5.23
CA GLN I 237 -78.37 -35.08 -5.55
C GLN I 237 -77.05 -35.81 -5.78
N ALA I 238 -76.31 -35.37 -6.80
CA ALA I 238 -75.02 -35.99 -7.13
C ALA I 238 -74.02 -34.94 -7.59
N LYS I 239 -72.76 -35.12 -7.19
CA LYS I 239 -71.71 -34.18 -7.56
C LYS I 239 -70.77 -34.81 -8.58
N ILE I 240 -70.76 -34.26 -9.80
CA ILE I 240 -69.93 -34.80 -10.87
C ILE I 240 -68.68 -33.96 -11.09
N SER I 241 -67.57 -34.62 -11.39
CA SER I 241 -66.30 -33.93 -11.62
C SER I 241 -65.66 -34.36 -12.94
N VAL I 242 -65.07 -33.39 -13.64
CA VAL I 242 -64.41 -33.66 -14.90
C VAL I 242 -62.95 -33.21 -14.87
N ILE I 243 -62.03 -34.16 -14.86
CA ILE I 243 -60.61 -33.87 -14.82
C ILE I 243 -59.98 -34.13 -16.19
N ARG I 244 -59.14 -33.20 -16.65
CA ARG I 244 -58.55 -33.28 -17.97
C ARG I 244 -57.40 -32.29 -18.11
N PRO I 245 -56.39 -32.64 -18.92
CA PRO I 245 -55.25 -31.76 -19.18
C PRO I 245 -55.67 -30.32 -19.46
N SER I 246 -55.10 -29.38 -18.71
CA SER I 246 -55.36 -27.95 -18.89
C SER I 246 -56.83 -27.59 -18.66
N LYS I 247 -57.60 -28.55 -18.16
CA LYS I 247 -59.02 -28.32 -17.90
C LYS I 247 -59.26 -27.99 -16.42
N GLY I 248 -58.18 -28.00 -15.64
CA GLY I 248 -58.29 -27.78 -14.21
C GLY I 248 -59.26 -28.76 -13.59
N HIS I 249 -60.48 -28.32 -13.37
CA HIS I 249 -61.54 -29.20 -12.88
C HIS I 249 -62.91 -28.56 -13.09
N GLU I 250 -63.77 -29.25 -13.83
CA GLU I 250 -65.11 -28.75 -14.12
C GLU I 250 -66.12 -29.32 -13.12
N SER I 251 -66.88 -28.43 -12.49
CA SER I 251 -67.83 -28.84 -11.47
C SER I 251 -69.28 -28.79 -11.98
N CYS I 252 -69.95 -29.94 -11.91
CA CYS I 252 -71.35 -30.03 -12.30
C CYS I 252 -72.11 -30.90 -11.30
N MET I 253 -73.44 -30.89 -11.41
CA MET I 253 -74.28 -31.69 -10.53
C MET I 253 -75.25 -32.56 -11.34
N GLY I 254 -75.95 -33.45 -10.66
CA GLY I 254 -76.90 -34.34 -11.31
C GLY I 254 -77.88 -34.96 -10.35
N ALA I 255 -78.83 -35.71 -10.90
CA ALA I 255 -79.84 -36.38 -10.08
C ALA I 255 -79.94 -37.86 -10.42
N VAL I 256 -79.96 -38.69 -9.39
CA VAL I 256 -80.10 -40.13 -9.58
C VAL I 256 -81.49 -40.47 -10.12
N VAL I 257 -81.55 -40.90 -11.37
CA VAL I 257 -82.82 -41.24 -12.00
C VAL I 257 -83.09 -42.74 -11.93
N SER I 258 -82.04 -43.52 -11.76
CA SER I 258 -82.18 -44.98 -11.67
C SER I 258 -80.97 -45.61 -10.98
N GLU I 259 -81.02 -46.92 -10.80
CA GLU I 259 -79.95 -47.66 -10.14
C GLU I 259 -78.62 -47.52 -10.87
N TYR I 260 -78.68 -47.29 -12.17
CA TYR I 260 -77.47 -47.22 -13.00
C TYR I 260 -77.25 -45.86 -13.65
N PHE I 261 -78.27 -45.01 -13.64
CA PHE I 261 -78.19 -43.74 -14.38
C PHE I 261 -78.25 -42.49 -13.51
N VAL I 262 -77.59 -41.44 -13.99
CA VAL I 262 -77.61 -40.14 -13.33
C VAL I 262 -77.82 -39.05 -14.38
N LEU I 263 -78.87 -38.25 -14.21
CA LEU I 263 -79.22 -37.23 -15.19
C LEU I 263 -78.52 -35.90 -14.89
N THR I 264 -77.94 -35.31 -15.93
CA THR I 264 -77.22 -34.03 -15.80
C THR I 264 -77.16 -33.31 -17.14
N ALA I 265 -76.71 -32.05 -17.10
CA ALA I 265 -76.57 -31.25 -18.31
C ALA I 265 -75.59 -31.90 -19.27
N ALA I 266 -75.82 -31.72 -20.57
CA ALA I 266 -74.97 -32.33 -21.59
C ALA I 266 -73.83 -31.41 -22.01
N HIS I 267 -73.82 -30.19 -21.49
CA HIS I 267 -72.80 -29.22 -21.84
C HIS I 267 -71.63 -29.25 -20.85
N CYS I 268 -71.71 -30.14 -19.88
CA CYS I 268 -70.65 -30.29 -18.89
C CYS I 268 -69.56 -31.25 -19.39
N PHE I 269 -69.89 -32.00 -20.44
CA PHE I 269 -68.96 -32.98 -20.99
C PHE I 269 -68.74 -32.74 -22.48
N THR I 270 -67.91 -33.59 -23.09
CA THR I 270 -67.63 -33.50 -24.51
C THR I 270 -67.09 -34.82 -25.04
N VAL I 271 -67.12 -34.98 -26.36
CA VAL I 271 -66.63 -36.19 -27.01
C VAL I 271 -65.18 -36.47 -26.61
N ASP I 272 -64.44 -35.41 -26.32
CA ASP I 272 -63.04 -35.54 -25.95
C ASP I 272 -62.86 -36.18 -24.57
N ASP I 273 -63.72 -35.80 -23.64
CA ASP I 273 -63.67 -36.31 -22.28
C ASP I 273 -63.85 -37.83 -22.25
N LYS I 274 -62.94 -38.52 -21.58
CA LYS I 274 -63.00 -39.98 -21.48
C LYS I 274 -63.84 -40.42 -20.29
N GLU I 275 -64.00 -41.74 -20.15
CA GLU I 275 -64.86 -42.30 -19.11
C GLU I 275 -64.16 -42.47 -17.77
N HIS I 276 -62.84 -42.29 -17.74
CA HIS I 276 -62.09 -42.35 -16.50
C HIS I 276 -61.63 -40.96 -16.07
N SER I 277 -62.08 -39.95 -16.80
CA SER I 277 -61.79 -38.56 -16.46
C SER I 277 -63.02 -37.93 -15.83
N ILE I 278 -64.08 -38.73 -15.70
CA ILE I 278 -65.33 -38.26 -15.10
C ILE I 278 -65.70 -39.13 -13.90
N LYS I 279 -65.76 -38.51 -12.72
CA LYS I 279 -66.09 -39.24 -11.50
C LYS I 279 -67.35 -38.68 -10.85
N VAL I 280 -68.28 -39.56 -10.53
CA VAL I 280 -69.55 -39.16 -9.93
C VAL I 280 -69.58 -39.45 -8.43
N SER I 281 -69.90 -38.43 -7.64
CA SER I 281 -70.03 -38.58 -6.19
C SER I 281 -71.50 -38.51 -5.80
N VAL I 282 -72.04 -39.61 -5.31
CA VAL I 282 -73.47 -39.69 -4.99
C VAL I 282 -73.85 -38.86 -3.77
N GLY I 283 -73.63 -39.40 -2.58
CA GLY I 283 -74.04 -38.74 -1.37
C GLY I 283 -73.08 -38.87 -0.20
N GLY I 284 -72.57 -37.73 0.26
CA GLY I 284 -71.70 -37.70 1.42
C GLY I 284 -70.33 -38.29 1.17
N GLU I 285 -70.28 -39.62 1.06
CA GLU I 285 -69.01 -40.32 0.87
C GLU I 285 -68.17 -39.70 -0.24
N LYS I 286 -66.96 -39.28 0.11
CA LYS I 286 -66.02 -38.78 -0.88
C LYS I 286 -65.39 -39.95 -1.61
N ARG I 287 -66.23 -40.89 -2.02
CA ARG I 287 -65.81 -42.08 -2.74
C ARG I 287 -66.32 -42.01 -4.18
N ASP I 288 -65.48 -41.49 -5.06
CA ASP I 288 -65.85 -41.30 -6.46
C ASP I 288 -66.22 -42.62 -7.13
N LEU I 289 -67.17 -42.57 -8.05
CA LEU I 289 -67.63 -43.75 -8.78
C LEU I 289 -67.26 -43.64 -10.25
N GLU I 290 -66.62 -44.67 -10.77
CA GLU I 290 -66.26 -44.70 -12.19
C GLU I 290 -67.51 -44.90 -13.05
N ILE I 291 -67.62 -44.11 -14.11
CA ILE I 291 -68.77 -44.20 -15.00
C ILE I 291 -68.50 -45.19 -16.14
N GLU I 292 -69.57 -45.58 -16.83
CA GLU I 292 -69.46 -46.53 -17.93
C GLU I 292 -69.48 -45.81 -19.28
N VAL I 293 -70.42 -44.88 -19.44
CA VAL I 293 -70.55 -44.13 -20.67
C VAL I 293 -71.50 -42.95 -20.51
N VAL I 294 -71.22 -41.87 -21.23
CA VAL I 294 -72.08 -40.69 -21.21
C VAL I 294 -72.97 -40.65 -22.46
N LEU I 295 -74.27 -40.76 -22.24
CA LEU I 295 -75.22 -40.78 -23.35
C LEU I 295 -75.73 -39.38 -23.67
N PHE I 296 -75.06 -38.71 -24.60
CA PHE I 296 -75.47 -37.39 -25.06
C PHE I 296 -76.76 -37.48 -25.87
N HIS I 297 -77.61 -36.47 -25.76
CA HIS I 297 -78.84 -36.42 -26.53
C HIS I 297 -78.51 -36.24 -28.01
N PRO I 298 -79.11 -37.06 -28.88
CA PRO I 298 -78.85 -37.04 -30.32
C PRO I 298 -79.03 -35.65 -30.93
N ASN I 299 -79.92 -34.85 -30.37
CA ASN I 299 -80.20 -33.52 -30.89
C ASN I 299 -79.34 -32.42 -30.27
N TYR I 300 -78.47 -32.81 -29.34
CA TYR I 300 -77.59 -31.84 -28.68
C TYR I 300 -76.52 -31.31 -29.63
N ASN I 301 -76.29 -30.00 -29.56
CA ASN I 301 -75.27 -29.37 -30.38
C ASN I 301 -75.04 -27.93 -29.94
N ILE I 302 -73.84 -27.65 -29.41
CA ILE I 302 -73.52 -26.31 -28.92
C ILE I 302 -72.94 -25.44 -30.02
N ASN I 303 -72.61 -26.07 -31.16
CA ASN I 303 -72.06 -25.34 -32.30
C ASN I 303 -72.97 -25.45 -33.52
N GLY I 304 -74.22 -25.85 -33.30
CA GLY I 304 -75.18 -25.96 -34.39
C GLY I 304 -75.40 -24.65 -35.09
N LYS I 305 -75.07 -23.55 -34.42
CA LYS I 305 -75.21 -22.22 -34.99
C LYS I 305 -73.87 -21.52 -35.17
N LYS I 306 -73.05 -22.07 -36.04
CA LYS I 306 -71.75 -21.47 -36.38
C LYS I 306 -71.96 -20.38 -37.44
N GLU I 307 -73.16 -20.33 -37.99
CA GLU I 307 -73.47 -19.43 -39.10
C GLU I 307 -74.34 -18.24 -38.71
N ALA I 308 -75.38 -18.52 -37.92
CA ALA I 308 -76.38 -17.50 -37.58
C ALA I 308 -75.83 -16.41 -36.65
N GLY I 309 -74.90 -16.78 -35.79
CA GLY I 309 -74.34 -15.83 -34.83
C GLY I 309 -74.64 -16.24 -33.40
N ILE I 310 -74.94 -17.52 -33.21
CA ILE I 310 -75.20 -18.05 -31.88
C ILE I 310 -74.07 -19.00 -31.49
N PRO I 311 -73.01 -18.45 -30.89
CA PRO I 311 -71.79 -19.20 -30.53
C PRO I 311 -72.10 -20.45 -29.72
N GLU I 312 -73.16 -20.43 -28.93
CA GLU I 312 -73.52 -21.56 -28.09
C GLU I 312 -74.99 -21.91 -28.20
N PHE I 313 -75.28 -23.16 -28.53
CA PHE I 313 -76.65 -23.63 -28.70
C PHE I 313 -76.99 -24.67 -27.64
N TYR I 314 -77.85 -24.29 -26.70
CA TYR I 314 -78.14 -25.14 -25.55
C TYR I 314 -79.38 -26.01 -25.72
N ASP I 315 -79.89 -26.10 -26.95
CA ASP I 315 -81.08 -26.90 -27.22
C ASP I 315 -80.81 -28.37 -26.96
N TYR I 316 -81.77 -29.06 -26.34
CA TYR I 316 -81.62 -30.46 -25.99
C TYR I 316 -80.36 -30.69 -25.16
N ASP I 317 -80.23 -29.93 -24.07
CA ASP I 317 -79.05 -30.00 -23.23
C ASP I 317 -79.24 -31.02 -22.10
N VAL I 318 -79.39 -32.29 -22.47
CA VAL I 318 -79.55 -33.36 -21.50
C VAL I 318 -78.68 -34.56 -21.86
N ALA I 319 -78.15 -35.23 -20.84
CA ALA I 319 -77.30 -36.40 -21.04
C ALA I 319 -77.31 -37.32 -19.83
N LEU I 320 -77.60 -38.60 -20.05
CA LEU I 320 -77.60 -39.59 -18.99
C LEU I 320 -76.21 -40.16 -18.78
N ILE I 321 -75.92 -40.55 -17.54
CA ILE I 321 -74.64 -41.14 -17.20
C ILE I 321 -74.81 -42.49 -16.53
N LYS I 322 -74.51 -43.56 -17.26
CA LYS I 322 -74.64 -44.91 -16.73
C LYS I 322 -73.40 -45.28 -15.91
N LEU I 323 -73.58 -45.41 -14.61
CA LEU I 323 -72.48 -45.76 -13.71
C LEU I 323 -71.96 -47.16 -14.02
N LYS I 324 -70.69 -47.39 -13.74
CA LYS I 324 -70.06 -48.67 -14.00
C LYS I 324 -70.48 -49.71 -12.97
N ASN I 325 -70.96 -49.23 -11.82
CA ASN I 325 -71.44 -50.11 -10.76
C ASN I 325 -72.88 -49.80 -10.36
N LYS I 326 -73.61 -50.82 -9.97
CA LYS I 326 -75.01 -50.67 -9.59
C LYS I 326 -75.15 -50.06 -8.19
N LEU I 327 -76.05 -49.11 -8.05
CA LEU I 327 -76.26 -48.44 -6.77
C LEU I 327 -77.32 -49.13 -5.91
N LYS I 328 -77.08 -49.15 -4.61
CA LYS I 328 -78.06 -49.67 -3.66
C LYS I 328 -78.68 -48.53 -2.86
N TYR I 329 -79.99 -48.34 -3.03
CA TYR I 329 -80.69 -47.21 -2.43
C TYR I 329 -80.59 -47.18 -0.91
N GLY I 330 -80.25 -46.01 -0.38
CA GLY I 330 -80.19 -45.81 1.06
C GLY I 330 -80.85 -44.50 1.45
N GLN I 331 -80.84 -44.19 2.74
CA GLN I 331 -81.45 -42.95 3.24
C GLN I 331 -80.83 -41.72 2.62
N THR I 332 -79.59 -41.85 2.14
CA THR I 332 -78.88 -40.72 1.53
C THR I 332 -78.73 -40.91 0.03
N ILE I 333 -79.19 -42.04 -0.49
CA ILE I 333 -79.08 -42.34 -1.91
C ILE I 333 -80.40 -42.88 -2.46
N ARG I 334 -81.26 -41.98 -2.91
CA ARG I 334 -82.56 -42.37 -3.46
C ARG I 334 -82.76 -41.69 -4.82
N PRO I 335 -83.54 -42.33 -5.71
CA PRO I 335 -83.81 -41.76 -7.03
C PRO I 335 -84.82 -40.62 -6.96
N ILE I 336 -84.80 -39.74 -7.95
CA ILE I 336 -85.80 -38.69 -8.07
C ILE I 336 -86.84 -39.13 -9.09
N CYS I 337 -88.03 -38.56 -9.02
CA CYS I 337 -89.12 -38.95 -9.91
C CYS I 337 -89.03 -38.25 -11.26
N LEU I 338 -89.21 -39.03 -12.33
CA LEU I 338 -89.19 -38.49 -13.68
C LEU I 338 -90.61 -38.41 -14.25
N PRO I 339 -90.87 -37.37 -15.07
CA PRO I 339 -92.19 -37.15 -15.67
C PRO I 339 -92.66 -38.33 -16.52
N CYS I 340 -93.97 -38.52 -16.60
CA CYS I 340 -94.56 -39.57 -17.42
C CYS I 340 -94.06 -40.96 -17.04
N THR I 341 -94.18 -41.29 -15.76
CA THR I 341 -93.79 -42.61 -15.27
C THR I 341 -94.80 -43.13 -14.27
N GLU I 342 -94.77 -44.43 -14.01
CA GLU I 342 -95.66 -45.04 -13.02
C GLU I 342 -95.37 -44.48 -11.63
N GLY I 343 -94.11 -44.18 -11.38
CA GLY I 343 -93.69 -43.63 -10.10
C GLY I 343 -94.37 -42.30 -9.81
N THR I 344 -94.31 -41.38 -10.76
CA THR I 344 -94.93 -40.07 -10.59
C THR I 344 -96.44 -40.18 -10.41
N THR I 345 -97.04 -41.17 -11.07
CA THR I 345 -98.48 -41.39 -10.98
C THR I 345 -98.90 -41.64 -9.53
N ARG I 346 -98.32 -42.68 -8.93
CA ARG I 346 -98.62 -43.02 -7.55
C ARG I 346 -98.03 -42.02 -6.56
N ALA I 347 -96.99 -41.31 -6.99
CA ALA I 347 -96.38 -40.27 -6.17
C ALA I 347 -97.35 -39.12 -5.97
N LEU I 348 -98.03 -38.73 -7.05
CA LEU I 348 -99.03 -37.67 -6.99
C LEU I 348 -100.36 -38.22 -6.52
N ARG I 349 -100.40 -39.52 -6.24
CA ARG I 349 -101.60 -40.19 -5.76
C ARG I 349 -102.75 -40.04 -6.74
N LEU I 350 -102.55 -40.53 -7.96
CA LEU I 350 -103.56 -40.45 -9.01
C LEU I 350 -103.91 -41.84 -9.53
N PRO I 351 -105.14 -42.00 -10.04
CA PRO I 351 -105.63 -43.27 -10.57
C PRO I 351 -104.70 -43.87 -11.62
N PRO I 352 -104.70 -45.20 -11.75
CA PRO I 352 -103.86 -45.93 -12.70
C PRO I 352 -104.11 -45.50 -14.15
N THR I 353 -105.20 -44.77 -14.38
CA THR I 353 -105.54 -44.33 -15.73
C THR I 353 -104.90 -43.00 -16.07
N THR I 354 -104.03 -42.51 -15.19
CA THR I 354 -103.35 -41.23 -15.39
C THR I 354 -102.51 -41.25 -16.66
N THR I 355 -102.83 -40.35 -17.58
CA THR I 355 -102.11 -40.25 -18.85
C THR I 355 -100.89 -39.33 -18.70
N CYS I 356 -100.03 -39.36 -19.72
CA CYS I 356 -98.82 -38.54 -19.71
C CYS I 356 -99.17 -37.05 -19.73
N GLN I 357 -100.29 -36.71 -20.34
CA GLN I 357 -100.72 -35.32 -20.46
C GLN I 357 -101.24 -34.79 -19.13
N GLN I 358 -101.95 -35.63 -18.39
CA GLN I 358 -102.52 -35.25 -17.10
C GLN I 358 -101.42 -34.86 -16.10
N GLN I 359 -100.27 -35.51 -16.22
CA GLN I 359 -99.15 -35.23 -15.33
C GLN I 359 -98.51 -33.87 -15.66
N LYS I 360 -98.41 -33.58 -16.96
CA LYS I 360 -97.83 -32.32 -17.41
C LYS I 360 -98.69 -31.14 -16.97
N GLU I 361 -99.98 -31.38 -16.78
CA GLU I 361 -100.90 -30.34 -16.35
C GLU I 361 -100.78 -30.09 -14.85
N GLU I 362 -100.64 -31.18 -14.09
CA GLU I 362 -100.53 -31.08 -12.64
C GLU I 362 -99.16 -30.54 -12.22
N LEU I 363 -98.11 -30.99 -12.91
CA LEU I 363 -96.76 -30.59 -12.59
C LEU I 363 -96.40 -29.23 -13.18
N LEU I 364 -96.76 -29.02 -14.44
CA LEU I 364 -96.43 -27.77 -15.12
C LEU I 364 -97.65 -27.07 -15.70
N PRO I 365 -98.53 -26.55 -14.82
CA PRO I 365 -99.71 -25.78 -15.25
C PRO I 365 -99.29 -24.46 -15.89
N ALA I 366 -100.17 -23.87 -16.68
CA ALA I 366 -99.89 -22.58 -17.31
C ALA I 366 -100.03 -21.45 -16.30
N GLN I 367 -98.98 -21.22 -15.53
CA GLN I 367 -99.01 -20.20 -14.49
C GLN I 367 -97.63 -20.03 -13.85
N ASP I 368 -97.61 -19.46 -12.65
CA ASP I 368 -96.38 -19.34 -11.87
C ASP I 368 -96.23 -20.55 -10.96
N ILE I 369 -95.33 -21.45 -11.34
CA ILE I 369 -95.18 -22.73 -10.64
C ILE I 369 -94.13 -22.67 -9.53
N LYS I 370 -94.47 -23.22 -8.37
CA LYS I 370 -93.51 -23.33 -7.27
C LYS I 370 -92.51 -24.45 -7.52
N ALA I 371 -91.26 -24.07 -7.77
CA ALA I 371 -90.20 -25.05 -8.03
C ALA I 371 -89.02 -24.83 -7.10
N LEU I 372 -87.94 -25.57 -7.33
CA LEU I 372 -86.73 -25.45 -6.52
C LEU I 372 -85.54 -26.12 -7.19
N PHE I 373 -84.35 -25.68 -6.82
CA PHE I 373 -83.12 -26.29 -7.33
C PHE I 373 -82.08 -26.38 -6.23
N VAL I 374 -81.43 -27.54 -6.13
CA VAL I 374 -80.44 -27.78 -5.09
C VAL I 374 -79.09 -27.13 -5.43
N SER I 375 -78.53 -26.41 -4.47
CA SER I 375 -77.24 -25.74 -4.65
C SER I 375 -76.34 -25.90 -3.44
N GLU I 376 -75.03 -25.92 -3.67
CA GLU I 376 -74.06 -26.08 -2.61
C GLU I 376 -73.43 -24.75 -2.23
N GLU I 377 -73.50 -24.39 -0.95
CA GLU I 377 -72.87 -23.19 -0.44
C GLU I 377 -71.90 -23.53 0.68
N GLU I 378 -70.61 -23.45 0.38
CA GLU I 378 -69.57 -23.86 1.32
C GLU I 378 -69.72 -25.34 1.67
N LYS I 379 -69.87 -26.16 0.64
CA LYS I 379 -70.01 -27.61 0.80
C LYS I 379 -71.32 -28.00 1.47
N LYS I 380 -72.30 -27.12 1.42
CA LYS I 380 -73.59 -27.37 2.06
C LYS I 380 -74.75 -27.38 1.05
N LEU I 381 -75.45 -28.50 1.00
CA LEU I 381 -76.61 -28.65 0.11
C LEU I 381 -77.82 -27.88 0.64
N THR I 382 -77.94 -26.62 0.22
CA THR I 382 -79.09 -25.81 0.63
C THR I 382 -80.14 -25.77 -0.47
N ARG I 383 -81.40 -25.65 -0.06
CA ARG I 383 -82.51 -25.61 -1.00
C ARG I 383 -82.81 -24.18 -1.45
N LYS I 384 -83.01 -24.01 -2.76
CA LYS I 384 -83.34 -22.70 -3.31
C LYS I 384 -84.68 -22.73 -4.04
N GLU I 385 -85.68 -22.09 -3.45
CA GLU I 385 -87.02 -22.07 -4.01
C GLU I 385 -87.16 -21.00 -5.10
N VAL I 386 -87.64 -21.41 -6.26
CA VAL I 386 -87.83 -20.48 -7.38
C VAL I 386 -89.23 -20.66 -7.99
N TYR I 387 -89.53 -19.84 -8.98
CA TYR I 387 -90.81 -19.91 -9.68
C TYR I 387 -90.62 -20.11 -11.17
N ILE I 388 -91.44 -20.98 -11.77
CA ILE I 388 -91.38 -21.23 -13.20
C ILE I 388 -92.37 -20.36 -13.96
N LYS I 389 -91.86 -19.56 -14.89
CA LYS I 389 -92.69 -18.67 -15.68
C LYS I 389 -93.35 -19.43 -16.82
N ASN I 390 -94.38 -20.20 -16.51
CA ASN I 390 -95.08 -20.99 -17.51
C ASN I 390 -96.39 -20.33 -17.95
N GLY I 391 -96.74 -19.23 -17.29
CA GLY I 391 -97.96 -18.51 -17.58
C GLY I 391 -97.77 -17.48 -18.68
N ASP I 392 -98.45 -16.35 -18.56
CA ASP I 392 -98.37 -15.30 -19.56
C ASP I 392 -97.03 -14.57 -19.50
N LYS I 393 -96.42 -14.56 -18.31
CA LYS I 393 -95.13 -13.91 -18.11
C LYS I 393 -94.00 -14.74 -18.72
N LYS I 394 -94.36 -15.85 -19.34
CA LYS I 394 -93.38 -16.73 -19.99
C LYS I 394 -92.62 -15.97 -21.06
N GLY I 395 -93.32 -15.12 -21.80
CA GLY I 395 -92.71 -14.33 -22.85
C GLY I 395 -91.81 -13.24 -22.31
N SER I 396 -92.30 -12.52 -21.30
CA SER I 396 -91.55 -11.43 -20.69
C SER I 396 -90.27 -11.94 -20.05
N CYS I 397 -90.27 -13.21 -19.67
CA CYS I 397 -89.12 -13.83 -19.01
C CYS I 397 -88.11 -14.37 -20.02
N GLU I 398 -88.61 -14.98 -21.08
CA GLU I 398 -87.76 -15.58 -22.10
C GLU I 398 -87.10 -14.55 -23.01
N ARG I 399 -87.75 -13.39 -23.15
CA ARG I 399 -87.22 -12.33 -24.01
C ARG I 399 -86.04 -11.62 -23.36
N ASP I 400 -85.76 -11.94 -22.10
CA ASP I 400 -84.63 -11.35 -21.39
C ASP I 400 -83.32 -12.05 -21.74
N ALA I 401 -83.40 -12.98 -22.70
CA ALA I 401 -82.21 -13.71 -23.14
C ALA I 401 -81.37 -12.86 -24.08
N GLN I 402 -81.85 -11.66 -24.39
CA GLN I 402 -81.13 -10.75 -25.27
C GLN I 402 -80.00 -10.04 -24.53
N TYR I 403 -79.89 -10.32 -23.23
CA TYR I 403 -78.84 -9.73 -22.41
C TYR I 403 -77.71 -10.71 -22.16
N ALA I 404 -77.93 -11.97 -22.52
CA ALA I 404 -76.93 -13.02 -22.31
C ALA I 404 -75.67 -12.76 -23.13
N PRO I 405 -74.51 -13.15 -22.60
CA PRO I 405 -73.23 -13.00 -23.28
C PRO I 405 -73.22 -13.73 -24.62
N GLY I 406 -72.83 -13.05 -25.68
CA GLY I 406 -72.82 -13.64 -27.01
C GLY I 406 -74.22 -13.90 -27.53
N TYR I 407 -75.17 -13.11 -27.05
CA TYR I 407 -76.56 -13.26 -27.44
C TYR I 407 -77.20 -11.92 -27.82
N ASP I 408 -76.35 -10.95 -28.15
CA ASP I 408 -76.83 -9.62 -28.53
C ASP I 408 -77.30 -9.59 -29.98
N LYS I 409 -76.40 -9.94 -30.90
CA LYS I 409 -76.74 -9.96 -32.31
C LYS I 409 -77.47 -11.25 -32.69
N VAL I 410 -78.70 -11.38 -32.21
CA VAL I 410 -79.50 -12.57 -32.49
C VAL I 410 -80.75 -12.22 -33.30
N LYS I 411 -80.90 -12.87 -34.45
CA LYS I 411 -82.03 -12.65 -35.34
C LYS I 411 -83.35 -12.76 -34.59
N ASP I 412 -83.56 -13.91 -33.96
CA ASP I 412 -84.81 -14.20 -33.26
C ASP I 412 -84.54 -14.87 -31.93
N ILE I 413 -85.38 -14.59 -30.94
CA ILE I 413 -85.20 -15.16 -29.61
C ILE I 413 -85.78 -16.58 -29.53
N SER I 414 -86.69 -16.89 -30.44
CA SER I 414 -87.27 -18.22 -30.51
C SER I 414 -86.31 -19.18 -31.19
N GLU I 415 -85.13 -18.68 -31.52
CA GLU I 415 -84.09 -19.48 -32.15
C GLU I 415 -83.12 -20.02 -31.11
N VAL I 416 -82.90 -19.25 -30.05
CA VAL I 416 -82.00 -19.66 -28.98
C VAL I 416 -82.78 -20.23 -27.80
N VAL I 417 -83.99 -19.72 -27.59
CA VAL I 417 -84.85 -20.21 -26.51
C VAL I 417 -85.93 -21.12 -27.09
N THR I 418 -85.58 -22.37 -27.32
CA THR I 418 -86.51 -23.34 -27.89
C THR I 418 -87.53 -23.80 -26.86
N PRO I 419 -88.69 -24.28 -27.32
CA PRO I 419 -89.74 -24.82 -26.44
C PRO I 419 -89.21 -25.87 -25.47
N ARG I 420 -88.00 -26.37 -25.71
CA ARG I 420 -87.36 -27.32 -24.82
C ARG I 420 -86.83 -26.64 -23.56
N PHE I 421 -87.29 -25.42 -23.30
CA PHE I 421 -86.77 -24.64 -22.18
C PHE I 421 -87.84 -24.11 -21.24
N LEU I 422 -87.55 -24.17 -19.95
CA LEU I 422 -88.38 -23.53 -18.93
C LEU I 422 -87.64 -22.29 -18.43
N CYS I 423 -88.37 -21.34 -17.88
CA CYS I 423 -87.77 -20.08 -17.45
C CYS I 423 -88.03 -19.77 -15.98
N THR I 424 -86.98 -19.37 -15.27
CA THR I 424 -87.09 -18.98 -13.87
C THR I 424 -86.29 -17.70 -13.61
N GLY I 425 -86.17 -17.33 -12.34
CA GLY I 425 -85.43 -16.14 -11.96
C GLY I 425 -86.22 -14.86 -12.19
N GLY I 426 -85.61 -13.73 -11.89
CA GLY I 426 -86.25 -12.44 -12.05
C GLY I 426 -86.67 -11.82 -10.74
N VAL I 427 -87.62 -10.90 -10.78
CA VAL I 427 -88.12 -10.23 -9.59
C VAL I 427 -89.64 -10.30 -9.50
N SER I 428 -90.24 -11.09 -10.37
CA SER I 428 -91.69 -11.26 -10.38
C SER I 428 -92.07 -12.72 -10.64
N PRO I 429 -93.06 -13.23 -9.90
CA PRO I 429 -93.79 -12.47 -8.89
C PRO I 429 -92.99 -12.31 -7.60
N TYR I 430 -91.86 -13.00 -7.50
CA TYR I 430 -91.00 -12.92 -6.34
C TYR I 430 -89.53 -12.88 -6.76
N ALA I 431 -88.68 -12.40 -5.86
CA ALA I 431 -87.25 -12.34 -6.12
C ALA I 431 -86.64 -13.74 -6.07
N ASP I 432 -86.64 -14.42 -7.22
CA ASP I 432 -86.14 -15.79 -7.31
C ASP I 432 -84.61 -15.82 -7.30
N PRO I 433 -84.04 -16.76 -6.52
CA PRO I 433 -82.59 -16.99 -6.48
C PRO I 433 -82.06 -17.38 -7.86
N ASN I 434 -80.75 -17.35 -8.03
CA ASN I 434 -80.14 -17.70 -9.30
C ASN I 434 -79.18 -18.87 -9.20
N THR I 435 -78.97 -19.56 -10.31
CA THR I 435 -78.10 -20.73 -10.35
C THR I 435 -76.67 -20.34 -10.74
N CYS I 436 -75.70 -20.94 -10.06
CA CYS I 436 -74.29 -20.68 -10.35
C CYS I 436 -73.71 -21.80 -11.21
N ARG I 437 -72.48 -21.59 -11.68
CA ARG I 437 -71.81 -22.58 -12.54
C ARG I 437 -71.76 -23.97 -11.92
N GLY I 438 -71.49 -24.03 -10.62
CA GLY I 438 -71.42 -25.30 -9.92
C GLY I 438 -72.76 -26.02 -9.90
N ASP I 439 -73.84 -25.26 -9.91
CA ASP I 439 -75.18 -25.82 -9.86
C ASP I 439 -75.63 -26.39 -11.21
N SER I 440 -74.84 -26.13 -12.24
CA SER I 440 -75.15 -26.60 -13.58
C SER I 440 -75.42 -28.10 -13.60
N GLY I 441 -76.52 -28.49 -14.23
CA GLY I 441 -76.91 -29.89 -14.28
C GLY I 441 -77.86 -30.24 -13.14
N GLY I 442 -78.16 -29.25 -12.31
CA GLY I 442 -79.05 -29.44 -11.18
C GLY I 442 -80.48 -29.69 -11.60
N PRO I 443 -81.23 -30.45 -10.80
CA PRO I 443 -82.63 -30.80 -11.10
C PRO I 443 -83.59 -29.66 -10.76
N LEU I 444 -84.58 -29.45 -11.61
CA LEU I 444 -85.65 -28.49 -11.33
C LEU I 444 -86.85 -29.25 -10.79
N ILE I 445 -87.07 -29.18 -9.49
CA ILE I 445 -88.07 -30.01 -8.83
C ILE I 445 -89.32 -29.24 -8.42
N VAL I 446 -90.46 -29.91 -8.48
CA VAL I 446 -91.73 -29.33 -8.05
C VAL I 446 -92.27 -30.08 -6.85
N HIS I 447 -92.06 -29.53 -5.66
CA HIS I 447 -92.49 -30.17 -4.42
C HIS I 447 -94.01 -30.27 -4.33
N LYS I 448 -94.53 -31.48 -4.49
CA LYS I 448 -95.97 -31.72 -4.45
C LYS I 448 -96.29 -33.03 -3.74
N ARG I 449 -97.24 -32.98 -2.81
CA ARG I 449 -97.70 -34.16 -2.10
C ARG I 449 -96.58 -34.86 -1.34
N SER I 450 -95.75 -34.05 -0.67
CA SER I 450 -94.64 -34.57 0.14
C SER I 450 -93.60 -35.31 -0.71
N ARG I 451 -93.80 -35.33 -2.02
CA ARG I 451 -92.88 -35.99 -2.93
C ARG I 451 -92.14 -34.97 -3.78
N PHE I 452 -91.10 -35.42 -4.48
CA PHE I 452 -90.30 -34.54 -5.31
C PHE I 452 -90.22 -35.05 -6.75
N ILE I 453 -90.70 -34.23 -7.68
CA ILE I 453 -90.71 -34.60 -9.09
C ILE I 453 -89.85 -33.65 -9.90
N GLN I 454 -88.90 -34.22 -10.65
CA GLN I 454 -88.03 -33.42 -11.51
C GLN I 454 -88.71 -33.11 -12.83
N VAL I 455 -88.71 -31.84 -13.21
CA VAL I 455 -89.36 -31.41 -14.44
C VAL I 455 -88.45 -30.54 -15.30
N GLY I 456 -87.20 -30.41 -14.89
CA GLY I 456 -86.24 -29.59 -15.62
C GLY I 456 -84.80 -29.89 -15.27
N VAL I 457 -83.89 -29.44 -16.12
CA VAL I 457 -82.46 -29.63 -15.90
C VAL I 457 -81.71 -28.34 -16.19
N ILE I 458 -81.09 -27.78 -15.15
CA ILE I 458 -80.35 -26.53 -15.29
C ILE I 458 -79.43 -26.55 -16.50
N SER I 459 -79.69 -25.65 -17.44
CA SER I 459 -78.94 -25.60 -18.69
C SER I 459 -78.01 -24.40 -18.76
N TRP I 460 -78.56 -23.21 -18.61
CA TRP I 460 -77.78 -21.98 -18.68
C TRP I 460 -78.52 -20.78 -18.10
N GLY I 461 -77.84 -19.65 -17.99
CA GLY I 461 -78.43 -18.45 -17.46
C GLY I 461 -78.03 -17.21 -18.25
N VAL I 462 -78.66 -16.08 -17.93
CA VAL I 462 -78.37 -14.83 -18.62
C VAL I 462 -77.23 -14.07 -17.94
N VAL I 463 -77.32 -13.92 -16.63
CA VAL I 463 -76.30 -13.21 -15.86
C VAL I 463 -75.69 -14.11 -14.79
N ASP I 464 -74.37 -14.04 -14.66
CA ASP I 464 -73.66 -14.82 -13.65
C ASP I 464 -73.61 -14.06 -12.33
N VAL I 465 -74.77 -13.87 -11.71
CA VAL I 465 -74.85 -13.20 -10.41
C VAL I 465 -73.97 -13.95 -9.42
N CYS I 466 -73.73 -15.22 -9.69
CA CYS I 466 -72.82 -16.02 -8.88
C CYS I 466 -71.39 -15.80 -9.35
N LYS I 467 -70.95 -14.55 -9.30
CA LYS I 467 -69.60 -14.15 -9.70
C LYS I 467 -68.62 -15.33 -9.73
N ASN I 468 -67.91 -15.51 -8.62
CA ASN I 468 -67.01 -16.64 -8.43
C ASN I 468 -66.93 -16.99 -6.95
N GLN I 469 -67.60 -18.08 -6.59
CA GLN I 469 -67.68 -18.53 -5.19
C GLN I 469 -68.51 -17.57 -4.32
N LYS I 470 -69.27 -16.71 -4.98
CA LYS I 470 -70.22 -15.82 -4.31
C LYS I 470 -71.46 -15.59 -5.17
N ARG I 471 -72.51 -15.06 -4.58
CA ARG I 471 -73.75 -14.77 -5.30
C ARG I 471 -74.67 -13.85 -4.51
N GLN I 472 -74.85 -12.62 -4.98
CA GLN I 472 -75.77 -11.67 -4.36
C GLN I 472 -75.47 -10.24 -4.76
N LYS I 473 -75.64 -9.32 -3.81
CA LYS I 473 -75.33 -7.91 -4.01
C LYS I 473 -76.34 -7.19 -4.91
N GLN I 474 -76.03 -7.11 -6.19
CA GLN I 474 -76.90 -6.41 -7.13
C GLN I 474 -77.27 -7.28 -8.33
N VAL I 475 -78.40 -7.98 -8.21
CA VAL I 475 -78.87 -8.86 -9.28
C VAL I 475 -79.78 -8.13 -10.25
N PRO I 476 -79.49 -8.25 -11.55
CA PRO I 476 -80.31 -7.63 -12.61
C PRO I 476 -81.70 -8.24 -12.65
N ALA I 477 -82.66 -7.47 -13.16
CA ALA I 477 -84.04 -7.95 -13.27
C ALA I 477 -84.17 -8.93 -14.43
N HIS I 478 -83.24 -8.87 -15.37
CA HIS I 478 -83.24 -9.75 -16.52
C HIS I 478 -82.42 -11.01 -16.28
N ALA I 479 -82.01 -11.20 -15.02
CA ALA I 479 -81.26 -12.39 -14.64
C ALA I 479 -82.16 -13.61 -14.64
N ARG I 480 -82.28 -14.26 -15.80
CA ARG I 480 -83.16 -15.40 -15.95
C ARG I 480 -82.39 -16.71 -16.05
N ASP I 481 -83.02 -17.80 -15.61
CA ASP I 481 -82.42 -19.11 -15.68
C ASP I 481 -83.25 -20.03 -16.58
N PHE I 482 -82.57 -20.77 -17.46
CA PHE I 482 -83.24 -21.67 -18.38
C PHE I 482 -82.92 -23.14 -18.09
N HIS I 483 -83.94 -23.97 -18.10
CA HIS I 483 -83.77 -25.39 -17.82
C HIS I 483 -84.44 -26.24 -18.90
N ILE I 484 -83.84 -27.39 -19.20
CA ILE I 484 -84.38 -28.28 -20.22
C ILE I 484 -85.58 -29.05 -19.71
N ASN I 485 -86.76 -28.75 -20.25
CA ASN I 485 -87.99 -29.41 -19.85
C ASN I 485 -87.94 -30.91 -20.15
N LEU I 486 -88.15 -31.73 -19.12
CA LEU I 486 -88.07 -33.18 -19.26
C LEU I 486 -89.22 -33.75 -20.08
N PHE I 487 -90.25 -32.95 -20.30
CA PHE I 487 -91.39 -33.37 -21.12
C PHE I 487 -91.07 -33.25 -22.60
N GLN I 488 -90.09 -32.40 -22.92
CA GLN I 488 -89.72 -32.14 -24.31
C GLN I 488 -88.69 -33.16 -24.79
N VAL I 489 -88.13 -33.94 -23.87
CA VAL I 489 -87.16 -34.96 -24.22
C VAL I 489 -87.61 -36.33 -23.71
N LEU I 490 -88.91 -36.50 -23.56
CA LEU I 490 -89.49 -37.76 -23.09
C LEU I 490 -89.08 -38.96 -23.92
N PRO I 491 -89.24 -38.88 -25.26
CA PRO I 491 -88.90 -40.00 -26.12
C PRO I 491 -87.48 -40.50 -25.92
N TRP I 492 -86.57 -39.61 -25.54
CA TRP I 492 -85.17 -39.98 -25.34
C TRP I 492 -84.98 -40.73 -24.02
N LEU I 493 -85.44 -40.14 -22.93
CA LEU I 493 -85.36 -40.79 -21.62
C LEU I 493 -86.14 -42.10 -21.65
N LYS I 494 -87.14 -42.16 -22.50
CA LYS I 494 -87.98 -43.35 -22.65
C LYS I 494 -87.24 -44.43 -23.42
N GLU I 495 -86.15 -44.05 -24.08
CA GLU I 495 -85.37 -44.98 -24.89
C GLU I 495 -84.21 -45.58 -24.11
N LYS I 496 -83.46 -44.74 -23.42
CA LYS I 496 -82.26 -45.18 -22.71
C LYS I 496 -82.60 -45.87 -21.40
N LEU I 497 -83.61 -45.35 -20.70
CA LEU I 497 -84.01 -45.89 -19.41
C LEU I 497 -85.11 -46.94 -19.55
N GLN I 498 -85.09 -47.67 -20.66
CA GLN I 498 -86.12 -48.67 -20.94
C GLN I 498 -85.96 -49.92 -20.07
N ASP I 499 -84.73 -50.28 -19.76
CA ASP I 499 -84.45 -51.48 -18.98
C ASP I 499 -84.21 -51.15 -17.50
N GLU I 500 -84.44 -49.90 -17.12
CA GLU I 500 -84.25 -49.48 -15.74
C GLU I 500 -85.50 -49.77 -14.91
N ASP I 501 -86.51 -50.35 -15.55
CA ASP I 501 -87.75 -50.71 -14.88
C ASP I 501 -88.34 -49.53 -14.11
N LEU I 502 -88.52 -48.41 -14.81
CA LEU I 502 -89.10 -47.22 -14.22
C LEU I 502 -90.62 -47.21 -14.41
N GLY I 503 -91.05 -47.59 -15.61
CA GLY I 503 -92.47 -47.67 -15.92
C GLY I 503 -93.00 -46.46 -16.66
N PHE I 504 -92.24 -45.98 -17.64
CA PHE I 504 -92.68 -44.86 -18.46
C PHE I 504 -94.02 -45.18 -19.12
N LEU I 505 -94.79 -44.13 -19.39
CA LEU I 505 -96.09 -44.30 -20.04
C LEU I 505 -95.92 -44.42 -21.54
N ALA I 506 -96.38 -45.54 -22.09
CA ALA I 506 -96.29 -45.79 -23.53
C ALA I 506 -96.95 -44.66 -24.33
N ALA I 507 -97.83 -43.92 -23.66
CA ALA I 507 -98.50 -42.79 -24.28
C ALA I 507 -97.52 -41.64 -24.54
N LYS J 1 63.41 43.85 -70.33
CA LYS J 1 63.10 42.43 -70.15
C LYS J 1 63.04 41.70 -71.49
N ILE J 2 62.61 42.42 -72.53
CA ILE J 2 62.53 41.90 -73.89
C ILE J 2 61.65 42.80 -74.75
N VAL J 3 62.15 43.98 -75.08
CA VAL J 3 61.39 44.94 -75.86
C VAL J 3 60.73 44.27 -77.07
N LEU J 4 59.57 44.77 -77.46
CA LEU J 4 58.79 44.14 -78.53
C LEU J 4 58.18 45.18 -79.44
N ASP J 5 58.88 45.50 -80.53
CA ASP J 5 58.41 46.51 -81.47
C ASP J 5 59.22 46.52 -82.78
N PRO J 6 58.53 46.73 -83.91
CA PRO J 6 59.16 46.83 -85.23
C PRO J 6 60.01 48.09 -85.37
N SER J 7 59.96 48.96 -84.35
CA SER J 7 60.74 50.19 -84.36
C SER J 7 62.23 49.90 -84.22
N GLY J 8 62.58 48.62 -84.23
CA GLY J 8 63.96 48.20 -84.13
C GLY J 8 64.11 46.71 -84.36
N SER J 9 65.18 46.33 -85.05
CA SER J 9 65.43 44.93 -85.35
C SER J 9 65.81 44.15 -84.09
N MET J 10 65.50 42.85 -84.09
CA MET J 10 65.79 42.00 -82.95
C MET J 10 66.38 40.67 -83.39
N ASN J 11 66.93 39.92 -82.45
CA ASN J 11 67.53 38.62 -82.73
C ASN J 11 67.18 37.57 -81.69
N ILE J 12 66.83 36.38 -82.14
CA ILE J 12 66.50 35.27 -81.25
C ILE J 12 67.37 34.06 -81.53
N TYR J 13 68.42 33.90 -80.72
CA TYR J 13 69.35 32.79 -80.88
C TYR J 13 68.87 31.55 -80.15
N LEU J 14 68.27 30.62 -80.88
CA LEU J 14 67.73 29.40 -80.29
C LEU J 14 68.78 28.29 -80.26
N VAL J 15 69.33 28.05 -79.08
CA VAL J 15 70.30 26.97 -78.89
C VAL J 15 69.65 25.80 -78.18
N LEU J 16 69.78 24.61 -78.75
CA LEU J 16 69.15 23.42 -78.18
C LEU J 16 70.16 22.29 -77.94
N ASP J 17 70.05 21.67 -76.78
CA ASP J 17 70.95 20.57 -76.42
C ASP J 17 70.37 19.23 -76.88
N GLY J 18 71.20 18.43 -77.54
CA GLY J 18 70.74 17.16 -78.07
C GLY J 18 71.59 15.98 -77.65
N SER J 19 72.22 16.05 -76.48
CA SER J 19 73.04 14.93 -76.03
C SER J 19 72.17 13.95 -75.25
N ASP J 20 72.77 12.83 -74.84
CA ASP J 20 72.03 11.76 -74.20
C ASP J 20 71.32 12.17 -72.90
N SER J 21 71.88 13.12 -72.17
CA SER J 21 71.32 13.52 -70.89
C SER J 21 69.95 14.19 -71.04
N ILE J 22 69.62 14.59 -72.25
CA ILE J 22 68.34 15.23 -72.52
C ILE J 22 67.24 14.19 -72.67
N GLY J 23 67.46 13.24 -73.58
CA GLY J 23 66.48 12.21 -73.85
C GLY J 23 65.48 12.64 -74.90
N ALA J 24 64.86 11.66 -75.56
CA ALA J 24 63.90 11.95 -76.62
C ALA J 24 62.61 12.56 -76.07
N SER J 25 62.30 12.25 -74.81
CA SER J 25 61.06 12.70 -74.21
C SER J 25 61.09 14.20 -73.87
N ASN J 26 62.30 14.74 -73.68
CA ASN J 26 62.44 16.15 -73.34
C ASN J 26 63.00 17.00 -74.49
N PHE J 27 63.66 16.36 -75.44
CA PHE J 27 64.18 17.06 -76.60
C PHE J 27 63.03 17.41 -77.55
N THR J 28 62.09 16.48 -77.68
CA THR J 28 60.90 16.71 -78.50
C THR J 28 60.04 17.79 -77.86
N GLY J 29 59.97 17.77 -76.53
CA GLY J 29 59.24 18.79 -75.80
C GLY J 29 60.00 20.09 -75.76
N ALA J 30 61.31 20.02 -76.01
CA ALA J 30 62.14 21.21 -76.04
C ALA J 30 61.90 22.01 -77.32
N LYS J 31 61.52 21.31 -78.38
CA LYS J 31 61.20 21.95 -79.64
C LYS J 31 59.85 22.65 -79.55
N LYS J 32 58.87 21.98 -78.93
CA LYS J 32 57.56 22.56 -78.70
C LYS J 32 57.70 23.89 -77.98
N CYS J 33 58.68 23.98 -77.08
CA CYS J 33 58.96 25.21 -76.35
C CYS J 33 59.91 26.09 -77.13
N LEU J 34 59.64 26.24 -78.42
CA LEU J 34 60.38 27.13 -79.30
C LEU J 34 59.51 27.39 -80.52
N VAL J 35 58.80 26.35 -80.93
CA VAL J 35 57.84 26.44 -82.02
C VAL J 35 56.69 27.36 -81.63
N ASN J 36 56.08 27.06 -80.48
CA ASN J 36 54.98 27.87 -79.98
C ASN J 36 55.42 29.29 -79.64
N LEU J 37 56.71 29.44 -79.32
CA LEU J 37 57.26 30.75 -79.03
C LEU J 37 57.29 31.62 -80.28
N ILE J 38 57.87 31.09 -81.36
CA ILE J 38 57.95 31.80 -82.62
C ILE J 38 56.57 32.27 -83.08
N GLU J 39 55.56 31.45 -82.83
CA GLU J 39 54.19 31.78 -83.20
C GLU J 39 53.66 32.95 -82.36
N LYS J 40 53.94 32.91 -81.06
CA LYS J 40 53.47 33.95 -80.15
C LYS J 40 54.31 35.22 -80.29
N VAL J 41 55.48 35.07 -80.91
CA VAL J 41 56.36 36.21 -81.16
C VAL J 41 55.99 36.89 -82.47
N ALA J 42 55.65 36.07 -83.48
CA ALA J 42 55.26 36.59 -84.78
C ALA J 42 53.84 37.14 -84.74
N SER J 43 53.05 36.67 -83.77
CA SER J 43 51.69 37.15 -83.61
C SER J 43 51.67 38.62 -83.23
N TYR J 44 52.76 39.08 -82.63
CA TYR J 44 52.89 40.48 -82.23
C TYR J 44 53.32 41.35 -83.42
N GLY J 45 53.80 40.72 -84.48
CA GLY J 45 54.16 41.44 -85.68
C GLY J 45 55.65 41.60 -85.89
N VAL J 46 56.41 41.54 -84.80
CA VAL J 46 57.86 41.70 -84.87
C VAL J 46 58.50 40.65 -85.77
N LYS J 47 59.58 41.04 -86.45
CA LYS J 47 60.26 40.15 -87.38
C LYS J 47 61.73 39.98 -87.00
N PRO J 48 62.01 39.08 -86.05
CA PRO J 48 63.37 38.82 -85.56
C PRO J 48 64.19 37.98 -86.54
N ARG J 49 65.50 38.20 -86.57
CA ARG J 49 66.39 37.38 -87.38
C ARG J 49 66.76 36.11 -86.61
N TYR J 50 65.92 35.10 -86.74
CA TYR J 50 66.08 33.86 -85.98
C TYR J 50 67.42 33.16 -86.24
N GLY J 51 67.96 32.55 -85.20
CA GLY J 51 69.14 31.72 -85.31
C GLY J 51 68.90 30.39 -84.62
N LEU J 52 69.23 29.30 -85.29
CA LEU J 52 68.95 27.97 -84.77
C LEU J 52 70.18 27.07 -84.83
N VAL J 53 70.67 26.68 -83.65
CA VAL J 53 71.86 25.83 -83.57
C VAL J 53 71.70 24.71 -82.55
N THR J 54 71.61 23.48 -83.04
CA THR J 54 71.57 22.31 -82.17
C THR J 54 72.99 21.84 -81.89
N TYR J 55 73.30 21.60 -80.62
CA TYR J 55 74.67 21.26 -80.25
C TYR J 55 74.76 20.02 -79.35
N ALA J 56 75.93 19.39 -79.38
CA ALA J 56 76.24 18.27 -78.51
C ALA J 56 77.73 18.34 -78.18
N THR J 57 78.56 17.83 -79.08
CA THR J 57 80.00 18.01 -78.98
C THR J 57 80.43 18.98 -80.07
N TYR J 58 79.69 18.98 -81.17
CA TYR J 58 79.90 19.94 -82.25
C TYR J 58 78.54 20.44 -82.73
N PRO J 59 78.31 21.75 -82.55
CA PRO J 59 77.03 22.37 -82.92
C PRO J 59 76.72 22.20 -84.40
N LYS J 60 75.47 22.44 -84.78
CA LYS J 60 75.05 22.34 -86.17
C LYS J 60 74.20 23.55 -86.55
N ILE J 61 74.80 24.50 -87.25
CA ILE J 61 74.09 25.72 -87.62
C ILE J 61 73.00 25.45 -88.65
N TRP J 62 71.76 25.47 -88.20
CA TRP J 62 70.61 25.30 -89.08
C TRP J 62 70.28 26.61 -89.78
N VAL J 63 70.08 27.65 -88.99
CA VAL J 63 69.72 28.97 -89.52
C VAL J 63 70.69 30.04 -89.03
N LYS J 64 71.17 30.86 -89.96
CA LYS J 64 72.07 31.95 -89.62
C LYS J 64 71.31 33.27 -89.54
N VAL J 65 71.74 34.15 -88.64
CA VAL J 65 71.09 35.45 -88.47
C VAL J 65 71.54 36.45 -89.53
N SER J 66 72.08 35.93 -90.63
CA SER J 66 72.55 36.78 -91.72
C SER J 66 71.82 36.46 -93.02
N GLU J 67 71.22 35.28 -93.08
CA GLU J 67 70.49 34.86 -94.27
C GLU J 67 69.28 35.74 -94.53
N ALA J 68 68.70 35.60 -95.72
CA ALA J 68 67.52 36.39 -96.09
C ALA J 68 66.23 35.67 -95.69
N ASP J 69 66.36 34.41 -95.31
CA ASP J 69 65.22 33.60 -94.89
C ASP J 69 65.13 33.50 -93.38
N SER J 70 66.02 34.19 -92.69
CA SER J 70 66.07 34.14 -91.23
C SER J 70 64.97 35.00 -90.60
N SER J 71 64.10 35.54 -91.43
CA SER J 71 63.01 36.39 -90.95
C SER J 71 61.64 35.80 -91.29
N ASN J 72 61.64 34.65 -91.95
CA ASN J 72 60.40 33.96 -92.30
C ASN J 72 60.07 32.87 -91.29
N ALA J 73 59.25 33.21 -90.30
CA ALA J 73 58.90 32.30 -89.22
C ALA J 73 58.43 30.94 -89.74
N ASP J 74 57.62 30.96 -90.80
CA ASP J 74 57.08 29.74 -91.37
C ASP J 74 58.18 28.77 -91.78
N TRP J 75 59.31 29.30 -92.20
CA TRP J 75 60.44 28.47 -92.62
C TRP J 75 61.29 28.04 -91.44
N VAL J 76 61.57 28.97 -90.54
CA VAL J 76 62.34 28.67 -89.34
C VAL J 76 61.65 27.58 -88.53
N THR J 77 60.32 27.63 -88.49
CA THR J 77 59.53 26.62 -87.81
C THR J 77 59.69 25.28 -88.50
N LYS J 78 59.70 25.29 -89.83
CA LYS J 78 59.90 24.08 -90.61
C LYS J 78 61.21 23.40 -90.25
N GLN J 79 62.28 24.18 -90.23
CA GLN J 79 63.61 23.68 -89.88
C GLN J 79 63.59 23.08 -88.47
N LEU J 80 63.18 23.88 -87.50
CA LEU J 80 63.11 23.44 -86.11
C LEU J 80 62.23 22.20 -85.96
N ASN J 81 61.10 22.20 -86.65
CA ASN J 81 60.17 21.08 -86.58
C ASN J 81 60.76 19.82 -87.20
N GLU J 82 61.61 20.00 -88.20
CA GLU J 82 62.24 18.88 -88.89
C GLU J 82 63.47 18.39 -88.14
N ILE J 83 63.99 19.22 -87.24
CA ILE J 83 65.16 18.85 -86.44
C ILE J 83 64.91 17.55 -85.68
N ASN J 84 65.53 16.48 -86.14
CA ASN J 84 65.39 15.18 -85.50
C ASN J 84 66.40 15.00 -84.38
N TYR J 85 65.95 14.47 -83.25
CA TYR J 85 66.79 14.28 -82.07
C TYR J 85 68.15 13.69 -82.42
N GLU J 86 68.13 12.52 -83.07
CA GLU J 86 69.33 11.74 -83.29
C GLU J 86 70.23 12.29 -84.40
N ASP J 87 70.13 13.59 -84.68
CA ASP J 87 70.93 14.19 -85.73
C ASP J 87 72.41 13.96 -85.47
N HIS J 88 72.82 14.10 -84.20
CA HIS J 88 74.13 13.64 -83.77
C HIS J 88 74.05 12.83 -82.48
N LYS J 89 74.15 11.51 -82.64
CA LYS J 89 74.03 10.58 -81.52
C LYS J 89 75.39 10.03 -81.13
N LEU J 90 76.37 10.18 -82.02
CA LEU J 90 77.72 9.68 -81.78
C LEU J 90 78.43 10.46 -80.68
N LYS J 91 78.35 11.79 -80.75
CA LYS J 91 79.05 12.65 -79.81
C LYS J 91 78.11 13.18 -78.73
N SER J 92 77.75 12.31 -77.79
CA SER J 92 76.81 12.67 -76.74
C SER J 92 77.41 13.68 -75.76
N GLY J 93 78.61 14.16 -76.06
CA GLY J 93 79.23 15.18 -75.23
C GLY J 93 78.33 16.41 -75.13
N THR J 94 78.62 17.27 -74.17
CA THR J 94 77.81 18.47 -73.98
C THR J 94 78.67 19.73 -73.93
N ASN J 95 79.34 20.00 -75.04
CA ASN J 95 80.18 21.19 -75.17
C ASN J 95 79.34 22.45 -75.41
N THR J 96 78.95 23.10 -74.33
CA THR J 96 78.14 24.31 -74.41
C THR J 96 78.98 25.52 -74.81
N LYS J 97 80.20 25.58 -74.30
CA LYS J 97 81.12 26.67 -74.63
C LYS J 97 81.28 26.80 -76.12
N LYS J 98 81.29 25.67 -76.82
CA LYS J 98 81.44 25.65 -78.27
C LYS J 98 80.19 26.20 -78.95
N ALA J 99 79.02 25.84 -78.43
CA ALA J 99 77.75 26.30 -78.98
C ALA J 99 77.65 27.82 -78.91
N LEU J 100 77.91 28.36 -77.72
CA LEU J 100 77.89 29.82 -77.52
C LEU J 100 79.04 30.47 -78.29
N GLN J 101 80.11 29.73 -78.49
CA GLN J 101 81.25 30.21 -79.26
C GLN J 101 80.83 30.49 -80.70
N ALA J 102 79.90 29.68 -81.19
CA ALA J 102 79.38 29.85 -82.55
C ALA J 102 78.41 31.02 -82.60
N VAL J 103 77.60 31.17 -81.56
CA VAL J 103 76.65 32.27 -81.46
C VAL J 103 77.38 33.61 -81.52
N TYR J 104 78.61 33.63 -81.00
CA TYR J 104 79.42 34.84 -81.01
C TYR J 104 79.63 35.33 -82.44
N SER J 105 79.81 34.39 -83.37
CA SER J 105 80.04 34.74 -84.77
C SER J 105 78.77 35.29 -85.41
N MET J 106 77.62 34.78 -84.98
CA MET J 106 76.34 35.25 -85.50
C MET J 106 76.23 36.76 -85.40
N MET J 107 76.69 37.31 -84.27
CA MET J 107 76.63 38.74 -84.04
C MET J 107 77.97 39.41 -84.34
N SER J 108 79.01 38.59 -84.49
CA SER J 108 80.34 39.10 -84.81
C SER J 108 80.40 39.67 -86.22
N TRP J 109 80.27 40.99 -86.32
CA TRP J 109 80.31 41.67 -87.61
C TRP J 109 81.65 41.45 -88.29
N PRO J 110 81.65 41.46 -89.63
CA PRO J 110 82.84 41.24 -90.46
C PRO J 110 83.92 42.32 -90.29
N ASP J 111 84.76 42.15 -89.27
CA ASP J 111 85.96 42.94 -89.10
C ASP J 111 85.76 44.41 -88.70
N ASP J 112 86.59 45.26 -89.30
CA ASP J 112 86.70 46.66 -88.91
C ASP J 112 85.50 47.53 -89.20
N VAL J 113 84.36 46.94 -89.52
CA VAL J 113 83.21 47.76 -89.88
C VAL J 113 81.94 47.39 -89.12
N PRO J 114 81.45 48.32 -88.27
CA PRO J 114 80.17 48.18 -87.58
C PRO J 114 79.03 48.43 -88.55
N PRO J 115 78.14 47.42 -88.74
CA PRO J 115 77.02 47.52 -89.68
C PRO J 115 76.11 48.71 -89.37
N GLU J 116 75.15 48.96 -90.25
CA GLU J 116 74.20 50.05 -90.05
C GLU J 116 73.47 49.93 -88.72
N GLY J 117 73.54 50.98 -87.91
CA GLY J 117 72.85 51.03 -86.63
C GLY J 117 72.78 49.68 -85.94
N TRP J 118 73.94 49.03 -85.82
CA TRP J 118 74.03 47.71 -85.20
C TRP J 118 73.55 47.73 -83.75
N ASN J 119 74.03 48.71 -82.99
CA ASN J 119 73.76 48.79 -81.56
C ASN J 119 72.29 48.88 -81.18
N ARG J 120 71.45 49.27 -82.14
CA ARG J 120 70.02 49.41 -81.88
C ARG J 120 69.31 48.07 -81.93
N THR J 121 70.02 47.03 -82.35
CA THR J 121 69.46 45.69 -82.46
C THR J 121 69.51 44.97 -81.11
N ARG J 122 68.41 44.32 -80.75
CA ARG J 122 68.32 43.56 -79.51
C ARG J 122 68.85 42.15 -79.72
N HIS J 123 69.46 41.58 -78.68
CA HIS J 123 70.00 40.23 -78.74
C HIS J 123 69.43 39.34 -77.63
N VAL J 124 68.80 38.24 -78.03
CA VAL J 124 68.19 37.32 -77.07
C VAL J 124 68.67 35.89 -77.30
N ILE J 125 69.42 35.36 -76.33
CA ILE J 125 69.90 33.98 -76.41
C ILE J 125 69.04 33.06 -75.56
N ILE J 126 68.46 32.05 -76.19
CA ILE J 126 67.60 31.10 -75.50
C ILE J 126 68.21 29.71 -75.48
N LEU J 127 69.17 29.50 -74.57
CA LEU J 127 69.83 28.20 -74.44
C LEU J 127 68.96 27.22 -73.67
N MET J 128 68.78 26.03 -74.21
CA MET J 128 67.99 25.00 -73.55
C MET J 128 68.83 23.75 -73.27
N THR J 129 69.60 23.81 -72.18
CA THR J 129 70.45 22.70 -71.78
C THR J 129 70.11 22.24 -70.37
N ASP J 130 70.81 21.21 -69.90
CA ASP J 130 70.60 20.68 -68.56
C ASP J 130 71.74 21.07 -67.62
N GLY J 131 72.55 22.03 -68.06
CA GLY J 131 73.67 22.50 -67.26
C GLY J 131 74.83 21.52 -67.22
N LEU J 132 74.53 20.23 -67.29
CA LEU J 132 75.55 19.20 -67.27
C LEU J 132 76.37 19.21 -68.54
N HIS J 133 77.48 19.95 -68.53
CA HIS J 133 78.36 20.02 -69.68
C HIS J 133 79.74 19.44 -69.34
N ASN J 134 80.21 18.52 -70.18
CA ASN J 134 81.48 17.83 -69.94
C ASN J 134 82.63 18.43 -70.73
N MET J 135 82.50 18.44 -72.05
CA MET J 135 83.56 18.95 -72.92
C MET J 135 83.53 20.47 -72.97
N GLY J 136 84.72 21.07 -73.13
CA GLY J 136 84.85 22.52 -73.15
C GLY J 136 85.12 23.08 -71.77
N GLY J 137 85.22 24.40 -71.68
CA GLY J 137 85.48 25.05 -70.41
C GLY J 137 84.20 25.52 -69.75
N ASP J 138 84.19 26.78 -69.32
CA ASP J 138 83.02 27.37 -68.68
C ASP J 138 82.38 28.39 -69.61
N PRO J 139 81.17 28.09 -70.10
CA PRO J 139 80.43 28.96 -71.02
C PRO J 139 80.21 30.36 -70.45
N ILE J 140 80.52 30.55 -69.18
CA ILE J 140 80.38 31.85 -68.55
C ILE J 140 81.25 32.90 -69.23
N THR J 141 82.49 32.53 -69.54
CA THR J 141 83.43 33.44 -70.18
C THR J 141 82.89 33.95 -71.51
N VAL J 142 82.11 33.11 -72.19
CA VAL J 142 81.52 33.49 -73.47
C VAL J 142 80.51 34.62 -73.27
N ILE J 143 79.72 34.52 -72.21
CA ILE J 143 78.76 35.56 -71.88
C ILE J 143 79.49 36.86 -71.56
N ASP J 144 80.70 36.73 -71.03
CA ASP J 144 81.53 37.89 -70.72
C ASP J 144 82.18 38.45 -71.97
N GLU J 145 82.39 37.58 -72.97
CA GLU J 145 82.95 38.00 -74.24
C GLU J 145 81.90 38.76 -75.05
N ILE J 146 80.70 38.19 -75.12
CA ILE J 146 79.58 38.84 -75.77
C ILE J 146 79.20 40.10 -74.99
N ARG J 147 79.53 40.09 -73.70
CA ARG J 147 79.25 41.20 -72.82
C ARG J 147 79.97 42.45 -73.33
N ASP J 148 81.10 42.24 -73.99
CA ASP J 148 81.93 43.34 -74.48
C ASP J 148 81.64 43.67 -75.94
N LEU J 149 81.39 42.64 -76.74
CA LEU J 149 81.13 42.82 -78.17
C LEU J 149 79.98 43.79 -78.42
N LEU J 150 78.87 43.57 -77.72
CA LEU J 150 77.70 44.42 -77.87
C LEU J 150 77.86 45.72 -77.07
N TYR J 151 79.07 45.95 -76.59
CA TYR J 151 79.38 47.14 -75.79
C TYR J 151 78.43 47.24 -74.59
N ILE J 152 78.31 46.15 -73.85
CA ILE J 152 77.41 46.10 -72.70
C ILE J 152 78.18 46.16 -71.38
N GLY J 153 77.67 46.96 -70.45
CA GLY J 153 78.28 47.09 -69.14
C GLY J 153 79.70 47.61 -69.21
N LYS J 154 79.96 48.50 -70.17
CA LYS J 154 81.30 49.08 -70.32
C LYS J 154 81.24 50.60 -70.33
N ASP J 155 80.12 51.15 -69.89
CA ASP J 155 79.97 52.59 -69.80
C ASP J 155 79.19 52.97 -68.55
N ARG J 156 79.38 54.21 -68.08
CA ARG J 156 78.77 54.67 -66.85
C ARG J 156 77.25 54.86 -66.99
N LYS J 157 76.85 55.85 -67.78
CA LYS J 157 75.44 56.20 -67.92
C LYS J 157 74.76 55.47 -69.08
N ASN J 158 75.51 54.60 -69.76
CA ASN J 158 74.97 53.85 -70.88
C ASN J 158 75.32 52.36 -70.78
N PRO J 159 74.71 51.66 -69.82
CA PRO J 159 74.99 50.25 -69.53
C PRO J 159 74.65 49.30 -70.68
N ARG J 160 73.60 49.60 -71.41
CA ARG J 160 73.16 48.73 -72.52
C ARG J 160 72.79 47.34 -72.03
N GLU J 161 72.14 47.26 -70.87
CA GLU J 161 71.69 45.99 -70.33
C GLU J 161 70.34 45.58 -70.92
N ASP J 162 69.85 46.39 -71.86
CA ASP J 162 68.55 46.14 -72.47
C ASP J 162 68.70 45.39 -73.79
N TYR J 163 69.94 45.16 -74.20
CA TYR J 163 70.22 44.51 -75.49
C TYR J 163 70.79 43.11 -75.30
N LEU J 164 70.54 42.52 -74.15
CA LEU J 164 71.04 41.18 -73.86
C LEU J 164 70.13 40.44 -72.88
N ASP J 165 69.33 39.53 -73.41
CA ASP J 165 68.42 38.75 -72.58
C ASP J 165 68.67 37.25 -72.74
N VAL J 166 69.47 36.70 -71.83
CA VAL J 166 69.82 35.28 -71.88
C VAL J 166 68.84 34.43 -71.07
N TYR J 167 68.11 33.56 -71.75
CA TYR J 167 67.18 32.64 -71.10
C TYR J 167 67.69 31.22 -71.16
N VAL J 168 67.52 30.49 -70.06
CA VAL J 168 67.96 29.09 -70.00
C VAL J 168 66.84 28.17 -69.52
N PHE J 169 66.54 27.15 -70.33
CA PHE J 169 65.51 26.18 -69.97
C PHE J 169 66.13 24.87 -69.52
N GLY J 170 65.96 24.54 -68.25
CA GLY J 170 66.51 23.33 -67.68
C GLY J 170 65.79 22.08 -68.14
N VAL J 171 66.15 21.59 -69.32
CA VAL J 171 65.56 20.37 -69.86
C VAL J 171 66.26 19.14 -69.30
N GLY J 172 65.60 18.00 -69.37
CA GLY J 172 66.14 16.76 -68.84
C GLY J 172 65.95 16.66 -67.34
N PRO J 173 65.93 15.43 -66.81
CA PRO J 173 65.73 15.15 -65.38
C PRO J 173 66.78 15.82 -64.50
N LEU J 174 67.75 15.04 -64.05
CA LEU J 174 68.82 15.56 -63.19
C LEU J 174 69.55 16.71 -63.87
N VAL J 175 69.36 17.92 -63.33
CA VAL J 175 69.97 19.11 -63.91
C VAL J 175 70.74 19.91 -62.86
N ASN J 176 71.97 20.29 -63.19
CA ASN J 176 72.80 21.08 -62.30
C ASN J 176 72.34 22.54 -62.25
N GLN J 177 71.39 22.82 -61.36
CA GLN J 177 70.81 24.15 -61.23
C GLN J 177 71.87 25.23 -60.99
N VAL J 178 72.84 24.91 -60.13
CA VAL J 178 73.89 25.86 -59.78
C VAL J 178 74.57 26.43 -61.02
N ASN J 179 74.74 25.59 -62.04
CA ASN J 179 75.40 26.00 -63.27
C ASN J 179 74.51 26.88 -64.14
N ILE J 180 73.26 26.49 -64.30
CA ILE J 180 72.31 27.21 -65.14
C ILE J 180 72.23 28.70 -64.79
N ASN J 181 71.94 28.99 -63.53
CA ASN J 181 71.77 30.37 -63.07
C ASN J 181 72.92 31.28 -63.49
N ALA J 182 74.14 30.78 -63.36
CA ALA J 182 75.33 31.56 -63.71
C ALA J 182 75.28 32.02 -65.16
N LEU J 183 74.78 31.16 -66.04
CA LEU J 183 74.68 31.48 -67.46
C LEU J 183 73.55 32.47 -67.72
N ALA J 184 72.38 32.20 -67.14
CA ALA J 184 71.21 33.04 -67.32
C ALA J 184 71.49 34.49 -66.91
N SER J 185 70.81 35.42 -67.58
CA SER J 185 70.99 36.83 -67.28
C SER J 185 70.45 37.18 -65.90
N LYS J 186 71.22 37.97 -65.15
CA LYS J 186 70.82 38.38 -63.81
C LYS J 186 70.23 39.78 -63.81
N LYS J 187 68.94 39.87 -64.08
CA LYS J 187 68.25 41.16 -64.10
C LYS J 187 67.20 41.24 -62.99
N ASP J 188 67.02 42.43 -62.44
CA ASP J 188 66.08 42.64 -61.34
C ASP J 188 64.64 42.60 -61.82
N ASN J 189 63.77 42.02 -61.00
CA ASN J 189 62.34 41.96 -61.29
C ASN J 189 62.03 41.22 -62.59
N GLU J 190 62.96 40.40 -63.04
CA GLU J 190 62.77 39.64 -64.27
C GLU J 190 63.05 38.16 -64.09
N GLN J 191 62.55 37.35 -65.01
CA GLN J 191 62.72 35.90 -64.96
C GLN J 191 63.48 35.39 -66.18
N HIS J 192 64.52 34.58 -65.94
CA HIS J 192 65.32 34.04 -67.02
C HIS J 192 65.67 32.57 -66.78
N VAL J 193 65.20 32.04 -65.66
CA VAL J 193 65.48 30.64 -65.32
C VAL J 193 64.21 29.81 -65.28
N PHE J 194 64.00 28.98 -66.29
CA PHE J 194 62.84 28.12 -66.37
C PHE J 194 63.23 26.64 -66.29
N LYS J 195 62.42 25.85 -65.61
CA LYS J 195 62.71 24.44 -65.39
C LYS J 195 61.68 23.53 -66.05
N VAL J 196 61.87 22.22 -65.90
CA VAL J 196 61.02 21.23 -66.55
C VAL J 196 59.52 21.47 -66.29
N LYS J 197 59.15 21.51 -65.02
CA LYS J 197 57.75 21.66 -64.63
C LYS J 197 57.09 22.85 -65.31
N ASP J 198 57.86 23.94 -65.48
CA ASP J 198 57.34 25.16 -66.08
C ASP J 198 56.73 24.90 -67.45
N MET J 199 57.21 23.87 -68.14
CA MET J 199 56.72 23.52 -69.46
C MET J 199 55.19 23.47 -69.50
N GLU J 200 54.61 22.56 -68.72
CA GLU J 200 53.17 22.45 -68.63
C GLU J 200 52.55 23.82 -68.37
N ASN J 201 51.50 24.15 -69.12
CA ASN J 201 50.90 25.48 -69.07
C ASN J 201 51.86 26.53 -69.62
N LEU J 202 52.31 26.31 -70.85
CA LEU J 202 53.30 27.16 -71.49
C LEU J 202 52.95 28.65 -71.45
N GLU J 203 51.68 28.96 -71.65
CA GLU J 203 51.23 30.35 -71.69
C GLU J 203 51.77 31.17 -70.52
N ASP J 204 51.79 30.57 -69.34
CA ASP J 204 52.28 31.25 -68.14
C ASP J 204 53.75 31.62 -68.28
N VAL J 205 54.51 30.74 -68.93
CA VAL J 205 55.94 30.95 -69.14
C VAL J 205 56.19 32.15 -70.06
N PHE J 206 55.53 32.13 -71.22
CA PHE J 206 55.71 33.18 -72.22
C PHE J 206 55.42 34.56 -71.65
N TYR J 207 54.52 34.62 -70.67
CA TYR J 207 54.13 35.89 -70.06
C TYR J 207 55.34 36.68 -69.60
N GLN J 208 56.11 36.11 -68.67
CA GLN J 208 57.29 36.77 -68.13
C GLN J 208 58.25 37.27 -69.20
N MET J 209 58.60 36.38 -70.13
CA MET J 209 59.58 36.73 -71.16
C MET J 209 59.01 37.55 -72.29
N ILE J 210 58.01 38.38 -72.00
CA ILE J 210 57.42 39.28 -72.99
C ILE J 210 56.78 40.52 -72.36
N ASP J 211 57.18 41.69 -72.83
CA ASP J 211 56.56 42.94 -72.41
C ASP J 211 56.15 43.77 -73.63
N GLU J 212 54.85 43.98 -73.81
CA GLU J 212 54.32 44.63 -74.99
C GLU J 212 54.39 46.15 -74.89
N SER J 213 55.58 46.68 -74.66
CA SER J 213 55.74 48.13 -74.51
C SER J 213 55.05 48.90 -75.65
N GLN J 214 55.41 48.57 -76.88
CA GLN J 214 54.84 49.24 -78.05
C GLN J 214 53.73 48.42 -78.71
N SER J 215 53.31 47.35 -78.05
CA SER J 215 52.25 46.50 -78.58
C SER J 215 50.95 46.58 -77.75
N LEU J 216 50.58 47.77 -77.27
CA LEU J 216 49.39 47.98 -76.45
C LEU J 216 48.16 48.37 -77.28
N SER J 217 48.39 48.65 -78.55
CA SER J 217 47.32 49.13 -79.43
C SER J 217 46.83 48.05 -80.39
N LEU J 218 47.61 46.99 -80.55
CA LEU J 218 47.25 45.90 -81.45
C LEU J 218 45.94 45.24 -81.05
N CYS J 219 45.05 45.08 -82.01
CA CYS J 219 43.72 44.52 -81.76
C CYS J 219 43.72 43.00 -81.83
N GLY J 220 42.63 42.40 -81.35
CA GLY J 220 42.46 40.96 -81.40
C GLY J 220 43.60 40.17 -80.77
N MET J 221 44.32 40.81 -79.86
CA MET J 221 45.43 40.16 -79.18
C MET J 221 45.03 39.73 -77.77
N VAL J 222 45.33 38.49 -77.42
CA VAL J 222 44.87 37.92 -76.16
C VAL J 222 45.96 37.15 -75.42
N TRP J 223 46.02 37.35 -74.10
CA TRP J 223 46.89 36.55 -73.25
C TRP J 223 46.12 35.35 -72.72
N GLU J 224 46.77 34.18 -72.69
CA GLU J 224 46.07 32.94 -72.34
C GLU J 224 46.56 32.32 -71.03
N HIS J 225 47.52 32.97 -70.37
CA HIS J 225 48.07 32.45 -69.12
C HIS J 225 46.96 32.16 -68.11
N ARG J 226 47.15 31.09 -67.32
CA ARG J 226 46.13 30.65 -66.38
C ARG J 226 45.85 31.69 -65.31
N LYS J 227 46.85 32.51 -64.99
CA LYS J 227 46.69 33.55 -63.98
C LYS J 227 45.99 34.79 -64.54
N GLY J 228 45.37 34.63 -65.70
CA GLY J 228 44.69 35.75 -66.34
C GLY J 228 43.20 35.73 -66.11
N THR J 229 42.65 36.88 -65.71
CA THR J 229 41.21 37.01 -65.51
C THR J 229 40.47 36.82 -66.83
N ASP J 230 39.15 36.77 -66.76
CA ASP J 230 38.32 36.59 -67.94
C ASP J 230 38.63 37.64 -69.00
N TYR J 231 38.85 38.87 -68.57
CA TYR J 231 39.08 39.98 -69.49
C TYR J 231 40.52 40.01 -70.02
N HIS J 232 41.38 39.21 -69.41
CA HIS J 232 42.73 38.99 -69.94
C HIS J 232 42.63 38.09 -71.17
N LYS J 233 41.49 37.44 -71.31
CA LYS J 233 41.24 36.53 -72.43
C LYS J 233 40.29 37.16 -73.44
N GLN J 234 39.43 38.06 -72.96
CA GLN J 234 38.50 38.77 -73.83
C GLN J 234 38.50 40.27 -73.50
N PRO J 235 39.57 40.97 -73.89
CA PRO J 235 39.74 42.40 -73.62
C PRO J 235 38.66 43.26 -74.29
N TRP J 236 38.29 42.88 -75.51
CA TRP J 236 37.30 43.62 -76.28
C TRP J 236 35.91 43.53 -75.65
N GLN J 237 35.64 42.42 -74.98
CA GLN J 237 34.33 42.16 -74.40
C GLN J 237 33.85 43.32 -73.53
N ALA J 238 32.57 43.65 -73.64
CA ALA J 238 31.99 44.74 -72.87
C ALA J 238 30.55 44.40 -72.44
N LYS J 239 30.20 44.82 -71.24
CA LYS J 239 28.88 44.55 -70.69
C LYS J 239 28.05 45.84 -70.64
N ILE J 240 26.99 45.89 -71.44
CA ILE J 240 26.15 47.10 -71.50
C ILE J 240 24.86 46.91 -70.71
N SER J 241 24.41 47.98 -70.06
CA SER J 241 23.19 47.94 -69.27
C SER J 241 22.25 49.07 -69.63
N VAL J 242 20.95 48.77 -69.67
CA VAL J 242 19.94 49.76 -70.00
C VAL J 242 18.89 49.87 -68.88
N ILE J 243 18.92 50.97 -68.15
CA ILE J 243 17.98 51.20 -67.06
C ILE J 243 16.91 52.22 -67.48
N ARG J 244 15.67 51.92 -67.16
CA ARG J 244 14.55 52.77 -67.58
C ARG J 244 13.27 52.39 -66.82
N PRO J 245 12.40 53.38 -66.58
CA PRO J 245 11.11 53.14 -65.91
C PRO J 245 10.39 51.91 -66.45
N SER J 246 10.02 51.00 -65.55
CA SER J 246 9.28 49.79 -65.91
C SER J 246 10.04 48.89 -66.87
N LYS J 247 11.31 49.22 -67.11
CA LYS J 247 12.14 48.43 -68.01
C LYS J 247 13.01 47.44 -67.23
N GLY J 248 12.91 47.48 -65.91
CA GLY J 248 13.73 46.64 -65.06
C GLY J 248 15.19 46.86 -65.36
N HIS J 249 15.78 45.98 -66.16
CA HIS J 249 17.15 46.15 -66.61
C HIS J 249 17.43 45.24 -67.81
N GLU J 250 17.83 45.84 -68.92
CA GLU J 250 18.12 45.08 -70.13
C GLU J 250 19.62 44.78 -70.23
N SER J 251 19.95 43.51 -70.42
CA SER J 251 21.34 43.09 -70.46
C SER J 251 21.81 42.78 -71.88
N CYS J 252 22.85 43.47 -72.32
CA CYS J 252 23.45 43.23 -73.63
C CYS J 252 24.97 43.28 -73.54
N MET J 253 25.63 42.86 -74.60
CA MET J 253 27.09 42.86 -74.65
C MET J 253 27.60 43.60 -75.88
N GLY J 254 28.91 43.82 -75.94
CA GLY J 254 29.50 44.52 -77.06
C GLY J 254 31.00 44.29 -77.17
N ALA J 255 31.62 44.83 -78.22
CA ALA J 255 33.04 44.69 -78.44
C ALA J 255 33.70 46.04 -78.69
N VAL J 256 34.82 46.29 -78.01
CA VAL J 256 35.56 47.53 -78.21
C VAL J 256 36.18 47.56 -79.60
N VAL J 257 35.67 48.45 -80.45
CA VAL J 257 36.18 48.56 -81.81
C VAL J 257 37.19 49.68 -81.93
N SER J 258 37.14 50.63 -81.00
CA SER J 258 38.06 51.76 -81.01
C SER J 258 38.17 52.41 -79.63
N GLU J 259 39.02 53.41 -79.52
CA GLU J 259 39.24 54.10 -78.25
C GLU J 259 37.98 54.75 -77.73
N TYR J 260 37.07 55.11 -78.64
CA TYR J 260 35.84 55.81 -78.26
C TYR J 260 34.57 55.04 -78.57
N PHE J 261 34.67 53.96 -79.34
CA PHE J 261 33.48 53.25 -79.80
C PHE J 261 33.36 51.81 -79.32
N VAL J 262 32.12 51.37 -79.14
CA VAL J 262 31.82 49.99 -78.77
C VAL J 262 30.69 49.46 -79.64
N LEU J 263 30.96 48.36 -80.35
CA LEU J 263 29.98 47.80 -81.28
C LEU J 263 29.04 46.81 -80.59
N THR J 264 27.75 46.96 -80.84
CA THR J 264 26.74 46.07 -80.25
C THR J 264 25.46 46.07 -81.10
N ALA J 265 24.56 45.15 -80.77
CA ALA J 265 23.28 45.06 -81.47
C ALA J 265 22.48 46.35 -81.34
N ALA J 266 21.71 46.67 -82.38
CA ALA J 266 20.93 47.91 -82.39
C ALA J 266 19.53 47.70 -81.82
N HIS J 267 19.19 46.46 -81.51
CA HIS J 267 17.86 46.15 -80.98
C HIS J 267 17.84 46.16 -79.45
N CYS J 268 18.99 46.46 -78.85
CA CYS J 268 19.08 46.53 -77.40
C CYS J 268 18.70 47.90 -76.89
N PHE J 269 18.63 48.87 -77.79
CA PHE J 269 18.31 50.25 -77.43
C PHE J 269 17.12 50.77 -78.24
N THR J 270 16.75 52.02 -77.99
CA THR J 270 15.65 52.65 -78.71
C THR J 270 15.75 54.17 -78.62
N VAL J 271 15.04 54.86 -79.51
CA VAL J 271 15.03 56.31 -79.52
C VAL J 271 14.62 56.88 -78.16
N ASP J 272 13.80 56.12 -77.43
CA ASP J 272 13.31 56.55 -76.12
C ASP J 272 14.43 56.54 -75.07
N ASP J 273 15.28 55.53 -75.12
CA ASP J 273 16.38 55.40 -74.17
C ASP J 273 17.33 56.59 -74.26
N LYS J 274 17.62 57.19 -73.11
CA LYS J 274 18.51 58.34 -73.06
C LYS J 274 19.97 57.93 -72.91
N GLU J 275 20.87 58.91 -72.90
CA GLU J 275 22.30 58.64 -72.85
C GLU J 275 22.84 58.44 -71.44
N HIS J 276 22.02 58.73 -70.43
CA HIS J 276 22.41 58.51 -69.05
C HIS J 276 21.66 57.32 -68.46
N SER J 277 20.90 56.63 -69.31
CA SER J 277 20.20 55.43 -68.90
C SER J 277 20.93 54.21 -69.43
N ILE J 278 22.04 54.45 -70.12
CA ILE J 278 22.84 53.38 -70.69
C ILE J 278 24.27 53.46 -70.17
N LYS J 279 24.71 52.42 -69.46
CA LYS J 279 26.06 52.39 -68.90
C LYS J 279 26.86 51.21 -69.42
N VAL J 280 28.06 51.50 -69.91
CA VAL J 280 28.92 50.46 -70.48
C VAL J 280 30.03 50.06 -69.52
N SER J 281 30.14 48.75 -69.26
CA SER J 281 31.20 48.22 -68.42
C SER J 281 32.22 47.48 -69.27
N VAL J 282 33.44 48.01 -69.34
CA VAL J 282 34.47 47.45 -70.20
C VAL J 282 34.99 46.10 -69.72
N GLY J 283 35.91 46.13 -68.76
CA GLY J 283 36.53 44.90 -68.29
C GLY J 283 36.79 44.84 -66.80
N GLY J 284 36.17 43.87 -66.13
CA GLY J 284 36.39 43.64 -64.72
C GLY J 284 35.80 44.72 -63.84
N GLU J 285 36.43 45.88 -63.83
CA GLU J 285 35.99 47.00 -62.99
C GLU J 285 34.49 47.23 -63.09
N LYS J 286 33.80 47.14 -61.96
CA LYS J 286 32.38 47.47 -61.91
C LYS J 286 32.22 48.98 -61.88
N ARG J 287 32.95 49.65 -62.76
CA ARG J 287 32.91 51.10 -62.88
C ARG J 287 32.26 51.49 -64.20
N ASP J 288 30.95 51.73 -64.16
CA ASP J 288 30.19 52.03 -65.36
C ASP J 288 30.70 53.30 -66.04
N LEU J 289 30.64 53.32 -67.36
CA LEU J 289 31.08 54.46 -68.15
C LEU J 289 29.89 55.13 -68.84
N GLU J 290 29.77 56.45 -68.67
CA GLU J 290 28.71 57.20 -69.33
C GLU J 290 28.99 57.30 -70.82
N ILE J 291 27.95 57.07 -71.63
CA ILE J 291 28.09 57.13 -73.08
C ILE J 291 27.77 58.53 -73.60
N GLU J 292 28.16 58.80 -74.83
CA GLU J 292 27.92 60.10 -75.45
C GLU J 292 26.69 60.07 -76.36
N VAL J 293 26.61 59.03 -77.20
CA VAL J 293 25.50 58.90 -78.14
C VAL J 293 25.49 57.51 -78.78
N VAL J 294 24.29 57.01 -79.06
CA VAL J 294 24.14 55.73 -79.73
C VAL J 294 23.83 55.92 -81.21
N LEU J 295 24.76 55.48 -82.06
CA LEU J 295 24.61 55.64 -83.50
C LEU J 295 23.92 54.44 -84.14
N PHE J 296 22.60 54.51 -84.25
CA PHE J 296 21.83 53.46 -84.90
C PHE J 296 22.10 53.44 -86.39
N HIS J 297 22.07 52.26 -86.99
CA HIS J 297 22.25 52.12 -88.44
C HIS J 297 21.05 52.71 -89.16
N PRO J 298 21.29 53.57 -90.16
CA PRO J 298 20.24 54.26 -90.90
C PRO J 298 19.19 53.31 -91.47
N ASN J 299 19.61 52.09 -91.80
CA ASN J 299 18.70 51.11 -92.39
C ASN J 299 18.02 50.21 -91.36
N TYR J 300 18.31 50.45 -90.08
CA TYR J 300 17.71 49.65 -89.02
C TYR J 300 16.24 49.97 -88.84
N ASN J 301 15.44 48.94 -88.64
CA ASN J 301 14.00 49.10 -88.43
C ASN J 301 13.36 47.79 -88.01
N ILE J 302 12.87 47.73 -86.77
CA ILE J 302 12.26 46.52 -86.24
C ILE J 302 10.77 46.47 -86.55
N ASN J 303 10.23 47.58 -87.02
CA ASN J 303 8.82 47.65 -87.38
C ASN J 303 8.61 47.96 -88.86
N GLY J 304 9.66 47.77 -89.64
CA GLY J 304 9.59 48.01 -91.07
C GLY J 304 8.55 47.14 -91.74
N LYS J 305 8.19 46.05 -91.08
CA LYS J 305 7.18 45.13 -91.60
C LYS J 305 5.94 45.07 -90.71
N LYS J 306 5.23 46.19 -90.64
CA LYS J 306 3.97 46.28 -89.90
C LYS J 306 2.83 45.75 -90.78
N GLU J 307 3.13 45.52 -92.05
CA GLU J 307 2.11 45.16 -93.03
C GLU J 307 2.19 43.69 -93.47
N ALA J 308 3.42 43.23 -93.73
CA ALA J 308 3.62 41.89 -94.29
C ALA J 308 3.30 40.77 -93.30
N GLY J 309 3.52 41.02 -92.02
CA GLY J 309 3.29 40.01 -91.00
C GLY J 309 4.57 39.63 -90.28
N ILE J 310 5.56 40.52 -90.34
CA ILE J 310 6.82 40.32 -89.66
C ILE J 310 6.96 41.32 -88.52
N PRO J 311 6.43 40.96 -87.34
CA PRO J 311 6.39 41.86 -86.18
C PRO J 311 7.75 42.45 -85.84
N GLU J 312 8.82 41.73 -86.13
CA GLU J 312 10.16 42.19 -85.81
C GLU J 312 11.11 42.02 -87.00
N PHE J 313 11.75 43.12 -87.39
CA PHE J 313 12.66 43.11 -88.53
C PHE J 313 14.09 43.40 -88.06
N TYR J 314 14.95 42.40 -88.11
CA TYR J 314 16.29 42.51 -87.56
C TYR J 314 17.36 42.89 -88.59
N ASP J 315 16.92 43.31 -89.77
CA ASP J 315 17.86 43.69 -90.82
C ASP J 315 18.68 44.91 -90.41
N TYR J 316 19.97 44.88 -90.71
CA TYR J 316 20.88 45.96 -90.34
C TYR J 316 20.82 46.22 -88.83
N ASP J 317 21.01 45.16 -88.05
CA ASP J 317 20.91 45.27 -86.60
C ASP J 317 22.27 45.58 -85.98
N VAL J 318 22.82 46.74 -86.30
CA VAL J 318 24.11 47.17 -85.76
C VAL J 318 24.06 48.62 -85.31
N ALA J 319 24.76 48.92 -84.22
CA ALA J 319 24.81 50.28 -83.68
C ALA J 319 26.08 50.52 -82.87
N LEU J 320 26.79 51.59 -83.20
CA LEU J 320 28.00 51.97 -82.48
C LEU J 320 27.67 52.83 -81.27
N ILE J 321 28.50 52.72 -80.24
CA ILE J 321 28.31 53.51 -79.02
C ILE J 321 29.58 54.29 -78.68
N LYS J 322 29.53 55.60 -78.92
CA LYS J 322 30.67 56.46 -78.62
C LYS J 322 30.70 56.84 -77.14
N LEU J 323 31.68 56.32 -76.42
CA LEU J 323 31.82 56.60 -74.99
C LEU J 323 32.10 58.08 -74.76
N LYS J 324 31.69 58.59 -73.61
CA LYS J 324 31.88 60.00 -73.28
C LYS J 324 33.33 60.27 -72.89
N ASN J 325 34.04 59.22 -72.52
CA ASN J 325 35.46 59.33 -72.16
C ASN J 325 36.34 58.40 -73.00
N LYS J 326 37.55 58.84 -73.28
CA LYS J 326 38.49 58.07 -74.09
C LYS J 326 39.10 56.93 -73.29
N LEU J 327 39.18 55.75 -73.91
CA LEU J 327 39.71 54.57 -73.25
C LEU J 327 41.21 54.41 -73.47
N LYS J 328 41.92 53.96 -72.44
CA LYS J 328 43.33 53.65 -72.54
C LYS J 328 43.54 52.15 -72.52
N TYR J 329 44.07 51.61 -73.62
CA TYR J 329 44.22 50.18 -73.79
C TYR J 329 45.10 49.53 -72.72
N GLY J 330 44.61 48.43 -72.15
CA GLY J 330 45.36 47.67 -71.17
C GLY J 330 45.24 46.18 -71.44
N GLN J 331 45.87 45.38 -70.60
CA GLN J 331 45.84 43.93 -70.77
C GLN J 331 44.42 43.37 -70.74
N THR J 332 43.52 44.10 -70.11
CA THR J 332 42.12 43.67 -70.00
C THR J 332 41.20 44.51 -70.86
N ILE J 333 41.76 45.53 -71.51
CA ILE J 333 40.98 46.43 -72.36
C ILE J 333 41.67 46.67 -73.70
N ARG J 334 41.38 45.81 -74.67
CA ARG J 334 41.97 45.93 -76.00
C ARG J 334 40.87 45.87 -77.06
N PRO J 335 41.09 46.52 -78.22
CA PRO J 335 40.12 46.52 -79.30
C PRO J 335 40.09 45.19 -80.04
N ILE J 336 38.98 44.89 -80.71
CA ILE J 336 38.89 43.72 -81.56
C ILE J 336 39.06 44.17 -83.01
N CYS J 337 39.47 43.25 -83.88
CA CYS J 337 39.74 43.59 -85.27
C CYS J 337 38.46 43.62 -86.11
N LEU J 338 38.32 44.66 -86.92
CA LEU J 338 37.17 44.80 -87.80
C LEU J 338 37.56 44.49 -89.25
N PRO J 339 36.64 43.90 -90.01
CA PRO J 339 36.87 43.51 -91.41
C PRO J 339 37.24 44.70 -92.29
N CYS J 340 38.03 44.44 -93.33
CA CYS J 340 38.42 45.48 -94.28
C CYS J 340 39.14 46.65 -93.61
N THR J 341 40.19 46.33 -92.86
CA THR J 341 41.00 47.36 -92.21
C THR J 341 42.48 47.01 -92.30
N GLU J 342 43.34 48.00 -92.08
CA GLU J 342 44.78 47.78 -92.09
C GLU J 342 45.18 46.82 -90.99
N GLY J 343 44.46 46.89 -89.86
CA GLY J 343 44.73 46.01 -88.73
C GLY J 343 44.57 44.55 -89.08
N THR J 344 43.44 44.21 -89.69
CA THR J 344 43.17 42.83 -90.08
C THR J 344 44.19 42.33 -91.10
N THR J 345 44.64 43.23 -91.97
CA THR J 345 45.62 42.89 -92.98
C THR J 345 46.90 42.34 -92.35
N ARG J 346 47.52 43.14 -91.49
CA ARG J 346 48.74 42.73 -90.80
C ARG J 346 48.47 41.66 -89.73
N ALA J 347 47.23 41.62 -89.25
CA ALA J 347 46.84 40.60 -88.28
C ALA J 347 46.87 39.23 -88.91
N LEU J 348 46.37 39.13 -90.14
CA LEU J 348 46.38 37.88 -90.88
C LEU J 348 47.72 37.68 -91.57
N ARG J 349 48.62 38.64 -91.38
CA ARG J 349 49.96 38.57 -91.95
C ARG J 349 49.91 38.48 -93.48
N LEU J 350 49.30 39.49 -94.10
CA LEU J 350 49.17 39.52 -95.55
C LEU J 350 49.80 40.79 -96.13
N PRO J 351 50.26 40.71 -97.39
CA PRO J 351 50.90 41.84 -98.09
C PRO J 351 50.05 43.11 -98.03
N PRO J 352 50.71 44.29 -98.10
CA PRO J 352 50.04 45.59 -98.07
C PRO J 352 49.06 45.76 -99.21
N THR J 353 49.11 44.88 -100.19
CA THR J 353 48.22 44.97 -101.35
C THR J 353 46.91 44.22 -101.12
N THR J 354 46.72 43.74 -99.90
CA THR J 354 45.52 42.99 -99.55
C THR J 354 44.26 43.83 -99.76
N THR J 355 43.37 43.36 -100.62
CA THR J 355 42.13 44.06 -100.90
C THR J 355 41.03 43.66 -99.92
N CYS J 356 39.93 44.40 -99.92
CA CYS J 356 38.81 44.13 -99.02
C CYS J 356 38.18 42.79 -99.34
N GLN J 357 38.24 42.38 -100.60
CA GLN J 357 37.65 41.12 -101.04
C GLN J 357 38.47 39.92 -100.58
N GLN J 358 39.79 40.07 -100.61
CA GLN J 358 40.69 39.00 -100.20
C GLN J 358 40.50 38.63 -98.74
N GLN J 359 40.15 39.61 -97.92
CA GLN J 359 39.91 39.37 -96.50
C GLN J 359 38.61 38.61 -96.27
N LYS J 360 37.59 38.95 -97.05
CA LYS J 360 36.29 38.29 -96.94
C LYS J 360 36.39 36.81 -97.32
N GLU J 361 37.36 36.49 -98.17
CA GLU J 361 37.57 35.12 -98.61
C GLU J 361 38.31 34.31 -97.54
N GLU J 362 39.30 34.94 -96.92
CA GLU J 362 40.09 34.28 -95.88
C GLU J 362 39.28 34.12 -94.59
N LEU J 363 38.53 35.15 -94.24
CA LEU J 363 37.74 35.15 -93.02
C LEU J 363 36.44 34.38 -93.17
N LEU J 364 35.73 34.62 -94.27
CA LEU J 364 34.44 33.98 -94.50
C LEU J 364 34.38 33.22 -95.83
N PRO J 365 35.13 32.11 -95.93
CA PRO J 365 35.10 31.26 -97.11
C PRO J 365 33.74 30.56 -97.25
N ALA J 366 33.41 30.12 -98.45
CA ALA J 366 32.16 29.40 -98.69
C ALA J 366 32.24 27.97 -98.17
N GLN J 367 32.02 27.80 -96.87
CA GLN J 367 32.12 26.50 -96.23
C GLN J 367 31.66 26.56 -94.78
N ASP J 368 32.08 25.57 -93.99
CA ASP J 368 31.81 25.55 -92.56
C ASP J 368 32.96 26.23 -91.82
N ILE J 369 32.73 27.46 -91.35
CA ILE J 369 33.78 28.26 -90.75
C ILE J 369 33.84 28.10 -89.23
N LYS J 370 35.06 27.95 -88.72
CA LYS J 370 35.28 27.90 -87.28
C LYS J 370 35.17 29.28 -86.65
N ALA J 371 34.11 29.51 -85.88
CA ALA J 371 33.90 30.78 -85.23
C ALA J 371 33.68 30.61 -83.73
N LEU J 372 33.35 31.70 -83.05
CA LEU J 372 33.12 31.67 -81.61
C LEU J 372 32.40 32.92 -81.12
N PHE J 373 31.72 32.81 -79.99
CA PHE J 373 31.05 33.95 -79.38
C PHE J 373 31.21 33.91 -77.86
N VAL J 374 31.54 35.06 -77.28
CA VAL J 374 31.77 35.15 -75.85
C VAL J 374 30.45 35.22 -75.08
N SER J 375 30.34 34.39 -74.03
CA SER J 375 29.14 34.36 -73.20
C SER J 375 29.49 34.28 -71.73
N GLU J 376 28.62 34.84 -70.89
CA GLU J 376 28.84 34.85 -69.45
C GLU J 376 27.98 33.79 -68.76
N GLU J 377 28.63 32.92 -68.00
CA GLU J 377 27.93 31.91 -67.21
C GLU J 377 28.27 32.04 -65.74
N GLU J 378 27.33 32.55 -64.96
CA GLU J 378 27.56 32.85 -63.55
C GLU J 378 28.66 33.88 -63.39
N LYS J 379 28.56 34.95 -64.16
CA LYS J 379 29.53 36.05 -64.11
C LYS J 379 30.89 35.65 -64.66
N LYS J 380 30.92 34.58 -65.47
CA LYS J 380 32.18 34.07 -66.01
C LYS J 380 32.21 34.13 -67.53
N LEU J 381 33.18 34.85 -68.08
CA LEU J 381 33.35 34.95 -69.52
C LEU J 381 33.93 33.68 -70.12
N THR J 382 33.06 32.76 -70.52
CA THR J 382 33.50 31.51 -71.14
C THR J 382 33.38 31.58 -72.65
N ARG J 383 34.28 30.89 -73.35
CA ARG J 383 34.29 30.88 -74.81
C ARG J 383 33.39 29.78 -75.37
N LYS J 384 32.59 30.11 -76.37
CA LYS J 384 31.71 29.16 -77.01
C LYS J 384 32.03 29.03 -78.50
N GLU J 385 32.60 27.89 -78.88
CA GLU J 385 32.98 27.66 -80.27
C GLU J 385 31.80 27.19 -81.11
N VAL J 386 31.56 27.86 -82.23
CA VAL J 386 30.48 27.51 -83.13
C VAL J 386 30.96 27.44 -84.58
N TYR J 387 30.06 27.07 -85.48
CA TYR J 387 30.38 26.99 -86.90
C TYR J 387 29.45 27.87 -87.73
N ILE J 388 30.02 28.56 -88.71
CA ILE J 388 29.23 29.42 -89.59
C ILE J 388 28.84 28.68 -90.86
N LYS J 389 27.54 28.58 -91.10
CA LYS J 389 27.02 27.89 -92.29
C LYS J 389 27.08 28.79 -93.51
N ASN J 390 28.28 28.95 -94.07
CA ASN J 390 28.48 29.81 -95.23
C ASN J 390 28.57 28.99 -96.51
N GLY J 391 28.59 27.66 -96.37
CA GLY J 391 28.68 26.78 -97.51
C GLY J 391 27.32 26.46 -98.11
N ASP J 392 27.16 25.22 -98.58
CA ASP J 392 25.91 24.79 -99.20
C ASP J 392 24.80 24.62 -98.16
N LYS J 393 25.20 24.31 -96.93
CA LYS J 393 24.25 24.13 -95.83
C LYS J 393 23.70 25.46 -95.35
N LYS J 394 24.12 26.55 -96.00
CA LYS J 394 23.65 27.88 -95.67
C LYS J 394 22.14 27.97 -95.81
N GLY J 395 21.60 27.33 -96.85
CA GLY J 395 20.18 27.33 -97.09
C GLY J 395 19.41 26.49 -96.09
N SER J 396 19.92 25.29 -95.83
CA SER J 396 19.28 24.38 -94.89
C SER J 396 19.25 24.97 -93.47
N CYS J 397 20.19 25.88 -93.20
CA CYS J 397 20.29 26.49 -91.88
C CYS J 397 19.40 27.72 -91.76
N GLU J 398 19.35 28.51 -92.83
CA GLU J 398 18.58 29.75 -92.82
C GLU J 398 17.08 29.50 -92.95
N ARG J 399 16.71 28.38 -93.56
CA ARG J 399 15.30 28.03 -93.76
C ARG J 399 14.65 27.57 -92.45
N ASP J 400 15.46 27.40 -91.42
CA ASP J 400 14.95 26.98 -90.12
C ASP J 400 14.39 28.16 -89.33
N ALA J 401 14.34 29.33 -89.98
CA ALA J 401 13.80 30.53 -89.36
C ALA J 401 12.27 30.52 -89.36
N GLN J 402 11.69 29.48 -89.96
CA GLN J 402 10.25 29.34 -90.01
C GLN J 402 9.70 28.81 -88.70
N TYR J 403 10.59 28.54 -87.75
CA TYR J 403 10.20 28.04 -86.44
C TYR J 403 10.26 29.15 -85.39
N ALA J 404 10.85 30.28 -85.76
CA ALA J 404 10.99 31.41 -84.85
C ALA J 404 9.64 31.98 -84.44
N PRO J 405 9.54 32.46 -83.20
CA PRO J 405 8.31 33.07 -82.68
C PRO J 405 7.88 34.26 -83.53
N GLY J 406 6.62 34.27 -83.95
CA GLY J 406 6.10 35.35 -84.79
C GLY J 406 6.72 35.31 -86.18
N TYR J 407 7.11 34.11 -86.60
CA TYR J 407 7.73 33.93 -87.91
C TYR J 407 7.11 32.75 -88.67
N ASP J 408 5.89 32.38 -88.28
CA ASP J 408 5.20 31.27 -88.93
C ASP J 408 4.54 31.70 -90.23
N LYS J 409 3.67 32.69 -90.15
CA LYS J 409 2.97 33.21 -91.33
C LYS J 409 3.85 34.19 -92.09
N VAL J 410 4.92 33.68 -92.70
CA VAL J 410 5.83 34.52 -93.46
C VAL J 410 5.84 34.15 -94.93
N LYS J 411 5.56 35.14 -95.78
CA LYS J 411 5.53 34.95 -97.23
C LYS J 411 6.79 34.26 -97.73
N ASP J 412 7.92 34.88 -97.45
CA ASP J 412 9.22 34.40 -97.94
C ASP J 412 10.26 34.48 -96.83
N ILE J 413 11.19 33.54 -96.83
CA ILE J 413 12.24 33.50 -95.81
C ILE J 413 13.38 34.45 -96.16
N SER J 414 13.49 34.79 -97.45
CA SER J 414 14.51 35.74 -97.89
C SER J 414 14.08 37.16 -97.58
N GLU J 415 12.92 37.28 -96.92
CA GLU J 415 12.40 38.58 -96.52
C GLU J 415 12.81 38.91 -95.10
N VAL J 416 12.92 37.89 -94.25
CA VAL J 416 13.30 38.07 -92.86
C VAL J 416 14.78 37.79 -92.67
N VAL J 417 15.32 36.86 -93.46
CA VAL J 417 16.73 36.51 -93.40
C VAL J 417 17.48 37.14 -94.57
N THR J 418 17.82 38.42 -94.42
CA THR J 418 18.52 39.15 -95.47
C THR J 418 19.98 38.74 -95.55
N PRO J 419 20.61 38.94 -96.72
CA PRO J 419 22.03 38.66 -96.92
C PRO J 419 22.92 39.30 -95.86
N ARG J 420 22.37 40.23 -95.09
CA ARG J 420 23.09 40.86 -93.99
C ARG J 420 23.20 39.94 -92.79
N PHE J 421 22.95 38.65 -93.00
CA PHE J 421 22.93 37.70 -91.89
C PHE J 421 23.81 36.48 -92.10
N LEU J 422 24.51 36.08 -91.04
CA LEU J 422 25.25 34.83 -91.01
C LEU J 422 24.47 33.83 -90.16
N CYS J 423 24.70 32.54 -90.39
CA CYS J 423 23.94 31.52 -89.68
C CYS J 423 24.83 30.54 -88.92
N THR J 424 24.46 30.25 -87.67
CA THR J 424 25.19 29.29 -86.85
C THR J 424 24.21 28.38 -86.11
N GLY J 425 24.73 27.57 -85.20
CA GLY J 425 23.90 26.66 -84.42
C GLY J 425 23.50 25.43 -85.21
N GLY J 426 22.72 24.56 -84.57
CA GLY J 426 22.26 23.33 -85.21
C GLY J 426 22.99 22.11 -84.68
N VAL J 427 22.98 21.03 -85.45
CA VAL J 427 23.63 19.79 -85.06
C VAL J 427 24.58 19.29 -86.15
N SER J 428 24.81 20.12 -87.16
CA SER J 428 25.70 19.77 -88.25
C SER J 428 26.55 20.97 -88.67
N PRO J 429 27.84 20.74 -88.92
CA PRO J 429 28.47 19.41 -88.83
C PRO J 429 28.73 19.00 -87.38
N TYR J 430 28.55 19.93 -86.46
CA TYR J 430 28.74 19.65 -85.04
C TYR J 430 27.64 20.30 -84.21
N ALA J 431 27.47 19.80 -82.98
CA ALA J 431 26.47 20.36 -82.08
C ALA J 431 26.93 21.72 -81.55
N ASP J 432 26.59 22.78 -82.28
CA ASP J 432 26.99 24.13 -81.92
C ASP J 432 26.17 24.68 -80.77
N PRO J 433 26.85 25.32 -79.80
CA PRO J 433 26.19 25.99 -78.67
C PRO J 433 25.26 27.09 -79.15
N ASN J 434 24.41 27.59 -78.28
CA ASN J 434 23.45 28.64 -78.65
C ASN J 434 23.63 29.90 -77.82
N THR J 435 23.20 31.03 -78.37
CA THR J 435 23.32 32.32 -77.70
C THR J 435 22.07 32.64 -76.88
N CYS J 436 22.28 33.19 -75.70
CA CYS J 436 21.18 33.58 -74.83
C CYS J 436 20.92 35.08 -74.92
N ARG J 437 19.83 35.54 -74.30
CA ARG J 437 19.47 36.95 -74.33
C ARG J 437 20.59 37.87 -73.85
N GLY J 438 21.28 37.45 -72.79
CA GLY J 438 22.38 38.24 -72.25
C GLY J 438 23.53 38.38 -73.23
N ASP J 439 23.70 37.37 -74.09
CA ASP J 439 24.80 37.36 -75.04
C ASP J 439 24.51 38.26 -76.25
N SER J 440 23.29 38.75 -76.33
CA SER J 440 22.89 39.61 -77.44
C SER J 440 23.85 40.78 -77.60
N GLY J 441 24.28 41.01 -78.85
CA GLY J 441 25.24 42.06 -79.14
C GLY J 441 26.66 41.55 -79.10
N GLY J 442 26.81 40.26 -78.80
CA GLY J 442 28.12 39.63 -78.73
C GLY J 442 28.78 39.52 -80.10
N PRO J 443 30.11 39.57 -80.12
CA PRO J 443 30.90 39.51 -81.35
C PRO J 443 31.03 38.08 -81.88
N LEU J 444 30.94 37.92 -83.20
CA LEU J 444 31.18 36.64 -83.85
C LEU J 444 32.61 36.64 -84.39
N ILE J 445 33.50 35.94 -83.70
CA ILE J 445 34.92 36.01 -84.00
C ILE J 445 35.46 34.76 -84.70
N VAL J 446 36.42 34.96 -85.59
CA VAL J 446 37.08 33.85 -86.28
C VAL J 446 38.54 33.79 -85.88
N HIS J 447 38.86 32.88 -84.97
CA HIS J 447 40.22 32.74 -84.46
C HIS J 447 41.19 32.27 -85.55
N LYS J 448 42.03 33.17 -86.02
CA LYS J 448 42.99 32.85 -87.07
C LYS J 448 44.34 33.54 -86.82
N ARG J 449 45.42 32.77 -86.92
CA ARG J 449 46.76 33.30 -86.78
C ARG J 449 46.99 33.94 -85.41
N SER J 450 46.50 33.27 -84.37
CA SER J 450 46.67 33.73 -82.99
C SER J 450 45.97 35.06 -82.74
N ARG J 451 45.28 35.58 -83.75
CA ARG J 451 44.57 36.84 -83.64
C ARG J 451 43.06 36.59 -83.65
N PHE J 452 42.30 37.63 -83.30
CA PHE J 452 40.84 37.53 -83.26
C PHE J 452 40.18 38.60 -84.14
N ILE J 453 39.42 38.15 -85.14
CA ILE J 453 38.75 39.05 -86.06
C ILE J 453 37.24 38.91 -85.95
N GLN J 454 36.56 40.03 -85.71
CA GLN J 454 35.10 40.02 -85.63
C GLN J 454 34.48 40.10 -87.02
N VAL J 455 33.55 39.20 -87.31
CA VAL J 455 32.92 39.15 -88.62
C VAL J 455 31.39 39.10 -88.52
N GLY J 456 30.88 39.25 -87.30
CA GLY J 456 29.44 39.20 -87.08
C GLY J 456 29.03 39.80 -85.74
N VAL J 457 27.74 40.09 -85.62
CA VAL J 457 27.18 40.65 -84.40
C VAL J 457 25.87 39.95 -84.05
N ILE J 458 25.87 39.24 -82.92
CA ILE J 458 24.69 38.51 -82.47
C ILE J 458 23.42 39.38 -82.58
N SER J 459 22.49 38.93 -83.42
CA SER J 459 21.27 39.68 -83.67
C SER J 459 20.04 39.03 -83.03
N TRP J 460 19.79 37.77 -83.39
CA TRP J 460 18.63 37.05 -82.86
C TRP J 460 18.77 35.55 -83.09
N GLY J 461 17.83 34.79 -82.53
CA GLY J 461 17.82 33.34 -82.66
C GLY J 461 16.44 32.78 -82.90
N VAL J 462 16.37 31.50 -83.20
CA VAL J 462 15.09 30.83 -83.47
C VAL J 462 14.46 30.31 -82.19
N VAL J 463 15.25 29.59 -81.40
CA VAL J 463 14.76 29.01 -80.14
C VAL J 463 15.58 29.51 -78.95
N ASP J 464 14.89 29.85 -77.88
CA ASP J 464 15.55 30.31 -76.66
C ASP J 464 15.93 29.13 -75.78
N VAL J 465 16.86 28.30 -76.26
CA VAL J 465 17.35 27.17 -75.49
C VAL J 465 17.88 27.66 -74.15
N CYS J 466 18.27 28.92 -74.11
CA CYS J 466 18.72 29.56 -72.88
C CYS J 466 17.51 30.06 -72.11
N LYS J 467 16.60 29.14 -71.77
CA LYS J 467 15.38 29.45 -71.02
C LYS J 467 15.46 30.77 -70.27
N ASN J 468 15.86 30.69 -69.01
CA ASN J 468 16.09 31.87 -68.18
C ASN J 468 17.16 31.56 -67.14
N GLN J 469 18.37 32.08 -67.38
CA GLN J 469 19.52 31.83 -66.51
C GLN J 469 20.00 30.37 -66.59
N LYS J 470 19.54 29.67 -67.62
CA LYS J 470 20.00 28.32 -67.93
C LYS J 470 20.02 28.08 -69.43
N ARG J 471 20.70 27.01 -69.86
CA ARG J 471 20.77 26.65 -71.27
C ARG J 471 21.28 25.23 -71.48
N GLN J 472 20.41 24.35 -71.95
CA GLN J 472 20.79 22.97 -72.26
C GLN J 472 19.59 22.04 -72.34
N LYS J 473 19.78 20.81 -71.87
CA LYS J 473 18.70 19.82 -71.81
C LYS J 473 18.32 19.26 -73.16
N GLN J 474 17.30 19.85 -73.78
CA GLN J 474 16.81 19.37 -75.07
C GLN J 474 16.75 20.49 -76.11
N VAL J 475 17.83 20.63 -76.87
CA VAL J 475 17.92 21.67 -77.89
C VAL J 475 17.41 21.17 -79.24
N PRO J 476 16.51 21.93 -79.87
CA PRO J 476 15.97 21.59 -81.19
C PRO J 476 17.06 21.64 -82.26
N ALA J 477 16.86 20.88 -83.34
CA ALA J 477 17.81 20.86 -84.44
C ALA J 477 17.71 22.12 -85.27
N HIS J 478 16.57 22.79 -85.18
CA HIS J 478 16.33 24.02 -85.93
C HIS J 478 16.71 25.25 -85.11
N ALA J 479 17.37 25.02 -83.97
CA ALA J 479 17.84 26.11 -83.12
C ALA J 479 19.02 26.82 -83.77
N ARG J 480 18.71 27.82 -84.60
CA ARG J 480 19.74 28.53 -85.34
C ARG J 480 19.97 29.94 -84.79
N ASP J 481 21.19 30.44 -84.95
CA ASP J 481 21.53 31.78 -84.50
C ASP J 481 21.93 32.65 -85.69
N PHE J 482 21.41 33.87 -85.72
CA PHE J 482 21.70 34.79 -86.82
C PHE J 482 22.50 35.99 -86.34
N HIS J 483 23.54 36.36 -87.11
CA HIS J 483 24.39 37.47 -86.76
C HIS J 483 24.55 38.43 -87.94
N ILE J 484 24.66 39.72 -87.66
CA ILE J 484 24.82 40.72 -88.70
C ILE J 484 26.24 40.72 -89.26
N ASN J 485 26.38 40.30 -90.52
CA ASN J 485 27.69 40.27 -91.17
C ASN J 485 28.29 41.67 -91.28
N LEU J 486 29.49 41.83 -90.75
CA LEU J 486 30.16 43.13 -90.74
C LEU J 486 30.60 43.58 -92.13
N PHE J 487 30.60 42.64 -93.08
CA PHE J 487 30.96 42.96 -94.46
C PHE J 487 29.79 43.60 -95.19
N GLN J 488 28.58 43.36 -94.68
CA GLN J 488 27.37 43.87 -95.31
C GLN J 488 27.05 45.29 -94.83
N VAL J 489 27.74 45.73 -93.79
CA VAL J 489 27.54 47.07 -93.24
C VAL J 489 28.86 47.84 -93.22
N LEU J 490 29.76 47.47 -94.11
CA LEU J 490 31.07 48.12 -94.19
C LEU J 490 30.98 49.63 -94.40
N PRO J 491 30.19 50.07 -95.40
CA PRO J 491 30.08 51.51 -95.68
C PRO J 491 29.69 52.32 -94.46
N TRP J 492 28.93 51.72 -93.54
CA TRP J 492 28.48 52.42 -92.34
C TRP J 492 29.60 52.55 -91.32
N LEU J 493 30.22 51.43 -90.97
CA LEU J 493 31.35 51.44 -90.04
C LEU J 493 32.49 52.29 -90.60
N LYS J 494 32.54 52.36 -91.93
CA LYS J 494 33.57 53.12 -92.63
C LYS J 494 33.27 54.61 -92.54
N GLU J 495 32.05 54.95 -92.16
CA GLU J 495 31.61 56.34 -92.08
C GLU J 495 31.79 56.91 -90.67
N LYS J 496 31.33 56.16 -89.67
CA LYS J 496 31.35 56.63 -88.29
C LYS J 496 32.74 56.53 -87.67
N LEU J 497 33.46 55.45 -87.99
CA LEU J 497 34.77 55.22 -87.43
C LEU J 497 35.87 55.78 -88.33
N GLN J 498 35.57 56.87 -89.02
CA GLN J 498 36.52 57.47 -89.96
C GLN J 498 37.65 58.20 -89.24
N ASP J 499 37.35 58.79 -88.09
CA ASP J 499 38.35 59.55 -87.34
C ASP J 499 38.96 58.74 -86.20
N GLU J 500 38.63 57.44 -86.17
CA GLU J 500 39.16 56.57 -85.13
C GLU J 500 40.53 56.02 -85.51
N ASP J 501 41.01 56.44 -86.69
CA ASP J 501 42.32 56.02 -87.18
C ASP J 501 42.48 54.50 -87.16
N LEU J 502 41.53 53.81 -87.77
CA LEU J 502 41.57 52.35 -87.86
C LEU J 502 42.29 51.92 -89.12
N GLY J 503 41.99 52.60 -90.24
CA GLY J 503 42.64 52.31 -91.51
C GLY J 503 41.81 51.43 -92.42
N PHE J 504 40.52 51.72 -92.49
CA PHE J 504 39.63 50.99 -93.39
C PHE J 504 40.14 51.07 -94.84
N LEU J 505 39.84 50.05 -95.62
CA LEU J 505 40.25 50.02 -97.02
C LEU J 505 39.28 50.83 -97.88
N ALA J 506 39.81 51.85 -98.56
CA ALA J 506 38.99 52.70 -99.42
C ALA J 506 38.26 51.87 -100.47
N ALA J 507 38.75 50.66 -100.72
CA ALA J 507 38.12 49.76 -101.66
C ALA J 507 36.79 49.25 -101.12
N LYS K 1 -25.91 -19.86 57.03
CA LYS K 1 -27.27 -19.51 57.45
C LYS K 1 -27.27 -18.83 58.81
N ILE K 2 -26.32 -19.24 59.66
CA ILE K 2 -26.13 -18.66 60.99
C ILE K 2 -25.25 -19.57 61.85
N VAL K 3 -23.97 -19.60 61.55
CA VAL K 3 -23.03 -20.47 62.25
C VAL K 3 -23.23 -20.35 63.75
N LEU K 4 -22.98 -21.45 64.47
CA LEU K 4 -23.24 -21.49 65.90
C LEU K 4 -22.12 -22.23 66.63
N ASP K 5 -21.14 -21.47 67.12
CA ASP K 5 -20.00 -22.06 67.82
C ASP K 5 -19.15 -21.02 68.53
N PRO K 6 -18.64 -21.36 69.73
CA PRO K 6 -17.76 -20.50 70.52
C PRO K 6 -16.39 -20.35 69.86
N SER K 7 -16.15 -21.07 68.77
CA SER K 7 -14.89 -20.99 68.06
C SER K 7 -14.74 -19.64 67.34
N GLY K 8 -15.71 -18.75 67.57
CA GLY K 8 -15.69 -17.43 66.98
C GLY K 8 -16.78 -16.55 67.57
N SER K 9 -16.46 -15.28 67.77
CA SER K 9 -17.40 -14.33 68.34
C SER K 9 -18.52 -14.02 67.35
N MET K 10 -19.69 -13.67 67.88
CA MET K 10 -20.85 -13.37 67.05
C MET K 10 -21.56 -12.12 67.55
N ASN K 11 -22.47 -11.58 66.74
CA ASN K 11 -23.23 -10.40 67.09
C ASN K 11 -24.70 -10.51 66.70
N ILE K 12 -25.58 -10.11 67.61
CA ILE K 12 -27.02 -10.14 67.35
C ILE K 12 -27.63 -8.76 67.54
N TYR K 13 -27.83 -8.04 66.45
CA TYR K 13 -28.40 -6.69 66.49
C TYR K 13 -29.92 -6.74 66.46
N LEU K 14 -30.53 -6.60 67.64
CA LEU K 14 -31.98 -6.65 67.76
C LEU K 14 -32.61 -5.26 67.60
N VAL K 15 -33.19 -5.03 66.42
CA VAL K 15 -33.88 -3.77 66.15
C VAL K 15 -35.39 -3.98 66.21
N LEU K 16 -36.08 -3.15 66.99
CA LEU K 16 -37.52 -3.28 67.16
C LEU K 16 -38.25 -1.99 66.84
N ASP K 17 -39.36 -2.12 66.11
CA ASP K 17 -40.17 -0.97 65.73
C ASP K 17 -41.23 -0.70 66.78
N GLY K 18 -41.35 0.56 67.20
CA GLY K 18 -42.28 0.92 68.24
C GLY K 18 -43.22 2.07 67.86
N SER K 19 -43.51 2.22 66.58
CA SER K 19 -44.41 3.28 66.15
C SER K 19 -45.85 2.79 66.20
N ASP K 20 -46.78 3.69 65.93
CA ASP K 20 -48.20 3.39 66.05
C ASP K 20 -48.68 2.24 65.16
N SER K 21 -48.05 2.06 64.01
CA SER K 21 -48.49 1.02 63.07
C SER K 21 -48.29 -0.38 63.62
N ILE K 22 -47.48 -0.51 64.66
CA ILE K 22 -47.21 -1.80 65.27
C ILE K 22 -48.33 -2.18 66.22
N GLY K 23 -48.63 -1.30 67.18
CA GLY K 23 -49.66 -1.56 68.16
C GLY K 23 -49.11 -2.29 69.37
N ALA K 24 -49.81 -2.17 70.50
CA ALA K 24 -49.36 -2.80 71.74
C ALA K 24 -49.50 -4.32 71.68
N SER K 25 -50.44 -4.80 70.87
CA SER K 25 -50.71 -6.23 70.78
C SER K 25 -49.63 -6.99 70.04
N ASN K 26 -48.89 -6.29 69.17
CA ASN K 26 -47.83 -6.92 68.38
C ASN K 26 -46.43 -6.52 68.83
N PHE K 27 -46.32 -5.39 69.53
CA PHE K 27 -45.03 -4.95 70.05
C PHE K 27 -44.65 -5.79 71.26
N THR K 28 -45.65 -6.12 72.08
CA THR K 28 -45.44 -6.97 73.23
C THR K 28 -45.09 -8.39 72.77
N GLY K 29 -45.74 -8.82 71.70
CA GLY K 29 -45.46 -10.11 71.10
C GLY K 29 -44.17 -10.10 70.33
N ALA K 30 -43.71 -8.90 69.96
CA ALA K 30 -42.46 -8.74 69.24
C ALA K 30 -41.27 -8.95 70.18
N LYS K 31 -41.48 -8.63 71.46
CA LYS K 31 -40.44 -8.84 72.47
C LYS K 31 -40.32 -10.32 72.79
N LYS K 32 -41.46 -11.00 72.93
CA LYS K 32 -41.48 -12.44 73.16
C LYS K 32 -40.66 -13.15 72.08
N CYS K 33 -40.72 -12.62 70.86
CA CYS K 33 -39.95 -13.17 69.75
C CYS K 33 -38.56 -12.56 69.69
N LEU K 34 -37.92 -12.49 70.86
CA LEU K 34 -36.55 -12.03 70.98
C LEU K 34 -36.03 -12.53 72.32
N VAL K 35 -36.91 -12.51 73.31
CA VAL K 35 -36.61 -13.04 74.63
C VAL K 35 -36.39 -14.55 74.54
N ASN K 36 -37.35 -15.25 73.95
CA ASN K 36 -37.25 -16.70 73.79
C ASN K 36 -36.08 -17.09 72.88
N LEU K 37 -35.72 -16.17 71.98
CA LEU K 37 -34.60 -16.40 71.09
C LEU K 37 -33.29 -16.42 71.86
N ILE K 38 -33.05 -15.37 72.65
CA ILE K 38 -31.84 -15.27 73.45
C ILE K 38 -31.65 -16.51 74.32
N GLU K 39 -32.76 -17.05 74.82
CA GLU K 39 -32.72 -18.25 75.66
C GLU K 39 -32.30 -19.47 74.85
N LYS K 40 -32.86 -19.61 73.64
CA LYS K 40 -32.55 -20.74 72.79
C LYS K 40 -31.18 -20.58 72.13
N VAL K 41 -30.66 -19.36 72.15
CA VAL K 41 -29.33 -19.08 71.62
C VAL K 41 -28.27 -19.33 72.69
N ALA K 42 -28.58 -18.93 73.92
CA ALA K 42 -27.66 -19.13 75.05
C ALA K 42 -27.66 -20.59 75.49
N SER K 43 -28.73 -21.31 75.17
CA SER K 43 -28.82 -22.73 75.52
C SER K 43 -27.77 -23.53 74.77
N TYR K 44 -27.35 -23.00 73.62
CA TYR K 44 -26.33 -23.65 72.80
C TYR K 44 -24.93 -23.37 73.34
N GLY K 45 -24.81 -22.36 74.19
CA GLY K 45 -23.54 -22.04 74.83
C GLY K 45 -22.86 -20.81 74.26
N VAL K 46 -23.19 -20.46 73.02
CA VAL K 46 -22.60 -19.30 72.37
C VAL K 46 -22.85 -18.02 73.15
N LYS K 47 -21.88 -17.10 73.11
CA LYS K 47 -21.98 -15.85 73.84
C LYS K 47 -21.85 -14.65 72.90
N PRO K 48 -22.97 -14.27 72.25
CA PRO K 48 -23.01 -13.15 71.31
C PRO K 48 -23.00 -11.80 72.01
N ARG K 49 -22.41 -10.79 71.37
CA ARG K 49 -22.44 -9.43 71.88
C ARG K 49 -23.74 -8.76 71.45
N TYR K 50 -24.79 -8.95 72.25
CA TYR K 50 -26.11 -8.45 71.92
C TYR K 50 -26.18 -6.94 71.74
N GLY K 51 -27.01 -6.51 70.80
CA GLY K 51 -27.29 -5.10 70.60
C GLY K 51 -28.78 -4.88 70.54
N LEU K 52 -29.27 -3.90 71.28
CA LEU K 52 -30.71 -3.67 71.39
C LEU K 52 -31.06 -2.21 71.13
N VAL K 53 -31.79 -1.95 70.05
CA VAL K 53 -32.17 -0.59 69.70
C VAL K 53 -33.63 -0.50 69.25
N THR K 54 -34.45 0.15 70.07
CA THR K 54 -35.84 0.40 69.72
C THR K 54 -35.94 1.73 68.98
N TYR K 55 -36.64 1.74 67.85
CA TYR K 55 -36.69 2.93 67.02
C TYR K 55 -38.11 3.33 66.60
N ALA K 56 -38.26 4.61 66.29
CA ALA K 56 -39.51 5.13 65.75
C ALA K 56 -39.16 6.24 64.77
N THR K 57 -38.91 7.44 65.31
CA THR K 57 -38.37 8.54 64.51
C THR K 57 -36.93 8.76 64.92
N TYR K 58 -36.64 8.46 66.19
CA TYR K 58 -35.28 8.50 66.71
C TYR K 58 -35.03 7.27 67.56
N PRO K 59 -34.09 6.42 67.14
CA PRO K 59 -33.80 5.16 67.84
C PRO K 59 -33.35 5.41 69.27
N LYS K 60 -33.34 4.36 70.09
CA LYS K 60 -32.90 4.46 71.47
C LYS K 60 -31.98 3.29 71.80
N ILE K 61 -30.68 3.56 71.83
CA ILE K 61 -29.71 2.51 72.10
C ILE K 61 -29.78 2.02 73.54
N TRP K 62 -30.35 0.83 73.72
CA TRP K 62 -30.42 0.21 75.03
C TRP K 62 -29.11 -0.47 75.37
N VAL K 63 -28.67 -1.37 74.49
CA VAL K 63 -27.43 -2.11 74.69
C VAL K 63 -26.48 -1.95 73.52
N LYS K 64 -25.22 -1.65 73.82
CA LYS K 64 -24.19 -1.50 72.80
C LYS K 64 -23.36 -2.77 72.69
N VAL K 65 -22.92 -3.08 71.47
CA VAL K 65 -22.13 -4.27 71.22
C VAL K 65 -20.67 -4.06 71.60
N SER K 66 -20.42 -3.06 72.43
CA SER K 66 -19.06 -2.74 72.88
C SER K 66 -18.94 -2.83 74.39
N GLU K 67 -20.08 -2.77 75.08
CA GLU K 67 -20.09 -2.83 76.53
C GLU K 67 -19.60 -4.19 77.04
N ALA K 68 -19.33 -4.26 78.34
CA ALA K 68 -18.86 -5.51 78.94
C ALA K 68 -20.03 -6.37 79.40
N ASP K 69 -21.23 -5.78 79.41
CA ASP K 69 -22.42 -6.49 79.85
C ASP K 69 -23.26 -6.95 78.65
N SER K 70 -22.73 -6.73 77.45
CA SER K 70 -23.44 -7.09 76.22
C SER K 70 -23.34 -8.58 75.94
N SER K 71 -22.77 -9.33 76.88
CA SER K 71 -22.61 -10.77 76.71
C SER K 71 -23.35 -11.55 77.80
N ASN K 72 -24.01 -10.81 78.70
CA ASN K 72 -24.79 -11.43 79.77
C ASN K 72 -26.27 -11.50 79.41
N ALA K 73 -26.69 -12.62 78.85
CA ALA K 73 -28.07 -12.80 78.39
C ALA K 73 -29.09 -12.41 79.45
N ASP K 74 -28.83 -12.80 80.69
CA ASP K 74 -29.75 -12.52 81.79
C ASP K 74 -30.04 -11.02 81.93
N TRP K 75 -29.05 -10.20 81.60
CA TRP K 75 -29.20 -8.75 81.68
C TRP K 75 -29.85 -8.18 80.44
N VAL K 76 -29.41 -8.64 79.28
CA VAL K 76 -29.99 -8.20 78.01
C VAL K 76 -31.49 -8.52 77.98
N THR K 77 -31.86 -9.66 78.54
CA THR K 77 -33.26 -10.05 78.63
C THR K 77 -34.01 -9.08 79.55
N LYS K 78 -33.37 -8.70 80.65
CA LYS K 78 -33.95 -7.75 81.58
C LYS K 78 -34.29 -6.43 80.88
N GLN K 79 -33.32 -5.91 80.14
CA GLN K 79 -33.52 -4.66 79.39
C GLN K 79 -34.66 -4.80 78.41
N LEU K 80 -34.58 -5.81 77.54
CA LEU K 80 -35.61 -6.06 76.54
C LEU K 80 -36.98 -6.26 77.19
N ASN K 81 -37.01 -7.01 78.29
CA ASN K 81 -38.25 -7.29 79.00
C ASN K 81 -38.83 -6.03 79.63
N GLU K 82 -37.95 -5.11 80.02
CA GLU K 82 -38.37 -3.86 80.65
C GLU K 82 -38.76 -2.82 79.60
N ILE K 83 -38.33 -3.04 78.36
CA ILE K 83 -38.67 -2.12 77.27
C ILE K 83 -40.17 -1.94 77.14
N ASN K 84 -40.66 -0.79 77.57
CA ASN K 84 -42.08 -0.49 77.50
C ASN K 84 -42.45 0.12 76.16
N TYR K 85 -43.55 -0.34 75.57
CA TYR K 85 -44.00 0.11 74.27
C TYR K 85 -43.93 1.62 74.11
N GLU K 86 -44.61 2.34 75.02
CA GLU K 86 -44.78 3.77 74.89
C GLU K 86 -43.55 4.59 75.25
N ASP K 87 -42.37 3.98 75.12
CA ASP K 87 -41.13 4.67 75.46
C ASP K 87 -40.99 5.95 74.62
N HIS K 88 -41.35 5.85 73.34
CA HIS K 88 -41.54 7.04 72.51
C HIS K 88 -42.84 6.97 71.73
N LYS K 89 -43.84 7.72 72.21
CA LYS K 89 -45.16 7.73 71.61
C LYS K 89 -45.40 9.02 70.83
N LEU K 90 -44.56 10.03 71.08
CA LEU K 90 -44.68 11.31 70.41
C LEU K 90 -44.33 11.23 68.93
N LYS K 91 -43.22 10.56 68.63
CA LYS K 91 -42.72 10.47 67.26
C LYS K 91 -43.07 9.14 66.63
N SER K 92 -44.34 8.97 66.27
CA SER K 92 -44.82 7.70 65.71
C SER K 92 -44.25 7.45 64.32
N GLY K 93 -43.35 8.32 63.86
CA GLY K 93 -42.70 8.13 62.58
C GLY K 93 -42.00 6.77 62.54
N THR K 94 -41.65 6.32 61.34
CA THR K 94 -40.97 5.04 61.19
C THR K 94 -39.70 5.16 60.37
N ASN K 95 -38.75 5.92 60.92
CA ASN K 95 -37.45 6.10 60.28
C ASN K 95 -36.55 4.89 60.48
N THR K 96 -36.62 3.95 59.55
CA THR K 96 -35.82 2.73 59.62
C THR K 96 -34.38 2.99 59.21
N LYS K 97 -34.20 3.84 58.20
CA LYS K 97 -32.87 4.19 57.72
C LYS K 97 -32.00 4.70 58.87
N LYS K 98 -32.62 5.43 59.79
CA LYS K 98 -31.91 5.98 60.94
C LYS K 98 -31.52 4.88 61.92
N ALA K 99 -32.41 3.91 62.12
CA ALA K 99 -32.15 2.80 63.02
C ALA K 99 -30.95 1.99 62.54
N LEU K 100 -30.97 1.60 61.26
CA LEU K 100 -29.87 0.86 60.68
C LEU K 100 -28.62 1.72 60.59
N GLN K 101 -28.82 3.04 60.49
CA GLN K 101 -27.72 3.99 60.46
C GLN K 101 -26.94 3.93 61.77
N ALA K 102 -27.65 3.66 62.86
CA ALA K 102 -27.04 3.54 64.18
C ALA K 102 -26.34 2.21 64.32
N VAL K 103 -26.95 1.16 63.77
CA VAL K 103 -26.36 -0.17 63.79
C VAL K 103 -25.01 -0.17 63.10
N TYR K 104 -24.87 0.69 62.10
CA TYR K 104 -23.61 0.82 61.37
C TYR K 104 -22.46 1.17 62.32
N SER K 105 -22.76 2.04 63.28
CA SER K 105 -21.75 2.46 64.25
C SER K 105 -21.37 1.34 65.21
N MET K 106 -22.34 0.48 65.52
CA MET K 106 -22.09 -0.66 66.40
C MET K 106 -20.92 -1.48 65.90
N MET K 107 -20.85 -1.68 64.60
CA MET K 107 -19.78 -2.46 63.99
C MET K 107 -18.69 -1.55 63.42
N SER K 108 -18.98 -0.26 63.33
CA SER K 108 -18.02 0.70 62.82
C SER K 108 -16.86 0.89 63.81
N TRP K 109 -15.76 0.19 63.55
CA TRP K 109 -14.58 0.28 64.40
C TRP K 109 -14.03 1.72 64.42
N PRO K 110 -13.39 2.09 65.54
CA PRO K 110 -12.83 3.43 65.75
C PRO K 110 -11.69 3.79 64.79
N ASP K 111 -12.06 4.28 63.62
CA ASP K 111 -11.11 4.86 62.69
C ASP K 111 -10.14 3.88 62.01
N ASP K 112 -8.90 4.31 61.91
CA ASP K 112 -7.91 3.69 61.05
C ASP K 112 -7.40 2.36 61.57
N VAL K 113 -8.08 1.78 62.55
CA VAL K 113 -7.59 0.55 63.13
C VAL K 113 -8.63 -0.58 63.18
N PRO K 114 -8.39 -1.66 62.41
CA PRO K 114 -9.22 -2.86 62.47
C PRO K 114 -8.91 -3.66 63.73
N PRO K 115 -9.91 -3.87 64.60
CA PRO K 115 -9.73 -4.58 65.87
C PRO K 115 -9.17 -5.99 65.66
N GLU K 116 -8.84 -6.66 66.76
CA GLU K 116 -8.30 -8.02 66.70
C GLU K 116 -9.24 -8.95 65.96
N GLY K 117 -8.72 -9.62 64.93
CA GLY K 117 -9.49 -10.59 64.16
C GLY K 117 -10.96 -10.22 64.02
N TRP K 118 -11.21 -8.99 63.59
CA TRP K 118 -12.56 -8.48 63.43
C TRP K 118 -13.37 -9.31 62.44
N ASN K 119 -12.76 -9.57 61.27
CA ASN K 119 -13.45 -10.25 60.17
C ASN K 119 -14.00 -11.63 60.51
N ARG K 120 -13.48 -12.24 61.58
CA ARG K 120 -13.90 -13.58 61.97
C ARG K 120 -15.22 -13.54 62.75
N THR K 121 -15.67 -12.33 63.09
CA THR K 121 -16.90 -12.16 63.83
C THR K 121 -18.11 -12.16 62.91
N ARG K 122 -19.16 -12.88 63.31
CA ARG K 122 -20.39 -12.95 62.53
C ARG K 122 -21.31 -11.80 62.90
N HIS K 123 -22.09 -11.33 61.92
CA HIS K 123 -23.01 -10.23 62.15
C HIS K 123 -24.43 -10.62 61.74
N VAL K 124 -25.35 -10.52 62.69
CA VAL K 124 -26.75 -10.87 62.44
C VAL K 124 -27.70 -9.75 62.85
N ILE K 125 -28.36 -9.15 61.87
CA ILE K 125 -29.33 -8.09 62.13
C ILE K 125 -30.75 -8.63 62.10
N ILE K 126 -31.47 -8.45 63.20
CA ILE K 126 -32.84 -8.94 63.29
C ILE K 126 -33.83 -7.77 63.42
N LEU K 127 -34.14 -7.14 62.29
CA LEU K 127 -35.07 -6.03 62.27
C LEU K 127 -36.51 -6.52 62.32
N MET K 128 -37.30 -5.96 63.23
CA MET K 128 -38.71 -6.33 63.35
C MET K 128 -39.62 -5.13 63.09
N THR K 129 -39.85 -4.83 61.82
CA THR K 129 -40.70 -3.71 61.43
C THR K 129 -41.85 -4.18 60.55
N ASP K 130 -42.72 -3.26 60.15
CA ASP K 130 -43.84 -3.59 59.29
C ASP K 130 -43.61 -3.08 57.86
N GLY K 131 -42.36 -2.72 57.56
CA GLY K 131 -42.01 -2.23 56.24
C GLY K 131 -42.49 -0.82 55.98
N LEU K 132 -43.62 -0.46 56.57
CA LEU K 132 -44.19 0.87 56.40
C LEU K 132 -43.33 1.92 57.08
N HIS K 133 -42.39 2.51 56.34
CA HIS K 133 -41.53 3.55 56.87
C HIS K 133 -41.75 4.87 56.13
N ASN K 134 -42.00 5.93 56.90
CA ASN K 134 -42.28 7.24 56.33
C ASN K 134 -41.07 8.16 56.27
N MET K 135 -40.49 8.43 57.44
CA MET K 135 -39.35 9.32 57.53
C MET K 135 -38.05 8.62 57.13
N GLY K 136 -37.14 9.37 56.52
CA GLY K 136 -35.89 8.81 56.05
C GLY K 136 -35.98 8.38 54.60
N GLY K 137 -34.89 7.83 54.08
CA GLY K 137 -34.86 7.37 52.71
C GLY K 137 -35.17 5.89 52.59
N ASP K 138 -34.32 5.17 51.85
CA ASP K 138 -34.48 3.73 51.68
C ASP K 138 -33.40 2.99 52.44
N PRO K 139 -33.79 2.26 53.49
CA PRO K 139 -32.85 1.51 54.34
C PRO K 139 -32.02 0.51 53.55
N ILE K 140 -32.36 0.31 52.27
CA ILE K 140 -31.62 -0.60 51.41
C ILE K 140 -30.16 -0.16 51.28
N THR K 141 -29.95 1.14 51.07
CA THR K 141 -28.61 1.68 50.91
C THR K 141 -27.72 1.39 52.11
N VAL K 142 -28.34 1.32 53.29
CA VAL K 142 -27.61 1.01 54.52
C VAL K 142 -27.06 -0.40 54.46
N ILE K 143 -27.88 -1.33 53.97
CA ILE K 143 -27.47 -2.72 53.82
C ILE K 143 -26.31 -2.80 52.83
N ASP K 144 -26.30 -1.88 51.87
CA ASP K 144 -25.24 -1.82 50.87
C ASP K 144 -23.98 -1.16 51.45
N GLU K 145 -24.17 -0.31 52.45
CA GLU K 145 -23.07 0.34 53.14
C GLU K 145 -22.38 -0.66 54.06
N ILE K 146 -23.18 -1.37 54.85
CA ILE K 146 -22.67 -2.44 55.71
C ILE K 146 -22.11 -3.55 54.84
N ARG K 147 -22.62 -3.65 53.61
CA ARG K 147 -22.18 -4.66 52.66
C ARG K 147 -20.69 -4.49 52.37
N ASP K 148 -20.21 -3.25 52.49
CA ASP K 148 -18.82 -2.93 52.18
C ASP K 148 -17.95 -2.91 53.43
N LEU K 149 -18.51 -2.41 54.53
CA LEU K 149 -17.77 -2.28 55.78
C LEU K 149 -17.19 -3.63 56.21
N LEU K 150 -18.04 -4.66 56.23
CA LEU K 150 -17.61 -6.00 56.62
C LEU K 150 -16.86 -6.69 55.48
N TYR K 151 -16.53 -5.92 54.46
CA TYR K 151 -15.82 -6.46 53.29
C TYR K 151 -16.58 -7.63 52.69
N ILE K 152 -17.87 -7.45 52.46
CA ILE K 152 -18.72 -8.50 51.93
C ILE K 152 -19.05 -8.27 50.45
N GLY K 153 -18.98 -9.34 49.67
CA GLY K 153 -19.29 -9.28 48.25
C GLY K 153 -18.40 -8.31 47.49
N LYS K 154 -17.14 -8.22 47.91
CA LYS K 154 -16.18 -7.33 47.26
C LYS K 154 -14.93 -8.07 46.82
N ASP K 155 -15.01 -9.41 46.80
CA ASP K 155 -13.90 -10.23 46.37
C ASP K 155 -14.41 -11.41 45.54
N ARG K 156 -13.54 -11.97 44.70
CA ARG K 156 -13.91 -13.06 43.81
C ARG K 156 -14.15 -14.37 44.56
N LYS K 157 -13.07 -14.94 45.11
CA LYS K 157 -13.14 -16.23 45.76
C LYS K 157 -13.42 -16.13 47.26
N ASN K 158 -13.59 -14.91 47.75
CA ASN K 158 -13.86 -14.68 49.17
C ASN K 158 -15.04 -13.73 49.37
N PRO K 159 -16.26 -14.19 49.06
CA PRO K 159 -17.48 -13.38 49.12
C PRO K 159 -17.83 -12.89 50.52
N ARG K 160 -17.56 -13.70 51.54
CA ARG K 160 -17.90 -13.35 52.91
C ARG K 160 -19.40 -13.15 53.11
N GLU K 161 -20.20 -13.99 52.46
CA GLU K 161 -21.64 -13.93 52.60
C GLU K 161 -22.10 -14.70 53.83
N ASP K 162 -21.15 -15.22 54.59
CA ASP K 162 -21.46 -16.00 55.78
C ASP K 162 -21.42 -15.15 57.04
N TYR K 163 -21.04 -13.88 56.88
CA TYR K 163 -20.90 -12.99 58.02
C TYR K 163 -21.97 -11.90 58.03
N LEU K 164 -23.09 -12.17 57.36
CA LEU K 164 -24.19 -11.22 57.29
C LEU K 164 -25.53 -11.91 57.12
N ASP K 165 -26.29 -12.00 58.21
CA ASP K 165 -27.60 -12.64 58.16
C ASP K 165 -28.69 -11.70 58.64
N VAL K 166 -29.35 -11.03 57.68
CA VAL K 166 -30.39 -10.08 57.99
C VAL K 166 -31.77 -10.73 58.01
N TYR K 167 -32.39 -10.73 59.19
CA TYR K 167 -33.73 -11.28 59.34
C TYR K 167 -34.74 -10.17 59.59
N VAL K 168 -35.92 -10.29 58.98
CA VAL K 168 -36.97 -9.29 59.15
C VAL K 168 -38.29 -9.93 59.53
N PHE K 169 -38.86 -9.48 60.66
CA PHE K 169 -40.14 -9.99 61.13
C PHE K 169 -41.25 -8.99 60.86
N GLY K 170 -42.18 -9.36 59.98
CA GLY K 170 -43.27 -8.49 59.62
C GLY K 170 -44.32 -8.39 60.71
N VAL K 171 -44.06 -7.51 61.68
CA VAL K 171 -45.01 -7.28 62.77
C VAL K 171 -46.08 -6.29 62.35
N GLY K 172 -47.21 -6.29 63.07
CA GLY K 172 -48.31 -5.41 62.74
C GLY K 172 -49.15 -5.96 61.61
N PRO K 173 -50.43 -5.56 61.55
CA PRO K 173 -51.39 -6.00 60.54
C PRO K 173 -50.93 -5.69 59.12
N LEU K 174 -51.50 -4.65 58.52
CA LEU K 174 -51.15 -4.25 57.16
C LEU K 174 -49.65 -3.97 57.05
N VAL K 175 -48.95 -4.84 56.31
CA VAL K 175 -47.51 -4.73 56.16
C VAL K 175 -47.10 -4.75 54.69
N ASN K 176 -46.25 -3.81 54.30
CA ASN K 176 -45.76 -3.74 52.92
C ASN K 176 -44.72 -4.82 52.65
N GLN K 177 -45.19 -6.00 52.26
CA GLN K 177 -44.31 -7.14 52.01
C GLN K 177 -43.22 -6.82 51.00
N VAL K 178 -43.58 -6.13 49.93
CA VAL K 178 -42.64 -5.78 48.87
C VAL K 178 -41.38 -5.12 49.42
N ASN K 179 -41.56 -4.29 50.45
CA ASN K 179 -40.43 -3.57 51.06
C ASN K 179 -39.56 -4.47 51.92
N ILE K 180 -40.20 -5.29 52.75
CA ILE K 180 -39.48 -6.18 53.66
C ILE K 180 -38.44 -7.03 52.95
N ASN K 181 -38.87 -7.79 51.95
CA ASN K 181 -37.99 -8.70 51.22
C ASN K 181 -36.69 -8.05 50.77
N ALA K 182 -36.80 -6.82 50.25
CA ALA K 182 -35.63 -6.09 49.77
C ALA K 182 -34.59 -5.93 50.86
N LEU K 183 -35.04 -5.68 52.08
CA LEU K 183 -34.15 -5.51 53.23
C LEU K 183 -33.54 -6.85 53.65
N ALA K 184 -34.39 -7.86 53.79
CA ALA K 184 -33.95 -9.18 54.22
C ALA K 184 -32.87 -9.73 53.32
N SER K 185 -31.98 -10.55 53.90
CA SER K 185 -30.88 -11.14 53.14
C SER K 185 -31.40 -12.16 52.12
N LYS K 186 -30.86 -12.09 50.91
CA LYS K 186 -31.28 -13.00 49.85
C LYS K 186 -30.29 -14.15 49.69
N LYS K 187 -30.47 -15.20 50.48
CA LYS K 187 -29.60 -16.37 50.42
C LYS K 187 -30.37 -17.59 49.95
N ASP K 188 -29.68 -18.46 49.20
CA ASP K 188 -30.31 -19.66 48.65
C ASP K 188 -30.55 -20.72 49.73
N ASN K 189 -31.68 -21.41 49.61
CA ASN K 189 -32.02 -22.49 50.53
C ASN K 189 -32.13 -22.04 51.98
N GLU K 190 -32.33 -20.74 52.19
CA GLU K 190 -32.42 -20.19 53.53
C GLU K 190 -33.66 -19.32 53.70
N GLN K 191 -34.06 -19.09 54.95
CA GLN K 191 -35.23 -18.30 55.26
C GLN K 191 -34.86 -17.06 56.09
N HIS K 192 -35.34 -15.90 55.66
CA HIS K 192 -35.04 -14.66 56.35
C HIS K 192 -36.26 -13.76 56.45
N VAL K 193 -37.38 -14.21 55.88
CA VAL K 193 -38.61 -13.44 55.90
C VAL K 193 -39.70 -14.13 56.69
N PHE K 194 -39.98 -13.61 57.89
CA PHE K 194 -41.02 -14.17 58.74
C PHE K 194 -42.16 -13.18 58.95
N LYS K 195 -43.39 -13.70 58.99
CA LYS K 195 -44.57 -12.86 59.10
C LYS K 195 -45.33 -13.10 60.41
N VAL K 196 -46.43 -12.37 60.59
CA VAL K 196 -47.21 -12.44 61.82
C VAL K 196 -47.58 -13.87 62.21
N LYS K 197 -48.26 -14.58 61.31
CA LYS K 197 -48.73 -15.92 61.58
C LYS K 197 -47.62 -16.84 62.09
N ASP K 198 -46.41 -16.65 61.55
CA ASP K 198 -45.27 -17.47 61.92
C ASP K 198 -45.03 -17.48 63.42
N MET K 199 -45.41 -16.39 64.09
CA MET K 199 -45.24 -16.26 65.53
C MET K 199 -45.73 -17.50 66.27
N GLU K 200 -47.02 -17.79 66.16
CA GLU K 200 -47.58 -18.97 66.78
C GLU K 200 -46.75 -20.20 66.43
N ASN K 201 -46.45 -21.01 67.44
CA ASN K 201 -45.55 -22.16 67.26
C ASN K 201 -44.12 -21.68 66.97
N LEU K 202 -43.60 -20.84 67.86
CA LEU K 202 -42.29 -20.22 67.68
C LEU K 202 -41.18 -21.22 67.36
N GLU K 203 -41.21 -22.38 68.01
CA GLU K 203 -40.17 -23.39 67.82
C GLU K 203 -39.87 -23.65 66.36
N ASP K 204 -40.92 -23.70 65.54
CA ASP K 204 -40.77 -23.95 64.11
C ASP K 204 -39.95 -22.85 63.44
N VAL K 205 -40.15 -21.61 63.90
CA VAL K 205 -39.44 -20.47 63.36
C VAL K 205 -37.95 -20.55 63.66
N PHE K 206 -37.62 -20.74 64.93
CA PHE K 206 -36.22 -20.80 65.36
C PHE K 206 -35.42 -21.85 64.60
N TYR K 207 -36.10 -22.91 64.17
CA TYR K 207 -35.46 -24.01 63.46
C TYR K 207 -34.65 -23.49 62.28
N GLN K 208 -35.31 -22.85 61.33
CA GLN K 208 -34.67 -22.33 60.13
C GLN K 208 -33.47 -21.45 60.44
N MET K 209 -33.66 -20.48 61.32
CA MET K 209 -32.61 -19.50 61.63
C MET K 209 -31.56 -20.05 62.60
N ILE K 210 -31.31 -21.35 62.54
CA ILE K 210 -30.28 -21.98 63.38
C ILE K 210 -29.74 -23.27 62.77
N ASP K 211 -28.42 -23.34 62.62
CA ASP K 211 -27.75 -24.57 62.18
C ASP K 211 -26.62 -24.94 63.14
N GLU K 212 -26.76 -26.08 63.80
CA GLU K 212 -25.82 -26.49 64.84
C GLU K 212 -24.59 -27.16 64.27
N SER K 213 -23.90 -26.49 63.36
CA SER K 213 -22.71 -27.06 62.73
C SER K 213 -21.75 -27.67 63.76
N GLN K 214 -21.34 -26.86 64.73
CA GLN K 214 -20.41 -27.31 65.76
C GLN K 214 -21.12 -27.66 67.07
N SER K 215 -22.44 -27.70 67.03
CA SER K 215 -23.22 -28.05 68.22
C SER K 215 -23.92 -29.41 68.11
N LEU K 216 -23.24 -30.42 67.55
CA LEU K 216 -23.81 -31.77 67.36
C LEU K 216 -23.45 -32.72 68.52
N SER K 217 -22.56 -32.28 69.39
CA SER K 217 -22.07 -33.12 70.48
C SER K 217 -22.67 -32.74 71.83
N LEU K 218 -23.26 -31.54 71.90
CA LEU K 218 -23.85 -31.07 73.15
C LEU K 218 -24.98 -31.98 73.63
N CYS K 219 -24.93 -32.36 74.90
CA CYS K 219 -25.91 -33.28 75.46
C CYS K 219 -27.15 -32.55 75.97
N GLY K 220 -28.20 -33.33 76.27
CA GLY K 220 -29.42 -32.79 76.81
C GLY K 220 -30.04 -31.68 75.99
N MET K 221 -29.71 -31.64 74.70
CA MET K 221 -30.25 -30.62 73.81
C MET K 221 -31.37 -31.19 72.95
N VAL K 222 -32.48 -30.46 72.88
CA VAL K 222 -33.67 -30.97 72.21
C VAL K 222 -34.34 -29.93 71.32
N TRP K 223 -34.77 -30.36 70.13
CA TRP K 223 -35.58 -29.53 69.25
C TRP K 223 -37.05 -29.78 69.52
N GLU K 224 -37.84 -28.72 69.55
CA GLU K 224 -39.24 -28.82 69.94
C GLU K 224 -40.22 -28.52 68.81
N HIS K 225 -39.70 -28.23 67.61
CA HIS K 225 -40.56 -27.91 66.48
C HIS K 225 -41.60 -29.00 66.23
N ARG K 226 -42.79 -28.59 65.82
CA ARG K 226 -43.91 -29.52 65.63
C ARG K 226 -43.62 -30.57 64.57
N LYS K 227 -42.78 -30.21 63.58
CA LYS K 227 -42.43 -31.13 62.51
C LYS K 227 -41.34 -32.10 62.93
N GLY K 228 -41.11 -32.21 64.24
CA GLY K 228 -40.09 -33.09 64.76
C GLY K 228 -40.65 -34.40 65.27
N THR K 229 -40.03 -35.50 64.86
CA THR K 229 -40.45 -36.82 65.32
C THR K 229 -40.21 -36.95 66.82
N ASP K 230 -40.68 -38.06 67.40
CA ASP K 230 -40.52 -38.30 68.83
C ASP K 230 -39.07 -38.21 69.25
N TYR K 231 -38.17 -38.73 68.42
CA TYR K 231 -36.75 -38.77 68.75
C TYR K 231 -36.06 -37.42 68.52
N HIS K 232 -36.75 -36.51 67.84
CA HIS K 232 -36.28 -35.14 67.73
C HIS K 232 -36.49 -34.42 69.05
N LYS K 233 -37.31 -35.03 69.90
CA LYS K 233 -37.63 -34.48 71.21
C LYS K 233 -36.92 -35.25 72.32
N GLN K 234 -36.65 -36.53 72.05
CA GLN K 234 -35.92 -37.36 73.00
C GLN K 234 -34.83 -38.16 72.29
N PRO K 235 -33.75 -37.48 71.90
CA PRO K 235 -32.63 -38.09 71.17
C PRO K 235 -31.91 -39.18 71.99
N TRP K 236 -31.78 -38.94 73.29
CA TRP K 236 -31.09 -39.88 74.17
C TRP K 236 -31.87 -41.18 74.32
N GLN K 237 -33.20 -41.09 74.21
CA GLN K 237 -34.06 -42.25 74.42
C GLN K 237 -33.63 -43.44 73.57
N ALA K 238 -33.68 -44.63 74.16
CA ALA K 238 -33.31 -45.86 73.47
C ALA K 238 -34.20 -47.02 73.88
N LYS K 239 -34.53 -47.88 72.92
CA LYS K 239 -35.39 -49.03 73.17
C LYS K 239 -34.58 -50.32 73.13
N ILE K 240 -34.47 -50.98 74.27
CA ILE K 240 -33.70 -52.21 74.36
C ILE K 240 -34.59 -53.45 74.37
N SER K 241 -34.13 -54.52 73.72
CA SER K 241 -34.90 -55.76 73.63
C SER K 241 -34.06 -56.95 74.04
N VAL K 242 -34.68 -57.89 74.78
CA VAL K 242 -33.99 -59.09 75.22
C VAL K 242 -34.74 -60.35 74.75
N ILE K 243 -34.14 -61.06 73.81
CA ILE K 243 -34.73 -62.27 73.27
C ILE K 243 -34.00 -63.50 73.81
N ARG K 244 -34.77 -64.51 74.22
CA ARG K 244 -34.20 -65.70 74.85
C ARG K 244 -35.23 -66.81 74.91
N PRO K 245 -34.78 -68.08 74.83
CA PRO K 245 -35.67 -69.24 74.94
C PRO K 245 -36.67 -69.12 76.10
N SER K 246 -37.95 -69.26 75.78
CA SER K 246 -39.01 -69.23 76.79
C SER K 246 -39.09 -67.87 77.50
N LYS K 247 -38.34 -66.90 77.01
CA LYS K 247 -38.34 -65.57 77.61
C LYS K 247 -39.27 -64.63 76.85
N GLY K 248 -39.87 -65.13 75.78
CA GLY K 248 -40.72 -64.31 74.94
C GLY K 248 -39.97 -63.11 74.43
N HIS K 249 -40.16 -61.97 75.09
CA HIS K 249 -39.41 -60.76 74.78
C HIS K 249 -39.53 -59.75 75.91
N GLU K 250 -38.40 -59.35 76.48
CA GLU K 250 -38.38 -58.40 77.57
C GLU K 250 -38.14 -56.98 77.05
N SER K 251 -39.02 -56.06 77.42
CA SER K 251 -38.95 -54.69 76.94
C SER K 251 -38.41 -53.72 77.99
N CYS K 252 -37.32 -53.04 77.66
CA CYS K 252 -36.73 -52.05 78.55
C CYS K 252 -36.30 -50.83 77.74
N MET K 253 -35.95 -49.75 78.45
CA MET K 253 -35.49 -48.52 77.80
C MET K 253 -34.16 -48.07 78.37
N GLY K 254 -33.56 -47.06 77.75
CA GLY K 254 -32.28 -46.54 78.19
C GLY K 254 -31.98 -45.16 77.65
N ALA K 255 -30.86 -44.59 78.08
CA ALA K 255 -30.46 -43.27 77.63
C ALA K 255 -29.02 -43.26 77.15
N VAL K 256 -28.79 -42.66 75.98
CA VAL K 256 -27.45 -42.55 75.43
C VAL K 256 -26.60 -41.62 76.28
N VAL K 257 -25.62 -42.20 76.97
CA VAL K 257 -24.74 -41.43 77.84
C VAL K 257 -23.44 -41.06 77.13
N SER K 258 -23.10 -41.82 76.10
CA SER K 258 -21.88 -41.56 75.34
C SER K 258 -21.94 -42.20 73.95
N GLU K 259 -20.90 -41.98 73.15
CA GLU K 259 -20.84 -42.50 71.80
C GLU K 259 -20.92 -44.03 71.76
N TYR K 260 -20.47 -44.66 72.84
CA TYR K 260 -20.41 -46.12 72.89
C TYR K 260 -21.30 -46.74 73.97
N PHE K 261 -21.81 -45.92 74.89
CA PHE K 261 -22.54 -46.45 76.04
C PHE K 261 -24.00 -46.02 76.11
N VAL K 262 -24.82 -46.90 76.68
CA VAL K 262 -26.23 -46.63 76.91
C VAL K 262 -26.61 -47.06 78.33
N LEU K 263 -27.12 -46.12 79.11
CA LEU K 263 -27.45 -46.39 80.52
C LEU K 263 -28.88 -46.93 80.67
N THR K 264 -29.02 -48.00 81.45
CA THR K 264 -30.32 -48.61 81.68
C THR K 264 -30.31 -49.41 82.98
N ALA K 265 -31.50 -49.84 83.41
CA ALA K 265 -31.63 -50.64 84.62
C ALA K 265 -30.85 -51.94 84.50
N ALA K 266 -30.33 -52.43 85.62
CA ALA K 266 -29.52 -53.65 85.63
C ALA K 266 -30.36 -54.90 85.87
N HIS K 267 -31.65 -54.70 86.14
CA HIS K 267 -32.54 -55.81 86.42
C HIS K 267 -33.25 -56.30 85.16
N CYS K 268 -32.94 -55.67 84.03
CA CYS K 268 -33.53 -56.05 82.75
C CYS K 268 -32.73 -57.17 82.09
N PHE K 269 -31.52 -57.40 82.60
CA PHE K 269 -30.64 -58.42 82.03
C PHE K 269 -30.17 -59.40 83.10
N THR K 270 -29.36 -60.37 82.70
CA THR K 270 -28.82 -61.35 83.64
C THR K 270 -27.57 -62.00 83.07
N VAL K 271 -26.79 -62.65 83.93
CA VAL K 271 -25.56 -63.32 83.52
C VAL K 271 -25.84 -64.33 82.41
N ASP K 272 -27.05 -64.88 82.41
CA ASP K 272 -27.45 -65.88 81.42
C ASP K 272 -27.61 -65.28 80.03
N ASP K 273 -28.18 -64.08 79.97
CA ASP K 273 -28.40 -63.39 78.70
C ASP K 273 -27.09 -63.13 77.98
N LYS K 274 -27.03 -63.50 76.70
CA LYS K 274 -25.83 -63.32 75.90
C LYS K 274 -25.82 -61.95 75.22
N GLU K 275 -24.73 -61.66 74.51
CA GLU K 275 -24.55 -60.36 73.87
C GLU K 275 -25.22 -60.24 72.50
N HIS K 276 -25.67 -61.37 71.96
CA HIS K 276 -26.39 -61.35 70.69
C HIS K 276 -27.88 -61.61 70.90
N SER K 277 -28.28 -61.67 72.17
CA SER K 277 -29.69 -61.82 72.52
C SER K 277 -30.26 -60.48 72.98
N ILE K 278 -29.40 -59.47 72.97
CA ILE K 278 -29.79 -58.12 73.38
C ILE K 278 -29.54 -57.13 72.25
N LYS K 279 -30.61 -56.50 71.77
CA LYS K 279 -30.50 -55.54 70.67
C LYS K 279 -31.00 -54.16 71.09
N VAL K 280 -30.19 -53.14 70.84
CA VAL K 280 -30.53 -51.79 71.22
C VAL K 280 -30.99 -50.96 70.02
N SER K 281 -32.16 -50.34 70.14
CA SER K 281 -32.69 -49.46 69.10
C SER K 281 -32.60 -48.01 69.56
N VAL K 282 -31.78 -47.22 68.88
CA VAL K 282 -31.53 -45.84 69.29
C VAL K 282 -32.74 -44.94 69.04
N GLY K 283 -32.89 -44.47 67.81
CA GLY K 283 -33.94 -43.53 67.49
C GLY K 283 -34.61 -43.74 66.14
N GLY K 284 -35.91 -44.01 66.17
CA GLY K 284 -36.69 -44.15 64.95
C GLY K 284 -36.38 -45.41 64.17
N GLU K 285 -35.22 -45.43 63.52
CA GLU K 285 -34.82 -46.56 62.71
C GLU K 285 -35.01 -47.88 63.43
N LYS K 286 -35.81 -48.76 62.82
CA LYS K 286 -35.98 -50.11 63.35
C LYS K 286 -34.78 -50.96 62.96
N ARG K 287 -33.60 -50.39 63.14
CA ARG K 287 -32.34 -51.05 62.84
C ARG K 287 -31.60 -51.37 64.12
N ASP K 288 -31.81 -52.58 64.63
CA ASP K 288 -31.21 -53.00 65.90
C ASP K 288 -29.68 -52.96 65.85
N LEU K 289 -29.08 -52.61 66.98
CA LEU K 289 -27.63 -52.54 67.09
C LEU K 289 -27.10 -53.62 68.03
N GLU K 290 -26.12 -54.38 67.56
CA GLU K 290 -25.49 -55.41 68.37
C GLU K 290 -24.64 -54.78 69.45
N ILE K 291 -24.77 -55.29 70.68
CA ILE K 291 -24.01 -54.77 71.81
C ILE K 291 -22.69 -55.52 71.97
N GLU K 292 -21.78 -54.94 72.74
CA GLU K 292 -20.48 -55.56 72.99
C GLU K 292 -20.45 -56.29 74.32
N VAL K 293 -20.94 -55.63 75.36
CA VAL K 293 -20.95 -56.21 76.70
C VAL K 293 -21.81 -55.38 77.65
N VAL K 294 -22.46 -56.06 78.60
CA VAL K 294 -23.27 -55.39 79.61
C VAL K 294 -22.51 -55.28 80.92
N LEU K 295 -22.21 -54.05 81.33
CA LEU K 295 -21.45 -53.82 82.55
C LEU K 295 -22.37 -53.64 83.77
N PHE K 296 -22.64 -54.74 84.45
CA PHE K 296 -23.45 -54.70 85.66
C PHE K 296 -22.69 -54.02 86.80
N HIS K 297 -23.42 -53.31 87.65
CA HIS K 297 -22.81 -52.66 88.81
C HIS K 297 -22.33 -53.73 89.79
N PRO K 298 -21.09 -53.61 90.26
CA PRO K 298 -20.47 -54.58 91.17
C PRO K 298 -21.32 -54.84 92.42
N ASN K 299 -22.06 -53.83 92.86
CA ASN K 299 -22.87 -53.96 94.06
C ASN K 299 -24.30 -54.41 93.79
N TYR K 300 -24.61 -54.66 92.52
CA TYR K 300 -25.95 -55.12 92.14
C TYR K 300 -26.19 -56.56 92.58
N ASN K 301 -27.39 -56.81 93.11
CA ASN K 301 -27.77 -58.14 93.55
C ASN K 301 -29.26 -58.19 93.89
N ILE K 302 -30.02 -58.96 93.11
CA ILE K 302 -31.46 -59.06 93.30
C ILE K 302 -31.80 -60.18 94.28
N ASN K 303 -30.81 -61.01 94.60
CA ASN K 303 -31.01 -62.11 95.53
C ASN K 303 -30.12 -61.99 96.76
N GLY K 304 -29.61 -60.78 96.99
CA GLY K 304 -28.77 -60.51 98.14
C GLY K 304 -29.49 -60.77 99.44
N LYS K 305 -30.82 -60.77 99.38
CA LYS K 305 -31.65 -61.02 100.56
C LYS K 305 -32.47 -62.31 100.41
N LYS K 306 -31.77 -63.43 100.36
CA LYS K 306 -32.41 -64.74 100.31
C LYS K 306 -32.78 -65.19 101.72
N GLU K 307 -32.29 -64.45 102.71
CA GLU K 307 -32.46 -64.83 104.11
C GLU K 307 -33.45 -63.94 104.86
N ALA K 308 -33.36 -62.64 104.66
CA ALA K 308 -34.16 -61.68 105.42
C ALA K 308 -35.65 -61.73 105.08
N GLY K 309 -35.97 -62.04 103.83
CA GLY K 309 -37.35 -62.09 103.39
C GLY K 309 -37.62 -61.06 102.31
N ILE K 310 -36.56 -60.63 101.64
CA ILE K 310 -36.68 -59.68 100.54
C ILE K 310 -36.31 -60.38 99.23
N PRO K 311 -37.31 -61.02 98.59
CA PRO K 311 -37.13 -61.82 97.37
C PRO K 311 -36.37 -61.06 96.28
N GLU K 312 -36.53 -59.74 96.24
CA GLU K 312 -35.90 -58.94 95.21
C GLU K 312 -35.21 -57.70 95.80
N PHE K 313 -33.92 -57.56 95.52
CA PHE K 313 -33.13 -56.46 96.03
C PHE K 313 -32.67 -55.55 94.90
N TYR K 314 -33.25 -54.35 94.83
CA TYR K 314 -33.01 -53.45 93.70
C TYR K 314 -31.90 -52.43 93.96
N ASP K 315 -31.13 -52.62 95.02
CA ASP K 315 -30.05 -51.70 95.35
C ASP K 315 -28.98 -51.70 94.26
N TYR K 316 -28.48 -50.53 93.92
CA TYR K 316 -27.48 -50.38 92.86
C TYR K 316 -27.98 -51.00 91.56
N ASP K 317 -29.16 -50.60 91.12
CA ASP K 317 -29.78 -51.16 89.92
C ASP K 317 -29.40 -50.36 88.68
N VAL K 318 -28.12 -50.35 88.35
CA VAL K 318 -27.63 -49.63 87.18
C VAL K 318 -26.64 -50.48 86.39
N ALA K 319 -26.70 -50.36 85.07
CA ALA K 319 -25.79 -51.12 84.20
C ALA K 319 -25.60 -50.42 82.87
N LEU K 320 -24.34 -50.23 82.49
CA LEU K 320 -24.00 -49.60 81.21
C LEU K 320 -23.93 -50.64 80.10
N ILE K 321 -24.26 -50.21 78.88
CA ILE K 321 -24.21 -51.10 77.72
C ILE K 321 -23.34 -50.52 76.62
N LYS K 322 -22.16 -51.08 76.45
CA LYS K 322 -21.24 -50.62 75.42
C LYS K 322 -21.59 -51.23 74.06
N LEU K 323 -22.07 -50.39 73.15
CA LEU K 323 -22.45 -50.83 71.81
C LEU K 323 -21.24 -51.36 71.05
N LYS K 324 -21.48 -52.28 70.13
CA LYS K 324 -20.40 -52.87 69.35
C LYS K 324 -19.91 -51.91 68.27
N ASN K 325 -20.75 -50.94 67.93
CA ASN K 325 -20.41 -49.93 66.95
C ASN K 325 -20.54 -48.51 67.50
N LYS K 326 -19.68 -47.61 67.03
CA LYS K 326 -19.68 -46.23 67.50
C LYS K 326 -20.82 -45.43 66.90
N LEU K 327 -21.49 -44.64 67.72
CA LEU K 327 -22.62 -43.85 67.27
C LEU K 327 -22.21 -42.46 66.80
N LYS K 328 -22.87 -41.97 65.74
CA LYS K 328 -22.66 -40.62 65.26
C LYS K 328 -23.86 -39.75 65.59
N TYR K 329 -23.64 -38.73 66.42
CA TYR K 329 -24.73 -37.90 66.92
C TYR K 329 -25.50 -37.19 65.81
N GLY K 330 -26.82 -37.27 65.88
CA GLY K 330 -27.69 -36.59 64.94
C GLY K 330 -28.84 -35.91 65.67
N GLN K 331 -29.73 -35.27 64.91
CA GLN K 331 -30.86 -34.57 65.49
C GLN K 331 -31.76 -35.50 66.30
N THR K 332 -31.71 -36.80 65.99
CA THR K 332 -32.53 -37.78 66.66
C THR K 332 -31.70 -38.68 67.57
N ILE K 333 -30.38 -38.48 67.54
CA ILE K 333 -29.48 -39.29 68.35
C ILE K 333 -28.44 -38.42 69.07
N ARG K 334 -28.80 -37.98 70.27
CA ARG K 334 -27.91 -37.15 71.07
C ARG K 334 -27.80 -37.71 72.48
N PRO K 335 -26.65 -37.47 73.15
CA PRO K 335 -26.44 -37.95 74.51
C PRO K 335 -27.22 -37.13 75.53
N ILE K 336 -27.49 -37.72 76.69
CA ILE K 336 -28.10 -37.00 77.80
C ILE K 336 -27.00 -36.62 78.79
N CYS K 337 -27.25 -35.59 79.59
CA CYS K 337 -26.24 -35.10 80.53
C CYS K 337 -26.20 -35.92 81.81
N LEU K 338 -25.00 -36.28 82.25
CA LEU K 338 -24.81 -37.04 83.47
C LEU K 338 -24.28 -36.14 84.59
N PRO K 339 -24.71 -36.40 85.84
CA PRO K 339 -24.31 -35.60 87.00
C PRO K 339 -22.81 -35.57 87.20
N CYS K 340 -22.30 -34.47 87.78
CA CYS K 340 -20.88 -34.34 88.09
C CYS K 340 -20.00 -34.48 86.85
N THR K 341 -20.30 -33.70 85.82
CA THR K 341 -19.51 -33.69 84.60
C THR K 341 -19.31 -32.27 84.09
N GLU K 342 -18.33 -32.08 83.20
CA GLU K 342 -18.09 -30.77 82.61
C GLU K 342 -19.30 -30.33 81.79
N GLY K 343 -19.96 -31.30 81.17
CA GLY K 343 -21.13 -31.02 80.36
C GLY K 343 -22.24 -30.37 81.15
N THR K 344 -22.58 -30.96 82.30
CA THR K 344 -23.64 -30.44 83.16
C THR K 344 -23.28 -29.05 83.68
N THR K 345 -22.00 -28.82 83.92
CA THR K 345 -21.51 -27.54 84.40
C THR K 345 -21.90 -26.41 83.44
N ARG K 346 -21.44 -26.52 82.20
CA ARG K 346 -21.74 -25.53 81.18
C ARG K 346 -23.20 -25.59 80.73
N ALA K 347 -23.83 -26.74 80.92
CA ALA K 347 -25.25 -26.90 80.59
C ALA K 347 -26.10 -26.04 81.52
N LEU K 348 -25.76 -26.04 82.80
CA LEU K 348 -26.45 -25.23 83.79
C LEU K 348 -25.89 -23.81 83.79
N ARG K 349 -24.92 -23.56 82.92
CA ARG K 349 -24.32 -22.23 82.80
C ARG K 349 -23.70 -21.78 84.12
N LEU K 350 -22.76 -22.56 84.63
CA LEU K 350 -22.09 -22.24 85.89
C LEU K 350 -20.58 -22.13 85.69
N PRO K 351 -19.92 -21.34 86.55
CA PRO K 351 -18.48 -21.11 86.50
C PRO K 351 -17.69 -22.42 86.48
N PRO K 352 -16.49 -22.39 85.88
CA PRO K 352 -15.61 -23.56 85.77
C PRO K 352 -15.22 -24.13 87.14
N THR K 353 -15.49 -23.37 88.20
CA THR K 353 -15.14 -23.80 89.55
C THR K 353 -16.26 -24.61 90.20
N THR K 354 -17.28 -24.91 89.41
CA THR K 354 -18.43 -25.68 89.90
C THR K 354 -18.00 -27.05 90.41
N THR K 355 -18.26 -27.32 91.69
CA THR K 355 -17.90 -28.60 92.29
C THR K 355 -19.02 -29.62 92.11
N CYS K 356 -18.73 -30.88 92.40
CA CYS K 356 -19.69 -31.96 92.26
C CYS K 356 -20.87 -31.77 93.21
N GLN K 357 -20.60 -31.14 94.36
CA GLN K 357 -21.63 -30.92 95.37
C GLN K 357 -22.60 -29.82 94.94
N GLN K 358 -22.06 -28.78 94.32
CA GLN K 358 -22.88 -27.65 93.87
C GLN K 358 -23.93 -28.09 92.85
N GLN K 359 -23.60 -29.09 92.05
CA GLN K 359 -24.52 -29.61 91.04
C GLN K 359 -25.64 -30.41 91.68
N LYS K 360 -25.31 -31.18 92.72
CA LYS K 360 -26.29 -31.99 93.42
C LYS K 360 -27.31 -31.11 94.13
N GLU K 361 -26.90 -29.90 94.49
CA GLU K 361 -27.78 -28.94 95.16
C GLU K 361 -28.74 -28.29 94.16
N GLU K 362 -28.20 -27.94 93.00
CA GLU K 362 -29.01 -27.29 91.96
C GLU K 362 -29.97 -28.27 91.30
N LEU K 363 -29.50 -29.49 91.07
CA LEU K 363 -30.30 -30.52 90.41
C LEU K 363 -31.26 -31.20 91.38
N LEU K 364 -30.76 -31.57 92.55
CA LEU K 364 -31.57 -32.28 93.54
C LEU K 364 -31.61 -31.58 94.89
N PRO K 365 -32.27 -30.41 94.95
CA PRO K 365 -32.44 -29.68 96.22
C PRO K 365 -33.36 -30.44 97.16
N ALA K 366 -33.27 -30.15 98.45
CA ALA K 366 -34.13 -30.80 99.44
C ALA K 366 -35.54 -30.22 99.39
N GLN K 367 -36.35 -30.72 98.47
CA GLN K 367 -37.71 -30.22 98.27
C GLN K 367 -38.47 -31.08 97.26
N ASP K 368 -39.52 -30.50 96.70
CA ASP K 368 -40.28 -31.16 95.64
C ASP K 368 -39.72 -30.74 94.28
N ILE K 369 -38.98 -31.64 93.65
CA ILE K 369 -38.27 -31.32 92.41
C ILE K 369 -39.09 -31.66 91.17
N LYS K 370 -39.09 -30.73 90.22
CA LYS K 370 -39.74 -30.96 88.93
C LYS K 370 -38.90 -31.88 88.04
N ALA K 371 -39.39 -33.10 87.83
CA ALA K 371 -38.69 -34.06 87.00
C ALA K 371 -39.59 -34.62 85.91
N LEU K 372 -39.09 -35.61 85.17
CA LEU K 372 -39.85 -36.22 84.09
C LEU K 372 -39.24 -37.55 83.65
N PHE K 373 -40.06 -38.40 83.06
CA PHE K 373 -39.59 -39.67 82.53
C PHE K 373 -40.27 -39.99 81.21
N VAL K 374 -39.48 -40.41 80.22
CA VAL K 374 -40.01 -40.70 78.89
C VAL K 374 -40.70 -42.06 78.85
N SER K 375 -41.90 -42.09 78.28
CA SER K 375 -42.67 -43.32 78.16
C SER K 375 -43.32 -43.44 76.78
N GLU K 376 -43.49 -44.68 76.33
CA GLU K 376 -44.09 -44.94 75.02
C GLU K 376 -45.55 -45.37 75.16
N GLU K 377 -46.43 -44.66 74.47
CA GLU K 377 -47.85 -45.02 74.46
C GLU K 377 -48.31 -45.24 73.02
N GLU K 378 -48.53 -46.50 72.67
CA GLU K 378 -48.87 -46.88 71.30
C GLU K 378 -47.75 -46.47 70.35
N LYS K 379 -46.52 -46.82 70.72
CA LYS K 379 -45.35 -46.54 69.90
C LYS K 379 -45.02 -45.04 69.83
N LYS K 380 -45.53 -44.29 70.81
CA LYS K 380 -45.33 -42.84 70.82
C LYS K 380 -44.58 -42.38 72.07
N LEU K 381 -43.43 -41.74 71.86
CA LEU K 381 -42.63 -41.21 72.95
C LEU K 381 -43.25 -39.96 73.55
N THR K 382 -44.09 -40.14 74.57
CA THR K 382 -44.71 -39.01 75.24
C THR K 382 -43.98 -38.67 76.54
N ARG K 383 -43.98 -37.40 76.91
CA ARG K 383 -43.32 -36.94 78.12
C ARG K 383 -44.24 -37.00 79.33
N LYS K 384 -43.73 -37.52 80.44
CA LYS K 384 -44.50 -37.62 81.68
C LYS K 384 -43.82 -36.85 82.80
N GLU K 385 -44.41 -35.74 83.19
CA GLU K 385 -43.86 -34.88 84.23
C GLU K 385 -44.22 -35.39 85.63
N VAL K 386 -43.20 -35.57 86.46
CA VAL K 386 -43.40 -36.04 87.83
C VAL K 386 -42.65 -35.16 88.83
N TYR K 387 -42.81 -35.47 90.11
CA TYR K 387 -42.12 -34.73 91.17
C TYR K 387 -41.28 -35.65 92.04
N ILE K 388 -40.08 -35.22 92.38
CA ILE K 388 -39.19 -36.00 93.23
C ILE K 388 -39.34 -35.60 94.69
N LYS K 389 -39.69 -36.57 95.53
CA LYS K 389 -39.87 -36.32 96.96
C LYS K 389 -38.53 -36.31 97.68
N ASN K 390 -37.79 -35.21 97.54
CA ASN K 390 -36.48 -35.09 98.17
C ASN K 390 -36.54 -34.25 99.44
N GLY K 391 -37.71 -33.67 99.69
CA GLY K 391 -37.90 -32.83 100.86
C GLY K 391 -38.28 -33.63 102.10
N ASP K 392 -39.15 -33.06 102.92
CA ASP K 392 -39.59 -33.71 104.15
C ASP K 392 -40.54 -34.87 103.85
N LYS K 393 -41.26 -34.77 102.73
CA LYS K 393 -42.19 -35.81 102.32
C LYS K 393 -41.46 -37.03 101.79
N LYS K 394 -40.14 -36.98 101.81
CA LYS K 394 -39.31 -38.09 101.36
C LYS K 394 -39.62 -39.35 102.15
N GLY K 395 -39.82 -39.19 103.46
CA GLY K 395 -40.14 -40.31 104.33
C GLY K 395 -41.52 -40.86 104.10
N SER K 396 -42.50 -39.96 103.99
CA SER K 396 -43.88 -40.35 103.78
C SER K 396 -44.05 -41.08 102.45
N CYS K 397 -43.15 -40.80 101.51
CA CYS K 397 -43.22 -41.40 100.18
C CYS K 397 -42.50 -42.74 100.13
N GLU K 398 -41.36 -42.83 100.81
CA GLU K 398 -40.56 -44.06 100.80
C GLU K 398 -41.15 -45.15 101.69
N ARG K 399 -41.92 -44.75 102.69
CA ARG K 399 -42.54 -45.70 103.61
C ARG K 399 -43.72 -46.42 102.97
N ASP K 400 -44.10 -45.98 101.78
CA ASP K 400 -45.21 -46.61 101.05
C ASP K 400 -44.73 -47.87 100.32
N ALA K 401 -43.49 -48.25 100.55
CA ALA K 401 -42.93 -49.44 99.92
C ALA K 401 -43.39 -50.70 100.64
N GLN K 402 -44.15 -50.53 101.70
CA GLN K 402 -44.66 -51.65 102.48
C GLN K 402 -45.88 -52.27 101.79
N TYR K 403 -46.29 -51.68 100.66
CA TYR K 403 -47.42 -52.18 99.90
C TYR K 403 -46.97 -52.96 98.67
N ALA K 404 -45.67 -52.87 98.38
CA ALA K 404 -45.11 -53.55 97.22
C ALA K 404 -45.22 -55.06 97.34
N PRO K 405 -45.42 -55.75 96.21
CA PRO K 405 -45.51 -57.21 96.17
C PRO K 405 -44.25 -57.86 96.72
N GLY K 406 -44.42 -58.80 97.65
CA GLY K 406 -43.29 -59.46 98.28
C GLY K 406 -42.50 -58.51 99.16
N TYR K 407 -43.18 -57.50 99.69
CA TYR K 407 -42.54 -56.51 100.54
C TYR K 407 -43.36 -56.26 101.81
N ASP K 408 -44.22 -57.20 102.16
CA ASP K 408 -45.05 -57.08 103.36
C ASP K 408 -44.28 -57.43 104.62
N LYS K 409 -43.75 -58.65 104.67
CA LYS K 409 -42.97 -59.11 105.82
C LYS K 409 -41.54 -58.59 105.76
N VAL K 410 -41.37 -57.28 105.92
CA VAL K 410 -40.05 -56.68 105.87
C VAL K 410 -39.67 -56.05 107.22
N LYS K 411 -38.54 -56.49 107.76
CA LYS K 411 -38.04 -55.99 109.04
C LYS K 411 -38.00 -54.48 109.06
N ASP K 412 -37.27 -53.89 108.12
CA ASP K 412 -37.08 -52.45 108.06
C ASP K 412 -37.21 -51.95 106.63
N ILE K 413 -37.73 -50.73 106.47
CA ILE K 413 -37.92 -50.16 105.14
C ILE K 413 -36.63 -49.54 104.62
N SER K 414 -35.72 -49.21 105.53
CA SER K 414 -34.41 -48.67 105.15
C SER K 414 -33.50 -49.78 104.67
N GLU K 415 -34.04 -51.01 104.62
CA GLU K 415 -33.30 -52.16 104.16
C GLU K 415 -33.55 -52.41 102.67
N VAL K 416 -34.77 -52.10 102.23
CA VAL K 416 -35.15 -52.28 100.83
C VAL K 416 -35.03 -50.97 100.06
N VAL K 417 -35.30 -49.86 100.75
CA VAL K 417 -35.19 -48.54 100.14
C VAL K 417 -33.90 -47.85 100.58
N THR K 418 -32.80 -48.20 99.91
CA THR K 418 -31.50 -47.65 100.25
C THR K 418 -31.38 -46.21 99.75
N PRO K 419 -30.48 -45.43 100.38
CA PRO K 419 -30.19 -44.05 99.96
C PRO K 419 -29.89 -43.93 98.47
N ARG K 420 -29.63 -45.05 97.82
CA ARG K 420 -29.40 -45.08 96.38
C ARG K 420 -30.69 -44.92 95.60
N PHE K 421 -31.75 -44.47 96.26
CA PHE K 421 -33.07 -44.38 95.64
C PHE K 421 -33.72 -43.01 95.76
N LEU K 422 -34.35 -42.57 94.67
CA LEU K 422 -35.19 -41.39 94.68
C LEU K 422 -36.64 -41.83 94.63
N CYS K 423 -37.55 -40.97 95.08
CA CYS K 423 -38.96 -41.35 95.15
C CYS K 423 -39.87 -40.39 94.40
N THR K 424 -40.78 -40.93 93.61
CA THR K 424 -41.76 -40.14 92.88
C THR K 424 -43.15 -40.76 92.99
N GLY K 425 -44.09 -40.23 92.22
CA GLY K 425 -45.45 -40.73 92.23
C GLY K 425 -46.24 -40.26 93.43
N GLY K 426 -47.50 -40.70 93.53
CA GLY K 426 -48.36 -40.32 94.63
C GLY K 426 -49.41 -39.31 94.21
N VAL K 427 -49.96 -38.58 95.18
CA VAL K 427 -50.99 -37.58 94.92
C VAL K 427 -50.62 -36.24 95.53
N SER K 428 -49.39 -36.12 96.02
CA SER K 428 -48.91 -34.89 96.62
C SER K 428 -47.47 -34.61 96.22
N PRO K 429 -47.16 -33.35 95.88
CA PRO K 429 -48.13 -32.24 95.91
C PRO K 429 -49.06 -32.26 94.71
N TYR K 430 -48.77 -33.13 93.75
CA TYR K 430 -49.61 -33.27 92.56
C TYR K 430 -49.77 -34.74 92.19
N ALA K 431 -50.80 -35.03 91.39
CA ALA K 431 -51.05 -36.39 90.94
C ALA K 431 -50.03 -36.80 89.89
N ASP K 432 -48.91 -37.35 90.35
CA ASP K 432 -47.82 -37.74 89.45
C ASP K 432 -48.14 -39.03 88.71
N PRO K 433 -47.84 -39.06 87.40
CA PRO K 433 -48.01 -40.25 86.57
C PRO K 433 -47.13 -41.39 87.09
N ASN K 434 -47.37 -42.60 86.60
CA ASN K 434 -46.61 -43.77 87.04
C ASN K 434 -45.89 -44.46 85.89
N THR K 435 -44.81 -45.18 86.22
CA THR K 435 -44.01 -45.86 85.23
C THR K 435 -44.49 -47.31 85.03
N CYS K 436 -44.52 -47.75 83.78
CA CYS K 436 -44.92 -49.10 83.46
C CYS K 436 -43.70 -49.99 83.20
N ARG K 437 -43.92 -51.28 83.07
CA ARG K 437 -42.84 -52.24 82.86
C ARG K 437 -41.96 -51.88 81.66
N GLY K 438 -42.60 -51.43 80.57
CA GLY K 438 -41.87 -51.04 79.38
C GLY K 438 -40.95 -49.85 79.61
N ASP K 439 -41.35 -48.98 80.53
CA ASP K 439 -40.60 -47.77 80.83
C ASP K 439 -39.37 -48.06 81.69
N SER K 440 -39.27 -49.29 82.20
CA SER K 440 -38.16 -49.69 83.05
C SER K 440 -36.82 -49.37 82.40
N GLY K 441 -35.93 -48.74 83.16
CA GLY K 441 -34.64 -48.34 82.64
C GLY K 441 -34.66 -46.92 82.10
N GLY K 442 -35.84 -46.29 82.16
CA GLY K 442 -36.00 -44.94 81.68
C GLY K 442 -35.26 -43.92 82.54
N PRO K 443 -34.82 -42.83 81.92
CA PRO K 443 -34.07 -41.76 82.59
C PRO K 443 -34.98 -40.84 83.41
N LEU K 444 -34.53 -40.44 84.59
CA LEU K 444 -35.23 -39.45 85.39
C LEU K 444 -34.56 -38.10 85.19
N ILE K 445 -35.20 -37.24 84.39
CA ILE K 445 -34.58 -36.00 83.96
C ILE K 445 -35.14 -34.77 84.67
N VAL K 446 -34.28 -33.78 84.89
CA VAL K 446 -34.69 -32.52 85.49
C VAL K 446 -34.50 -31.38 84.49
N HIS K 447 -35.59 -30.98 83.85
CA HIS K 447 -35.53 -29.93 82.83
C HIS K 447 -35.15 -28.58 83.44
N LYS K 448 -33.92 -28.15 83.16
CA LYS K 448 -33.41 -26.89 83.68
C LYS K 448 -32.56 -26.16 82.63
N ARG K 449 -32.84 -24.87 82.45
CA ARG K 449 -32.06 -24.04 81.54
C ARG K 449 -32.10 -24.55 80.11
N SER K 450 -33.28 -24.96 79.67
CA SER K 450 -33.48 -25.46 78.31
C SER K 450 -32.70 -26.74 78.03
N ARG K 451 -32.00 -27.24 79.04
CA ARG K 451 -31.22 -28.46 78.90
C ARG K 451 -31.85 -29.59 79.69
N PHE K 452 -31.37 -30.81 79.46
CA PHE K 452 -31.91 -32.00 80.13
C PHE K 452 -30.81 -32.77 80.85
N ILE K 453 -30.94 -32.89 82.17
CA ILE K 453 -29.95 -33.59 82.99
C ILE K 453 -30.57 -34.82 83.64
N GLN K 454 -29.95 -35.98 83.43
CA GLN K 454 -30.43 -37.22 84.05
C GLN K 454 -29.90 -37.34 85.47
N VAL K 455 -30.79 -37.61 86.42
CA VAL K 455 -30.41 -37.72 87.82
C VAL K 455 -30.96 -39.00 88.45
N GLY K 456 -31.55 -39.86 87.64
CA GLY K 456 -32.11 -41.10 88.14
C GLY K 456 -32.36 -42.13 87.05
N VAL K 457 -32.54 -43.38 87.47
CA VAL K 457 -32.81 -44.48 86.54
C VAL K 457 -33.94 -45.34 87.06
N ILE K 458 -35.06 -45.37 86.34
CA ILE K 458 -36.23 -46.15 86.73
C ILE K 458 -35.82 -47.56 87.16
N SER K 459 -36.09 -47.89 88.42
CA SER K 459 -35.71 -49.18 88.98
C SER K 459 -36.91 -50.09 89.21
N TRP K 460 -37.87 -49.61 89.99
CA TRP K 460 -39.05 -50.40 90.32
C TRP K 460 -40.17 -49.52 90.90
N GLY K 461 -41.34 -50.13 91.09
CA GLY K 461 -42.48 -49.42 91.63
C GLY K 461 -43.25 -50.24 92.64
N VAL K 462 -44.21 -49.61 93.31
CA VAL K 462 -45.02 -50.29 94.32
C VAL K 462 -46.24 -50.96 93.70
N VAL K 463 -46.97 -50.21 92.88
CA VAL K 463 -48.17 -50.73 92.24
C VAL K 463 -48.07 -50.64 90.73
N ASP K 464 -48.48 -51.70 90.05
CA ASP K 464 -48.47 -51.72 88.59
C ASP K 464 -49.75 -51.13 88.03
N VAL K 465 -49.94 -49.83 88.23
CA VAL K 465 -51.10 -49.13 87.70
C VAL K 465 -51.16 -49.32 86.19
N CYS K 466 -50.00 -49.59 85.59
CA CYS K 466 -49.91 -49.90 84.18
C CYS K 466 -50.20 -51.37 83.94
N LYS K 467 -51.39 -51.80 84.36
CA LYS K 467 -51.85 -53.17 84.22
C LYS K 467 -51.06 -53.95 83.17
N ASN K 468 -51.60 -53.98 81.95
CA ASN K 468 -50.93 -54.57 80.80
C ASN K 468 -51.35 -53.85 79.53
N GLN K 469 -50.46 -53.01 79.01
CA GLN K 469 -50.72 -52.20 77.82
C GLN K 469 -51.76 -51.11 78.10
N LYS K 470 -52.01 -50.85 79.38
CA LYS K 470 -52.87 -49.75 79.81
C LYS K 470 -52.35 -49.16 81.13
N ARG K 471 -52.85 -47.98 81.49
CA ARG K 471 -52.47 -47.33 82.73
C ARG K 471 -53.42 -46.17 83.09
N GLN K 472 -54.20 -46.35 84.15
CA GLN K 472 -55.09 -45.30 84.64
C GLN K 472 -56.18 -45.86 85.55
N LYS K 473 -57.37 -45.28 85.43
CA LYS K 473 -58.55 -45.72 86.17
C LYS K 473 -58.50 -45.37 87.65
N GLN K 474 -58.02 -46.31 88.47
CA GLN K 474 -57.98 -46.11 89.91
C GLN K 474 -56.58 -46.35 90.47
N VAL K 475 -55.78 -45.30 90.56
CA VAL K 475 -54.42 -45.39 91.06
C VAL K 475 -54.36 -45.16 92.57
N PRO K 476 -53.70 -46.08 93.29
CA PRO K 476 -53.54 -45.97 94.75
C PRO K 476 -52.68 -44.76 95.12
N ALA K 477 -52.87 -44.26 96.33
CA ALA K 477 -52.10 -43.11 96.81
C ALA K 477 -50.68 -43.53 97.18
N HIS K 478 -50.50 -44.83 97.44
CA HIS K 478 -49.21 -45.37 97.80
C HIS K 478 -48.45 -45.87 96.57
N ALA K 479 -48.97 -45.55 95.39
CA ALA K 479 -48.32 -45.92 94.14
C ALA K 479 -47.07 -45.07 93.92
N ARG K 480 -45.94 -45.53 94.46
CA ARG K 480 -44.70 -44.78 94.39
C ARG K 480 -43.72 -45.42 93.41
N ASP K 481 -42.86 -44.58 92.81
CA ASP K 481 -41.84 -45.05 91.89
C ASP K 481 -40.45 -44.76 92.44
N PHE K 482 -39.56 -45.75 92.35
CA PHE K 482 -38.21 -45.59 92.85
C PHE K 482 -37.17 -45.63 91.72
N HIS K 483 -36.22 -44.71 91.77
CA HIS K 483 -35.19 -44.62 90.74
C HIS K 483 -33.81 -44.57 91.38
N ILE K 484 -32.82 -45.15 90.70
CA ILE K 484 -31.45 -45.17 91.21
C ILE K 484 -30.78 -43.82 91.01
N ASN K 485 -30.50 -43.12 92.11
CA ASN K 485 -29.84 -41.83 92.05
C ASN K 485 -28.44 -41.94 91.46
N LEU K 486 -28.19 -41.17 90.40
CA LEU K 486 -26.92 -41.22 89.69
C LEU K 486 -25.77 -40.63 90.51
N PHE K 487 -26.11 -39.91 91.58
CA PHE K 487 -25.11 -39.35 92.47
C PHE K 487 -24.58 -40.40 93.44
N GLN K 488 -25.36 -41.44 93.65
CA GLN K 488 -25.01 -42.50 94.59
C GLN K 488 -24.15 -43.56 93.92
N VAL K 489 -24.05 -43.51 92.60
CA VAL K 489 -23.25 -44.46 91.84
C VAL K 489 -22.22 -43.73 90.97
N LEU K 490 -21.85 -42.53 91.40
CA LEU K 490 -20.88 -41.72 90.66
C LEU K 490 -19.55 -42.43 90.43
N PRO K 491 -18.96 -42.98 91.50
CA PRO K 491 -17.65 -43.65 91.36
C PRO K 491 -17.66 -44.73 90.29
N TRP K 492 -18.81 -45.36 90.06
CA TRP K 492 -18.91 -46.42 89.06
C TRP K 492 -18.94 -45.87 87.65
N LEU K 493 -19.86 -44.93 87.39
CA LEU K 493 -19.95 -44.28 86.10
C LEU K 493 -18.65 -43.55 85.78
N LYS K 494 -17.95 -43.13 86.84
CA LYS K 494 -16.69 -42.43 86.72
C LYS K 494 -15.57 -43.38 86.34
N GLU K 495 -15.83 -44.68 86.49
CA GLU K 495 -14.84 -45.70 86.21
C GLU K 495 -14.96 -46.26 84.80
N LYS K 496 -16.17 -46.59 84.40
CA LYS K 496 -16.42 -47.21 83.10
C LYS K 496 -16.38 -46.19 81.96
N LEU K 497 -16.92 -45.01 82.22
CA LEU K 497 -16.98 -43.96 81.21
C LEU K 497 -15.78 -43.03 81.27
N GLN K 498 -14.64 -43.58 81.67
CA GLN K 498 -13.42 -42.79 81.82
C GLN K 498 -12.81 -42.39 80.48
N ASP K 499 -12.93 -43.26 79.50
CA ASP K 499 -12.35 -43.01 78.18
C ASP K 499 -13.38 -42.47 77.19
N GLU K 500 -14.57 -42.16 77.68
CA GLU K 500 -15.63 -41.62 76.83
C GLU K 500 -15.49 -40.11 76.68
N ASP K 501 -14.47 -39.55 77.31
CA ASP K 501 -14.20 -38.12 77.22
C ASP K 501 -15.43 -37.30 77.58
N LEU K 502 -16.00 -37.58 78.75
CA LEU K 502 -17.17 -36.84 79.23
C LEU K 502 -16.73 -35.65 80.08
N GLY K 503 -15.75 -35.89 80.94
CA GLY K 503 -15.21 -34.83 81.78
C GLY K 503 -15.76 -34.84 83.18
N PHE K 504 -15.87 -36.02 83.77
CA PHE K 504 -16.32 -36.15 85.15
C PHE K 504 -15.45 -35.33 86.09
N LEU K 505 -16.01 -34.87 87.20
CA LEU K 505 -15.26 -34.09 88.17
C LEU K 505 -14.48 -35.01 89.10
N ALA K 506 -13.17 -34.83 89.12
CA ALA K 506 -12.30 -35.65 89.96
C ALA K 506 -12.72 -35.56 91.43
N ALA K 507 -13.47 -34.51 91.76
CA ALA K 507 -13.97 -34.34 93.11
C ALA K 507 -15.05 -35.38 93.43
N LYS L 1 35.70 18.13 5.67
CA LYS L 1 36.47 17.17 4.86
C LYS L 1 36.91 15.97 5.70
N ILE L 2 37.17 16.22 6.98
CA ILE L 2 37.55 15.18 7.92
C ILE L 2 38.15 15.81 9.19
N VAL L 3 37.30 16.43 9.99
CA VAL L 3 37.77 17.11 11.20
C VAL L 3 38.73 16.23 11.99
N LEU L 4 39.68 16.85 12.67
CA LEU L 4 40.72 16.12 13.37
C LEU L 4 41.02 16.75 14.72
N ASP L 5 40.36 16.24 15.76
CA ASP L 5 40.54 16.78 17.11
C ASP L 5 39.92 15.88 18.19
N PRO L 6 40.59 15.77 19.34
CA PRO L 6 40.10 15.00 20.49
C PRO L 6 38.89 15.67 21.14
N SER L 7 38.53 16.85 20.66
CA SER L 7 37.38 17.57 21.19
C SER L 7 36.08 16.87 20.81
N GLY L 8 36.20 15.72 20.18
CA GLY L 8 35.04 14.94 19.76
C GLY L 8 35.45 13.57 19.25
N SER L 9 34.65 12.55 19.59
CA SER L 9 34.94 11.19 19.17
C SER L 9 34.74 11.03 17.67
N MET L 10 35.47 10.09 17.07
CA MET L 10 35.38 9.84 15.64
C MET L 10 35.33 8.35 15.34
N ASN L 11 34.99 8.00 14.12
CA ASN L 11 34.91 6.60 13.71
C ASN L 11 35.50 6.37 12.31
N ILE L 12 36.28 5.31 12.18
CA ILE L 12 36.89 4.96 10.90
C ILE L 12 36.52 3.53 10.49
N TYR L 13 35.53 3.42 9.62
CA TYR L 13 35.06 2.11 9.16
C TYR L 13 35.85 1.63 7.96
N LEU L 14 36.82 0.75 8.22
CA LEU L 14 37.68 0.23 7.16
C LEU L 14 37.09 -1.02 6.52
N VAL L 15 36.54 -0.86 5.32
CA VAL L 15 35.99 -1.98 4.57
C VAL L 15 36.93 -2.36 3.44
N LEU L 16 37.29 -3.64 3.36
CA LEU L 16 38.23 -4.12 2.35
C LEU L 16 37.65 -5.26 1.53
N ASP L 17 37.86 -5.19 0.22
CA ASP L 17 37.37 -6.21 -0.70
C ASP L 17 38.42 -7.31 -0.87
N GLY L 18 37.99 -8.56 -0.75
CA GLY L 18 38.90 -9.68 -0.85
C GLY L 18 38.48 -10.74 -1.85
N SER L 19 37.75 -10.36 -2.89
CA SER L 19 37.35 -11.32 -3.90
C SER L 19 38.42 -11.44 -4.96
N ASP L 20 38.21 -12.37 -5.90
CA ASP L 20 39.20 -12.67 -6.91
C ASP L 20 39.59 -11.48 -7.80
N SER L 21 38.66 -10.57 -8.03
CA SER L 21 38.92 -9.43 -8.91
C SER L 21 39.97 -8.48 -8.36
N ILE L 22 40.27 -8.61 -7.07
CA ILE L 22 41.27 -7.77 -6.43
C ILE L 22 42.66 -8.31 -6.69
N GLY L 23 42.88 -9.58 -6.37
CA GLY L 23 44.19 -10.19 -6.53
C GLY L 23 45.07 -10.00 -5.33
N ALA L 24 46.06 -10.87 -5.16
CA ALA L 24 46.96 -10.80 -4.03
C ALA L 24 47.89 -9.61 -4.10
N SER L 25 48.17 -9.14 -5.32
CA SER L 25 49.10 -8.05 -5.53
C SER L 25 48.52 -6.70 -5.13
N ASN L 26 47.20 -6.60 -5.14
CA ASN L 26 46.53 -5.34 -4.77
C ASN L 26 45.83 -5.39 -3.42
N PHE L 27 45.53 -6.60 -2.94
CA PHE L 27 44.92 -6.76 -1.62
C PHE L 27 45.96 -6.53 -0.54
N THR L 28 47.17 -7.01 -0.79
CA THR L 28 48.29 -6.79 0.13
C THR L 28 48.64 -5.31 0.17
N GLY L 29 48.58 -4.67 -1.00
CA GLY L 29 48.84 -3.25 -1.10
C GLY L 29 47.67 -2.45 -0.58
N ALA L 30 46.51 -3.08 -0.50
CA ALA L 30 45.32 -2.43 0.02
C ALA L 30 45.39 -2.30 1.53
N LYS L 31 46.09 -3.24 2.16
CA LYS L 31 46.30 -3.19 3.61
C LYS L 31 47.31 -2.11 3.97
N LYS L 32 48.37 -2.02 3.19
CA LYS L 32 49.38 -0.98 3.37
C LYS L 32 48.72 0.39 3.36
N CYS L 33 47.69 0.54 2.53
CA CYS L 33 46.93 1.78 2.45
C CYS L 33 45.81 1.79 3.48
N LEU L 34 46.14 1.39 4.70
CA LEU L 34 45.23 1.44 5.83
C LEU L 34 46.07 1.38 7.10
N VAL L 35 47.14 0.59 7.03
CA VAL L 35 48.11 0.49 8.11
C VAL L 35 48.82 1.82 8.29
N ASN L 36 49.38 2.34 7.20
CA ASN L 36 50.08 3.62 7.22
C ASN L 36 49.14 4.77 7.58
N LEU L 37 47.86 4.59 7.26
CA LEU L 37 46.85 5.59 7.58
C LEU L 37 46.65 5.70 9.09
N ILE L 38 46.40 4.55 9.73
CA ILE L 38 46.20 4.50 11.16
C ILE L 38 47.36 5.16 11.90
N GLU L 39 48.57 4.96 11.38
CA GLU L 39 49.76 5.54 11.98
C GLU L 39 49.78 7.06 11.85
N LYS L 40 49.41 7.55 10.66
CA LYS L 40 49.39 8.98 10.41
C LYS L 40 48.17 9.64 11.06
N VAL L 41 47.19 8.82 11.43
CA VAL L 41 46.00 9.32 12.12
C VAL L 41 46.25 9.37 13.62
N ALA L 42 46.94 8.36 14.14
CA ALA L 42 47.26 8.30 15.55
C ALA L 42 48.39 9.26 15.90
N SER L 43 49.20 9.62 14.90
CA SER L 43 50.28 10.56 15.10
C SER L 43 49.75 11.94 15.47
N TYR L 44 48.51 12.21 15.06
CA TYR L 44 47.86 13.47 15.38
C TYR L 44 47.28 13.48 16.79
N GLY L 45 47.16 12.29 17.38
CA GLY L 45 46.69 12.18 18.75
C GLY L 45 45.26 11.69 18.88
N VAL L 46 44.47 11.89 17.83
CA VAL L 46 43.07 11.48 17.83
C VAL L 46 42.92 9.98 18.08
N LYS L 47 41.86 9.60 18.77
CA LYS L 47 41.61 8.19 19.10
C LYS L 47 40.27 7.72 18.57
N PRO L 48 40.22 7.34 17.29
CA PRO L 48 39.00 6.88 16.62
C PRO L 48 38.63 5.45 17.01
N ARG L 49 37.32 5.16 17.04
CA ARG L 49 36.86 3.80 17.28
C ARG L 49 36.88 3.02 15.97
N TYR L 50 38.04 2.43 15.66
CA TYR L 50 38.24 1.73 14.41
C TYR L 50 37.26 0.56 14.19
N GLY L 51 36.87 0.38 12.94
CA GLY L 51 36.05 -0.76 12.54
C GLY L 51 36.67 -1.43 11.33
N LEU L 52 36.81 -2.74 11.38
CA LEU L 52 37.48 -3.47 10.31
C LEU L 52 36.66 -4.66 9.83
N VAL L 53 36.22 -4.59 8.57
CA VAL L 53 35.39 -5.65 8.00
C VAL L 53 35.84 -6.02 6.58
N THR L 54 36.39 -7.22 6.44
CA THR L 54 36.75 -7.74 5.12
C THR L 54 35.56 -8.49 4.53
N TYR L 55 35.23 -8.20 3.27
CA TYR L 55 34.04 -8.78 2.67
C TYR L 55 34.29 -9.38 1.29
N ALA L 56 33.43 -10.33 0.92
CA ALA L 56 33.43 -10.93 -0.40
C ALA L 56 31.99 -11.23 -0.79
N THR L 57 31.49 -12.36 -0.31
CA THR L 57 30.08 -12.68 -0.42
C THR L 57 29.44 -12.55 0.96
N TYR L 58 30.24 -12.82 1.97
CA TYR L 58 29.82 -12.63 3.36
C TYR L 58 30.95 -11.96 4.13
N PRO L 59 30.70 -10.75 4.63
CA PRO L 59 31.72 -9.97 5.35
C PRO L 59 32.22 -10.70 6.59
N LYS L 60 33.33 -10.24 7.14
CA LYS L 60 33.89 -10.82 8.35
C LYS L 60 34.31 -9.73 9.32
N ILE L 61 33.48 -9.51 10.34
CA ILE L 61 33.75 -8.45 11.31
C ILE L 61 34.97 -8.77 12.17
N TRP L 62 36.08 -8.10 11.88
CA TRP L 62 37.29 -8.25 12.67
C TRP L 62 37.22 -7.41 13.94
N VAL L 63 36.96 -6.11 13.76
CA VAL L 63 36.89 -5.18 14.88
C VAL L 63 35.57 -4.42 14.88
N LYS L 64 34.92 -4.37 16.03
CA LYS L 64 33.66 -3.64 16.19
C LYS L 64 33.91 -2.27 16.81
N VAL L 65 33.11 -1.29 16.40
CA VAL L 65 33.26 0.07 16.92
C VAL L 65 32.60 0.22 18.28
N SER L 66 32.39 -0.91 18.96
CA SER L 66 31.75 -0.90 20.28
C SER L 66 32.68 -1.51 21.33
N GLU L 67 33.65 -2.29 20.87
CA GLU L 67 34.60 -2.94 21.77
C GLU L 67 35.45 -1.91 22.52
N ALA L 68 36.16 -2.38 23.54
CA ALA L 68 37.02 -1.51 24.34
C ALA L 68 38.42 -1.44 23.75
N ASP L 69 38.70 -2.34 22.80
CA ASP L 69 40.01 -2.39 22.16
C ASP L 69 39.99 -1.73 20.79
N SER L 70 38.84 -1.16 20.45
CA SER L 70 38.66 -0.51 19.14
C SER L 70 39.33 0.86 19.09
N SER L 71 40.05 1.21 20.15
CA SER L 71 40.72 2.50 20.22
C SER L 71 42.23 2.35 20.36
N ASN L 72 42.69 1.10 20.38
CA ASN L 72 44.12 0.83 20.47
C ASN L 72 44.71 0.53 19.09
N ALA L 73 45.26 1.56 18.46
CA ALA L 73 45.80 1.46 17.11
C ALA L 73 46.75 0.27 16.95
N ASP L 74 47.61 0.08 17.95
CA ASP L 74 48.60 -0.99 17.92
C ASP L 74 47.95 -2.36 17.73
N TRP L 75 46.75 -2.53 18.26
CA TRP L 75 46.03 -3.78 18.14
C TRP L 75 45.26 -3.87 16.82
N VAL L 76 44.59 -2.80 16.45
CA VAL L 76 43.86 -2.74 15.19
C VAL L 76 44.80 -3.00 14.02
N THR L 77 46.02 -2.47 14.13
CA THR L 77 47.04 -2.69 13.12
C THR L 77 47.43 -4.17 13.07
N LYS L 78 47.54 -4.78 14.24
CA LYS L 78 47.86 -6.20 14.34
C LYS L 78 46.83 -7.03 13.59
N GLN L 79 45.56 -6.77 13.85
CA GLN L 79 44.47 -7.48 13.18
C GLN L 79 44.54 -7.30 11.68
N LEU L 80 44.56 -6.04 11.24
CA LEU L 80 44.64 -5.72 9.82
C LEU L 80 45.87 -6.34 9.17
N ASN L 81 47.00 -6.26 9.86
CA ASN L 81 48.24 -6.81 9.35
C ASN L 81 48.20 -8.33 9.26
N GLU L 82 47.44 -8.96 10.14
CA GLU L 82 47.30 -10.41 10.16
C GLU L 82 46.25 -10.89 9.16
N ILE L 83 45.40 -9.97 8.72
CA ILE L 83 44.36 -10.29 7.75
C ILE L 83 44.97 -10.91 6.49
N ASN L 84 44.80 -12.21 6.34
CA ASN L 84 45.33 -12.91 5.17
C ASN L 84 44.33 -12.89 4.02
N TYR L 85 44.83 -12.61 2.82
CA TYR L 85 43.99 -12.51 1.63
C TYR L 85 42.96 -13.64 1.53
N GLU L 86 43.45 -14.87 1.55
CA GLU L 86 42.62 -16.04 1.27
C GLU L 86 41.71 -16.43 2.43
N ASP L 87 41.37 -15.47 3.29
CA ASP L 87 40.52 -15.76 4.43
C ASP L 87 39.19 -16.33 3.97
N HIS L 88 38.65 -15.78 2.89
CA HIS L 88 37.53 -16.40 2.18
C HIS L 88 37.77 -16.43 0.67
N LYS L 89 38.16 -17.60 0.18
CA LYS L 89 38.47 -17.79 -1.23
C LYS L 89 37.34 -18.53 -1.94
N LEU L 90 36.47 -19.17 -1.18
CA LEU L 90 35.36 -19.93 -1.74
C LEU L 90 34.32 -19.03 -2.39
N LYS L 91 33.95 -17.96 -1.70
CA LYS L 91 32.89 -17.06 -2.16
C LYS L 91 33.49 -15.80 -2.78
N SER L 92 34.03 -15.93 -3.98
CA SER L 92 34.67 -14.81 -4.65
C SER L 92 33.67 -13.73 -5.08
N GLY L 93 32.41 -13.92 -4.70
CA GLY L 93 31.40 -12.92 -4.99
C GLY L 93 31.80 -11.56 -4.42
N THR L 94 31.14 -10.51 -4.88
CA THR L 94 31.45 -9.16 -4.40
C THR L 94 30.22 -8.43 -3.92
N ASN L 95 29.61 -8.97 -2.87
CA ASN L 95 28.42 -8.36 -2.26
C ASN L 95 28.79 -7.17 -1.39
N THR L 96 28.82 -5.99 -2.00
CA THR L 96 29.16 -4.77 -1.29
C THR L 96 28.00 -4.28 -0.43
N LYS L 97 26.78 -4.41 -0.95
CA LYS L 97 25.58 -4.01 -0.22
C LYS L 97 25.54 -4.67 1.15
N LYS L 98 25.99 -5.92 1.22
CA LYS L 98 26.00 -6.66 2.46
C LYS L 98 27.05 -6.11 3.43
N ALA L 99 28.22 -5.74 2.89
CA ALA L 99 29.29 -5.17 3.71
C ALA L 99 28.84 -3.88 4.37
N LEU L 100 28.30 -2.97 3.56
CA LEU L 100 27.79 -1.71 4.08
C LEU L 100 26.57 -1.93 4.97
N GLN L 101 25.84 -3.01 4.71
CA GLN L 101 24.69 -3.37 5.51
C GLN L 101 25.13 -3.68 6.94
N ALA L 102 26.32 -4.24 7.07
CA ALA L 102 26.88 -4.57 8.38
C ALA L 102 27.39 -3.31 9.06
N VAL L 103 27.99 -2.42 8.28
CA VAL L 103 28.48 -1.14 8.80
C VAL L 103 27.34 -0.34 9.43
N TYR L 104 26.15 -0.51 8.88
CA TYR L 104 24.97 0.17 9.39
C TYR L 104 24.74 -0.18 10.86
N SER L 105 24.99 -1.43 11.22
CA SER L 105 24.80 -1.89 12.58
C SER L 105 25.85 -1.32 13.52
N MET L 106 27.05 -1.11 13.00
CA MET L 106 28.14 -0.53 13.77
C MET L 106 27.70 0.78 14.43
N MET L 107 26.98 1.59 13.66
CA MET L 107 26.50 2.88 14.14
C MET L 107 25.05 2.80 14.60
N SER L 108 24.39 1.70 14.27
CA SER L 108 23.00 1.50 14.66
C SER L 108 22.89 1.28 16.16
N TRP L 109 22.57 2.34 16.90
CA TRP L 109 22.42 2.26 18.35
C TRP L 109 21.31 1.29 18.73
N PRO L 110 21.44 0.68 19.92
CA PRO L 110 20.48 -0.31 20.43
C PRO L 110 19.09 0.27 20.70
N ASP L 111 18.27 0.30 19.65
CA ASP L 111 16.86 0.61 19.78
C ASP L 111 16.50 2.06 20.15
N ASP L 112 15.48 2.17 21.00
CA ASP L 112 14.84 3.45 21.31
C ASP L 112 15.70 4.44 22.10
N VAL L 113 16.99 4.20 22.18
CA VAL L 113 17.82 5.10 22.98
C VAL L 113 19.06 5.62 22.25
N PRO L 114 19.10 6.94 21.99
CA PRO L 114 20.28 7.60 21.43
C PRO L 114 21.36 7.73 22.50
N PRO L 115 22.55 7.15 22.26
CA PRO L 115 23.66 7.17 23.22
C PRO L 115 24.06 8.60 23.58
N GLU L 116 24.96 8.73 24.55
CA GLU L 116 25.44 10.05 24.98
C GLU L 116 26.03 10.82 23.82
N GLY L 117 25.53 12.04 23.61
CA GLY L 117 26.03 12.92 22.56
C GLY L 117 26.49 12.18 21.32
N TRP L 118 25.63 11.30 20.81
CA TRP L 118 25.94 10.50 19.64
C TRP L 118 26.23 11.37 18.42
N ASN L 119 25.37 12.35 18.18
CA ASN L 119 25.45 13.18 16.97
C ASN L 119 26.76 13.95 16.82
N ARG L 120 27.50 14.11 17.91
CA ARG L 120 28.75 14.85 17.86
C ARG L 120 29.89 13.99 17.34
N THR L 121 29.62 12.70 17.15
CA THR L 121 30.63 11.77 16.65
C THR L 121 30.70 11.80 15.13
N ARG L 122 31.92 11.83 14.60
CA ARG L 122 32.13 11.84 13.15
C ARG L 122 32.15 10.40 12.62
N HIS L 123 31.68 10.22 11.39
CA HIS L 123 31.65 8.91 10.76
C HIS L 123 32.37 8.93 9.42
N VAL L 124 33.38 8.06 9.29
CA VAL L 124 34.18 7.99 8.06
C VAL L 124 34.26 6.56 7.54
N ILE L 125 33.64 6.32 6.39
CA ILE L 125 33.69 5.00 5.76
C ILE L 125 34.73 4.95 4.65
N ILE L 126 35.69 4.04 4.78
CA ILE L 126 36.74 3.91 3.78
C ILE L 126 36.65 2.57 3.05
N LEU L 127 35.75 2.50 2.08
CA LEU L 127 35.56 1.28 1.29
C LEU L 127 36.64 1.17 0.22
N MET L 128 37.27 0.00 0.15
CA MET L 128 38.31 -0.25 -0.85
C MET L 128 37.92 -1.41 -1.76
N THR L 129 37.09 -1.12 -2.75
CA THR L 129 36.63 -2.13 -3.70
C THR L 129 36.96 -1.71 -5.13
N ASP L 130 36.62 -2.58 -6.09
CA ASP L 130 36.88 -2.29 -7.49
C ASP L 130 35.59 -1.93 -8.22
N GLY L 131 34.53 -1.66 -7.46
CA GLY L 131 33.25 -1.29 -8.03
C GLY L 131 32.50 -2.47 -8.62
N LEU L 132 33.25 -3.43 -9.15
CA LEU L 132 32.66 -4.63 -9.75
C LEU L 132 32.00 -5.50 -8.69
N HIS L 133 30.72 -5.29 -8.44
CA HIS L 133 29.98 -6.09 -7.48
C HIS L 133 28.87 -6.88 -8.17
N ASN L 134 28.83 -8.18 -7.92
CA ASN L 134 27.86 -9.06 -8.56
C ASN L 134 26.65 -9.36 -7.67
N MET L 135 26.90 -9.94 -6.50
CA MET L 135 25.83 -10.30 -5.58
C MET L 135 25.32 -9.09 -4.81
N GLY L 136 24.03 -9.10 -4.50
CA GLY L 136 23.41 -7.98 -3.80
C GLY L 136 22.83 -6.97 -4.77
N GLY L 137 22.26 -5.90 -4.23
CA GLY L 137 21.67 -4.86 -5.05
C GLY L 137 22.63 -3.71 -5.30
N ASP L 138 22.16 -2.49 -5.07
CA ASP L 138 22.98 -1.31 -5.26
C ASP L 138 23.32 -0.69 -3.90
N PRO L 139 24.60 -0.74 -3.52
CA PRO L 139 25.08 -0.22 -2.24
C PRO L 139 24.75 1.26 -2.04
N ILE L 140 24.26 1.91 -3.10
CA ILE L 140 23.87 3.31 -3.02
C ILE L 140 22.77 3.53 -1.99
N THR L 141 21.77 2.64 -2.01
CA THR L 141 20.64 2.75 -1.09
C THR L 141 21.10 2.72 0.37
N VAL L 142 22.18 2.00 0.63
CA VAL L 142 22.73 1.91 1.98
C VAL L 142 23.25 3.27 2.42
N ILE L 143 23.93 3.97 1.51
CA ILE L 143 24.44 5.30 1.79
C ILE L 143 23.27 6.25 2.08
N ASP L 144 22.12 5.97 1.44
CA ASP L 144 20.92 6.76 1.65
C ASP L 144 20.24 6.39 2.96
N GLU L 145 20.44 5.15 3.41
CA GLU L 145 19.91 4.69 4.67
C GLU L 145 20.70 5.29 5.83
N ILE L 146 22.03 5.21 5.72
CA ILE L 146 22.91 5.83 6.70
C ILE L 146 22.74 7.35 6.64
N ARG L 147 22.32 7.83 5.48
CA ARG L 147 22.10 9.25 5.26
C ARG L 147 21.05 9.77 6.23
N ASP L 148 20.13 8.88 6.62
CA ASP L 148 19.03 9.26 7.51
C ASP L 148 19.33 8.94 8.96
N LEU L 149 20.00 7.82 9.20
CA LEU L 149 20.31 7.37 10.55
C LEU L 149 21.07 8.45 11.32
N LEU L 150 22.12 8.98 10.71
CA LEU L 150 22.93 10.01 11.34
C LEU L 150 22.25 11.38 11.25
N TYR L 151 20.99 11.38 10.83
CA TYR L 151 20.22 12.60 10.68
C TYR L 151 20.94 13.58 9.76
N ILE L 152 21.36 13.08 8.59
CA ILE L 152 22.11 13.90 7.63
C ILE L 152 21.23 14.31 6.45
N GLY L 153 21.34 15.57 6.05
CA GLY L 153 20.60 16.10 4.92
C GLY L 153 19.10 15.98 5.10
N LYS L 154 18.64 16.15 6.34
CA LYS L 154 17.21 16.07 6.64
C LYS L 154 16.73 17.31 7.37
N ASP L 155 17.54 18.37 7.35
CA ASP L 155 17.18 19.63 7.98
C ASP L 155 17.64 20.81 7.11
N ARG L 156 16.99 21.95 7.28
CA ARG L 156 17.28 23.13 6.46
C ARG L 156 18.64 23.75 6.81
N LYS L 157 18.75 24.31 8.00
CA LYS L 157 19.95 25.02 8.41
C LYS L 157 20.96 24.12 9.14
N ASN L 158 20.63 22.84 9.26
CA ASN L 158 21.51 21.88 9.92
C ASN L 158 21.68 20.61 9.10
N PRO L 159 22.41 20.71 7.97
CA PRO L 159 22.61 19.62 7.02
C PRO L 159 23.35 18.42 7.62
N ARG L 160 24.32 18.69 8.49
CA ARG L 160 25.14 17.63 9.08
C ARG L 160 25.92 16.85 8.02
N GLU L 161 26.44 17.56 7.03
CA GLU L 161 27.25 16.94 5.99
C GLU L 161 28.70 16.82 6.43
N ASP L 162 28.98 17.20 7.67
CA ASP L 162 30.33 17.16 8.20
C ASP L 162 30.58 15.87 8.99
N TYR L 163 29.54 15.07 9.14
CA TYR L 163 29.63 13.84 9.94
C TYR L 163 29.57 12.59 9.06
N LEU L 164 29.90 12.74 7.78
CA LEU L 164 29.86 11.63 6.84
C LEU L 164 30.87 11.80 5.72
N ASP L 165 31.99 11.09 5.81
CA ASP L 165 33.03 11.19 4.79
C ASP L 165 33.34 9.81 4.20
N VAL L 166 32.69 9.50 3.07
CA VAL L 166 32.87 8.22 2.40
C VAL L 166 33.98 8.26 1.38
N TYR L 167 35.04 7.49 1.63
CA TYR L 167 36.16 7.38 0.70
C TYR L 167 36.18 6.02 0.03
N VAL L 168 36.49 6.01 -1.27
CA VAL L 168 36.56 4.75 -2.01
C VAL L 168 37.87 4.63 -2.77
N PHE L 169 38.59 3.54 -2.53
CA PHE L 169 39.85 3.28 -3.21
C PHE L 169 39.68 2.20 -4.28
N GLY L 170 39.83 2.61 -5.54
CA GLY L 170 39.68 1.70 -6.66
C GLY L 170 40.83 0.73 -6.79
N VAL L 171 40.79 -0.35 -6.01
CA VAL L 171 41.81 -1.38 -6.08
C VAL L 171 41.53 -2.36 -7.22
N GLY L 172 42.55 -3.09 -7.64
CA GLY L 172 42.42 -4.02 -8.74
C GLY L 172 42.48 -3.33 -10.08
N PRO L 173 42.88 -4.07 -11.13
CA PRO L 173 43.02 -3.55 -12.49
C PRO L 173 41.72 -2.97 -13.03
N LEU L 174 41.04 -3.72 -13.89
CA LEU L 174 39.78 -3.27 -14.49
C LEU L 174 38.77 -2.92 -13.41
N VAL L 175 38.46 -1.63 -13.28
CA VAL L 175 37.54 -1.15 -12.26
C VAL L 175 36.45 -0.28 -12.87
N ASN L 176 35.21 -0.56 -12.50
CA ASN L 176 34.06 0.22 -12.96
C ASN L 176 33.99 1.58 -12.29
N GLN L 177 34.69 2.56 -12.85
CA GLN L 177 34.75 3.90 -12.29
C GLN L 177 33.37 4.51 -12.07
N VAL L 178 32.48 4.33 -13.05
CA VAL L 178 31.14 4.89 -13.00
C VAL L 178 30.43 4.53 -11.70
N ASN L 179 30.66 3.30 -11.22
CA ASN L 179 30.03 2.82 -9.99
C ASN L 179 30.63 3.44 -8.74
N ILE L 180 31.96 3.48 -8.69
CA ILE L 180 32.68 4.01 -7.53
C ILE L 180 32.19 5.40 -7.12
N ASN L 181 32.25 6.34 -8.06
CA ASN L 181 31.88 7.72 -7.80
C ASN L 181 30.53 7.86 -7.09
N ALA L 182 29.55 7.08 -7.55
CA ALA L 182 28.21 7.13 -6.97
C ALA L 182 28.23 6.84 -5.48
N LEU L 183 29.08 5.89 -5.08
CA LEU L 183 29.21 5.53 -3.67
C LEU L 183 29.95 6.61 -2.88
N ALA L 184 31.08 7.06 -3.42
CA ALA L 184 31.89 8.07 -2.75
C ALA L 184 31.09 9.33 -2.45
N SER L 185 31.46 10.01 -1.37
CA SER L 185 30.78 11.24 -0.97
C SER L 185 31.02 12.36 -1.97
N LYS L 186 29.95 13.08 -2.32
CA LYS L 186 30.05 14.18 -3.27
C LYS L 186 30.11 15.52 -2.55
N LYS L 187 31.32 15.92 -2.16
CA LYS L 187 31.52 17.20 -1.48
C LYS L 187 32.34 18.15 -2.33
N ASP L 188 32.04 19.44 -2.22
CA ASP L 188 32.74 20.45 -3.01
C ASP L 188 34.15 20.71 -2.49
N ASN L 189 35.08 20.93 -3.41
CA ASN L 189 36.46 21.25 -3.06
C ASN L 189 37.15 20.15 -2.24
N GLU L 190 36.61 18.93 -2.32
CA GLU L 190 37.17 17.81 -1.58
C GLU L 190 37.41 16.60 -2.48
N GLN L 191 38.24 15.69 -2.01
CA GLN L 191 38.57 14.48 -2.76
C GLN L 191 38.17 13.22 -2.00
N HIS L 192 37.46 12.32 -2.67
CA HIS L 192 37.00 11.09 -2.05
C HIS L 192 37.17 9.89 -2.98
N VAL L 193 37.67 10.15 -4.19
CA VAL L 193 37.86 9.09 -5.17
C VAL L 193 39.34 8.89 -5.49
N PHE L 194 39.91 7.81 -4.98
CA PHE L 194 41.31 7.49 -5.24
C PHE L 194 41.45 6.19 -6.03
N LYS L 195 42.42 6.16 -6.93
CA LYS L 195 42.61 5.02 -7.82
C LYS L 195 43.96 4.33 -7.59
N VAL L 196 44.22 3.27 -8.36
CA VAL L 196 45.42 2.47 -8.18
C VAL L 196 46.70 3.30 -8.18
N LYS L 197 46.91 4.07 -9.25
CA LYS L 197 48.13 4.86 -9.39
C LYS L 197 48.40 5.75 -8.18
N ASP L 198 47.32 6.27 -7.58
CA ASP L 198 47.44 7.16 -6.43
C ASP L 198 48.24 6.52 -5.29
N MET L 199 48.20 5.19 -5.22
CA MET L 199 48.92 4.45 -4.19
C MET L 199 50.37 4.93 -4.06
N GLU L 200 51.14 4.77 -5.12
CA GLU L 200 52.53 5.23 -5.13
C GLU L 200 52.60 6.67 -4.65
N ASN L 201 53.53 6.96 -3.75
CA ASN L 201 53.63 8.26 -3.12
C ASN L 201 52.42 8.52 -2.22
N LEU L 202 52.20 7.60 -1.28
CA LEU L 202 51.04 7.64 -0.39
C LEU L 202 50.84 8.98 0.30
N GLU L 203 51.95 9.59 0.73
CA GLU L 203 51.89 10.85 1.46
C GLU L 203 50.99 11.89 0.78
N ASP L 204 51.05 11.95 -0.54
CA ASP L 204 50.25 12.88 -1.30
C ASP L 204 48.77 12.60 -1.12
N VAL L 205 48.42 11.31 -1.05
CA VAL L 205 47.04 10.89 -0.88
C VAL L 205 46.49 11.33 0.48
N PHE L 206 47.21 11.00 1.54
CA PHE L 206 46.77 11.31 2.89
C PHE L 206 46.51 12.80 3.08
N TYR L 207 47.24 13.63 2.33
CA TYR L 207 47.11 15.08 2.42
C TYR L 207 45.64 15.51 2.30
N GLN L 208 45.04 15.21 1.15
CA GLN L 208 43.66 15.60 0.88
C GLN L 208 42.70 15.15 1.98
N MET L 209 42.77 13.88 2.35
CA MET L 209 41.84 13.32 3.32
C MET L 209 42.20 13.66 4.77
N ILE L 210 42.80 14.82 4.98
CA ILE L 210 43.15 15.28 6.33
C ILE L 210 43.25 16.80 6.41
N ASP L 211 42.50 17.39 7.35
CA ASP L 211 42.61 18.82 7.64
C ASP L 211 42.82 19.05 9.13
N GLU L 212 43.98 19.60 9.48
CA GLU L 212 44.37 19.75 10.88
C GLU L 212 43.77 20.99 11.52
N SER L 213 42.45 21.13 11.45
CA SER L 213 41.79 22.31 12.01
C SER L 213 42.27 22.63 13.42
N GLN L 214 42.17 21.66 14.32
CA GLN L 214 42.59 21.85 15.70
C GLN L 214 43.97 21.26 16.00
N SER L 215 44.65 20.80 14.95
CA SER L 215 45.98 20.22 15.10
C SER L 215 46.95 21.14 14.41
N LEU L 216 46.43 22.33 14.13
CA LEU L 216 47.26 23.37 13.58
C LEU L 216 48.27 23.78 14.65
N SER L 217 48.05 23.33 15.88
CA SER L 217 48.90 23.72 17.00
C SER L 217 49.88 22.63 17.44
N LEU L 218 49.61 21.40 17.00
CA LEU L 218 50.46 20.27 17.37
C LEU L 218 51.89 20.45 16.86
N CYS L 219 52.86 20.25 17.74
CA CYS L 219 54.26 20.45 17.41
C CYS L 219 54.89 19.20 16.78
N GLY L 220 56.07 19.38 16.21
CA GLY L 220 56.82 18.27 15.64
C GLY L 220 56.05 17.48 14.60
N MET L 221 55.05 18.11 13.99
CA MET L 221 54.24 17.44 12.98
C MET L 221 54.64 17.90 11.59
N VAL L 222 54.83 16.94 10.68
CA VAL L 222 55.37 17.23 9.36
C VAL L 222 54.62 16.51 8.23
N TRP L 223 54.36 17.23 7.15
CA TRP L 223 53.81 16.64 5.94
C TRP L 223 54.96 16.22 5.02
N GLU L 224 54.85 15.05 4.42
CA GLU L 224 55.93 14.49 3.62
C GLU L 224 55.63 14.39 2.13
N HIS L 225 54.44 14.82 1.73
CA HIS L 225 54.02 14.74 0.33
C HIS L 225 55.05 15.40 -0.58
N ARG L 226 55.24 14.83 -1.77
CA ARG L 226 56.25 15.31 -2.70
C ARG L 226 55.99 16.74 -3.16
N LYS L 227 54.72 17.13 -3.19
CA LYS L 227 54.35 18.49 -3.61
C LYS L 227 54.52 19.50 -2.48
N GLY L 228 55.27 19.11 -1.45
CA GLY L 228 55.49 19.98 -0.32
C GLY L 228 56.83 20.68 -0.37
N THR L 229 56.83 21.99 -0.15
CA THR L 229 58.06 22.77 -0.12
C THR L 229 58.94 22.32 1.05
N ASP L 230 60.15 22.85 1.11
CA ASP L 230 61.08 22.50 2.17
C ASP L 230 60.48 22.74 3.55
N TYR L 231 59.74 23.83 3.69
CA TYR L 231 59.16 24.20 4.97
C TYR L 231 57.90 23.41 5.30
N HIS L 232 57.38 22.70 4.31
CA HIS L 232 56.30 21.75 4.55
C HIS L 232 56.87 20.52 5.25
N LYS L 233 58.18 20.40 5.20
CA LYS L 233 58.87 19.27 5.82
C LYS L 233 59.58 19.70 7.09
N GLN L 234 59.96 20.97 7.17
CA GLN L 234 60.58 21.53 8.36
C GLN L 234 59.96 22.87 8.72
N PRO L 235 58.73 22.82 9.27
CA PRO L 235 57.98 24.03 9.65
C PRO L 235 58.67 24.83 10.74
N TRP L 236 59.28 24.14 11.70
CA TRP L 236 59.95 24.79 12.81
C TRP L 236 61.19 25.56 12.36
N GLN L 237 61.82 25.07 11.30
CA GLN L 237 63.06 25.66 10.82
C GLN L 237 62.94 27.16 10.61
N ALA L 238 63.98 27.90 10.99
CA ALA L 238 64.00 29.35 10.86
C ALA L 238 65.40 29.85 10.48
N LYS L 239 65.44 30.86 9.62
CA LYS L 239 66.70 31.43 9.17
C LYS L 239 66.91 32.81 9.78
N ILE L 240 67.93 32.93 10.63
CA ILE L 240 68.21 34.19 11.32
C ILE L 240 69.39 34.92 10.67
N SER L 241 69.30 36.24 10.61
CA SER L 241 70.35 37.06 10.02
C SER L 241 70.79 38.19 10.95
N VAL L 242 72.09 38.45 10.99
CA VAL L 242 72.63 39.51 11.83
C VAL L 242 73.44 40.51 11.00
N ILE L 243 72.90 41.71 10.84
CA ILE L 243 73.55 42.76 10.07
C ILE L 243 74.14 43.81 11.01
N ARG L 244 75.38 44.22 10.73
CA ARG L 244 76.09 45.15 11.60
C ARG L 244 77.32 45.71 10.89
N PRO L 245 77.69 46.95 11.21
CA PRO L 245 78.90 47.58 10.65
C PRO L 245 80.11 46.65 10.66
N SER L 246 80.72 46.47 9.49
CA SER L 246 81.92 45.66 9.35
C SER L 246 81.69 44.20 9.73
N LYS L 247 80.42 43.84 9.94
CA LYS L 247 80.08 42.47 10.31
C LYS L 247 79.61 41.68 9.08
N GLY L 248 79.56 42.35 7.93
CA GLY L 248 79.08 41.73 6.71
C GLY L 248 77.68 41.18 6.93
N HIS L 249 77.59 39.89 7.18
CA HIS L 249 76.32 39.26 7.52
C HIS L 249 76.54 37.88 8.14
N GLU L 250 76.04 37.70 9.36
CA GLU L 250 76.20 36.44 10.06
C GLU L 250 74.97 35.55 9.86
N SER L 251 75.20 34.32 9.42
CA SER L 251 74.12 33.40 9.12
C SER L 251 73.96 32.33 10.19
N CYS L 252 72.76 32.27 10.77
CA CYS L 252 72.44 31.25 11.78
C CYS L 252 71.03 30.71 11.54
N MET L 253 70.70 29.63 12.25
CA MET L 253 69.38 29.02 12.13
C MET L 253 68.73 28.86 13.50
N GLY L 254 67.46 28.47 13.51
CA GLY L 254 66.74 28.28 14.75
C GLY L 254 65.48 27.45 14.58
N ALA L 255 64.81 27.17 15.69
CA ALA L 255 63.59 26.38 15.66
C ALA L 255 62.46 27.08 16.43
N VAL L 256 61.29 27.14 15.82
CA VAL L 256 60.12 27.74 16.46
C VAL L 256 59.68 26.88 17.65
N VAL L 257 59.87 27.41 18.85
CA VAL L 257 59.49 26.69 20.06
C VAL L 257 58.11 27.12 20.56
N SER L 258 57.68 28.31 20.16
CA SER L 258 56.39 28.84 20.57
C SER L 258 55.91 29.93 19.62
N GLU L 259 54.70 30.44 19.87
CA GLU L 259 54.10 31.47 19.04
C GLU L 259 54.95 32.74 19.00
N TYR L 260 55.71 32.98 20.06
CA TYR L 260 56.50 34.21 20.17
C TYR L 260 58.01 33.96 20.23
N PHE L 261 58.41 32.72 20.44
CA PHE L 261 59.83 32.44 20.65
C PHE L 261 60.48 31.53 19.59
N VAL L 262 61.77 31.75 19.37
CA VAL L 262 62.57 30.95 18.46
C VAL L 262 63.89 30.59 19.12
N LEU L 263 64.17 29.29 19.23
CA LEU L 263 65.38 28.82 19.90
C LEU L 263 66.56 28.72 18.95
N THR L 264 67.71 29.24 19.39
CA THR L 264 68.92 29.21 18.58
C THR L 264 70.16 29.35 19.46
N ALA L 265 71.33 29.13 18.86
CA ALA L 265 72.59 29.25 19.58
C ALA L 265 72.78 30.66 20.12
N ALA L 266 73.45 30.76 21.27
CA ALA L 266 73.66 32.06 21.91
C ALA L 266 74.95 32.72 21.47
N HIS L 267 75.75 32.01 20.67
CA HIS L 267 77.03 32.53 20.21
C HIS L 267 76.90 33.23 18.86
N CYS L 268 75.68 33.27 18.33
CA CYS L 268 75.42 33.94 17.06
C CYS L 268 75.16 35.43 17.26
N PHE L 269 74.92 35.82 18.51
CA PHE L 269 74.62 37.21 18.82
C PHE L 269 75.56 37.74 19.91
N THR L 270 75.37 39.00 20.28
CA THR L 270 76.18 39.62 21.32
C THR L 270 75.46 40.83 21.90
N VAL L 271 75.91 41.27 23.07
CA VAL L 271 75.34 42.44 23.74
C VAL L 271 75.35 43.66 22.83
N ASP L 272 76.33 43.72 21.93
CA ASP L 272 76.47 44.84 21.01
C ASP L 272 75.36 44.85 19.96
N ASP L 273 75.01 43.67 19.46
CA ASP L 273 73.97 43.55 18.44
C ASP L 273 72.64 44.09 18.95
N LYS L 274 72.01 44.97 18.15
CA LYS L 274 70.73 45.55 18.54
C LYS L 274 69.56 44.70 18.06
N GLU L 275 68.35 45.12 18.39
CA GLU L 275 67.15 44.34 18.07
C GLU L 275 66.60 44.60 16.67
N HIS L 276 67.14 45.62 16.00
CA HIS L 276 66.74 45.90 14.62
C HIS L 276 67.86 45.52 13.65
N SER L 277 68.90 44.90 14.18
CA SER L 277 70.00 44.41 13.36
C SER L 277 69.88 42.89 13.20
N ILE L 278 68.84 42.34 13.81
CA ILE L 278 68.59 40.90 13.75
C ILE L 278 67.20 40.62 13.17
N LYS L 279 67.17 39.94 12.03
CA LYS L 279 65.90 39.62 11.37
C LYS L 279 65.71 38.12 11.23
N VAL L 280 64.54 37.64 11.65
CA VAL L 280 64.23 36.22 11.60
C VAL L 280 63.30 35.88 10.45
N SER L 281 63.70 34.91 9.64
CA SER L 281 62.87 34.44 8.54
C SER L 281 62.33 33.05 8.86
N VAL L 282 61.02 32.95 9.01
CA VAL L 282 60.38 31.70 9.43
C VAL L 282 60.42 30.64 8.34
N GLY L 283 59.48 30.72 7.40
CA GLY L 283 59.37 29.70 6.37
C GLY L 283 59.02 30.22 4.99
N GLY L 284 59.91 29.99 4.04
CA GLY L 284 59.68 30.35 2.65
C GLY L 284 59.69 31.84 2.41
N GLU L 285 58.64 32.53 2.86
CA GLU L 285 58.51 33.97 2.65
C GLU L 285 59.79 34.71 3.01
N LYS L 286 60.34 35.43 2.03
CA LYS L 286 61.50 36.28 2.28
C LYS L 286 61.02 37.57 2.95
N ARG L 287 60.17 37.41 3.96
CA ARG L 287 59.63 38.53 4.71
C ARG L 287 60.18 38.51 6.13
N ASP L 288 61.28 39.24 6.33
CA ASP L 288 61.95 39.27 7.63
C ASP L 288 61.04 39.76 8.74
N LEU L 289 61.22 39.20 9.94
CA LEU L 289 60.43 39.59 11.09
C LEU L 289 61.29 40.29 12.14
N GLU L 290 60.86 41.46 12.58
CA GLU L 290 61.58 42.19 13.61
C GLU L 290 61.43 41.49 14.96
N ILE L 291 62.53 41.36 15.68
CA ILE L 291 62.53 40.71 16.98
C ILE L 291 62.29 41.72 18.10
N GLU L 292 61.95 41.22 19.28
CA GLU L 292 61.70 42.08 20.43
C GLU L 292 62.91 42.13 21.36
N VAL L 293 63.48 40.97 21.66
CA VAL L 293 64.63 40.89 22.54
C VAL L 293 65.28 39.50 22.50
N VAL L 294 66.59 39.45 22.66
CA VAL L 294 67.31 38.20 22.69
C VAL L 294 67.65 37.81 24.12
N LEU L 295 67.07 36.71 24.58
CA LEU L 295 67.27 36.25 25.96
C LEU L 295 68.45 35.28 26.06
N PHE L 296 69.63 35.82 26.33
CA PHE L 296 70.82 34.99 26.52
C PHE L 296 70.72 34.20 27.82
N HIS L 297 71.29 33.00 27.81
CA HIS L 297 71.32 32.18 29.02
C HIS L 297 72.24 32.82 30.05
N PRO L 298 71.76 32.95 31.30
CA PRO L 298 72.51 33.59 32.39
C PRO L 298 73.90 33.00 32.58
N ASN L 299 74.05 31.71 32.29
CA ASN L 299 75.32 31.03 32.47
C ASN L 299 76.21 31.05 31.23
N TYR L 300 75.73 31.68 30.16
CA TYR L 300 76.50 31.78 28.92
C TYR L 300 77.69 32.71 29.07
N ASN L 301 78.83 32.29 28.53
CA ASN L 301 80.05 33.09 28.55
C ASN L 301 81.12 32.50 27.66
N ILE L 302 81.47 33.21 26.59
CA ILE L 302 82.46 32.73 25.64
C ILE L 302 83.87 33.14 26.06
N ASN L 303 83.96 34.04 27.02
CA ASN L 303 85.24 34.50 27.53
C ASN L 303 85.44 34.18 29.00
N GLY L 304 84.64 33.25 29.50
CA GLY L 304 84.74 32.82 30.89
C GLY L 304 86.10 32.24 31.21
N LYS L 305 86.82 31.82 30.17
CA LYS L 305 88.15 31.26 30.33
C LYS L 305 89.22 32.11 29.64
N LYS L 306 89.41 33.32 30.16
CA LYS L 306 90.44 34.23 29.68
C LYS L 306 91.77 33.87 30.35
N GLU L 307 91.71 33.01 31.35
CA GLU L 307 92.89 32.69 32.15
C GLU L 307 93.44 31.28 31.89
N ALA L 308 92.55 30.30 31.78
CA ALA L 308 92.96 28.91 31.66
C ALA L 308 93.61 28.57 30.31
N GLY L 309 93.19 29.27 29.26
CA GLY L 309 93.71 29.02 27.93
C GLY L 309 92.63 28.52 26.98
N ILE L 310 91.39 28.80 27.33
CA ILE L 310 90.25 28.43 26.50
C ILE L 310 89.61 29.69 25.92
N PRO L 311 90.12 30.15 24.77
CA PRO L 311 89.69 31.40 24.13
C PRO L 311 88.18 31.48 23.96
N GLU L 312 87.53 30.33 23.78
CA GLU L 312 86.09 30.30 23.56
C GLU L 312 85.41 29.25 24.43
N PHE L 313 84.42 29.70 25.21
CA PHE L 313 83.70 28.81 26.11
C PHE L 313 82.24 28.69 25.68
N TYR L 314 81.87 27.51 25.18
CA TYR L 314 80.55 27.31 24.60
C TYR L 314 79.53 26.72 25.57
N ASP L 315 79.86 26.70 26.85
CA ASP L 315 78.96 26.15 27.86
C ASP L 315 77.67 26.98 27.95
N TYR L 316 76.54 26.30 28.06
CA TYR L 316 75.24 26.96 28.12
C TYR L 316 75.05 27.87 26.91
N ASP L 317 75.23 27.30 25.72
CA ASP L 317 75.14 28.07 24.48
C ASP L 317 73.72 28.04 23.92
N VAL L 318 72.78 28.61 24.66
CA VAL L 318 71.38 28.68 24.24
C VAL L 318 70.79 30.06 24.48
N ALA L 319 69.93 30.50 23.58
CA ALA L 319 69.30 31.81 23.70
C ALA L 319 67.96 31.85 22.95
N LEU L 320 66.92 32.28 23.65
CA LEU L 320 65.59 32.41 23.05
C LEU L 320 65.43 33.77 22.38
N ILE L 321 64.62 33.81 21.33
CA ILE L 321 64.35 35.06 20.62
C ILE L 321 62.85 35.32 20.53
N LYS L 322 62.39 36.28 21.33
CA LYS L 322 60.97 36.64 21.33
C LYS L 322 60.66 37.60 20.19
N LEU L 323 59.91 37.11 19.21
CA LEU L 323 59.53 37.92 18.05
C LEU L 323 58.65 39.09 18.48
N LYS L 324 58.71 40.18 17.72
CA LYS L 324 57.94 41.37 18.03
C LYS L 324 56.47 41.18 17.66
N ASN L 325 56.21 40.22 16.78
CA ASN L 325 54.84 39.90 16.36
C ASN L 325 54.51 38.43 16.60
N LYS L 326 53.24 38.17 16.91
CA LYS L 326 52.78 36.81 17.19
C LYS L 326 52.63 36.01 15.90
N LEU L 327 53.08 34.76 15.92
CA LEU L 327 53.01 33.90 14.75
C LEU L 327 51.74 33.07 14.72
N LYS L 328 51.19 32.89 13.52
CA LYS L 328 50.02 32.03 13.32
C LYS L 328 50.45 30.75 12.61
N TYR L 329 50.29 29.62 13.29
CA TYR L 329 50.76 28.34 12.78
C TYR L 329 50.12 27.94 11.45
N GLY L 330 50.96 27.53 10.51
CA GLY L 330 50.50 27.06 9.21
C GLY L 330 51.23 25.79 8.82
N GLN L 331 50.91 25.28 7.64
CA GLN L 331 51.54 24.04 7.15
C GLN L 331 53.06 24.20 7.02
N THR L 332 53.52 25.43 6.88
CA THR L 332 54.94 25.70 6.74
C THR L 332 55.53 26.35 7.99
N ILE L 333 54.66 26.64 8.96
CA ILE L 333 55.09 27.29 10.19
C ILE L 333 54.49 26.61 11.41
N ARG L 334 55.19 25.61 11.93
CA ARG L 334 54.74 24.87 13.11
C ARG L 334 55.87 24.79 14.14
N PRO L 335 55.51 24.69 15.43
CA PRO L 335 56.49 24.60 16.50
C PRO L 335 57.13 23.22 16.56
N ILE L 336 58.32 23.13 17.13
CA ILE L 336 58.96 21.85 17.39
C ILE L 336 58.75 21.49 18.86
N CYS L 337 58.84 20.20 19.17
CA CYS L 337 58.60 19.74 20.53
C CYS L 337 59.82 19.90 21.43
N LEU L 338 59.60 20.42 22.63
CA LEU L 338 60.67 20.60 23.60
C LEU L 338 60.57 19.56 24.71
N PRO L 339 61.74 19.10 25.21
CA PRO L 339 61.81 18.08 26.26
C PRO L 339 61.06 18.49 27.53
N CYS L 340 60.56 17.49 28.26
CA CYS L 340 59.87 17.74 29.52
C CYS L 340 58.68 18.67 29.37
N THR L 341 57.78 18.34 28.45
CA THR L 341 56.56 19.12 28.25
C THR L 341 55.37 18.20 28.01
N GLU L 342 54.17 18.75 28.17
CA GLU L 342 52.95 17.99 27.92
C GLU L 342 52.88 17.56 26.46
N GLY L 343 53.39 18.40 25.58
CA GLY L 343 53.40 18.11 24.16
C GLY L 343 54.17 16.85 23.83
N THR L 344 55.39 16.76 24.34
CA THR L 344 56.24 15.59 24.11
C THR L 344 55.61 14.33 24.68
N THR L 345 54.91 14.47 25.80
CA THR L 345 54.25 13.34 26.45
C THR L 345 53.26 12.68 25.50
N ARG L 346 52.28 13.45 25.03
CA ARG L 346 51.28 12.94 24.10
C ARG L 346 51.86 12.68 22.71
N ALA L 347 52.96 13.36 22.39
CA ALA L 347 53.63 13.15 21.12
C ALA L 347 54.22 11.75 21.06
N LEU L 348 54.84 11.32 22.17
CA LEU L 348 55.41 9.99 22.27
C LEU L 348 54.33 8.98 22.65
N ARG L 349 53.11 9.47 22.81
CA ARG L 349 51.97 8.62 23.15
C ARG L 349 52.19 7.88 24.47
N LEU L 350 52.40 8.65 25.53
CA LEU L 350 52.64 8.08 26.85
C LEU L 350 51.61 8.58 27.86
N PRO L 351 51.34 7.76 28.90
CA PRO L 351 50.36 8.09 29.94
C PRO L 351 50.61 9.47 30.56
N PRO L 352 49.55 10.11 31.06
CA PRO L 352 49.63 11.44 31.69
C PRO L 352 50.56 11.47 32.90
N THR L 353 50.96 10.30 33.37
CA THR L 353 51.84 10.21 34.53
C THR L 353 53.31 10.24 34.14
N THR L 354 53.57 10.47 32.85
CA THR L 354 54.94 10.52 32.35
C THR L 354 55.75 11.62 33.03
N THR L 355 56.83 11.21 33.69
CA THR L 355 57.70 12.15 34.39
C THR L 355 58.77 12.70 33.44
N CYS L 356 59.46 13.74 33.90
CA CYS L 356 60.51 14.37 33.10
C CYS L 356 61.67 13.42 32.84
N GLN L 357 61.89 12.50 33.78
CA GLN L 357 62.98 11.54 33.67
C GLN L 357 62.68 10.46 32.64
N GLN L 358 61.42 10.03 32.59
CA GLN L 358 60.99 9.00 31.66
C GLN L 358 61.18 9.43 30.20
N GLN L 359 61.04 10.73 29.96
CA GLN L 359 61.21 11.28 28.61
C GLN L 359 62.68 11.29 28.21
N LYS L 360 63.54 11.63 29.16
CA LYS L 360 64.98 11.66 28.91
C LYS L 360 65.52 10.28 28.58
N GLU L 361 64.86 9.25 29.09
CA GLU L 361 65.26 7.88 28.85
C GLU L 361 64.82 7.42 27.46
N GLU L 362 63.61 7.79 27.07
CA GLU L 362 63.06 7.41 25.79
C GLU L 362 63.74 8.19 24.65
N LEU L 363 63.97 9.47 24.88
CA LEU L 363 64.57 10.34 23.86
C LEU L 363 66.09 10.18 23.81
N LEU L 364 66.73 10.17 24.97
CA LEU L 364 68.18 10.08 25.02
C LEU L 364 68.68 8.90 25.87
N PRO L 365 68.45 7.67 25.39
CA PRO L 365 68.94 6.46 26.06
C PRO L 365 70.47 6.40 26.01
N ALA L 366 71.06 5.63 26.92
CA ALA L 366 72.52 5.46 26.94
C ALA L 366 72.97 4.52 25.83
N GLN L 367 73.12 5.06 24.63
CA GLN L 367 73.50 4.26 23.47
C GLN L 367 73.75 5.15 22.25
N ASP L 368 73.69 4.55 21.08
CA ASP L 368 73.81 5.28 19.82
C ASP L 368 72.42 5.69 19.34
N ILE L 369 72.10 6.97 19.51
CA ILE L 369 70.76 7.46 19.21
C ILE L 369 70.62 7.98 17.79
N LYS L 370 69.52 7.61 17.13
CA LYS L 370 69.21 8.12 15.80
C LYS L 370 68.69 9.55 15.87
N ALA L 371 69.49 10.50 15.40
CA ALA L 371 69.10 11.91 15.41
C ALA L 371 69.22 12.52 14.02
N LEU L 372 69.02 13.84 13.95
CA LEU L 372 69.11 14.54 12.67
C LEU L 372 69.20 16.06 12.88
N PHE L 373 69.76 16.75 11.90
CA PHE L 373 69.85 18.20 11.93
C PHE L 373 69.57 18.78 10.55
N VAL L 374 68.75 19.83 10.51
CA VAL L 374 68.38 20.45 9.25
C VAL L 374 69.47 21.38 8.73
N SER L 375 69.81 21.24 7.45
CA SER L 375 70.83 22.07 6.83
C SER L 375 70.41 22.52 5.44
N GLU L 376 70.89 23.70 5.05
CA GLU L 376 70.56 24.26 3.74
C GLU L 376 71.70 24.07 2.75
N GLU L 377 71.39 23.46 1.61
CA GLU L 377 72.36 23.29 0.54
C GLU L 377 71.85 23.92 -0.75
N GLU L 378 72.44 25.05 -1.12
CA GLU L 378 71.98 25.83 -2.25
C GLU L 378 70.54 26.28 -2.06
N LYS L 379 70.26 26.83 -0.88
CA LYS L 379 68.93 27.34 -0.54
C LYS L 379 67.91 26.21 -0.38
N LYS L 380 68.39 25.00 -0.14
CA LYS L 380 67.51 23.84 -0.01
C LYS L 380 67.61 23.19 1.36
N LEU L 381 66.48 23.13 2.07
CA LEU L 381 66.43 22.50 3.38
C LEU L 381 66.46 20.98 3.27
N THR L 382 67.67 20.41 3.32
CA THR L 382 67.84 18.97 3.26
C THR L 382 68.05 18.39 4.66
N ARG L 383 67.59 17.16 4.86
CA ARG L 383 67.72 16.49 6.15
C ARG L 383 69.04 15.72 6.25
N LYS L 384 69.72 15.87 7.39
CA LYS L 384 70.97 15.17 7.63
C LYS L 384 70.88 14.28 8.85
N GLU L 385 70.85 12.97 8.63
CA GLU L 385 70.73 12.00 9.71
C GLU L 385 72.08 11.72 10.38
N VAL L 386 72.12 11.86 11.70
CA VAL L 386 73.34 11.61 12.46
C VAL L 386 73.07 10.71 13.66
N TYR L 387 74.12 10.37 14.40
CA TYR L 387 73.99 9.55 15.59
C TYR L 387 74.56 10.24 16.81
N ILE L 388 73.86 10.14 17.93
CA ILE L 388 74.30 10.74 19.19
C ILE L 388 75.09 9.73 20.02
N LYS L 389 76.33 10.07 20.33
CA LYS L 389 77.19 9.20 21.13
C LYS L 389 76.88 9.34 22.62
N ASN L 390 75.78 8.75 23.05
CA ASN L 390 75.37 8.81 24.44
C ASN L 390 75.73 7.55 25.21
N GLY L 391 76.25 6.56 24.50
CA GLY L 391 76.63 5.30 25.10
C GLY L 391 78.05 5.32 25.65
N ASP L 392 78.75 4.19 25.52
CA ASP L 392 80.11 4.07 26.01
C ASP L 392 81.08 4.86 25.13
N LYS L 393 80.73 5.00 23.86
CA LYS L 393 81.57 5.72 22.91
C LYS L 393 81.49 7.23 23.14
N LYS L 394 80.72 7.62 24.15
CA LYS L 394 80.58 9.03 24.49
C LYS L 394 81.93 9.65 24.82
N GLY L 395 82.77 8.89 25.53
CA GLY L 395 84.10 9.36 25.89
C GLY L 395 85.03 9.45 24.71
N SER L 396 85.04 8.41 23.88
CA SER L 396 85.90 8.36 22.71
C SER L 396 85.55 9.47 21.72
N CYS L 397 84.31 9.93 21.77
CA CYS L 397 83.84 10.98 20.87
C CYS L 397 84.13 12.37 21.41
N GLU L 398 83.96 12.55 22.71
CA GLU L 398 84.16 13.85 23.34
C GLU L 398 85.64 14.20 23.51
N ARG L 399 86.49 13.17 23.59
CA ARG L 399 87.92 13.39 23.76
C ARG L 399 88.58 13.86 22.46
N ASP L 400 87.81 13.86 21.38
CA ASP L 400 88.32 14.31 20.09
C ASP L 400 88.28 15.84 19.99
N ALA L 401 87.92 16.49 21.09
CA ALA L 401 87.86 17.95 21.12
C ALA L 401 89.25 18.55 21.28
N GLN L 402 90.26 17.68 21.41
CA GLN L 402 91.64 18.13 21.55
C GLN L 402 92.22 18.54 20.21
N TYR L 403 91.43 18.38 19.15
CA TYR L 403 91.87 18.73 17.81
C TYR L 403 91.26 20.06 17.36
N ALA L 404 90.31 20.55 18.13
CA ALA L 404 89.63 21.80 17.81
C ALA L 404 90.59 22.99 17.85
N PRO L 405 90.36 23.97 16.96
CA PRO L 405 91.18 25.19 16.91
C PRO L 405 91.17 25.93 18.24
N GLY L 406 92.35 26.26 18.75
CA GLY L 406 92.46 26.94 20.03
C GLY L 406 92.05 26.05 21.18
N TYR L 407 92.22 24.74 20.99
CA TYR L 407 91.86 23.76 22.01
C TYR L 407 92.98 22.73 22.22
N ASP L 408 94.20 23.10 21.84
CA ASP L 408 95.33 22.20 21.99
C ASP L 408 95.88 22.23 23.42
N LYS L 409 96.26 23.42 23.87
CA LYS L 409 96.79 23.57 25.22
C LYS L 409 95.67 23.66 26.25
N VAL L 410 94.97 22.54 26.45
CA VAL L 410 93.86 22.50 27.39
C VAL L 410 94.15 21.54 28.55
N LYS L 411 94.08 22.06 29.76
CA LYS L 411 94.33 21.28 30.98
C LYS L 411 93.50 20.00 30.97
N ASP L 412 92.19 20.16 30.88
CA ASP L 412 91.26 19.04 30.95
C ASP L 412 90.17 19.18 29.90
N ILE L 413 89.71 18.05 29.37
CA ILE L 413 88.68 18.05 28.35
C ILE L 413 87.29 18.19 28.96
N SER L 414 87.17 17.85 30.24
CA SER L 414 85.91 17.99 30.95
C SER L 414 85.69 19.45 31.35
N GLU L 415 86.63 20.30 30.95
CA GLU L 415 86.54 21.73 31.23
C GLU L 415 85.89 22.47 30.06
N VAL L 416 86.13 21.98 28.85
CA VAL L 416 85.57 22.60 27.65
C VAL L 416 84.32 21.85 27.20
N VAL L 417 84.29 20.54 27.43
CA VAL L 417 83.14 19.72 27.07
C VAL L 417 82.32 19.40 28.30
N THR L 418 81.48 20.35 28.70
CA THR L 418 80.65 20.18 29.89
C THR L 418 79.49 19.24 29.62
N PRO L 419 78.95 18.62 30.68
CA PRO L 419 77.79 17.73 30.59
C PRO L 419 76.62 18.35 29.83
N ARG L 420 76.67 19.67 29.63
CA ARG L 420 75.65 20.37 28.86
C ARG L 420 75.80 20.13 27.36
N PHE L 421 76.58 19.11 26.99
CA PHE L 421 76.88 18.85 25.59
C PHE L 421 76.59 17.43 25.14
N LEU L 422 76.03 17.30 23.95
CA LEU L 422 75.86 16.02 23.29
C LEU L 422 76.90 15.92 22.17
N CYS L 423 77.23 14.70 21.76
CA CYS L 423 78.27 14.51 20.76
C CYS L 423 77.79 13.70 19.56
N THR L 424 78.12 14.18 18.36
CA THR L 424 77.78 13.49 17.12
C THR L 424 78.97 13.51 16.17
N GLY L 425 78.74 13.04 14.94
CA GLY L 425 79.79 13.01 13.94
C GLY L 425 80.72 11.83 14.12
N GLY L 426 81.73 11.74 13.25
CA GLY L 426 82.70 10.66 13.31
C GLY L 426 82.48 9.63 12.22
N VAL L 427 83.01 8.43 12.44
CA VAL L 427 82.88 7.36 11.46
C VAL L 427 82.32 6.08 12.10
N SER L 428 81.87 6.20 13.35
CA SER L 428 81.31 5.06 14.07
C SER L 428 80.10 5.49 14.88
N PRO L 429 79.04 4.68 14.86
CA PRO L 429 78.99 3.40 14.13
C PRO L 429 78.78 3.61 12.64
N TYR L 430 78.49 4.85 12.24
CA TYR L 430 78.30 5.18 10.84
C TYR L 430 78.95 6.52 10.50
N ALA L 431 79.20 6.74 9.22
CA ALA L 431 79.79 8.00 8.76
C ALA L 431 78.78 9.14 8.85
N ASP L 432 78.72 9.78 10.01
CA ASP L 432 77.77 10.86 10.24
C ASP L 432 78.18 12.15 9.55
N PRO L 433 77.21 12.82 8.91
CA PRO L 433 77.44 14.13 8.28
C PRO L 433 77.88 15.16 9.30
N ASN L 434 78.36 16.30 8.83
CA ASN L 434 78.84 17.36 9.73
C ASN L 434 78.09 18.66 9.54
N THR L 435 78.08 19.48 10.58
CA THR L 435 77.37 20.76 10.54
C THR L 435 78.30 21.89 10.09
N CYS L 436 77.78 22.79 9.26
CA CYS L 436 78.55 23.93 8.78
C CYS L 436 78.17 25.19 9.56
N ARG L 437 78.91 26.26 9.32
CA ARG L 437 78.68 27.53 10.02
C ARG L 437 77.24 28.01 9.89
N GLY L 438 76.68 27.89 8.69
CA GLY L 438 75.32 28.31 8.44
C GLY L 438 74.31 27.52 9.25
N ASP L 439 74.64 26.27 9.53
CA ASP L 439 73.74 25.39 10.27
C ASP L 439 73.74 25.68 11.76
N SER L 440 74.67 26.53 12.20
CA SER L 440 74.79 26.88 13.61
C SER L 440 73.45 27.34 14.18
N GLY L 441 73.08 26.80 15.33
CA GLY L 441 71.81 27.13 15.96
C GLY L 441 70.72 26.15 15.55
N GLY L 442 71.08 25.20 14.69
CA GLY L 442 70.15 24.21 14.21
C GLY L 442 69.71 23.24 15.30
N PRO L 443 68.48 22.73 15.19
CA PRO L 443 67.91 21.80 16.18
C PRO L 443 68.42 20.38 16.01
N LEU L 444 68.69 19.70 17.12
CA LEU L 444 69.05 18.28 17.09
C LEU L 444 67.82 17.46 17.42
N ILE L 445 67.22 16.86 16.40
CA ILE L 445 65.93 16.20 16.54
C ILE L 445 66.02 14.69 16.55
N VAL L 446 65.14 14.05 17.33
CA VAL L 446 65.07 12.60 17.38
C VAL L 446 63.72 12.12 16.84
N HIS L 447 63.71 11.69 15.58
CA HIS L 447 62.48 11.26 14.93
C HIS L 447 61.91 10.00 15.58
N LYS L 448 60.81 10.17 16.31
CA LYS L 448 60.16 9.06 17.00
C LYS L 448 58.64 9.18 16.94
N ARG L 449 57.99 8.08 16.58
CA ARG L 449 56.52 8.02 16.54
C ARG L 449 55.93 9.05 15.58
N SER L 450 56.55 9.18 14.40
CA SER L 450 56.08 10.10 13.37
C SER L 450 56.16 11.56 13.82
N ARG L 451 56.67 11.80 15.02
CA ARG L 451 56.79 13.14 15.56
C ARG L 451 58.26 13.55 15.62
N PHE L 452 58.51 14.84 15.86
CA PHE L 452 59.86 15.36 15.94
C PHE L 452 60.12 16.09 17.26
N ILE L 453 61.07 15.58 18.02
CA ILE L 453 61.41 16.17 19.32
C ILE L 453 62.83 16.71 19.32
N GLN L 454 62.98 17.99 19.68
CA GLN L 454 64.29 18.60 19.76
C GLN L 454 64.95 18.29 21.10
N VAL L 455 66.20 17.82 21.05
CA VAL L 455 66.91 17.45 22.26
C VAL L 455 68.30 18.07 22.31
N GLY L 456 68.60 18.94 21.35
CA GLY L 456 69.90 19.58 21.29
C GLY L 456 69.92 20.82 20.41
N VAL L 457 70.95 21.63 20.59
CA VAL L 457 71.12 22.85 19.79
C VAL L 457 72.56 22.98 19.31
N ILE L 458 72.74 22.93 17.99
CA ILE L 458 74.07 23.02 17.40
C ILE L 458 74.87 24.16 18.02
N SER L 459 75.99 23.81 18.66
CA SER L 459 76.82 24.79 19.35
C SER L 459 78.13 25.05 18.62
N TRP L 460 78.90 23.99 18.40
CA TRP L 460 80.20 24.11 17.75
C TRP L 460 80.72 22.76 17.25
N GLY L 461 81.83 22.79 16.53
CA GLY L 461 82.42 21.58 16.00
C GLY L 461 83.93 21.58 16.11
N VAL L 462 84.55 20.45 15.81
CA VAL L 462 86.00 20.32 15.89
C VAL L 462 86.67 20.72 14.58
N VAL L 463 86.17 20.18 13.48
CA VAL L 463 86.73 20.48 12.16
C VAL L 463 85.68 21.08 11.24
N ASP L 464 86.06 22.12 10.49
CA ASP L 464 85.16 22.76 9.55
C ASP L 464 85.21 22.06 8.20
N VAL L 465 84.74 20.81 8.17
CA VAL L 465 84.69 20.05 6.92
C VAL L 465 83.87 20.84 5.89
N CYS L 466 83.00 21.70 6.38
CA CYS L 466 82.23 22.58 5.52
C CYS L 466 83.05 23.83 5.19
N LYS L 467 84.22 23.61 4.57
CA LYS L 467 85.13 24.67 4.17
C LYS L 467 84.44 26.03 4.10
N ASN L 468 84.00 26.38 2.89
CA ASN L 468 83.23 27.60 2.66
C ASN L 468 82.28 27.38 1.48
N GLN L 469 81.01 27.21 1.79
CA GLN L 469 79.97 26.93 0.79
C GLN L 469 80.14 25.55 0.16
N LYS L 470 80.94 24.70 0.81
CA LYS L 470 81.10 23.30 0.42
C LYS L 470 81.32 22.43 1.66
N ARG L 471 81.17 21.11 1.48
CA ARG L 471 81.39 20.17 2.58
C ARG L 471 81.52 18.73 2.07
N GLN L 472 82.72 18.16 2.18
CA GLN L 472 82.96 16.77 1.82
C GLN L 472 84.44 16.49 1.60
N LYS L 473 84.73 15.63 0.61
CA LYS L 473 86.10 15.31 0.21
C LYS L 473 86.80 14.41 1.23
N GLN L 474 87.55 15.01 2.15
CA GLN L 474 88.31 14.25 3.13
C GLN L 474 88.00 14.70 4.56
N VAL L 475 87.03 14.04 5.18
CA VAL L 475 86.64 14.37 6.54
C VAL L 475 87.42 13.56 7.57
N PRO L 476 87.99 14.26 8.57
CA PRO L 476 88.75 13.61 9.65
C PRO L 476 87.85 12.72 10.50
N ALA L 477 88.44 11.72 11.15
CA ALA L 477 87.67 10.82 12.02
C ALA L 477 87.33 11.50 13.33
N HIS L 478 88.10 12.54 13.67
CA HIS L 478 87.88 13.28 14.90
C HIS L 478 86.95 14.47 14.67
N ALA L 479 86.34 14.53 13.49
CA ALA L 479 85.40 15.59 13.17
C ALA L 479 84.09 15.40 13.95
N ARG L 480 84.04 15.94 15.16
CA ARG L 480 82.89 15.76 16.03
C ARG L 480 82.06 17.04 16.14
N ASP L 481 80.76 16.87 16.37
CA ASP L 481 79.87 18.01 16.54
C ASP L 481 79.26 18.01 17.93
N PHE L 482 79.24 19.18 18.57
CA PHE L 482 78.70 19.30 19.92
C PHE L 482 77.44 20.16 19.95
N HIS L 483 76.43 19.68 20.68
CA HIS L 483 75.16 20.39 20.78
C HIS L 483 74.75 20.55 22.23
N ILE L 484 74.09 21.66 22.55
CA ILE L 484 73.65 21.92 23.91
C ILE L 484 72.40 21.11 24.25
N ASN L 485 72.56 20.16 25.17
CA ASN L 485 71.45 19.31 25.59
C ASN L 485 70.35 20.13 26.25
N LEU L 486 69.13 20.01 25.72
CA LEU L 486 68.00 20.79 26.22
C LEU L 486 67.55 20.34 27.61
N PHE L 487 68.02 19.17 28.03
CA PHE L 487 67.69 18.66 29.36
C PHE L 487 68.57 19.31 30.42
N GLN L 488 69.71 19.83 30.00
CA GLN L 488 70.67 20.45 30.91
C GLN L 488 70.34 21.92 31.14
N VAL L 489 69.43 22.46 30.34
CA VAL L 489 69.02 23.85 30.48
C VAL L 489 67.50 23.95 30.67
N LEU L 490 66.91 22.89 31.19
CA LEU L 490 65.47 22.84 31.41
C LEU L 490 64.95 24.00 32.28
N PRO L 491 65.58 24.22 33.44
CA PRO L 491 65.13 25.27 34.35
C PRO L 491 65.04 26.64 33.67
N TRP L 492 65.89 26.88 32.67
CA TRP L 492 65.90 28.15 31.97
C TRP L 492 64.73 28.26 30.99
N LEU L 493 64.59 27.28 30.11
CA LEU L 493 63.47 27.23 29.17
C LEU L 493 62.15 27.21 29.93
N LYS L 494 62.20 26.64 31.13
CA LYS L 494 61.02 26.53 31.99
C LYS L 494 60.67 27.88 32.60
N GLU L 495 61.62 28.81 32.54
CA GLU L 495 61.43 30.12 33.14
C GLU L 495 60.92 31.15 32.12
N LYS L 496 61.55 31.19 30.95
CA LYS L 496 61.20 32.17 29.93
C LYS L 496 59.92 31.81 29.19
N LEU L 497 59.74 30.52 28.91
CA LEU L 497 58.58 30.05 28.17
C LEU L 497 57.44 29.65 29.11
N GLN L 498 57.33 30.33 30.23
CA GLN L 498 56.32 30.02 31.24
C GLN L 498 54.92 30.45 30.80
N ASP L 499 54.84 31.56 30.07
CA ASP L 499 53.57 32.11 29.64
C ASP L 499 53.23 31.71 28.20
N GLU L 500 54.04 30.84 27.63
CA GLU L 500 53.83 30.39 26.25
C GLU L 500 52.84 29.23 26.21
N ASP L 501 52.35 28.83 27.38
CA ASP L 501 51.37 27.76 27.50
C ASP L 501 51.85 26.50 26.79
N LEU L 502 53.05 26.05 27.12
CA LEU L 502 53.60 24.83 26.55
C LEU L 502 53.25 23.62 27.41
N GLY L 503 53.34 23.79 28.72
CA GLY L 503 53.00 22.73 29.65
C GLY L 503 54.19 21.95 30.17
N PHE L 504 55.26 22.66 30.50
CA PHE L 504 56.45 22.04 31.06
C PHE L 504 56.09 21.25 32.33
N LEU L 505 56.85 20.21 32.60
CA LEU L 505 56.62 19.40 33.79
C LEU L 505 57.25 20.05 35.02
N ALA L 506 56.42 20.34 36.01
CA ALA L 506 56.90 20.96 37.25
C ALA L 506 58.00 20.13 37.90
N ALA L 507 58.07 18.85 37.52
CA ALA L 507 59.10 17.95 38.03
C ALA L 507 60.47 18.34 37.47
N THR M 9 -73.98 2.66 26.45
CA THR M 9 -73.24 1.42 26.68
C THR M 9 -72.04 1.33 25.74
N SER M 10 -71.00 0.65 26.19
CA SER M 10 -69.77 0.55 25.40
C SER M 10 -69.42 -0.90 25.05
N LEU M 11 -68.73 -1.57 25.96
CA LEU M 11 -68.24 -2.93 25.71
C LEU M 11 -68.12 -3.74 26.98
N PRO M 12 -67.99 -5.07 26.83
CA PRO M 12 -67.76 -6.00 27.95
C PRO M 12 -66.37 -5.83 28.54
N THR M 13 -66.01 -6.73 29.45
CA THR M 13 -64.73 -6.68 30.15
C THR M 13 -64.06 -8.05 30.23
N SER M 14 -63.22 -8.23 31.23
CA SER M 14 -62.43 -9.45 31.40
C SER M 14 -63.25 -10.74 31.37
N ASN M 15 -63.97 -11.02 32.45
CA ASN M 15 -64.81 -12.22 32.52
C ASN M 15 -66.17 -12.01 31.86
N GLU M 16 -66.33 -10.87 31.19
CA GLU M 16 -67.61 -10.51 30.61
C GLU M 16 -67.86 -11.17 29.25
N TYR M 17 -66.78 -11.50 28.54
CA TYR M 17 -66.92 -12.08 27.21
C TYR M 17 -66.84 -13.60 27.21
N GLN M 18 -65.68 -14.14 27.56
CA GLN M 18 -65.45 -15.58 27.53
C GLN M 18 -66.52 -16.35 28.29
N ASN M 19 -67.02 -15.75 29.37
CA ASN M 19 -68.02 -16.39 30.21
C ASN M 19 -69.39 -16.40 29.54
N GLU M 20 -69.62 -15.44 28.65
CA GLU M 20 -70.87 -15.35 27.91
C GLU M 20 -70.84 -16.22 26.66
N LYS M 21 -69.71 -16.22 25.96
CA LYS M 21 -69.54 -17.02 24.76
C LYS M 21 -69.74 -18.50 25.06
N LEU M 22 -69.09 -18.98 26.11
CA LEU M 22 -69.21 -20.38 26.50
C LEU M 22 -70.66 -20.72 26.85
N ALA M 23 -71.38 -19.76 27.41
CA ALA M 23 -72.77 -19.95 27.77
C ALA M 23 -73.62 -20.14 26.51
N ASN M 24 -73.36 -19.33 25.50
CA ASN M 24 -74.09 -19.42 24.24
C ASN M 24 -73.80 -20.73 23.51
N GLU M 25 -72.53 -21.11 23.46
CA GLU M 25 -72.11 -22.34 22.81
C GLU M 25 -72.74 -23.55 23.50
N LEU M 26 -72.86 -23.48 24.81
CA LEU M 26 -73.45 -24.55 25.60
C LEU M 26 -74.96 -24.61 25.37
N LYS M 27 -75.57 -23.44 25.15
CA LYS M 27 -77.01 -23.36 24.92
C LYS M 27 -77.38 -23.91 23.54
N SER M 28 -76.52 -23.65 22.57
CA SER M 28 -76.76 -24.13 21.20
C SER M 28 -76.91 -25.63 21.17
N LEU M 29 -76.11 -26.33 21.96
CA LEU M 29 -76.16 -27.78 22.04
C LEU M 29 -77.39 -28.25 22.82
N LEU M 30 -77.74 -27.48 23.86
CA LEU M 30 -78.88 -27.82 24.70
C LEU M 30 -80.22 -27.70 23.96
N ASP M 31 -80.27 -26.81 22.97
CA ASP M 31 -81.48 -26.63 22.19
C ASP M 31 -81.82 -27.88 21.40
N GLU M 32 -80.81 -28.46 20.74
CA GLU M 32 -81.00 -29.67 19.96
C GLU M 32 -80.72 -30.92 20.79
N LEU M 33 -80.89 -30.81 22.10
CA LEU M 33 -80.69 -31.93 23.01
C LEU M 33 -81.79 -32.97 22.82
N ASN M 34 -83.04 -32.52 22.84
CA ASN M 34 -84.17 -33.40 22.61
C ASN M 34 -84.07 -34.09 21.26
N VAL M 35 -83.43 -33.39 20.31
CA VAL M 35 -83.23 -33.93 18.98
C VAL M 35 -82.33 -35.16 19.00
N ASN M 36 -81.18 -35.03 19.65
CA ASN M 36 -80.23 -36.13 19.77
C ASN M 36 -80.70 -37.21 20.74
N GLU M 37 -81.32 -36.79 21.83
CA GLU M 37 -81.81 -37.72 22.85
C GLU M 37 -82.87 -38.64 22.26
N LEU M 38 -83.71 -38.10 21.39
CA LEU M 38 -84.78 -38.89 20.76
C LEU M 38 -84.23 -39.72 19.60
N ALA M 39 -83.01 -39.38 19.16
CA ALA M 39 -82.39 -40.07 18.05
C ALA M 39 -81.78 -41.39 18.48
N THR M 40 -81.69 -41.59 19.79
CA THR M 40 -81.12 -42.83 20.34
C THR M 40 -82.19 -43.88 20.55
N GLY M 41 -83.42 -43.54 20.20
CA GLY M 41 -84.54 -44.46 20.34
C GLY M 41 -84.35 -45.73 19.52
N SER M 42 -83.62 -45.61 18.42
CA SER M 42 -83.35 -46.74 17.55
C SER M 42 -81.94 -47.30 17.76
N LEU M 43 -81.08 -46.47 18.37
CA LEU M 43 -79.71 -46.88 18.65
C LEU M 43 -79.66 -47.77 19.89
N ASN M 44 -78.44 -48.13 20.31
CA ASN M 44 -78.26 -48.97 21.47
C ASN M 44 -78.55 -48.28 22.81
N THR M 45 -78.48 -49.04 23.88
CA THR M 45 -78.74 -48.52 25.22
C THR M 45 -77.59 -47.64 25.69
N TYR M 46 -76.39 -47.88 25.17
CA TYR M 46 -75.22 -47.10 25.52
C TYR M 46 -75.44 -45.62 25.24
N TYR M 47 -75.84 -45.31 24.02
CA TYR M 47 -76.07 -43.92 23.61
C TYR M 47 -77.20 -43.29 24.42
N LYS M 48 -78.25 -44.08 24.70
CA LYS M 48 -79.38 -43.60 25.48
C LYS M 48 -78.99 -43.34 26.93
N ARG M 49 -78.02 -44.11 27.42
CA ARG M 49 -77.56 -43.97 28.79
C ARG M 49 -76.56 -42.81 28.94
N THR M 50 -75.74 -42.60 27.92
CA THR M 50 -74.71 -41.58 27.97
C THR M 50 -75.27 -40.18 27.78
N ILE M 51 -76.31 -40.06 26.97
CA ILE M 51 -76.88 -38.75 26.66
C ILE M 51 -77.82 -38.23 27.74
N LYS M 52 -78.49 -39.15 28.43
CA LYS M 52 -79.40 -38.76 29.51
C LYS M 52 -78.62 -38.27 30.73
N ILE M 53 -77.38 -38.73 30.85
CA ILE M 53 -76.50 -38.30 31.93
C ILE M 53 -75.77 -37.03 31.55
N SER M 54 -75.20 -37.01 30.35
CA SER M 54 -74.49 -35.84 29.86
C SER M 54 -75.44 -34.69 29.58
N GLY M 55 -76.73 -34.97 29.62
CA GLY M 55 -77.75 -33.96 29.40
C GLY M 55 -77.89 -33.01 30.57
N GLN M 56 -78.05 -33.56 31.77
CA GLN M 56 -78.21 -32.75 32.97
C GLN M 56 -76.96 -31.92 33.24
N LYS M 57 -75.80 -32.54 33.07
CA LYS M 57 -74.54 -31.88 33.34
C LYS M 57 -74.41 -30.56 32.56
N ALA M 58 -75.05 -30.52 31.40
CA ALA M 58 -75.01 -29.32 30.57
C ALA M 58 -76.03 -28.28 31.03
N MET M 59 -77.17 -28.76 31.54
CA MET M 59 -78.22 -27.87 32.02
C MET M 59 -77.84 -27.23 33.36
N TYR M 60 -77.42 -28.06 34.30
CA TYR M 60 -77.01 -27.59 35.62
C TYR M 60 -75.85 -26.61 35.51
N ALA M 61 -74.99 -26.84 34.53
CA ALA M 61 -73.83 -25.98 34.31
C ALA M 61 -74.24 -24.64 33.73
N LEU M 62 -75.31 -24.64 32.94
CA LEU M 62 -75.79 -23.43 32.29
C LEU M 62 -76.33 -22.43 33.31
N LYS M 63 -77.25 -22.88 34.16
CA LYS M 63 -77.87 -22.02 35.15
C LYS M 63 -76.86 -21.49 36.17
N SER M 64 -75.87 -22.32 36.48
CA SER M 64 -74.85 -21.96 37.45
C SER M 64 -73.93 -20.88 36.89
N LYS M 65 -73.94 -20.73 35.57
CA LYS M 65 -73.10 -19.75 34.89
C LYS M 65 -71.63 -19.90 35.27
N ASP M 66 -71.26 -21.11 35.70
CA ASP M 66 -69.88 -21.40 36.07
C ASP M 66 -69.07 -21.77 34.84
N PHE M 67 -68.06 -20.96 34.55
CA PHE M 67 -67.21 -21.19 33.37
C PHE M 67 -66.70 -22.63 33.33
N LYS M 68 -66.32 -23.16 34.48
CA LYS M 68 -65.75 -24.50 34.55
C LYS M 68 -66.76 -25.55 34.15
N LYS M 69 -67.91 -25.56 34.82
CA LYS M 69 -68.93 -26.56 34.58
C LYS M 69 -69.52 -26.47 33.18
N MET M 70 -69.65 -25.25 32.66
CA MET M 70 -70.18 -25.04 31.32
C MET M 70 -69.27 -25.67 30.27
N SER M 71 -67.98 -25.41 30.37
CA SER M 71 -67.00 -25.99 29.47
C SER M 71 -66.92 -27.51 29.66
N GLU M 72 -66.85 -27.92 30.92
CA GLU M 72 -66.79 -29.34 31.26
C GLU M 72 -67.98 -30.09 30.66
N ALA M 73 -69.11 -29.42 30.56
CA ALA M 73 -70.32 -30.03 30.03
C ALA M 73 -70.47 -29.82 28.52
N LYS M 74 -69.81 -28.79 28.01
CA LYS M 74 -69.87 -28.49 26.58
C LYS M 74 -69.28 -29.63 25.76
N TYR M 75 -68.09 -30.08 26.16
CA TYR M 75 -67.42 -31.18 25.47
C TYR M 75 -68.03 -32.52 25.87
N GLN M 76 -68.55 -32.59 27.10
CA GLN M 76 -69.27 -33.76 27.56
C GLN M 76 -70.49 -34.01 26.68
N LEU M 77 -71.16 -32.93 26.31
CA LEU M 77 -72.37 -33.01 25.50
C LEU M 77 -72.03 -33.04 24.01
N GLN M 78 -70.89 -32.47 23.65
CA GLN M 78 -70.46 -32.43 22.25
C GLN M 78 -69.94 -33.80 21.81
N LYS M 79 -69.25 -34.48 22.71
CA LYS M 79 -68.71 -35.81 22.41
C LYS M 79 -69.83 -36.80 22.10
N ILE M 80 -70.80 -36.88 23.00
CA ILE M 80 -71.92 -37.80 22.82
C ILE M 80 -72.67 -37.54 21.52
N TYR M 81 -72.79 -36.27 21.15
CA TYR M 81 -73.44 -35.90 19.89
C TYR M 81 -72.70 -36.51 18.71
N ASN M 82 -71.39 -36.33 18.67
CA ASN M 82 -70.57 -36.86 17.59
C ASN M 82 -70.62 -38.40 17.54
N GLU M 83 -70.65 -39.02 18.72
CA GLU M 83 -70.71 -40.46 18.80
C GLU M 83 -72.04 -40.98 18.27
N ILE M 84 -73.08 -40.15 18.36
CA ILE M 84 -74.38 -40.50 17.83
C ILE M 84 -74.42 -40.30 16.32
N ASP M 85 -73.78 -39.23 15.85
CA ASP M 85 -73.71 -38.93 14.43
C ASP M 85 -73.06 -40.08 13.66
N GLU M 86 -71.99 -40.63 14.23
CA GLU M 86 -71.28 -41.75 13.62
C GLU M 86 -72.08 -43.05 13.76
N ALA M 87 -72.84 -43.14 14.84
CA ALA M 87 -73.65 -44.33 15.09
C ALA M 87 -74.80 -44.45 14.11
N LEU M 88 -75.07 -43.36 13.39
CA LEU M 88 -76.17 -43.33 12.43
C LEU M 88 -75.71 -43.61 11.01
N LYS M 89 -74.44 -43.32 10.73
CA LYS M 89 -73.89 -43.52 9.39
C LYS M 89 -73.67 -44.99 9.04
N SER M 90 -73.65 -45.84 10.06
CA SER M 90 -73.55 -47.28 9.83
C SER M 90 -74.95 -47.82 9.55
N LYS M 91 -75.95 -46.97 9.76
CA LYS M 91 -77.35 -47.32 9.52
C LYS M 91 -77.88 -46.56 8.31
N TYR M 92 -77.02 -45.74 7.71
CA TYR M 92 -77.39 -44.87 6.61
C TYR M 92 -78.08 -43.60 7.11
N THR N 9 81.61 2.51 -29.05
CA THR N 9 80.70 3.62 -29.22
C THR N 9 81.41 4.94 -28.94
N SER N 10 80.95 6.01 -29.59
CA SER N 10 81.58 7.31 -29.46
C SER N 10 80.63 8.37 -28.90
N LEU N 11 79.86 8.99 -29.79
CA LEU N 11 78.99 10.09 -29.41
C LEU N 11 77.76 10.19 -30.29
N PRO N 12 76.75 10.96 -29.83
CA PRO N 12 75.54 11.24 -30.60
C PRO N 12 75.82 12.16 -31.79
N THR N 13 74.76 12.60 -32.45
CA THR N 13 74.88 13.45 -33.64
C THR N 13 73.89 14.62 -33.60
N SER N 14 73.54 15.11 -34.78
CA SER N 14 72.67 16.29 -34.93
C SER N 14 71.36 16.20 -34.15
N ASN N 15 70.42 15.41 -34.65
CA ASN N 15 69.13 15.23 -33.99
C ASN N 15 69.20 14.19 -32.87
N GLU N 16 70.41 13.73 -32.56
CA GLU N 16 70.59 12.65 -31.60
C GLU N 16 70.58 13.15 -30.15
N TYR N 17 70.95 14.41 -29.94
CA TYR N 17 71.02 14.96 -28.59
C TYR N 17 69.75 15.71 -28.19
N GLN N 18 69.50 16.84 -28.85
CA GLN N 18 68.38 17.70 -28.50
C GLN N 18 67.06 16.93 -28.44
N ASN N 19 66.93 15.92 -29.29
CA ASN N 19 65.71 15.12 -29.35
C ASN N 19 65.59 14.17 -28.17
N GLU N 20 66.74 13.81 -27.59
CA GLU N 20 66.76 12.93 -26.43
C GLU N 20 66.61 13.72 -25.14
N LYS N 21 67.28 14.88 -25.08
CA LYS N 21 67.19 15.74 -23.90
C LYS N 21 65.75 16.16 -23.62
N LEU N 22 65.07 16.62 -24.66
CA LEU N 22 63.68 17.04 -24.54
C LEU N 22 62.80 15.89 -24.06
N ALA N 23 63.14 14.68 -24.50
CA ALA N 23 62.40 13.49 -24.10
C ALA N 23 62.54 13.23 -22.61
N ASN N 24 63.77 13.36 -22.11
CA ASN N 24 64.05 13.17 -20.69
C ASN N 24 63.37 14.23 -19.83
N GLU N 25 63.46 15.48 -20.26
CA GLU N 25 62.84 16.59 -19.53
C GLU N 25 61.32 16.42 -19.48
N LEU N 26 60.75 15.89 -20.56
CA LEU N 26 59.31 15.66 -20.62
C LEU N 26 58.92 14.48 -19.73
N LYS N 27 59.81 13.52 -19.61
CA LYS N 27 59.56 12.33 -18.79
C LYS N 27 59.62 12.67 -17.31
N SER N 28 60.53 13.56 -16.94
CA SER N 28 60.68 13.98 -15.56
C SER N 28 59.38 14.56 -15.01
N LEU N 29 58.67 15.31 -15.84
CA LEU N 29 57.40 15.91 -15.46
C LEU N 29 56.29 14.86 -15.42
N LEU N 30 56.35 13.91 -16.36
CA LEU N 30 55.34 12.87 -16.45
C LEU N 30 55.38 11.91 -15.27
N ASP N 31 56.55 11.75 -14.67
CA ASP N 31 56.70 10.88 -13.50
C ASP N 31 55.91 11.40 -12.32
N GLU N 32 56.03 12.71 -12.06
CA GLU N 32 55.31 13.33 -10.96
C GLU N 32 53.97 13.90 -11.43
N LEU N 33 53.42 13.32 -12.48
CA LEU N 33 52.12 13.73 -13.01
C LEU N 33 51.00 13.34 -12.04
N ASN N 34 51.00 12.08 -11.63
CA ASN N 34 50.03 11.60 -10.66
C ASN N 34 50.10 12.40 -9.37
N VAL N 35 51.29 12.89 -9.06
CA VAL N 35 51.51 13.71 -7.87
C VAL N 35 50.74 15.01 -7.95
N ASN N 36 50.89 15.73 -9.05
CA ASN N 36 50.20 16.99 -9.27
C ASN N 36 48.72 16.81 -9.55
N GLU N 37 48.39 15.77 -10.31
CA GLU N 37 47.01 15.49 -10.67
C GLU N 37 46.16 15.19 -9.44
N LEU N 38 46.76 14.50 -8.47
CA LEU N 38 46.07 14.15 -7.23
C LEU N 38 46.07 15.33 -6.26
N ALA N 39 46.92 16.31 -6.54
CA ALA N 39 47.02 17.49 -5.69
C ALA N 39 45.90 18.48 -5.94
N THR N 40 45.17 18.27 -7.03
CA THR N 40 44.06 19.14 -7.39
C THR N 40 42.75 18.66 -6.77
N GLY N 41 42.82 17.58 -6.00
CA GLY N 41 41.66 17.03 -5.36
C GLY N 41 41.02 18.00 -4.39
N SER N 42 41.84 18.89 -3.83
CA SER N 42 41.35 19.89 -2.88
C SER N 42 41.23 21.26 -3.54
N LEU N 43 41.89 21.43 -4.68
CA LEU N 43 41.83 22.68 -5.42
C LEU N 43 40.55 22.77 -6.23
N ASN N 44 40.42 23.82 -7.02
CA ASN N 44 39.23 24.03 -7.85
C ASN N 44 39.13 23.08 -9.04
N THR N 45 38.02 23.17 -9.76
CA THR N 45 37.78 22.33 -10.91
C THR N 45 38.65 22.74 -12.09
N TYR N 46 39.04 24.01 -12.12
CA TYR N 46 39.89 24.53 -13.19
C TYR N 46 41.19 23.75 -13.28
N TYR N 47 41.89 23.63 -12.16
CA TYR N 47 43.16 22.91 -12.12
C TYR N 47 42.98 21.44 -12.46
N LYS N 48 41.89 20.85 -12.00
CA LYS N 48 41.60 19.45 -12.28
C LYS N 48 41.29 19.24 -13.75
N ARG N 49 40.70 20.25 -14.39
CA ARG N 49 40.34 20.17 -15.80
C ARG N 49 41.53 20.44 -16.71
N THR N 50 42.42 21.32 -16.28
CA THR N 50 43.57 21.72 -17.08
C THR N 50 44.65 20.64 -17.09
N ILE N 51 44.82 19.96 -15.96
CA ILE N 51 45.89 18.98 -15.81
C ILE N 51 45.55 17.64 -16.45
N LYS N 52 44.27 17.28 -16.47
CA LYS N 52 43.83 16.03 -17.08
C LYS N 52 43.91 16.11 -18.60
N ILE N 53 43.86 17.32 -19.13
CA ILE N 53 43.98 17.55 -20.56
C ILE N 53 45.45 17.68 -20.95
N SER N 54 46.18 18.50 -20.19
CA SER N 54 47.60 18.71 -20.45
C SER N 54 48.41 17.46 -20.13
N GLY N 55 47.76 16.49 -19.49
CA GLY N 55 48.40 15.25 -19.13
C GLY N 55 48.64 14.35 -20.33
N GLN N 56 47.58 14.11 -21.10
CA GLN N 56 47.66 13.26 -22.28
C GLN N 56 48.61 13.84 -23.31
N LYS N 57 48.52 15.16 -23.52
CA LYS N 57 49.34 15.83 -24.52
C LYS N 57 50.83 15.57 -24.30
N ALA N 58 51.21 15.35 -23.04
CA ALA N 58 52.59 15.08 -22.71
C ALA N 58 52.95 13.61 -22.94
N MET N 59 51.98 12.73 -22.72
CA MET N 59 52.20 11.30 -22.90
C MET N 59 52.24 10.93 -24.38
N TYR N 60 51.23 11.38 -25.13
CA TYR N 60 51.16 11.11 -26.56
C TYR N 60 52.38 11.68 -27.28
N ALA N 61 52.89 12.80 -26.78
CA ALA N 61 54.05 13.44 -27.37
C ALA N 61 55.32 12.64 -27.10
N LEU N 62 55.35 11.99 -25.94
CA LEU N 62 56.53 11.22 -25.53
C LEU N 62 56.75 10.00 -26.44
N LYS N 63 55.70 9.20 -26.60
CA LYS N 63 55.80 7.98 -27.40
C LYS N 63 56.08 8.30 -28.86
N SER N 64 55.54 9.42 -29.34
CA SER N 64 55.71 9.82 -30.73
C SER N 64 57.15 10.25 -30.99
N LYS N 65 57.87 10.57 -29.91
CA LYS N 65 59.25 11.03 -30.01
C LYS N 65 59.39 12.21 -30.96
N ASP N 66 58.30 12.95 -31.14
CA ASP N 66 58.29 14.13 -31.98
C ASP N 66 58.78 15.35 -31.21
N PHE N 67 59.90 15.92 -31.65
CA PHE N 67 60.50 17.07 -31.00
C PHE N 67 59.46 18.17 -30.76
N LYS N 68 58.61 18.39 -31.75
CA LYS N 68 57.62 19.47 -31.68
C LYS N 68 56.61 19.22 -30.57
N LYS N 69 55.96 18.07 -30.61
CA LYS N 69 54.91 17.73 -29.65
C LYS N 69 55.45 17.61 -28.23
N MET N 70 56.67 17.10 -28.10
CA MET N 70 57.29 16.95 -26.78
C MET N 70 57.51 18.31 -26.12
N SER N 71 58.08 19.24 -26.88
CA SER N 71 58.28 20.60 -26.39
C SER N 71 56.95 21.29 -26.15
N GLU N 72 56.06 21.17 -27.12
CA GLU N 72 54.73 21.77 -27.03
C GLU N 72 54.01 21.32 -25.76
N ALA N 73 54.29 20.08 -25.35
CA ALA N 73 53.65 19.49 -24.18
C ALA N 73 54.46 19.72 -22.91
N LYS N 74 55.76 19.95 -23.07
CA LYS N 74 56.64 20.19 -21.94
C LYS N 74 56.23 21.44 -21.18
N TYR N 75 56.03 22.52 -21.92
CA TYR N 75 55.61 23.80 -21.33
C TYR N 75 54.13 23.78 -21.00
N GLN N 76 53.36 23.02 -21.77
CA GLN N 76 51.95 22.82 -21.49
C GLN N 76 51.76 22.16 -20.13
N LEU N 77 52.65 21.22 -19.81
CA LEU N 77 52.58 20.48 -18.57
C LEU N 77 53.33 21.21 -17.46
N GLN N 78 54.32 22.01 -17.84
CA GLN N 78 55.11 22.77 -16.87
C GLN N 78 54.32 23.95 -16.33
N LYS N 79 53.55 24.59 -17.20
CA LYS N 79 52.73 25.73 -16.82
C LYS N 79 51.70 25.34 -15.75
N ILE N 80 50.93 24.31 -16.04
CA ILE N 80 49.91 23.84 -15.12
C ILE N 80 50.50 23.47 -13.77
N TYR N 81 51.70 22.89 -13.77
CA TYR N 81 52.37 22.55 -12.52
C TYR N 81 52.62 23.80 -11.68
N ASN N 82 53.18 24.82 -12.30
CA ASN N 82 53.47 26.08 -11.61
C ASN N 82 52.19 26.75 -11.09
N GLU N 83 51.13 26.66 -11.89
CA GLU N 83 49.85 27.25 -11.51
C GLU N 83 49.26 26.52 -10.30
N ILE N 84 49.61 25.25 -10.15
CA ILE N 84 49.16 24.46 -9.01
C ILE N 84 50.00 24.80 -7.77
N ASP N 85 51.31 24.97 -7.99
CA ASP N 85 52.22 25.32 -6.91
C ASP N 85 51.80 26.61 -6.22
N GLU N 86 51.41 27.60 -7.03
CA GLU N 86 50.95 28.88 -6.51
C GLU N 86 49.56 28.77 -5.90
N ALA N 87 48.75 27.85 -6.42
CA ALA N 87 47.40 27.63 -5.93
C ALA N 87 47.41 27.02 -4.54
N LEU N 88 48.56 26.50 -4.13
CA LEU N 88 48.70 25.85 -2.83
C LEU N 88 49.24 26.79 -1.76
N LYS N 89 49.99 27.80 -2.18
CA LYS N 89 50.60 28.74 -1.25
C LYS N 89 49.59 29.70 -0.63
N SER N 90 48.42 29.81 -1.25
CA SER N 90 47.34 30.62 -0.68
C SER N 90 46.60 29.78 0.35
N LYS N 91 46.92 28.49 0.38
CA LYS N 91 46.31 27.55 1.32
C LYS N 91 47.33 27.11 2.36
N TYR N 92 48.55 27.63 2.23
CA TYR N 92 49.68 27.24 3.09
C TYR N 92 50.31 25.94 2.60
N THR O 9 -82.56 -31.75 71.11
CA THR O 9 -81.84 -32.15 69.91
C THR O 9 -81.59 -33.66 69.90
N SER O 10 -81.50 -34.23 68.71
CA SER O 10 -81.33 -35.68 68.58
C SER O 10 -80.05 -36.05 67.84
N LEU O 11 -80.11 -36.07 66.52
CA LEU O 11 -78.99 -36.51 65.71
C LEU O 11 -78.97 -35.85 64.33
N PRO O 12 -77.83 -35.94 63.64
CA PRO O 12 -77.66 -35.45 62.27
C PRO O 12 -78.44 -36.29 61.27
N THR O 13 -78.23 -36.02 59.99
CA THR O 13 -78.95 -36.70 58.92
C THR O 13 -78.01 -37.12 57.78
N SER O 14 -78.57 -37.25 56.59
CA SER O 14 -77.83 -37.72 55.41
C SER O 14 -76.54 -36.96 55.12
N ASN O 15 -76.66 -35.75 54.60
CA ASN O 15 -75.50 -34.91 54.31
C ASN O 15 -75.01 -34.16 55.54
N GLU O 16 -75.57 -34.48 56.70
CA GLU O 16 -75.27 -33.75 57.92
C GLU O 16 -73.98 -34.25 58.60
N TYR O 17 -73.62 -35.51 58.36
CA TYR O 17 -72.44 -36.09 59.00
C TYR O 17 -71.20 -36.02 58.12
N GLN O 18 -71.21 -36.76 57.02
CA GLN O 18 -70.06 -36.85 56.14
C GLN O 18 -69.54 -35.49 55.72
N ASN O 19 -70.44 -34.53 55.58
CA ASN O 19 -70.07 -33.18 55.16
C ASN O 19 -69.40 -32.40 56.28
N GLU O 20 -69.69 -32.79 57.52
CA GLU O 20 -69.08 -32.14 58.68
C GLU O 20 -67.75 -32.79 59.03
N LYS O 21 -67.69 -34.11 58.95
CA LYS O 21 -66.47 -34.85 59.23
C LYS O 21 -65.33 -34.40 58.32
N LEU O 22 -65.61 -34.34 57.03
CA LEU O 22 -64.63 -33.90 56.04
C LEU O 22 -64.15 -32.49 56.34
N ALA O 23 -65.05 -31.66 56.83
CA ALA O 23 -64.72 -30.29 57.19
C ALA O 23 -63.72 -30.25 58.35
N ASN O 24 -63.96 -31.08 59.35
CA ASN O 24 -63.08 -31.16 60.51
C ASN O 24 -61.70 -31.70 60.14
N GLU O 25 -61.69 -32.75 59.33
CA GLU O 25 -60.43 -33.36 58.89
C GLU O 25 -59.62 -32.38 58.07
N LEU O 26 -60.30 -31.55 57.28
CA LEU O 26 -59.64 -30.55 56.46
C LEU O 26 -59.11 -29.42 57.33
N LYS O 27 -59.81 -29.12 58.41
CA LYS O 27 -59.42 -28.06 59.33
C LYS O 27 -58.19 -28.46 60.13
N SER O 28 -58.12 -29.73 60.52
CA SER O 28 -57.00 -30.24 61.28
C SER O 28 -55.68 -30.02 60.55
N LEU O 29 -55.71 -30.18 59.24
CA LEU O 29 -54.52 -29.99 58.42
C LEU O 29 -54.21 -28.51 58.24
N LEU O 30 -55.28 -27.70 58.14
CA LEU O 30 -55.13 -26.26 57.95
C LEU O 30 -54.53 -25.57 59.16
N ASP O 31 -54.77 -26.14 60.34
CA ASP O 31 -54.23 -25.57 61.58
C ASP O 31 -52.71 -25.63 61.58
N GLU O 32 -52.15 -26.78 61.22
CA GLU O 32 -50.71 -26.96 61.17
C GLU O 32 -50.16 -26.65 59.78
N LEU O 33 -50.86 -25.79 59.04
CA LEU O 33 -50.42 -25.37 57.71
C LEU O 33 -49.19 -24.47 57.82
N ASN O 34 -49.26 -23.45 58.67
CA ASN O 34 -48.14 -22.57 58.90
C ASN O 34 -46.92 -23.35 59.39
N VAL O 35 -47.18 -24.44 60.08
CA VAL O 35 -46.12 -25.31 60.60
C VAL O 35 -45.34 -25.95 59.46
N ASN O 36 -46.06 -26.56 58.51
CA ASN O 36 -45.44 -27.20 57.36
C ASN O 36 -44.90 -26.19 56.35
N GLU O 37 -45.65 -25.11 56.15
CA GLU O 37 -45.25 -24.07 55.21
C GLU O 37 -43.93 -23.44 55.60
N LEU O 38 -43.73 -23.26 56.90
CA LEU O 38 -42.50 -22.66 57.42
C LEU O 38 -41.38 -23.68 57.47
N ALA O 39 -41.75 -24.96 57.36
CA ALA O 39 -40.77 -26.05 57.42
C ALA O 39 -40.03 -26.21 56.09
N THR O 40 -40.54 -25.55 55.06
CA THR O 40 -39.93 -25.63 53.74
C THR O 40 -38.90 -24.53 53.54
N GLY O 41 -38.69 -23.73 54.57
CA GLY O 41 -37.72 -22.65 54.52
C GLY O 41 -36.31 -23.16 54.29
N SER O 42 -36.05 -24.38 54.72
CA SER O 42 -34.73 -25.00 54.56
C SER O 42 -34.73 -26.01 53.43
N LEU O 43 -35.92 -26.46 53.04
CA LEU O 43 -36.07 -27.41 51.94
C LEU O 43 -35.96 -26.71 50.60
N ASN O 44 -36.17 -27.46 49.52
CA ASN O 44 -36.10 -26.90 48.17
C ASN O 44 -37.26 -26.00 47.81
N THR O 45 -37.18 -25.40 46.61
CA THR O 45 -38.21 -24.50 46.13
C THR O 45 -39.47 -25.26 45.74
N TYR O 46 -39.30 -26.52 45.37
CA TYR O 46 -40.43 -27.37 44.98
C TYR O 46 -41.46 -27.46 46.09
N TYR O 47 -41.01 -27.81 47.29
CA TYR O 47 -41.91 -27.95 48.44
C TYR O 47 -42.54 -26.61 48.79
N LYS O 48 -41.77 -25.54 48.69
CA LYS O 48 -42.28 -24.20 48.99
C LYS O 48 -43.31 -23.76 47.96
N ARG O 49 -43.16 -24.23 46.73
CA ARG O 49 -44.07 -23.88 45.66
C ARG O 49 -45.35 -24.71 45.70
N THR O 50 -45.22 -25.97 46.09
CA THR O 50 -46.36 -26.89 46.11
C THR O 50 -47.28 -26.62 47.29
N ILE O 51 -46.72 -26.21 48.42
CA ILE O 51 -47.51 -26.02 49.63
C ILE O 51 -48.25 -24.68 49.64
N LYS O 52 -47.66 -23.66 49.01
CA LYS O 52 -48.29 -22.35 48.95
C LYS O 52 -49.49 -22.37 48.00
N ILE O 53 -49.49 -23.31 47.07
CA ILE O 53 -50.59 -23.47 46.13
C ILE O 53 -51.65 -24.39 46.72
N SER O 54 -51.21 -25.52 47.27
CA SER O 54 -52.11 -26.48 47.88
C SER O 54 -52.71 -25.92 49.17
N GLY O 55 -52.16 -24.80 49.63
CA GLY O 55 -52.64 -24.16 50.84
C GLY O 55 -53.98 -23.47 50.65
N GLN O 56 -54.07 -22.63 49.62
CA GLN O 56 -55.30 -21.91 49.33
C GLN O 56 -56.44 -22.87 48.99
N LYS O 57 -56.13 -23.88 48.19
CA LYS O 57 -57.13 -24.84 47.75
C LYS O 57 -57.86 -25.46 48.93
N ALA O 58 -57.17 -25.58 50.06
CA ALA O 58 -57.76 -26.15 51.26
C ALA O 58 -58.59 -25.13 52.02
N MET O 59 -58.18 -23.88 51.98
CA MET O 59 -58.89 -22.81 52.66
C MET O 59 -60.18 -22.44 51.92
N TYR O 60 -60.06 -22.19 50.63
CA TYR O 60 -61.22 -21.85 49.80
C TYR O 60 -62.26 -22.96 49.84
N ALA O 61 -61.80 -24.20 49.94
CA ALA O 61 -62.69 -25.35 49.98
C ALA O 61 -63.42 -25.42 51.32
N LEU O 62 -62.75 -24.97 52.38
CA LEU O 62 -63.33 -25.03 53.72
C LEU O 62 -64.53 -24.09 53.86
N LYS O 63 -64.34 -22.83 53.49
CA LYS O 63 -65.40 -21.84 53.62
C LYS O 63 -66.59 -22.16 52.71
N SER O 64 -66.30 -22.75 51.55
CA SER O 64 -67.34 -23.10 50.60
C SER O 64 -68.19 -24.25 51.13
N LYS O 65 -67.65 -24.98 52.09
CA LYS O 65 -68.34 -26.13 52.67
C LYS O 65 -68.77 -27.12 51.60
N ASP O 66 -68.08 -27.11 50.47
CA ASP O 66 -68.36 -28.03 49.38
C ASP O 66 -67.64 -29.35 49.60
N PHE O 67 -68.41 -30.42 49.74
CA PHE O 67 -67.87 -31.75 49.99
C PHE O 67 -66.77 -32.09 48.98
N LYS O 68 -67.00 -31.74 47.72
CA LYS O 68 -66.06 -32.07 46.66
C LYS O 68 -64.72 -31.36 46.85
N LYS O 69 -64.77 -30.04 46.95
CA LYS O 69 -63.55 -29.23 47.07
C LYS O 69 -62.79 -29.52 48.36
N MET O 70 -63.53 -29.80 49.44
CA MET O 70 -62.89 -30.10 50.72
C MET O 70 -62.07 -31.38 50.63
N SER O 71 -62.67 -32.43 50.07
CA SER O 71 -61.97 -33.70 49.87
C SER O 71 -60.83 -33.53 48.87
N GLU O 72 -61.13 -32.86 47.76
CA GLU O 72 -60.14 -32.62 46.72
C GLU O 72 -58.92 -31.91 47.29
N ALA O 73 -59.14 -31.07 48.30
CA ALA O 73 -58.07 -30.31 48.91
C ALA O 73 -57.46 -31.02 50.11
N LYS O 74 -58.22 -31.94 50.70
CA LYS O 74 -57.74 -32.69 51.85
C LYS O 74 -56.54 -33.55 51.49
N TYR O 75 -56.66 -34.28 50.39
CA TYR O 75 -55.58 -35.12 49.91
C TYR O 75 -54.51 -34.29 49.21
N GLN O 76 -54.93 -33.19 48.60
CA GLN O 76 -54.00 -32.24 48.00
C GLN O 76 -53.06 -31.68 49.05
N LEU O 77 -53.60 -31.42 50.24
CA LEU O 77 -52.83 -30.85 51.33
C LEU O 77 -52.15 -31.95 52.16
N GLN O 78 -52.73 -33.13 52.15
CA GLN O 78 -52.18 -34.26 52.89
C GLN O 78 -50.95 -34.83 52.19
N LYS O 79 -51.00 -34.86 50.86
CA LYS O 79 -49.89 -35.37 50.06
C LYS O 79 -48.63 -34.54 50.29
N ILE O 80 -48.77 -33.23 50.11
CA ILE O 80 -47.63 -32.32 50.27
C ILE O 80 -47.02 -32.43 51.67
N TYR O 81 -47.87 -32.63 52.68
CA TYR O 81 -47.38 -32.81 54.04
C TYR O 81 -46.46 -34.02 54.14
N ASN O 82 -46.92 -35.16 53.63
CA ASN O 82 -46.15 -36.38 53.65
C ASN O 82 -44.84 -36.25 52.87
N GLU O 83 -44.90 -35.54 51.74
CA GLU O 83 -43.72 -35.32 50.92
C GLU O 83 -42.69 -34.46 51.65
N ILE O 84 -43.18 -33.61 52.56
CA ILE O 84 -42.30 -32.79 53.38
C ILE O 84 -41.70 -33.61 54.52
N ASP O 85 -42.52 -34.48 55.11
CA ASP O 85 -42.07 -35.34 56.19
C ASP O 85 -40.90 -36.21 55.75
N GLU O 86 -41.00 -36.76 54.54
CA GLU O 86 -39.94 -37.59 53.99
C GLU O 86 -38.73 -36.75 53.57
N ALA O 87 -39.00 -35.51 53.17
CA ALA O 87 -37.94 -34.60 52.74
C ALA O 87 -37.07 -34.18 53.92
N LEU O 88 -37.55 -34.43 55.13
CA LEU O 88 -36.82 -34.04 56.33
C LEU O 88 -35.99 -35.19 56.90
N LYS O 89 -36.41 -36.42 56.63
CA LYS O 89 -35.72 -37.59 57.16
C LYS O 89 -34.38 -37.86 56.47
N SER O 90 -34.18 -37.25 55.30
CA SER O 90 -32.90 -37.33 54.62
C SER O 90 -31.95 -36.29 55.20
N LYS O 91 -32.52 -35.41 56.03
CA LYS O 91 -31.77 -34.35 56.68
C LYS O 91 -31.66 -34.62 58.18
N TYR O 92 -32.25 -35.73 58.61
CA TYR O 92 -32.34 -36.10 60.02
C TYR O 92 -33.47 -35.35 60.71
N THR P 9 30.02 -2.20 -52.65
CA THR P 9 30.45 -1.04 -51.85
C THR P 9 29.27 -0.15 -51.53
N SER P 10 29.35 0.55 -50.40
CA SER P 10 28.24 1.39 -49.96
C SER P 10 28.64 2.86 -49.82
N LEU P 11 29.20 3.21 -48.67
CA LEU P 11 29.54 4.60 -48.38
C LEU P 11 30.72 4.72 -47.42
N PRO P 12 31.30 5.92 -47.33
CA PRO P 12 32.38 6.24 -46.39
C PRO P 12 31.88 6.28 -44.95
N THR P 13 32.75 6.71 -44.04
CA THR P 13 32.44 6.75 -42.62
C THR P 13 32.89 8.07 -41.97
N SER P 14 33.14 8.01 -40.67
CA SER P 14 33.50 9.20 -39.88
C SER P 14 34.65 10.01 -40.46
N ASN P 15 35.87 9.50 -40.31
CA ASN P 15 37.06 10.18 -40.82
C ASN P 15 37.28 9.88 -42.31
N GLU P 16 36.32 9.21 -42.92
CA GLU P 16 36.47 8.76 -44.31
C GLU P 16 36.15 9.86 -45.32
N TYR P 17 35.31 10.81 -44.93
CA TYR P 17 34.89 11.87 -45.84
C TYR P 17 35.72 13.15 -45.69
N GLN P 18 35.58 13.80 -44.54
CA GLN P 18 36.25 15.08 -44.30
C GLN P 18 37.75 15.01 -44.58
N ASN P 19 38.35 13.85 -44.31
CA ASN P 19 39.78 13.67 -44.52
C ASN P 19 40.13 13.53 -46.00
N GLU P 20 39.17 13.09 -46.79
CA GLU P 20 39.37 12.96 -48.23
C GLU P 20 39.07 14.28 -48.95
N LYS P 21 38.01 14.95 -48.53
CA LYS P 21 37.63 16.23 -49.12
C LYS P 21 38.77 17.25 -48.99
N LEU P 22 39.32 17.36 -47.80
CA LEU P 22 40.43 18.28 -47.55
C LEU P 22 41.62 17.94 -48.43
N ALA P 23 41.82 16.65 -48.66
CA ALA P 23 42.93 16.20 -49.50
C ALA P 23 42.74 16.66 -50.94
N ASN P 24 41.51 16.55 -51.45
CA ASN P 24 41.19 16.98 -52.80
C ASN P 24 41.33 18.49 -52.96
N GLU P 25 40.80 19.23 -51.99
CA GLU P 25 40.87 20.69 -52.02
C GLU P 25 42.31 21.17 -51.98
N LEU P 26 43.15 20.44 -51.23
CA LEU P 26 44.57 20.78 -51.14
C LEU P 26 45.30 20.45 -52.43
N LYS P 27 44.84 19.39 -53.11
CA LYS P 27 45.44 18.96 -54.37
C LYS P 27 45.12 19.94 -55.49
N SER P 28 43.90 20.46 -55.48
CA SER P 28 43.46 21.41 -56.50
C SER P 28 44.38 22.63 -56.56
N LEU P 29 44.82 23.08 -55.38
CA LEU P 29 45.71 24.22 -55.29
C LEU P 29 47.13 23.84 -55.69
N LEU P 30 47.53 22.61 -55.36
CA LEU P 30 48.87 22.14 -55.67
C LEU P 30 49.09 21.95 -57.16
N ASP P 31 48.01 21.66 -57.89
CA ASP P 31 48.10 21.49 -59.34
C ASP P 31 48.51 22.78 -60.03
N GLU P 32 47.87 23.88 -59.64
CA GLU P 32 48.19 25.19 -60.21
C GLU P 32 49.24 25.92 -59.38
N LEU P 33 50.08 25.16 -58.69
CA LEU P 33 51.15 25.73 -57.90
C LEU P 33 52.24 26.31 -58.79
N ASN P 34 52.69 25.53 -59.77
CA ASN P 34 53.67 26.00 -60.73
C ASN P 34 53.16 27.23 -61.47
N VAL P 35 51.85 27.31 -61.63
CA VAL P 35 51.22 28.44 -62.29
C VAL P 35 51.43 29.72 -61.51
N ASN P 36 51.11 29.68 -60.22
CA ASN P 36 51.28 30.84 -59.34
C ASN P 36 52.74 31.13 -59.03
N GLU P 37 53.53 30.06 -58.83
CA GLU P 37 54.94 30.20 -58.51
C GLU P 37 55.70 30.90 -59.64
N LEU P 38 55.33 30.59 -60.87
CA LEU P 38 55.97 31.18 -62.03
C LEU P 38 55.42 32.58 -62.30
N ALA P 39 54.29 32.89 -61.68
CA ALA P 39 53.64 34.20 -61.86
C ALA P 39 54.32 35.28 -61.04
N THR P 40 55.19 34.87 -60.11
CA THR P 40 55.90 35.80 -59.26
C THR P 40 57.22 36.22 -59.88
N GLY P 41 57.50 35.72 -61.07
CA GLY P 41 58.73 36.05 -61.78
C GLY P 41 58.83 37.53 -62.09
N SER P 42 57.69 38.18 -62.23
CA SER P 42 57.65 39.61 -62.52
C SER P 42 57.30 40.42 -61.27
N LEU P 43 56.74 39.74 -60.27
CA LEU P 43 56.38 40.38 -59.01
C LEU P 43 57.61 40.55 -58.12
N ASN P 44 57.40 41.05 -56.91
CA ASN P 44 58.49 41.26 -55.96
C ASN P 44 59.06 39.97 -55.38
N THR P 45 60.12 40.12 -54.59
CA THR P 45 60.79 38.99 -53.96
C THR P 45 59.94 38.41 -52.84
N TYR P 46 59.10 39.24 -52.24
CA TYR P 46 58.23 38.80 -51.16
C TYR P 46 57.33 37.64 -51.60
N TYR P 47 56.64 37.83 -52.71
CA TYR P 47 55.74 36.80 -53.23
C TYR P 47 56.51 35.54 -53.62
N LYS P 48 57.69 35.73 -54.19
CA LYS P 48 58.52 34.60 -54.60
C LYS P 48 59.05 33.84 -53.39
N ARG P 49 59.24 34.55 -52.28
CA ARG P 49 59.75 33.95 -51.06
C ARG P 49 58.64 33.24 -50.27
N THR P 50 57.45 33.82 -50.30
CA THR P 50 56.33 33.29 -49.54
C THR P 50 55.73 32.03 -50.18
N ILE P 51 55.75 31.98 -51.51
CA ILE P 51 55.12 30.87 -52.23
C ILE P 51 56.02 29.64 -52.28
N LYS P 52 57.33 29.84 -52.30
CA LYS P 52 58.28 28.73 -52.33
C LYS P 52 58.32 28.01 -50.99
N ILE P 53 57.95 28.74 -49.93
CA ILE P 53 57.89 28.16 -48.60
C ILE P 53 56.53 27.52 -48.35
N SER P 54 55.48 28.25 -48.68
CA SER P 54 54.11 27.76 -48.51
C SER P 54 53.83 26.62 -49.49
N GLY P 55 54.74 26.41 -50.44
CA GLY P 55 54.59 25.36 -51.43
C GLY P 55 54.84 23.99 -50.85
N GLN P 56 55.98 23.83 -50.18
CA GLN P 56 56.34 22.56 -49.57
C GLN P 56 55.34 22.15 -48.50
N LYS P 57 54.95 23.11 -47.67
CA LYS P 57 54.03 22.84 -46.57
C LYS P 57 52.76 22.17 -47.05
N ALA P 58 52.37 22.47 -48.29
CA ALA P 58 51.16 21.89 -48.87
C ALA P 58 51.42 20.48 -49.42
N MET P 59 52.63 20.27 -49.93
CA MET P 59 53.01 18.97 -50.49
C MET P 59 53.25 17.95 -49.39
N TYR P 60 54.08 18.32 -48.41
CA TYR P 60 54.39 17.44 -47.28
C TYR P 60 53.13 17.07 -46.52
N ALA P 61 52.18 18.00 -46.47
CA ALA P 61 50.91 17.77 -45.77
C ALA P 61 50.03 16.79 -46.54
N LEU P 62 50.14 16.83 -47.86
CA LEU P 62 49.33 15.98 -48.71
C LEU P 62 49.68 14.50 -48.55
N LYS P 63 50.96 14.19 -48.68
CA LYS P 63 51.42 12.80 -48.59
C LYS P 63 51.20 12.23 -47.19
N SER P 64 51.31 13.09 -46.17
CA SER P 64 51.13 12.66 -44.80
C SER P 64 49.67 12.32 -44.52
N LYS P 65 48.78 12.82 -45.38
CA LYS P 65 47.34 12.61 -45.22
C LYS P 65 46.86 13.02 -43.83
N ASP P 66 47.59 13.93 -43.21
CA ASP P 66 47.22 14.44 -41.90
C ASP P 66 46.23 15.59 -42.05
N PHE P 67 45.02 15.39 -41.50
CA PHE P 67 43.97 16.39 -41.57
C PHE P 67 44.46 17.76 -41.14
N LYS P 68 45.26 17.78 -40.07
CA LYS P 68 45.75 19.05 -39.51
C LYS P 68 46.66 19.78 -40.48
N LYS P 69 47.71 19.09 -40.93
CA LYS P 69 48.69 19.70 -41.81
C LYS P 69 48.12 20.09 -43.17
N MET P 70 47.17 19.29 -43.67
CA MET P 70 46.53 19.57 -44.94
C MET P 70 45.75 20.88 -44.88
N SER P 71 44.94 21.02 -43.83
CA SER P 71 44.17 22.25 -43.62
C SER P 71 45.11 23.43 -43.35
N GLU P 72 46.07 23.20 -42.47
CA GLU P 72 47.05 24.22 -42.12
C GLU P 72 47.76 24.75 -43.36
N ALA P 73 47.94 23.88 -44.34
CA ALA P 73 48.63 24.23 -45.57
C ALA P 73 47.67 24.71 -46.65
N LYS P 74 46.42 24.32 -46.54
CA LYS P 74 45.41 24.72 -47.51
C LYS P 74 45.22 26.24 -47.51
N TYR P 75 45.06 26.81 -46.32
CA TYR P 75 44.89 28.24 -46.18
C TYR P 75 46.23 28.96 -46.31
N GLN P 76 47.31 28.28 -45.92
CA GLN P 76 48.65 28.80 -46.10
C GLN P 76 48.94 29.01 -47.59
N LEU P 77 48.46 28.08 -48.41
CA LEU P 77 48.68 28.15 -49.85
C LEU P 77 47.60 28.97 -50.54
N GLN P 78 46.42 29.03 -49.93
CA GLN P 78 45.31 29.79 -50.49
C GLN P 78 45.52 31.29 -50.29
N LYS P 79 46.08 31.66 -49.14
CA LYS P 79 46.34 33.06 -48.84
C LYS P 79 47.32 33.66 -49.83
N ILE P 80 48.47 33.01 -50.00
CA ILE P 80 49.50 33.48 -50.92
C ILE P 80 48.96 33.63 -52.34
N TYR P 81 48.09 32.72 -52.75
CA TYR P 81 47.46 32.79 -54.07
C TYR P 81 46.68 34.09 -54.23
N ASN P 82 45.82 34.37 -53.26
CA ASN P 82 45.02 35.59 -53.28
C ASN P 82 45.88 36.85 -53.25
N GLU P 83 46.95 36.81 -52.49
CA GLU P 83 47.87 37.94 -52.40
C GLU P 83 48.57 38.18 -53.72
N ILE P 84 48.73 37.12 -54.51
CA ILE P 84 49.32 37.23 -55.84
C ILE P 84 48.30 37.77 -56.84
N ASP P 85 47.06 37.30 -56.71
CA ASP P 85 45.98 37.75 -57.59
C ASP P 85 45.81 39.26 -57.50
N GLU P 86 45.86 39.80 -56.29
CA GLU P 86 45.73 41.23 -56.07
C GLU P 86 47.00 41.97 -56.51
N ALA P 87 48.14 41.30 -56.39
CA ALA P 87 49.41 41.90 -56.78
C ALA P 87 49.51 42.08 -58.29
N LEU P 88 48.60 41.44 -59.02
CA LEU P 88 48.61 41.50 -60.48
C LEU P 88 47.64 42.56 -61.01
N LYS P 89 46.60 42.86 -60.23
CA LYS P 89 45.58 43.82 -60.66
C LYS P 89 46.08 45.26 -60.62
N SER P 90 47.18 45.49 -59.90
CA SER P 90 47.80 46.81 -59.89
C SER P 90 48.71 46.94 -61.11
N LYS P 91 48.91 45.82 -61.80
CA LYS P 91 49.73 45.76 -62.99
C LYS P 91 48.86 45.54 -64.23
N TYR P 92 47.56 45.42 -64.00
CA TYR P 92 46.58 45.10 -65.04
C TYR P 92 46.56 43.60 -65.32
C1 NAG Q . 31.15 79.69 10.40
C2 NAG Q . 32.10 79.77 9.21
C3 NAG Q . 33.54 79.50 9.64
C4 NAG Q . 33.68 78.14 10.31
C5 NAG Q . 32.38 77.76 11.03
C6 NAG Q . 32.68 76.88 12.23
C7 NAG Q . 30.73 79.07 7.34
C8 NAG Q . 29.84 77.92 6.94
N2 NAG Q . 31.70 78.80 8.20
O3 NAG Q . 33.94 80.53 10.54
O4 NAG Q . 33.99 77.16 9.35
O5 NAG Q . 31.65 78.89 11.44
O6 NAG Q . 33.59 77.54 13.08
O7 NAG Q . 30.53 80.19 6.86
C1 NAG Q . 35.36 76.70 9.37
C2 NAG Q . 36.38 77.75 9.82
C3 NAG Q . 37.70 77.22 10.39
C4 NAG Q . 37.77 75.74 10.79
C5 NAG Q . 36.64 74.86 10.24
C6 NAG Q . 36.38 73.65 11.13
C7 NAG Q . 36.67 79.94 8.76
C8 NAG Q . 37.67 80.58 9.66
N2 NAG Q . 36.68 78.61 8.67
O3 NAG Q . 38.08 78.01 11.49
O4 NAG Q . 39.06 75.30 10.38
O5 NAG Q . 35.43 75.56 10.21
O6 NAG Q . 37.07 72.52 10.66
O7 NAG Q . 35.88 80.64 8.11
C1 BMA Q . 39.53 74.10 11.02
C2 BMA Q . 40.05 73.14 9.95
C3 BMA Q . 40.25 71.76 10.53
C4 BMA Q . 41.16 71.90 11.75
C5 BMA Q . 40.60 72.95 12.70
C6 BMA Q . 41.39 73.00 14.01
O2 BMA Q . 41.26 73.63 9.43
O3 BMA Q . 40.85 70.92 9.57
O4 BMA Q . 41.26 70.65 12.40
O5 BMA Q . 40.51 74.21 12.04
O6 BMA Q . 40.48 73.28 15.03
C1 BMA Q . 40.50 74.70 15.32
C2 BMA Q . 40.10 74.95 16.77
C3 BMA Q . 39.73 76.41 16.84
C4 BMA Q . 40.96 77.24 16.45
C5 BMA Q . 41.66 76.72 15.19
C6 BMA Q . 43.06 77.32 15.09
O2 BMA Q . 41.19 74.68 17.62
O3 BMA Q . 39.31 76.74 18.15
O4 BMA Q . 40.56 78.58 16.25
O5 BMA Q . 41.76 75.31 15.16
O6 BMA Q . 43.71 77.21 16.33
C1 NAG R . -5.80 36.90 -12.93
C2 NAG R . -4.32 37.19 -13.17
C3 NAG R . -4.16 38.30 -14.20
C4 NAG R . -5.02 38.05 -15.43
C5 NAG R . -6.45 37.62 -15.12
C6 NAG R . -7.09 37.07 -16.39
C7 NAG R . -4.31 38.24 -10.98
C8 NAG R . -4.20 37.65 -9.60
N2 NAG R . -3.67 37.60 -11.95
O3 NAG R . -2.80 38.40 -14.56
O4 NAG R . -5.07 39.26 -16.16
O5 NAG R . -6.49 36.62 -14.12
O6 NAG R . -6.24 36.08 -16.93
O7 NAG R . -4.97 39.26 -11.16
C1 NAG R . -4.16 39.16 -17.26
C2 NAG R . -4.75 40.06 -18.35
C3 NAG R . -3.71 40.67 -19.28
C4 NAG R . -2.45 41.12 -18.55
C5 NAG R . -1.90 40.06 -17.62
C6 NAG R . -0.91 40.73 -16.67
C7 NAG R . -7.06 39.60 -18.92
C8 NAG R . -7.40 40.74 -18.01
N2 NAG R . -5.76 39.35 -19.11
O3 NAG R . -4.33 41.77 -19.92
O4 NAG R . -1.46 41.45 -19.50
O5 NAG R . -2.87 39.47 -16.79
O6 NAG R . -1.64 41.60 -15.85
O7 NAG R . -7.95 38.95 -19.46
C1 BMA R . -1.69 42.80 -19.93
C2 BMA R . -0.38 43.55 -20.17
C3 BMA R . -0.47 44.75 -21.12
C4 BMA R . -1.66 44.73 -22.07
C5 BMA R . -2.84 44.14 -21.34
C6 BMA R . -4.22 44.22 -22.00
O2 BMA R . 0.58 42.64 -20.68
O3 BMA R . 0.73 44.84 -21.86
O4 BMA R . -1.96 46.05 -22.48
O5 BMA R . -2.49 42.81 -21.08
O6 BMA R . -4.44 43.26 -23.01
C1 BMA R . -4.33 43.97 -24.25
C2 BMA R . -3.54 43.22 -25.30
C3 BMA R . -3.96 43.67 -26.70
C4 BMA R . -4.41 45.12 -26.68
C5 BMA R . -5.53 45.36 -25.67
C6 BMA R . -6.88 45.54 -26.35
O2 BMA R . -3.77 41.83 -25.17
O3 BMA R . -4.99 42.87 -27.25
O4 BMA R . -3.31 45.96 -26.36
O5 BMA R . -5.60 44.27 -24.79
O6 BMA R . -7.31 44.29 -26.87
C1 NAG S . -43.29 -86.02 -6.18
C2 NAG S . -42.15 -85.03 -6.02
C3 NAG S . -42.61 -83.62 -6.33
C4 NAG S . -43.49 -83.53 -7.58
C5 NAG S . -44.47 -84.69 -7.77
C6 NAG S . -44.91 -84.76 -9.22
C7 NAG S . -42.40 -85.46 -3.64
C8 NAG S . -41.89 -86.64 -2.84
N2 NAG S . -41.64 -85.08 -4.66
O3 NAG S . -41.48 -82.79 -6.50
O4 NAG S . -44.21 -82.33 -7.49
O5 NAG S . -43.88 -85.92 -7.45
O6 NAG S . -43.79 -85.06 -10.03
O7 NAG S . -43.45 -84.92 -3.34
C1 NAG S . -43.51 -81.38 -8.30
C2 NAG S . -44.56 -80.66 -9.16
C3 NAG S . -44.15 -79.27 -9.65
C4 NAG S . -43.12 -78.57 -8.77
C5 NAG S . -42.08 -79.51 -8.20
C6 NAG S . -41.15 -78.78 -7.24
C7 NAG S . -46.18 -81.99 -10.37
C8 NAG S . -47.02 -81.90 -9.13
N2 NAG S . -44.95 -81.49 -10.28
O3 NAG S . -45.31 -78.47 -9.75
O4 NAG S . -42.48 -77.60 -9.57
O5 NAG S . -42.72 -80.53 -7.49
O6 NAG S . -41.82 -78.60 -6.02
O7 NAG S . -46.62 -82.49 -11.39
C1 BMA S . -43.11 -76.33 -9.34
C2 BMA S . -42.08 -75.33 -8.85
C3 BMA S . -42.83 -74.13 -8.28
C4 BMA S . -43.81 -73.63 -9.32
C5 BMA S . -44.67 -74.76 -9.92
C6 BMA S . -45.55 -74.20 -11.04
O2 BMA S . -41.27 -74.91 -9.93
O3 BMA S . -41.90 -73.11 -7.97
O4 BMA S . -44.65 -72.65 -8.76
O5 BMA S . -43.83 -75.77 -10.42
O6 BMA S . -46.86 -74.74 -11.06
C1 BMA S . -46.87 -76.12 -11.45
C2 BMA S . -48.20 -76.78 -11.08
C3 BMA S . -48.16 -78.29 -11.32
C4 BMA S . -47.42 -78.63 -12.61
C5 BMA S . -46.28 -77.69 -13.00
C6 BMA S . -45.89 -77.92 -14.46
O2 BMA S . -49.23 -76.23 -11.87
O3 BMA S . -49.45 -78.77 -11.56
O4 BMA S . -46.91 -79.96 -12.51
O5 BMA S . -46.65 -76.35 -12.82
O6 BMA S . -47.02 -77.69 -15.29
C1 BMA S . -50.43 -78.61 -10.50
C2 BMA S . -50.76 -79.93 -9.83
C3 BMA S . -52.19 -79.78 -9.36
C4 BMA S . -52.28 -78.56 -8.44
C5 BMA S . -51.48 -77.34 -8.91
C6 BMA S . -51.28 -76.37 -7.74
O2 BMA S . -49.90 -80.14 -8.72
O3 BMA S . -52.59 -80.94 -8.68
O4 BMA S . -53.64 -78.20 -8.32
O5 BMA S . -50.23 -77.68 -9.46
O6 BMA S . -50.89 -75.12 -8.23
C1 NAG T . -78.22 -90.70 42.54
C2 NAG T . -77.01 -90.14 41.79
C3 NAG T . -75.69 -90.46 42.49
C4 NAG T . -75.75 -90.24 44.00
C5 NAG T . -77.04 -90.74 44.61
C6 NAG T . -77.16 -90.28 46.06
C7 NAG T . -77.39 -91.90 40.16
C8 NAG T . -78.43 -92.01 39.07
N2 NAG T . -76.96 -90.67 40.45
O3 NAG T . -74.67 -89.67 41.93
O4 NAG T . -74.65 -90.91 44.57
O5 NAG T . -78.18 -90.29 43.90
O6 NAG T . -76.96 -88.88 46.13
O7 NAG T . -76.97 -92.91 40.73
C1 NAG T . -73.56 -89.99 44.71
C2 NAG T . -73.01 -90.10 46.13
C3 NAG T . -71.58 -89.57 46.33
C4 NAG T . -70.69 -89.76 45.11
C5 NAG T . -71.41 -89.43 43.82
C6 NAG T . -70.53 -89.72 42.61
C7 NAG T . -74.56 -90.18 48.00
C8 NAG T . -74.31 -91.66 47.99
N2 NAG T . -73.91 -89.47 47.08
O3 NAG T . -71.00 -90.22 47.43
O4 NAG T . -69.55 -88.94 45.27
O5 NAG T . -72.57 -90.22 43.71
O6 NAG T . -70.32 -91.11 42.51
O7 NAG T . -75.32 -89.67 48.83
C1 BMA T . -68.38 -89.76 45.52
C2 BMA T . -67.24 -89.35 44.59
C3 BMA T . -66.15 -90.42 44.63
C4 BMA T . -65.78 -90.67 46.09
C5 BMA T . -67.03 -90.93 46.93
C6 BMA T . -66.72 -91.31 48.38
O2 BMA T . -66.71 -88.12 45.01
O3 BMA T . -65.03 -89.97 43.92
O4 BMA T . -64.92 -91.79 46.16
O5 BMA T . -67.90 -89.81 46.85
O6 BMA T . -67.76 -92.17 48.80
C1 BMA T . -68.84 -91.38 49.31
C2 BMA T . -69.70 -92.20 50.25
C3 BMA T . -71.01 -91.45 50.40
C4 BMA T . -70.71 -90.08 50.99
C5 BMA T . -69.56 -89.37 50.27
C6 BMA T . -69.08 -88.18 51.11
O2 BMA T . -69.08 -92.30 51.51
O3 BMA T . -71.89 -92.17 51.24
O4 BMA T . -71.87 -89.27 50.90
O5 BMA T . -68.45 -90.23 50.03
O6 BMA T . -68.88 -88.59 52.45
C1 NAG U . -1.01 -68.89 27.69
C2 NAG U . -1.30 -70.35 27.99
C3 NAG U . -2.29 -70.50 29.14
C4 NAG U . -1.98 -69.57 30.31
C5 NAG U . -1.49 -68.19 29.89
C6 NAG U . -0.85 -67.46 31.06
C7 NAG U . -2.62 -70.44 25.94
C8 NAG U . -1.99 -70.10 24.61
N2 NAG U . -1.83 -71.05 26.83
O3 NAG U . -2.29 -71.84 29.58
O4 NAG U . -3.17 -69.43 31.05
O5 NAG U . -0.53 -68.26 28.85
O6 NAG U . 0.24 -68.20 31.54
O7 NAG U . -3.80 -70.18 26.15
C1 NAG U . -3.25 -70.51 32.01
C2 NAG U . -3.36 -69.88 33.41
C3 NAG U . -4.11 -70.70 34.46
C4 NAG U . -5.14 -71.65 33.88
C5 NAG U . -4.61 -72.36 32.65
C6 NAG U . -5.67 -73.31 32.08
C7 NAG U . -1.73 -68.28 34.23
C8 NAG U . -2.78 -67.24 33.96
N2 NAG U . -2.04 -69.54 33.90
O3 NAG U . -4.73 -69.83 35.39
O4 NAG U . -5.49 -72.58 34.87
O5 NAG U . -4.30 -71.40 31.67
O6 NAG U . -6.71 -72.55 31.52
O7 NAG U . -0.65 -67.97 34.71
C1 BMA U . -6.80 -72.25 35.37
C2 BMA U . -7.78 -73.38 35.14
C3 BMA U . -9.19 -72.86 35.36
C4 BMA U . -9.25 -72.18 36.73
C5 BMA U . -8.12 -71.20 36.93
C6 BMA U . -8.18 -70.67 38.35
O2 BMA U . -7.51 -74.42 36.06
O3 BMA U . -10.10 -73.93 35.32
O4 BMA U . -10.48 -71.51 36.87
O5 BMA U . -6.87 -71.84 36.71
O6 BMA U . -7.04 -71.11 39.03
C1 BMA U . -5.96 -70.17 38.90
C2 BMA U . -6.32 -68.71 38.61
C3 BMA U . -5.06 -68.07 38.06
C4 BMA U . -3.93 -68.28 39.09
C5 BMA U . -3.87 -69.73 39.55
C6 BMA U . -2.86 -69.95 40.66
O2 BMA U . -6.68 -68.06 39.81
O3 BMA U . -5.25 -66.68 37.83
O4 BMA U . -2.69 -67.92 38.53
O5 BMA U . -5.12 -70.15 40.01
O6 BMA U . -3.02 -68.92 41.61
C1 NAG V . -12.83 -12.98 11.33
C2 NAG V . -14.24 -12.51 11.01
C3 NAG V . -14.89 -13.45 10.01
C4 NAG V . -13.87 -13.77 8.94
C5 NAG V . -12.75 -14.61 9.58
C6 NAG V . -11.39 -14.30 8.99
C7 NAG V . -14.93 -13.18 13.25
C8 NAG V . -15.70 -14.47 13.27
N2 NAG V . -15.08 -12.41 12.19
O3 NAG V . -16.03 -12.84 9.43
O4 NAG V . -14.47 -14.35 7.78
O5 NAG V . -12.74 -14.36 10.97
O6 NAG V . -10.48 -15.31 9.36
O7 NAG V . -14.20 -12.88 14.20
C1 NAG V . -14.04 -15.70 7.51
C2 NAG V . -15.09 -16.75 7.88
C3 NAG V . -15.86 -17.24 6.66
C4 NAG V . -15.99 -16.03 5.74
C5 NAG V . -14.62 -15.71 5.16
C6 NAG V . -14.63 -14.30 4.57
C7 NAG V . -15.04 -18.30 9.75
C8 NAG V . -16.21 -17.54 10.28
N2 NAG V . -14.50 -17.87 8.60
O3 NAG V . -17.13 -17.72 7.05
O4 NAG V . -17.02 -16.08 4.75
O5 NAG V . -13.62 -15.84 6.16
O6 NAG V . -15.66 -13.55 5.18
O7 NAG V . -14.60 -19.28 10.36
C1 BMA V . -17.40 -17.36 4.15
C2 BMA V . -18.00 -17.08 2.78
C3 BMA V . -18.92 -18.23 2.46
C4 BMA V . -18.05 -19.47 2.39
C5 BMA V . -17.09 -19.60 3.59
C6 BMA V . -16.05 -20.66 3.25
O2 BMA V . -16.98 -16.99 1.81
O3 BMA V . -19.54 -18.01 1.22
O4 BMA V . -18.88 -20.62 2.34
O5 BMA V . -16.44 -18.37 3.93
O6 BMA V . -16.46 -21.92 3.74
C1 BMA V . -16.50 -21.84 5.18
C2 BMA V . -17.91 -22.05 5.73
C3 BMA V . -17.96 -22.37 7.23
C4 BMA V . -16.65 -22.88 7.86
C5 BMA V . -15.41 -22.54 7.05
C6 BMA V . -14.17 -23.32 7.46
O2 BMA V . -18.51 -23.11 5.02
O3 BMA V . -18.93 -23.38 7.46
O4 BMA V . -16.51 -22.29 9.14
O5 BMA V . -15.66 -22.84 5.70
O6 BMA V . -14.20 -23.67 8.81
C1 BMA V . -20.30 -22.95 7.33
C2 BMA V . -20.99 -22.73 8.67
C3 BMA V . -22.45 -23.07 8.40
C4 BMA V . -22.96 -22.15 7.28
C5 BMA V . -21.97 -21.91 6.13
C6 BMA V . -22.35 -20.64 5.38
O2 BMA V . -20.88 -21.38 9.06
O3 BMA V . -23.21 -22.87 9.56
O4 BMA V . -24.13 -22.73 6.74
O5 BMA V . -20.62 -21.82 6.56
O6 BMA V . -21.82 -20.68 4.07
C1 BMA V . -14.15 -25.10 8.97
C2 BMA V . -13.83 -25.83 7.68
C3 BMA V . -14.16 -27.30 7.89
C4 BMA V . -13.36 -27.81 9.09
C5 BMA V . -13.46 -26.87 10.30
C6 BMA V . -12.46 -27.26 11.39
O2 BMA V . -12.46 -25.72 7.38
O3 BMA V . -13.81 -28.04 6.75
O4 BMA V . -13.82 -29.09 9.46
O5 BMA V . -13.21 -25.53 9.94
O6 BMA V . -11.16 -26.87 10.99
C1 NAG W . 42.31 96.45 -43.13
C2 NAG W . 40.85 96.36 -42.67
C3 NAG W . 40.11 95.12 -43.19
C4 NAG W . 40.50 94.68 -44.59
C5 NAG W . 41.98 94.88 -44.90
C6 NAG W . 42.24 94.71 -46.38
C7 NAG W . 41.76 95.70 -40.51
C8 NAG W . 42.62 96.56 -39.64
N2 NAG W . 40.82 96.31 -41.22
O3 NAG W . 38.72 95.39 -43.14
O4 NAG W . 40.17 93.30 -44.67
O5 NAG W . 42.45 96.17 -44.51
O6 NAG W . 41.59 95.74 -47.10
O7 NAG W . 41.95 94.47 -40.56
C1 NAG W . 38.86 93.07 -45.28
C2 NAG W . 38.92 91.71 -45.99
C3 NAG W . 37.56 91.04 -46.18
C4 NAG W . 36.89 91.05 -44.82
C5 NAG W . 36.58 92.51 -44.49
C6 NAG W . 35.77 92.63 -43.21
C7 NAG W . 40.57 90.78 -47.49
C8 NAG W . 40.84 89.79 -46.41
N2 NAG W . 39.68 91.74 -47.22
O3 NAG W . 37.71 89.71 -46.63
O4 NAG W . 35.82 90.11 -44.67
O5 NAG W . 37.81 93.22 -44.32
O6 NAG W . 36.48 92.06 -42.14
O7 NAG W . 41.14 90.68 -48.57
C1 BMA W . 34.72 89.96 -45.62
C2 BMA W . 33.52 90.85 -45.30
C3 BMA W . 32.35 89.94 -45.56
C4 BMA W . 32.43 89.48 -47.03
C5 BMA W . 33.81 89.02 -47.50
C6 BMA W . 33.61 88.90 -49.02
O2 BMA W . 33.47 91.96 -46.15
O3 BMA W . 31.13 90.61 -45.35
O4 BMA W . 31.51 88.43 -47.23
O5 BMA W . 34.86 89.88 -47.04
O6 BMA W . 34.69 88.47 -49.83
C1 BMA W . 35.30 89.68 -50.31
C2 BMA W . 36.80 89.78 -50.12
C3 BMA W . 36.85 91.25 -49.86
C4 BMA W . 36.58 92.04 -51.14
C5 BMA W . 35.10 91.68 -51.28
C6 BMA W . 34.22 92.67 -52.06
O2 BMA W . 37.45 89.44 -51.31
O3 BMA W . 37.78 91.64 -48.87
O4 BMA W . 36.73 93.42 -50.92
O5 BMA W . 34.92 90.29 -51.55
O6 BMA W . 34.49 92.82 -53.43
C1 BMA W . 33.26 93.35 -53.98
C2 BMA W . 32.30 92.27 -54.42
C3 BMA W . 31.31 92.95 -55.35
C4 BMA W . 30.61 94.05 -54.58
C5 BMA W . 31.56 94.93 -53.77
C6 BMA W . 30.77 95.76 -52.75
O2 BMA W . 31.61 91.75 -53.31
O3 BMA W . 30.38 92.01 -55.82
O4 BMA W . 29.91 94.88 -55.51
O5 BMA W . 32.55 94.17 -53.09
O6 BMA W . 29.94 94.91 -51.99
C1 NAG X . 94.93 65.80 -40.38
C2 NAG X . 93.44 66.05 -40.14
C3 NAG X . 93.16 66.80 -38.83
C4 NAG X . 94.03 66.34 -37.67
C5 NAG X . 95.47 66.07 -38.12
C6 NAG X . 96.30 65.48 -36.99
C7 NAG X . 92.79 68.04 -41.41
C8 NAG X . 93.60 68.63 -42.53
N2 NAG X . 92.84 66.72 -41.28
O3 NAG X . 91.80 66.63 -38.49
O4 NAG X . 94.09 67.35 -36.68
O5 NAG X . 95.50 65.21 -39.23
O6 NAG X . 97.56 65.10 -37.49
O7 NAG X . 92.12 68.78 -40.68
C1 NAG X . 93.48 66.97 -35.41
C2 NAG X . 91.97 66.86 -35.41
C3 NAG X . 91.50 66.87 -33.97
C4 NAG X . 92.25 65.85 -33.10
C5 NAG X . 93.76 65.85 -33.38
C6 NAG X . 94.45 64.66 -32.71
C7 NAG X . 90.16 67.98 -36.66
C8 NAG X . 89.45 66.66 -36.73
N2 NAG X . 91.38 67.99 -36.10
O3 NAG X . 90.11 66.61 -33.92
O4 NAG X . 92.01 66.13 -31.74
O5 NAG X . 94.05 65.85 -34.77
O6 NAG X . 94.05 63.46 -33.32
O7 NAG X . 89.63 69.00 -37.09
C1 MAN X . 90.71 65.62 -31.37
C2 MAN X . 90.85 64.67 -30.17
C3 MAN X . 89.52 64.40 -29.44
C4 MAN X . 88.55 65.57 -29.46
C5 MAN X . 88.51 66.19 -30.85
C6 MAN X . 87.50 67.32 -30.89
O2 MAN X . 91.76 65.22 -29.26
O3 MAN X . 89.81 64.07 -28.10
O4 MAN X . 87.27 65.14 -29.11
O5 MAN X . 89.81 66.67 -31.11
O6 MAN X . 88.10 68.48 -30.39
C1 MAN X . 88.41 69.39 -31.47
C2 MAN X . 87.38 69.37 -32.59
C3 MAN X . 87.98 70.11 -33.78
C4 MAN X . 88.38 71.51 -33.31
C5 MAN X . 89.24 71.45 -32.05
C6 MAN X . 89.59 72.82 -31.50
O2 MAN X . 86.21 70.03 -32.16
O3 MAN X . 87.04 70.20 -34.82
O4 MAN X . 89.10 72.16 -34.34
O5 MAN X . 88.55 70.73 -31.05
O6 MAN X . 88.48 73.32 -30.79
C1 NAG Y . -98.45 -29.02 25.63
C2 NAG Y . -98.58 -27.70 24.87
C3 NAG Y . -97.39 -26.80 25.15
C4 NAG Y . -97.03 -26.72 26.63
C5 NAG Y . -97.11 -28.06 27.35
C6 NAG Y . -97.15 -27.84 28.86
C7 NAG Y . -97.95 -28.87 22.84
C8 NAG Y . -98.64 -29.70 21.80
N2 NAG Y . -98.67 -27.94 23.45
O3 NAG Y . -97.66 -25.51 24.65
O4 NAG Y . -95.71 -26.22 26.71
O5 NAG Y . -98.27 -28.78 27.01
O6 NAG Y . -98.29 -27.07 29.18
O7 NAG Y . -96.76 -29.07 23.08
C1 NAG Y . -95.76 -24.81 26.99
C2 NAG Y . -94.73 -24.48 28.08
C3 NAG Y . -94.29 -23.03 28.16
C4 NAG Y . -94.39 -22.26 26.84
C5 NAG Y . -95.60 -22.66 26.02
C6 NAG Y . -95.60 -21.97 24.66
C7 NAG Y . -94.58 -25.90 30.04
C8 NAG Y . -93.60 -26.73 29.27
N2 NAG Y . -95.21 -24.93 29.38
O3 NAG Y . -92.95 -22.97 28.63
O4 NAG Y . -94.47 -20.89 27.15
O5 NAG Y . -95.58 -24.06 25.82
O6 NAG Y . -94.58 -22.53 23.87
O7 NAG Y . -94.78 -26.11 31.24
C1 MAN Y . -93.14 -20.31 27.12
C2 MAN Y . -93.08 -19.12 26.17
C3 MAN Y . -91.63 -18.77 25.91
C4 MAN Y . -90.93 -18.59 27.26
C5 MAN Y . -91.19 -19.77 28.19
C6 MAN Y . -90.51 -19.59 29.54
O2 MAN Y . -93.75 -18.02 26.74
O3 MAN Y . -91.55 -17.58 25.18
O4 MAN Y . -89.53 -18.47 27.04
O5 MAN Y . -92.58 -19.94 28.36
O6 MAN Y . -90.43 -20.84 30.20
C1 NAG Z . -101.50 -66.90 8.49
C2 NAG Z . -101.64 -67.87 7.33
C3 NAG Z . -100.98 -69.20 7.61
C4 NAG Z . -99.67 -69.12 8.39
C5 NAG Z . -99.61 -67.98 9.41
C6 NAG Z . -98.16 -67.72 9.81
C7 NAG Z . -103.97 -68.25 7.96
C8 NAG Z . -105.28 -67.55 7.72
N2 NAG Z . -103.04 -68.10 7.02
O3 NAG Z . -100.73 -69.83 6.37
O4 NAG Z . -99.51 -70.35 9.07
O5 NAG Z . -100.15 -66.78 8.90
O6 NAG Z . -97.48 -67.20 8.68
O7 NAG Z . -103.81 -68.92 8.97
C1 NAG Z . -98.78 -71.25 8.23
C2 NAG Z . -97.91 -72.17 9.09
C3 NAG Z . -97.33 -73.35 8.32
C4 NAG Z . -98.36 -74.00 7.43
C5 NAG Z . -99.07 -72.95 6.57
C6 NAG Z . -100.14 -73.59 5.69
C7 NAG Z . -96.75 -71.48 11.11
C8 NAG Z . -97.79 -72.29 11.83
N2 NAG Z . -96.86 -71.42 9.79
O3 NAG Z . -96.83 -74.30 9.24
O4 NAG Z . -97.74 -74.94 6.60
O5 NAG Z . -99.67 -71.98 7.40
O6 NAG Z . -101.14 -74.16 6.51
O7 NAG Z . -95.86 -70.92 11.74
C1 NAG AA . 60.58 15.73 -69.67
C2 NAG AA . 59.26 15.20 -70.23
C3 NAG AA . 58.32 14.72 -69.13
C4 NAG AA . 59.03 13.89 -68.07
C5 NAG AA . 60.38 14.46 -67.65
C6 NAG AA . 61.16 13.44 -66.85
C7 NAG AA . 58.37 17.44 -70.57
C8 NAG AA . 58.34 18.52 -71.62
N2 NAG AA . 58.57 16.20 -71.02
O3 NAG AA . 57.28 13.96 -69.70
O4 NAG AA . 58.17 13.81 -66.95
O5 NAG AA . 61.16 14.81 -68.77
O6 NAG AA . 61.42 12.31 -67.66
O7 NAG AA . 58.21 17.73 -69.40
C1 NAG AA . 57.51 12.53 -66.96
C2 NAG AA . 57.58 11.95 -65.54
C3 NAG AA . 56.55 10.87 -65.23
C4 NAG AA . 55.24 10.98 -66.00
C5 NAG AA . 55.46 11.45 -67.44
C6 NAG AA . 54.13 11.67 -68.14
C7 NAG AA . 59.66 11.97 -64.30
C8 NAG AA . 59.21 13.30 -63.75
N2 NAG AA . 58.93 11.45 -65.27
O3 NAG AA . 56.27 10.91 -63.84
O4 NAG AA . 54.64 9.71 -66.01
O5 NAG AA . 56.19 12.65 -67.44
O6 NAG AA . 53.48 12.77 -67.55
O7 NAG AA . 60.67 11.42 -63.85
C1 MAN AA . 53.71 9.59 -64.91
C2 MAN AA . 52.34 9.18 -65.42
C3 MAN AA . 51.33 9.39 -64.30
C4 MAN AA . 51.82 8.67 -63.05
C5 MAN AA . 53.28 9.02 -62.74
C6 MAN AA . 53.79 8.27 -61.51
O2 MAN AA . 52.35 7.82 -65.79
O3 MAN AA . 50.09 8.86 -64.68
O4 MAN AA . 51.01 9.01 -61.95
O5 MAN AA . 54.09 8.74 -63.86
O6 MAN AA . 54.93 8.92 -61.01
C1 NAG BA . -50.50 -9.18 66.19
C2 NAG BA . -51.63 -8.90 65.21
C3 NAG BA . -52.96 -9.46 65.69
C4 NAG BA . -52.84 -10.79 66.44
C5 NAG BA . -51.58 -10.95 67.28
C6 NAG BA . -51.38 -12.40 67.69
C7 NAG BA . -51.83 -6.61 66.03
C8 NAG BA . -51.22 -5.26 65.79
N2 NAG BA . -51.79 -7.47 65.02
O3 NAG BA . -53.81 -9.62 64.57
O4 NAG BA . -53.97 -10.89 67.28
O5 NAG BA . -50.45 -10.54 66.56
O6 NAG BA . -50.88 -13.12 66.58
O7 NAG BA . -52.33 -6.87 67.12
C1 NAG BA . -54.99 -11.50 66.49
C2 NAG BA . -55.71 -12.55 67.31
C3 NAG BA . -57.09 -12.96 66.80
C4 NAG BA . -57.72 -12.04 65.75
C5 NAG BA . -56.75 -11.11 65.03
C6 NAG BA . -57.46 -10.00 64.27
C7 NAG BA . -54.25 -14.03 68.58
C8 NAG BA . -54.32 -12.99 69.66
N2 NAG BA . -54.86 -13.73 67.43
O3 NAG BA . -57.97 -13.08 67.88
O4 NAG BA . -58.34 -12.89 64.82
O5 NAG BA . -55.88 -10.54 65.97
O6 NAG BA . -57.51 -10.32 62.90
O7 NAG BA . -53.65 -15.09 68.76
C1 MAN BA . -59.77 -12.75 64.93
C2 MAN BA . -60.43 -12.96 63.58
C3 MAN BA . -61.82 -12.35 63.68
C4 MAN BA . -62.54 -13.07 64.82
C5 MAN BA . -61.72 -12.94 66.10
C6 MAN BA . -62.47 -13.49 67.31
O2 MAN BA . -60.49 -14.35 63.35
O3 MAN BA . -62.59 -12.38 62.49
O4 MAN BA . -63.83 -12.52 65.00
O5 MAN BA . -60.44 -13.52 65.91
O6 MAN BA . -63.15 -14.67 66.98
C1 MAN BA . -61.92 -13.00 61.38
C2 MAN BA . -62.59 -14.33 61.03
C3 MAN BA . -64.05 -14.06 60.69
C4 MAN BA . -64.16 -13.01 59.59
C5 MAN BA . -63.21 -11.81 59.77
C6 MAN BA . -63.82 -10.74 60.67
O2 MAN BA . -62.51 -15.22 62.12
O3 MAN BA . -64.74 -13.63 61.84
O4 MAN BA . -63.91 -13.61 58.33
O5 MAN BA . -61.92 -12.18 60.23
O6 MAN BA . -62.90 -9.68 60.83
C1 MAN BA . -62.60 -15.76 67.75
C2 MAN BA . -62.68 -15.48 69.23
C3 MAN BA . -61.71 -16.41 69.94
C4 MAN BA . -61.85 -17.86 69.44
C5 MAN BA . -62.37 -18.04 68.01
C6 MAN BA . -63.15 -19.36 67.97
O2 MAN BA . -63.99 -15.69 69.70
O3 MAN BA . -62.01 -16.42 71.31
O4 MAN BA . -60.59 -18.48 69.55
O5 MAN BA . -63.22 -17.01 67.56
O6 MAN BA . -63.63 -19.61 69.28
C1 NAG CA . 48.09 -3.29 -8.02
C2 NAG CA . 49.57 -3.66 -7.84
C3 NAG CA . 50.46 -3.15 -8.98
C4 NAG CA . 49.82 -3.28 -10.36
C5 NAG CA . 48.34 -2.90 -10.35
C6 NAG CA . 47.70 -3.24 -11.70
C7 NAG CA . 49.77 -1.91 -6.18
C8 NAG CA . 49.35 -1.80 -4.74
N2 NAG CA . 50.09 -3.13 -6.60
O3 NAG CA . 51.68 -3.86 -8.96
O4 NAG CA . 50.54 -2.44 -11.25
O5 NAG CA . 47.65 -3.58 -9.33
O6 NAG CA . 47.88 -4.61 -11.97
O7 NAG CA . 49.85 -0.91 -6.89
C1 NAG CA . 51.53 -3.21 -11.97
C2 NAG CA . 51.60 -2.69 -13.41
C3 NAG CA . 52.88 -3.05 -14.18
C4 NAG CA . 54.11 -3.24 -13.32
C5 NAG CA . 53.79 -3.89 -11.98
C6 NAG CA . 55.03 -3.92 -11.09
C7 NAG CA . 49.68 -2.21 -14.81
C8 NAG CA . 49.82 -0.78 -14.37
N2 NAG CA . 50.43 -3.10 -14.17
O3 NAG CA . 53.12 -2.06 -15.15
O4 NAG CA . 55.01 -4.07 -14.02
O5 NAG CA . 52.78 -3.17 -11.32
O6 NAG CA . 55.40 -2.60 -10.76
O7 NAG CA . 48.90 -2.51 -15.71
C1 BMA CA . 55.97 -3.27 -14.76
C2 BMA CA . 57.39 -3.66 -14.36
C3 BMA CA . 58.36 -2.63 -14.90
C4 BMA CA . 58.11 -2.46 -16.40
C5 BMA CA . 56.63 -2.23 -16.70
C6 BMA CA . 56.38 -2.12 -18.20
O2 BMA CA . 57.69 -4.93 -14.91
O3 BMA CA . 59.68 -3.06 -14.69
O4 BMA CA . 58.86 -1.38 -16.89
O5 BMA CA . 55.86 -3.28 -16.16
O6 BMA CA . 55.14 -1.47 -18.41
C1 MAN DA . 32.26 87.94 -42.83
C2 MAN DA . 31.76 86.53 -43.03
C3 MAN DA . 32.57 85.69 -42.07
C4 MAN DA . 32.51 86.30 -40.67
C5 MAN DA . 32.73 87.82 -40.61
C6 MAN DA . 34.20 88.20 -40.80
O2 MAN DA . 31.97 86.11 -44.35
O3 MAN DA . 33.90 85.62 -42.52
O4 MAN DA . 31.26 86.00 -40.09
O5 MAN DA . 31.98 88.51 -41.58
O6 MAN DA . 34.28 89.59 -40.95
C1 BMA EA . -9.49 43.60 -24.70
C2 BMA EA . -10.06 42.52 -23.82
C3 BMA EA . -11.51 42.37 -24.23
C4 BMA EA . -12.20 43.74 -24.19
C5 BMA EA . -11.41 44.84 -24.92
C6 BMA EA . -12.05 46.21 -24.67
O2 BMA EA . -9.97 42.89 -22.46
O3 BMA EA . -12.17 41.48 -23.35
O4 BMA EA . -13.48 43.62 -24.78
O5 BMA EA . -10.06 44.87 -24.51
O6 BMA EA . -11.32 47.19 -25.38
MG MG FA . -107.98 -37.28 32.73
MG MG GA . 74.85 15.74 -72.07
MG MG HA . -45.04 3.31 61.73
C1 BMA IA . -61.95 -14.32 73.08
C2 BMA IA . -62.70 -13.02 72.96
C3 BMA IA . -61.62 -11.98 72.68
C4 BMA IA . -60.46 -12.13 73.66
C5 BMA IA . -60.00 -13.58 73.88
C6 BMA IA . -58.94 -13.69 74.97
O2 BMA IA . -63.36 -12.72 74.17
O3 BMA IA . -62.18 -10.68 72.80
O4 BMA IA . -59.37 -11.39 73.16
O5 BMA IA . -61.10 -14.41 74.18
O6 BMA IA . -58.32 -14.95 74.88
C1 NAG JA . -10.06 -12.09 57.62
C2 NAG JA . -8.85 -13.02 57.70
C3 NAG JA . -7.61 -12.18 57.51
C4 NAG JA . -7.67 -11.53 56.14
C5 NAG JA . -9.05 -10.95 55.81
C6 NAG JA . -9.16 -10.75 54.31
C7 NAG JA . -9.20 -13.53 60.10
C8 NAG JA . -10.21 -14.48 60.69
N2 NAG JA . -8.74 -13.85 58.91
O3 NAG JA . -6.46 -13.00 57.61
O4 NAG JA . -6.71 -10.50 56.07
O5 NAG JA . -10.13 -11.75 56.24
O6 NAG JA . -8.76 -11.93 53.64
O7 NAG JA . -8.82 -12.55 60.74
MG MG KA . 34.96 -9.38 -7.13
C1 NAG LA . 23.22 16.90 18.95
C2 NAG LA . 22.85 17.55 20.28
C3 NAG LA . 22.33 18.97 20.10
C4 NAG LA . 23.20 19.76 19.14
C5 NAG LA . 23.40 18.99 17.85
C6 NAG LA . 24.28 19.77 16.87
C7 NAG LA . 20.96 16.02 20.31
C8 NAG LA . 20.96 14.54 20.62
N2 NAG LA . 21.85 16.76 20.96
O3 NAG LA . 22.31 19.61 21.36
O4 NAG LA . 22.59 21.00 18.87
O5 NAG LA . 23.99 17.74 18.12
O6 NAG LA . 25.54 19.99 17.44
O7 NAG LA . 20.16 16.48 19.49
#